data_2RNM
#
_entry.id   2RNM
#
_entity_poly.entity_id   1
_entity_poly.type   'polypeptide(L)'
_entity_poly.pdbx_seq_one_letter_code
;MKIDAIVGRNSAKDIRTEERARVQLGNVVTAAALHGGIRISDQTTNSVETVVGKGESRVLIGNEYGGKGFWDNHHHHHH
;
_entity_poly.pdbx_strand_id   A,B,C,D,E
#
# COMPACT_ATOMS: atom_id res chain seq x y z
N MET A 1 -1.13 25.87 -18.84
CA MET A 1 -2.35 26.26 -18.15
C MET A 1 -2.63 25.33 -16.97
N LYS A 2 -3.57 25.73 -16.12
CA LYS A 2 -3.94 24.93 -14.96
C LYS A 2 -2.76 24.78 -14.02
N ILE A 3 -2.72 25.61 -12.98
CA ILE A 3 -1.65 25.56 -11.99
C ILE A 3 -2.20 25.36 -10.59
N ASP A 4 -1.64 24.40 -9.87
CA ASP A 4 -2.06 24.11 -8.50
C ASP A 4 -1.06 23.20 -7.80
N ALA A 5 -1.07 23.24 -6.47
CA ALA A 5 -0.16 22.41 -5.68
C ALA A 5 -0.88 21.77 -4.51
N ILE A 6 -0.84 20.44 -4.45
CA ILE A 6 -1.50 19.71 -3.37
C ILE A 6 -2.98 20.03 -3.30
N VAL A 7 -3.72 19.62 -4.33
CA VAL A 7 -5.15 19.86 -4.40
C VAL A 7 -5.87 18.75 -5.16
N GLY A 8 -6.87 18.15 -4.53
CA GLY A 8 -7.62 17.08 -5.18
C GLY A 8 -8.16 17.49 -6.53
N ARG A 9 -8.24 16.52 -7.44
CA ARG A 9 -8.74 16.79 -8.78
C ARG A 9 -9.05 15.49 -9.52
N ASN A 10 -10.32 15.11 -9.54
CA ASN A 10 -10.74 13.89 -10.21
C ASN A 10 -10.95 14.12 -11.70
N SER A 11 -10.12 13.49 -12.52
CA SER A 11 -10.21 13.63 -13.97
C SER A 11 -10.11 12.27 -14.66
N ALA A 12 -10.86 12.12 -15.75
CA ALA A 12 -10.86 10.87 -16.50
C ALA A 12 -10.61 11.12 -17.98
N LYS A 13 -9.63 10.41 -18.53
CA LYS A 13 -9.29 10.56 -19.95
C LYS A 13 -10.28 9.83 -20.83
N ASP A 14 -10.66 8.62 -20.42
CA ASP A 14 -11.62 7.82 -21.16
C ASP A 14 -12.15 6.67 -20.31
N ILE A 15 -13.45 6.42 -20.42
CA ILE A 15 -14.09 5.35 -19.65
C ILE A 15 -15.10 4.59 -20.51
N ARG A 16 -14.83 3.31 -20.72
CA ARG A 16 -15.72 2.47 -21.53
C ARG A 16 -16.37 1.40 -20.67
N THR A 17 -17.71 1.37 -20.67
CA THR A 17 -18.45 0.40 -19.88
C THR A 17 -19.60 -0.21 -20.69
N GLU A 18 -19.83 -1.49 -20.51
CA GLU A 18 -20.90 -2.19 -21.24
C GLU A 18 -21.46 -3.33 -20.40
N GLU A 19 -22.59 -3.87 -20.84
CA GLU A 19 -23.24 -4.96 -20.12
C GLU A 19 -23.79 -4.50 -18.79
N ARG A 20 -24.83 -3.66 -18.84
CA ARG A 20 -25.45 -3.14 -17.63
C ARG A 20 -24.39 -2.62 -16.66
N ALA A 21 -23.56 -1.70 -17.13
CA ALA A 21 -22.51 -1.13 -16.30
C ALA A 21 -22.91 0.25 -15.80
N ARG A 22 -22.29 0.67 -14.69
CA ARG A 22 -22.58 1.97 -14.10
C ARG A 22 -21.29 2.78 -13.92
N VAL A 23 -21.39 4.09 -14.14
CA VAL A 23 -20.24 4.98 -14.01
C VAL A 23 -20.66 6.32 -13.42
N GLN A 24 -19.93 6.76 -12.40
CA GLN A 24 -20.21 8.04 -11.75
C GLN A 24 -18.93 8.81 -11.46
N LEU A 25 -18.95 10.11 -11.72
CA LEU A 25 -17.79 10.95 -11.48
C LEU A 25 -18.07 11.98 -10.38
N GLY A 26 -17.31 11.89 -9.30
CA GLY A 26 -17.49 12.82 -8.19
C GLY A 26 -17.20 12.18 -6.85
N ASN A 27 -17.41 12.94 -5.78
CA ASN A 27 -17.16 12.44 -4.44
C ASN A 27 -18.38 11.70 -3.90
N VAL A 28 -18.14 10.60 -3.19
CA VAL A 28 -19.22 9.79 -2.63
C VAL A 28 -19.21 9.88 -1.10
N VAL A 29 -20.27 10.45 -0.55
CA VAL A 29 -20.40 10.59 0.90
C VAL A 29 -21.38 9.57 1.46
N THR A 30 -20.95 8.85 2.49
CA THR A 30 -21.78 7.83 3.12
C THR A 30 -22.44 8.38 4.38
N ALA A 31 -23.49 7.68 4.85
CA ALA A 31 -24.20 8.10 6.05
C ALA A 31 -23.29 8.07 7.27
N ALA A 32 -22.47 7.02 7.35
CA ALA A 32 -21.55 6.87 8.48
C ALA A 32 -20.60 8.05 8.57
N ALA A 33 -20.20 8.59 7.42
CA ALA A 33 -19.29 9.73 7.38
C ALA A 33 -20.05 11.03 7.44
N LEU A 34 -20.95 11.16 8.43
CA LEU A 34 -21.75 12.36 8.59
C LEU A 34 -22.53 12.67 7.33
N HIS A 35 -23.25 13.79 7.34
CA HIS A 35 -24.05 14.20 6.20
C HIS A 35 -23.18 14.90 5.15
N GLY A 36 -23.82 15.50 4.16
CA GLY A 36 -23.09 16.19 3.11
C GLY A 36 -22.40 17.45 3.62
N GLY A 37 -21.20 17.28 4.13
CA GLY A 37 -20.45 18.42 4.65
C GLY A 37 -19.61 19.10 3.58
N ILE A 38 -18.99 18.29 2.73
CA ILE A 38 -18.14 18.81 1.66
C ILE A 38 -16.92 19.52 2.22
N ARG A 39 -15.84 19.50 1.45
CA ARG A 39 -14.60 20.15 1.87
C ARG A 39 -14.05 19.50 3.14
N ILE A 40 -13.04 18.64 2.98
CA ILE A 40 -12.43 17.95 4.10
C ILE A 40 -10.91 18.07 4.05
N SER A 41 -10.34 17.94 2.86
CA SER A 41 -8.90 18.04 2.69
C SER A 41 -8.54 18.19 1.21
N ASP A 42 -8.66 17.11 0.45
CA ASP A 42 -8.36 17.12 -0.97
C ASP A 42 -6.92 17.57 -1.21
N GLN A 43 -6.01 16.60 -1.30
CA GLN A 43 -4.60 16.90 -1.53
C GLN A 43 -4.04 16.06 -2.67
N THR A 44 -4.45 14.79 -2.72
CA THR A 44 -3.99 13.88 -3.76
C THR A 44 -4.80 14.05 -5.04
N THR A 45 -4.10 14.10 -6.17
CA THR A 45 -4.76 14.26 -7.46
C THR A 45 -5.07 12.90 -8.10
N ASN A 46 -6.35 12.66 -8.35
CA ASN A 46 -6.78 11.40 -8.95
C ASN A 46 -7.08 11.58 -10.44
N SER A 47 -6.34 10.85 -11.27
CA SER A 47 -6.52 10.93 -12.72
C SER A 47 -6.38 9.56 -13.36
N VAL A 48 -7.40 9.14 -14.09
CA VAL A 48 -7.40 7.85 -14.76
C VAL A 48 -7.30 8.01 -16.27
N GLU A 49 -6.48 7.18 -16.91
CA GLU A 49 -6.31 7.24 -18.36
C GLU A 49 -7.47 6.56 -19.07
N THR A 50 -7.47 5.22 -19.06
CA THR A 50 -8.53 4.46 -19.71
C THR A 50 -9.11 3.42 -18.76
N VAL A 51 -10.43 3.39 -18.65
CA VAL A 51 -11.10 2.44 -17.78
C VAL A 51 -12.03 1.52 -18.58
N VAL A 52 -11.77 0.22 -18.50
CA VAL A 52 -12.58 -0.76 -19.22
C VAL A 52 -13.40 -1.61 -18.25
N GLY A 53 -14.70 -1.66 -18.48
CA GLY A 53 -15.58 -2.43 -17.62
C GLY A 53 -16.38 -3.46 -18.39
N LYS A 54 -16.41 -4.70 -17.88
CA LYS A 54 -17.15 -5.77 -18.53
C LYS A 54 -18.00 -6.53 -17.52
N GLY A 55 -19.14 -7.04 -17.96
CA GLY A 55 -20.03 -7.77 -17.09
C GLY A 55 -20.49 -6.95 -15.90
N GLU A 56 -21.37 -5.98 -16.15
CA GLU A 56 -21.88 -5.13 -15.10
C GLU A 56 -20.75 -4.55 -14.26
N SER A 57 -19.86 -3.80 -14.91
CA SER A 57 -18.73 -3.19 -14.21
C SER A 57 -19.12 -1.85 -13.59
N ARG A 58 -18.49 -1.54 -12.46
CA ARG A 58 -18.78 -0.29 -11.75
C ARG A 58 -17.59 0.66 -11.86
N VAL A 59 -17.86 1.90 -12.26
CA VAL A 59 -16.82 2.91 -12.40
C VAL A 59 -17.04 4.06 -11.43
N LEU A 60 -16.04 4.33 -10.59
CA LEU A 60 -16.14 5.40 -9.61
C LEU A 60 -14.92 6.32 -9.69
N ILE A 61 -15.13 7.55 -10.15
CA ILE A 61 -14.05 8.52 -10.27
C ILE A 61 -14.14 9.58 -9.17
N GLY A 62 -13.27 9.46 -8.18
CA GLY A 62 -13.27 10.42 -7.09
C GLY A 62 -13.05 9.77 -5.75
N ASN A 63 -13.02 10.57 -4.69
CA ASN A 63 -12.82 10.07 -3.33
C ASN A 63 -14.15 9.71 -2.68
N GLU A 64 -14.11 8.82 -1.70
CA GLU A 64 -15.31 8.40 -0.99
C GLU A 64 -15.11 8.47 0.52
N TYR A 65 -16.14 8.92 1.23
CA TYR A 65 -16.07 9.04 2.68
C TYR A 65 -17.13 8.17 3.35
N GLY A 66 -16.68 7.31 4.26
CA GLY A 66 -17.60 6.42 4.96
C GLY A 66 -16.89 5.26 5.60
N GLY A 67 -17.36 4.86 6.79
CA GLY A 67 -16.74 3.75 7.50
C GLY A 67 -17.61 2.50 7.45
N LYS A 68 -18.90 2.68 7.16
CA LYS A 68 -19.83 1.56 7.10
C LYS A 68 -19.58 0.72 5.85
N GLY A 69 -18.56 -0.14 5.91
CA GLY A 69 -18.23 -0.99 4.78
C GLY A 69 -17.72 -0.21 3.60
N PHE A 70 -16.45 -0.40 3.26
CA PHE A 70 -15.84 0.30 2.14
C PHE A 70 -16.66 0.12 0.87
N TRP A 71 -17.27 1.22 0.41
CA TRP A 71 -18.10 1.18 -0.78
C TRP A 71 -19.41 0.45 -0.52
N ASP A 72 -19.32 -0.86 -0.33
CA ASP A 72 -20.51 -1.67 -0.06
C ASP A 72 -20.12 -3.10 0.31
N ASN A 73 -19.79 -3.31 1.57
CA ASN A 73 -19.40 -4.64 2.05
C ASN A 73 -20.39 -5.15 3.10
N HIS A 74 -20.34 -6.46 3.35
CA HIS A 74 -21.23 -7.08 4.33
C HIS A 74 -20.76 -8.50 4.66
N HIS A 75 -19.46 -8.72 4.57
CA HIS A 75 -18.89 -10.04 4.86
C HIS A 75 -19.23 -10.47 6.28
N HIS A 76 -18.83 -11.69 6.63
CA HIS A 76 -19.08 -12.23 7.97
C HIS A 76 -18.20 -13.44 8.24
N HIS A 77 -18.07 -14.30 7.24
CA HIS A 77 -17.25 -15.50 7.38
C HIS A 77 -15.85 -15.15 7.87
N HIS A 78 -15.31 -16.00 8.75
CA HIS A 78 -13.98 -15.79 9.31
C HIS A 78 -13.06 -16.96 8.98
N HIS A 79 -11.86 -16.65 8.47
CA HIS A 79 -10.89 -17.67 8.12
C HIS A 79 -9.58 -17.45 8.86
N MET B 1 8.25 27.91 -14.32
CA MET B 1 6.92 27.53 -13.87
C MET B 1 6.46 26.24 -14.54
N LYS B 2 7.24 25.18 -14.39
CA LYS B 2 6.92 23.89 -14.99
C LYS B 2 6.32 22.95 -13.94
N ILE B 3 7.07 22.69 -12.89
CA ILE B 3 6.61 21.82 -11.82
C ILE B 3 7.22 22.20 -10.47
N ASP B 4 6.47 21.98 -9.40
CA ASP B 4 6.94 22.30 -8.06
C ASP B 4 6.70 21.14 -7.10
N ALA B 5 7.00 21.35 -5.83
CA ALA B 5 6.81 20.33 -4.81
C ALA B 5 5.34 19.95 -4.68
N ILE B 6 5.08 18.65 -4.70
CA ILE B 6 3.71 18.15 -4.59
C ILE B 6 3.65 16.92 -3.69
N VAL B 7 2.53 16.76 -3.00
CA VAL B 7 2.34 15.61 -2.11
C VAL B 7 1.09 14.82 -2.48
N GLY B 8 1.22 13.50 -2.56
CA GLY B 8 0.10 12.66 -2.90
C GLY B 8 -0.36 12.86 -4.33
N ARG B 9 -0.31 11.79 -5.12
CA ARG B 9 -0.71 11.85 -6.52
C ARG B 9 -1.06 10.47 -7.04
N ASN B 10 -2.36 10.24 -7.31
CA ASN B 10 -2.83 8.96 -7.81
C ASN B 10 -3.16 9.05 -9.30
N SER B 11 -2.40 8.34 -10.11
CA SER B 11 -2.61 8.33 -11.56
C SER B 11 -2.58 6.92 -12.12
N ALA B 12 -3.42 6.65 -13.11
CA ALA B 12 -3.50 5.34 -13.73
C ALA B 12 -3.32 5.43 -15.24
N LYS B 13 -2.53 4.53 -15.80
CA LYS B 13 -2.28 4.51 -17.24
C LYS B 13 -3.33 3.68 -17.96
N ASP B 14 -3.76 2.59 -17.32
CA ASP B 14 -4.77 1.71 -17.90
C ASP B 14 -5.35 0.77 -16.84
N ILE B 15 -6.66 0.59 -16.88
CA ILE B 15 -7.33 -0.28 -15.93
C ILE B 15 -8.41 -1.12 -16.61
N ARG B 16 -8.23 -2.44 -16.57
CA ARG B 16 -9.18 -3.36 -17.19
C ARG B 16 -9.93 -4.17 -16.13
N THR B 17 -11.25 -4.11 -16.18
CA THR B 17 -12.09 -4.82 -15.22
C THR B 17 -13.24 -5.54 -15.92
N GLU B 18 -13.47 -6.79 -15.55
CA GLU B 18 -14.54 -7.58 -16.14
C GLU B 18 -15.07 -8.62 -15.15
N GLU B 19 -16.21 -9.21 -15.47
CA GLU B 19 -16.81 -10.22 -14.61
C GLU B 19 -17.29 -9.61 -13.31
N ARG B 20 -18.26 -8.70 -13.40
CA ARG B 20 -18.81 -8.04 -12.22
C ARG B 20 -17.69 -7.45 -11.36
N ALA B 21 -16.85 -6.62 -11.97
CA ALA B 21 -15.74 -6.00 -11.27
C ALA B 21 -16.05 -4.54 -10.96
N ARG B 22 -15.38 -4.00 -9.93
CA ARG B 22 -15.57 -2.62 -9.54
C ARG B 22 -14.24 -1.87 -9.49
N VAL B 23 -14.25 -0.62 -9.93
CA VAL B 23 -13.05 0.20 -9.93
C VAL B 23 -13.32 1.58 -9.35
N GLN B 24 -12.48 2.00 -8.41
CA GLN B 24 -12.62 3.30 -7.78
C GLN B 24 -11.28 4.01 -7.66
N LEU B 25 -11.23 5.27 -8.08
CA LEU B 25 -10.01 6.06 -8.01
C LEU B 25 -10.19 7.27 -7.11
N GLY B 26 -9.41 7.33 -6.03
CA GLY B 26 -9.49 8.44 -5.11
C GLY B 26 -9.10 8.05 -3.69
N ASN B 27 -9.07 9.04 -2.80
CA ASN B 27 -8.70 8.79 -1.41
C ASN B 27 -9.92 8.36 -0.60
N VAL B 28 -9.79 7.25 0.12
CA VAL B 28 -10.87 6.73 0.95
C VAL B 28 -10.73 7.16 2.40
N VAL B 29 -11.78 7.78 2.93
CA VAL B 29 -11.76 8.25 4.32
C VAL B 29 -12.89 7.62 5.13
N THR B 30 -12.54 6.78 6.08
CA THR B 30 -13.52 6.11 6.92
C THR B 30 -14.08 7.05 7.98
N ALA B 31 -15.12 6.62 8.67
CA ALA B 31 -15.74 7.43 9.72
C ALA B 31 -14.77 7.70 10.85
N ALA B 32 -13.93 6.71 11.15
CA ALA B 32 -12.94 6.84 12.22
C ALA B 32 -12.04 8.05 11.99
N ALA B 33 -11.64 8.24 10.73
CA ALA B 33 -10.77 9.36 10.37
C ALA B 33 -11.33 10.68 10.90
N LEU B 34 -12.65 10.77 11.00
CA LEU B 34 -13.31 11.97 11.47
C LEU B 34 -12.79 12.36 12.85
N HIS B 35 -12.47 13.64 13.03
CA HIS B 35 -11.97 14.14 14.30
C HIS B 35 -10.67 13.45 14.67
N GLY B 36 -9.56 13.99 14.18
CA GLY B 36 -8.26 13.41 14.48
C GLY B 36 -7.13 14.13 13.77
N GLY B 37 -6.42 13.41 12.90
CA GLY B 37 -5.31 14.00 12.17
C GLY B 37 -5.04 13.29 10.86
N ILE B 38 -5.03 14.05 9.77
CA ILE B 38 -4.77 13.49 8.44
C ILE B 38 -3.32 13.71 8.03
N ARG B 39 -2.92 14.97 7.93
CA ARG B 39 -1.56 15.32 7.54
C ARG B 39 -0.54 14.65 8.46
N ILE B 40 0.08 13.59 7.97
CA ILE B 40 1.08 12.86 8.74
C ILE B 40 2.42 12.83 8.03
N SER B 41 2.77 13.96 7.41
CA SER B 41 4.03 14.07 6.69
C SER B 41 4.12 13.03 5.57
N ASP B 42 3.27 13.18 4.57
CA ASP B 42 3.25 12.25 3.45
C ASP B 42 3.58 12.96 2.14
N GLN B 43 4.13 12.23 1.19
CA GLN B 43 4.50 12.80 -0.11
C GLN B 43 4.91 11.70 -1.09
N THR B 44 4.07 10.66 -1.18
CA THR B 44 4.33 9.55 -2.08
C THR B 44 3.51 9.66 -3.36
N THR B 45 4.14 9.39 -4.49
CA THR B 45 3.46 9.46 -5.78
C THR B 45 3.02 8.08 -6.24
N ASN B 46 1.70 7.87 -6.25
CA ASN B 46 1.14 6.59 -6.68
C ASN B 46 0.78 6.61 -8.16
N SER B 47 1.41 5.72 -8.92
CA SER B 47 1.16 5.64 -10.36
C SER B 47 1.17 4.19 -10.83
N VAL B 48 0.07 3.77 -11.45
CA VAL B 48 -0.05 2.42 -11.96
C VAL B 48 -0.08 2.39 -13.48
N GLU B 49 0.64 1.43 -14.07
CA GLU B 49 0.71 1.30 -15.52
C GLU B 49 -0.56 0.64 -16.06
N THR B 50 -0.64 -0.68 -15.90
CA THR B 50 -1.79 -1.44 -16.37
C THR B 50 -2.28 -2.42 -15.30
N VAL B 51 -3.58 -2.39 -15.04
CA VAL B 51 -4.18 -3.28 -14.04
C VAL B 51 -5.21 -4.21 -14.69
N VAL B 52 -4.97 -5.52 -14.56
CA VAL B 52 -5.87 -6.52 -15.12
C VAL B 52 -6.70 -7.17 -14.03
N GLY B 53 -8.02 -7.07 -14.16
CA GLY B 53 -8.91 -7.67 -13.18
C GLY B 53 -9.77 -8.77 -13.76
N LYS B 54 -9.82 -9.90 -13.06
CA LYS B 54 -10.61 -11.04 -13.51
C LYS B 54 -11.47 -11.60 -12.38
N GLY B 55 -12.65 -12.12 -12.73
CA GLY B 55 -13.54 -12.68 -11.74
C GLY B 55 -13.78 -11.73 -10.58
N GLU B 56 -14.65 -10.75 -10.80
CA GLU B 56 -14.97 -9.77 -9.76
C GLU B 56 -13.70 -9.18 -9.16
N SER B 57 -13.02 -8.32 -9.92
CA SER B 57 -11.80 -7.69 -9.46
C SER B 57 -12.07 -6.31 -8.88
N ARG B 58 -11.27 -5.92 -7.89
CA ARG B 58 -11.43 -4.62 -7.25
C ARG B 58 -10.23 -3.73 -7.52
N VAL B 59 -10.49 -2.51 -8.01
CA VAL B 59 -9.42 -1.56 -8.31
C VAL B 59 -9.51 -0.33 -7.41
N LEU B 60 -8.44 -0.06 -6.69
CA LEU B 60 -8.38 1.09 -5.79
C LEU B 60 -7.14 1.92 -6.05
N ILE B 61 -7.33 3.14 -6.55
CA ILE B 61 -6.21 4.03 -6.83
C ILE B 61 -6.19 5.20 -5.85
N GLY B 62 -5.27 5.15 -4.89
CA GLY B 62 -5.16 6.20 -3.91
C GLY B 62 -4.91 5.68 -2.50
N ASN B 63 -4.83 6.58 -1.54
CA ASN B 63 -4.58 6.20 -0.15
C ASN B 63 -5.90 5.94 0.58
N GLU B 64 -5.84 5.15 1.64
CA GLU B 64 -7.02 4.83 2.43
C GLU B 64 -6.79 5.13 3.90
N TYR B 65 -7.80 5.70 4.55
CA TYR B 65 -7.71 6.03 5.97
C TYR B 65 -8.79 5.30 6.77
N GLY B 66 -8.36 4.59 7.81
CA GLY B 66 -9.30 3.86 8.64
C GLY B 66 -8.63 2.78 9.46
N GLY B 67 -9.19 2.48 10.63
CA GLY B 67 -8.63 1.46 11.49
C GLY B 67 -9.44 0.19 11.48
N LYS B 68 -10.74 0.32 11.27
CA LYS B 68 -11.64 -0.83 11.25
C LYS B 68 -11.38 -1.69 10.00
N GLY B 69 -10.42 -2.60 10.11
CA GLY B 69 -10.10 -3.47 8.99
C GLY B 69 -9.44 -2.73 7.85
N PHE B 70 -8.35 -3.29 7.33
CA PHE B 70 -7.62 -2.67 6.24
C PHE B 70 -8.34 -2.89 4.91
N TRP B 71 -9.23 -1.96 4.57
CA TRP B 71 -9.98 -2.05 3.33
C TRP B 71 -11.03 -3.16 3.40
N ASP B 72 -10.55 -4.41 3.41
CA ASP B 72 -11.44 -5.56 3.47
C ASP B 72 -11.26 -6.30 4.80
N ASN B 73 -11.95 -7.43 4.92
CA ASN B 73 -11.87 -8.24 6.14
C ASN B 73 -10.73 -9.25 6.04
N HIS B 74 -10.19 -9.66 7.19
CA HIS B 74 -9.10 -10.61 7.23
C HIS B 74 -8.79 -11.02 8.67
N HIS B 75 -8.80 -12.32 8.93
CA HIS B 75 -8.52 -12.84 10.27
C HIS B 75 -8.02 -14.28 10.20
N HIS B 76 -7.32 -14.71 11.24
CA HIS B 76 -6.78 -16.06 11.30
C HIS B 76 -6.05 -16.30 12.61
N HIS B 77 -5.57 -17.53 12.80
CA HIS B 77 -4.84 -17.88 14.02
C HIS B 77 -3.36 -17.58 13.86
N HIS B 78 -2.69 -17.37 14.99
CA HIS B 78 -1.25 -17.07 14.99
C HIS B 78 -0.47 -18.12 15.77
N HIS B 79 0.83 -17.92 15.90
CA HIS B 79 1.68 -18.84 16.63
C HIS B 79 2.64 -18.09 17.55
N MET C 1 7.49 8.58 -15.42
CA MET C 1 6.41 8.92 -16.35
C MET C 1 5.43 9.88 -15.70
N LYS C 2 5.27 11.06 -16.30
CA LYS C 2 4.36 12.07 -15.79
C LYS C 2 4.72 12.46 -14.36
N ILE C 3 6.02 12.46 -14.07
CA ILE C 3 6.50 12.82 -12.74
C ILE C 3 7.91 13.40 -12.80
N ASP C 4 8.19 14.37 -11.94
CA ASP C 4 9.50 15.01 -11.90
C ASP C 4 10.31 14.51 -10.70
N ALA C 5 9.61 14.16 -9.63
CA ALA C 5 10.25 13.67 -8.42
C ALA C 5 11.16 12.48 -8.74
N ILE C 6 12.21 12.31 -7.93
CA ILE C 6 13.15 11.21 -8.12
C ILE C 6 13.50 10.56 -6.79
N VAL C 7 12.58 10.62 -5.84
CA VAL C 7 12.78 10.03 -4.53
C VAL C 7 11.45 9.77 -3.82
N GLY C 8 11.25 8.53 -3.41
CA GLY C 8 10.02 8.17 -2.73
C GLY C 8 8.80 8.29 -3.62
N ARG C 9 8.31 7.17 -4.12
CA ARG C 9 7.15 7.15 -5.00
C ARG C 9 6.78 5.72 -5.39
N ASN C 10 5.54 5.34 -5.11
CA ASN C 10 5.06 4.00 -5.43
C ASN C 10 4.59 3.93 -6.88
N SER C 11 5.27 3.11 -7.68
CA SER C 11 4.92 2.95 -9.08
C SER C 11 4.86 1.47 -9.47
N ALA C 12 3.96 1.14 -10.39
CA ALA C 12 3.80 -0.24 -10.84
C ALA C 12 3.83 -0.32 -12.36
N LYS C 13 4.57 -1.28 -12.89
CA LYS C 13 4.68 -1.47 -14.33
C LYS C 13 3.54 -2.33 -14.86
N ASP C 14 3.12 -3.30 -14.05
CA ASP C 14 2.04 -4.20 -14.43
C ASP C 14 1.51 -4.96 -13.23
N ILE C 15 0.19 -5.08 -13.13
CA ILE C 15 -0.44 -5.79 -12.02
C ILE C 15 -1.60 -6.66 -12.50
N ARG C 16 -1.50 -7.95 -12.25
CA ARG C 16 -2.54 -8.89 -12.66
C ARG C 16 -3.28 -9.45 -11.45
N THR C 17 -4.60 -9.31 -11.45
CA THR C 17 -5.43 -9.81 -10.35
C THR C 17 -6.66 -10.54 -10.87
N GLU C 18 -6.90 -11.72 -10.32
CA GLU C 18 -8.05 -12.53 -10.72
C GLU C 18 -8.58 -13.35 -9.55
N GLU C 19 -9.76 -13.93 -9.74
CA GLU C 19 -10.38 -14.74 -8.69
C GLU C 19 -10.69 -13.90 -7.46
N ARG C 20 -11.70 -13.04 -7.57
CA ARG C 20 -12.10 -12.17 -6.46
C ARG C 20 -10.88 -11.49 -5.84
N ALA C 21 -9.95 -11.05 -6.70
CA ALA C 21 -8.74 -10.39 -6.24
C ALA C 21 -8.94 -8.88 -6.17
N ARG C 22 -8.15 -8.22 -5.33
CA ARG C 22 -8.24 -6.77 -5.16
C ARG C 22 -6.86 -6.13 -5.19
N VAL C 23 -6.78 -4.93 -5.76
CA VAL C 23 -5.51 -4.21 -5.85
C VAL C 23 -5.68 -2.78 -5.37
N GLN C 24 -4.89 -2.40 -4.36
CA GLN C 24 -4.94 -1.06 -3.81
C GLN C 24 -3.56 -0.41 -3.82
N LEU C 25 -3.47 0.77 -4.41
CA LEU C 25 -2.21 1.50 -4.50
C LEU C 25 -2.30 2.83 -3.74
N GLY C 26 -1.47 2.96 -2.71
CA GLY C 26 -1.46 4.18 -1.93
C GLY C 26 -1.00 3.95 -0.50
N ASN C 27 -0.89 5.03 0.27
CA ASN C 27 -0.46 4.94 1.66
C ASN C 27 -1.63 4.65 2.58
N VAL C 28 -1.48 3.63 3.42
CA VAL C 28 -2.53 3.25 4.36
C VAL C 28 -2.31 3.89 5.72
N VAL C 29 -3.34 4.56 6.23
CA VAL C 29 -3.26 5.21 7.53
C VAL C 29 -4.34 4.69 8.48
N THR C 30 -3.91 4.01 9.54
CA THR C 30 -4.83 3.45 10.51
C THR C 30 -5.50 4.56 11.33
N ALA C 31 -6.51 4.18 12.09
CA ALA C 31 -7.23 5.15 12.93
C ALA C 31 -6.31 5.74 13.99
N ALA C 32 -5.44 4.91 14.55
CA ALA C 32 -4.51 5.36 15.58
C ALA C 32 -3.50 6.36 15.01
N ALA C 33 -3.10 6.14 13.77
CA ALA C 33 -2.15 7.01 13.10
C ALA C 33 -2.58 8.47 13.19
N LEU C 34 -1.89 9.24 14.02
CA LEU C 34 -2.21 10.66 14.20
C LEU C 34 -0.94 11.49 14.27
N HIS C 35 -0.01 11.08 15.12
CA HIS C 35 1.26 11.79 15.28
C HIS C 35 1.96 11.97 13.93
N GLY C 36 2.35 13.20 13.64
CA GLY C 36 3.02 13.49 12.38
C GLY C 36 2.75 14.89 11.87
N GLY C 37 3.63 15.82 12.22
CA GLY C 37 3.47 17.19 11.79
C GLY C 37 3.62 17.37 10.29
N ILE C 38 4.20 18.49 9.88
CA ILE C 38 4.40 18.76 8.45
C ILE C 38 5.87 19.01 8.15
N ARG C 39 6.36 18.36 7.09
CA ARG C 39 7.76 18.51 6.69
C ARG C 39 7.97 17.98 5.28
N ILE C 40 9.22 18.03 4.82
CA ILE C 40 9.56 17.56 3.48
C ILE C 40 11.01 17.09 3.42
N SER C 41 11.22 15.91 2.84
CA SER C 41 12.57 15.35 2.70
C SER C 41 12.54 14.06 1.89
N ASP C 42 13.69 13.41 1.80
CA ASP C 42 13.81 12.16 1.04
C ASP C 42 12.85 11.11 1.59
N GLN C 43 12.86 9.93 0.97
CA GLN C 43 12.00 8.84 1.40
C GLN C 43 12.26 7.59 0.57
N THR C 44 11.85 6.44 1.10
CA THR C 44 12.03 5.16 0.41
C THR C 44 11.12 5.06 -0.81
N THR C 45 11.70 4.68 -1.94
CA THR C 45 10.95 4.54 -3.18
C THR C 45 10.63 3.07 -3.47
N ASN C 46 9.41 2.82 -3.94
CA ASN C 46 8.98 1.46 -4.26
C ASN C 46 8.51 1.36 -5.70
N SER C 47 9.03 0.39 -6.44
CA SER C 47 8.67 0.19 -7.83
C SER C 47 8.58 -1.29 -8.16
N VAL C 48 7.42 -1.72 -8.67
CA VAL C 48 7.20 -3.11 -9.02
C VAL C 48 7.08 -3.27 -10.53
N GLU C 49 7.71 -4.31 -11.06
CA GLU C 49 7.68 -4.59 -12.50
C GLU C 49 6.36 -5.27 -12.88
N THR C 50 6.27 -6.56 -12.59
CA THR C 50 5.07 -7.33 -12.91
C THR C 50 4.59 -8.12 -11.70
N VAL C 51 3.30 -8.02 -11.41
CA VAL C 51 2.72 -8.73 -10.27
C VAL C 51 1.63 -9.69 -10.74
N VAL C 52 1.73 -10.94 -10.29
CA VAL C 52 0.75 -11.96 -10.66
C VAL C 52 -0.04 -12.43 -9.44
N GLY C 53 -1.35 -12.23 -9.49
CA GLY C 53 -2.20 -12.64 -8.37
C GLY C 53 -3.18 -13.74 -8.76
N LYS C 54 -3.26 -14.77 -7.93
CA LYS C 54 -4.16 -15.89 -8.20
C LYS C 54 -4.93 -16.27 -6.94
N GLY C 55 -6.16 -16.74 -7.12
CA GLY C 55 -6.99 -17.13 -5.99
C GLY C 55 -7.05 -16.06 -4.92
N GLU C 56 -7.98 -15.13 -5.06
CA GLU C 56 -8.15 -14.06 -4.10
C GLU C 56 -6.79 -13.44 -3.75
N SER C 57 -6.15 -12.83 -4.73
CA SER C 57 -4.85 -12.21 -4.54
C SER C 57 -5.00 -10.76 -4.07
N ARG C 58 -4.09 -10.31 -3.23
CA ARG C 58 -4.13 -8.95 -2.71
C ARG C 58 -2.88 -8.17 -3.14
N VAL C 59 -3.10 -6.99 -3.73
CA VAL C 59 -2.00 -6.16 -4.19
C VAL C 59 -1.97 -4.84 -3.43
N LEU C 60 -0.82 -4.55 -2.80
CA LEU C 60 -0.67 -3.32 -2.04
C LEU C 60 0.60 -2.58 -2.46
N ILE C 61 0.43 -1.41 -3.06
CA ILE C 61 1.55 -0.60 -3.52
C ILE C 61 1.68 0.68 -2.70
N GLY C 62 2.64 0.71 -1.79
CA GLY C 62 2.86 1.88 -0.97
C GLY C 62 3.21 1.52 0.46
N ASN C 63 3.31 2.54 1.32
CA ASN C 63 3.64 2.32 2.72
C ASN C 63 2.38 2.23 3.57
N GLU C 64 2.49 1.57 4.73
CA GLU C 64 1.37 1.41 5.63
C GLU C 64 1.72 1.89 7.03
N TYR C 65 0.80 2.59 7.67
CA TYR C 65 1.02 3.11 9.01
C TYR C 65 -0.03 2.57 9.99
N GLY C 66 0.43 1.95 11.06
CA GLY C 66 -0.48 1.40 12.05
C GLY C 66 0.21 0.43 13.00
N GLY C 67 -0.26 0.39 14.24
CA GLY C 67 0.32 -0.50 15.23
C GLY C 67 -0.18 -1.92 15.10
N LYS C 68 -1.50 -2.08 15.01
CA LYS C 68 -2.10 -3.39 14.88
C LYS C 68 -1.47 -4.18 13.74
N GLY C 69 -0.61 -5.14 14.08
CA GLY C 69 0.05 -5.94 13.07
C GLY C 69 0.76 -5.11 12.03
N PHE C 70 0.81 -5.60 10.81
CA PHE C 70 1.47 -4.89 9.71
C PHE C 70 0.49 -4.62 8.56
N TRP C 71 -0.41 -5.57 8.34
CA TRP C 71 -1.40 -5.44 7.28
C TRP C 71 -2.54 -6.44 7.47
N ASP C 72 -2.19 -7.69 7.74
CA ASP C 72 -3.19 -8.73 7.95
C ASP C 72 -2.93 -9.48 9.26
N ASN C 73 -3.86 -9.37 10.19
CA ASN C 73 -3.73 -10.04 11.48
C ASN C 73 -3.85 -11.56 11.32
N HIS C 74 -2.73 -12.21 11.07
CA HIS C 74 -2.71 -13.65 10.90
C HIS C 74 -1.70 -14.30 11.84
N HIS C 75 -0.42 -14.02 11.59
CA HIS C 75 0.66 -14.58 12.42
C HIS C 75 1.26 -13.49 13.31
N HIS C 76 2.23 -13.89 14.14
CA HIS C 76 2.89 -12.96 15.04
C HIS C 76 1.90 -12.37 16.03
N HIS C 77 2.42 -11.78 17.11
CA HIS C 77 1.58 -11.18 18.14
C HIS C 77 2.42 -10.35 19.10
N HIS C 78 1.79 -9.87 20.17
CA HIS C 78 2.47 -9.07 21.18
C HIS C 78 3.46 -9.92 21.98
N HIS C 79 4.28 -9.26 22.78
CA HIS C 79 5.27 -9.94 23.60
C HIS C 79 4.69 -10.30 24.97
N MET D 1 5.91 12.13 -19.84
CA MET D 1 6.69 12.33 -21.07
C MET D 1 8.11 11.83 -20.89
N LYS D 2 8.79 12.34 -19.87
CA LYS D 2 10.17 11.94 -19.59
C LYS D 2 10.22 10.59 -18.90
N ILE D 3 10.89 9.63 -19.53
CA ILE D 3 11.01 8.28 -18.97
C ILE D 3 12.47 7.94 -18.69
N ASP D 4 13.21 8.90 -18.15
CA ASP D 4 14.62 8.70 -17.84
C ASP D 4 14.92 9.09 -16.39
N ALA D 5 15.10 8.10 -15.54
CA ALA D 5 15.40 8.34 -14.13
C ALA D 5 15.89 7.07 -13.44
N ILE D 6 16.26 7.20 -12.17
CA ILE D 6 16.75 6.06 -11.40
C ILE D 6 15.62 5.10 -11.07
N VAL D 7 15.98 3.95 -10.51
CA VAL D 7 15.00 2.94 -10.12
C VAL D 7 14.42 3.22 -8.75
N GLY D 8 15.29 3.24 -7.74
CA GLY D 8 14.86 3.50 -6.38
C GLY D 8 15.43 2.52 -5.39
N ARG D 9 14.91 2.53 -4.16
CA ARG D 9 15.38 1.64 -3.12
C ARG D 9 14.77 0.25 -3.28
N ASN D 10 13.48 0.12 -2.94
CA ASN D 10 12.79 -1.15 -3.05
C ASN D 10 12.25 -1.36 -4.47
N SER D 11 12.79 -2.36 -5.15
CA SER D 11 12.37 -2.67 -6.52
C SER D 11 12.15 -4.17 -6.69
N ALA D 12 11.14 -4.53 -7.47
CA ALA D 12 10.82 -5.92 -7.73
C ALA D 12 10.69 -6.20 -9.22
N LYS D 13 11.52 -7.09 -9.74
CA LYS D 13 11.50 -7.44 -11.15
C LYS D 13 10.28 -8.29 -11.48
N ASP D 14 9.87 -9.12 -10.53
CA ASP D 14 8.70 -9.98 -10.72
C ASP D 14 8.25 -10.58 -9.40
N ILE D 15 6.94 -10.61 -9.18
CA ILE D 15 6.37 -11.16 -7.95
C ILE D 15 5.13 -11.99 -8.25
N ARG D 16 5.17 -13.26 -7.85
CA ARG D 16 4.04 -14.15 -8.06
C ARG D 16 3.38 -14.53 -6.74
N THR D 17 2.07 -14.31 -6.65
CA THR D 17 1.32 -14.62 -5.45
C THR D 17 0.02 -15.34 -5.78
N GLU D 18 -0.23 -16.45 -5.08
CA GLU D 18 -1.44 -17.23 -5.31
C GLU D 18 -1.92 -17.87 -4.00
N GLU D 19 -3.15 -18.38 -4.03
CA GLU D 19 -3.72 -19.01 -2.85
C GLU D 19 -3.91 -18.00 -1.71
N ARG D 20 -4.87 -17.10 -1.88
CA ARG D 20 -5.14 -16.08 -0.88
C ARG D 20 -3.85 -15.39 -0.43
N ALA D 21 -2.92 -15.24 -1.37
CA ALA D 21 -1.65 -14.59 -1.07
C ALA D 21 -1.75 -13.08 -1.14
N ARG D 22 -0.89 -12.38 -0.42
CA ARG D 22 -0.90 -10.93 -0.41
C ARG D 22 0.51 -10.38 -0.62
N VAL D 23 0.60 -9.26 -1.32
CA VAL D 23 1.89 -8.62 -1.60
C VAL D 23 1.84 -7.13 -1.29
N GLN D 24 2.72 -6.70 -0.40
CA GLN D 24 2.79 -5.29 -0.01
C GLN D 24 4.20 -4.74 -0.20
N LEU D 25 4.30 -3.64 -0.94
CA LEU D 25 5.60 -3.01 -1.20
C LEU D 25 5.64 -1.60 -0.63
N GLY D 26 6.55 -1.37 0.32
CA GLY D 26 6.67 -0.07 0.93
C GLY D 26 7.18 -0.14 2.35
N ASN D 27 7.35 1.02 2.99
CA ASN D 27 7.83 1.07 4.36
C ASN D 27 6.68 0.93 5.35
N VAL D 28 6.88 0.08 6.35
CA VAL D 28 5.86 -0.16 7.37
C VAL D 28 6.21 0.55 8.67
N VAL D 29 5.37 1.52 9.04
CA VAL D 29 5.58 2.29 10.27
C VAL D 29 4.52 1.97 11.31
N THR D 30 4.97 1.48 12.47
CA THR D 30 4.06 1.13 13.54
C THR D 30 3.56 2.37 14.27
N ALA D 31 2.52 2.19 15.09
CA ALA D 31 1.95 3.31 15.84
C ALA D 31 2.97 3.89 16.82
N ALA D 32 3.81 3.02 17.39
CA ALA D 32 4.83 3.46 18.33
C ALA D 32 5.74 4.51 17.71
N ALA D 33 6.06 4.32 16.43
CA ALA D 33 6.93 5.26 15.72
C ALA D 33 6.44 6.70 15.89
N LEU D 34 7.13 7.45 16.74
CA LEU D 34 6.75 8.85 16.98
C LEU D 34 7.84 9.79 16.48
N HIS D 35 7.72 11.07 16.84
CA HIS D 35 8.70 12.07 16.43
C HIS D 35 10.06 11.78 17.05
N GLY D 36 10.98 11.27 16.23
CA GLY D 36 12.31 10.95 16.71
C GLY D 36 13.16 10.28 15.65
N GLY D 37 13.03 10.74 14.41
CA GLY D 37 13.80 10.17 13.32
C GLY D 37 12.98 9.22 12.46
N ILE D 38 11.66 9.41 12.47
CA ILE D 38 10.77 8.56 11.68
C ILE D 38 11.20 8.51 10.23
N ARG D 39 11.78 9.61 9.75
CA ARG D 39 12.24 9.68 8.36
C ARG D 39 13.55 8.92 8.18
N ILE D 40 13.46 7.61 8.03
CA ILE D 40 14.63 6.78 7.85
C ILE D 40 15.44 7.22 6.64
N SER D 41 14.77 7.85 5.68
CA SER D 41 15.43 8.33 4.48
C SER D 41 16.02 7.17 3.68
N ASP D 42 16.75 7.50 2.62
CA ASP D 42 17.37 6.49 1.78
C ASP D 42 18.65 5.96 2.42
N GLN D 43 18.79 4.64 2.44
CA GLN D 43 19.98 4.01 3.03
C GLN D 43 20.34 2.72 2.29
N THR D 44 19.54 1.68 2.50
CA THR D 44 19.79 0.40 1.84
C THR D 44 18.87 0.22 0.63
N THR D 45 19.43 -0.31 -0.45
CA THR D 45 18.66 -0.54 -1.67
C THR D 45 18.39 -2.02 -1.88
N ASN D 46 17.12 -2.41 -1.70
CA ASN D 46 16.72 -3.80 -1.86
C ASN D 46 16.08 -4.02 -3.23
N SER D 47 16.54 -5.05 -3.94
CA SER D 47 16.00 -5.36 -5.26
C SER D 47 15.88 -6.86 -5.45
N VAL D 48 14.68 -7.33 -5.77
CA VAL D 48 14.43 -8.75 -5.98
C VAL D 48 14.20 -9.06 -7.45
N GLU D 49 14.73 -10.18 -7.91
CA GLU D 49 14.58 -10.59 -9.31
C GLU D 49 13.22 -11.24 -9.54
N THR D 50 13.09 -12.50 -9.11
CA THR D 50 11.85 -13.24 -9.27
C THR D 50 11.37 -13.80 -7.95
N VAL D 51 10.11 -13.53 -7.61
CA VAL D 51 9.53 -14.01 -6.37
C VAL D 51 8.34 -14.93 -6.63
N VAL D 52 8.30 -16.06 -5.92
CA VAL D 52 7.22 -17.02 -6.08
C VAL D 52 6.56 -17.33 -4.74
N GLY D 53 5.24 -17.19 -4.69
CA GLY D 53 4.52 -17.46 -3.46
C GLY D 53 3.39 -18.46 -3.66
N LYS D 54 3.32 -19.44 -2.78
CA LYS D 54 2.29 -20.48 -2.86
C LYS D 54 1.65 -20.71 -1.50
N GLY D 55 0.36 -21.05 -1.51
CA GLY D 55 -0.35 -21.31 -0.27
C GLY D 55 -0.23 -20.16 0.71
N GLU D 56 -1.15 -19.21 0.62
CA GLU D 56 -1.15 -18.05 1.51
C GLU D 56 0.26 -17.48 1.65
N SER D 57 0.84 -17.07 0.52
CA SER D 57 2.19 -16.51 0.52
C SER D 57 2.16 -15.03 0.86
N ARG D 58 3.18 -14.57 1.57
CA ARG D 58 3.28 -13.16 1.96
C ARG D 58 4.51 -12.51 1.35
N VAL D 59 4.30 -11.38 0.69
CA VAL D 59 5.40 -10.65 0.05
C VAL D 59 5.54 -9.24 0.64
N LEU D 60 6.71 -8.95 1.17
CA LEU D 60 6.97 -7.64 1.76
C LEU D 60 8.26 -7.04 1.23
N ILE D 61 8.14 -5.97 0.45
CA ILE D 61 9.30 -5.30 -0.13
C ILE D 61 9.49 -3.91 0.47
N GLY D 62 10.48 -3.79 1.36
CA GLY D 62 10.76 -2.52 1.98
C GLY D 62 11.25 -2.68 3.41
N ASN D 63 11.42 -1.55 4.11
CA ASN D 63 11.90 -1.57 5.48
C ASN D 63 10.74 -1.40 6.46
N GLU D 64 10.94 -1.88 7.69
CA GLU D 64 9.91 -1.79 8.72
C GLU D 64 10.43 -1.02 9.93
N TYR D 65 9.77 0.09 10.24
CA TYR D 65 10.16 0.92 11.38
C TYR D 65 9.10 0.89 12.47
N GLY D 66 9.54 0.75 13.71
CA GLY D 66 8.61 0.72 14.83
C GLY D 66 8.96 -0.36 15.83
N GLY D 67 8.21 -0.42 16.93
CA GLY D 67 8.47 -1.41 17.96
C GLY D 67 7.39 -2.49 17.99
N LYS D 68 7.75 -3.69 17.52
CA LYS D 68 6.81 -4.81 17.50
C LYS D 68 7.55 -6.13 17.26
N GLY D 69 8.81 -6.18 17.68
CA GLY D 69 9.61 -7.39 17.50
C GLY D 69 10.08 -7.55 16.07
N PHE D 70 9.14 -7.78 15.16
CA PHE D 70 9.48 -7.96 13.74
C PHE D 70 8.20 -8.08 12.90
N TRP D 71 8.34 -7.78 11.61
CA TRP D 71 7.20 -7.85 10.70
C TRP D 71 6.46 -9.18 10.85
N ASP D 72 7.07 -10.24 10.33
CA ASP D 72 6.48 -11.57 10.40
C ASP D 72 7.55 -12.64 10.58
N ASN D 73 7.42 -13.44 11.63
CA ASN D 73 8.37 -14.50 11.91
C ASN D 73 7.73 -15.61 12.75
N HIS D 74 8.36 -16.77 12.75
CA HIS D 74 7.86 -17.92 13.51
C HIS D 74 7.83 -17.61 15.01
N HIS D 75 9.01 -17.41 15.58
CA HIS D 75 9.11 -17.10 17.01
C HIS D 75 10.57 -16.91 17.41
N HIS D 76 10.81 -16.70 18.70
CA HIS D 76 12.15 -16.49 19.22
C HIS D 76 13.01 -17.74 19.02
N HIS D 77 14.19 -17.75 19.63
CA HIS D 77 15.10 -18.88 19.52
C HIS D 77 14.62 -20.05 20.37
N HIS D 78 14.83 -21.27 19.88
CA HIS D 78 14.42 -22.46 20.60
C HIS D 78 15.62 -23.21 21.15
N HIS D 79 15.39 -24.42 21.65
CA HIS D 79 16.46 -25.23 22.22
C HIS D 79 16.41 -26.65 21.66
N MET E 1 11.59 -7.17 -18.82
CA MET E 1 12.87 -7.30 -18.13
C MET E 1 14.00 -6.75 -18.99
N LYS E 2 14.78 -5.85 -18.41
CA LYS E 2 15.91 -5.25 -19.12
C LYS E 2 16.70 -4.33 -18.20
N ILE E 3 17.68 -4.90 -17.51
CA ILE E 3 18.52 -4.12 -16.60
C ILE E 3 19.95 -4.68 -16.56
N ASP E 4 20.92 -3.78 -16.42
CA ASP E 4 22.31 -4.17 -16.36
C ASP E 4 23.17 -3.07 -15.74
N ALA E 5 23.62 -3.29 -14.50
CA ALA E 5 24.44 -2.32 -13.80
C ALA E 5 24.88 -2.85 -12.44
N ILE E 6 26.18 -2.87 -12.21
CA ILE E 6 26.72 -3.36 -10.94
C ILE E 6 26.18 -2.55 -9.77
N VAL E 7 25.56 -3.24 -8.81
CA VAL E 7 25.01 -2.58 -7.63
C VAL E 7 24.98 -3.53 -6.44
N GLY E 8 25.65 -3.12 -5.35
CA GLY E 8 25.68 -3.95 -4.17
C GLY E 8 24.34 -3.99 -3.45
N ARG E 9 24.37 -3.76 -2.14
CA ARG E 9 23.15 -3.77 -1.33
C ARG E 9 22.52 -5.16 -1.34
N ASN E 10 21.29 -5.24 -0.83
CA ASN E 10 20.57 -6.51 -0.77
C ASN E 10 19.87 -6.81 -2.10
N SER E 11 20.34 -7.85 -2.78
CA SER E 11 19.76 -8.24 -4.07
C SER E 11 19.45 -9.73 -4.08
N ALA E 12 18.36 -10.09 -4.77
CA ALA E 12 17.96 -11.48 -4.87
C ALA E 12 17.78 -11.90 -6.33
N LYS E 13 18.32 -13.07 -6.67
CA LYS E 13 18.23 -13.57 -8.04
C LYS E 13 16.95 -14.39 -8.23
N ASP E 14 16.56 -15.13 -7.19
CA ASP E 14 15.35 -15.95 -7.25
C ASP E 14 14.95 -16.40 -5.85
N ILE E 15 13.65 -16.33 -5.57
CA ILE E 15 13.13 -16.73 -4.26
C ILE E 15 11.82 -17.52 -4.41
N ARG E 16 11.82 -18.76 -3.94
CA ARG E 16 10.64 -19.61 -4.02
C ARG E 16 10.06 -19.86 -2.63
N THR E 17 8.78 -19.54 -2.46
CA THR E 17 8.11 -19.73 -1.19
C THR E 17 6.74 -20.37 -1.39
N GLU E 18 6.45 -21.39 -0.58
CA GLU E 18 5.16 -22.09 -0.66
C GLU E 18 4.80 -22.70 0.68
N GLU E 19 3.54 -23.12 0.80
CA GLU E 19 3.06 -23.73 2.04
C GLU E 19 3.07 -22.71 3.18
N ARG E 20 2.18 -21.73 3.10
CA ARG E 20 2.09 -20.69 4.12
C ARG E 20 3.46 -20.11 4.43
N ALA E 21 4.16 -19.65 3.39
CA ALA E 21 5.48 -19.07 3.55
C ALA E 21 5.43 -17.55 3.43
N ARG E 22 6.41 -16.88 4.02
CA ARG E 22 6.48 -15.43 3.98
C ARG E 22 7.88 -14.96 3.57
N VAL E 23 7.93 -13.98 2.67
CA VAL E 23 9.20 -13.43 2.20
C VAL E 23 9.26 -11.92 2.38
N GLN E 24 10.33 -11.45 2.98
CA GLN E 24 10.52 -10.02 3.22
C GLN E 24 11.94 -9.59 2.92
N LEU E 25 12.08 -8.46 2.22
CA LEU E 25 13.40 -7.95 1.86
C LEU E 25 13.52 -6.47 2.24
N GLY E 26 14.46 -6.17 3.12
CA GLY E 26 14.67 -4.78 3.55
C GLY E 26 15.30 -4.69 4.91
N ASN E 27 15.58 -3.47 5.35
CA ASN E 27 16.20 -3.24 6.65
C ASN E 27 15.13 -3.08 7.74
N VAL E 28 15.28 -3.86 8.81
CA VAL E 28 14.34 -3.80 9.92
C VAL E 28 14.86 -2.93 11.06
N VAL E 29 14.09 -1.92 11.42
CA VAL E 29 14.47 -1.01 12.49
C VAL E 29 13.42 -0.99 13.60
N THR E 30 13.82 -1.41 14.80
CA THR E 30 12.93 -1.45 15.94
C THR E 30 12.55 -0.03 16.39
N ALA E 31 11.65 0.04 17.36
CA ALA E 31 11.20 1.33 17.87
C ALA E 31 12.37 2.12 18.48
N ALA E 32 13.32 1.40 19.05
CA ALA E 32 14.49 2.02 19.66
C ALA E 32 15.19 2.95 18.68
N ALA E 33 15.19 2.58 17.40
CA ALA E 33 15.82 3.38 16.35
C ALA E 33 17.33 3.46 16.57
N LEU E 34 18.07 3.67 15.48
CA LEU E 34 19.52 3.76 15.55
C LEU E 34 19.94 4.99 16.35
N HIS E 35 20.49 4.75 17.54
CA HIS E 35 20.94 5.84 18.41
C HIS E 35 22.11 6.59 17.77
N GLY E 36 21.95 7.90 17.62
CA GLY E 36 22.99 8.71 17.03
C GLY E 36 23.29 8.32 15.59
N GLY E 37 24.54 8.47 15.17
CA GLY E 37 24.92 8.13 13.82
C GLY E 37 24.17 8.94 12.78
N ILE E 38 24.47 10.24 12.71
CA ILE E 38 23.82 11.12 11.76
C ILE E 38 23.94 10.59 10.33
N ARG E 39 24.99 9.81 10.09
CA ARG E 39 25.22 9.24 8.77
C ARG E 39 24.76 7.78 8.73
N ILE E 40 23.76 7.50 7.92
CA ILE E 40 23.23 6.15 7.79
C ILE E 40 23.35 5.64 6.35
N SER E 41 24.57 5.36 5.92
CA SER E 41 24.82 4.87 4.58
C SER E 41 25.13 3.39 4.58
N ASP E 42 24.65 2.68 3.56
CA ASP E 42 24.89 1.24 3.44
C ASP E 42 26.38 0.94 3.35
N GLN E 43 26.75 -0.29 3.69
CA GLN E 43 28.15 -0.71 3.64
C GLN E 43 28.27 -2.15 3.18
N THR E 44 27.74 -3.08 3.98
CA THR E 44 27.80 -4.50 3.64
C THR E 44 26.87 -4.82 2.47
N THR E 45 27.35 -5.65 1.55
CA THR E 45 26.56 -6.04 0.40
C THR E 45 26.18 -7.51 0.46
N ASN E 46 24.90 -7.80 0.24
CA ASN E 46 24.40 -9.17 0.27
C ASN E 46 23.66 -9.51 -1.01
N SER E 47 23.95 -10.68 -1.56
CA SER E 47 23.31 -11.12 -2.80
C SER E 47 23.02 -12.62 -2.76
N VAL E 48 21.76 -12.99 -2.96
CA VAL E 48 21.36 -14.39 -2.93
C VAL E 48 21.02 -14.88 -4.34
N GLU E 49 21.41 -16.11 -4.65
CA GLU E 49 21.14 -16.69 -5.96
C GLU E 49 19.72 -17.23 -6.03
N THR E 50 19.50 -18.39 -5.41
CA THR E 50 18.18 -19.02 -5.41
C THR E 50 17.84 -19.59 -4.04
N VAL E 51 16.67 -19.25 -3.53
CA VAL E 51 16.23 -19.74 -2.23
C VAL E 51 14.97 -20.58 -2.35
N VAL E 52 15.06 -21.83 -1.92
CA VAL E 52 13.91 -22.74 -1.98
C VAL E 52 13.30 -22.94 -0.60
N GLY E 53 12.05 -22.51 -0.45
CA GLY E 53 11.37 -22.65 0.82
C GLY E 53 10.25 -23.67 0.77
N LYS E 54 10.22 -24.56 1.76
CA LYS E 54 9.19 -25.60 1.82
C LYS E 54 8.59 -25.68 3.22
N GLY E 55 7.29 -25.96 3.29
CA GLY E 55 6.62 -26.07 4.57
C GLY E 55 6.90 -24.88 5.47
N GLU E 56 6.08 -23.84 5.34
CA GLU E 56 6.24 -22.64 6.14
C GLU E 56 7.68 -22.15 6.12
N SER E 57 8.09 -21.56 5.00
CA SER E 57 9.44 -21.05 4.85
C SER E 57 9.49 -19.55 5.07
N ARG E 58 10.59 -19.07 5.64
CA ARG E 58 10.77 -17.65 5.90
C ARG E 58 11.97 -17.10 5.14
N VAL E 59 11.76 -16.01 4.40
CA VAL E 59 12.83 -15.39 3.63
C VAL E 59 13.10 -13.97 4.12
N LEU E 60 14.34 -13.71 4.51
CA LEU E 60 14.73 -12.40 5.00
C LEU E 60 15.98 -11.89 4.27
N ILE E 61 15.81 -10.86 3.46
CA ILE E 61 16.93 -10.29 2.71
C ILE E 61 17.24 -8.87 3.19
N GLY E 62 18.31 -8.73 3.96
CA GLY E 62 18.70 -7.44 4.46
C GLY E 62 19.17 -7.49 5.91
N ASN E 63 19.40 -6.32 6.49
CA ASN E 63 19.86 -6.24 7.88
C ASN E 63 18.66 -6.18 8.83
N GLU E 64 18.88 -6.63 10.07
CA GLU E 64 17.83 -6.64 11.08
C GLU E 64 18.31 -5.97 12.36
N TYR E 65 17.50 -5.03 12.86
CA TYR E 65 17.84 -4.30 14.09
C TYR E 65 16.65 -4.28 15.04
N GLY E 66 16.87 -4.80 16.25
CA GLY E 66 15.81 -4.82 17.25
C GLY E 66 16.11 -5.76 18.39
N GLY E 67 15.19 -5.85 19.35
CA GLY E 67 15.38 -6.72 20.49
C GLY E 67 15.27 -8.18 20.13
N LYS E 68 14.84 -9.00 21.08
CA LYS E 68 14.68 -10.43 20.87
C LYS E 68 16.02 -11.08 20.52
N GLY E 69 15.99 -12.38 20.28
CA GLY E 69 17.21 -13.10 19.94
C GLY E 69 17.23 -13.57 18.50
N PHE E 70 16.23 -14.35 18.13
CA PHE E 70 16.12 -14.87 16.76
C PHE E 70 15.46 -13.86 15.84
N TRP E 71 15.98 -13.75 14.62
CA TRP E 71 15.44 -12.81 13.65
C TRP E 71 15.74 -11.37 14.04
N ASP E 72 16.56 -11.21 15.07
CA ASP E 72 16.93 -9.88 15.55
C ASP E 72 17.75 -9.98 16.83
N ASN E 73 18.83 -9.19 16.90
CA ASN E 73 19.69 -9.19 18.07
C ASN E 73 19.84 -7.78 18.64
N HIS E 74 20.14 -7.70 19.93
CA HIS E 74 20.30 -6.41 20.59
C HIS E 74 21.35 -6.50 21.70
N HIS E 75 21.85 -5.35 22.13
CA HIS E 75 22.86 -5.29 23.19
C HIS E 75 22.23 -5.57 24.55
N HIS E 76 21.42 -4.63 25.02
CA HIS E 76 20.76 -4.77 26.32
C HIS E 76 21.78 -4.82 27.45
N HIS E 77 21.31 -5.15 28.65
CA HIS E 77 22.19 -5.24 29.82
C HIS E 77 22.02 -6.58 30.52
N HIS E 78 22.85 -6.81 31.54
CA HIS E 78 22.80 -8.05 32.30
C HIS E 78 23.10 -7.80 33.77
N HIS E 79 22.85 -8.81 34.61
CA HIS E 79 23.09 -8.69 36.04
C HIS E 79 23.90 -9.89 36.55
N MET A 1 14.65 15.96 -6.23
CA MET A 1 13.98 17.24 -6.11
C MET A 1 13.31 17.64 -7.43
N LYS A 2 12.06 18.08 -7.35
CA LYS A 2 11.32 18.49 -8.52
C LYS A 2 9.96 19.08 -8.14
N ILE A 3 9.24 19.60 -9.13
CA ILE A 3 7.93 20.19 -8.90
C ILE A 3 6.82 19.30 -9.41
N ASP A 4 5.69 19.30 -8.71
CA ASP A 4 4.55 18.48 -9.09
C ASP A 4 3.30 18.87 -8.31
N ALA A 5 2.25 18.08 -8.43
CA ALA A 5 1.00 18.34 -7.73
C ALA A 5 0.37 19.64 -8.22
N ILE A 6 -0.67 19.53 -9.03
CA ILE A 6 -1.37 20.69 -9.56
C ILE A 6 -2.62 21.01 -8.75
N VAL A 7 -3.36 22.02 -9.20
CA VAL A 7 -4.58 22.43 -8.51
C VAL A 7 -5.50 21.23 -8.28
N GLY A 8 -5.53 20.32 -9.24
CA GLY A 8 -6.38 19.14 -9.13
C GLY A 8 -7.57 19.17 -10.07
N ARG A 9 -7.84 18.05 -10.72
CA ARG A 9 -8.95 17.96 -11.66
C ARG A 9 -9.08 16.55 -12.22
N ASN A 10 -10.26 16.21 -12.72
CA ASN A 10 -10.51 14.90 -13.29
C ASN A 10 -10.38 14.93 -14.82
N SER A 11 -9.52 14.07 -15.34
CA SER A 11 -9.30 14.00 -16.78
C SER A 11 -9.59 12.60 -17.31
N ALA A 12 -10.26 12.53 -18.45
CA ALA A 12 -10.59 11.24 -19.07
C ALA A 12 -10.45 11.31 -20.59
N LYS A 13 -9.64 10.42 -21.14
CA LYS A 13 -9.41 10.37 -22.58
C LYS A 13 -10.49 9.54 -23.26
N ASP A 14 -10.91 8.47 -22.60
CA ASP A 14 -11.94 7.59 -23.16
C ASP A 14 -12.52 6.69 -22.06
N ILE A 15 -13.83 6.50 -22.10
CA ILE A 15 -14.51 5.65 -21.12
C ILE A 15 -15.55 4.77 -21.79
N ARG A 16 -15.34 3.45 -21.69
CA ARG A 16 -16.26 2.49 -22.28
C ARG A 16 -16.85 1.57 -21.22
N THR A 17 -18.16 1.66 -21.03
CA THR A 17 -18.85 0.84 -20.04
C THR A 17 -20.06 0.12 -20.65
N GLU A 18 -20.17 -1.17 -20.37
CA GLU A 18 -21.28 -1.96 -20.90
C GLU A 18 -21.81 -2.92 -19.83
N GLU A 19 -23.07 -3.33 -20.00
CA GLU A 19 -23.70 -4.24 -19.06
C GLU A 19 -23.87 -3.58 -17.69
N ARG A 20 -24.98 -2.89 -17.50
CA ARG A 20 -25.25 -2.20 -16.24
C ARG A 20 -23.96 -1.73 -15.58
N ALA A 21 -23.15 -1.00 -16.34
CA ALA A 21 -21.88 -0.49 -15.84
C ALA A 21 -22.03 0.94 -15.32
N ARG A 22 -21.29 1.26 -14.27
CA ARG A 22 -21.34 2.59 -13.67
C ARG A 22 -19.95 3.21 -13.60
N VAL A 23 -19.86 4.49 -13.94
CA VAL A 23 -18.59 5.20 -13.91
C VAL A 23 -18.76 6.64 -13.44
N GLN A 24 -18.08 7.00 -12.37
CA GLN A 24 -18.17 8.34 -11.82
C GLN A 24 -16.79 9.01 -11.79
N LEU A 25 -16.76 10.28 -12.17
CA LEU A 25 -15.51 11.04 -12.19
C LEU A 25 -15.67 12.38 -11.48
N GLY A 26 -14.85 12.61 -10.45
CA GLY A 26 -14.92 13.86 -9.72
C GLY A 26 -14.65 13.67 -8.24
N ASN A 27 -15.65 13.94 -7.42
CA ASN A 27 -15.51 13.81 -5.97
C ASN A 27 -16.82 13.34 -5.33
N VAL A 28 -16.74 12.30 -4.52
CA VAL A 28 -17.92 11.75 -3.85
C VAL A 28 -17.84 11.99 -2.34
N VAL A 29 -18.91 12.57 -1.80
CA VAL A 29 -18.96 12.85 -0.37
C VAL A 29 -20.17 12.18 0.27
N THR A 30 -19.93 11.45 1.35
CA THR A 30 -21.00 10.76 2.07
C THR A 30 -21.59 11.63 3.17
N ALA A 31 -22.78 11.26 3.63
CA ALA A 31 -23.45 12.01 4.69
C ALA A 31 -22.63 11.99 5.97
N ALA A 32 -22.10 10.81 6.32
CA ALA A 32 -21.30 10.66 7.52
C ALA A 32 -20.06 11.54 7.47
N ALA A 33 -19.49 11.70 6.28
CA ALA A 33 -18.30 12.52 6.11
C ALA A 33 -18.59 13.98 6.44
N LEU A 34 -19.85 14.37 6.31
CA LEU A 34 -20.26 15.75 6.60
C LEU A 34 -19.78 16.18 7.97
N HIS A 35 -18.72 17.00 7.99
CA HIS A 35 -18.17 17.49 9.24
C HIS A 35 -17.81 18.96 9.14
N GLY A 36 -16.87 19.28 8.26
CA GLY A 36 -16.45 20.66 8.07
C GLY A 36 -14.94 20.81 7.98
N GLY A 37 -14.49 21.66 7.07
CA GLY A 37 -13.06 21.87 6.89
C GLY A 37 -12.74 22.65 5.64
N ILE A 38 -11.51 23.16 5.56
CA ILE A 38 -11.08 23.93 4.40
C ILE A 38 -9.70 23.48 3.93
N ARG A 39 -9.51 23.45 2.62
CA ARG A 39 -8.24 23.05 2.03
C ARG A 39 -7.34 24.25 1.79
N ILE A 40 -6.08 24.13 2.19
CA ILE A 40 -5.12 25.22 2.02
C ILE A 40 -3.99 24.81 1.07
N SER A 41 -3.73 23.51 1.00
CA SER A 41 -2.67 22.98 0.15
C SER A 41 -3.25 22.45 -1.16
N ASP A 42 -2.38 21.92 -2.01
CA ASP A 42 -2.80 21.37 -3.30
C ASP A 42 -3.73 20.18 -3.09
N GLN A 43 -4.02 19.47 -4.18
CA GLN A 43 -4.89 18.31 -4.13
C GLN A 43 -4.41 17.22 -5.09
N THR A 44 -5.13 16.10 -5.12
CA THR A 44 -4.78 14.99 -5.99
C THR A 44 -5.41 15.15 -7.37
N THR A 45 -4.63 14.86 -8.41
CA THR A 45 -5.11 14.97 -9.78
C THR A 45 -5.32 13.59 -10.40
N ASN A 46 -6.59 13.24 -10.60
CA ASN A 46 -6.94 11.95 -11.19
C ASN A 46 -7.13 12.07 -12.69
N SER A 47 -6.39 11.25 -13.45
CA SER A 47 -6.48 11.28 -14.90
C SER A 47 -6.38 9.86 -15.47
N VAL A 48 -7.39 9.47 -16.24
CA VAL A 48 -7.41 8.14 -16.84
C VAL A 48 -7.43 8.23 -18.37
N GLU A 49 -6.62 7.40 -19.01
CA GLU A 49 -6.53 7.39 -20.47
C GLU A 49 -7.71 6.65 -21.08
N THR A 50 -7.68 5.33 -20.99
CA THR A 50 -8.75 4.50 -21.53
C THR A 50 -9.35 3.60 -20.45
N VAL A 51 -10.68 3.60 -20.35
CA VAL A 51 -11.38 2.79 -19.37
C VAL A 51 -12.30 1.78 -20.04
N VAL A 52 -12.18 0.51 -19.64
CA VAL A 52 -13.00 -0.55 -20.20
C VAL A 52 -13.70 -1.35 -19.10
N GLY A 53 -15.02 -1.44 -19.20
CA GLY A 53 -15.78 -2.17 -18.20
C GLY A 53 -16.71 -3.19 -18.82
N LYS A 54 -16.72 -4.40 -18.28
CA LYS A 54 -17.57 -5.48 -18.79
C LYS A 54 -18.30 -6.17 -17.65
N GLY A 55 -19.56 -6.54 -17.89
CA GLY A 55 -20.34 -7.21 -16.88
C GLY A 55 -20.44 -6.41 -15.60
N GLU A 56 -21.42 -5.49 -15.56
CA GLU A 56 -21.61 -4.66 -14.37
C GLU A 56 -20.29 -4.13 -13.84
N SER A 57 -19.58 -3.38 -14.68
CA SER A 57 -18.28 -2.82 -14.29
C SER A 57 -18.47 -1.51 -13.53
N ARG A 58 -17.59 -1.28 -12.55
CA ARG A 58 -17.65 -0.08 -11.74
C ARG A 58 -16.29 0.62 -11.70
N VAL A 59 -16.28 1.90 -12.03
CA VAL A 59 -15.05 2.69 -12.02
C VAL A 59 -15.27 4.06 -11.39
N LEU A 60 -14.49 4.37 -10.38
CA LEU A 60 -14.59 5.65 -9.69
C LEU A 60 -13.29 6.45 -9.80
N ILE A 61 -13.33 7.53 -10.54
CA ILE A 61 -12.15 8.38 -10.73
C ILE A 61 -12.25 9.64 -9.89
N GLY A 62 -11.49 9.67 -8.79
CA GLY A 62 -11.50 10.83 -7.91
C GLY A 62 -11.34 10.45 -6.45
N ASN A 63 -11.66 11.39 -5.56
CA ASN A 63 -11.55 11.15 -4.13
C ASN A 63 -12.91 10.88 -3.51
N GLU A 64 -12.92 10.18 -2.38
CA GLU A 64 -14.16 9.86 -1.68
C GLU A 64 -14.07 10.22 -0.20
N TYR A 65 -15.20 10.63 0.37
CA TYR A 65 -15.25 11.01 1.77
C TYR A 65 -16.39 10.29 2.50
N GLY A 66 -16.04 9.60 3.58
CA GLY A 66 -17.05 8.88 4.35
C GLY A 66 -16.43 7.90 5.34
N GLY A 67 -16.15 6.70 4.86
CA GLY A 67 -15.55 5.68 5.72
C GLY A 67 -16.32 4.38 5.69
N LYS A 68 -17.18 4.17 6.67
CA LYS A 68 -17.98 2.96 6.75
C LYS A 68 -18.70 2.69 5.44
N GLY A 69 -18.54 1.48 4.91
CA GLY A 69 -19.19 1.13 3.66
C GLY A 69 -18.29 1.36 2.46
N PHE A 70 -17.45 2.38 2.54
CA PHE A 70 -16.55 2.72 1.44
C PHE A 70 -17.31 2.89 0.13
N TRP A 71 -16.58 3.07 -0.96
CA TRP A 71 -17.19 3.26 -2.26
C TRP A 71 -18.18 2.14 -2.56
N ASP A 72 -19.47 2.48 -2.53
CA ASP A 72 -20.53 1.51 -2.80
C ASP A 72 -20.45 0.35 -1.82
N ASN A 73 -21.26 -0.68 -2.06
CA ASN A 73 -21.29 -1.86 -1.20
C ASN A 73 -20.52 -3.02 -1.84
N HIS A 74 -19.95 -3.87 -1.00
CA HIS A 74 -19.19 -5.03 -1.49
C HIS A 74 -19.78 -6.33 -0.94
N HIS A 75 -19.16 -7.44 -1.30
CA HIS A 75 -19.62 -8.75 -0.85
C HIS A 75 -19.16 -9.02 0.58
N HIS A 76 -20.04 -8.75 1.54
CA HIS A 76 -19.72 -8.97 2.95
C HIS A 76 -20.14 -10.37 3.39
N HIS A 77 -19.34 -10.97 4.27
CA HIS A 77 -19.63 -12.30 4.76
C HIS A 77 -18.57 -12.74 5.78
N HIS A 78 -19.03 -13.10 6.98
CA HIS A 78 -18.12 -13.53 8.04
C HIS A 78 -17.31 -14.75 7.61
N HIS A 79 -15.99 -14.64 7.68
CA HIS A 79 -15.11 -15.73 7.29
C HIS A 79 -13.66 -15.42 7.65
N MET B 1 -1.46 25.73 13.07
CA MET B 1 -2.27 24.71 13.73
C MET B 1 -3.68 24.67 13.14
N LYS B 2 -3.79 25.04 11.88
CA LYS B 2 -5.08 25.04 11.19
C LYS B 2 -5.24 23.79 10.33
N ILE B 3 -6.49 23.41 10.06
CA ILE B 3 -6.77 22.24 9.24
C ILE B 3 -6.02 22.31 7.92
N ASP B 4 -5.62 21.14 7.42
CA ASP B 4 -4.89 21.07 6.15
C ASP B 4 -5.49 19.99 5.25
N ALA B 5 -5.14 20.04 3.96
CA ALA B 5 -5.64 19.08 3.00
C ALA B 5 -4.51 18.22 2.43
N ILE B 6 -4.81 16.96 2.13
CA ILE B 6 -3.82 16.05 1.58
C ILE B 6 -3.46 16.41 0.14
N VAL B 7 -2.54 15.66 -0.45
CA VAL B 7 -2.12 15.89 -1.82
C VAL B 7 -1.73 14.60 -2.51
N GLY B 8 -1.32 14.70 -3.77
CA GLY B 8 -0.93 13.52 -4.52
C GLY B 8 -1.22 13.66 -6.01
N ARG B 9 -1.22 12.53 -6.71
CA ARG B 9 -1.48 12.53 -8.15
C ARG B 9 -1.84 11.12 -8.63
N ASN B 10 -3.03 11.00 -9.21
CA ASN B 10 -3.50 9.71 -9.71
C ASN B 10 -3.46 9.68 -11.23
N SER B 11 -2.63 8.81 -11.79
CA SER B 11 -2.50 8.68 -13.24
C SER B 11 -2.75 7.25 -13.68
N ALA B 12 -3.50 7.10 -14.77
CA ALA B 12 -3.81 5.78 -15.31
C ALA B 12 -3.67 5.76 -16.83
N LYS B 13 -2.94 4.77 -17.34
CA LYS B 13 -2.73 4.63 -18.78
C LYS B 13 -3.83 3.78 -19.40
N ASP B 14 -4.29 2.78 -18.67
CA ASP B 14 -5.34 1.88 -19.16
C ASP B 14 -5.94 1.07 -18.02
N ILE B 15 -7.26 0.92 -18.04
CA ILE B 15 -7.95 0.16 -17.01
C ILE B 15 -9.03 -0.74 -17.60
N ARG B 16 -8.87 -2.05 -17.42
CA ARG B 16 -9.82 -3.01 -17.95
C ARG B 16 -10.31 -3.95 -16.85
N THR B 17 -11.62 -3.94 -16.60
CA THR B 17 -12.20 -4.79 -15.58
C THR B 17 -13.43 -5.51 -16.11
N GLU B 18 -13.58 -6.78 -15.72
CA GLU B 18 -14.72 -7.57 -16.15
C GLU B 18 -15.24 -8.45 -15.02
N GLU B 19 -16.45 -8.97 -15.19
CA GLU B 19 -17.06 -9.83 -14.18
C GLU B 19 -17.30 -9.04 -12.88
N ARG B 20 -18.29 -8.16 -12.91
CA ARG B 20 -18.64 -7.35 -11.74
C ARG B 20 -17.37 -6.94 -10.99
N ALA B 21 -16.52 -6.17 -11.64
CA ALA B 21 -15.29 -5.70 -11.03
C ALA B 21 -15.39 -4.23 -10.63
N ARG B 22 -14.58 -3.84 -9.64
CA ARG B 22 -14.59 -2.46 -9.16
C ARG B 22 -13.17 -1.91 -9.11
N VAL B 23 -13.01 -0.68 -9.59
CA VAL B 23 -11.71 -0.03 -9.60
C VAL B 23 -11.83 1.47 -9.30
N GLN B 24 -11.15 1.92 -8.24
CA GLN B 24 -11.20 3.33 -7.85
C GLN B 24 -9.80 3.95 -7.92
N LEU B 25 -9.74 5.16 -8.45
CA LEU B 25 -8.46 5.87 -8.58
C LEU B 25 -8.54 7.24 -7.91
N GLY B 26 -7.70 7.44 -6.90
CA GLY B 26 -7.68 8.71 -6.20
C GLY B 26 -7.45 8.55 -4.70
N ASN B 27 -7.46 9.66 -3.99
CA ASN B 27 -7.25 9.64 -2.54
C ASN B 27 -8.56 9.49 -1.79
N VAL B 28 -8.56 8.67 -0.75
CA VAL B 28 -9.76 8.44 0.05
C VAL B 28 -9.56 8.93 1.49
N VAL B 29 -10.49 9.76 1.96
CA VAL B 29 -10.41 10.29 3.32
C VAL B 29 -11.61 9.84 4.15
N THR B 30 -11.34 9.31 5.33
CA THR B 30 -12.39 8.83 6.22
C THR B 30 -13.02 9.99 6.99
N ALA B 31 -14.20 9.75 7.55
CA ALA B 31 -14.90 10.78 8.31
C ALA B 31 -14.11 11.18 9.55
N ALA B 32 -13.41 10.22 10.15
CA ALA B 32 -12.61 10.48 11.33
C ALA B 32 -11.48 11.47 11.04
N ALA B 33 -10.85 11.30 9.88
CA ALA B 33 -9.76 12.19 9.47
C ALA B 33 -10.23 13.63 9.37
N LEU B 34 -9.66 14.50 10.19
CA LEU B 34 -10.02 15.90 10.21
C LEU B 34 -9.13 16.69 11.16
N HIS B 35 -8.79 16.08 12.28
CA HIS B 35 -7.94 16.72 13.29
C HIS B 35 -6.64 17.21 12.66
N GLY B 36 -6.21 16.53 11.61
CA GLY B 36 -4.97 16.90 10.94
C GLY B 36 -4.95 18.37 10.56
N GLY B 37 -3.77 18.97 10.62
CA GLY B 37 -3.63 20.38 10.28
C GLY B 37 -2.38 20.66 9.48
N ILE B 38 -1.85 21.88 9.60
CA ILE B 38 -0.65 22.27 8.89
C ILE B 38 0.47 21.27 9.12
N ARG B 39 1.12 20.84 8.04
CA ARG B 39 2.21 19.88 8.11
C ARG B 39 2.82 19.64 6.73
N ILE B 40 1.97 19.63 5.71
CA ILE B 40 2.43 19.41 4.34
C ILE B 40 3.03 18.02 4.19
N SER B 41 2.16 17.03 3.95
CA SER B 41 2.61 15.65 3.77
C SER B 41 1.64 14.89 2.87
N ASP B 42 1.84 13.58 2.81
CA ASP B 42 0.99 12.72 1.99
C ASP B 42 1.11 13.09 0.51
N GLN B 43 2.32 13.46 0.09
CA GLN B 43 2.58 13.84 -1.29
C GLN B 43 3.02 12.63 -2.11
N THR B 44 2.21 11.58 -2.11
CA THR B 44 2.52 10.36 -2.84
C THR B 44 1.85 10.37 -4.21
N THR B 45 2.65 10.23 -5.27
CA THR B 45 2.13 10.23 -6.62
C THR B 45 1.90 8.80 -7.11
N ASN B 46 0.63 8.42 -7.24
CA ASN B 46 0.28 7.08 -7.69
C ASN B 46 -0.02 7.08 -9.19
N SER B 47 0.64 6.18 -9.92
CA SER B 47 0.45 6.08 -11.37
C SER B 47 0.48 4.62 -11.81
N VAL B 48 -0.59 4.19 -12.47
CA VAL B 48 -0.69 2.82 -12.97
C VAL B 48 -0.72 2.78 -14.48
N GLU B 49 0.03 1.83 -15.06
CA GLU B 49 0.09 1.69 -16.51
C GLU B 49 -1.14 0.98 -17.03
N THR B 50 -1.19 -0.33 -16.84
CA THR B 50 -2.32 -1.14 -17.30
C THR B 50 -2.89 -1.99 -16.16
N VAL B 51 -4.20 -1.94 -16.00
CA VAL B 51 -4.88 -2.70 -14.95
C VAL B 51 -5.86 -3.70 -15.54
N VAL B 52 -5.73 -4.96 -15.13
CA VAL B 52 -6.62 -6.02 -15.61
C VAL B 52 -7.25 -6.78 -14.46
N GLY B 53 -8.58 -6.77 -14.41
CA GLY B 53 -9.29 -7.46 -13.35
C GLY B 53 -10.29 -8.47 -13.88
N LYS B 54 -10.27 -9.67 -13.32
CA LYS B 54 -11.18 -10.72 -13.74
C LYS B 54 -11.84 -11.39 -12.53
N GLY B 55 -13.08 -11.85 -12.71
CA GLY B 55 -13.80 -12.50 -11.64
C GLY B 55 -13.88 -11.64 -10.39
N GLU B 56 -14.77 -10.65 -10.43
CA GLU B 56 -14.94 -9.75 -9.28
C GLU B 56 -13.59 -9.23 -8.79
N SER B 57 -12.89 -8.51 -9.65
CA SER B 57 -11.59 -7.96 -9.31
C SER B 57 -11.74 -6.60 -8.64
N ARG B 58 -10.84 -6.31 -7.69
CA ARG B 58 -10.88 -5.05 -6.97
C ARG B 58 -9.51 -4.36 -7.01
N VAL B 59 -9.49 -3.10 -7.44
CA VAL B 59 -8.25 -2.34 -7.53
C VAL B 59 -8.43 -0.94 -6.97
N LEU B 60 -7.60 -0.58 -6.00
CA LEU B 60 -7.67 0.74 -5.38
C LEU B 60 -6.36 1.50 -5.58
N ILE B 61 -6.42 2.62 -6.30
CA ILE B 61 -5.25 3.43 -6.55
C ILE B 61 -5.29 4.73 -5.75
N GLY B 62 -4.16 5.08 -5.13
CA GLY B 62 -4.10 6.30 -4.34
C GLY B 62 -3.79 6.02 -2.88
N ASN B 63 -3.94 7.05 -2.05
CA ASN B 63 -3.66 6.91 -0.62
C ASN B 63 -4.95 7.03 0.19
N GLU B 64 -4.94 6.46 1.38
CA GLU B 64 -6.12 6.50 2.26
C GLU B 64 -5.77 7.18 3.59
N TYR B 65 -6.67 8.03 4.05
CA TYR B 65 -6.47 8.74 5.30
C TYR B 65 -7.56 8.39 6.31
N GLY B 66 -7.14 7.96 7.50
CA GLY B 66 -8.10 7.61 8.53
C GLY B 66 -7.86 6.21 9.09
N GLY B 67 -8.38 5.95 10.29
CA GLY B 67 -8.21 4.66 10.90
C GLY B 67 -9.44 3.77 10.77
N LYS B 68 -10.58 4.40 10.49
CA LYS B 68 -11.83 3.67 10.34
C LYS B 68 -11.81 2.79 9.10
N GLY B 69 -11.34 1.55 9.28
CA GLY B 69 -11.26 0.63 8.16
C GLY B 69 -10.25 1.04 7.12
N PHE B 70 -9.18 0.26 6.97
CA PHE B 70 -8.14 0.57 6.00
C PHE B 70 -8.73 0.78 4.61
N TRP B 71 -9.29 -0.28 4.03
CA TRP B 71 -9.88 -0.20 2.71
C TRP B 71 -11.20 -0.99 2.66
N ASP B 72 -11.16 -2.22 3.14
CA ASP B 72 -12.34 -3.07 3.15
C ASP B 72 -12.48 -3.81 4.49
N ASN B 73 -13.41 -4.75 4.56
CA ASN B 73 -13.63 -5.52 5.77
C ASN B 73 -13.74 -7.01 5.45
N HIS B 74 -13.06 -7.83 6.25
CA HIS B 74 -13.08 -9.28 6.07
C HIS B 74 -12.55 -9.65 4.68
N HIS B 75 -12.44 -10.95 4.42
CA HIS B 75 -11.94 -11.43 3.15
C HIS B 75 -12.13 -12.94 3.03
N HIS B 76 -11.38 -13.69 3.85
CA HIS B 76 -11.45 -15.14 3.84
C HIS B 76 -10.88 -15.72 5.12
N HIS B 77 -9.57 -15.59 5.29
CA HIS B 77 -8.89 -16.10 6.48
C HIS B 77 -7.41 -15.80 6.43
N HIS B 78 -6.68 -16.25 7.47
CA HIS B 78 -5.24 -16.03 7.54
C HIS B 78 -4.53 -17.25 8.09
N HIS B 79 -5.14 -18.42 7.91
CA HIS B 79 -4.57 -19.66 8.39
C HIS B 79 -4.20 -19.57 9.87
N MET C 1 12.00 14.49 -15.49
CA MET C 1 12.88 13.61 -16.24
C MET C 1 14.00 13.07 -15.37
N LYS C 2 14.49 13.92 -14.46
CA LYS C 2 15.56 13.53 -13.56
C LYS C 2 15.20 13.84 -12.11
N ILE C 3 15.95 13.26 -11.18
CA ILE C 3 15.70 13.47 -9.76
C ILE C 3 17.01 13.54 -8.97
N ASP C 4 16.90 13.81 -7.68
CA ASP C 4 18.08 13.91 -6.82
C ASP C 4 17.68 13.91 -5.35
N ALA C 5 16.56 13.26 -5.05
CA ALA C 5 16.06 13.19 -3.68
C ALA C 5 15.25 11.92 -3.45
N ILE C 6 14.58 11.85 -2.30
CA ILE C 6 13.76 10.69 -1.97
C ILE C 6 12.29 11.07 -1.84
N VAL C 7 11.64 11.27 -2.98
CA VAL C 7 10.23 11.63 -3.00
C VAL C 7 9.34 10.40 -2.98
N GLY C 8 8.20 10.50 -2.31
CA GLY C 8 7.27 9.38 -2.24
C GLY C 8 6.30 9.36 -3.39
N ARG C 9 6.09 8.17 -3.95
CA ARG C 9 5.17 8.01 -5.08
C ARG C 9 5.10 6.56 -5.52
N ASN C 10 3.89 6.08 -5.79
CA ASN C 10 3.69 4.70 -6.21
C ASN C 10 3.63 4.61 -7.73
N SER C 11 4.34 3.63 -8.30
CA SER C 11 4.36 3.43 -9.74
C SER C 11 4.12 1.97 -10.10
N ALA C 12 3.32 1.74 -11.14
CA ALA C 12 3.01 0.40 -11.57
C ALA C 12 3.10 0.28 -13.09
N LYS C 13 3.66 -0.82 -13.57
CA LYS C 13 3.80 -1.05 -15.00
C LYS C 13 2.69 -1.95 -15.53
N ASP C 14 2.23 -2.88 -14.69
CA ASP C 14 1.17 -3.79 -15.07
C ASP C 14 0.59 -4.49 -13.84
N ILE C 15 -0.73 -4.62 -13.80
CA ILE C 15 -1.41 -5.27 -12.69
C ILE C 15 -2.51 -6.20 -13.18
N ARG C 16 -2.38 -7.48 -12.89
CA ARG C 16 -3.37 -8.48 -13.29
C ARG C 16 -3.82 -9.31 -12.11
N THR C 17 -5.12 -9.30 -11.84
CA THR C 17 -5.68 -10.05 -10.73
C THR C 17 -6.95 -10.80 -11.16
N GLU C 18 -7.12 -12.01 -10.64
CA GLU C 18 -8.29 -12.82 -10.97
C GLU C 18 -8.72 -13.66 -9.77
N GLU C 19 -9.92 -14.22 -9.85
CA GLU C 19 -10.45 -15.04 -8.77
C GLU C 19 -10.66 -14.21 -7.52
N ARG C 20 -11.47 -13.17 -7.62
CA ARG C 20 -11.75 -12.30 -6.49
C ARG C 20 -10.46 -11.84 -5.82
N ALA C 21 -9.63 -11.14 -6.57
CA ALA C 21 -8.35 -10.64 -6.05
C ALA C 21 -8.43 -9.14 -5.77
N ARG C 22 -7.63 -8.69 -4.81
CA ARG C 22 -7.60 -7.27 -4.43
C ARG C 22 -6.18 -6.73 -4.50
N VAL C 23 -6.04 -5.54 -5.08
CA VAL C 23 -4.73 -4.91 -5.20
C VAL C 23 -4.82 -3.40 -4.97
N GLN C 24 -4.08 -2.91 -3.98
CA GLN C 24 -4.08 -1.50 -3.65
C GLN C 24 -2.71 -0.87 -3.90
N LEU C 25 -2.69 0.24 -4.63
CA LEU C 25 -1.45 0.94 -4.95
C LEU C 25 -1.41 2.31 -4.29
N GLY C 26 -0.43 2.51 -3.41
CA GLY C 26 -0.30 3.79 -2.73
C GLY C 26 -0.04 3.63 -1.25
N ASN C 27 0.21 4.74 -0.58
CA ASN C 27 0.50 4.72 0.86
C ASN C 27 -0.78 4.93 1.67
N VAL C 28 -0.85 4.31 2.84
CA VAL C 28 -2.02 4.43 3.70
C VAL C 28 -1.65 5.05 5.05
N VAL C 29 -2.42 6.07 5.45
CA VAL C 29 -2.18 6.75 6.70
C VAL C 29 -3.39 6.68 7.62
N THR C 30 -3.18 6.27 8.86
CA THR C 30 -4.27 6.16 9.82
C THR C 30 -4.70 7.53 10.33
N ALA C 31 -5.89 7.59 10.92
CA ALA C 31 -6.41 8.84 11.45
C ALA C 31 -5.53 9.38 12.57
N ALA C 32 -4.94 8.49 13.34
CA ALA C 32 -4.07 8.87 14.45
C ALA C 32 -2.92 9.74 13.95
N ALA C 33 -2.35 9.38 12.81
CA ALA C 33 -1.24 10.13 12.23
C ALA C 33 -1.59 11.62 12.13
N LEU C 34 -1.04 12.42 13.03
CA LEU C 34 -1.29 13.85 13.03
C LEU C 34 -0.02 14.63 13.34
N HIS C 35 -0.15 15.94 13.49
CA HIS C 35 1.00 16.80 13.78
C HIS C 35 1.40 16.68 15.25
N GLY C 36 2.31 17.55 15.68
CA GLY C 36 2.77 17.51 17.06
C GLY C 36 4.27 17.55 17.18
N GLY C 37 4.96 17.18 16.09
CA GLY C 37 6.40 17.18 16.10
C GLY C 37 7.00 17.04 14.71
N ILE C 38 7.46 15.84 14.38
CA ILE C 38 8.04 15.58 13.07
C ILE C 38 7.67 14.19 12.57
N ARG C 39 6.42 13.80 12.79
CA ARG C 39 5.95 12.49 12.36
C ARG C 39 5.59 12.50 10.87
N ILE C 40 6.31 11.70 10.09
CA ILE C 40 6.08 11.61 8.66
C ILE C 40 6.31 10.19 8.14
N SER C 41 5.53 9.80 7.14
CA SER C 41 5.64 8.46 6.57
C SER C 41 5.95 8.55 5.07
N ASP C 42 5.35 9.52 4.40
CA ASP C 42 5.55 9.72 2.97
C ASP C 42 7.03 9.96 2.67
N GLN C 43 7.68 8.95 2.10
CA GLN C 43 9.10 9.06 1.75
C GLN C 43 9.55 7.82 0.99
N THR C 44 9.04 6.66 1.37
CA THR C 44 9.40 5.41 0.71
C THR C 44 8.70 5.27 -0.64
N THR C 45 9.49 5.12 -1.69
CA THR C 45 8.94 4.98 -3.05
C THR C 45 8.74 3.52 -3.41
N ASN C 46 7.53 3.17 -3.80
CA ASN C 46 7.21 1.80 -4.18
C ASN C 46 6.87 1.70 -5.67
N SER C 47 7.65 0.91 -6.39
CA SER C 47 7.44 0.73 -7.82
C SER C 47 7.40 -0.75 -8.19
N VAL C 48 6.30 -1.16 -8.82
CA VAL C 48 6.14 -2.55 -9.23
C VAL C 48 6.03 -2.68 -10.74
N GLU C 49 6.75 -3.65 -11.30
CA GLU C 49 6.73 -3.87 -12.74
C GLU C 49 5.47 -4.62 -13.18
N THR C 50 5.43 -5.92 -12.91
CA THR C 50 4.28 -6.74 -13.27
C THR C 50 3.73 -7.48 -12.05
N VAL C 51 2.42 -7.39 -11.86
CA VAL C 51 1.76 -8.05 -10.73
C VAL C 51 0.76 -9.08 -11.22
N VAL C 52 0.92 -10.32 -10.74
CA VAL C 52 0.02 -11.40 -11.12
C VAL C 52 -0.55 -12.10 -9.89
N GLY C 53 -1.88 -12.06 -9.75
CA GLY C 53 -2.52 -12.69 -8.61
C GLY C 53 -3.57 -13.70 -9.03
N LYS C 54 -3.54 -14.88 -8.42
CA LYS C 54 -4.51 -15.93 -8.72
C LYS C 54 -5.10 -16.52 -7.45
N GLY C 55 -6.36 -16.94 -7.53
CA GLY C 55 -7.02 -17.52 -6.38
C GLY C 55 -7.05 -16.58 -5.19
N GLU C 56 -7.94 -15.59 -5.25
CA GLU C 56 -8.05 -14.61 -4.18
C GLU C 56 -6.68 -14.07 -3.77
N SER C 57 -6.00 -13.45 -4.72
CA SER C 57 -4.68 -12.89 -4.46
C SER C 57 -4.79 -11.49 -3.88
N ARG C 58 -3.85 -11.15 -2.99
CA ARG C 58 -3.84 -9.83 -2.36
C ARG C 58 -2.48 -9.18 -2.49
N VAL C 59 -2.46 -7.94 -2.99
CA VAL C 59 -1.21 -7.20 -3.17
C VAL C 59 -1.35 -5.77 -2.68
N LEU C 60 -0.48 -5.37 -1.76
CA LEU C 60 -0.50 -4.03 -1.20
C LEU C 60 0.83 -3.32 -1.44
N ILE C 61 0.81 -2.30 -2.28
CA ILE C 61 2.02 -1.53 -2.58
C ILE C 61 1.99 -0.17 -1.90
N GLY C 62 3.01 0.11 -1.09
CA GLY C 62 3.09 1.38 -0.40
C GLY C 62 3.34 1.22 1.08
N ASN C 63 3.68 2.32 1.74
CA ASN C 63 3.95 2.29 3.18
C ASN C 63 2.68 2.56 3.97
N GLU C 64 2.57 1.90 5.13
CA GLU C 64 1.40 2.07 5.99
C GLU C 64 1.78 2.70 7.32
N TYR C 65 1.00 3.68 7.76
CA TYR C 65 1.27 4.37 9.01
C TYR C 65 0.09 4.21 9.97
N GLY C 66 0.38 3.73 11.18
CA GLY C 66 -0.66 3.54 12.17
C GLY C 66 -0.31 2.45 13.17
N GLY C 67 -1.09 2.36 14.24
CA GLY C 67 -0.85 1.36 15.26
C GLY C 67 -1.94 0.30 15.31
N LYS C 68 -3.09 0.62 14.73
CA LYS C 68 -4.21 -0.32 14.71
C LYS C 68 -3.98 -1.41 13.67
N GLY C 69 -3.00 -2.26 13.91
CA GLY C 69 -2.70 -3.33 12.98
C GLY C 69 -1.92 -2.86 11.77
N PHE C 70 -1.25 -3.79 11.10
CA PHE C 70 -0.46 -3.46 9.92
C PHE C 70 -1.36 -3.36 8.68
N TRP C 71 -1.79 -4.51 8.18
CA TRP C 71 -2.65 -4.54 7.00
C TRP C 71 -4.12 -4.47 7.40
N ASP C 72 -4.60 -5.51 8.08
CA ASP C 72 -5.98 -5.56 8.52
C ASP C 72 -6.14 -6.49 9.72
N ASN C 73 -5.45 -7.63 9.68
CA ASN C 73 -5.51 -8.60 10.77
C ASN C 73 -6.92 -9.15 10.93
N HIS C 74 -7.04 -10.29 11.60
CA HIS C 74 -8.33 -10.92 11.82
C HIS C 74 -8.19 -12.20 12.64
N HIS C 75 -9.26 -12.97 12.73
CA HIS C 75 -9.25 -14.22 13.49
C HIS C 75 -8.08 -15.10 13.06
N HIS C 76 -7.53 -15.86 14.00
CA HIS C 76 -6.41 -16.74 13.72
C HIS C 76 -6.60 -18.10 14.40
N HIS C 77 -5.59 -18.96 14.29
CA HIS C 77 -5.65 -20.28 14.89
C HIS C 77 -6.77 -21.11 14.27
N HIS C 78 -6.40 -22.06 13.41
CA HIS C 78 -7.36 -22.92 12.75
C HIS C 78 -6.67 -24.13 12.12
N HIS C 79 -6.25 -25.07 12.96
CA HIS C 79 -5.58 -26.27 12.48
C HIS C 79 -6.24 -27.52 13.05
N MET D 1 2.84 5.81 -16.09
CA MET D 1 4.03 6.57 -16.50
C MET D 1 5.20 5.63 -16.78
N LYS D 2 6.31 6.20 -17.23
CA LYS D 2 7.50 5.42 -17.53
C LYS D 2 8.71 6.32 -17.75
N ILE D 3 8.85 7.33 -16.89
CA ILE D 3 9.97 8.27 -16.99
C ILE D 3 10.84 8.21 -15.75
N ASP D 4 10.23 7.88 -14.61
CA ASP D 4 10.97 7.78 -13.35
C ASP D 4 11.89 6.57 -13.35
N ALA D 5 12.82 6.54 -12.40
CA ALA D 5 13.76 5.44 -12.28
C ALA D 5 13.31 4.43 -11.24
N ILE D 6 14.14 3.44 -10.98
CA ILE D 6 13.81 2.41 -10.00
C ILE D 6 14.96 2.22 -9.00
N VAL D 7 15.75 3.27 -8.82
CA VAL D 7 16.87 3.22 -7.89
C VAL D 7 16.42 3.54 -6.47
N GLY D 8 17.00 2.85 -5.49
CA GLY D 8 16.66 3.09 -4.11
C GLY D 8 15.18 2.85 -3.83
N ARG D 9 14.80 2.91 -2.57
CA ARG D 9 13.41 2.70 -2.18
C ARG D 9 12.96 1.28 -2.51
N ASN D 10 11.66 1.04 -2.41
CA ASN D 10 11.09 -0.28 -2.70
C ASN D 10 10.85 -0.45 -4.20
N SER D 11 11.61 -1.34 -4.82
CA SER D 11 11.48 -1.60 -6.25
C SER D 11 11.31 -3.09 -6.52
N ALA D 12 10.43 -3.42 -7.46
CA ALA D 12 10.17 -4.80 -7.83
C ALA D 12 10.25 -5.00 -9.33
N LYS D 13 10.49 -6.24 -9.75
CA LYS D 13 10.58 -6.57 -11.17
C LYS D 13 9.42 -7.45 -11.60
N ASP D 14 8.98 -8.33 -10.70
CA ASP D 14 7.87 -9.23 -10.99
C ASP D 14 7.33 -9.84 -9.70
N ILE D 15 6.00 -9.94 -9.62
CA ILE D 15 5.35 -10.51 -8.44
C ILE D 15 4.21 -11.44 -8.84
N ARG D 16 4.33 -12.71 -8.48
CA ARG D 16 3.31 -13.69 -8.80
C ARG D 16 2.93 -14.51 -7.56
N THR D 17 1.64 -14.50 -7.22
CA THR D 17 1.15 -15.23 -6.06
C THR D 17 -0.13 -15.99 -6.40
N GLU D 18 -0.30 -17.15 -5.77
CA GLU D 18 -1.48 -17.98 -5.99
C GLU D 18 -1.89 -18.71 -4.73
N GLU D 19 -3.09 -19.27 -4.72
CA GLU D 19 -3.60 -20.00 -3.58
C GLU D 19 -3.78 -19.08 -2.38
N ARG D 20 -4.56 -18.01 -2.57
CA ARG D 20 -4.81 -17.05 -1.51
C ARG D 20 -3.51 -16.58 -0.88
N ALA D 21 -2.66 -15.93 -1.68
CA ALA D 21 -1.38 -15.42 -1.19
C ALA D 21 -1.42 -13.91 -1.00
N ARG D 22 -0.56 -13.42 -0.14
CA ARG D 22 -0.49 -11.99 0.14
C ARG D 22 0.93 -11.45 -0.02
N VAL D 23 1.07 -10.31 -0.67
CA VAL D 23 2.38 -9.70 -0.90
C VAL D 23 2.32 -8.19 -0.67
N GLN D 24 3.16 -7.70 0.23
CA GLN D 24 3.20 -6.28 0.54
C GLN D 24 4.56 -5.68 0.18
N LEU D 25 4.54 -4.52 -0.45
CA LEU D 25 5.78 -3.84 -0.85
C LEU D 25 5.90 -2.47 -0.19
N GLY D 26 6.95 -2.31 0.60
CA GLY D 26 7.16 -1.04 1.29
C GLY D 26 7.40 -1.21 2.78
N ASN D 27 7.77 -0.13 3.45
CA ASN D 27 8.04 -0.17 4.89
C ASN D 27 6.79 0.21 5.68
N VAL D 28 6.71 -0.29 6.90
CA VAL D 28 5.56 0.00 7.76
C VAL D 28 6.01 0.69 9.05
N VAL D 29 5.25 1.72 9.45
CA VAL D 29 5.56 2.46 10.66
C VAL D 29 4.39 2.43 11.64
N THR D 30 4.69 2.09 12.90
CA THR D 30 3.66 2.03 13.92
C THR D 30 3.13 3.41 14.26
N ALA D 31 2.03 3.46 15.02
CA ALA D 31 1.42 4.72 15.40
C ALA D 31 2.40 5.57 16.20
N ALA D 32 3.24 4.92 17.00
CA ALA D 32 4.22 5.62 17.82
C ALA D 32 5.13 6.49 16.95
N ALA D 33 5.48 5.98 15.78
CA ALA D 33 6.35 6.70 14.86
C ALA D 33 7.73 6.91 15.47
N LEU D 34 8.69 7.24 14.61
CA LEU D 34 10.07 7.46 15.05
C LEU D 34 10.54 8.87 14.70
N HIS D 35 10.75 9.70 15.72
CA HIS D 35 11.20 11.07 15.52
C HIS D 35 12.54 11.10 14.78
N GLY D 36 12.56 11.74 13.62
CA GLY D 36 13.78 11.83 12.83
C GLY D 36 13.68 12.85 11.72
N GLY D 37 14.32 12.55 10.59
CA GLY D 37 14.29 13.46 9.46
C GLY D 37 12.88 13.76 9.00
N ILE D 38 12.76 14.57 7.94
CA ILE D 38 11.47 14.94 7.40
C ILE D 38 11.54 15.16 5.89
N ARG D 39 10.41 15.00 5.22
CA ARG D 39 10.34 15.18 3.78
C ARG D 39 11.10 14.08 3.06
N ILE D 40 12.43 14.16 3.08
CA ILE D 40 13.27 13.16 2.43
C ILE D 40 13.95 12.27 3.45
N SER D 41 14.30 11.05 3.04
CA SER D 41 14.96 10.10 3.92
C SER D 41 15.26 8.79 3.19
N ASP D 42 16.53 8.58 2.87
CA ASP D 42 16.95 7.37 2.17
C ASP D 42 16.47 6.13 2.90
N GLN D 43 17.01 5.91 4.10
CA GLN D 43 16.64 4.74 4.90
C GLN D 43 17.03 3.45 4.19
N THR D 44 16.56 2.33 4.74
CA THR D 44 16.86 1.02 4.15
C THR D 44 16.21 0.86 2.79
N THR D 45 16.97 0.34 1.83
CA THR D 45 16.46 0.13 0.48
C THR D 45 16.12 -1.33 0.23
N ASN D 46 15.01 -1.57 -0.45
CA ASN D 46 14.57 -2.93 -0.75
C ASN D 46 14.33 -3.10 -2.24
N SER D 47 14.89 -4.17 -2.80
CA SER D 47 14.75 -4.45 -4.23
C SER D 47 14.59 -5.95 -4.47
N VAL D 48 13.50 -6.33 -5.13
CA VAL D 48 13.24 -7.73 -5.43
C VAL D 48 13.05 -7.95 -6.93
N GLU D 49 13.63 -9.04 -7.44
CA GLU D 49 13.53 -9.36 -8.86
C GLU D 49 12.20 -10.05 -9.17
N THR D 50 12.12 -11.33 -8.82
CA THR D 50 10.90 -12.11 -9.05
C THR D 50 10.44 -12.80 -7.77
N VAL D 51 9.15 -12.65 -7.46
CA VAL D 51 8.59 -13.27 -6.27
C VAL D 51 7.48 -14.26 -6.63
N VAL D 52 7.67 -15.52 -6.24
CA VAL D 52 6.69 -16.56 -6.53
C VAL D 52 6.19 -17.21 -5.24
N GLY D 53 4.88 -17.09 -5.00
CA GLY D 53 4.29 -17.66 -3.80
C GLY D 53 3.25 -18.72 -4.12
N LYS D 54 3.29 -19.83 -3.40
CA LYS D 54 2.35 -20.92 -3.60
C LYS D 54 1.76 -21.39 -2.28
N GLY D 55 0.51 -21.83 -2.31
CA GLY D 55 -0.14 -22.32 -1.11
C GLY D 55 -0.12 -21.28 0.00
N GLU D 56 -0.98 -20.27 -0.10
CA GLU D 56 -1.06 -19.22 0.91
C GLU D 56 0.33 -18.70 1.24
N SER D 57 1.01 -18.13 0.24
CA SER D 57 2.35 -17.59 0.43
C SER D 57 2.29 -16.14 0.92
N ARG D 58 3.24 -15.76 1.75
CA ARG D 58 3.30 -14.40 2.29
C ARG D 58 4.67 -13.79 2.05
N VAL D 59 4.69 -12.60 1.46
CA VAL D 59 5.94 -11.90 1.18
C VAL D 59 5.86 -10.44 1.62
N LEU D 60 6.80 -10.03 2.47
CA LEU D 60 6.84 -8.66 2.97
C LEU D 60 8.18 -8.01 2.66
N ILE D 61 8.17 -7.01 1.79
CA ILE D 61 9.39 -6.32 1.41
C ILE D 61 9.45 -4.93 2.06
N GLY D 62 10.56 -4.63 2.71
CA GLY D 62 10.73 -3.35 3.36
C GLY D 62 10.96 -3.47 4.85
N ASN D 63 11.30 -2.37 5.49
CA ASN D 63 11.56 -2.36 6.93
C ASN D 63 10.28 -2.08 7.71
N GLU D 64 10.22 -2.55 8.94
CA GLU D 64 9.06 -2.34 9.79
C GLU D 64 9.46 -1.75 11.14
N TYR D 65 8.74 -0.72 11.57
CA TYR D 65 9.03 -0.06 12.84
C TYR D 65 7.86 -0.22 13.80
N GLY D 66 8.14 -0.76 14.98
CA GLY D 66 7.10 -0.95 15.98
C GLY D 66 7.60 -1.71 17.20
N GLY D 67 8.11 -2.93 16.97
CA GLY D 67 8.61 -3.73 18.07
C GLY D 67 7.55 -4.64 18.66
N LYS D 68 6.54 -4.05 19.28
CA LYS D 68 5.46 -4.81 19.89
C LYS D 68 4.87 -5.81 18.89
N GLY D 69 4.92 -5.45 17.61
CA GLY D 69 4.39 -6.32 16.58
C GLY D 69 5.25 -6.33 15.33
N PHE D 70 6.11 -7.35 15.23
CA PHE D 70 7.00 -7.48 14.08
C PHE D 70 6.21 -7.37 12.77
N TRP D 71 5.50 -8.45 12.44
CA TRP D 71 4.71 -8.48 11.21
C TRP D 71 3.38 -9.18 11.44
N ASP D 72 3.45 -10.43 11.88
CA ASP D 72 2.24 -11.21 12.14
C ASP D 72 2.59 -12.57 12.75
N ASN D 73 1.58 -13.39 13.00
CA ASN D 73 1.79 -14.71 13.58
C ASN D 73 2.49 -14.61 14.92
N HIS D 74 2.68 -15.75 15.58
CA HIS D 74 3.34 -15.79 16.87
C HIS D 74 4.67 -16.54 16.79
N HIS D 75 4.63 -17.73 16.19
CA HIS D 75 5.84 -18.55 16.03
C HIS D 75 6.47 -18.83 17.39
N HIS D 76 7.61 -19.51 17.37
CA HIS D 76 8.32 -19.85 18.60
C HIS D 76 7.47 -20.76 19.49
N HIS D 77 7.82 -22.05 19.50
CA HIS D 77 7.09 -23.02 20.31
C HIS D 77 8.05 -24.04 20.93
N HIS D 78 8.96 -23.55 21.77
CA HIS D 78 9.93 -24.43 22.42
C HIS D 78 10.84 -25.09 21.39
N HIS D 79 11.97 -25.61 21.86
CA HIS D 79 12.94 -26.26 20.98
C HIS D 79 14.14 -26.78 21.77
N MET E 1 9.93 2.71 -21.82
CA MET E 1 11.08 3.50 -21.39
C MET E 1 11.40 3.26 -19.93
N LYS E 2 11.92 2.08 -19.62
CA LYS E 2 12.27 1.73 -18.25
C LYS E 2 13.78 1.52 -18.12
N ILE E 3 14.23 1.24 -16.90
CA ILE E 3 15.64 1.02 -16.63
C ILE E 3 15.85 -0.17 -15.69
N ASP E 4 17.09 -0.39 -15.29
CA ASP E 4 17.42 -1.48 -14.39
C ASP E 4 18.11 -0.95 -13.13
N ALA E 5 17.85 -1.60 -12.01
CA ALA E 5 18.44 -1.20 -10.73
C ALA E 5 18.04 -2.16 -9.61
N ILE E 6 19.04 -2.82 -9.03
CA ILE E 6 18.78 -3.77 -7.95
C ILE E 6 19.88 -3.69 -6.88
N VAL E 7 20.24 -2.47 -6.51
CA VAL E 7 21.26 -2.25 -5.50
C VAL E 7 20.69 -1.56 -4.26
N GLY E 8 21.20 -1.92 -3.10
CA GLY E 8 20.73 -1.32 -1.86
C GLY E 8 20.91 -2.25 -0.67
N ARG E 9 20.37 -1.84 0.48
CA ARG E 9 20.47 -2.64 1.69
C ARG E 9 19.98 -4.06 1.46
N ASN E 10 18.66 -4.20 1.26
CA ASN E 10 18.07 -5.50 1.04
C ASN E 10 17.87 -5.76 -0.46
N SER E 11 18.63 -6.70 -0.99
CA SER E 11 18.55 -7.04 -2.41
C SER E 11 18.20 -8.51 -2.61
N ALA E 12 17.33 -8.79 -3.57
CA ALA E 12 16.91 -10.16 -3.85
C ALA E 12 16.87 -10.41 -5.35
N LYS E 13 17.45 -11.53 -5.77
CA LYS E 13 17.48 -11.90 -7.19
C LYS E 13 16.31 -12.82 -7.54
N ASP E 14 15.86 -13.60 -6.55
CA ASP E 14 14.75 -14.52 -6.75
C ASP E 14 14.19 -14.99 -5.42
N ILE E 15 12.86 -15.08 -5.33
CA ILE E 15 12.20 -15.53 -4.11
C ILE E 15 11.07 -16.49 -4.42
N ARG E 16 11.20 -17.73 -3.93
CA ARG E 16 10.19 -18.75 -4.15
C ARG E 16 9.83 -19.45 -2.85
N THR E 17 8.55 -19.38 -2.49
CA THR E 17 8.07 -20.00 -1.26
C THR E 17 6.78 -20.77 -1.50
N GLU E 18 6.61 -21.88 -0.79
CA GLU E 18 5.42 -22.71 -0.93
C GLU E 18 5.07 -23.40 0.39
N GLU E 19 3.87 -23.95 0.46
CA GLU E 19 3.41 -24.63 1.67
C GLU E 19 3.26 -23.65 2.82
N ARG E 20 2.48 -22.59 2.59
CA ARG E 20 2.25 -21.58 3.61
C ARG E 20 3.57 -21.07 4.19
N ALA E 21 4.40 -20.48 3.33
CA ALA E 21 5.69 -19.96 3.76
C ALA E 21 5.66 -18.44 3.86
N ARG E 22 6.56 -17.89 4.67
CA ARG E 22 6.63 -16.44 4.85
C ARG E 22 8.06 -15.94 4.64
N VAL E 23 8.19 -14.83 3.90
CA VAL E 23 9.49 -14.25 3.63
C VAL E 23 9.50 -12.75 3.90
N GLN E 24 10.38 -12.32 4.79
CA GLN E 24 10.49 -10.91 5.14
C GLN E 24 11.84 -10.34 4.72
N LEU E 25 11.82 -9.13 4.15
CA LEU E 25 13.04 -8.48 3.71
C LEU E 25 13.16 -7.08 4.30
N GLY E 26 14.24 -6.85 5.03
CA GLY E 26 14.45 -5.55 5.64
C GLY E 26 14.70 -5.64 7.13
N ASN E 27 15.22 -4.56 7.71
CA ASN E 27 15.50 -4.53 9.15
C ASN E 27 14.27 -4.09 9.93
N VAL E 28 14.22 -4.46 11.20
CA VAL E 28 13.10 -4.11 12.07
C VAL E 28 13.56 -3.26 13.24
N VAL E 29 12.82 -2.18 13.51
CA VAL E 29 13.15 -1.29 14.62
C VAL E 29 12.01 -1.23 15.64
N THR E 30 12.36 -1.43 16.91
CA THR E 30 11.37 -1.40 17.98
C THR E 30 10.83 0.01 18.18
N ALA E 31 9.86 0.14 19.07
CA ALA E 31 9.26 1.45 19.38
C ALA E 31 10.29 2.40 19.98
N ALA E 32 11.17 1.85 20.81
CA ALA E 32 12.21 2.65 21.46
C ALA E 32 13.06 3.38 20.42
N ALA E 33 13.59 2.64 19.46
CA ALA E 33 14.41 3.21 18.42
C ALA E 33 15.52 4.09 19.01
N LEU E 34 15.95 3.75 20.21
CA LEU E 34 17.00 4.51 20.88
C LEU E 34 18.28 4.52 20.06
N HIS E 35 18.49 5.60 19.32
CA HIS E 35 19.67 5.75 18.48
C HIS E 35 19.70 4.67 17.41
N GLY E 36 18.53 4.20 17.02
CA GLY E 36 18.45 3.18 15.98
C GLY E 36 18.79 3.70 14.61
N GLY E 37 18.43 4.95 14.36
CA GLY E 37 18.71 5.55 13.06
C GLY E 37 19.76 6.66 13.15
N ILE E 38 19.58 7.70 12.35
CA ILE E 38 20.51 8.82 12.34
C ILE E 38 21.90 8.39 11.85
N ARG E 39 22.62 9.32 11.25
CA ARG E 39 23.95 9.04 10.73
C ARG E 39 24.93 8.72 11.86
N ILE E 40 26.20 8.63 11.52
CA ILE E 40 27.23 8.33 12.50
C ILE E 40 27.02 6.95 13.12
N SER E 41 27.12 5.92 12.29
CA SER E 41 26.94 4.55 12.75
C SER E 41 27.47 3.56 11.72
N ASP E 42 27.19 2.28 11.93
CA ASP E 42 27.63 1.23 11.02
C ASP E 42 26.76 1.19 9.77
N GLN E 43 26.94 0.15 8.96
CA GLN E 43 26.17 0.00 7.73
C GLN E 43 26.12 -1.46 7.29
N THR E 44 24.99 -2.10 7.53
CA THR E 44 24.81 -3.50 7.16
C THR E 44 24.01 -3.64 5.86
N THR E 45 24.46 -4.56 5.01
CA THR E 45 23.79 -4.78 3.73
C THR E 45 23.49 -6.26 3.52
N ASN E 46 22.22 -6.58 3.32
CA ASN E 46 21.79 -7.95 3.11
C ASN E 46 21.46 -8.21 1.64
N SER E 47 22.18 -9.14 1.03
CA SER E 47 21.97 -9.47 -0.38
C SER E 47 21.76 -10.97 -0.56
N VAL E 48 20.63 -11.34 -1.16
CA VAL E 48 20.31 -12.73 -1.40
C VAL E 48 20.08 -13.02 -2.88
N GLU E 49 20.61 -14.13 -3.35
CA GLU E 49 20.46 -14.51 -4.75
C GLU E 49 19.13 -15.20 -5.00
N THR E 50 19.03 -16.45 -4.57
CA THR E 50 17.81 -17.23 -4.74
C THR E 50 17.32 -17.78 -3.40
N VAL E 51 16.02 -17.63 -3.15
CA VAL E 51 15.43 -18.12 -1.91
C VAL E 51 14.37 -19.17 -2.18
N VAL E 52 14.51 -20.34 -1.54
CA VAL E 52 13.56 -21.42 -1.72
C VAL E 52 13.03 -21.92 -0.37
N GLY E 53 11.71 -21.88 -0.22
CA GLY E 53 11.11 -22.33 1.02
C GLY E 53 10.12 -23.47 0.81
N LYS E 54 10.21 -24.49 1.65
CA LYS E 54 9.32 -25.64 1.55
C LYS E 54 8.76 -26.01 2.92
N GLY E 55 7.52 -26.53 2.92
CA GLY E 55 6.89 -26.91 4.18
C GLY E 55 6.95 -25.81 5.22
N GLU E 56 6.07 -24.83 5.10
CA GLU E 56 6.02 -23.72 6.04
C GLU E 56 7.43 -23.16 6.28
N SER E 57 8.04 -22.61 5.23
CA SER E 57 9.38 -22.05 5.34
C SER E 57 9.32 -20.60 5.79
N ARG E 58 10.32 -20.19 6.56
CA ARG E 58 10.38 -18.82 7.07
C ARG E 58 11.76 -18.21 6.82
N VAL E 59 11.78 -17.03 6.20
CA VAL E 59 13.03 -16.35 5.90
C VAL E 59 12.99 -14.90 6.36
N LEU E 60 13.94 -14.51 7.20
CA LEU E 60 14.01 -13.15 7.71
C LEU E 60 15.35 -12.50 7.36
N ILE E 61 15.30 -11.50 6.48
CA ILE E 61 16.51 -10.80 6.07
C ILE E 61 16.56 -9.39 6.66
N GLY E 62 17.70 -9.03 7.21
CA GLY E 62 17.85 -7.70 7.80
C GLY E 62 18.29 -7.76 9.25
N ASN E 63 18.41 -6.60 9.88
CA ASN E 63 18.82 -6.52 11.28
C ASN E 63 17.64 -6.24 12.19
N GLU E 64 17.74 -6.67 13.44
CA GLU E 64 16.68 -6.48 14.41
C GLU E 64 17.16 -5.65 15.59
N TYR E 65 16.37 -4.64 15.96
CA TYR E 65 16.72 -3.76 17.07
C TYR E 65 15.55 -3.62 18.05
N GLY E 66 15.79 -3.95 19.31
CA GLY E 66 14.75 -3.85 20.31
C GLY E 66 15.08 -4.62 21.57
N GLY E 67 16.02 -4.09 22.36
CA GLY E 67 16.41 -4.74 23.59
C GLY E 67 16.69 -6.23 23.39
N LYS E 68 17.90 -6.53 22.94
CA LYS E 68 18.30 -7.92 22.71
C LYS E 68 17.23 -8.67 21.91
N GLY E 69 16.52 -7.93 21.05
CA GLY E 69 15.48 -8.54 20.24
C GLY E 69 16.02 -9.58 19.28
N PHE E 70 15.12 -10.28 18.60
CA PHE E 70 15.52 -11.32 17.64
C PHE E 70 14.45 -11.51 16.58
N TRP E 71 13.32 -12.08 16.98
CA TRP E 71 12.22 -12.33 16.06
C TRP E 71 10.95 -12.71 16.82
N ASP E 72 10.80 -12.18 18.03
CA ASP E 72 9.63 -12.46 18.86
C ASP E 72 9.71 -11.71 20.18
N ASN E 73 8.81 -12.05 21.09
CA ASN E 73 8.76 -11.40 22.40
C ASN E 73 8.43 -9.92 22.25
N HIS E 74 7.19 -9.56 22.59
CA HIS E 74 6.74 -8.17 22.50
C HIS E 74 6.53 -7.58 23.89
N HIS E 75 6.04 -6.35 23.94
CA HIS E 75 5.79 -5.67 25.20
C HIS E 75 4.31 -5.73 25.57
N HIS E 76 3.75 -6.94 25.53
CA HIS E 76 2.34 -7.14 25.86
C HIS E 76 1.97 -8.61 25.79
N HIS E 77 2.49 -9.40 26.73
CA HIS E 77 2.21 -10.82 26.78
C HIS E 77 1.35 -11.17 27.99
N HIS E 78 0.82 -12.38 28.00
CA HIS E 78 -0.02 -12.84 29.11
C HIS E 78 0.70 -13.89 29.95
N HIS E 79 0.02 -14.40 30.96
CA HIS E 79 0.61 -15.41 31.84
C HIS E 79 0.40 -16.81 31.27
N MET A 1 9.82 23.86 -22.83
CA MET A 1 9.06 22.74 -22.30
C MET A 1 8.76 22.94 -20.81
N LYS A 2 7.88 23.89 -20.52
CA LYS A 2 7.52 24.19 -19.14
C LYS A 2 6.48 25.30 -19.08
N ILE A 3 5.50 25.16 -18.20
CA ILE A 3 4.45 26.16 -18.05
C ILE A 3 3.52 25.81 -16.89
N ASP A 4 2.97 26.83 -16.24
CA ASP A 4 2.06 26.63 -15.13
C ASP A 4 0.63 27.00 -15.51
N ALA A 5 -0.29 26.05 -15.33
CA ALA A 5 -1.69 26.28 -15.67
C ALA A 5 -2.54 25.05 -15.34
N ILE A 6 -1.96 23.88 -15.52
CA ILE A 6 -2.66 22.63 -15.24
C ILE A 6 -3.26 22.63 -13.83
N VAL A 7 -4.58 22.53 -13.77
CA VAL A 7 -5.27 22.52 -12.48
C VAL A 7 -6.13 21.27 -12.33
N GLY A 8 -6.66 21.05 -11.13
CA GLY A 8 -7.49 19.89 -10.88
C GLY A 8 -8.62 19.77 -11.88
N ARG A 9 -8.49 18.82 -12.79
CA ARG A 9 -9.51 18.59 -13.81
C ARG A 9 -9.68 17.11 -14.09
N ASN A 10 -10.49 16.79 -15.10
CA ASN A 10 -10.74 15.40 -15.47
C ASN A 10 -10.72 15.22 -16.99
N SER A 11 -9.95 14.24 -17.45
CA SER A 11 -9.83 13.97 -18.88
C SER A 11 -9.95 12.47 -19.15
N ALA A 12 -10.65 12.14 -20.24
CA ALA A 12 -10.83 10.75 -20.62
C ALA A 12 -10.57 10.54 -22.11
N LYS A 13 -10.10 9.36 -22.46
CA LYS A 13 -9.81 9.04 -23.86
C LYS A 13 -10.85 8.09 -24.43
N ASP A 14 -11.34 7.18 -23.60
CA ASP A 14 -12.35 6.21 -24.02
C ASP A 14 -13.00 5.55 -22.81
N ILE A 15 -14.32 5.38 -22.87
CA ILE A 15 -15.06 4.76 -21.78
C ILE A 15 -16.14 3.82 -22.32
N ARG A 16 -16.03 2.54 -21.97
CA ARG A 16 -16.98 1.55 -22.42
C ARG A 16 -17.41 0.64 -21.27
N THR A 17 -18.70 0.67 -20.94
CA THR A 17 -19.22 -0.15 -19.85
C THR A 17 -20.53 -0.82 -20.25
N GLU A 18 -20.72 -2.05 -19.81
CA GLU A 18 -21.92 -2.81 -20.12
C GLU A 18 -22.31 -3.74 -18.98
N GLU A 19 -23.51 -4.28 -19.04
CA GLU A 19 -23.99 -5.19 -18.00
C GLU A 19 -24.23 -4.45 -16.70
N ARG A 20 -25.09 -3.43 -16.74
CA ARG A 20 -25.40 -2.64 -15.57
C ARG A 20 -24.12 -2.17 -14.87
N ALA A 21 -23.29 -1.45 -15.61
CA ALA A 21 -22.03 -0.94 -15.07
C ALA A 21 -22.13 0.55 -14.78
N ARG A 22 -21.35 1.01 -13.80
CA ARG A 22 -21.35 2.42 -13.43
C ARG A 22 -19.93 2.99 -13.46
N VAL A 23 -19.79 4.18 -14.03
CA VAL A 23 -18.49 4.84 -14.12
C VAL A 23 -18.60 6.32 -13.80
N GLN A 24 -17.85 6.76 -12.80
CA GLN A 24 -17.87 8.17 -12.40
C GLN A 24 -16.51 8.82 -12.66
N LEU A 25 -16.55 10.03 -13.22
CA LEU A 25 -15.32 10.76 -13.51
C LEU A 25 -15.39 12.18 -12.96
N GLY A 26 -14.48 12.51 -12.06
CA GLY A 26 -14.44 13.84 -11.48
C GLY A 26 -14.15 13.81 -9.99
N ASN A 27 -13.97 15.00 -9.41
CA ASN A 27 -13.67 15.10 -7.98
C ASN A 27 -14.96 15.11 -7.16
N VAL A 28 -14.82 14.80 -5.87
CA VAL A 28 -15.98 14.79 -4.97
C VAL A 28 -15.68 15.53 -3.68
N VAL A 29 -16.47 16.55 -3.39
CA VAL A 29 -16.30 17.35 -2.18
C VAL A 29 -17.57 17.34 -1.33
N THR A 30 -17.40 17.02 -0.05
CA THR A 30 -18.53 16.97 0.88
C THR A 30 -18.99 18.37 1.26
N ALA A 31 -20.14 18.46 1.92
CA ALA A 31 -20.68 19.75 2.35
C ALA A 31 -19.76 20.42 3.36
N ALA A 32 -19.23 19.63 4.28
CA ALA A 32 -18.32 20.16 5.30
C ALA A 32 -17.13 20.87 4.68
N ALA A 33 -16.67 20.35 3.55
CA ALA A 33 -15.53 20.93 2.85
C ALA A 33 -15.93 22.22 2.14
N LEU A 34 -17.22 22.35 1.84
CA LEU A 34 -17.73 23.54 1.16
C LEU A 34 -17.99 24.66 2.15
N HIS A 35 -16.96 25.43 2.46
CA HIS A 35 -17.08 26.55 3.40
C HIS A 35 -15.75 27.28 3.53
N GLY A 36 -15.69 28.22 4.48
CA GLY A 36 -14.48 28.98 4.70
C GLY A 36 -14.25 30.04 3.63
N GLY A 37 -13.73 31.19 4.04
CA GLY A 37 -13.47 32.26 3.09
C GLY A 37 -12.01 32.33 2.67
N ILE A 38 -11.59 31.38 1.84
CA ILE A 38 -10.21 31.34 1.37
C ILE A 38 -10.14 31.07 -0.13
N ARG A 39 -8.93 30.95 -0.65
CA ARG A 39 -8.74 30.69 -2.07
C ARG A 39 -9.10 29.25 -2.41
N ILE A 40 -10.21 29.08 -3.11
CA ILE A 40 -10.67 27.75 -3.50
C ILE A 40 -10.38 27.48 -4.98
N SER A 41 -9.81 26.31 -5.26
CA SER A 41 -9.49 25.93 -6.64
C SER A 41 -9.04 24.47 -6.70
N ASP A 42 -9.62 23.73 -7.65
CA ASP A 42 -9.29 22.32 -7.82
C ASP A 42 -7.80 22.15 -8.10
N GLN A 43 -7.22 21.10 -7.53
CA GLN A 43 -5.79 20.82 -7.71
C GLN A 43 -5.58 19.41 -8.23
N THR A 44 -6.39 18.48 -7.74
CA THR A 44 -6.29 17.08 -8.16
C THR A 44 -6.80 16.90 -9.58
N THR A 45 -5.94 16.38 -10.46
CA THR A 45 -6.31 16.15 -11.85
C THR A 45 -6.27 14.67 -12.18
N ASN A 46 -7.39 14.14 -12.65
CA ASN A 46 -7.48 12.73 -13.01
C ASN A 46 -7.55 12.55 -14.53
N SER A 47 -6.84 11.55 -15.03
CA SER A 47 -6.82 11.28 -16.47
C SER A 47 -6.84 9.78 -16.74
N VAL A 48 -7.83 9.34 -17.51
CA VAL A 48 -7.98 7.93 -17.85
C VAL A 48 -7.90 7.72 -19.35
N GLU A 49 -7.18 6.68 -19.77
CA GLU A 49 -7.04 6.37 -21.19
C GLU A 49 -8.25 5.59 -21.70
N THR A 50 -8.29 4.29 -21.38
CA THR A 50 -9.39 3.44 -21.81
C THR A 50 -10.00 2.70 -20.63
N VAL A 51 -11.32 2.76 -20.52
CA VAL A 51 -12.03 2.09 -19.43
C VAL A 51 -12.98 1.03 -19.97
N VAL A 52 -12.77 -0.21 -19.55
CA VAL A 52 -13.62 -1.33 -20.00
C VAL A 52 -14.23 -2.05 -18.81
N GLY A 53 -15.55 -2.05 -18.72
CA GLY A 53 -16.23 -2.71 -17.63
C GLY A 53 -17.19 -3.78 -18.11
N LYS A 54 -17.15 -4.94 -17.48
CA LYS A 54 -18.02 -6.06 -17.85
C LYS A 54 -18.68 -6.67 -16.61
N GLY A 55 -19.89 -7.17 -16.79
CA GLY A 55 -20.61 -7.78 -15.67
C GLY A 55 -20.64 -6.88 -14.45
N GLU A 56 -21.52 -5.89 -14.46
CA GLU A 56 -21.65 -4.96 -13.34
C GLU A 56 -20.29 -4.44 -12.91
N SER A 57 -19.65 -3.68 -13.79
CA SER A 57 -18.33 -3.12 -13.50
C SER A 57 -18.45 -1.73 -12.89
N ARG A 58 -17.53 -1.41 -11.98
CA ARG A 58 -17.54 -0.10 -11.33
C ARG A 58 -16.19 0.59 -11.49
N VAL A 59 -16.23 1.84 -11.96
CA VAL A 59 -15.02 2.62 -12.16
C VAL A 59 -15.16 4.02 -11.60
N LEU A 60 -14.25 4.40 -10.70
CA LEU A 60 -14.28 5.73 -10.09
C LEU A 60 -12.97 6.47 -10.33
N ILE A 61 -13.04 7.52 -11.13
CA ILE A 61 -11.86 8.32 -11.44
C ILE A 61 -11.93 9.69 -10.79
N GLY A 62 -11.14 9.88 -9.73
CA GLY A 62 -11.13 11.15 -9.04
C GLY A 62 -10.88 11.00 -7.55
N ASN A 63 -10.77 12.13 -6.85
CA ASN A 63 -10.53 12.10 -5.41
C ASN A 63 -11.77 12.51 -4.64
N GLU A 64 -11.95 11.94 -3.45
CA GLU A 64 -13.10 12.24 -2.62
C GLU A 64 -12.67 12.86 -1.29
N TYR A 65 -13.23 14.02 -0.97
CA TYR A 65 -12.90 14.70 0.28
C TYR A 65 -14.13 14.86 1.17
N GLY A 66 -14.03 14.39 2.40
CA GLY A 66 -15.14 14.48 3.33
C GLY A 66 -15.13 13.36 4.36
N GLY A 67 -14.78 12.16 3.92
CA GLY A 67 -14.74 11.03 4.82
C GLY A 67 -15.61 9.88 4.36
N LYS A 68 -16.59 9.51 5.18
CA LYS A 68 -17.50 8.42 4.84
C LYS A 68 -16.74 7.10 4.72
N GLY A 69 -15.61 7.00 5.42
CA GLY A 69 -14.83 5.79 5.38
C GLY A 69 -14.00 5.67 4.12
N PHE A 70 -14.70 5.57 2.98
CA PHE A 70 -14.02 5.44 1.70
C PHE A 70 -15.03 5.48 0.55
N TRP A 71 -14.57 5.12 -0.65
CA TRP A 71 -15.44 5.12 -1.83
C TRP A 71 -16.74 4.37 -1.54
N ASP A 72 -16.66 3.04 -1.54
CA ASP A 72 -17.84 2.21 -1.28
C ASP A 72 -17.46 0.74 -1.23
N ASN A 73 -18.10 0.00 -0.35
CA ASN A 73 -17.83 -1.43 -0.21
C ASN A 73 -18.55 -2.23 -1.29
N HIS A 74 -18.55 -3.55 -1.13
CA HIS A 74 -19.21 -4.44 -2.09
C HIS A 74 -19.54 -5.78 -1.47
N HIS A 75 -19.70 -5.78 -0.14
CA HIS A 75 -20.02 -7.01 0.58
C HIS A 75 -20.96 -6.72 1.76
N HIS A 76 -20.63 -5.69 2.53
CA HIS A 76 -21.45 -5.31 3.68
C HIS A 76 -21.29 -6.32 4.81
N HIS A 77 -21.82 -7.52 4.60
CA HIS A 77 -21.75 -8.57 5.60
C HIS A 77 -20.30 -8.87 5.97
N HIS A 78 -20.11 -9.82 6.89
CA HIS A 78 -18.77 -10.18 7.34
C HIS A 78 -18.07 -9.01 8.01
N HIS A 79 -17.03 -9.31 8.79
CA HIS A 79 -16.28 -8.28 9.50
C HIS A 79 -14.79 -8.60 9.49
N MET B 1 12.52 27.91 -17.43
CA MET B 1 11.45 28.35 -18.31
C MET B 1 10.21 28.74 -17.49
N LYS B 2 9.53 27.74 -16.94
CA LYS B 2 8.33 27.97 -16.14
C LYS B 2 8.05 26.79 -15.23
N ILE B 3 8.29 26.97 -13.93
CA ILE B 3 8.05 25.90 -12.97
C ILE B 3 6.94 26.30 -11.99
N ASP B 4 6.44 25.31 -11.25
CA ASP B 4 5.37 25.55 -10.28
C ASP B 4 5.16 24.32 -9.40
N ALA B 5 4.09 24.34 -8.61
CA ALA B 5 3.77 23.23 -7.72
C ALA B 5 2.35 22.73 -7.98
N ILE B 6 2.14 21.44 -7.74
CA ILE B 6 0.82 20.83 -7.94
C ILE B 6 0.61 19.67 -6.98
N VAL B 7 -0.55 19.66 -6.31
CA VAL B 7 -0.87 18.60 -5.36
C VAL B 7 -2.06 17.77 -5.86
N GLY B 8 -1.90 16.45 -5.85
CA GLY B 8 -2.96 15.58 -6.29
C GLY B 8 -2.99 15.41 -7.80
N ARG B 9 -2.98 14.17 -8.26
CA ARG B 9 -2.99 13.88 -9.69
C ARG B 9 -2.98 12.38 -9.94
N ASN B 10 -3.83 11.93 -10.88
CA ASN B 10 -3.92 10.51 -11.21
C ASN B 10 -3.92 10.32 -12.72
N SER B 11 -3.17 9.31 -13.17
CA SER B 11 -3.08 9.01 -14.60
C SER B 11 -3.16 7.51 -14.85
N ALA B 12 -3.90 7.12 -15.87
CA ALA B 12 -4.04 5.71 -16.22
C ALA B 12 -3.81 5.48 -17.70
N LYS B 13 -3.27 4.32 -18.04
CA LYS B 13 -2.99 3.97 -19.43
C LYS B 13 -4.03 2.99 -19.96
N ASP B 14 -4.55 2.14 -19.08
CA ASP B 14 -5.55 1.15 -19.46
C ASP B 14 -6.22 0.56 -18.23
N ILE B 15 -7.54 0.40 -18.30
CA ILE B 15 -8.31 -0.16 -17.19
C ILE B 15 -9.36 -1.14 -17.69
N ARG B 16 -9.22 -2.40 -17.29
CA ARG B 16 -10.16 -3.45 -17.68
C ARG B 16 -10.57 -4.30 -16.49
N THR B 17 -11.85 -4.24 -16.14
CA THR B 17 -12.37 -5.01 -15.01
C THR B 17 -13.69 -5.67 -15.36
N GLU B 18 -13.85 -6.93 -14.96
CA GLU B 18 -15.07 -7.67 -15.23
C GLU B 18 -15.45 -8.55 -14.05
N GLU B 19 -16.66 -9.08 -14.07
CA GLU B 19 -17.15 -9.94 -12.99
C GLU B 19 -17.30 -9.17 -11.69
N ARG B 20 -18.27 -8.27 -11.65
CA ARG B 20 -18.51 -7.46 -10.46
C ARG B 20 -17.21 -6.88 -9.92
N ALA B 21 -16.34 -6.44 -10.83
CA ALA B 21 -15.06 -5.87 -10.43
C ALA B 21 -15.17 -4.37 -10.23
N ARG B 22 -14.36 -3.84 -9.31
CA ARG B 22 -14.36 -2.41 -9.03
C ARG B 22 -12.95 -1.85 -9.04
N VAL B 23 -12.80 -0.64 -9.58
CA VAL B 23 -11.51 0.02 -9.66
C VAL B 23 -11.61 1.50 -9.33
N GLN B 24 -10.87 1.93 -8.31
CA GLN B 24 -10.89 3.33 -7.89
C GLN B 24 -9.52 3.97 -8.08
N LEU B 25 -9.50 5.15 -8.70
CA LEU B 25 -8.25 5.86 -8.94
C LEU B 25 -8.35 7.31 -8.48
N GLY B 26 -7.51 7.69 -7.52
CA GLY B 26 -7.53 9.05 -7.02
C GLY B 26 -6.99 9.15 -5.60
N ASN B 27 -7.65 9.95 -4.77
CA ASN B 27 -7.23 10.12 -3.38
C ASN B 27 -8.43 10.29 -2.47
N VAL B 28 -8.33 9.74 -1.26
CA VAL B 28 -9.41 9.84 -0.29
C VAL B 28 -8.96 10.57 0.97
N VAL B 29 -9.56 11.71 1.23
CA VAL B 29 -9.22 12.51 2.41
C VAL B 29 -10.45 12.75 3.29
N THR B 30 -10.36 12.33 4.54
CA THR B 30 -11.45 12.50 5.48
C THR B 30 -11.65 13.97 5.84
N ALA B 31 -12.81 14.28 6.40
CA ALA B 31 -13.13 15.65 6.79
C ALA B 31 -12.17 16.15 7.87
N ALA B 32 -11.76 15.24 8.74
CA ALA B 32 -10.84 15.59 9.83
C ALA B 32 -9.56 16.20 9.27
N ALA B 33 -9.04 15.63 8.19
CA ALA B 33 -7.82 16.14 7.56
C ALA B 33 -7.93 17.63 7.26
N LEU B 34 -9.16 18.09 7.04
CA LEU B 34 -9.39 19.50 6.74
C LEU B 34 -8.98 20.38 7.91
N HIS B 35 -7.82 21.00 7.80
CA HIS B 35 -7.30 21.88 8.85
C HIS B 35 -7.26 23.33 8.37
N GLY B 36 -6.57 23.55 7.26
CA GLY B 36 -6.47 24.90 6.71
C GLY B 36 -6.80 24.95 5.24
N GLY B 37 -8.03 25.35 4.92
CA GLY B 37 -8.45 25.44 3.54
C GLY B 37 -8.68 24.08 2.92
N ILE B 38 -7.71 23.62 2.13
CA ILE B 38 -7.81 22.32 1.47
C ILE B 38 -6.67 21.40 1.90
N ARG B 39 -5.51 21.99 2.17
CA ARG B 39 -4.33 21.22 2.58
C ARG B 39 -3.22 22.15 3.04
N ILE B 40 -2.08 21.56 3.42
CA ILE B 40 -0.94 22.33 3.88
C ILE B 40 0.19 22.30 2.86
N SER B 41 0.75 21.11 2.65
CA SER B 41 1.85 20.94 1.70
C SER B 41 1.98 19.48 1.28
N ASP B 42 1.01 19.00 0.51
CA ASP B 42 1.01 17.61 0.04
C ASP B 42 1.21 17.56 -1.46
N GLN B 43 1.44 16.35 -1.98
CA GLN B 43 1.65 16.17 -3.41
C GLN B 43 1.75 14.68 -3.75
N THR B 44 0.63 13.97 -3.65
CA THR B 44 0.60 12.55 -3.95
C THR B 44 0.01 12.28 -5.33
N THR B 45 0.80 11.62 -6.18
CA THR B 45 0.36 11.31 -7.54
C THR B 45 0.44 9.82 -7.81
N ASN B 46 -0.63 9.27 -8.36
CA ASN B 46 -0.68 7.84 -8.67
C ASN B 46 -0.79 7.62 -10.18
N SER B 47 0.03 6.72 -10.71
CA SER B 47 0.03 6.41 -12.13
C SER B 47 0.03 4.91 -12.36
N VAL B 48 -0.97 4.43 -13.10
CA VAL B 48 -1.10 3.01 -13.40
C VAL B 48 -1.05 2.76 -14.90
N GLU B 49 -0.32 1.73 -15.30
CA GLU B 49 -0.19 1.39 -16.71
C GLU B 49 -1.43 0.62 -17.20
N THR B 50 -1.49 -0.67 -16.85
CA THR B 50 -2.62 -1.50 -17.26
C THR B 50 -3.19 -2.26 -16.06
N VAL B 51 -4.51 -2.19 -15.90
CA VAL B 51 -5.18 -2.87 -14.80
C VAL B 51 -6.16 -3.92 -15.31
N VAL B 52 -5.94 -5.17 -14.93
CA VAL B 52 -6.80 -6.26 -15.35
C VAL B 52 -7.39 -7.00 -14.14
N GLY B 53 -8.72 -7.04 -14.07
CA GLY B 53 -9.38 -7.71 -12.97
C GLY B 53 -10.37 -8.76 -13.44
N LYS B 54 -10.31 -9.94 -12.83
CA LYS B 54 -11.21 -11.02 -13.19
C LYS B 54 -11.82 -11.65 -11.93
N GLY B 55 -13.06 -12.13 -12.08
CA GLY B 55 -13.74 -12.76 -10.95
C GLY B 55 -13.72 -11.88 -9.71
N GLU B 56 -14.67 -10.95 -9.62
CA GLU B 56 -14.76 -10.06 -8.48
C GLU B 56 -13.38 -9.51 -8.11
N SER B 57 -12.79 -8.75 -9.04
CA SER B 57 -11.48 -8.16 -8.83
C SER B 57 -11.59 -6.75 -8.24
N ARG B 58 -10.65 -6.39 -7.39
CA ARG B 58 -10.64 -5.07 -6.76
C ARG B 58 -9.29 -4.39 -6.93
N VAL B 59 -9.31 -3.17 -7.44
CA VAL B 59 -8.08 -2.41 -7.65
C VAL B 59 -8.20 -0.99 -7.09
N LEU B 60 -7.29 -0.64 -6.20
CA LEU B 60 -7.30 0.69 -5.59
C LEU B 60 -5.96 1.39 -5.80
N ILE B 61 -5.97 2.45 -6.60
CA ILE B 61 -4.75 3.21 -6.88
C ILE B 61 -4.83 4.60 -6.26
N GLY B 62 -4.10 4.79 -5.17
CA GLY B 62 -4.10 6.08 -4.50
C GLY B 62 -3.80 5.98 -3.03
N ASN B 63 -4.00 7.07 -2.30
CA ASN B 63 -3.75 7.10 -0.86
C ASN B 63 -4.99 7.51 -0.10
N GLU B 64 -5.09 7.06 1.16
CA GLU B 64 -6.24 7.39 1.99
C GLU B 64 -5.78 8.02 3.32
N TYR B 65 -6.24 9.23 3.58
CA TYR B 65 -5.89 9.94 4.80
C TYR B 65 -7.09 10.03 5.74
N GLY B 66 -6.89 9.58 6.98
CA GLY B 66 -7.96 9.62 7.96
C GLY B 66 -8.56 8.25 8.23
N GLY B 67 -9.41 8.16 9.24
CA GLY B 67 -10.04 6.90 9.58
C GLY B 67 -9.03 5.78 9.76
N LYS B 68 -9.52 4.55 9.90
CA LYS B 68 -8.65 3.40 10.08
C LYS B 68 -7.66 3.27 8.93
N GLY B 69 -6.39 3.10 9.27
CA GLY B 69 -5.36 2.97 8.26
C GLY B 69 -5.42 1.64 7.53
N PHE B 70 -6.34 1.52 6.59
CA PHE B 70 -6.50 0.29 5.82
C PHE B 70 -7.62 0.44 4.78
N TRP B 71 -7.31 0.05 3.55
CA TRP B 71 -8.28 0.14 2.46
C TRP B 71 -9.50 -0.71 2.76
N ASP B 72 -10.68 -0.09 2.73
CA ASP B 72 -11.93 -0.78 2.98
C ASP B 72 -11.96 -1.33 4.41
N ASN B 73 -13.04 -2.02 4.74
CA ASN B 73 -13.20 -2.60 6.08
C ASN B 73 -13.80 -3.99 6.00
N HIS B 74 -13.93 -4.65 7.15
CA HIS B 74 -14.49 -6.00 7.21
C HIS B 74 -13.63 -6.99 6.44
N HIS B 75 -12.88 -7.81 7.17
CA HIS B 75 -12.02 -8.81 6.56
C HIS B 75 -11.65 -9.89 7.56
N HIS B 76 -12.19 -11.09 7.36
CA HIS B 76 -11.92 -12.21 8.24
C HIS B 76 -12.02 -13.54 7.49
N HIS B 77 -11.65 -14.62 8.16
CA HIS B 77 -11.71 -15.95 7.55
C HIS B 77 -10.97 -15.97 6.21
N HIS B 78 -9.81 -15.33 6.17
CA HIS B 78 -9.01 -15.27 4.95
C HIS B 78 -7.57 -14.84 5.26
N HIS B 79 -6.72 -15.83 5.54
CA HIS B 79 -5.32 -15.56 5.85
C HIS B 79 -4.46 -15.62 4.59
N MET C 1 2.93 16.47 -20.31
CA MET C 1 3.06 16.70 -21.74
C MET C 1 4.52 16.86 -22.14
N LYS C 2 5.34 17.34 -21.20
CA LYS C 2 6.76 17.54 -21.45
C LYS C 2 7.61 16.78 -20.44
N ILE C 3 7.04 15.71 -19.89
CA ILE C 3 7.75 14.90 -18.90
C ILE C 3 7.90 15.64 -17.58
N ASP C 4 8.75 16.67 -17.58
CA ASP C 4 8.97 17.46 -16.38
C ASP C 4 9.35 16.57 -15.20
N ALA C 5 9.97 15.44 -15.49
CA ALA C 5 10.38 14.49 -14.45
C ALA C 5 9.17 13.83 -13.81
N ILE C 6 8.50 14.56 -12.93
CA ILE C 6 7.33 14.04 -12.24
C ILE C 6 7.62 12.69 -11.59
N VAL C 7 8.10 12.73 -10.35
CA VAL C 7 8.42 11.52 -9.62
C VAL C 7 7.16 10.79 -9.18
N GLY C 8 6.16 11.56 -8.73
CA GLY C 8 4.91 10.97 -8.28
C GLY C 8 5.07 10.17 -7.01
N ARG C 9 3.95 9.69 -6.47
CA ARG C 9 3.97 8.92 -5.23
C ARG C 9 4.08 7.43 -5.54
N ASN C 10 3.06 6.87 -6.17
CA ASN C 10 3.04 5.46 -6.52
C ASN C 10 2.85 5.26 -8.02
N SER C 11 3.63 4.35 -8.60
CA SER C 11 3.56 4.07 -10.02
C SER C 11 3.62 2.57 -10.28
N ALA C 12 2.90 2.12 -11.31
CA ALA C 12 2.87 0.71 -11.67
C ALA C 12 3.08 0.52 -13.17
N LYS C 13 3.59 -0.64 -13.55
CA LYS C 13 3.84 -0.95 -14.95
C LYS C 13 2.83 -1.95 -15.48
N ASP C 14 2.31 -2.79 -14.59
CA ASP C 14 1.33 -3.80 -14.96
C ASP C 14 0.64 -4.38 -13.73
N ILE C 15 -0.68 -4.55 -13.82
CA ILE C 15 -1.45 -5.10 -12.71
C ILE C 15 -2.49 -6.09 -13.20
N ARG C 16 -2.35 -7.34 -12.78
CA ARG C 16 -3.28 -8.40 -13.18
C ARG C 16 -3.68 -9.25 -11.98
N THR C 17 -4.96 -9.21 -11.63
CA THR C 17 -5.47 -9.98 -10.51
C THR C 17 -6.79 -10.66 -10.85
N GLU C 18 -6.94 -11.90 -10.41
CA GLU C 18 -8.16 -12.66 -10.68
C GLU C 18 -8.51 -13.58 -9.51
N GLU C 19 -9.72 -14.11 -9.52
CA GLU C 19 -10.16 -15.01 -8.46
C GLU C 19 -10.29 -14.26 -7.13
N ARG C 20 -11.24 -13.34 -7.06
CA ARG C 20 -11.47 -12.55 -5.86
C ARG C 20 -10.15 -12.01 -5.31
N ALA C 21 -9.38 -11.35 -6.18
CA ALA C 21 -8.10 -10.79 -5.77
C ALA C 21 -8.19 -9.28 -5.61
N ARG C 22 -7.35 -8.73 -4.73
CA ARG C 22 -7.34 -7.30 -4.49
C ARG C 22 -5.92 -6.74 -4.52
N VAL C 23 -5.74 -5.59 -5.15
CA VAL C 23 -4.43 -4.96 -5.26
C VAL C 23 -4.52 -3.47 -4.93
N GLN C 24 -3.75 -3.05 -3.93
CA GLN C 24 -3.74 -1.65 -3.52
C GLN C 24 -2.37 -1.02 -3.79
N LEU C 25 -2.38 0.19 -4.34
CA LEU C 25 -1.15 0.90 -4.65
C LEU C 25 -1.19 2.32 -4.10
N GLY C 26 -0.25 2.64 -3.20
CA GLY C 26 -0.20 3.95 -2.62
C GLY C 26 0.08 3.92 -1.12
N ASN C 27 0.00 5.08 -0.48
CA ASN C 27 0.25 5.18 0.96
C ASN C 27 -1.06 5.29 1.72
N VAL C 28 -1.06 4.80 2.95
CA VAL C 28 -2.25 4.85 3.80
C VAL C 28 -1.93 5.43 5.17
N VAL C 29 -2.61 6.52 5.51
CA VAL C 29 -2.40 7.17 6.80
C VAL C 29 -3.70 7.25 7.60
N THR C 30 -3.64 6.80 8.85
CA THR C 30 -4.81 6.82 9.72
C THR C 30 -5.08 8.22 10.25
N ALA C 31 -6.29 8.42 10.77
CA ALA C 31 -6.68 9.72 11.31
C ALA C 31 -5.82 10.10 12.51
N ALA C 32 -5.42 9.09 13.28
CA ALA C 32 -4.59 9.31 14.46
C ALA C 32 -3.30 10.05 14.09
N ALA C 33 -2.76 9.74 12.91
CA ALA C 33 -1.54 10.38 12.44
C ALA C 33 -1.68 11.89 12.40
N LEU C 34 -1.15 12.57 13.42
CA LEU C 34 -1.22 14.02 13.51
C LEU C 34 -0.14 14.56 14.42
N HIS C 35 0.67 15.48 13.90
CA HIS C 35 1.74 16.09 14.67
C HIS C 35 2.84 15.07 14.95
N GLY C 36 2.59 14.18 15.91
CA GLY C 36 3.56 13.17 16.26
C GLY C 36 4.93 13.76 16.57
N GLY C 37 4.92 14.97 17.12
CA GLY C 37 6.17 15.63 17.46
C GLY C 37 6.75 16.41 16.29
N ILE C 38 5.94 17.29 15.71
CA ILE C 38 6.38 18.10 14.59
C ILE C 38 6.70 17.24 13.38
N ARG C 39 5.65 16.75 12.71
CA ARG C 39 5.82 15.90 11.53
C ARG C 39 4.61 16.01 10.62
N ILE C 40 4.83 16.55 9.41
CA ILE C 40 3.77 16.72 8.44
C ILE C 40 4.17 16.16 7.08
N SER C 41 3.23 15.50 6.41
CA SER C 41 3.50 14.92 5.10
C SER C 41 4.64 13.91 5.18
N ASP C 42 5.06 13.42 4.00
CA ASP C 42 6.14 12.44 3.94
C ASP C 42 6.68 12.33 2.52
N GLN C 43 7.78 11.60 2.37
CA GLN C 43 8.40 11.41 1.07
C GLN C 43 8.52 9.93 0.72
N THR C 44 7.38 9.24 0.73
CA THR C 44 7.36 7.81 0.43
C THR C 44 6.95 7.57 -1.02
N THR C 45 7.71 6.76 -1.73
CA THR C 45 7.42 6.44 -3.12
C THR C 45 7.55 4.94 -3.39
N ASN C 46 6.54 4.37 -4.05
CA ASN C 46 6.54 2.95 -4.36
C ASN C 46 6.35 2.72 -5.86
N SER C 47 7.14 1.82 -6.42
CA SER C 47 7.07 1.51 -7.84
C SER C 47 7.04 -0.01 -8.07
N VAL C 48 6.01 -0.48 -8.76
CA VAL C 48 5.88 -1.90 -9.04
C VAL C 48 5.90 -2.16 -10.55
N GLU C 49 6.62 -3.20 -10.95
CA GLU C 49 6.74 -3.55 -12.36
C GLU C 49 5.50 -4.32 -12.82
N THR C 50 5.42 -5.60 -12.46
CA THR C 50 4.30 -6.44 -12.84
C THR C 50 3.72 -7.17 -11.63
N VAL C 51 2.41 -7.10 -11.47
CA VAL C 51 1.74 -7.75 -10.35
C VAL C 51 0.76 -8.82 -10.85
N VAL C 52 0.98 -10.06 -10.43
CA VAL C 52 0.11 -11.15 -10.84
C VAL C 52 -0.46 -11.88 -9.61
N GLY C 53 -1.78 -11.91 -9.52
CA GLY C 53 -2.43 -12.57 -8.40
C GLY C 53 -3.45 -13.60 -8.84
N LYS C 54 -3.39 -14.79 -8.24
CA LYS C 54 -4.32 -15.86 -8.57
C LYS C 54 -4.89 -16.50 -7.31
N GLY C 55 -6.14 -16.95 -7.40
CA GLY C 55 -6.78 -17.58 -6.26
C GLY C 55 -6.69 -16.74 -5.01
N GLU C 56 -7.66 -15.85 -4.83
CA GLU C 56 -7.69 -14.96 -3.66
C GLU C 56 -6.31 -14.39 -3.38
N SER C 57 -5.78 -13.64 -4.36
CA SER C 57 -4.47 -13.03 -4.22
C SER C 57 -4.58 -11.62 -3.64
N ARG C 58 -3.59 -11.24 -2.83
CA ARG C 58 -3.57 -9.92 -2.21
C ARG C 58 -2.22 -9.24 -2.41
N VAL C 59 -2.25 -8.02 -2.93
CA VAL C 59 -1.03 -7.26 -3.17
C VAL C 59 -1.15 -5.84 -2.62
N LEU C 60 -0.22 -5.47 -1.75
CA LEU C 60 -0.22 -4.14 -1.16
C LEU C 60 1.14 -3.46 -1.32
N ILE C 61 1.19 -2.42 -2.13
CA ILE C 61 2.43 -1.69 -2.37
C ILE C 61 2.37 -0.29 -1.78
N GLY C 62 3.28 0.00 -0.85
CA GLY C 62 3.31 1.30 -0.21
C GLY C 62 3.59 1.22 1.27
N ASN C 63 3.21 2.26 2.00
CA ASN C 63 3.43 2.31 3.44
C ASN C 63 2.13 2.63 4.18
N GLU C 64 1.84 1.86 5.22
CA GLU C 64 0.63 2.08 6.00
C GLU C 64 0.97 2.58 7.41
N TYR C 65 0.20 3.54 7.89
CA TYR C 65 0.43 4.11 9.21
C TYR C 65 -0.86 4.15 10.02
N GLY C 66 -0.83 3.55 11.21
CA GLY C 66 -2.00 3.51 12.06
C GLY C 66 -2.35 2.11 12.51
N GLY C 67 -3.22 2.02 13.50
CA GLY C 67 -3.62 0.71 14.01
C GLY C 67 -2.47 -0.05 14.63
N LYS C 68 -2.80 -0.97 15.54
CA LYS C 68 -1.78 -1.76 16.23
C LYS C 68 -1.56 -3.08 15.50
N GLY C 69 -1.04 -3.00 14.28
CA GLY C 69 -0.79 -4.19 13.50
C GLY C 69 0.21 -3.95 12.37
N PHE C 70 -0.28 -4.05 11.13
CA PHE C 70 0.58 -3.84 9.96
C PHE C 70 -0.24 -3.89 8.68
N TRP C 71 -1.25 -4.75 8.66
CA TRP C 71 -2.11 -4.88 7.49
C TRP C 71 -3.49 -5.41 7.88
N ASP C 72 -3.88 -5.13 9.12
CA ASP C 72 -5.19 -5.57 9.62
C ASP C 72 -5.40 -5.10 11.05
N ASN C 73 -4.41 -5.36 11.91
CA ASN C 73 -4.49 -4.97 13.31
C ASN C 73 -5.72 -5.59 13.98
N HIS C 74 -5.55 -6.80 14.50
CA HIS C 74 -6.63 -7.50 15.18
C HIS C 74 -6.17 -8.85 15.70
N HIS C 75 -7.11 -9.66 16.16
CA HIS C 75 -6.80 -10.99 16.68
C HIS C 75 -6.48 -11.96 15.56
N HIS C 76 -5.96 -13.14 15.92
CA HIS C 76 -5.62 -14.16 14.94
C HIS C 76 -5.85 -15.55 15.51
N HIS C 77 -5.43 -16.56 14.76
CA HIS C 77 -5.59 -17.95 15.18
C HIS C 77 -7.06 -18.32 15.31
N HIS C 78 -7.35 -19.61 15.30
CA HIS C 78 -8.72 -20.09 15.41
C HIS C 78 -8.75 -21.55 15.87
N HIS C 79 -9.93 -22.15 15.81
CA HIS C 79 -10.09 -23.55 16.22
C HIS C 79 -9.37 -24.49 15.27
N MET D 1 2.86 3.03 -21.22
CA MET D 1 3.94 3.75 -21.88
C MET D 1 3.85 5.24 -21.59
N LYS D 2 4.54 5.70 -20.56
CA LYS D 2 4.53 7.11 -20.19
C LYS D 2 5.46 7.36 -19.00
N ILE D 3 5.45 8.59 -18.51
CA ILE D 3 6.30 8.96 -17.37
C ILE D 3 5.61 8.65 -16.05
N ASP D 4 6.37 8.09 -15.12
CA ASP D 4 5.84 7.74 -13.80
C ASP D 4 6.90 7.90 -12.72
N ALA D 5 7.93 7.04 -12.78
CA ALA D 5 9.01 7.09 -11.81
C ALA D 5 10.13 6.13 -12.20
N ILE D 6 11.25 6.22 -11.49
CA ILE D 6 12.40 5.37 -11.76
C ILE D 6 12.85 4.64 -10.49
N VAL D 7 12.79 5.33 -9.37
CA VAL D 7 13.19 4.76 -8.08
C VAL D 7 12.32 5.29 -6.95
N GLY D 8 12.64 4.88 -5.73
CA GLY D 8 11.89 5.32 -4.57
C GLY D 8 12.07 4.42 -3.37
N ARG D 9 11.19 4.56 -2.38
CA ARG D 9 11.26 3.75 -1.17
C ARG D 9 11.33 2.26 -1.52
N ASN D 10 10.20 1.70 -1.92
CA ASN D 10 10.13 0.29 -2.29
C ASN D 10 9.91 0.12 -3.78
N SER D 11 10.77 -0.68 -4.41
CA SER D 11 10.67 -0.93 -5.85
C SER D 11 10.74 -2.42 -6.15
N ALA D 12 9.90 -2.87 -7.07
CA ALA D 12 9.87 -4.28 -7.45
C ALA D 12 10.02 -4.44 -8.96
N LYS D 13 10.51 -5.60 -9.39
CA LYS D 13 10.70 -5.88 -10.80
C LYS D 13 9.69 -6.91 -11.30
N ASP D 14 9.20 -7.74 -10.37
CA ASP D 14 8.22 -8.76 -10.71
C ASP D 14 7.56 -9.31 -9.45
N ILE D 15 6.24 -9.50 -9.53
CA ILE D 15 5.48 -10.02 -8.39
C ILE D 15 4.44 -11.04 -8.85
N ARG D 16 4.59 -12.28 -8.39
CA ARG D 16 3.66 -13.34 -8.75
C ARG D 16 3.26 -14.16 -7.52
N THR D 17 1.98 -14.10 -7.17
CA THR D 17 1.48 -14.83 -6.01
C THR D 17 0.16 -15.53 -6.34
N GLU D 18 0.03 -16.79 -5.90
CA GLU D 18 -1.17 -17.57 -6.15
C GLU D 18 -1.49 -18.47 -4.96
N GLU D 19 -2.70 -19.02 -4.95
CA GLU D 19 -3.12 -19.90 -3.87
C GLU D 19 -3.21 -19.14 -2.55
N ARG D 20 -4.18 -18.23 -2.47
CA ARG D 20 -4.37 -17.44 -1.26
C ARG D 20 -3.03 -16.89 -0.75
N ALA D 21 -2.29 -16.24 -1.64
CA ALA D 21 -1.00 -15.66 -1.28
C ALA D 21 -1.09 -14.15 -1.12
N ARG D 22 -0.25 -13.60 -0.25
CA ARG D 22 -0.24 -12.16 0.00
C ARG D 22 1.17 -11.61 -0.05
N VAL D 23 1.32 -10.44 -0.66
CA VAL D 23 2.63 -9.80 -0.78
C VAL D 23 2.55 -8.32 -0.41
N GLN D 24 3.38 -7.92 0.54
CA GLN D 24 3.41 -6.53 0.99
C GLN D 24 4.74 -5.86 0.62
N LEU D 25 4.65 -4.67 0.06
CA LEU D 25 5.84 -3.92 -0.35
C LEU D 25 5.89 -2.57 0.34
N GLY D 26 7.06 -2.21 0.86
CA GLY D 26 7.22 -0.94 1.53
C GLY D 26 7.38 -1.08 3.03
N ASN D 27 7.41 0.05 3.73
CA ASN D 27 7.56 0.04 5.18
C ASN D 27 6.22 0.22 5.87
N VAL D 28 6.05 -0.43 7.02
CA VAL D 28 4.81 -0.33 7.78
C VAL D 28 5.06 0.19 9.19
N VAL D 29 4.28 1.17 9.61
CA VAL D 29 4.42 1.75 10.93
C VAL D 29 3.13 1.65 11.72
N THR D 30 3.22 1.13 12.94
CA THR D 30 2.05 0.97 13.81
C THR D 30 1.53 2.32 14.28
N ALA D 31 0.33 2.32 14.85
CA ALA D 31 -0.28 3.54 15.35
C ALA D 31 0.55 4.14 16.48
N ALA D 32 1.17 3.29 17.27
CA ALA D 32 2.00 3.73 18.38
C ALA D 32 3.11 4.68 17.90
N ALA D 33 3.86 4.22 16.91
CA ALA D 33 4.95 5.02 16.36
C ALA D 33 5.88 5.51 17.46
N LEU D 34 6.00 4.73 18.52
CA LEU D 34 6.86 5.08 19.65
C LEU D 34 8.27 5.42 19.17
N HIS D 35 8.68 4.79 18.07
CA HIS D 35 10.01 5.03 17.51
C HIS D 35 9.91 5.40 16.03
N GLY D 36 10.62 6.47 15.65
CA GLY D 36 10.60 6.91 14.27
C GLY D 36 9.79 8.19 14.09
N GLY D 37 9.00 8.24 13.02
CA GLY D 37 8.19 9.41 12.75
C GLY D 37 9.02 10.66 12.56
N ILE D 38 9.28 11.01 11.31
CA ILE D 38 10.09 12.19 11.00
C ILE D 38 9.81 12.68 9.58
N ARG D 39 9.79 13.99 9.41
CA ARG D 39 9.54 14.59 8.10
C ARG D 39 10.80 15.26 7.56
N ILE D 40 11.95 14.73 7.95
CA ILE D 40 13.23 15.28 7.50
C ILE D 40 14.29 14.20 7.40
N SER D 41 13.85 12.97 7.15
CA SER D 41 14.76 11.83 7.01
C SER D 41 14.46 11.02 5.76
N ASP D 42 15.09 9.87 5.64
CA ASP D 42 14.88 9.00 4.48
C ASP D 42 14.37 7.63 4.92
N GLN D 43 13.08 7.38 4.66
CA GLN D 43 12.47 6.11 5.02
C GLN D 43 13.29 4.93 4.51
N THR D 44 12.95 3.73 4.97
CA THR D 44 13.65 2.53 4.54
C THR D 44 13.45 2.27 3.05
N THR D 45 14.52 1.88 2.37
CA THR D 45 14.46 1.58 0.94
C THR D 45 14.71 0.11 0.67
N ASN D 46 13.75 -0.54 0.01
CA ASN D 46 13.87 -1.95 -0.32
C ASN D 46 13.67 -2.18 -1.82
N SER D 47 14.37 -3.17 -2.36
CA SER D 47 14.27 -3.50 -3.78
C SER D 47 14.19 -5.00 -3.99
N VAL D 48 13.13 -5.45 -4.66
CA VAL D 48 12.95 -6.87 -4.93
C VAL D 48 12.98 -7.16 -6.43
N GLU D 49 13.72 -8.18 -6.82
CA GLU D 49 13.82 -8.56 -8.21
C GLU D 49 12.56 -9.27 -8.70
N THR D 50 12.35 -10.49 -8.19
CA THR D 50 11.17 -11.27 -8.57
C THR D 50 10.65 -12.07 -7.39
N VAL D 51 9.34 -12.03 -7.17
CA VAL D 51 8.71 -12.75 -6.08
C VAL D 51 7.73 -13.79 -6.60
N VAL D 52 7.90 -15.05 -6.18
CA VAL D 52 7.02 -16.13 -6.61
C VAL D 52 6.47 -16.89 -5.40
N GLY D 53 5.15 -17.00 -5.33
CA GLY D 53 4.52 -17.70 -4.24
C GLY D 53 3.59 -18.79 -4.71
N LYS D 54 3.70 -19.97 -4.10
CA LYS D 54 2.85 -21.10 -4.46
C LYS D 54 2.24 -21.75 -3.22
N GLY D 55 0.97 -22.11 -3.31
CA GLY D 55 0.29 -22.73 -2.19
C GLY D 55 0.46 -21.96 -0.90
N GLU D 56 -0.41 -20.97 -0.69
CA GLU D 56 -0.35 -20.15 0.51
C GLU D 56 1.06 -19.59 0.72
N SER D 57 1.37 -18.51 0.02
CA SER D 57 2.68 -17.88 0.12
C SER D 57 2.57 -16.49 0.75
N ARG D 58 3.58 -16.13 1.53
CA ARG D 58 3.59 -14.83 2.19
C ARG D 58 4.93 -14.12 1.96
N VAL D 59 4.86 -12.88 1.49
CA VAL D 59 6.05 -12.09 1.23
C VAL D 59 5.93 -10.69 1.80
N LEU D 60 6.88 -10.31 2.65
CA LEU D 60 6.87 -8.99 3.26
C LEU D 60 8.22 -8.30 3.09
N ILE D 61 8.23 -7.23 2.28
CA ILE D 61 9.45 -6.49 2.02
C ILE D 61 9.39 -5.11 2.68
N GLY D 62 10.45 -4.77 3.41
CA GLY D 62 10.50 -3.49 4.09
C GLY D 62 10.57 -3.62 5.60
N ASN D 63 10.77 -2.50 6.27
CA ASN D 63 10.85 -2.49 7.73
C ASN D 63 9.46 -2.28 8.35
N GLU D 64 9.20 -2.97 9.45
CA GLU D 64 7.92 -2.86 10.13
C GLU D 64 8.12 -2.39 11.58
N TYR D 65 7.27 -1.46 12.01
CA TYR D 65 7.35 -0.92 13.36
C TYR D 65 6.09 -1.23 14.15
N GLY D 66 6.25 -1.85 15.32
CA GLY D 66 5.12 -2.21 16.14
C GLY D 66 4.74 -3.66 16.03
N GLY D 67 3.51 -3.93 15.56
CA GLY D 67 3.05 -5.29 15.40
C GLY D 67 2.75 -5.96 16.73
N LYS D 68 1.91 -6.99 16.71
CA LYS D 68 1.55 -7.70 17.93
C LYS D 68 2.78 -8.22 18.65
N GLY D 69 3.86 -8.43 17.90
CA GLY D 69 5.09 -8.91 18.50
C GLY D 69 6.25 -8.88 17.52
N PHE D 70 5.97 -9.15 16.25
CA PHE D 70 7.00 -9.16 15.21
C PHE D 70 6.40 -8.84 13.85
N TRP D 71 5.65 -9.78 13.30
CA TRP D 71 5.03 -9.60 11.99
C TRP D 71 3.64 -10.23 11.96
N ASP D 72 3.60 -11.55 11.92
CA ASP D 72 2.32 -12.27 11.89
C ASP D 72 2.56 -13.77 12.02
N ASN D 73 3.24 -14.17 13.08
CA ASN D 73 3.53 -15.58 13.32
C ASN D 73 2.24 -16.39 13.42
N HIS D 74 2.37 -17.70 13.62
CA HIS D 74 1.22 -18.58 13.74
C HIS D 74 1.38 -19.52 14.93
N HIS D 75 0.40 -20.41 15.12
CA HIS D 75 0.44 -21.36 16.22
C HIS D 75 1.25 -22.60 15.84
N HIS D 76 1.17 -23.63 16.68
CA HIS D 76 1.90 -24.87 16.43
C HIS D 76 1.56 -25.43 15.05
N HIS D 77 2.27 -26.49 14.67
CA HIS D 77 2.05 -27.12 13.36
C HIS D 77 0.98 -28.21 13.48
N HIS D 78 1.28 -29.25 14.24
CA HIS D 78 0.35 -30.36 14.42
C HIS D 78 0.31 -30.81 15.88
N HIS D 79 1.49 -30.98 16.47
CA HIS D 79 1.59 -31.40 17.86
C HIS D 79 1.32 -30.23 18.80
N MET E 1 11.42 4.45 -22.25
CA MET E 1 12.36 3.99 -21.24
C MET E 1 12.49 5.01 -20.11
N LYS E 2 11.76 4.77 -19.02
CA LYS E 2 11.79 5.67 -17.87
C LYS E 2 12.35 4.96 -16.64
N ILE E 3 12.20 3.63 -16.60
CA ILE E 3 12.69 2.84 -15.49
C ILE E 3 13.94 2.08 -15.87
N ASP E 4 14.99 2.23 -15.06
CA ASP E 4 16.26 1.55 -15.31
C ASP E 4 17.27 1.87 -14.22
N ALA E 5 16.87 1.65 -12.97
CA ALA E 5 17.74 1.91 -11.82
C ALA E 5 17.16 1.33 -10.54
N ILE E 6 18.00 0.68 -9.75
CA ILE E 6 17.57 0.08 -8.50
C ILE E 6 18.56 0.37 -7.39
N VAL E 7 18.07 0.97 -6.30
CA VAL E 7 18.91 1.31 -5.16
C VAL E 7 18.13 1.23 -3.86
N GLY E 8 18.84 1.31 -2.74
CA GLY E 8 18.20 1.25 -1.44
C GLY E 8 19.01 0.48 -0.42
N ARG E 9 18.39 0.15 0.71
CA ARG E 9 19.08 -0.58 1.76
C ARG E 9 19.14 -2.07 1.44
N ASN E 10 18.01 -2.75 1.59
CA ASN E 10 17.93 -4.18 1.32
C ASN E 10 17.56 -4.44 -0.14
N SER E 11 18.24 -5.40 -0.76
CA SER E 11 17.98 -5.73 -2.16
C SER E 11 17.97 -7.25 -2.36
N ALA E 12 17.15 -7.71 -3.29
CA ALA E 12 17.05 -9.13 -3.58
C ALA E 12 17.17 -9.39 -5.08
N LYS E 13 17.47 -10.64 -5.43
CA LYS E 13 17.62 -11.03 -6.83
C LYS E 13 16.55 -12.04 -7.23
N ASP E 14 16.07 -12.81 -6.26
CA ASP E 14 15.05 -13.81 -6.52
C ASP E 14 14.42 -14.30 -5.22
N ILE E 15 13.10 -14.45 -5.21
CA ILE E 15 12.39 -14.90 -4.02
C ILE E 15 11.30 -15.90 -4.39
N ARG E 16 11.44 -17.13 -3.89
CA ARG E 16 10.46 -18.18 -4.17
C ARG E 16 10.10 -18.93 -2.89
N THR E 17 8.83 -18.86 -2.52
CA THR E 17 8.35 -19.53 -1.31
C THR E 17 7.03 -20.26 -1.57
N GLU E 18 6.83 -21.38 -0.88
CA GLU E 18 5.61 -22.16 -1.04
C GLU E 18 5.35 -23.01 0.20
N GLU E 19 4.14 -23.55 0.29
CA GLU E 19 3.76 -24.39 1.42
C GLU E 19 3.76 -23.58 2.72
N ARG E 20 2.81 -22.66 2.83
CA ARG E 20 2.70 -21.82 4.01
C ARG E 20 4.05 -21.18 4.35
N ALA E 21 4.85 -20.91 3.33
CA ALA E 21 6.16 -20.31 3.51
C ALA E 21 6.05 -18.79 3.58
N ARG E 22 6.83 -18.18 4.46
CA ARG E 22 6.83 -16.74 4.62
C ARG E 22 8.25 -16.17 4.58
N VAL E 23 8.42 -15.05 3.87
CA VAL E 23 9.72 -14.42 3.75
C VAL E 23 9.65 -12.93 4.06
N GLN E 24 10.42 -12.50 5.05
CA GLN E 24 10.44 -11.10 5.46
C GLN E 24 11.78 -10.46 5.14
N LEU E 25 11.74 -9.24 4.61
CA LEU E 25 12.96 -8.52 4.26
C LEU E 25 12.99 -7.16 4.95
N GLY E 26 14.16 -6.83 5.53
CA GLY E 26 14.31 -5.56 6.21
C GLY E 26 14.40 -5.72 7.71
N ASN E 27 14.58 -4.60 8.41
CA ASN E 27 14.69 -4.63 9.87
C ASN E 27 13.32 -4.46 10.52
N VAL E 28 13.14 -5.06 11.69
CA VAL E 28 11.89 -4.98 12.41
C VAL E 28 12.08 -4.39 13.80
N VAL E 29 11.26 -3.41 14.15
CA VAL E 29 11.34 -2.76 15.45
C VAL E 29 10.04 -2.90 16.22
N THR E 30 10.14 -3.39 17.46
CA THR E 30 8.96 -3.58 18.30
C THR E 30 8.48 -2.26 18.88
N ALA E 31 7.32 -2.28 19.51
CA ALA E 31 6.76 -1.08 20.12
C ALA E 31 7.65 -0.53 21.23
N ALA E 32 8.32 -1.44 21.94
CA ALA E 32 9.22 -1.06 23.02
C ALA E 32 10.31 -0.11 22.52
N ALA E 33 10.98 -0.51 21.45
CA ALA E 33 12.04 0.32 20.88
C ALA E 33 13.18 0.51 21.87
N LEU E 34 14.12 1.39 21.53
CA LEU E 34 15.27 1.67 22.39
C LEU E 34 14.81 2.24 23.73
N HIS E 35 15.76 2.36 24.66
CA HIS E 35 15.45 2.90 25.99
C HIS E 35 14.80 4.27 25.88
N GLY E 36 15.13 5.00 24.82
CA GLY E 36 14.57 6.33 24.62
C GLY E 36 14.73 6.82 23.19
N GLY E 37 13.81 7.66 22.76
CA GLY E 37 13.87 8.19 21.41
C GLY E 37 12.78 9.23 21.14
N ILE E 38 13.05 10.12 20.20
CA ILE E 38 12.09 11.16 19.85
C ILE E 38 11.85 11.20 18.34
N ARG E 39 12.92 11.10 17.57
CA ARG E 39 12.82 11.12 16.12
C ARG E 39 14.06 10.49 15.48
N ILE E 40 14.19 9.19 15.63
CA ILE E 40 15.33 8.46 15.07
C ILE E 40 14.91 7.08 14.57
N SER E 41 15.83 6.39 13.91
CA SER E 41 15.56 5.06 13.37
C SER E 41 16.80 4.48 12.70
N ASP E 42 16.94 3.16 12.77
CA ASP E 42 18.08 2.48 12.16
C ASP E 42 17.65 1.67 10.96
N GLN E 43 18.61 1.29 10.12
CA GLN E 43 18.33 0.50 8.93
C GLN E 43 19.53 -0.34 8.53
N THR E 44 19.34 -1.65 8.48
CA THR E 44 20.42 -2.57 8.11
C THR E 44 20.34 -2.94 6.63
N THR E 45 21.49 -2.90 5.96
CA THR E 45 21.55 -3.22 4.55
C THR E 45 21.86 -4.71 4.33
N ASN E 46 20.91 -5.42 3.74
CA ASN E 46 21.08 -6.85 3.48
C ASN E 46 20.85 -7.17 2.01
N SER E 47 21.70 -8.03 1.45
CA SER E 47 21.58 -8.42 0.06
C SER E 47 21.37 -9.92 -0.08
N VAL E 48 20.35 -10.31 -0.84
CA VAL E 48 20.03 -11.72 -1.04
C VAL E 48 19.97 -12.05 -2.54
N GLU E 49 20.55 -13.19 -2.90
CA GLU E 49 20.54 -13.62 -4.30
C GLU E 49 19.23 -14.32 -4.65
N THR E 50 19.08 -15.56 -4.18
CA THR E 50 17.88 -16.33 -4.45
C THR E 50 17.48 -17.16 -3.24
N VAL E 51 16.22 -17.04 -2.82
CA VAL E 51 15.72 -17.78 -1.68
C VAL E 51 14.58 -18.73 -2.09
N VAL E 52 14.78 -20.02 -1.85
CA VAL E 52 13.78 -21.02 -2.20
C VAL E 52 13.24 -21.70 -0.94
N GLY E 53 11.92 -21.61 -0.75
CA GLY E 53 11.30 -22.24 0.41
C GLY E 53 10.36 -23.36 0.04
N LYS E 54 10.50 -24.50 0.71
CA LYS E 54 9.65 -25.66 0.45
C LYS E 54 9.13 -26.25 1.75
N GLY E 55 7.86 -26.66 1.73
CA GLY E 55 7.25 -27.24 2.91
C GLY E 55 7.49 -26.41 4.16
N GLU E 56 6.60 -25.46 4.41
CA GLU E 56 6.73 -24.60 5.58
C GLU E 56 8.13 -24.01 5.68
N SER E 57 8.40 -23.02 4.83
CA SER E 57 9.72 -22.37 4.82
C SER E 57 9.64 -20.99 5.45
N ARG E 58 10.71 -20.61 6.14
CA ARG E 58 10.78 -19.31 6.79
C ARG E 58 12.09 -18.60 6.49
N VAL E 59 12.01 -17.36 6.02
CA VAL E 59 13.19 -16.58 5.69
C VAL E 59 13.10 -15.17 6.26
N LEU E 60 14.08 -14.79 7.08
CA LEU E 60 14.11 -13.47 7.68
C LEU E 60 15.45 -12.79 7.45
N ILE E 61 15.45 -11.74 6.64
CA ILE E 61 16.67 -11.01 6.34
C ILE E 61 16.63 -9.60 6.93
N GLY E 62 17.37 -9.39 8.01
CA GLY E 62 17.40 -8.08 8.65
C GLY E 62 17.75 -8.17 10.12
N ASN E 63 17.38 -7.13 10.87
CA ASN E 63 17.66 -7.09 12.30
C ASN E 63 16.39 -6.79 13.09
N GLU E 64 16.29 -7.38 14.28
CA GLU E 64 15.13 -7.17 15.14
C GLU E 64 15.50 -6.38 16.38
N TYR E 65 14.84 -5.25 16.58
CA TYR E 65 15.11 -4.40 17.73
C TYR E 65 13.98 -4.50 18.76
N GLY E 66 14.34 -4.81 20.00
CA GLY E 66 13.35 -4.93 21.05
C GLY E 66 12.44 -6.12 20.85
N GLY E 67 11.95 -6.69 21.95
CA GLY E 67 11.06 -7.84 21.87
C GLY E 67 11.19 -8.76 23.06
N LYS E 68 12.35 -8.71 23.72
CA LYS E 68 12.60 -9.55 24.89
C LYS E 68 12.32 -11.02 24.57
N GLY E 69 12.98 -11.52 23.53
CA GLY E 69 12.78 -12.91 23.15
C GLY E 69 13.60 -13.29 21.93
N PHE E 70 12.93 -13.51 20.80
CA PHE E 70 13.59 -13.88 19.57
C PHE E 70 12.61 -13.95 18.41
N TRP E 71 13.14 -14.03 17.19
CA TRP E 71 12.29 -14.10 16.00
C TRP E 71 11.24 -15.20 16.13
N ASP E 72 11.69 -16.45 16.00
CA ASP E 72 10.79 -17.59 16.10
C ASP E 72 10.28 -17.76 17.53
N ASN E 73 9.27 -18.60 17.71
CA ASN E 73 8.69 -18.85 19.02
C ASN E 73 7.72 -20.01 18.97
N HIS E 74 7.48 -20.62 20.13
CA HIS E 74 6.55 -21.75 20.22
C HIS E 74 6.33 -22.15 21.67
N HIS E 75 5.09 -22.45 22.02
CA HIS E 75 4.75 -22.85 23.38
C HIS E 75 4.76 -24.37 23.52
N HIS E 76 4.28 -24.87 24.65
CA HIS E 76 4.24 -26.30 24.92
C HIS E 76 2.83 -26.75 25.31
N HIS E 77 2.61 -28.06 25.27
CA HIS E 77 1.30 -28.61 25.63
C HIS E 77 1.38 -29.37 26.95
N HIS E 78 0.23 -29.82 27.44
CA HIS E 78 0.17 -30.55 28.70
C HIS E 78 -1.06 -31.45 28.74
N HIS E 79 -2.19 -30.93 28.29
CA HIS E 79 -3.44 -31.69 28.27
C HIS E 79 -3.25 -33.02 27.55
N MET A 1 1.82 29.01 -16.74
CA MET A 1 1.29 27.65 -16.80
C MET A 1 0.90 27.16 -15.41
N LYS A 2 -0.40 27.14 -15.13
CA LYS A 2 -0.90 26.69 -13.84
C LYS A 2 -2.42 26.72 -13.81
N ILE A 3 -3.04 25.73 -14.44
CA ILE A 3 -4.50 25.64 -14.47
C ILE A 3 -4.99 24.42 -13.70
N ASP A 4 -4.14 23.41 -13.59
CA ASP A 4 -4.49 22.20 -12.87
C ASP A 4 -4.96 22.51 -11.45
N ALA A 5 -5.92 21.73 -10.97
CA ALA A 5 -6.46 21.94 -9.63
C ALA A 5 -5.68 21.13 -8.60
N ILE A 6 -6.15 21.16 -7.35
CA ILE A 6 -5.49 20.43 -6.27
C ILE A 6 -6.50 20.03 -5.19
N VAL A 7 -6.03 19.23 -4.24
CA VAL A 7 -6.89 18.78 -3.14
C VAL A 7 -8.15 18.12 -3.68
N GLY A 8 -8.08 16.82 -3.93
CA GLY A 8 -9.23 16.09 -4.44
C GLY A 8 -9.57 16.48 -5.86
N ARG A 9 -9.33 15.57 -6.79
CA ARG A 9 -9.63 15.83 -8.20
C ARG A 9 -9.94 14.52 -8.94
N ASN A 10 -10.86 14.60 -9.89
CA ASN A 10 -11.26 13.42 -10.66
C ASN A 10 -11.23 13.73 -12.16
N SER A 11 -10.28 13.14 -12.86
CA SER A 11 -10.14 13.35 -14.29
C SER A 11 -10.14 12.01 -15.04
N ALA A 12 -10.78 11.99 -16.20
CA ALA A 12 -10.85 10.79 -17.01
C ALA A 12 -10.71 11.11 -18.50
N LYS A 13 -9.67 10.55 -19.13
CA LYS A 13 -9.43 10.78 -20.55
C LYS A 13 -10.42 10.00 -21.40
N ASP A 14 -10.81 8.83 -20.93
CA ASP A 14 -11.76 7.98 -21.64
C ASP A 14 -12.32 6.90 -20.74
N ILE A 15 -13.62 6.65 -20.86
CA ILE A 15 -14.29 5.64 -20.05
C ILE A 15 -15.26 4.81 -20.88
N ARG A 16 -15.00 3.50 -20.95
CA ARG A 16 -15.86 2.61 -21.72
C ARG A 16 -16.45 1.53 -20.82
N THR A 17 -17.78 1.48 -20.77
CA THR A 17 -18.49 0.50 -19.95
C THR A 17 -19.54 -0.23 -20.76
N GLU A 18 -19.66 -1.55 -20.54
CA GLU A 18 -20.62 -2.36 -21.25
C GLU A 18 -21.14 -3.49 -20.36
N GLU A 19 -22.21 -4.14 -20.79
CA GLU A 19 -22.80 -5.23 -20.04
C GLU A 19 -23.40 -4.72 -18.73
N ARG A 20 -24.45 -3.91 -18.84
CA ARG A 20 -25.11 -3.36 -17.66
C ARG A 20 -24.09 -2.77 -16.69
N ALA A 21 -23.04 -2.15 -17.24
CA ALA A 21 -22.00 -1.55 -16.43
C ALA A 21 -22.37 -0.12 -16.03
N ARG A 22 -21.80 0.35 -14.94
CA ARG A 22 -22.09 1.70 -14.44
C ARG A 22 -20.79 2.44 -14.12
N VAL A 23 -20.79 3.75 -14.36
CA VAL A 23 -19.62 4.57 -14.09
C VAL A 23 -20.01 5.92 -13.49
N GLN A 24 -19.49 6.20 -12.30
CA GLN A 24 -19.79 7.46 -11.62
C GLN A 24 -18.53 8.32 -11.49
N LEU A 25 -18.65 9.58 -11.89
CA LEU A 25 -17.53 10.51 -11.82
C LEU A 25 -17.82 11.63 -10.83
N GLY A 26 -16.98 11.72 -9.79
CA GLY A 26 -17.16 12.76 -8.79
C GLY A 26 -16.94 12.24 -7.39
N ASN A 27 -16.98 13.15 -6.41
CA ASN A 27 -16.78 12.78 -5.02
C ASN A 27 -18.10 12.45 -4.34
N VAL A 28 -18.04 11.63 -3.30
CA VAL A 28 -19.24 11.24 -2.56
C VAL A 28 -19.06 11.44 -1.06
N VAL A 29 -19.96 12.21 -0.46
CA VAL A 29 -19.90 12.48 0.98
C VAL A 29 -21.18 12.04 1.67
N THR A 30 -21.03 11.21 2.70
CA THR A 30 -22.18 10.71 3.45
C THR A 30 -22.82 11.82 4.27
N ALA A 31 -23.93 11.52 4.92
CA ALA A 31 -24.64 12.49 5.75
C ALA A 31 -23.79 12.94 6.92
N ALA A 32 -23.07 12.00 7.52
CA ALA A 32 -22.20 12.30 8.66
C ALA A 32 -21.17 13.35 8.29
N ALA A 33 -20.52 13.15 7.15
CA ALA A 33 -19.50 14.10 6.68
C ALA A 33 -20.14 15.31 6.02
N LEU A 34 -19.62 16.49 6.33
CA LEU A 34 -20.14 17.73 5.76
C LEU A 34 -19.08 18.44 4.94
N HIS A 35 -19.38 19.66 4.52
CA HIS A 35 -18.44 20.45 3.72
C HIS A 35 -17.10 20.61 4.45
N GLY A 36 -17.18 20.82 5.76
CA GLY A 36 -15.97 20.98 6.55
C GLY A 36 -15.55 22.43 6.67
N GLY A 37 -14.27 22.64 6.99
CA GLY A 37 -13.76 23.99 7.13
C GLY A 37 -12.53 24.07 8.02
N ILE A 38 -11.46 23.40 7.58
CA ILE A 38 -10.21 23.39 8.34
C ILE A 38 -9.04 23.80 7.46
N ARG A 39 -8.10 24.53 8.05
CA ARG A 39 -6.91 24.98 7.33
C ARG A 39 -5.87 23.88 7.24
N ILE A 40 -6.27 22.74 6.67
CA ILE A 40 -5.36 21.60 6.52
C ILE A 40 -6.01 20.48 5.72
N SER A 41 -5.24 19.87 4.83
CA SER A 41 -5.74 18.78 4.01
C SER A 41 -4.64 18.22 3.11
N ASP A 42 -4.99 17.22 2.31
CA ASP A 42 -4.02 16.59 1.41
C ASP A 42 -4.25 17.05 -0.03
N GLN A 43 -3.45 16.53 -0.95
CA GLN A 43 -3.56 16.88 -2.36
C GLN A 43 -3.82 15.64 -3.20
N THR A 44 -4.64 14.73 -2.68
CA THR A 44 -4.98 13.50 -3.39
C THR A 44 -5.76 13.80 -4.66
N THR A 45 -5.25 13.30 -5.79
CA THR A 45 -5.89 13.52 -7.09
C THR A 45 -5.97 12.22 -7.89
N ASN A 46 -7.18 11.85 -8.29
CA ASN A 46 -7.38 10.63 -9.06
C ASN A 46 -7.60 10.95 -10.54
N SER A 47 -6.74 10.41 -11.39
CA SER A 47 -6.84 10.64 -12.83
C SER A 47 -6.51 9.37 -13.61
N VAL A 48 -7.44 8.95 -14.45
CA VAL A 48 -7.25 7.74 -15.26
C VAL A 48 -7.31 8.07 -16.75
N GLU A 49 -6.42 7.44 -17.52
CA GLU A 49 -6.38 7.66 -18.96
C GLU A 49 -7.55 6.98 -19.66
N THR A 50 -7.50 5.65 -19.71
CA THR A 50 -8.55 4.87 -20.35
C THR A 50 -9.14 3.85 -19.39
N VAL A 51 -10.47 3.74 -19.40
CA VAL A 51 -11.16 2.80 -18.52
C VAL A 51 -11.99 1.80 -19.33
N VAL A 52 -11.87 0.53 -18.99
CA VAL A 52 -12.60 -0.52 -19.68
C VAL A 52 -13.37 -1.40 -18.71
N GLY A 53 -14.67 -1.55 -18.95
CA GLY A 53 -15.49 -2.36 -18.08
C GLY A 53 -16.25 -3.44 -18.83
N LYS A 54 -16.21 -4.66 -18.30
CA LYS A 54 -16.89 -5.79 -18.93
C LYS A 54 -17.68 -6.60 -17.90
N GLY A 55 -18.80 -7.17 -18.34
CA GLY A 55 -19.62 -7.96 -17.44
C GLY A 55 -19.96 -7.21 -16.16
N GLU A 56 -20.97 -6.35 -16.23
CA GLU A 56 -21.40 -5.57 -15.07
C GLU A 56 -20.19 -4.96 -14.36
N SER A 57 -19.50 -4.05 -15.05
CA SER A 57 -18.33 -3.39 -14.49
C SER A 57 -18.72 -2.13 -13.74
N ARG A 58 -18.00 -1.83 -12.67
CA ARG A 58 -18.27 -0.65 -11.86
C ARG A 58 -17.07 0.29 -11.84
N VAL A 59 -17.30 1.55 -12.16
CA VAL A 59 -16.22 2.54 -12.18
C VAL A 59 -16.57 3.73 -11.28
N LEU A 60 -15.70 4.00 -10.32
CA LEU A 60 -15.90 5.11 -9.39
C LEU A 60 -14.66 6.01 -9.33
N ILE A 61 -14.80 7.23 -9.84
CA ILE A 61 -13.69 8.18 -9.85
C ILE A 61 -13.97 9.34 -8.89
N GLY A 62 -13.30 9.32 -7.74
CA GLY A 62 -13.48 10.38 -6.76
C GLY A 62 -13.25 9.89 -5.34
N ASN A 63 -13.21 10.82 -4.39
CA ASN A 63 -13.01 10.49 -2.99
C ASN A 63 -14.33 10.25 -2.28
N GLU A 64 -14.38 9.22 -1.45
CA GLU A 64 -15.59 8.88 -0.71
C GLU A 64 -15.40 9.13 0.79
N TYR A 65 -16.24 10.01 1.34
CA TYR A 65 -16.16 10.33 2.76
C TYR A 65 -17.29 9.67 3.53
N GLY A 66 -16.93 8.92 4.57
CA GLY A 66 -17.92 8.24 5.38
C GLY A 66 -17.76 6.74 5.36
N GLY A 67 -18.49 6.05 6.23
CA GLY A 67 -18.41 4.59 6.29
C GLY A 67 -18.95 3.93 5.04
N LYS A 68 -19.98 3.10 5.22
CA LYS A 68 -20.60 2.40 4.10
C LYS A 68 -19.55 1.62 3.31
N GLY A 69 -18.49 1.22 3.99
CA GLY A 69 -17.43 0.47 3.33
C GLY A 69 -16.94 1.14 2.06
N PHE A 70 -17.37 0.62 0.92
CA PHE A 70 -16.96 1.18 -0.36
C PHE A 70 -18.18 1.38 -1.28
N TRP A 71 -18.12 2.42 -2.09
CA TRP A 71 -19.21 2.73 -3.02
C TRP A 71 -20.46 3.15 -2.26
N ASP A 72 -21.18 2.17 -1.71
CA ASP A 72 -22.40 2.43 -0.96
C ASP A 72 -22.46 1.57 0.30
N ASN A 73 -23.45 1.84 1.14
CA ASN A 73 -23.62 1.08 2.38
C ASN A 73 -23.77 -0.40 2.09
N HIS A 74 -23.33 -1.24 3.04
CA HIS A 74 -23.42 -2.68 2.88
C HIS A 74 -23.37 -3.38 4.24
N HIS A 75 -24.07 -2.79 5.21
CA HIS A 75 -24.11 -3.35 6.56
C HIS A 75 -22.71 -3.44 7.16
N HIS A 76 -22.36 -2.45 7.98
CA HIS A 76 -21.05 -2.40 8.62
C HIS A 76 -21.16 -2.70 10.11
N HIS A 77 -20.11 -3.27 10.68
CA HIS A 77 -20.09 -3.60 12.10
C HIS A 77 -18.71 -4.09 12.53
N HIS A 78 -18.54 -4.33 13.82
CA HIS A 78 -17.28 -4.80 14.36
C HIS A 78 -16.17 -3.78 14.12
N HIS A 79 -15.85 -3.00 15.13
CA HIS A 79 -14.82 -1.98 15.03
C HIS A 79 -14.10 -1.79 16.36
N MET B 1 12.36 27.20 7.58
CA MET B 1 12.42 26.27 6.45
C MET B 1 11.34 25.22 6.56
N LYS B 2 10.10 25.61 6.26
CA LYS B 2 8.97 24.70 6.32
C LYS B 2 8.46 24.37 4.92
N ILE B 3 8.83 23.20 4.41
CA ILE B 3 8.41 22.77 3.08
C ILE B 3 7.24 21.81 3.17
N ASP B 4 7.17 21.06 4.26
CA ASP B 4 6.09 20.10 4.47
C ASP B 4 6.07 19.07 3.35
N ALA B 5 5.18 18.08 3.48
CA ALA B 5 5.07 17.03 2.48
C ALA B 5 3.86 16.13 2.76
N ILE B 6 2.73 16.77 3.05
CA ILE B 6 1.50 16.03 3.35
C ILE B 6 0.52 16.11 2.17
N VAL B 7 0.91 15.53 1.05
CA VAL B 7 0.07 15.53 -0.15
C VAL B 7 0.00 14.13 -0.76
N GLY B 8 -1.09 13.88 -1.50
CA GLY B 8 -1.26 12.59 -2.14
C GLY B 8 -1.26 12.67 -3.66
N ARG B 9 -1.45 11.54 -4.32
CA ARG B 9 -1.48 11.50 -5.77
C ARG B 9 -1.89 10.12 -6.27
N ASN B 10 -2.84 10.10 -7.21
CA ASN B 10 -3.33 8.85 -7.77
C ASN B 10 -3.49 8.96 -9.28
N SER B 11 -2.63 8.26 -10.01
CA SER B 11 -2.68 8.29 -11.48
C SER B 11 -2.72 6.86 -12.04
N ALA B 12 -3.43 6.70 -13.15
CA ALA B 12 -3.56 5.40 -13.79
C ALA B 12 -3.48 5.52 -15.31
N LYS B 13 -2.49 4.86 -15.90
CA LYS B 13 -2.31 4.90 -17.35
C LYS B 13 -3.44 4.15 -18.05
N ASP B 14 -3.91 3.08 -17.44
CA ASP B 14 -4.99 2.28 -18.01
C ASP B 14 -5.57 1.33 -16.97
N ILE B 15 -6.90 1.22 -16.95
CA ILE B 15 -7.58 0.34 -16.01
C ILE B 15 -8.63 -0.52 -16.71
N ARG B 16 -8.60 -1.82 -16.44
CA ARG B 16 -9.54 -2.75 -17.04
C ARG B 16 -10.11 -3.70 -16.00
N THR B 17 -11.43 -3.75 -15.90
CA THR B 17 -12.11 -4.62 -14.95
C THR B 17 -13.23 -5.40 -15.60
N GLU B 18 -13.23 -6.72 -15.41
CA GLU B 18 -14.26 -7.57 -15.99
C GLU B 18 -14.77 -8.58 -14.96
N GLU B 19 -15.88 -9.24 -15.29
CA GLU B 19 -16.47 -10.22 -14.38
C GLU B 19 -16.92 -9.58 -13.08
N ARG B 20 -17.95 -8.75 -13.17
CA ARG B 20 -18.48 -8.07 -11.98
C ARG B 20 -17.35 -7.42 -11.18
N ALA B 21 -16.39 -6.83 -11.89
CA ALA B 21 -15.26 -6.19 -11.23
C ALA B 21 -15.53 -4.71 -11.02
N ARG B 22 -14.84 -4.12 -10.04
CA ARG B 22 -15.01 -2.70 -9.73
C ARG B 22 -13.65 -2.02 -9.54
N VAL B 23 -13.58 -0.74 -9.89
CA VAL B 23 -12.35 0.02 -9.75
C VAL B 23 -12.62 1.42 -9.21
N GLN B 24 -12.01 1.73 -8.08
CA GLN B 24 -12.19 3.05 -7.46
C GLN B 24 -10.91 3.87 -7.54
N LEU B 25 -11.03 5.10 -8.03
CA LEU B 25 -9.87 5.99 -8.16
C LEU B 25 -10.00 7.18 -7.22
N GLY B 26 -9.05 7.31 -6.30
CA GLY B 26 -9.07 8.41 -5.35
C GLY B 26 -8.88 7.95 -3.92
N ASN B 27 -8.88 8.90 -3.00
CA ASN B 27 -8.69 8.59 -1.58
C ASN B 27 -10.03 8.26 -0.92
N VAL B 28 -10.01 7.33 0.02
CA VAL B 28 -11.21 6.93 0.73
C VAL B 28 -11.09 7.19 2.23
N VAL B 29 -11.98 8.03 2.75
CA VAL B 29 -11.97 8.37 4.17
C VAL B 29 -13.19 7.80 4.88
N THR B 30 -12.96 7.08 5.97
CA THR B 30 -14.05 6.49 6.75
C THR B 30 -14.70 7.51 7.66
N ALA B 31 -15.77 7.11 8.32
CA ALA B 31 -16.50 8.00 9.23
C ALA B 31 -15.62 8.42 10.40
N ALA B 32 -14.90 7.45 10.97
CA ALA B 32 -14.03 7.71 12.10
C ALA B 32 -12.98 8.77 11.75
N ALA B 33 -12.29 8.57 10.63
CA ALA B 33 -11.27 9.51 10.19
C ALA B 33 -11.81 10.93 10.14
N LEU B 34 -11.10 11.86 10.76
CA LEU B 34 -11.52 13.26 10.78
C LEU B 34 -10.31 14.19 10.68
N HIS B 35 -9.32 13.95 11.53
CA HIS B 35 -8.10 14.76 11.54
C HIS B 35 -6.94 14.01 12.17
N GLY B 36 -5.79 14.02 11.50
CA GLY B 36 -4.63 13.33 12.02
C GLY B 36 -3.34 13.82 11.36
N GLY B 37 -2.22 13.54 12.02
CA GLY B 37 -0.93 13.97 11.48
C GLY B 37 -0.02 14.52 12.56
N ILE B 38 -0.32 15.72 13.04
CA ILE B 38 0.48 16.36 14.06
C ILE B 38 1.90 16.64 13.57
N ARG B 39 2.02 17.58 12.65
CA ARG B 39 3.32 17.93 12.08
C ARG B 39 4.00 16.72 11.48
N ILE B 40 3.82 16.53 10.17
CA ILE B 40 4.41 15.39 9.48
C ILE B 40 4.85 15.79 8.06
N SER B 41 5.47 14.85 7.36
CA SER B 41 5.94 15.10 6.00
C SER B 41 6.27 13.80 5.29
N ASP B 42 5.33 13.32 4.48
CA ASP B 42 5.51 12.07 3.74
C ASP B 42 4.74 12.09 2.44
N GLN B 43 5.26 12.81 1.45
CA GLN B 43 4.61 12.92 0.15
C GLN B 43 4.47 11.54 -0.50
N THR B 44 3.27 10.97 -0.37
CA THR B 44 3.01 9.65 -0.94
C THR B 44 2.23 9.77 -2.26
N THR B 45 2.80 9.22 -3.32
CA THR B 45 2.17 9.27 -4.64
C THR B 45 2.07 7.87 -5.24
N ASN B 46 0.85 7.50 -5.65
CA ASN B 46 0.62 6.20 -6.25
C ASN B 46 0.28 6.33 -7.73
N SER B 47 0.98 5.57 -8.57
CA SER B 47 0.75 5.61 -10.01
C SER B 47 0.86 4.20 -10.61
N VAL B 48 -0.21 3.78 -11.27
CA VAL B 48 -0.25 2.46 -11.90
C VAL B 48 -0.29 2.58 -13.41
N GLU B 49 0.41 1.67 -14.09
CA GLU B 49 0.46 1.67 -15.55
C GLU B 49 -0.79 1.00 -16.13
N THR B 50 -0.81 -0.33 -16.09
CA THR B 50 -1.94 -1.09 -16.61
C THR B 50 -2.58 -1.96 -15.53
N VAL B 51 -3.90 -1.91 -15.44
CA VAL B 51 -4.63 -2.69 -14.45
C VAL B 51 -5.54 -3.71 -15.12
N VAL B 52 -5.38 -4.98 -14.75
CA VAL B 52 -6.19 -6.05 -15.31
C VAL B 52 -6.90 -6.84 -14.22
N GLY B 53 -8.22 -6.78 -14.21
CA GLY B 53 -9.00 -7.49 -13.21
C GLY B 53 -9.86 -8.58 -13.81
N LYS B 54 -9.82 -9.76 -13.20
CA LYS B 54 -10.62 -10.89 -13.68
C LYS B 54 -11.34 -11.58 -12.53
N GLY B 55 -12.52 -12.12 -12.82
CA GLY B 55 -13.29 -12.80 -11.79
C GLY B 55 -13.46 -11.96 -10.54
N GLU B 56 -14.46 -11.08 -10.55
CA GLU B 56 -14.73 -10.21 -9.41
C GLU B 56 -13.44 -9.59 -8.89
N SER B 57 -12.81 -8.75 -9.72
CA SER B 57 -11.57 -8.09 -9.35
C SER B 57 -11.84 -6.72 -8.75
N ARG B 58 -11.02 -6.32 -7.78
CA ARG B 58 -11.17 -5.03 -7.13
C ARG B 58 -9.89 -4.20 -7.27
N VAL B 59 -10.04 -2.97 -7.74
CA VAL B 59 -8.90 -2.07 -7.92
C VAL B 59 -9.10 -0.77 -7.14
N LEU B 60 -8.15 -0.47 -6.27
CA LEU B 60 -8.21 0.75 -5.46
C LEU B 60 -6.93 1.58 -5.61
N ILE B 61 -7.06 2.74 -6.25
CA ILE B 61 -5.92 3.62 -6.45
C ILE B 61 -6.03 4.87 -5.60
N GLY B 62 -5.25 4.92 -4.52
CA GLY B 62 -5.26 6.07 -3.64
C GLY B 62 -5.05 5.68 -2.19
N ASN B 63 -4.98 6.68 -1.31
CA ASN B 63 -4.77 6.44 0.11
C ASN B 63 -6.11 6.29 0.83
N GLU B 64 -6.08 5.58 1.96
CA GLU B 64 -7.30 5.37 2.74
C GLU B 64 -7.07 5.74 4.20
N TYR B 65 -8.12 6.24 4.85
CA TYR B 65 -8.03 6.64 6.25
C TYR B 65 -9.13 5.96 7.08
N GLY B 66 -8.72 5.29 8.15
CA GLY B 66 -9.67 4.60 9.00
C GLY B 66 -9.29 3.15 9.25
N GLY B 67 -10.30 2.30 9.41
CA GLY B 67 -10.05 0.89 9.65
C GLY B 67 -10.82 0.00 8.72
N LYS B 68 -11.25 -1.16 9.22
CA LYS B 68 -12.01 -2.11 8.41
C LYS B 68 -11.17 -2.63 7.25
N GLY B 69 -10.28 -3.58 7.55
CA GLY B 69 -9.43 -4.15 6.53
C GLY B 69 -8.70 -3.08 5.73
N PHE B 70 -9.10 -2.90 4.47
CA PHE B 70 -8.47 -1.91 3.60
C PHE B 70 -9.48 -0.86 3.16
N TRP B 71 -10.53 -1.31 2.47
CA TRP B 71 -11.57 -0.41 1.99
C TRP B 71 -12.95 -1.06 2.09
N ASP B 72 -13.02 -2.16 2.83
CA ASP B 72 -14.28 -2.88 3.00
C ASP B 72 -14.82 -2.69 4.42
N ASN B 73 -15.88 -3.44 4.75
CA ASN B 73 -16.49 -3.36 6.06
C ASN B 73 -16.52 -4.73 6.73
N HIS B 74 -15.48 -5.03 7.50
CA HIS B 74 -15.39 -6.31 8.21
C HIS B 74 -15.36 -7.47 7.21
N HIS B 75 -14.16 -8.00 6.96
CA HIS B 75 -13.99 -9.11 6.04
C HIS B 75 -12.68 -9.84 6.30
N HIS B 76 -12.69 -11.16 6.08
CA HIS B 76 -11.50 -11.97 6.30
C HIS B 76 -11.06 -11.92 7.76
N HIS B 77 -11.40 -12.96 8.51
CA HIS B 77 -11.05 -13.04 9.92
C HIS B 77 -10.80 -14.48 10.34
N HIS B 78 -9.52 -14.88 10.36
CA HIS B 78 -9.15 -16.23 10.74
C HIS B 78 -7.63 -16.39 10.77
N HIS B 79 -7.18 -17.54 11.26
CA HIS B 79 -5.74 -17.82 11.34
C HIS B 79 -5.43 -19.22 10.83
N MET C 1 -2.34 12.32 -13.70
CA MET C 1 -1.66 12.63 -14.95
C MET C 1 -1.49 14.13 -15.13
N LYS C 2 -1.32 14.84 -14.02
CA LYS C 2 -1.14 16.29 -14.06
C LYS C 2 -0.11 16.73 -13.03
N ILE C 3 0.74 17.69 -13.42
CA ILE C 3 1.78 18.21 -12.54
C ILE C 3 2.71 17.09 -12.07
N ASP C 4 3.80 16.91 -12.81
CA ASP C 4 4.78 15.88 -12.48
C ASP C 4 5.43 16.17 -11.13
N ALA C 5 5.22 15.27 -10.17
CA ALA C 5 5.80 15.43 -8.84
C ALA C 5 7.15 14.73 -8.73
N ILE C 6 8.09 15.37 -8.06
CA ILE C 6 9.43 14.81 -7.88
C ILE C 6 9.45 13.80 -6.74
N VAL C 7 10.43 12.90 -6.78
CA VAL C 7 10.56 11.89 -5.74
C VAL C 7 9.26 11.12 -5.54
N GLY C 8 9.06 10.09 -6.34
CA GLY C 8 7.85 9.28 -6.24
C GLY C 8 7.77 8.53 -4.92
N ARG C 9 6.90 7.53 -4.88
CA ARG C 9 6.73 6.73 -3.67
C ARG C 9 6.19 5.34 -4.01
N ASN C 10 5.20 5.30 -4.90
CA ASN C 10 4.59 4.04 -5.31
C ASN C 10 4.31 4.03 -6.81
N SER C 11 5.07 3.21 -7.54
CA SER C 11 4.89 3.11 -8.99
C SER C 11 4.79 1.65 -9.41
N ALA C 12 3.92 1.39 -10.38
CA ALA C 12 3.73 0.04 -10.89
C ALA C 12 3.74 0.01 -12.41
N LYS C 13 4.46 -0.96 -12.98
CA LYS C 13 4.57 -1.09 -14.43
C LYS C 13 3.42 -1.94 -14.98
N ASP C 14 2.93 -2.87 -14.17
CA ASP C 14 1.84 -3.74 -14.58
C ASP C 14 1.27 -4.50 -13.38
N ILE C 15 -0.05 -4.58 -13.30
CA ILE C 15 -0.71 -5.27 -12.20
C ILE C 15 -1.89 -6.10 -12.71
N ARG C 16 -1.81 -7.41 -12.53
CA ARG C 16 -2.87 -8.31 -12.97
C ARG C 16 -3.41 -9.12 -11.80
N THR C 17 -4.68 -8.92 -11.48
CA THR C 17 -5.32 -9.64 -10.37
C THR C 17 -6.57 -10.37 -10.85
N GLU C 18 -6.64 -11.66 -10.53
CA GLU C 18 -7.78 -12.48 -10.92
C GLU C 18 -8.23 -13.38 -9.78
N GLU C 19 -9.40 -13.98 -9.92
CA GLU C 19 -9.94 -14.87 -8.90
C GLU C 19 -10.21 -14.12 -7.60
N ARG C 20 -11.28 -13.33 -7.59
CA ARG C 20 -11.65 -12.55 -6.42
C ARG C 20 -10.43 -11.86 -5.81
N ALA C 21 -9.54 -11.39 -6.67
CA ALA C 21 -8.32 -10.71 -6.22
C ALA C 21 -8.54 -9.20 -6.14
N ARG C 22 -7.73 -8.54 -5.32
CA ARG C 22 -7.83 -7.10 -5.15
C ARG C 22 -6.44 -6.46 -5.13
N VAL C 23 -6.38 -5.18 -5.48
CA VAL C 23 -5.13 -4.45 -5.51
C VAL C 23 -5.28 -3.05 -4.92
N GLN C 24 -4.23 -2.56 -4.27
CA GLN C 24 -4.25 -1.24 -3.67
C GLN C 24 -2.98 -0.47 -3.99
N LEU C 25 -3.12 0.81 -4.31
CA LEU C 25 -1.98 1.65 -4.64
C LEU C 25 -1.98 2.93 -3.78
N GLY C 26 -0.87 3.16 -3.09
CA GLY C 26 -0.77 4.34 -2.25
C GLY C 26 -0.54 4.00 -0.79
N ASN C 27 -0.40 5.02 0.04
CA ASN C 27 -0.17 4.82 1.47
C ASN C 27 -1.50 4.68 2.21
N VAL C 28 -1.46 4.04 3.38
CA VAL C 28 -2.66 3.84 4.18
C VAL C 28 -2.43 4.30 5.62
N VAL C 29 -3.41 5.03 6.17
CA VAL C 29 -3.31 5.52 7.53
C VAL C 29 -4.48 5.03 8.38
N THR C 30 -4.17 4.44 9.53
CA THR C 30 -5.18 3.91 10.43
C THR C 30 -5.74 5.01 11.33
N ALA C 31 -6.90 4.75 11.93
CA ALA C 31 -7.53 5.72 12.82
C ALA C 31 -6.64 6.02 14.03
N ALA C 32 -5.92 5.00 14.49
CA ALA C 32 -5.03 5.16 15.63
C ALA C 32 -4.02 6.26 15.39
N ALA C 33 -3.34 6.21 14.26
CA ALA C 33 -2.33 7.20 13.91
C ALA C 33 -1.17 7.19 14.90
N LEU C 34 -0.10 7.89 14.57
CA LEU C 34 1.08 7.96 15.43
C LEU C 34 0.77 8.73 16.72
N HIS C 35 0.74 8.01 17.84
CA HIS C 35 0.47 8.62 19.13
C HIS C 35 1.73 8.70 19.98
N GLY C 36 2.88 8.80 19.31
CA GLY C 36 4.14 8.88 20.02
C GLY C 36 5.32 9.04 19.08
N GLY C 37 6.02 10.17 19.19
CA GLY C 37 7.16 10.41 18.33
C GLY C 37 6.91 11.54 17.34
N ILE C 38 5.63 11.82 17.08
CA ILE C 38 5.27 12.87 16.15
C ILE C 38 5.59 12.47 14.71
N ARG C 39 6.88 12.42 14.40
CA ARG C 39 7.33 12.06 13.06
C ARG C 39 8.76 11.55 13.08
N ILE C 40 9.00 10.42 12.43
CA ILE C 40 10.33 9.83 12.38
C ILE C 40 10.88 9.85 10.96
N SER C 41 10.42 10.81 10.16
CA SER C 41 10.87 10.94 8.78
C SER C 41 10.50 9.71 7.97
N ASP C 42 10.51 9.85 6.65
CA ASP C 42 10.18 8.75 5.75
C ASP C 42 10.44 9.14 4.30
N GLN C 43 11.03 8.21 3.55
CA GLN C 43 11.34 8.45 2.14
C GLN C 43 11.58 7.14 1.41
N THR C 44 10.65 6.20 1.56
CA THR C 44 10.76 4.91 0.91
C THR C 44 10.10 4.92 -0.47
N THR C 45 10.85 4.52 -1.48
CA THR C 45 10.35 4.49 -2.85
C THR C 45 10.11 3.06 -3.32
N ASN C 46 8.85 2.68 -3.45
CA ASN C 46 8.48 1.34 -3.88
C ASN C 46 8.11 1.33 -5.36
N SER C 47 8.70 0.41 -6.11
CA SER C 47 8.43 0.29 -7.54
C SER C 47 8.38 -1.18 -7.96
N VAL C 48 7.25 -1.57 -8.56
CA VAL C 48 7.08 -2.94 -9.02
C VAL C 48 6.95 -3.00 -10.54
N GLU C 49 7.44 -4.09 -11.12
CA GLU C 49 7.38 -4.27 -12.57
C GLU C 49 6.05 -4.90 -12.99
N THR C 50 5.90 -6.19 -12.70
CA THR C 50 4.68 -6.91 -13.05
C THR C 50 4.13 -7.66 -11.84
N VAL C 51 2.80 -7.60 -11.67
CA VAL C 51 2.15 -8.28 -10.56
C VAL C 51 1.16 -9.32 -11.06
N VAL C 52 1.26 -10.53 -10.52
CA VAL C 52 0.38 -11.61 -10.91
C VAL C 52 -0.27 -12.26 -9.69
N GLY C 53 -1.60 -12.14 -9.61
CA GLY C 53 -2.32 -12.72 -8.49
C GLY C 53 -3.33 -13.76 -8.93
N LYS C 54 -3.34 -14.90 -8.25
CA LYS C 54 -4.27 -15.98 -8.57
C LYS C 54 -4.92 -16.53 -7.30
N GLY C 55 -6.16 -16.98 -7.43
CA GLY C 55 -6.88 -17.52 -6.29
C GLY C 55 -6.87 -16.59 -5.10
N GLU C 56 -7.86 -15.71 -5.03
CA GLU C 56 -7.96 -14.76 -3.93
C GLU C 56 -6.61 -14.12 -3.64
N SER C 57 -6.06 -13.43 -4.63
CA SER C 57 -4.76 -12.79 -4.48
C SER C 57 -4.93 -11.35 -3.98
N ARG C 58 -3.99 -10.91 -3.15
CA ARG C 58 -4.03 -9.56 -2.60
C ARG C 58 -2.75 -8.80 -2.91
N VAL C 59 -2.88 -7.61 -3.46
CA VAL C 59 -1.74 -6.78 -3.81
C VAL C 59 -1.82 -5.41 -3.13
N LEU C 60 -0.79 -5.07 -2.38
CA LEU C 60 -0.74 -3.79 -1.68
C LEU C 60 0.54 -3.04 -2.00
N ILE C 61 0.42 -1.93 -2.73
CA ILE C 61 1.57 -1.13 -3.09
C ILE C 61 1.60 0.18 -2.33
N GLY C 62 2.48 0.27 -1.33
CA GLY C 62 2.59 1.47 -0.53
C GLY C 62 3.02 1.19 0.89
N ASN C 63 2.84 2.16 1.77
CA ASN C 63 3.21 2.01 3.17
C ASN C 63 2.01 2.24 4.08
N GLU C 64 2.06 1.67 5.28
CA GLU C 64 0.98 1.80 6.25
C GLU C 64 1.46 2.48 7.53
N TYR C 65 0.59 3.26 8.15
CA TYR C 65 0.93 3.96 9.37
C TYR C 65 -0.13 3.72 10.45
N GLY C 66 0.33 3.44 11.66
CA GLY C 66 -0.59 3.21 12.77
C GLY C 66 -0.96 1.74 12.90
N GLY C 67 -1.21 1.30 14.13
CA GLY C 67 -1.58 -0.08 14.37
C GLY C 67 -0.60 -1.05 13.75
N LYS C 68 -1.02 -2.30 13.58
CA LYS C 68 -0.17 -3.33 12.98
C LYS C 68 -0.93 -4.10 11.90
N GLY C 69 -0.33 -5.19 11.44
CA GLY C 69 -0.96 -6.00 10.41
C GLY C 69 -0.74 -5.43 9.01
N PHE C 70 -0.48 -6.32 8.06
CA PHE C 70 -0.24 -5.90 6.68
C PHE C 70 -1.29 -4.87 6.24
N TRP C 71 -2.53 -5.09 6.65
CA TRP C 71 -3.62 -4.20 6.29
C TRP C 71 -4.95 -4.68 6.88
N ASP C 72 -5.06 -6.00 7.05
CA ASP C 72 -6.27 -6.59 7.60
C ASP C 72 -6.04 -7.09 9.03
N ASN C 73 -6.99 -7.84 9.55
CA ASN C 73 -6.89 -8.37 10.91
C ASN C 73 -6.86 -7.25 11.93
N HIS C 74 -7.97 -7.08 12.65
CA HIS C 74 -8.07 -6.04 13.67
C HIS C 74 -8.23 -6.65 15.06
N HIS C 75 -8.49 -5.80 16.05
CA HIS C 75 -8.68 -6.26 17.42
C HIS C 75 -10.03 -6.94 17.60
N HIS C 76 -10.02 -8.11 18.23
CA HIS C 76 -11.26 -8.85 18.46
C HIS C 76 -11.50 -9.04 19.96
N HIS C 77 -12.56 -9.77 20.29
CA HIS C 77 -12.90 -10.03 21.69
C HIS C 77 -13.38 -11.47 21.88
N HIS C 78 -13.76 -11.80 23.10
CA HIS C 78 -14.23 -13.15 23.41
C HIS C 78 -15.73 -13.17 23.63
N HIS C 79 -16.25 -14.29 24.12
CA HIS C 79 -17.68 -14.43 24.37
C HIS C 79 -18.47 -14.34 23.07
N MET D 1 3.74 8.31 -16.70
CA MET D 1 4.75 9.29 -17.08
C MET D 1 5.97 9.19 -16.18
N LYS D 2 6.89 10.14 -16.34
CA LYS D 2 8.11 10.16 -15.53
C LYS D 2 7.78 10.08 -14.05
N ILE D 3 8.78 9.70 -13.25
CA ILE D 3 8.60 9.59 -11.81
C ILE D 3 9.78 10.17 -11.05
N ASP D 4 10.91 9.47 -11.12
CA ASP D 4 12.13 9.93 -10.44
C ASP D 4 13.31 9.04 -10.80
N ALA D 5 14.42 9.22 -10.08
CA ALA D 5 15.62 8.43 -10.32
C ALA D 5 15.57 7.11 -9.58
N ILE D 6 16.69 6.40 -9.55
CA ILE D 6 16.77 5.12 -8.88
C ILE D 6 17.96 5.06 -7.92
N VAL D 7 17.66 4.90 -6.63
CA VAL D 7 18.70 4.83 -5.61
C VAL D 7 18.33 3.86 -4.50
N GLY D 8 18.24 2.58 -4.85
CA GLY D 8 17.90 1.57 -3.87
C GLY D 8 16.40 1.50 -3.60
N ARG D 9 16.02 1.61 -2.34
CA ARG D 9 14.62 1.56 -1.96
C ARG D 9 14.01 0.20 -2.30
N ASN D 10 12.68 0.12 -2.23
CA ASN D 10 11.98 -1.12 -2.53
C ASN D 10 11.77 -1.28 -4.03
N SER D 11 12.38 -2.31 -4.60
CA SER D 11 12.27 -2.57 -6.04
C SER D 11 11.96 -4.04 -6.29
N ALA D 12 11.05 -4.28 -7.24
CA ALA D 12 10.66 -5.64 -7.58
C ALA D 12 10.54 -5.81 -9.10
N LYS D 13 11.33 -6.71 -9.66
CA LYS D 13 11.30 -6.96 -11.10
C LYS D 13 10.08 -7.80 -11.48
N ASP D 14 9.61 -8.61 -10.53
CA ASP D 14 8.44 -9.46 -10.77
C ASP D 14 7.92 -10.03 -9.46
N ILE D 15 6.60 -10.03 -9.31
CA ILE D 15 5.97 -10.55 -8.11
C ILE D 15 4.71 -11.34 -8.44
N ARG D 16 4.72 -12.63 -8.13
CA ARG D 16 3.58 -13.50 -8.39
C ARG D 16 3.14 -14.22 -7.12
N THR D 17 1.85 -14.15 -6.82
CA THR D 17 1.31 -14.80 -5.64
C THR D 17 0.01 -15.52 -5.96
N GLU D 18 -0.07 -16.80 -5.57
CA GLU D 18 -1.26 -17.61 -5.82
C GLU D 18 -1.67 -18.37 -4.57
N GLU D 19 -2.87 -18.93 -4.59
CA GLU D 19 -3.39 -19.68 -3.46
C GLU D 19 -3.56 -18.78 -2.23
N ARG D 20 -4.57 -17.92 -2.28
CA ARG D 20 -4.84 -17.01 -1.18
C ARG D 20 -3.55 -16.36 -0.68
N ALA D 21 -2.74 -15.87 -1.62
CA ALA D 21 -1.48 -15.23 -1.28
C ALA D 21 -1.63 -13.71 -1.25
N ARG D 22 -0.75 -13.04 -0.51
CA ARG D 22 -0.79 -11.59 -0.40
C ARG D 22 0.62 -11.01 -0.51
N VAL D 23 0.72 -9.84 -1.15
CA VAL D 23 2.00 -9.17 -1.32
C VAL D 23 1.93 -7.72 -0.86
N GLN D 24 3.00 -7.27 -0.20
CA GLN D 24 3.06 -5.89 0.29
C GLN D 24 4.40 -5.24 -0.06
N LEU D 25 4.33 -4.14 -0.78
CA LEU D 25 5.55 -3.42 -1.19
C LEU D 25 5.64 -2.08 -0.48
N GLY D 26 6.71 -1.90 0.30
CA GLY D 26 6.89 -0.66 1.01
C GLY D 26 7.20 -0.87 2.49
N ASN D 27 7.55 0.21 3.18
CA ASN D 27 7.87 0.13 4.60
C ASN D 27 6.61 0.22 5.45
N VAL D 28 6.59 -0.53 6.56
CA VAL D 28 5.44 -0.52 7.45
C VAL D 28 5.78 0.15 8.78
N VAL D 29 4.95 1.10 9.19
CA VAL D 29 5.17 1.81 10.44
C VAL D 29 3.97 1.67 11.37
N THR D 30 4.24 1.27 12.61
CA THR D 30 3.18 1.10 13.60
C THR D 30 2.86 2.41 14.31
N ALA D 31 1.83 2.39 15.15
CA ALA D 31 1.42 3.58 15.88
C ALA D 31 2.56 4.09 16.76
N ALA D 32 3.22 3.17 17.46
CA ALA D 32 4.32 3.53 18.34
C ALA D 32 5.44 4.21 17.57
N ALA D 33 5.88 3.57 16.49
CA ALA D 33 6.95 4.11 15.66
C ALA D 33 8.17 4.46 16.50
N LEU D 34 9.12 5.16 15.89
CA LEU D 34 10.35 5.55 16.58
C LEU D 34 10.18 6.93 17.22
N HIS D 35 11.29 7.49 17.70
CA HIS D 35 11.28 8.79 18.34
C HIS D 35 12.57 9.55 18.05
N GLY D 36 12.50 10.52 17.15
CA GLY D 36 13.68 11.29 16.81
C GLY D 36 14.17 11.02 15.40
N GLY D 37 14.98 11.94 14.87
CA GLY D 37 15.50 11.77 13.52
C GLY D 37 14.76 12.62 12.51
N ILE D 38 15.44 13.63 11.97
CA ILE D 38 14.83 14.52 10.99
C ILE D 38 15.64 14.52 9.69
N ARG D 39 16.95 14.39 9.81
CA ARG D 39 17.83 14.38 8.66
C ARG D 39 17.78 13.02 7.94
N ILE D 40 18.39 12.95 6.76
CA ILE D 40 18.41 11.72 5.99
C ILE D 40 19.11 10.60 6.76
N SER D 41 18.57 9.39 6.65
CA SER D 41 19.14 8.23 7.33
C SER D 41 18.61 6.94 6.74
N ASP D 42 18.90 5.83 7.42
CA ASP D 42 18.45 4.52 6.96
C ASP D 42 19.05 4.17 5.60
N GLN D 43 20.04 3.28 5.60
CA GLN D 43 20.70 2.86 4.37
C GLN D 43 20.25 1.47 3.95
N THR D 44 19.03 1.10 4.35
CA THR D 44 18.48 -0.21 4.02
C THR D 44 17.84 -0.20 2.65
N THR D 45 18.19 -1.18 1.81
CA THR D 45 17.65 -1.28 0.46
C THR D 45 17.23 -2.71 0.15
N ASN D 46 15.98 -2.88 -0.24
CA ASN D 46 15.46 -4.20 -0.58
C ASN D 46 15.05 -4.28 -2.05
N SER D 47 15.66 -5.22 -2.77
CA SER D 47 15.37 -5.40 -4.19
C SER D 47 15.35 -6.88 -4.56
N VAL D 48 14.23 -7.33 -5.13
CA VAL D 48 14.09 -8.71 -5.54
C VAL D 48 13.76 -8.83 -7.02
N GLU D 49 14.38 -9.78 -7.68
CA GLU D 49 14.16 -10.00 -9.12
C GLU D 49 12.78 -10.60 -9.37
N THR D 50 12.62 -11.86 -9.02
CA THR D 50 11.35 -12.56 -9.20
C THR D 50 10.85 -13.15 -7.89
N VAL D 51 9.56 -12.98 -7.62
CA VAL D 51 8.96 -13.49 -6.40
C VAL D 51 7.86 -14.50 -6.71
N VAL D 52 7.91 -15.66 -6.07
CA VAL D 52 6.91 -16.70 -6.28
C VAL D 52 6.31 -17.17 -4.96
N GLY D 53 4.99 -17.03 -4.83
CA GLY D 53 4.32 -17.43 -3.62
C GLY D 53 3.26 -18.49 -3.86
N LYS D 54 3.28 -19.54 -3.05
CA LYS D 54 2.31 -20.63 -3.18
C LYS D 54 1.75 -21.03 -1.83
N GLY D 55 0.49 -21.48 -1.82
CA GLY D 55 -0.15 -21.88 -0.59
C GLY D 55 -0.06 -20.81 0.48
N GLU D 56 -1.02 -19.91 0.49
CA GLU D 56 -1.05 -18.82 1.46
C GLU D 56 0.34 -18.22 1.65
N SER D 57 0.93 -17.76 0.56
CA SER D 57 2.26 -17.16 0.60
C SER D 57 2.18 -15.68 0.93
N ARG D 58 3.18 -15.19 1.67
CA ARG D 58 3.22 -13.78 2.06
C ARG D 58 4.52 -13.14 1.61
N VAL D 59 4.41 -12.01 0.91
CA VAL D 59 5.58 -11.29 0.43
C VAL D 59 5.65 -9.88 1.00
N LEU D 60 6.75 -9.57 1.67
CA LEU D 60 6.93 -8.25 2.27
C LEU D 60 8.26 -7.64 1.85
N ILE D 61 8.20 -6.55 1.07
CA ILE D 61 9.39 -5.88 0.60
C ILE D 61 9.53 -4.50 1.23
N GLY D 62 10.43 -4.38 2.19
CA GLY D 62 10.65 -3.10 2.86
C GLY D 62 10.96 -3.27 4.34
N ASN D 63 11.25 -2.16 5.01
CA ASN D 63 11.58 -2.18 6.43
C ASN D 63 10.32 -2.03 7.28
N GLU D 64 10.39 -2.51 8.51
CA GLU D 64 9.26 -2.43 9.42
C GLU D 64 9.65 -1.73 10.73
N TYR D 65 8.82 -0.80 11.17
CA TYR D 65 9.09 -0.06 12.40
C TYR D 65 7.92 -0.19 13.37
N GLY D 66 8.21 -0.63 14.60
CA GLY D 66 7.18 -0.78 15.59
C GLY D 66 7.67 -1.53 16.82
N GLY D 67 6.75 -2.21 17.50
CA GLY D 67 7.10 -2.97 18.69
C GLY D 67 7.74 -4.30 18.35
N LYS D 68 8.84 -4.25 17.61
CA LYS D 68 9.55 -5.47 17.22
C LYS D 68 8.62 -6.45 16.52
N GLY D 69 9.12 -7.64 16.23
CA GLY D 69 8.31 -8.65 15.58
C GLY D 69 7.93 -8.27 14.16
N PHE D 70 7.88 -9.26 13.28
CA PHE D 70 7.54 -9.02 11.89
C PHE D 70 6.14 -8.39 11.77
N TRP D 71 5.67 -8.27 10.54
CA TRP D 71 4.35 -7.69 10.29
C TRP D 71 3.28 -8.34 11.17
N ASP D 72 2.16 -7.67 11.33
CA ASP D 72 1.07 -8.18 12.14
C ASP D 72 1.56 -8.60 13.52
N ASN D 73 1.59 -7.65 14.45
CA ASN D 73 2.05 -7.93 15.81
C ASN D 73 1.26 -9.06 16.43
N HIS D 74 1.92 -10.20 16.65
CA HIS D 74 1.29 -11.36 17.24
C HIS D 74 1.50 -11.40 18.75
N HIS D 75 2.73 -11.11 19.17
CA HIS D 75 3.08 -11.11 20.58
C HIS D 75 2.16 -10.16 21.37
N HIS D 76 1.50 -10.70 22.38
CA HIS D 76 0.60 -9.90 23.21
C HIS D 76 0.89 -10.10 24.69
N HIS D 77 0.48 -9.15 25.51
CA HIS D 77 0.70 -9.22 26.95
C HIS D 77 -0.60 -8.97 27.71
N HIS D 78 -0.58 -9.22 29.02
CA HIS D 78 -1.75 -9.02 29.86
C HIS D 78 -2.89 -9.95 29.44
N HIS D 79 -3.90 -10.07 30.29
CA HIS D 79 -5.04 -10.92 30.00
C HIS D 79 -6.17 -10.65 30.98
N MET E 1 9.57 -0.20 -20.02
CA MET E 1 10.57 0.10 -19.01
C MET E 1 10.87 -1.14 -18.17
N LYS E 2 12.14 -1.35 -17.85
CA LYS E 2 12.55 -2.49 -17.05
C LYS E 2 13.76 -2.14 -16.18
N ILE E 3 13.56 -2.17 -14.87
CA ILE E 3 14.63 -1.86 -13.93
C ILE E 3 14.74 -2.92 -12.83
N ASP E 4 15.89 -3.59 -12.78
CA ASP E 4 16.12 -4.62 -11.78
C ASP E 4 16.66 -4.03 -10.50
N ALA E 5 17.94 -3.65 -10.52
CA ALA E 5 18.58 -3.06 -9.35
C ALA E 5 20.02 -2.68 -9.66
N ILE E 6 20.65 -1.95 -8.74
CA ILE E 6 22.02 -1.51 -8.91
C ILE E 6 22.89 -1.90 -7.70
N VAL E 7 22.66 -1.23 -6.58
CA VAL E 7 23.40 -1.52 -5.36
C VAL E 7 22.56 -1.23 -4.12
N GLY E 8 22.91 -1.88 -3.01
CA GLY E 8 22.18 -1.68 -1.78
C GLY E 8 22.64 -2.60 -0.67
N ARG E 9 21.69 -3.27 -0.03
CA ARG E 9 22.02 -4.19 1.06
C ARG E 9 21.31 -5.53 0.86
N ASN E 10 19.97 -5.49 0.81
CA ASN E 10 19.19 -6.70 0.63
C ASN E 10 18.83 -6.91 -0.84
N SER E 11 19.43 -7.92 -1.46
CA SER E 11 19.19 -8.22 -2.87
C SER E 11 18.96 -9.71 -3.07
N ALA E 12 17.97 -10.05 -3.89
CA ALA E 12 17.66 -11.44 -4.18
C ALA E 12 17.33 -11.64 -5.66
N LYS E 13 18.05 -12.55 -6.30
CA LYS E 13 17.83 -12.84 -7.71
C LYS E 13 16.54 -13.62 -7.92
N ASP E 14 16.12 -14.35 -6.90
CA ASP E 14 14.89 -15.13 -6.96
C ASP E 14 14.48 -15.62 -5.58
N ILE E 15 13.18 -15.53 -5.29
CA ILE E 15 12.66 -15.96 -4.00
C ILE E 15 11.35 -16.72 -4.16
N ARG E 16 11.27 -17.90 -3.55
CA ARG E 16 10.07 -18.73 -3.63
C ARG E 16 9.69 -19.26 -2.25
N THR E 17 8.41 -19.11 -1.90
CA THR E 17 7.92 -19.58 -0.62
C THR E 17 6.59 -20.31 -0.77
N GLU E 18 6.52 -21.52 -0.21
CA GLU E 18 5.31 -22.33 -0.28
C GLU E 18 4.94 -22.88 1.09
N GLU E 19 3.72 -23.39 1.21
CA GLU E 19 3.25 -23.95 2.47
C GLU E 19 3.15 -22.88 3.54
N ARG E 20 2.19 -21.97 3.38
CA ARG E 20 2.00 -20.89 4.34
C ARG E 20 3.34 -20.22 4.68
N ALA E 21 4.22 -20.14 3.69
CA ALA E 21 5.52 -19.52 3.88
C ALA E 21 5.47 -18.02 3.60
N ARG E 22 6.41 -17.28 4.18
CA ARG E 22 6.47 -15.83 3.99
C ARG E 22 7.91 -15.36 3.86
N VAL E 23 8.09 -14.19 3.27
CA VAL E 23 9.43 -13.63 3.09
C VAL E 23 9.44 -12.13 3.39
N GLN E 24 10.53 -11.66 3.99
CA GLN E 24 10.66 -10.24 4.33
C GLN E 24 12.02 -9.71 3.90
N LEU E 25 12.00 -8.63 3.13
CA LEU E 25 13.23 -8.01 2.64
C LEU E 25 13.44 -6.64 3.28
N GLY E 26 14.54 -6.50 4.01
CA GLY E 26 14.84 -5.24 4.67
C GLY E 26 15.21 -5.41 6.12
N ASN E 27 15.38 -4.30 6.83
CA ASN E 27 15.75 -4.33 8.24
C ASN E 27 14.54 -4.00 9.11
N VAL E 28 14.56 -4.48 10.35
CA VAL E 28 13.47 -4.22 11.29
C VAL E 28 13.96 -3.40 12.48
N VAL E 29 13.29 -2.28 12.73
CA VAL E 29 13.65 -1.40 13.83
C VAL E 29 12.56 -1.38 14.90
N THR E 30 12.95 -1.60 16.14
CA THR E 30 12.01 -1.61 17.25
C THR E 30 11.76 -0.20 17.78
N ALA E 31 10.69 -0.04 18.55
CA ALA E 31 10.35 1.26 19.12
C ALA E 31 11.50 1.80 19.97
N ALA E 32 12.21 0.91 20.64
CA ALA E 32 13.34 1.30 21.47
C ALA E 32 14.38 2.09 20.67
N ALA E 33 14.81 1.51 19.55
CA ALA E 33 15.80 2.14 18.70
C ALA E 33 17.16 2.18 19.38
N LEU E 34 17.33 3.11 20.31
CA LEU E 34 18.59 3.25 21.04
C LEU E 34 19.76 3.36 20.06
N HIS E 35 20.00 4.57 19.56
CA HIS E 35 21.08 4.80 18.62
C HIS E 35 20.98 3.88 17.41
N GLY E 36 19.91 4.05 16.63
CA GLY E 36 19.71 3.23 15.45
C GLY E 36 20.70 3.55 14.35
N GLY E 37 20.87 4.83 14.06
CA GLY E 37 21.79 5.24 13.02
C GLY E 37 21.56 6.68 12.57
N ILE E 38 22.38 7.15 11.65
CA ILE E 38 22.25 8.51 11.14
C ILE E 38 22.49 8.55 9.63
N ARG E 39 23.50 7.82 9.17
CA ARG E 39 23.83 7.76 7.75
C ARG E 39 24.96 6.77 7.48
N ILE E 40 24.59 5.60 6.96
CA ILE E 40 25.56 4.56 6.66
C ILE E 40 26.37 4.19 7.89
N SER E 41 25.92 3.17 8.62
CA SER E 41 26.60 2.73 9.82
C SER E 41 27.47 1.51 9.54
N ASP E 42 26.84 0.37 9.28
CA ASP E 42 27.55 -0.86 8.98
C ASP E 42 27.51 -1.17 7.49
N GLN E 43 28.49 -1.92 7.02
CA GLN E 43 28.57 -2.29 5.61
C GLN E 43 27.96 -3.65 5.37
N THR E 44 27.05 -4.06 6.24
CA THR E 44 26.38 -5.35 6.13
C THR E 44 25.53 -5.43 4.88
N THR E 45 25.82 -6.39 4.02
CA THR E 45 25.08 -6.58 2.78
C THR E 45 24.71 -8.03 2.57
N ASN E 46 23.43 -8.29 2.32
CA ASN E 46 22.94 -9.65 2.10
C ASN E 46 22.47 -9.83 0.66
N SER E 47 23.10 -10.75 -0.05
CA SER E 47 22.75 -11.02 -1.44
C SER E 47 22.61 -12.52 -1.69
N VAL E 48 21.47 -12.94 -2.21
CA VAL E 48 21.21 -14.34 -2.50
C VAL E 48 20.73 -14.53 -3.94
N GLU E 49 21.11 -15.66 -4.53
CA GLU E 49 20.71 -15.96 -5.91
C GLU E 49 19.27 -16.47 -5.96
N THR E 50 19.03 -17.62 -5.35
CA THR E 50 17.70 -18.22 -5.33
C THR E 50 17.36 -18.75 -3.94
N VAL E 51 16.12 -18.52 -3.51
CA VAL E 51 15.66 -18.97 -2.20
C VAL E 51 14.39 -19.79 -2.32
N VAL E 52 14.37 -20.96 -1.69
CA VAL E 52 13.21 -21.84 -1.73
C VAL E 52 12.80 -22.25 -0.31
N GLY E 53 11.54 -21.99 0.03
CA GLY E 53 11.05 -22.34 1.34
C GLY E 53 9.94 -23.38 1.29
N LYS E 54 9.98 -24.34 2.21
CA LYS E 54 8.97 -25.39 2.26
C LYS E 54 8.46 -25.59 3.69
N GLY E 55 7.20 -25.98 3.81
CA GLY E 55 6.60 -26.20 5.11
C GLY E 55 6.79 -25.01 6.04
N GLU E 56 5.84 -24.08 5.98
CA GLU E 56 5.89 -22.89 6.82
C GLU E 56 7.31 -22.32 6.86
N SER E 57 7.86 -22.01 5.70
CA SER E 57 9.20 -21.47 5.60
C SER E 57 9.20 -19.96 5.81
N ARG E 58 10.25 -19.46 6.45
CA ARG E 58 10.37 -18.03 6.72
C ARG E 58 11.69 -17.48 6.18
N VAL E 59 11.61 -16.42 5.40
CA VAL E 59 12.80 -15.79 4.83
C VAL E 59 12.98 -14.37 5.34
N LEU E 60 14.13 -14.09 5.94
CA LEU E 60 14.42 -12.76 6.46
C LEU E 60 15.76 -12.25 5.96
N ILE E 61 15.72 -11.23 5.11
CA ILE E 61 16.94 -10.65 4.56
C ILE E 61 17.17 -9.24 5.10
N GLY E 62 18.12 -9.11 6.01
CA GLY E 62 18.43 -7.81 6.59
C GLY E 62 18.89 -7.91 8.03
N ASN E 63 18.89 -6.78 8.73
CA ASN E 63 19.32 -6.74 10.12
C ASN E 63 18.16 -6.32 11.03
N GLU E 64 18.25 -6.71 12.30
CA GLU E 64 17.21 -6.38 13.26
C GLU E 64 17.77 -5.52 14.39
N TYR E 65 17.23 -4.31 14.52
CA TYR E 65 17.69 -3.39 15.56
C TYR E 65 16.65 -3.27 16.67
N GLY E 66 17.09 -3.50 17.91
CA GLY E 66 16.20 -3.42 19.04
C GLY E 66 15.82 -4.78 19.59
N GLY E 67 15.68 -5.75 18.69
CA GLY E 67 15.31 -7.10 19.11
C GLY E 67 16.39 -7.76 19.93
N LYS E 68 16.45 -9.09 19.88
CA LYS E 68 17.44 -9.84 20.62
C LYS E 68 18.23 -10.77 19.70
N GLY E 69 17.52 -11.66 19.01
CA GLY E 69 18.17 -12.58 18.10
C GLY E 69 17.27 -13.02 16.98
N PHE E 70 16.01 -13.27 17.30
CA PHE E 70 15.02 -13.72 16.30
C PHE E 70 13.96 -12.64 16.09
N TRP E 71 13.14 -12.84 15.07
CA TRP E 71 12.07 -11.90 14.74
C TRP E 71 10.76 -12.33 15.37
N ASP E 72 10.84 -13.10 16.46
CA ASP E 72 9.66 -13.58 17.15
C ASP E 72 10.03 -14.32 18.43
N ASN E 73 10.89 -13.70 19.23
CA ASN E 73 11.33 -14.30 20.48
C ASN E 73 11.44 -13.25 21.59
N HIS E 74 10.77 -13.50 22.70
CA HIS E 74 10.79 -12.59 23.84
C HIS E 74 10.17 -11.25 23.45
N HIS E 75 10.24 -10.28 24.37
CA HIS E 75 9.68 -8.95 24.12
C HIS E 75 10.07 -7.98 25.23
N HIS E 76 10.09 -8.48 26.46
CA HIS E 76 10.46 -7.66 27.62
C HIS E 76 9.48 -6.51 27.79
N HIS E 77 8.35 -6.78 28.43
CA HIS E 77 7.33 -5.76 28.66
C HIS E 77 7.28 -5.37 30.14
N HIS E 78 6.86 -4.14 30.40
CA HIS E 78 6.75 -3.64 31.77
C HIS E 78 5.88 -4.56 32.62
N HIS E 79 6.47 -5.13 33.66
CA HIS E 79 5.74 -6.03 34.55
C HIS E 79 5.99 -5.66 36.01
N MET A 1 -15.38 25.88 -21.87
CA MET A 1 -15.42 27.32 -22.09
C MET A 1 -16.70 27.91 -21.51
N LYS A 2 -17.04 27.54 -20.28
CA LYS A 2 -18.23 28.04 -19.62
C LYS A 2 -18.35 27.47 -18.21
N ILE A 3 -19.51 27.68 -17.59
CA ILE A 3 -19.76 27.18 -16.24
C ILE A 3 -20.95 26.25 -16.22
N ASP A 4 -20.79 25.10 -15.56
CA ASP A 4 -21.86 24.12 -15.45
C ASP A 4 -21.56 23.11 -14.35
N ALA A 5 -20.80 23.53 -13.35
CA ALA A 5 -20.44 22.66 -12.24
C ALA A 5 -19.61 23.41 -11.21
N ILE A 6 -19.44 22.80 -10.03
CA ILE A 6 -18.65 23.41 -8.96
C ILE A 6 -17.20 23.59 -9.38
N VAL A 7 -16.55 22.48 -9.73
CA VAL A 7 -15.15 22.51 -10.15
C VAL A 7 -14.85 21.40 -11.15
N GLY A 8 -14.80 20.17 -10.66
CA GLY A 8 -14.53 19.04 -11.54
C GLY A 8 -13.11 19.05 -12.07
N ARG A 9 -12.38 17.98 -11.82
CA ARG A 9 -10.99 17.88 -12.28
C ARG A 9 -10.67 16.45 -12.71
N ASN A 10 -11.39 15.97 -13.71
CA ASN A 10 -11.18 14.61 -14.21
C ASN A 10 -11.34 14.56 -15.74
N SER A 11 -10.42 13.87 -16.39
CA SER A 11 -10.45 13.75 -17.85
C SER A 11 -10.55 12.29 -18.27
N ALA A 12 -11.40 12.02 -19.27
CA ALA A 12 -11.58 10.66 -19.77
C ALA A 12 -11.40 10.60 -21.28
N LYS A 13 -10.43 9.82 -21.73
CA LYS A 13 -10.15 9.68 -23.15
C LYS A 13 -11.13 8.70 -23.80
N ASP A 14 -11.53 7.68 -23.05
CA ASP A 14 -12.46 6.69 -23.54
C ASP A 14 -12.97 5.80 -22.41
N ILE A 15 -14.28 5.60 -22.36
CA ILE A 15 -14.89 4.77 -21.32
C ILE A 15 -16.03 3.94 -21.88
N ARG A 16 -16.06 2.66 -21.54
CA ARG A 16 -17.09 1.75 -22.01
C ARG A 16 -17.64 0.91 -20.86
N THR A 17 -18.97 0.91 -20.71
CA THR A 17 -19.61 0.15 -19.65
C THR A 17 -20.82 -0.62 -20.18
N GLU A 18 -21.02 -1.83 -19.70
CA GLU A 18 -22.14 -2.66 -20.12
C GLU A 18 -22.60 -3.58 -19.00
N GLU A 19 -23.88 -3.92 -19.00
CA GLU A 19 -24.45 -4.79 -17.98
C GLU A 19 -24.39 -4.13 -16.61
N ARG A 20 -25.45 -3.42 -16.25
CA ARG A 20 -25.51 -2.74 -14.97
C ARG A 20 -24.17 -2.12 -14.61
N ALA A 21 -23.51 -1.53 -15.60
CA ALA A 21 -22.21 -0.91 -15.40
C ALA A 21 -22.34 0.62 -15.32
N ARG A 22 -21.60 1.22 -14.41
CA ARG A 22 -21.63 2.67 -14.23
C ARG A 22 -20.22 3.23 -14.05
N VAL A 23 -20.07 4.52 -14.32
CA VAL A 23 -18.77 5.18 -14.18
C VAL A 23 -18.93 6.60 -13.65
N GLN A 24 -18.09 6.96 -12.68
CA GLN A 24 -18.14 8.29 -12.08
C GLN A 24 -16.91 9.10 -12.46
N LEU A 25 -17.14 10.35 -12.86
CA LEU A 25 -16.05 11.23 -13.26
C LEU A 25 -16.16 12.59 -12.56
N GLY A 26 -15.14 12.92 -11.77
CA GLY A 26 -15.14 14.18 -11.05
C GLY A 26 -14.79 14.01 -9.58
N ASN A 27 -15.71 14.43 -8.70
CA ASN A 27 -15.49 14.32 -7.27
C ASN A 27 -16.79 14.02 -6.55
N VAL A 28 -16.76 12.99 -5.70
CA VAL A 28 -17.94 12.58 -4.94
C VAL A 28 -17.72 12.76 -3.44
N VAL A 29 -18.58 13.53 -2.80
CA VAL A 29 -18.47 13.78 -1.36
C VAL A 29 -19.76 13.35 -0.65
N THR A 30 -19.60 12.56 0.41
CA THR A 30 -20.73 12.08 1.18
C THR A 30 -21.37 13.22 1.98
N ALA A 31 -22.60 12.99 2.44
CA ALA A 31 -23.32 14.00 3.21
C ALA A 31 -22.60 14.30 4.52
N ALA A 32 -21.97 13.27 5.10
CA ALA A 32 -21.25 13.42 6.35
C ALA A 32 -20.18 14.50 6.24
N ALA A 33 -19.55 14.59 5.06
CA ALA A 33 -18.51 15.59 4.84
C ALA A 33 -18.99 16.98 5.22
N LEU A 34 -18.50 17.48 6.36
CA LEU A 34 -18.87 18.80 6.84
C LEU A 34 -20.38 18.91 7.01
N HIS A 35 -20.84 20.08 7.43
CA HIS A 35 -22.27 20.32 7.64
C HIS A 35 -22.70 21.64 7.00
N GLY A 36 -22.09 22.73 7.45
CA GLY A 36 -22.42 24.04 6.92
C GLY A 36 -21.19 24.84 6.54
N GLY A 37 -21.03 25.08 5.24
CA GLY A 37 -19.88 25.83 4.76
C GLY A 37 -18.81 24.95 4.18
N ILE A 38 -19.17 24.19 3.14
CA ILE A 38 -18.23 23.29 2.48
C ILE A 38 -17.52 23.99 1.34
N ARG A 39 -16.23 23.69 1.18
CA ARG A 39 -15.43 24.29 0.12
C ARG A 39 -14.56 23.24 -0.57
N ILE A 40 -14.79 23.04 -1.87
CA ILE A 40 -14.04 22.07 -2.64
C ILE A 40 -12.54 22.29 -2.47
N SER A 41 -11.78 21.18 -2.49
CA SER A 41 -10.33 21.25 -2.34
C SER A 41 -9.63 20.82 -3.62
N ASP A 42 -9.79 21.61 -4.68
CA ASP A 42 -9.18 21.30 -5.97
C ASP A 42 -7.67 21.11 -5.81
N GLN A 43 -7.16 19.98 -6.30
CA GLN A 43 -5.75 19.68 -6.22
C GLN A 43 -5.43 18.34 -6.87
N THR A 44 -6.35 17.38 -6.72
CA THR A 44 -6.17 16.05 -7.29
C THR A 44 -6.95 15.91 -8.59
N THR A 45 -6.27 15.46 -9.64
CA THR A 45 -6.90 15.27 -10.94
C THR A 45 -6.56 13.92 -11.53
N ASN A 46 -7.59 13.15 -11.88
CA ASN A 46 -7.40 11.82 -12.45
C ASN A 46 -7.69 11.84 -13.95
N SER A 47 -6.91 11.06 -14.71
CA SER A 47 -7.10 10.98 -16.16
C SER A 47 -7.02 9.54 -16.63
N VAL A 48 -8.08 9.09 -17.31
CA VAL A 48 -8.14 7.73 -17.83
C VAL A 48 -8.06 7.71 -19.36
N GLU A 49 -7.44 6.67 -19.90
CA GLU A 49 -7.29 6.54 -21.34
C GLU A 49 -8.44 5.72 -21.93
N THR A 50 -8.51 4.45 -21.55
CA THR A 50 -9.56 3.57 -22.03
C THR A 50 -10.09 2.68 -20.91
N VAL A 51 -11.41 2.66 -20.75
CA VAL A 51 -12.05 1.85 -19.72
C VAL A 51 -12.99 0.83 -20.33
N VAL A 52 -12.87 -0.41 -19.88
CA VAL A 52 -13.72 -1.50 -20.38
C VAL A 52 -14.38 -2.26 -19.23
N GLY A 53 -15.71 -2.17 -19.17
CA GLY A 53 -16.44 -2.86 -18.12
C GLY A 53 -17.38 -3.92 -18.66
N LYS A 54 -17.35 -5.09 -18.05
CA LYS A 54 -18.20 -6.19 -18.48
C LYS A 54 -18.89 -6.85 -17.28
N GLY A 55 -20.15 -7.24 -17.47
CA GLY A 55 -20.90 -7.87 -16.40
C GLY A 55 -20.80 -7.10 -15.09
N GLU A 56 -21.68 -6.12 -14.92
CA GLU A 56 -21.69 -5.31 -13.71
C GLU A 56 -20.29 -4.76 -13.42
N SER A 57 -19.94 -3.66 -14.09
CA SER A 57 -18.64 -3.04 -13.91
C SER A 57 -18.77 -1.66 -13.28
N ARG A 58 -17.82 -1.31 -12.43
CA ARG A 58 -17.83 0.00 -11.76
C ARG A 58 -16.51 0.73 -11.94
N VAL A 59 -16.59 1.97 -12.41
CA VAL A 59 -15.39 2.78 -12.64
C VAL A 59 -15.47 4.09 -11.87
N LEU A 60 -14.47 4.35 -11.04
CA LEU A 60 -14.41 5.56 -10.25
C LEU A 60 -13.23 6.44 -10.67
N ILE A 61 -13.53 7.58 -11.27
CA ILE A 61 -12.49 8.50 -11.71
C ILE A 61 -12.51 9.79 -10.89
N GLY A 62 -11.54 9.93 -9.99
CA GLY A 62 -11.47 11.11 -9.16
C GLY A 62 -11.27 10.78 -7.69
N ASN A 63 -11.85 11.61 -6.82
CA ASN A 63 -11.72 11.39 -5.38
C ASN A 63 -13.10 11.15 -4.76
N GLU A 64 -13.10 10.38 -3.67
CA GLU A 64 -14.35 10.06 -2.97
C GLU A 64 -14.22 10.34 -1.48
N TYR A 65 -15.23 11.00 -0.93
CA TYR A 65 -15.24 11.34 0.50
C TYR A 65 -16.35 10.59 1.23
N GLY A 66 -15.99 9.88 2.29
CA GLY A 66 -16.97 9.14 3.06
C GLY A 66 -16.53 7.72 3.34
N GLY A 67 -16.99 7.17 4.46
CA GLY A 67 -16.63 5.81 4.82
C GLY A 67 -17.83 4.88 4.85
N LYS A 68 -17.81 3.93 5.79
CA LYS A 68 -18.91 2.98 5.93
C LYS A 68 -18.94 2.01 4.74
N GLY A 69 -19.41 2.50 3.60
CA GLY A 69 -19.49 1.67 2.42
C GLY A 69 -18.64 2.20 1.28
N PHE A 70 -17.39 1.72 1.21
CA PHE A 70 -16.47 2.16 0.16
C PHE A 70 -17.10 2.02 -1.22
N TRP A 71 -17.34 3.14 -1.88
CA TRP A 71 -17.94 3.14 -3.21
C TRP A 71 -19.42 2.78 -3.14
N ASP A 72 -19.71 1.53 -2.80
CA ASP A 72 -21.08 1.06 -2.69
C ASP A 72 -21.36 0.51 -1.30
N ASN A 73 -22.52 -0.13 -1.14
CA ASN A 73 -22.90 -0.71 0.14
C ASN A 73 -21.80 -1.60 0.69
N HIS A 74 -21.54 -1.49 1.99
CA HIS A 74 -20.51 -2.30 2.64
C HIS A 74 -20.43 -1.98 4.13
N HIS A 75 -20.23 -3.01 4.93
CA HIS A 75 -20.14 -2.84 6.38
C HIS A 75 -19.68 -4.13 7.05
N HIS A 76 -18.85 -4.00 8.08
CA HIS A 76 -18.35 -5.17 8.80
C HIS A 76 -17.44 -4.73 9.96
N HIS A 77 -17.09 -5.69 10.81
CA HIS A 77 -16.22 -5.41 11.96
C HIS A 77 -15.85 -6.70 12.69
N HIS A 78 -14.73 -6.66 13.39
CA HIS A 78 -14.26 -7.83 14.14
C HIS A 78 -13.98 -7.46 15.59
N HIS A 79 -12.88 -6.75 15.81
CA HIS A 79 -12.49 -6.34 17.16
C HIS A 79 -11.37 -5.31 17.11
N MET B 1 4.71 28.67 -17.09
CA MET B 1 5.39 28.05 -18.22
C MET B 1 6.29 26.91 -17.76
N LYS B 2 6.75 26.99 -16.51
CA LYS B 2 7.62 25.95 -15.94
C LYS B 2 6.82 24.98 -15.09
N ILE B 3 5.86 24.30 -15.71
CA ILE B 3 5.03 23.33 -15.01
C ILE B 3 4.07 24.03 -14.05
N ASP B 4 4.60 24.59 -12.98
CA ASP B 4 3.79 25.29 -11.99
C ASP B 4 2.66 24.41 -11.50
N ALA B 5 2.98 23.15 -11.19
CA ALA B 5 1.99 22.20 -10.70
C ALA B 5 2.58 21.28 -9.64
N ILE B 6 2.08 21.42 -8.41
CA ILE B 6 2.57 20.59 -7.31
C ILE B 6 1.41 20.08 -6.46
N VAL B 7 0.67 19.11 -7.00
CA VAL B 7 -0.46 18.53 -6.29
C VAL B 7 -0.71 17.09 -6.74
N GLY B 8 -1.71 16.47 -6.14
CA GLY B 8 -2.04 15.09 -6.49
C GLY B 8 -2.55 14.96 -7.91
N ARG B 9 -2.42 13.77 -8.48
CA ARG B 9 -2.87 13.51 -9.84
C ARG B 9 -2.62 12.05 -10.23
N ASN B 10 -3.69 11.35 -10.59
CA ASN B 10 -3.59 9.96 -10.98
C ASN B 10 -3.70 9.81 -12.49
N SER B 11 -2.85 8.96 -13.06
CA SER B 11 -2.85 8.73 -14.51
C SER B 11 -3.08 7.25 -14.82
N ALA B 12 -3.92 6.99 -15.82
CA ALA B 12 -4.22 5.62 -16.22
C ALA B 12 -4.07 5.45 -17.73
N LYS B 13 -3.52 4.32 -18.15
CA LYS B 13 -3.32 4.04 -19.56
C LYS B 13 -4.42 3.12 -20.09
N ASP B 14 -4.84 2.18 -19.24
CA ASP B 14 -5.89 1.23 -19.61
C ASP B 14 -6.45 0.53 -18.39
N ILE B 15 -7.77 0.36 -18.35
CA ILE B 15 -8.43 -0.30 -17.23
C ILE B 15 -9.50 -1.26 -17.71
N ARG B 16 -9.33 -2.54 -17.41
CA ARG B 16 -10.28 -3.56 -17.82
C ARG B 16 -10.81 -4.34 -16.60
N THR B 17 -12.11 -4.28 -16.39
CA THR B 17 -12.73 -4.98 -15.26
C THR B 17 -14.00 -5.71 -15.70
N GLU B 18 -14.14 -6.94 -15.23
CA GLU B 18 -15.30 -7.76 -15.58
C GLU B 18 -15.71 -8.64 -14.41
N GLU B 19 -16.94 -9.14 -14.44
CA GLU B 19 -17.44 -10.01 -13.39
C GLU B 19 -17.49 -9.27 -12.06
N ARG B 20 -18.45 -8.37 -11.92
CA ARG B 20 -18.60 -7.60 -10.69
C ARG B 20 -17.26 -7.03 -10.24
N ALA B 21 -16.57 -6.36 -11.15
CA ALA B 21 -15.27 -5.76 -10.85
C ALA B 21 -15.39 -4.25 -10.68
N ARG B 22 -14.54 -3.69 -9.81
CA ARG B 22 -14.55 -2.26 -9.55
C ARG B 22 -13.12 -1.70 -9.56
N VAL B 23 -12.95 -0.55 -10.22
CA VAL B 23 -11.64 0.09 -10.30
C VAL B 23 -11.70 1.52 -9.77
N GLN B 24 -10.86 1.81 -8.79
CA GLN B 24 -10.81 3.14 -8.19
C GLN B 24 -9.57 3.90 -8.64
N LEU B 25 -9.77 5.13 -9.13
CA LEU B 25 -8.67 5.95 -9.60
C LEU B 25 -8.66 7.31 -8.89
N GLY B 26 -7.58 7.59 -8.16
CA GLY B 26 -7.48 8.85 -7.46
C GLY B 26 -7.33 8.67 -5.97
N ASN B 27 -7.45 9.76 -5.22
CA ASN B 27 -7.33 9.71 -3.77
C ASN B 27 -8.68 9.41 -3.12
N VAL B 28 -8.67 8.50 -2.15
CA VAL B 28 -9.89 8.12 -1.45
C VAL B 28 -9.78 8.44 0.04
N VAL B 29 -10.73 9.21 0.55
CA VAL B 29 -10.76 9.59 1.96
C VAL B 29 -12.05 9.15 2.62
N THR B 30 -11.93 8.47 3.75
CA THR B 30 -13.10 7.99 4.48
C THR B 30 -13.76 9.13 5.26
N ALA B 31 -14.95 8.88 5.77
CA ALA B 31 -15.69 9.88 6.54
C ALA B 31 -14.93 10.26 7.81
N ALA B 32 -14.23 9.29 8.39
CA ALA B 32 -13.46 9.52 9.61
C ALA B 32 -12.45 10.65 9.41
N ALA B 33 -11.88 10.73 8.20
CA ALA B 33 -10.91 11.76 7.89
C ALA B 33 -11.48 13.15 8.11
N LEU B 34 -11.16 13.74 9.26
CA LEU B 34 -11.65 15.08 9.58
C LEU B 34 -11.12 15.54 10.94
N HIS B 35 -11.24 14.67 11.94
CA HIS B 35 -10.78 14.98 13.29
C HIS B 35 -9.32 15.44 13.27
N GLY B 36 -8.95 16.27 14.24
CA GLY B 36 -7.60 16.77 14.31
C GLY B 36 -7.43 18.08 13.58
N GLY B 37 -8.36 18.39 12.67
CA GLY B 37 -8.28 19.61 11.91
C GLY B 37 -7.91 19.38 10.46
N ILE B 38 -8.48 20.19 9.57
CA ILE B 38 -8.20 20.07 8.14
C ILE B 38 -6.70 20.06 7.87
N ARG B 39 -6.27 19.09 7.07
CA ARG B 39 -4.85 18.97 6.73
C ARG B 39 -4.61 19.35 5.27
N ILE B 40 -5.00 18.46 4.36
CA ILE B 40 -4.83 18.70 2.93
C ILE B 40 -3.39 19.08 2.60
N SER B 41 -2.49 18.12 2.74
CA SER B 41 -1.07 18.35 2.47
C SER B 41 -0.46 17.19 1.69
N ASP B 42 0.86 17.20 1.56
CA ASP B 42 1.56 16.15 0.84
C ASP B 42 1.15 16.13 -0.64
N GLN B 43 1.97 15.50 -1.46
CA GLN B 43 1.70 15.41 -2.89
C GLN B 43 2.03 14.03 -3.43
N THR B 44 1.09 13.10 -3.26
CA THR B 44 1.28 11.72 -3.72
C THR B 44 0.59 11.50 -5.06
N THR B 45 1.35 11.04 -6.05
CA THR B 45 0.82 10.78 -7.38
C THR B 45 0.99 9.32 -7.76
N ASN B 46 -0.03 8.77 -8.41
CA ASN B 46 0.00 7.37 -8.84
C ASN B 46 -0.22 7.25 -10.34
N SER B 47 0.44 6.28 -10.96
CA SER B 47 0.31 6.06 -12.40
C SER B 47 0.31 4.57 -12.73
N VAL B 48 -0.74 4.12 -13.40
CA VAL B 48 -0.88 2.72 -13.78
C VAL B 48 -0.91 2.56 -15.29
N GLU B 49 -0.23 1.54 -15.79
CA GLU B 49 -0.19 1.28 -17.22
C GLU B 49 -1.41 0.49 -17.67
N THR B 50 -1.40 -0.82 -17.39
CA THR B 50 -2.52 -1.69 -17.76
C THR B 50 -3.10 -2.39 -16.54
N VAL B 51 -4.41 -2.28 -16.37
CA VAL B 51 -5.09 -2.90 -15.25
C VAL B 51 -6.10 -3.94 -15.72
N VAL B 52 -5.97 -5.18 -15.24
CA VAL B 52 -6.88 -6.24 -15.62
C VAL B 52 -7.44 -6.94 -14.38
N GLY B 53 -8.77 -7.05 -14.33
CA GLY B 53 -9.42 -7.70 -13.21
C GLY B 53 -10.53 -8.64 -13.63
N LYS B 54 -10.53 -9.84 -13.06
CA LYS B 54 -11.54 -10.84 -13.38
C LYS B 54 -12.11 -11.47 -12.12
N GLY B 55 -13.39 -11.84 -12.17
CA GLY B 55 -14.02 -12.46 -11.01
C GLY B 55 -13.92 -11.60 -9.77
N GLU B 56 -14.91 -10.74 -9.56
CA GLU B 56 -14.92 -9.86 -8.40
C GLU B 56 -13.54 -9.26 -8.16
N SER B 57 -13.02 -8.58 -9.18
CA SER B 57 -11.71 -7.94 -9.09
C SER B 57 -11.82 -6.54 -8.50
N ARG B 58 -10.82 -6.15 -7.72
CA ARG B 58 -10.79 -4.83 -7.11
C ARG B 58 -9.44 -4.15 -7.30
N VAL B 59 -9.47 -2.93 -7.81
CA VAL B 59 -8.26 -2.17 -8.06
C VAL B 59 -8.31 -0.81 -7.38
N LEU B 60 -7.25 -0.49 -6.63
CA LEU B 60 -7.18 0.79 -5.93
C LEU B 60 -5.95 1.59 -6.36
N ILE B 61 -6.18 2.69 -7.04
CA ILE B 61 -5.09 3.54 -7.51
C ILE B 61 -5.08 4.88 -6.77
N GLY B 62 -4.03 5.12 -6.00
CA GLY B 62 -3.91 6.36 -5.26
C GLY B 62 -3.76 6.13 -3.77
N ASN B 63 -3.77 7.23 -3.01
CA ASN B 63 -3.62 7.14 -1.56
C ASN B 63 -4.98 7.00 -0.88
N GLU B 64 -5.03 6.19 0.16
CA GLU B 64 -6.28 5.95 0.90
C GLU B 64 -6.15 6.42 2.34
N TYR B 65 -7.22 7.00 2.86
CA TYR B 65 -7.23 7.50 4.24
C TYR B 65 -8.40 6.92 5.02
N GLY B 66 -8.11 6.31 6.16
CA GLY B 66 -9.14 5.72 6.98
C GLY B 66 -8.60 4.67 7.93
N GLY B 67 -7.93 3.66 7.38
CA GLY B 67 -7.39 2.60 8.19
C GLY B 67 -8.41 1.52 8.50
N LYS B 68 -9.48 1.90 9.17
CA LYS B 68 -10.53 0.97 9.54
C LYS B 68 -11.00 0.17 8.31
N GLY B 69 -10.65 -1.11 8.28
CA GLY B 69 -11.05 -1.95 7.16
C GLY B 69 -10.35 -1.57 5.87
N PHE B 70 -9.25 -2.24 5.57
CA PHE B 70 -8.48 -1.97 4.35
C PHE B 70 -9.39 -1.98 3.13
N TRP B 71 -9.27 -0.95 2.29
CA TRP B 71 -10.07 -0.85 1.08
C TRP B 71 -11.52 -0.49 1.42
N ASP B 72 -12.22 -1.43 2.04
CA ASP B 72 -13.61 -1.21 2.42
C ASP B 72 -13.88 -1.77 3.81
N ASN B 73 -13.42 -2.99 4.06
CA ASN B 73 -13.61 -3.64 5.35
C ASN B 73 -12.50 -4.64 5.63
N HIS B 74 -12.66 -5.40 6.71
CA HIS B 74 -11.67 -6.42 7.09
C HIS B 74 -12.24 -7.82 6.90
N HIS B 75 -11.40 -8.73 6.41
CA HIS B 75 -11.81 -10.10 6.18
C HIS B 75 -10.92 -11.07 6.96
N HIS B 76 -11.48 -12.21 7.33
CA HIS B 76 -10.72 -13.22 8.08
C HIS B 76 -10.29 -14.37 7.17
N HIS B 77 -9.19 -15.02 7.52
CA HIS B 77 -8.68 -16.13 6.73
C HIS B 77 -7.43 -16.72 7.37
N HIS B 78 -6.99 -17.87 6.88
CA HIS B 78 -5.81 -18.54 7.40
C HIS B 78 -4.54 -17.84 6.92
N HIS B 79 -3.49 -17.93 7.73
CA HIS B 79 -2.21 -17.30 7.39
C HIS B 79 -1.06 -18.26 7.63
N MET C 1 -6.55 16.40 -22.59
CA MET C 1 -6.05 17.60 -21.95
C MET C 1 -4.86 17.29 -21.05
N LYS C 2 -3.94 18.25 -20.94
CA LYS C 2 -2.76 18.07 -20.10
C LYS C 2 -3.14 17.66 -18.70
N ILE C 3 -2.34 16.77 -18.11
CA ILE C 3 -2.59 16.30 -16.76
C ILE C 3 -1.46 16.68 -15.81
N ASP C 4 -0.23 16.43 -16.25
CA ASP C 4 0.95 16.75 -15.44
C ASP C 4 0.94 15.97 -14.13
N ALA C 5 2.06 16.03 -13.41
CA ALA C 5 2.18 15.33 -12.14
C ALA C 5 1.80 13.85 -12.28
N ILE C 6 2.74 13.04 -12.74
CA ILE C 6 2.50 11.61 -12.92
C ILE C 6 3.75 10.81 -12.58
N VAL C 7 3.55 9.59 -12.08
CA VAL C 7 4.65 8.71 -11.73
C VAL C 7 5.62 9.41 -10.78
N GLY C 8 5.27 9.45 -9.50
CA GLY C 8 6.13 10.09 -8.52
C GLY C 8 6.15 9.35 -7.20
N ARG C 9 4.99 8.87 -6.76
CA ARG C 9 4.89 8.14 -5.51
C ARG C 9 4.68 6.65 -5.77
N ASN C 10 3.79 6.33 -6.70
CA ASN C 10 3.50 4.95 -7.03
C ASN C 10 3.38 4.76 -8.55
N SER C 11 4.16 3.84 -9.10
CA SER C 11 4.14 3.58 -10.53
C SER C 11 4.04 2.08 -10.80
N ALA C 12 3.21 1.73 -11.78
CA ALA C 12 3.03 0.32 -12.14
C ALA C 12 3.15 0.13 -13.65
N LYS C 13 3.60 -1.06 -14.05
CA LYS C 13 3.76 -1.38 -15.46
C LYS C 13 2.67 -2.32 -15.94
N ASP C 14 2.17 -3.16 -15.05
CA ASP C 14 1.12 -4.10 -15.38
C ASP C 14 0.50 -4.69 -14.11
N ILE C 15 -0.82 -4.81 -14.10
CA ILE C 15 -1.54 -5.36 -12.96
C ILE C 15 -2.66 -6.29 -13.41
N ARG C 16 -2.55 -7.56 -13.03
CA ARG C 16 -3.56 -8.55 -13.38
C ARG C 16 -3.97 -9.37 -12.16
N THR C 17 -5.26 -9.34 -11.84
CA THR C 17 -5.79 -10.08 -10.70
C THR C 17 -7.07 -10.82 -11.07
N GLU C 18 -7.24 -12.01 -10.49
CA GLU C 18 -8.43 -12.83 -10.77
C GLU C 18 -8.82 -13.63 -9.53
N GLU C 19 -10.03 -14.19 -9.56
CA GLU C 19 -10.53 -14.98 -8.44
C GLU C 19 -10.63 -14.14 -7.18
N ARG C 20 -11.54 -13.17 -7.18
CA ARG C 20 -11.73 -12.29 -6.04
C ARG C 20 -10.39 -11.77 -5.52
N ALA C 21 -9.64 -11.12 -6.40
CA ALA C 21 -8.34 -10.58 -6.03
C ALA C 21 -8.41 -9.06 -5.86
N ARG C 22 -7.57 -8.53 -4.98
CA ARG C 22 -7.54 -7.08 -4.74
C ARG C 22 -6.11 -6.56 -4.80
N VAL C 23 -5.93 -5.43 -5.47
CA VAL C 23 -4.61 -4.81 -5.60
C VAL C 23 -4.64 -3.36 -5.15
N GLN C 24 -3.79 -3.02 -4.19
CA GLN C 24 -3.71 -1.67 -3.67
C GLN C 24 -2.46 -0.95 -4.18
N LEU C 25 -2.64 0.25 -4.71
CA LEU C 25 -1.52 1.03 -5.23
C LEU C 25 -1.48 2.41 -4.60
N GLY C 26 -0.39 2.71 -3.91
CA GLY C 26 -0.24 4.01 -3.26
C GLY C 26 -0.05 3.89 -1.77
N ASN C 27 0.05 5.04 -1.10
CA ASN C 27 0.26 5.05 0.35
C ASN C 27 -1.08 4.97 1.09
N VAL C 28 -1.07 4.34 2.25
CA VAL C 28 -2.28 4.19 3.05
C VAL C 28 -2.06 4.69 4.47
N VAL C 29 -2.90 5.63 4.90
CA VAL C 29 -2.80 6.19 6.23
C VAL C 29 -4.10 6.00 7.01
N THR C 30 -4.00 5.46 8.22
CA THR C 30 -5.16 5.23 9.06
C THR C 30 -5.76 6.54 9.55
N ALA C 31 -6.91 6.46 10.19
CA ALA C 31 -7.59 7.64 10.72
C ALA C 31 -6.75 8.32 11.79
N ALA C 32 -6.02 7.52 12.56
CA ALA C 32 -5.16 8.05 13.63
C ALA C 32 -4.17 9.06 13.08
N ALA C 33 -3.68 8.81 11.87
CA ALA C 33 -2.72 9.70 11.23
C ALA C 33 -3.21 11.14 11.24
N LEU C 34 -2.29 12.07 11.46
CA LEU C 34 -2.63 13.49 11.50
C LEU C 34 -1.38 14.34 11.73
N HIS C 35 -0.72 14.11 12.85
CA HIS C 35 0.49 14.86 13.20
C HIS C 35 1.21 14.21 14.38
N GLY C 36 2.11 13.28 14.08
CA GLY C 36 2.85 12.61 15.14
C GLY C 36 3.55 13.58 16.06
N GLY C 37 3.95 14.73 15.53
CA GLY C 37 4.63 15.73 16.33
C GLY C 37 5.15 16.88 15.49
N ILE C 38 6.42 16.79 15.09
CA ILE C 38 7.04 17.83 14.28
C ILE C 38 6.58 17.74 12.83
N ARG C 39 6.52 18.89 12.16
CA ARG C 39 6.11 18.95 10.76
C ARG C 39 7.30 18.76 9.83
N ILE C 40 7.75 17.51 9.70
CA ILE C 40 8.87 17.19 8.83
C ILE C 40 9.08 15.68 8.73
N SER C 41 9.22 15.20 7.49
CA SER C 41 9.42 13.77 7.25
C SER C 41 9.87 13.53 5.81
N ASP C 42 9.88 12.26 5.42
CA ASP C 42 10.30 11.88 4.07
C ASP C 42 9.15 11.22 3.32
N GLN C 43 9.29 11.12 1.99
CA GLN C 43 8.27 10.51 1.16
C GLN C 43 8.72 9.14 0.65
N THR C 44 7.80 8.18 0.66
CA THR C 44 8.11 6.83 0.19
C THR C 44 7.58 6.61 -1.23
N THR C 45 8.40 5.96 -2.05
CA THR C 45 8.01 5.67 -3.43
C THR C 45 8.00 4.17 -3.71
N ASN C 46 7.00 3.72 -4.45
CA ASN C 46 6.87 2.31 -4.79
C ASN C 46 6.76 2.12 -6.29
N SER C 47 7.55 1.19 -6.83
CA SER C 47 7.53 0.89 -8.26
C SER C 47 7.43 -0.61 -8.51
N VAL C 48 6.40 -0.99 -9.27
CA VAL C 48 6.19 -2.40 -9.60
C VAL C 48 6.10 -2.61 -11.10
N GLU C 49 6.65 -3.73 -11.57
CA GLU C 49 6.64 -4.05 -13.00
C GLU C 49 5.36 -4.78 -13.37
N THR C 50 5.28 -6.06 -12.99
CA THR C 50 4.11 -6.87 -13.30
C THR C 50 3.58 -7.56 -12.04
N VAL C 51 2.28 -7.42 -11.80
CA VAL C 51 1.65 -8.03 -10.64
C VAL C 51 0.58 -9.03 -11.06
N VAL C 52 0.74 -10.28 -10.65
CA VAL C 52 -0.21 -11.33 -10.97
C VAL C 52 -0.77 -11.98 -9.71
N GLY C 53 -2.09 -12.02 -9.61
CA GLY C 53 -2.74 -12.61 -8.45
C GLY C 53 -3.77 -13.65 -8.83
N LYS C 54 -3.72 -14.80 -8.16
CA LYS C 54 -4.66 -15.88 -8.44
C LYS C 54 -5.23 -16.44 -7.13
N GLY C 55 -6.48 -16.90 -7.19
CA GLY C 55 -7.12 -17.46 -6.02
C GLY C 55 -7.05 -16.53 -4.82
N GLU C 56 -7.99 -15.60 -4.74
CA GLU C 56 -8.02 -14.64 -3.64
C GLU C 56 -6.63 -14.07 -3.37
N SER C 57 -6.08 -13.37 -4.36
CA SER C 57 -4.76 -12.77 -4.23
C SER C 57 -4.84 -11.34 -3.70
N ARG C 58 -3.87 -10.95 -2.90
CA ARG C 58 -3.83 -9.61 -2.32
C ARG C 58 -2.46 -8.98 -2.51
N VAL C 59 -2.45 -7.77 -3.07
CA VAL C 59 -1.21 -7.04 -3.30
C VAL C 59 -1.26 -5.65 -2.69
N LEU C 60 -0.22 -5.30 -1.95
CA LEU C 60 -0.15 -3.98 -1.30
C LEU C 60 1.11 -3.24 -1.74
N ILE C 61 0.93 -2.17 -2.50
CA ILE C 61 2.04 -1.36 -2.97
C ILE C 61 2.05 0.02 -2.33
N GLY C 62 2.99 0.24 -1.42
CA GLY C 62 3.08 1.52 -0.75
C GLY C 62 3.32 1.38 0.74
N ASN C 63 3.57 2.49 1.42
CA ASN C 63 3.82 2.49 2.86
C ASN C 63 2.51 2.64 3.63
N GLU C 64 2.45 2.02 4.80
CA GLU C 64 1.26 2.10 5.65
C GLU C 64 1.58 2.75 6.98
N TYR C 65 0.75 3.71 7.37
CA TYR C 65 0.95 4.42 8.63
C TYR C 65 -0.28 4.28 9.53
N GLY C 66 -0.04 3.98 10.80
CA GLY C 66 -1.13 3.82 11.75
C GLY C 66 -0.96 2.59 12.62
N GLY C 67 -1.59 2.61 13.80
CA GLY C 67 -1.50 1.48 14.71
C GLY C 67 -2.65 0.51 14.55
N LYS C 68 -3.71 0.96 13.87
CA LYS C 68 -4.87 0.11 13.64
C LYS C 68 -4.56 -0.98 12.62
N GLY C 69 -3.90 -2.04 13.07
CA GLY C 69 -3.55 -3.13 12.18
C GLY C 69 -2.58 -2.72 11.09
N PHE C 70 -1.78 -3.67 10.62
CA PHE C 70 -0.80 -3.40 9.58
C PHE C 70 -1.46 -3.34 8.21
N TRP C 71 -2.51 -4.14 8.03
CA TRP C 71 -3.24 -4.18 6.77
C TRP C 71 -4.70 -4.52 6.99
N ASP C 72 -5.26 -4.03 8.09
CA ASP C 72 -6.66 -4.28 8.42
C ASP C 72 -7.05 -3.58 9.73
N ASN C 73 -8.28 -3.80 10.16
CA ASN C 73 -8.77 -3.20 11.39
C ASN C 73 -8.03 -3.75 12.61
N HIS C 74 -8.53 -3.43 13.80
CA HIS C 74 -7.91 -3.90 15.04
C HIS C 74 -7.72 -5.42 15.02
N HIS C 75 -8.83 -6.14 15.18
CA HIS C 75 -8.78 -7.60 15.18
C HIS C 75 -7.76 -8.11 16.19
N HIS C 76 -8.21 -8.34 17.42
CA HIS C 76 -7.34 -8.84 18.47
C HIS C 76 -8.16 -9.34 19.66
N HIS C 77 -8.09 -10.64 19.92
CA HIS C 77 -8.83 -11.25 21.02
C HIS C 77 -8.55 -12.74 21.09
N HIS C 78 -7.29 -13.12 20.90
CA HIS C 78 -6.89 -14.53 20.95
C HIS C 78 -5.40 -14.67 20.71
N HIS C 79 -4.86 -15.85 21.06
CA HIS C 79 -3.45 -16.11 20.88
C HIS C 79 -3.21 -17.58 20.53
N MET D 1 4.11 15.56 -15.41
CA MET D 1 5.37 15.23 -16.08
C MET D 1 6.49 15.06 -15.06
N LYS D 2 6.35 15.72 -13.91
CA LYS D 2 7.35 15.64 -12.85
C LYS D 2 7.26 14.30 -12.12
N ILE D 3 8.42 13.73 -11.81
CA ILE D 3 8.47 12.46 -11.11
C ILE D 3 9.21 12.58 -9.78
N ASP D 4 10.21 13.46 -9.76
CA ASP D 4 11.00 13.68 -8.55
C ASP D 4 11.58 12.37 -8.03
N ALA D 5 12.79 12.04 -8.48
CA ALA D 5 13.45 10.81 -8.07
C ALA D 5 13.67 10.79 -6.55
N ILE D 6 13.75 9.58 -5.99
CA ILE D 6 13.95 9.43 -4.56
C ILE D 6 15.07 8.43 -4.26
N VAL D 7 16.12 8.91 -3.61
CA VAL D 7 17.26 8.06 -3.26
C VAL D 7 16.81 6.85 -2.43
N GLY D 8 16.85 5.67 -3.05
CA GLY D 8 16.44 4.46 -2.36
C GLY D 8 14.96 4.43 -2.07
N ARG D 9 14.33 3.31 -2.39
CA ARG D 9 12.89 3.15 -2.17
C ARG D 9 12.45 1.73 -2.47
N ASN D 10 11.13 1.50 -2.46
CA ASN D 10 10.58 0.18 -2.73
C ASN D 10 10.45 -0.06 -4.24
N SER D 11 11.27 -0.97 -4.76
CA SER D 11 11.26 -1.29 -6.17
C SER D 11 11.09 -2.78 -6.39
N ALA D 12 10.34 -3.15 -7.43
CA ALA D 12 10.10 -4.55 -7.74
C ALA D 12 10.24 -4.81 -9.24
N LYS D 13 10.52 -6.05 -9.60
CA LYS D 13 10.68 -6.42 -11.01
C LYS D 13 9.56 -7.37 -11.45
N ASP D 14 9.06 -8.17 -10.51
CA ASP D 14 7.99 -9.11 -10.80
C ASP D 14 7.36 -9.63 -9.51
N ILE D 15 6.03 -9.74 -9.51
CA ILE D 15 5.30 -10.22 -8.34
C ILE D 15 4.20 -11.19 -8.74
N ARG D 16 4.31 -12.43 -8.28
CA ARG D 16 3.31 -13.45 -8.59
C ARG D 16 2.89 -14.20 -7.33
N THR D 17 1.60 -14.15 -7.01
CA THR D 17 1.08 -14.82 -5.84
C THR D 17 -0.22 -15.57 -6.16
N GLU D 18 -0.35 -16.77 -5.60
CA GLU D 18 -1.55 -17.58 -5.83
C GLU D 18 -1.91 -18.38 -4.59
N GLU D 19 -3.12 -18.93 -4.58
CA GLU D 19 -3.59 -19.72 -3.45
C GLU D 19 -3.64 -18.87 -2.18
N ARG D 20 -4.56 -17.90 -2.16
CA ARG D 20 -4.71 -17.03 -1.00
C ARG D 20 -3.36 -16.48 -0.55
N ALA D 21 -2.64 -15.86 -1.47
CA ALA D 21 -1.32 -15.30 -1.16
C ALA D 21 -1.40 -13.78 -1.02
N ARG D 22 -0.53 -13.22 -0.17
CA ARG D 22 -0.50 -11.79 0.05
C ARG D 22 0.93 -11.25 -0.03
N VAL D 23 1.09 -10.13 -0.72
CA VAL D 23 2.42 -9.52 -0.86
C VAL D 23 2.39 -8.05 -0.44
N GLN D 24 3.24 -7.72 0.53
CA GLN D 24 3.30 -6.35 1.03
C GLN D 24 4.58 -5.66 0.54
N LEU D 25 4.42 -4.44 0.04
CA LEU D 25 5.55 -3.66 -0.47
C LEU D 25 5.57 -2.27 0.13
N GLY D 26 6.64 -1.95 0.86
CA GLY D 26 6.76 -0.64 1.46
C GLY D 26 7.07 -0.72 2.95
N ASN D 27 7.27 0.44 3.57
CA ASN D 27 7.58 0.50 4.99
C ASN D 27 6.31 0.50 5.83
N VAL D 28 6.40 -0.06 7.03
CA VAL D 28 5.25 -0.13 7.94
C VAL D 28 5.54 0.59 9.24
N VAL D 29 4.81 1.66 9.49
CA VAL D 29 4.98 2.44 10.72
C VAL D 29 3.69 2.51 11.51
N THR D 30 3.76 2.19 12.80
CA THR D 30 2.59 2.23 13.66
C THR D 30 2.13 3.66 13.91
N ALA D 31 1.01 3.80 14.61
CA ALA D 31 0.45 5.12 14.90
C ALA D 31 1.50 6.02 15.55
N ALA D 32 2.38 5.42 16.34
CA ALA D 32 3.43 6.16 17.02
C ALA D 32 4.29 6.94 16.02
N ALA D 33 4.78 6.24 15.01
CA ALA D 33 5.61 6.87 13.98
C ALA D 33 6.81 7.58 14.60
N LEU D 34 7.58 8.26 13.77
CA LEU D 34 8.76 8.99 14.24
C LEU D 34 8.70 10.44 13.80
N HIS D 35 8.23 10.68 12.57
CA HIS D 35 8.13 12.02 12.03
C HIS D 35 6.98 12.12 11.03
N GLY D 36 6.57 13.35 10.74
CA GLY D 36 5.48 13.56 9.79
C GLY D 36 5.54 14.91 9.12
N GLY D 37 5.71 14.91 7.81
CA GLY D 37 5.79 16.16 7.06
C GLY D 37 5.79 15.94 5.56
N ILE D 38 6.49 16.81 4.84
CA ILE D 38 6.56 16.71 3.39
C ILE D 38 7.99 16.90 2.89
N ARG D 39 8.56 15.85 2.33
CA ARG D 39 9.93 15.90 1.81
C ARG D 39 10.33 14.57 1.21
N ILE D 40 11.61 14.42 0.90
CA ILE D 40 12.13 13.19 0.31
C ILE D 40 13.44 12.77 0.97
N SER D 41 13.58 11.49 1.26
CA SER D 41 14.78 10.96 1.88
C SER D 41 14.80 9.44 1.85
N ASP D 42 13.70 8.83 2.29
CA ASP D 42 13.58 7.37 2.30
C ASP D 42 14.60 6.75 3.25
N GLN D 43 14.13 6.26 4.39
CA GLN D 43 15.00 5.64 5.37
C GLN D 43 15.42 4.25 4.94
N THR D 44 14.49 3.31 5.04
CA THR D 44 14.76 1.92 4.66
C THR D 44 14.42 1.68 3.20
N THR D 45 15.39 1.16 2.44
CA THR D 45 15.19 0.89 1.03
C THR D 45 15.06 -0.60 0.77
N ASN D 46 14.06 -0.98 -0.02
CA ASN D 46 13.81 -2.37 -0.34
C ASN D 46 13.75 -2.58 -1.85
N SER D 47 14.39 -3.65 -2.32
CA SER D 47 14.42 -3.97 -3.74
C SER D 47 14.31 -5.47 -3.97
N VAL D 48 13.31 -5.87 -4.74
CA VAL D 48 13.09 -7.29 -5.04
C VAL D 48 13.03 -7.53 -6.55
N GLU D 49 13.54 -8.68 -6.98
CA GLU D 49 13.54 -9.02 -8.40
C GLU D 49 12.26 -9.76 -8.78
N THR D 50 12.19 -11.03 -8.42
CA THR D 50 11.02 -11.85 -8.72
C THR D 50 10.48 -12.52 -7.47
N VAL D 51 9.18 -12.36 -7.22
CA VAL D 51 8.55 -12.95 -6.05
C VAL D 51 7.46 -13.94 -6.46
N VAL D 52 7.61 -15.19 -6.04
CA VAL D 52 6.65 -16.23 -6.36
C VAL D 52 6.10 -16.89 -5.10
N GLY D 53 4.77 -16.91 -4.97
CA GLY D 53 4.15 -17.51 -3.81
C GLY D 53 3.12 -18.55 -4.18
N LYS D 54 3.16 -19.69 -3.51
CA LYS D 54 2.22 -20.78 -3.78
C LYS D 54 1.67 -21.34 -2.47
N GLY D 55 0.41 -21.80 -2.52
CA GLY D 55 -0.22 -22.35 -1.33
C GLY D 55 -0.06 -21.47 -0.11
N GLU D 56 -0.96 -20.51 0.04
CA GLU D 56 -0.91 -19.58 1.17
C GLU D 56 0.48 -19.02 1.35
N SER D 57 0.90 -18.18 0.41
CA SER D 57 2.22 -17.57 0.45
C SER D 57 2.14 -16.14 0.99
N ARG D 58 3.17 -15.74 1.73
CA ARG D 58 3.22 -14.40 2.30
C ARG D 58 4.59 -13.77 2.11
N VAL D 59 4.62 -12.56 1.56
CA VAL D 59 5.87 -11.86 1.32
C VAL D 59 5.82 -10.44 1.89
N LEU D 60 6.77 -10.12 2.76
CA LEU D 60 6.85 -8.80 3.37
C LEU D 60 8.10 -8.05 2.92
N ILE D 61 7.89 -6.97 2.20
CA ILE D 61 9.01 -6.15 1.70
C ILE D 61 9.04 -4.79 2.38
N GLY D 62 9.97 -4.62 3.32
CA GLY D 62 10.09 -3.36 4.02
C GLY D 62 10.38 -3.54 5.50
N ASN D 63 10.39 -2.44 6.24
CA ASN D 63 10.66 -2.49 7.67
C ASN D 63 9.39 -2.25 8.47
N GLU D 64 9.31 -2.87 9.65
CA GLU D 64 8.14 -2.73 10.51
C GLU D 64 8.50 -1.98 11.79
N TYR D 65 7.67 -1.01 12.16
CA TYR D 65 7.89 -0.22 13.35
C TYR D 65 6.65 -0.17 14.22
N GLY D 66 6.81 -0.56 15.49
CA GLY D 66 5.68 -0.56 16.41
C GLY D 66 5.62 -1.81 17.26
N GLY D 67 4.42 -2.33 17.48
CA GLY D 67 4.27 -3.53 18.29
C GLY D 67 3.66 -4.67 17.49
N LYS D 68 2.51 -5.16 17.95
CA LYS D 68 1.83 -6.27 17.30
C LYS D 68 2.74 -7.49 17.19
N GLY D 69 3.72 -7.56 18.08
CA GLY D 69 4.65 -8.68 18.07
C GLY D 69 5.67 -8.57 16.96
N PHE D 70 5.21 -8.70 15.72
CA PHE D 70 6.10 -8.62 14.57
C PHE D 70 5.31 -8.35 13.29
N TRP D 71 4.62 -9.37 12.79
CA TRP D 71 3.83 -9.23 11.58
C TRP D 71 2.35 -9.50 11.86
N ASP D 72 1.90 -9.12 13.05
CA ASP D 72 0.51 -9.32 13.44
C ASP D 72 0.10 -10.77 13.23
N ASN D 73 0.42 -11.62 14.20
CA ASN D 73 0.08 -13.04 14.13
C ASN D 73 0.52 -13.77 15.39
N HIS D 74 0.40 -15.09 15.37
CA HIS D 74 0.79 -15.91 16.51
C HIS D 74 2.18 -16.50 16.32
N HIS D 75 2.55 -17.43 17.20
CA HIS D 75 3.85 -18.08 17.12
C HIS D 75 3.86 -19.15 16.03
N HIS D 76 3.22 -20.28 16.31
CA HIS D 76 3.16 -21.38 15.37
C HIS D 76 2.34 -22.54 15.93
N HIS D 77 2.39 -23.68 15.25
CA HIS D 77 1.65 -24.86 15.68
C HIS D 77 2.44 -26.14 15.36
N HIS D 78 3.70 -26.17 15.77
CA HIS D 78 4.56 -27.32 15.54
C HIS D 78 5.61 -27.45 16.64
N HIS D 79 6.35 -28.56 16.61
CA HIS D 79 7.38 -28.82 17.61
C HIS D 79 8.69 -28.13 17.23
N MET E 1 5.13 3.26 -17.29
CA MET E 1 6.13 4.32 -17.17
C MET E 1 7.06 4.06 -15.99
N LYS E 2 8.33 3.79 -16.29
CA LYS E 2 9.31 3.52 -15.26
C LYS E 2 10.41 4.59 -15.26
N ILE E 3 11.34 4.48 -14.32
CA ILE E 3 12.43 5.44 -14.21
C ILE E 3 13.77 4.74 -13.99
N ASP E 4 13.90 4.09 -12.83
CA ASP E 4 15.12 3.37 -12.49
C ASP E 4 14.94 2.57 -11.21
N ALA E 5 16.03 2.00 -10.72
CA ALA E 5 15.99 1.20 -9.49
C ALA E 5 17.14 1.55 -8.57
N ILE E 6 16.95 1.32 -7.28
CA ILE E 6 17.98 1.62 -6.28
C ILE E 6 18.23 0.42 -5.38
N VAL E 7 19.48 0.26 -4.95
CA VAL E 7 19.84 -0.85 -4.06
C VAL E 7 20.35 -0.34 -2.72
N GLY E 8 20.01 -1.05 -1.66
CA GLY E 8 20.43 -0.66 -0.32
C GLY E 8 19.49 -1.14 0.75
N ARG E 9 20.00 -1.30 1.97
CA ARG E 9 19.20 -1.76 3.09
C ARG E 9 18.81 -3.22 2.91
N ASN E 10 17.86 -3.47 2.02
CA ASN E 10 17.40 -4.83 1.76
C ASN E 10 17.19 -5.06 0.27
N SER E 11 17.94 -6.00 -0.29
CA SER E 11 17.84 -6.31 -1.71
C SER E 11 17.82 -7.82 -1.93
N ALA E 12 17.08 -8.25 -2.96
CA ALA E 12 16.98 -9.66 -3.28
C ALA E 12 17.06 -9.89 -4.79
N LYS E 13 17.47 -11.09 -5.18
CA LYS E 13 17.59 -11.44 -6.59
C LYS E 13 16.48 -12.39 -7.02
N ASP E 14 15.98 -13.18 -6.06
CA ASP E 14 14.92 -14.13 -6.35
C ASP E 14 14.27 -14.62 -5.05
N ILE E 15 12.96 -14.74 -5.07
CA ILE E 15 12.22 -15.20 -3.90
C ILE E 15 11.12 -16.19 -4.28
N ARG E 16 11.25 -17.41 -3.78
CA ARG E 16 10.27 -18.46 -4.07
C ARG E 16 9.84 -19.17 -2.80
N THR E 17 8.55 -19.06 -2.46
CA THR E 17 8.02 -19.69 -1.27
C THR E 17 6.70 -20.40 -1.58
N GLU E 18 6.57 -21.62 -1.07
CA GLU E 18 5.36 -22.41 -1.29
C GLU E 18 5.02 -23.25 -0.06
N GLU E 19 3.78 -23.69 0.03
CA GLU E 19 3.33 -24.50 1.15
C GLU E 19 3.38 -23.69 2.45
N ARG E 20 2.42 -22.79 2.61
CA ARG E 20 2.35 -21.95 3.81
C ARG E 20 3.73 -21.39 4.16
N ALA E 21 4.36 -20.75 3.18
CA ALA E 21 5.69 -20.17 3.39
C ALA E 21 5.60 -18.66 3.52
N ARG E 22 6.41 -18.10 4.42
CA ARG E 22 6.42 -16.66 4.64
C ARG E 22 7.85 -16.12 4.67
N VAL E 23 8.06 -14.98 4.02
CA VAL E 23 9.37 -14.36 3.97
C VAL E 23 9.30 -12.87 4.26
N GLN E 24 10.25 -12.38 5.05
CA GLN E 24 10.29 -10.97 5.42
C GLN E 24 11.63 -10.34 5.05
N LEU E 25 11.59 -9.17 4.44
CA LEU E 25 12.80 -8.47 4.02
C LEU E 25 12.82 -7.05 4.58
N GLY E 26 13.90 -6.70 5.26
CA GLY E 26 14.02 -5.37 5.83
C GLY E 26 14.37 -5.41 7.31
N ASN E 27 14.50 -4.22 7.91
CA ASN E 27 14.82 -4.13 9.33
C ASN E 27 13.55 -4.14 10.18
N VAL E 28 13.71 -4.43 11.46
CA VAL E 28 12.58 -4.47 12.39
C VAL E 28 12.88 -3.71 13.67
N VAL E 29 12.05 -2.71 13.96
CA VAL E 29 12.23 -1.90 15.16
C VAL E 29 10.99 -1.94 16.05
N THR E 30 11.19 -2.24 17.32
CA THR E 30 10.10 -2.33 18.28
C THR E 30 9.51 -0.94 18.56
N ALA E 31 8.41 -0.91 19.32
CA ALA E 31 7.77 0.34 19.66
C ALA E 31 8.70 1.25 20.45
N ALA E 32 9.53 0.66 21.29
CA ALA E 32 10.49 1.42 22.09
C ALA E 32 11.39 2.27 21.21
N ALA E 33 11.75 1.73 20.05
CA ALA E 33 12.61 2.44 19.12
C ALA E 33 12.09 3.85 18.85
N LEU E 34 12.76 4.84 19.42
CA LEU E 34 12.36 6.24 19.25
C LEU E 34 13.36 7.17 19.93
N HIS E 35 14.12 7.91 19.13
CA HIS E 35 15.10 8.85 19.65
C HIS E 35 16.19 8.12 20.43
N GLY E 36 17.36 7.97 19.82
CA GLY E 36 18.46 7.28 20.46
C GLY E 36 19.38 8.23 21.19
N GLY E 37 20.68 7.93 21.17
CA GLY E 37 21.65 8.78 21.85
C GLY E 37 23.01 8.74 21.19
N ILE E 38 23.85 7.80 21.62
CA ILE E 38 25.19 7.66 21.07
C ILE E 38 25.15 7.56 19.55
N ARG E 39 26.17 8.11 18.90
CA ARG E 39 26.25 8.09 17.44
C ARG E 39 27.29 7.07 16.97
N ILE E 40 26.85 6.10 16.18
CA ILE E 40 27.74 5.08 15.66
C ILE E 40 27.82 5.12 14.14
N SER E 41 26.75 5.62 13.51
CA SER E 41 26.69 5.73 12.06
C SER E 41 26.81 4.35 11.42
N ASP E 42 26.94 4.33 10.10
CA ASP E 42 27.06 3.08 9.35
C ASP E 42 25.80 2.24 9.49
N GLN E 43 25.01 2.19 8.42
CA GLN E 43 23.77 1.43 8.43
C GLN E 43 24.03 -0.03 8.08
N THR E 44 23.00 -0.86 8.22
CA THR E 44 23.12 -2.29 7.92
C THR E 44 22.53 -2.61 6.56
N THR E 45 23.21 -3.47 5.81
CA THR E 45 22.76 -3.86 4.49
C THR E 45 22.61 -5.38 4.39
N ASN E 46 21.47 -5.82 3.87
CA ASN E 46 21.22 -7.25 3.72
C ASN E 46 20.84 -7.59 2.27
N SER E 47 21.59 -8.49 1.66
CA SER E 47 21.34 -8.89 0.29
C SER E 47 21.24 -10.42 0.17
N VAL E 48 20.12 -10.89 -0.37
CA VAL E 48 19.89 -12.32 -0.52
C VAL E 48 19.79 -12.69 -1.99
N GLU E 49 20.62 -13.65 -2.42
CA GLU E 49 20.62 -14.11 -3.80
C GLU E 49 19.27 -14.68 -4.19
N THR E 50 19.00 -15.92 -3.76
CA THR E 50 17.75 -16.58 -4.07
C THR E 50 17.27 -17.43 -2.89
N VAL E 51 15.99 -17.34 -2.58
CA VAL E 51 15.40 -18.09 -1.47
C VAL E 51 14.33 -19.05 -1.98
N VAL E 52 14.44 -20.31 -1.57
CA VAL E 52 13.48 -21.33 -1.97
C VAL E 52 12.92 -22.07 -0.76
N GLY E 53 11.59 -22.08 -0.64
CA GLY E 53 10.96 -22.76 0.48
C GLY E 53 9.99 -23.82 0.02
N LYS E 54 10.09 -25.00 0.63
CA LYS E 54 9.20 -26.11 0.29
C LYS E 54 8.64 -26.77 1.55
N GLY E 55 7.32 -26.71 1.70
CA GLY E 55 6.70 -27.32 2.87
C GLY E 55 6.96 -26.54 4.14
N GLU E 56 6.16 -25.51 4.38
CA GLU E 56 6.31 -24.67 5.57
C GLU E 56 7.73 -24.10 5.64
N SER E 57 7.93 -22.96 4.99
CA SER E 57 9.23 -22.31 4.98
C SER E 57 9.14 -20.91 5.58
N ARG E 58 10.20 -20.49 6.26
CA ARG E 58 10.24 -19.17 6.88
C ARG E 58 11.60 -18.51 6.66
N VAL E 59 11.57 -17.27 6.16
CA VAL E 59 12.79 -16.54 5.90
C VAL E 59 12.74 -15.15 6.53
N LEU E 60 13.80 -14.77 7.23
CA LEU E 60 13.88 -13.47 7.89
C LEU E 60 15.17 -12.75 7.52
N ILE E 61 15.04 -11.67 6.76
CA ILE E 61 16.19 -10.88 6.34
C ILE E 61 16.24 -9.54 7.06
N GLY E 62 17.44 -9.14 7.48
CA GLY E 62 17.59 -7.87 8.18
C GLY E 62 17.96 -8.06 9.64
N ASN E 63 17.64 -7.06 10.45
CA ASN E 63 17.94 -7.12 11.88
C ASN E 63 16.69 -6.80 12.71
N GLU E 64 16.62 -7.39 13.89
CA GLU E 64 15.48 -7.18 14.79
C GLU E 64 15.90 -6.39 16.03
N TYR E 65 15.11 -5.38 16.37
CA TYR E 65 15.40 -4.55 17.53
C TYR E 65 14.20 -4.49 18.47
N GLY E 66 14.42 -4.83 19.73
CA GLY E 66 13.35 -4.81 20.72
C GLY E 66 13.59 -5.77 21.86
N GLY E 67 12.50 -6.26 22.44
CA GLY E 67 12.61 -7.20 23.55
C GLY E 67 13.42 -8.43 23.19
N LYS E 68 13.54 -9.35 24.14
CA LYS E 68 14.30 -10.58 23.92
C LYS E 68 13.69 -11.40 22.78
N GLY E 69 12.43 -11.12 22.47
CA GLY E 69 11.75 -11.83 21.41
C GLY E 69 12.53 -11.83 20.12
N PHE E 70 13.17 -12.97 19.82
CA PHE E 70 13.97 -13.09 18.60
C PHE E 70 13.11 -12.87 17.36
N TRP E 71 12.30 -13.87 17.03
CA TRP E 71 11.42 -13.78 15.86
C TRP E 71 10.00 -14.17 16.22
N ASP E 72 9.64 -14.00 17.50
CA ASP E 72 8.31 -14.33 17.98
C ASP E 72 8.17 -14.02 19.47
N ASN E 73 7.06 -14.48 20.06
CA ASN E 73 6.82 -14.26 21.48
C ASN E 73 7.94 -14.85 22.32
N HIS E 74 7.88 -14.57 23.62
CA HIS E 74 8.89 -15.09 24.55
C HIS E 74 8.84 -16.60 24.64
N HIS E 75 7.66 -17.16 24.36
CA HIS E 75 7.48 -18.61 24.40
C HIS E 75 8.48 -19.32 23.50
N HIS E 76 8.47 -20.65 23.54
CA HIS E 76 9.38 -21.45 22.73
C HIS E 76 10.83 -21.18 23.13
N HIS E 77 11.38 -22.05 23.96
CA HIS E 77 12.76 -21.92 24.42
C HIS E 77 13.67 -22.89 23.68
N HIS E 78 14.98 -22.78 23.95
CA HIS E 78 15.96 -23.66 23.31
C HIS E 78 17.33 -23.49 23.96
N HIS E 79 18.29 -24.29 23.50
CA HIS E 79 19.65 -24.22 24.04
C HIS E 79 20.68 -24.51 22.95
N MET A 1 -7.95 30.49 -6.36
CA MET A 1 -7.45 29.81 -5.17
C MET A 1 -8.59 29.19 -4.37
N LYS A 2 -8.35 28.01 -3.81
CA LYS A 2 -9.36 27.32 -3.01
C LYS A 2 -9.03 27.38 -1.53
N ILE A 3 -10.06 27.38 -0.69
CA ILE A 3 -9.88 27.43 0.75
C ILE A 3 -10.31 26.12 1.41
N ASP A 4 -11.29 25.47 0.81
CA ASP A 4 -11.80 24.21 1.33
C ASP A 4 -10.71 23.15 1.36
N ALA A 5 -11.08 21.93 1.73
CA ALA A 5 -10.13 20.83 1.81
C ALA A 5 -10.64 19.60 1.06
N ILE A 6 -11.51 19.84 0.09
CA ILE A 6 -12.09 18.76 -0.71
C ILE A 6 -11.98 19.05 -2.20
N VAL A 7 -11.09 18.35 -2.88
CA VAL A 7 -10.89 18.54 -4.31
C VAL A 7 -11.06 17.22 -5.07
N GLY A 8 -11.56 17.31 -6.29
CA GLY A 8 -11.77 16.11 -7.09
C GLY A 8 -11.07 16.20 -8.44
N ARG A 9 -11.75 16.76 -9.43
CA ARG A 9 -11.20 16.89 -10.76
C ARG A 9 -10.93 15.53 -11.38
N ASN A 10 -11.90 15.02 -12.15
CA ASN A 10 -11.76 13.72 -12.79
C ASN A 10 -11.68 13.87 -14.31
N SER A 11 -10.69 13.22 -14.91
CA SER A 11 -10.51 13.29 -16.36
C SER A 11 -10.57 11.89 -16.97
N ALA A 12 -11.25 11.78 -18.11
CA ALA A 12 -11.37 10.50 -18.80
C ALA A 12 -11.31 10.69 -20.31
N LYS A 13 -10.46 9.91 -20.96
CA LYS A 13 -10.30 9.98 -22.41
C LYS A 13 -11.34 9.11 -23.12
N ASP A 14 -11.66 7.98 -22.51
CA ASP A 14 -12.64 7.06 -23.08
C ASP A 14 -13.08 6.02 -22.05
N ILE A 15 -14.38 5.74 -22.03
CA ILE A 15 -14.93 4.76 -21.10
C ILE A 15 -15.97 3.87 -21.77
N ARG A 16 -15.87 2.57 -21.52
CA ARG A 16 -16.80 1.61 -22.10
C ARG A 16 -17.28 0.62 -21.06
N THR A 17 -18.60 0.45 -20.97
CA THR A 17 -19.19 -0.47 -20.01
C THR A 17 -20.26 -1.34 -20.67
N GLU A 18 -20.40 -2.57 -20.17
CA GLU A 18 -21.38 -3.50 -20.71
C GLU A 18 -21.87 -4.46 -19.64
N GLU A 19 -22.94 -5.18 -19.94
CA GLU A 19 -23.51 -6.14 -18.99
C GLU A 19 -23.99 -5.44 -17.73
N ARG A 20 -25.01 -4.60 -17.87
CA ARG A 20 -25.57 -3.86 -16.74
C ARG A 20 -24.46 -3.16 -15.95
N ALA A 21 -23.52 -2.56 -16.68
CA ALA A 21 -22.40 -1.85 -16.05
C ALA A 21 -22.75 -0.39 -15.83
N ARG A 22 -22.06 0.23 -14.87
CA ARG A 22 -22.30 1.64 -14.56
C ARG A 22 -20.98 2.36 -14.31
N VAL A 23 -20.92 3.62 -14.74
CA VAL A 23 -19.72 4.43 -14.58
C VAL A 23 -20.02 5.72 -13.84
N GLN A 24 -19.35 5.92 -12.70
CA GLN A 24 -19.55 7.12 -11.89
C GLN A 24 -18.27 7.94 -11.80
N LEU A 25 -18.37 9.22 -12.12
CA LEU A 25 -17.22 10.12 -12.08
C LEU A 25 -17.50 11.32 -11.18
N GLY A 26 -16.71 11.46 -10.12
CA GLY A 26 -16.87 12.57 -9.19
C GLY A 26 -16.77 12.13 -7.75
N ASN A 27 -16.62 13.11 -6.86
CA ASN A 27 -16.49 12.82 -5.43
C ASN A 27 -17.87 12.72 -4.78
N VAL A 28 -18.05 11.71 -3.94
CA VAL A 28 -19.32 11.51 -3.25
C VAL A 28 -19.16 11.66 -1.74
N VAL A 29 -19.92 12.58 -1.15
CA VAL A 29 -19.86 12.82 0.28
C VAL A 29 -21.23 12.63 0.92
N THR A 30 -21.27 11.84 1.98
CA THR A 30 -22.52 11.57 2.70
C THR A 30 -22.95 12.78 3.51
N ALA A 31 -24.16 12.70 4.08
CA ALA A 31 -24.69 13.79 4.88
C ALA A 31 -23.82 14.03 6.12
N ALA A 32 -23.41 12.95 6.77
CA ALA A 32 -22.58 13.05 7.96
C ALA A 32 -21.29 13.81 7.67
N ALA A 33 -20.75 13.61 6.47
CA ALA A 33 -19.51 14.27 6.07
C ALA A 33 -19.60 15.77 6.29
N LEU A 34 -20.74 16.35 5.93
CA LEU A 34 -20.96 17.79 6.10
C LEU A 34 -19.90 18.58 5.34
N HIS A 35 -20.01 19.91 5.38
CA HIS A 35 -19.07 20.79 4.69
C HIS A 35 -18.04 21.35 5.67
N GLY A 36 -16.76 21.20 5.33
CA GLY A 36 -15.70 21.70 6.19
C GLY A 36 -15.38 20.75 7.32
N GLY A 37 -14.20 20.90 7.90
CA GLY A 37 -13.79 20.04 9.00
C GLY A 37 -12.64 19.13 8.62
N ILE A 38 -11.68 19.66 7.86
CA ILE A 38 -10.53 18.87 7.43
C ILE A 38 -9.26 19.71 7.47
N ARG A 39 -9.21 20.73 6.64
CA ARG A 39 -8.04 21.62 6.57
C ARG A 39 -6.80 20.84 6.13
N ILE A 40 -6.40 21.05 4.88
CA ILE A 40 -5.22 20.37 4.34
C ILE A 40 -4.84 20.95 2.98
N SER A 41 -3.54 20.92 2.67
CA SER A 41 -3.04 21.44 1.42
C SER A 41 -2.69 20.31 0.45
N ASP A 42 -3.58 20.05 -0.50
CA ASP A 42 -3.37 18.99 -1.48
C ASP A 42 -4.45 19.02 -2.55
N GLN A 43 -4.05 18.76 -3.80
CA GLN A 43 -4.99 18.76 -4.91
C GLN A 43 -5.01 17.40 -5.60
N THR A 44 -5.79 16.47 -5.05
CA THR A 44 -5.91 15.13 -5.61
C THR A 44 -6.75 15.13 -6.88
N THR A 45 -6.17 14.67 -7.98
CA THR A 45 -6.86 14.61 -9.25
C THR A 45 -6.65 13.28 -9.94
N ASN A 46 -7.74 12.57 -10.20
CA ASN A 46 -7.67 11.27 -10.86
C ASN A 46 -7.99 11.40 -12.35
N SER A 47 -7.15 10.77 -13.18
CA SER A 47 -7.33 10.82 -14.62
C SER A 47 -6.97 9.47 -15.25
N VAL A 48 -7.92 8.90 -15.98
CA VAL A 48 -7.71 7.62 -16.64
C VAL A 48 -7.87 7.75 -18.15
N GLU A 49 -6.94 7.16 -18.89
CA GLU A 49 -6.98 7.22 -20.35
C GLU A 49 -8.18 6.45 -20.88
N THR A 50 -8.15 5.13 -20.75
CA THR A 50 -9.24 4.28 -21.22
C THR A 50 -9.66 3.28 -20.16
N VAL A 51 -10.96 3.13 -19.97
CA VAL A 51 -11.50 2.20 -18.99
C VAL A 51 -12.52 1.24 -19.61
N VAL A 52 -12.41 -0.03 -19.27
CA VAL A 52 -13.33 -1.04 -19.81
C VAL A 52 -13.96 -1.85 -18.68
N GLY A 53 -15.26 -2.11 -18.80
CA GLY A 53 -15.96 -2.86 -17.79
C GLY A 53 -16.83 -3.96 -18.39
N LYS A 54 -16.74 -5.16 -17.81
CA LYS A 54 -17.52 -6.29 -18.29
C LYS A 54 -18.20 -7.02 -17.14
N GLY A 55 -19.36 -7.59 -17.40
CA GLY A 55 -20.09 -8.30 -16.37
C GLY A 55 -20.36 -7.45 -15.15
N GLU A 56 -21.44 -6.67 -15.19
CA GLU A 56 -21.79 -5.80 -14.08
C GLU A 56 -20.56 -5.09 -13.53
N SER A 57 -19.85 -4.38 -14.39
CA SER A 57 -18.65 -3.66 -14.00
C SER A 57 -19.00 -2.30 -13.40
N ARG A 58 -18.24 -1.87 -12.41
CA ARG A 58 -18.47 -0.58 -11.76
C ARG A 58 -17.22 0.29 -11.82
N VAL A 59 -17.38 1.52 -12.28
CA VAL A 59 -16.27 2.46 -12.39
C VAL A 59 -16.46 3.65 -11.46
N LEU A 60 -15.46 3.92 -10.62
CA LEU A 60 -15.52 5.02 -9.69
C LEU A 60 -14.28 5.91 -9.80
N ILE A 61 -14.46 7.11 -10.33
CA ILE A 61 -13.34 8.04 -10.49
C ILE A 61 -13.52 9.25 -9.58
N GLY A 62 -12.74 9.29 -8.50
CA GLY A 62 -12.82 10.40 -7.57
C GLY A 62 -12.54 9.97 -6.14
N ASN A 63 -13.19 10.63 -5.19
CA ASN A 63 -13.00 10.31 -3.77
C ASN A 63 -14.34 10.08 -3.08
N GLU A 64 -14.31 9.33 -1.99
CA GLU A 64 -15.52 9.02 -1.25
C GLU A 64 -15.40 9.48 0.20
N TYR A 65 -16.28 10.39 0.60
CA TYR A 65 -16.26 10.91 1.96
C TYR A 65 -17.47 10.41 2.76
N GLY A 66 -17.20 9.81 3.91
CA GLY A 66 -18.27 9.29 4.75
C GLY A 66 -19.06 8.19 4.05
N GLY A 67 -20.01 7.60 4.78
CA GLY A 67 -20.82 6.54 4.22
C GLY A 67 -20.71 5.25 5.00
N LYS A 68 -20.18 5.34 6.21
CA LYS A 68 -20.02 4.17 7.06
C LYS A 68 -19.11 3.13 6.39
N GLY A 69 -17.83 3.46 6.28
CA GLY A 69 -16.87 2.56 5.66
C GLY A 69 -16.45 3.01 4.28
N PHE A 70 -15.49 2.30 3.69
CA PHE A 70 -15.00 2.65 2.37
C PHE A 70 -16.12 2.59 1.33
N TRP A 71 -15.74 2.62 0.06
CA TRP A 71 -16.71 2.57 -1.03
C TRP A 71 -17.83 1.58 -0.71
N ASP A 72 -17.54 0.30 -0.88
CA ASP A 72 -18.53 -0.75 -0.61
C ASP A 72 -17.91 -2.13 -0.81
N ASN A 73 -18.37 -3.09 -0.01
CA ASN A 73 -17.87 -4.47 -0.10
C ASN A 73 -18.96 -5.42 -0.59
N HIS A 74 -19.94 -5.68 0.26
CA HIS A 74 -21.04 -6.57 -0.09
C HIS A 74 -22.03 -6.68 1.06
N HIS A 75 -21.52 -6.64 2.29
CA HIS A 75 -22.37 -6.73 3.48
C HIS A 75 -23.07 -8.09 3.53
N HIS A 76 -22.60 -8.94 4.44
CA HIS A 76 -23.18 -10.28 4.59
C HIS A 76 -23.82 -10.43 5.96
N HIS A 77 -24.20 -11.66 6.31
CA HIS A 77 -24.82 -11.94 7.59
C HIS A 77 -23.99 -11.37 8.74
N HIS A 78 -22.68 -11.31 8.53
CA HIS A 78 -21.77 -10.79 9.55
C HIS A 78 -20.38 -10.56 8.97
N HIS A 79 -19.47 -10.04 9.80
CA HIS A 79 -18.11 -9.78 9.36
C HIS A 79 -18.07 -8.73 8.26
N MET B 1 9.36 26.02 -25.42
CA MET B 1 8.21 26.33 -24.59
C MET B 1 7.62 25.06 -23.97
N LYS B 2 7.95 24.81 -22.71
CA LYS B 2 7.46 23.62 -22.02
C LYS B 2 7.53 23.82 -20.50
N ILE B 3 6.57 23.24 -19.79
CA ILE B 3 6.53 23.34 -18.34
C ILE B 3 6.04 22.04 -17.71
N ASP B 4 6.62 21.69 -16.57
CA ASP B 4 6.24 20.46 -15.86
C ASP B 4 6.42 20.63 -14.35
N ALA B 5 5.46 20.13 -13.58
CA ALA B 5 5.52 20.22 -12.13
C ALA B 5 5.19 18.88 -11.48
N ILE B 6 5.09 18.87 -10.16
CA ILE B 6 4.78 17.66 -9.42
C ILE B 6 3.80 17.93 -8.29
N VAL B 7 2.75 17.12 -8.20
CA VAL B 7 1.74 17.28 -7.16
C VAL B 7 0.95 16.00 -6.97
N GLY B 8 0.44 15.79 -5.76
CA GLY B 8 -0.34 14.61 -5.46
C GLY B 8 -1.50 14.42 -6.43
N ARG B 9 -1.61 13.22 -7.00
CA ARG B 9 -2.68 12.92 -7.93
C ARG B 9 -2.63 11.46 -8.36
N ASN B 10 -3.62 11.04 -9.14
CA ASN B 10 -3.69 9.66 -9.63
C ASN B 10 -3.82 9.62 -11.15
N SER B 11 -2.95 8.86 -11.79
CA SER B 11 -2.96 8.74 -13.24
C SER B 11 -3.00 7.27 -13.66
N ALA B 12 -3.76 6.99 -14.72
CA ALA B 12 -3.90 5.63 -15.22
C ALA B 12 -3.86 5.60 -16.75
N LYS B 13 -2.99 4.76 -17.30
CA LYS B 13 -2.84 4.65 -18.75
C LYS B 13 -3.98 3.81 -19.33
N ASP B 14 -4.35 2.74 -18.63
CA ASP B 14 -5.42 1.86 -19.09
C ASP B 14 -5.86 0.93 -17.97
N ILE B 15 -7.17 0.74 -17.85
CA ILE B 15 -7.73 -0.13 -16.82
C ILE B 15 -8.87 -0.98 -17.36
N ARG B 16 -8.84 -2.27 -17.07
CA ARG B 16 -9.88 -3.19 -17.53
C ARG B 16 -10.32 -4.13 -16.42
N THR B 17 -11.63 -4.20 -16.19
CA THR B 17 -12.18 -5.05 -15.15
C THR B 17 -13.40 -5.81 -15.66
N GLU B 18 -13.47 -7.10 -15.30
CA GLU B 18 -14.58 -7.94 -15.73
C GLU B 18 -14.99 -8.89 -14.61
N GLU B 19 -16.16 -9.52 -14.76
CA GLU B 19 -16.67 -10.45 -13.77
C GLU B 19 -16.99 -9.73 -12.47
N ARG B 20 -18.01 -8.88 -12.50
CA ARG B 20 -18.42 -8.13 -11.32
C ARG B 20 -17.22 -7.46 -10.66
N ALA B 21 -16.42 -6.76 -11.46
CA ALA B 21 -15.25 -6.08 -10.95
C ALA B 21 -15.50 -4.59 -10.78
N ARG B 22 -14.74 -3.95 -9.91
CA ARG B 22 -14.89 -2.52 -9.65
C ARG B 22 -13.53 -1.82 -9.65
N VAL B 23 -13.49 -0.60 -10.17
CA VAL B 23 -12.26 0.17 -10.23
C VAL B 23 -12.43 1.53 -9.55
N GLN B 24 -11.56 1.81 -8.58
CA GLN B 24 -11.62 3.07 -7.85
C GLN B 24 -10.35 3.88 -8.06
N LEU B 25 -10.51 5.14 -8.46
CA LEU B 25 -9.37 6.02 -8.70
C LEU B 25 -9.41 7.24 -7.79
N GLY B 26 -8.40 7.38 -6.95
CA GLY B 26 -8.35 8.51 -6.03
C GLY B 26 -8.33 8.08 -4.58
N ASN B 27 -8.33 9.04 -3.66
CA ASN B 27 -8.32 8.76 -2.24
C ASN B 27 -9.73 8.54 -1.71
N VAL B 28 -9.86 7.70 -0.69
CA VAL B 28 -11.17 7.42 -0.10
C VAL B 28 -11.11 7.53 1.42
N VAL B 29 -12.02 8.31 1.98
CA VAL B 29 -12.08 8.50 3.42
C VAL B 29 -13.44 8.09 3.98
N THR B 30 -13.42 7.26 5.01
CA THR B 30 -14.65 6.78 5.64
C THR B 30 -15.22 7.82 6.60
N ALA B 31 -16.40 7.54 7.15
CA ALA B 31 -17.04 8.45 8.08
C ALA B 31 -16.20 8.63 9.34
N ALA B 32 -15.70 7.52 9.88
CA ALA B 32 -14.88 7.57 11.08
C ALA B 32 -13.62 8.40 10.86
N ALA B 33 -13.07 8.32 9.66
CA ALA B 33 -11.87 9.07 9.32
C ALA B 33 -12.15 10.57 9.28
N LEU B 34 -11.74 11.27 10.33
CA LEU B 34 -11.95 12.71 10.42
C LEU B 34 -11.06 13.33 11.50
N HIS B 35 -11.03 12.68 12.67
CA HIS B 35 -10.22 13.17 13.78
C HIS B 35 -8.74 13.20 13.41
N GLY B 36 -7.99 14.08 14.06
CA GLY B 36 -6.57 14.19 13.78
C GLY B 36 -5.99 15.51 14.27
N GLY B 37 -5.68 16.40 13.33
CA GLY B 37 -5.11 17.68 13.69
C GLY B 37 -4.73 18.51 12.48
N ILE B 38 -3.46 18.91 12.41
CA ILE B 38 -2.97 19.70 11.30
C ILE B 38 -3.31 19.05 9.97
N ARG B 39 -3.27 17.72 9.94
CA ARG B 39 -3.59 16.97 8.72
C ARG B 39 -2.70 17.43 7.56
N ILE B 40 -1.55 16.79 7.43
CA ILE B 40 -0.61 17.12 6.36
C ILE B 40 0.25 15.93 5.99
N SER B 41 0.52 15.77 4.69
CA SER B 41 1.33 14.67 4.20
C SER B 41 2.06 15.05 2.92
N ASP B 42 3.10 14.30 2.59
CA ASP B 42 3.89 14.57 1.39
C ASP B 42 2.99 14.55 0.15
N GLN B 43 3.59 14.88 -1.00
CA GLN B 43 2.85 14.91 -2.25
C GLN B 43 2.89 13.55 -2.95
N THR B 44 2.12 12.60 -2.42
CA THR B 44 2.07 11.26 -2.99
C THR B 44 1.29 11.24 -4.30
N THR B 45 1.87 10.63 -5.32
CA THR B 45 1.22 10.55 -6.64
C THR B 45 1.30 9.14 -7.19
N ASN B 46 0.16 8.44 -7.22
CA ASN B 46 0.10 7.08 -7.74
C ASN B 46 -0.15 7.08 -9.23
N SER B 47 0.57 6.24 -9.95
CA SER B 47 0.42 6.13 -11.40
C SER B 47 0.57 4.69 -11.87
N VAL B 48 -0.45 4.18 -12.55
CA VAL B 48 -0.44 2.82 -13.05
C VAL B 48 -0.56 2.79 -14.57
N GLU B 49 0.19 1.88 -15.19
CA GLU B 49 0.18 1.75 -16.65
C GLU B 49 -1.06 1.00 -17.11
N THR B 50 -1.05 -0.32 -16.89
CA THR B 50 -2.17 -1.17 -17.28
C THR B 50 -2.60 -2.09 -16.15
N VAL B 51 -3.89 -2.06 -15.82
CA VAL B 51 -4.42 -2.90 -14.76
C VAL B 51 -5.53 -3.81 -15.26
N VAL B 52 -5.49 -5.07 -14.86
CA VAL B 52 -6.49 -6.04 -15.27
C VAL B 52 -7.08 -6.77 -14.06
N GLY B 53 -8.41 -6.87 -14.05
CA GLY B 53 -9.08 -7.54 -12.95
C GLY B 53 -10.06 -8.60 -13.43
N LYS B 54 -10.00 -9.77 -12.81
CA LYS B 54 -10.89 -10.86 -13.17
C LYS B 54 -11.52 -11.50 -11.94
N GLY B 55 -12.74 -12.00 -12.09
CA GLY B 55 -13.43 -12.62 -10.97
C GLY B 55 -13.51 -11.71 -9.77
N GLU B 56 -14.59 -10.95 -9.67
CA GLU B 56 -14.79 -10.03 -8.55
C GLU B 56 -13.49 -9.33 -8.18
N SER B 57 -12.84 -8.76 -9.19
CA SER B 57 -11.57 -8.06 -8.98
C SER B 57 -11.81 -6.63 -8.50
N ARG B 58 -10.94 -6.16 -7.62
CA ARG B 58 -11.05 -4.81 -7.08
C ARG B 58 -9.75 -4.03 -7.25
N VAL B 59 -9.85 -2.84 -7.83
CA VAL B 59 -8.68 -2.00 -8.06
C VAL B 59 -8.80 -0.68 -7.30
N LEU B 60 -7.80 -0.39 -6.48
CA LEU B 60 -7.79 0.86 -5.71
C LEU B 60 -6.49 1.63 -5.93
N ILE B 61 -6.59 2.77 -6.59
CA ILE B 61 -5.43 3.60 -6.86
C ILE B 61 -5.49 4.90 -6.06
N GLY B 62 -4.67 4.97 -5.00
CA GLY B 62 -4.64 6.17 -4.18
C GLY B 62 -4.35 5.85 -2.72
N ASN B 63 -5.00 6.58 -1.82
CA ASN B 63 -4.81 6.37 -0.39
C ASN B 63 -6.14 6.08 0.30
N GLU B 64 -6.08 5.25 1.35
CA GLU B 64 -7.29 4.90 2.09
C GLU B 64 -7.25 5.49 3.50
N TYR B 65 -8.34 6.16 3.88
CA TYR B 65 -8.43 6.77 5.19
C TYR B 65 -9.64 6.26 5.96
N GLY B 66 -9.43 5.84 7.19
CA GLY B 66 -10.51 5.33 8.01
C GLY B 66 -10.82 3.86 7.72
N GLY B 67 -11.48 3.20 8.65
CA GLY B 67 -11.82 1.79 8.48
C GLY B 67 -11.32 0.93 9.61
N LYS B 68 -10.09 0.45 9.48
CA LYS B 68 -9.49 -0.41 10.52
C LYS B 68 -8.06 -0.78 10.15
N GLY B 69 -7.88 -1.29 8.93
CA GLY B 69 -6.56 -1.69 8.48
C GLY B 69 -6.23 -1.12 7.12
N PHE B 70 -6.57 -1.86 6.07
CA PHE B 70 -6.30 -1.42 4.70
C PHE B 70 -7.58 -1.33 3.89
N TRP B 71 -8.52 -2.23 4.18
CA TRP B 71 -9.80 -2.26 3.47
C TRP B 71 -10.93 -2.65 4.42
N ASP B 72 -12.10 -2.91 3.85
CA ASP B 72 -13.26 -3.29 4.64
C ASP B 72 -14.04 -4.41 3.95
N ASN B 73 -14.07 -5.58 4.58
CA ASN B 73 -14.78 -6.73 4.03
C ASN B 73 -15.16 -7.72 5.14
N HIS B 74 -14.19 -8.06 5.97
CA HIS B 74 -14.42 -8.99 7.08
C HIS B 74 -13.95 -8.40 8.40
N HIS B 75 -13.92 -9.22 9.44
CA HIS B 75 -13.50 -8.78 10.76
C HIS B 75 -12.51 -9.77 11.37
N HIS B 76 -11.39 -9.24 11.88
CA HIS B 76 -10.37 -10.08 12.50
C HIS B 76 -9.22 -9.23 13.03
N HIS B 77 -8.42 -9.81 13.91
CA HIS B 77 -7.29 -9.11 14.50
C HIS B 77 -6.46 -10.05 15.38
N HIS B 78 -5.42 -9.50 16.00
CA HIS B 78 -4.55 -10.29 16.86
C HIS B 78 -4.46 -9.66 18.26
N HIS B 79 -3.54 -10.19 19.06
CA HIS B 79 -3.36 -9.68 20.43
C HIS B 79 -1.88 -9.61 20.78
N MET C 1 -8.11 12.84 -20.60
CA MET C 1 -7.68 13.82 -21.59
C MET C 1 -6.58 14.72 -21.03
N LYS C 2 -5.61 14.11 -20.36
CA LYS C 2 -4.50 14.85 -19.76
C LYS C 2 -3.52 13.90 -19.09
N ILE C 3 -2.66 13.29 -19.89
CA ILE C 3 -1.66 12.36 -19.37
C ILE C 3 -0.38 12.41 -20.20
N ASP C 4 0.75 12.47 -19.51
CA ASP C 4 2.06 12.52 -20.18
C ASP C 4 3.19 12.51 -19.17
N ALA C 5 3.07 11.63 -18.18
CA ALA C 5 4.10 11.51 -17.14
C ALA C 5 3.82 10.33 -16.23
N ILE C 6 4.81 9.46 -16.05
CA ILE C 6 4.67 8.29 -15.20
C ILE C 6 5.66 8.33 -14.04
N VAL C 7 5.42 9.25 -13.11
CA VAL C 7 6.28 9.39 -11.94
C VAL C 7 5.47 9.71 -10.69
N GLY C 8 6.15 9.74 -9.54
CA GLY C 8 5.46 10.02 -8.29
C GLY C 8 6.01 9.21 -7.14
N ARG C 9 5.12 8.78 -6.25
CA ARG C 9 5.52 7.99 -5.09
C ARG C 9 5.17 6.51 -5.29
N ASN C 10 4.28 6.25 -6.24
CA ASN C 10 3.87 4.89 -6.53
C ASN C 10 3.67 4.69 -8.04
N SER C 11 4.54 3.86 -8.63
CA SER C 11 4.46 3.59 -10.06
C SER C 11 4.33 2.09 -10.32
N ALA C 12 3.46 1.74 -11.26
CA ALA C 12 3.23 0.34 -11.61
C ALA C 12 3.24 0.15 -13.12
N LYS C 13 4.17 -0.68 -13.59
CA LYS C 13 4.29 -0.96 -15.02
C LYS C 13 3.10 -1.78 -15.52
N ASP C 14 2.70 -2.78 -14.75
CA ASP C 14 1.57 -3.63 -15.11
C ASP C 14 1.15 -4.49 -13.93
N ILE C 15 -0.17 -4.58 -13.72
CA ILE C 15 -0.71 -5.37 -12.63
C ILE C 15 -1.94 -6.17 -13.08
N ARG C 16 -1.94 -7.46 -12.75
CA ARG C 16 -3.06 -8.33 -13.11
C ARG C 16 -3.46 -9.22 -11.95
N THR C 17 -4.75 -9.22 -11.63
CA THR C 17 -5.26 -10.02 -10.53
C THR C 17 -6.55 -10.75 -10.94
N GLU C 18 -6.73 -11.96 -10.42
CA GLU C 18 -7.91 -12.74 -10.72
C GLU C 18 -8.32 -13.61 -9.53
N GLU C 19 -9.53 -14.16 -9.59
CA GLU C 19 -10.03 -15.01 -8.52
C GLU C 19 -10.25 -14.19 -7.24
N ARG C 20 -11.24 -13.30 -7.28
CA ARG C 20 -11.55 -12.46 -6.13
C ARG C 20 -10.28 -11.85 -5.54
N ALA C 21 -9.50 -11.19 -6.39
CA ALA C 21 -8.26 -10.56 -5.95
C ALA C 21 -8.43 -9.04 -5.83
N ARG C 22 -7.58 -8.42 -5.02
CA ARG C 22 -7.64 -6.97 -4.82
C ARG C 22 -6.25 -6.35 -4.94
N VAL C 23 -6.18 -5.18 -5.55
CA VAL C 23 -4.91 -4.48 -5.73
C VAL C 23 -4.98 -3.07 -5.17
N GLN C 24 -4.10 -2.76 -4.22
CA GLN C 24 -4.07 -1.44 -3.61
C GLN C 24 -2.76 -0.73 -3.93
N LEU C 25 -2.86 0.40 -4.64
CA LEU C 25 -1.68 1.17 -5.00
C LEU C 25 -1.65 2.50 -4.26
N GLY C 26 -0.61 2.71 -3.47
CA GLY C 26 -0.49 3.95 -2.72
C GLY C 26 -0.37 3.72 -1.23
N ASN C 27 -0.30 4.81 -0.47
CA ASN C 27 -0.19 4.72 0.98
C ASN C 27 -1.57 4.59 1.63
N VAL C 28 -1.71 3.63 2.54
CA VAL C 28 -2.97 3.41 3.23
C VAL C 28 -2.83 3.67 4.72
N VAL C 29 -3.64 4.58 5.24
CA VAL C 29 -3.61 4.91 6.66
C VAL C 29 -4.98 4.71 7.31
N THR C 30 -5.00 3.99 8.42
CA THR C 30 -6.24 3.71 9.14
C THR C 30 -6.79 4.98 9.79
N ALA C 31 -7.97 4.87 10.39
CA ALA C 31 -8.60 6.01 11.05
C ALA C 31 -7.70 6.56 12.15
N ALA C 32 -7.15 5.66 12.97
CA ALA C 32 -6.27 6.07 14.06
C ALA C 32 -4.96 6.64 13.53
N ALA C 33 -4.47 6.06 12.43
CA ALA C 33 -3.22 6.52 11.83
C ALA C 33 -3.26 8.02 11.55
N LEU C 34 -2.09 8.66 11.59
CA LEU C 34 -2.00 10.09 11.34
C LEU C 34 -0.59 10.47 10.92
N HIS C 35 -0.46 11.01 9.71
CA HIS C 35 0.84 11.43 9.18
C HIS C 35 1.55 12.34 10.17
N GLY C 36 0.91 13.46 10.52
CA GLY C 36 1.49 14.40 11.45
C GLY C 36 2.13 15.59 10.76
N GLY C 37 3.39 15.45 10.38
CA GLY C 37 4.08 16.54 9.70
C GLY C 37 5.12 16.03 8.72
N ILE C 38 4.87 16.24 7.44
CA ILE C 38 5.80 15.80 6.39
C ILE C 38 5.84 16.82 5.25
N ARG C 39 7.05 17.08 4.75
CA ARG C 39 7.24 18.02 3.66
C ARG C 39 7.33 17.29 2.32
N ILE C 40 7.70 18.02 1.28
CA ILE C 40 7.83 17.45 -0.06
C ILE C 40 9.23 17.63 -0.60
N SER C 41 10.00 16.54 -0.64
CA SER C 41 11.36 16.59 -1.14
C SER C 41 12.01 15.21 -1.09
N ASP C 42 11.68 14.37 -2.07
CA ASP C 42 12.22 13.03 -2.14
C ASP C 42 11.83 12.21 -0.90
N GLN C 43 10.78 11.40 -1.06
CA GLN C 43 10.30 10.58 0.05
C GLN C 43 10.22 9.11 -0.37
N THR C 44 9.63 8.29 0.49
CA THR C 44 9.49 6.86 0.22
C THR C 44 8.58 6.62 -0.99
N THR C 45 9.10 5.90 -1.98
CA THR C 45 8.34 5.60 -3.18
C THR C 45 8.47 4.13 -3.56
N ASN C 46 7.38 3.54 -4.03
CA ASN C 46 7.37 2.13 -4.43
C ASN C 46 7.15 1.99 -5.93
N SER C 47 7.82 1.02 -6.54
CA SER C 47 7.69 0.79 -7.96
C SER C 47 7.67 -0.71 -8.28
N VAL C 48 6.61 -1.15 -8.96
CA VAL C 48 6.46 -2.55 -9.31
C VAL C 48 6.36 -2.73 -10.83
N GLU C 49 7.07 -3.72 -11.34
CA GLU C 49 7.07 -3.99 -12.77
C GLU C 49 5.82 -4.75 -13.18
N THR C 50 5.78 -6.05 -12.86
CA THR C 50 4.64 -6.89 -13.19
C THR C 50 4.12 -7.62 -11.96
N VAL C 51 2.82 -7.50 -11.71
CA VAL C 51 2.19 -8.16 -10.57
C VAL C 51 1.13 -9.14 -11.01
N VAL C 52 1.23 -10.38 -10.51
CA VAL C 52 0.26 -11.42 -10.86
C VAL C 52 -0.30 -12.07 -9.61
N GLY C 53 -1.61 -11.91 -9.40
CA GLY C 53 -2.26 -12.49 -8.24
C GLY C 53 -3.30 -13.54 -8.62
N LYS C 54 -3.27 -14.67 -7.93
CA LYS C 54 -4.22 -15.75 -8.21
C LYS C 54 -4.82 -16.27 -6.90
N GLY C 55 -6.07 -16.72 -6.99
CA GLY C 55 -6.74 -17.24 -5.81
C GLY C 55 -6.73 -16.27 -4.65
N GLU C 56 -7.76 -15.43 -4.58
CA GLU C 56 -7.86 -14.43 -3.50
C GLU C 56 -6.49 -13.80 -3.23
N SER C 57 -5.84 -13.32 -4.28
CA SER C 57 -4.53 -12.69 -4.15
C SER C 57 -4.67 -11.22 -3.78
N ARG C 58 -3.73 -10.74 -2.97
CA ARG C 58 -3.74 -9.34 -2.54
C ARG C 58 -2.40 -8.68 -2.81
N VAL C 59 -2.44 -7.54 -3.48
CA VAL C 59 -1.21 -6.80 -3.80
C VAL C 59 -1.27 -5.37 -3.26
N LEU C 60 -0.28 -5.02 -2.44
CA LEU C 60 -0.21 -3.69 -1.85
C LEU C 60 1.11 -3.02 -2.16
N ILE C 61 1.06 -1.94 -2.94
CA ILE C 61 2.27 -1.21 -3.31
C ILE C 61 2.28 0.19 -2.67
N GLY C 62 3.10 0.34 -1.64
CA GLY C 62 3.19 1.62 -0.96
C GLY C 62 3.39 1.47 0.54
N ASN C 63 3.16 2.55 1.28
CA ASN C 63 3.33 2.53 2.73
C ASN C 63 2.03 2.13 3.42
N GLU C 64 2.14 1.61 4.63
CA GLU C 64 0.98 1.18 5.40
C GLU C 64 1.00 1.77 6.81
N TYR C 65 -0.13 2.29 7.26
CA TYR C 65 -0.24 2.87 8.58
C TYR C 65 -1.45 2.33 9.33
N GLY C 66 -1.19 1.79 10.52
CA GLY C 66 -2.27 1.24 11.33
C GLY C 66 -2.38 1.88 12.69
N GLY C 67 -3.14 1.27 13.58
CA GLY C 67 -3.31 1.81 14.91
C GLY C 67 -2.45 1.10 15.94
N LYS C 68 -2.08 -0.14 15.65
CA LYS C 68 -1.26 -0.93 16.55
C LYS C 68 -0.82 -2.24 15.88
N GLY C 69 -0.61 -2.19 14.57
CA GLY C 69 -0.19 -3.37 13.84
C GLY C 69 0.13 -3.08 12.40
N PHE C 70 0.40 -4.12 11.63
CA PHE C 70 0.73 -3.96 10.22
C PHE C 70 -0.47 -4.28 9.33
N TRP C 71 -0.25 -4.31 8.03
CA TRP C 71 -1.32 -4.60 7.08
C TRP C 71 -1.96 -5.94 7.38
N ASP C 72 -3.11 -5.92 8.04
CA ASP C 72 -3.82 -7.14 8.39
C ASP C 72 -5.23 -6.81 8.90
N ASN C 73 -6.19 -7.65 8.54
CA ASN C 73 -7.57 -7.45 8.96
C ASN C 73 -8.43 -8.65 8.57
N HIS C 74 -7.84 -9.84 8.58
CA HIS C 74 -8.55 -11.07 8.23
C HIS C 74 -7.66 -12.29 8.44
N HIS C 75 -8.15 -13.23 9.23
CA HIS C 75 -7.40 -14.46 9.52
C HIS C 75 -6.10 -14.14 10.25
N HIS C 76 -5.45 -15.17 10.78
CA HIS C 76 -4.21 -15.00 11.51
C HIS C 76 -3.55 -16.35 11.79
N HIS C 77 -2.37 -16.32 12.39
CA HIS C 77 -1.64 -17.55 12.72
C HIS C 77 -0.67 -17.31 13.88
N HIS C 78 0.13 -18.32 14.18
CA HIS C 78 1.10 -18.23 15.26
C HIS C 78 2.03 -19.44 15.26
N HIS C 79 2.81 -19.58 14.20
CA HIS C 79 3.75 -20.70 14.09
C HIS C 79 4.99 -20.46 14.95
N MET D 1 5.54 4.02 -21.73
CA MET D 1 6.47 4.78 -22.56
C MET D 1 6.82 6.10 -21.88
N LYS D 2 7.76 6.83 -22.48
CA LYS D 2 8.19 8.12 -21.95
C LYS D 2 8.81 7.95 -20.57
N ILE D 3 9.73 7.00 -20.45
CA ILE D 3 10.41 6.74 -19.18
C ILE D 3 11.91 6.97 -19.31
N ASP D 4 12.52 7.47 -18.24
CA ASP D 4 13.96 7.73 -18.23
C ASP D 4 14.42 8.17 -16.85
N ALA D 5 14.27 7.29 -15.86
CA ALA D 5 14.68 7.60 -14.50
C ALA D 5 14.46 6.40 -13.58
N ILE D 6 15.36 6.22 -12.62
CA ILE D 6 15.27 5.12 -11.68
C ILE D 6 16.22 5.31 -10.50
N VAL D 7 15.80 4.85 -9.33
CA VAL D 7 16.62 4.98 -8.12
C VAL D 7 16.41 3.78 -7.21
N GLY D 8 17.02 3.84 -6.02
CA GLY D 8 16.90 2.75 -5.06
C GLY D 8 15.49 2.59 -4.56
N ARG D 9 15.27 2.92 -3.29
CA ARG D 9 13.95 2.79 -2.68
C ARG D 9 13.37 1.40 -2.90
N ASN D 10 12.08 1.26 -2.64
CA ASN D 10 11.40 -0.02 -2.81
C ASN D 10 11.02 -0.25 -4.26
N SER D 11 11.71 -1.18 -4.91
CA SER D 11 11.45 -1.49 -6.31
C SER D 11 11.37 -3.00 -6.53
N ALA D 12 10.57 -3.41 -7.51
CA ALA D 12 10.40 -4.83 -7.82
C ALA D 12 10.52 -5.08 -9.32
N LYS D 13 10.78 -6.32 -9.69
CA LYS D 13 10.91 -6.69 -11.09
C LYS D 13 9.75 -7.58 -11.53
N ASP D 14 9.31 -8.46 -10.64
CA ASP D 14 8.20 -9.35 -10.93
C ASP D 14 7.65 -9.98 -9.65
N ILE D 15 6.33 -10.08 -9.58
CA ILE D 15 5.68 -10.66 -8.40
C ILE D 15 4.55 -11.60 -8.81
N ARG D 16 4.69 -12.88 -8.45
CA ARG D 16 3.69 -13.87 -8.78
C ARG D 16 3.32 -14.70 -7.54
N THR D 17 2.06 -14.58 -7.12
CA THR D 17 1.57 -15.30 -5.95
C THR D 17 0.21 -15.92 -6.21
N GLU D 18 -0.04 -17.07 -5.60
CA GLU D 18 -1.32 -17.76 -5.77
C GLU D 18 -1.70 -18.51 -4.50
N GLU D 19 -2.95 -18.97 -4.45
CA GLU D 19 -3.44 -19.70 -3.28
C GLU D 19 -3.54 -18.78 -2.06
N ARG D 20 -4.46 -17.83 -2.12
CA ARG D 20 -4.66 -16.88 -1.03
C ARG D 20 -3.32 -16.33 -0.54
N ALA D 21 -2.60 -15.67 -1.43
CA ALA D 21 -1.30 -15.09 -1.09
C ALA D 21 -1.40 -13.58 -0.94
N ARG D 22 -0.48 -13.01 -0.17
CA ARG D 22 -0.47 -11.57 0.05
C ARG D 22 0.95 -11.01 -0.12
N VAL D 23 1.05 -9.88 -0.81
CA VAL D 23 2.34 -9.24 -1.05
C VAL D 23 2.28 -7.75 -0.72
N GLN D 24 3.14 -7.32 0.20
CA GLN D 24 3.19 -5.92 0.60
C GLN D 24 4.55 -5.31 0.27
N LEU D 25 4.54 -4.27 -0.55
CA LEU D 25 5.78 -3.60 -0.93
C LEU D 25 5.84 -2.19 -0.33
N GLY D 26 6.87 -1.95 0.47
CA GLY D 26 7.02 -0.64 1.10
C GLY D 26 7.24 -0.74 2.60
N ASN D 27 7.30 0.41 3.26
CA ASN D 27 7.52 0.46 4.70
C ASN D 27 6.20 0.58 5.44
N VAL D 28 5.98 -0.31 6.41
CA VAL D 28 4.76 -0.29 7.20
C VAL D 28 5.03 0.13 8.65
N VAL D 29 4.47 1.27 9.04
CA VAL D 29 4.65 1.78 10.39
C VAL D 29 3.31 1.98 11.09
N THR D 30 3.16 1.37 12.26
CA THR D 30 1.93 1.47 13.03
C THR D 30 1.76 2.87 13.61
N ALA D 31 0.63 3.10 14.25
CA ALA D 31 0.35 4.40 14.86
C ALA D 31 1.36 4.72 15.95
N ALA D 32 1.63 3.74 16.82
CA ALA D 32 2.58 3.93 17.91
C ALA D 32 3.95 4.33 17.37
N ALA D 33 4.32 3.80 16.21
CA ALA D 33 5.60 4.11 15.60
C ALA D 33 5.81 5.62 15.50
N LEU D 34 7.05 6.02 15.27
CA LEU D 34 7.38 7.43 15.15
C LEU D 34 8.35 7.67 13.99
N HIS D 35 9.40 6.87 13.92
CA HIS D 35 10.39 6.99 12.86
C HIS D 35 11.09 8.34 12.92
N GLY D 36 12.15 8.49 12.12
CA GLY D 36 12.88 9.74 12.10
C GLY D 36 12.13 10.86 11.39
N GLY D 37 12.85 11.87 10.93
CA GLY D 37 12.23 12.98 10.24
C GLY D 37 12.53 12.97 8.75
N ILE D 38 12.94 11.83 8.24
CA ILE D 38 13.26 11.70 6.82
C ILE D 38 14.34 12.68 6.40
N ARG D 39 15.58 12.21 6.40
CA ARG D 39 16.72 13.05 6.02
C ARG D 39 17.20 12.72 4.62
N ILE D 40 18.19 13.46 4.14
CA ILE D 40 18.76 13.24 2.81
C ILE D 40 20.15 12.63 2.90
N SER D 41 20.32 11.47 2.27
CA SER D 41 21.61 10.78 2.29
C SER D 41 21.53 9.49 1.48
N ASP D 42 20.53 8.67 1.76
CA ASP D 42 20.34 7.41 1.08
C ASP D 42 19.09 6.68 1.58
N GLN D 43 18.98 6.56 2.89
CA GLN D 43 17.83 5.88 3.51
C GLN D 43 17.79 4.42 3.10
N THR D 44 17.06 3.62 3.88
CA THR D 44 16.93 2.20 3.61
C THR D 44 16.17 1.95 2.31
N THR D 45 16.70 1.07 1.47
CA THR D 45 16.06 0.74 0.20
C THR D 45 16.02 -0.76 -0.03
N ASN D 46 14.92 -1.24 -0.59
CA ASN D 46 14.76 -2.67 -0.86
C ASN D 46 14.50 -2.91 -2.34
N SER D 47 15.03 -4.02 -2.86
CA SER D 47 14.86 -4.37 -4.27
C SER D 47 14.68 -5.88 -4.43
N VAL D 48 13.57 -6.26 -5.06
CA VAL D 48 13.27 -7.67 -5.28
C VAL D 48 13.14 -7.97 -6.78
N GLU D 49 13.82 -9.02 -7.22
CA GLU D 49 13.78 -9.42 -8.62
C GLU D 49 12.47 -10.15 -8.95
N THR D 50 12.39 -11.41 -8.54
CA THR D 50 11.20 -12.21 -8.78
C THR D 50 10.69 -12.85 -7.50
N VAL D 51 9.39 -12.73 -7.26
CA VAL D 51 8.78 -13.30 -6.06
C VAL D 51 7.75 -14.37 -6.42
N VAL D 52 7.93 -15.57 -5.88
CA VAL D 52 7.03 -16.67 -6.15
C VAL D 52 6.43 -17.22 -4.85
N GLY D 53 5.12 -17.09 -4.71
CA GLY D 53 4.46 -17.57 -3.51
C GLY D 53 3.46 -18.68 -3.81
N LYS D 54 3.51 -19.75 -3.02
CA LYS D 54 2.61 -20.88 -3.21
C LYS D 54 1.98 -21.30 -1.88
N GLY D 55 0.75 -21.79 -1.94
CA GLY D 55 0.07 -22.22 -0.73
C GLY D 55 0.07 -21.17 0.35
N GLU D 56 -0.76 -20.15 0.19
CA GLU D 56 -0.84 -19.06 1.16
C GLU D 56 0.55 -18.54 1.51
N SER D 57 1.17 -17.84 0.57
CA SER D 57 2.50 -17.29 0.77
C SER D 57 2.43 -15.79 1.07
N ARG D 58 3.34 -15.32 1.92
CA ARG D 58 3.38 -13.92 2.31
C ARG D 58 4.74 -13.31 1.99
N VAL D 59 4.74 -12.19 1.28
CA VAL D 59 5.97 -11.51 0.91
C VAL D 59 5.92 -10.02 1.27
N LEU D 60 6.88 -9.58 2.08
CA LEU D 60 6.94 -8.19 2.50
C LEU D 60 8.32 -7.59 2.22
N ILE D 61 8.36 -6.59 1.35
CA ILE D 61 9.61 -5.93 1.01
C ILE D 61 9.64 -4.50 1.52
N GLY D 62 10.40 -4.27 2.59
CA GLY D 62 10.51 -2.95 3.17
C GLY D 62 10.79 -2.99 4.66
N ASN D 63 10.49 -1.89 5.34
CA ASN D 63 10.72 -1.80 6.78
C ASN D 63 9.45 -2.11 7.56
N GLU D 64 9.63 -2.55 8.80
CA GLU D 64 8.49 -2.89 9.66
C GLU D 64 8.59 -2.19 11.01
N TYR D 65 7.60 -1.35 11.30
CA TYR D 65 7.58 -0.61 12.56
C TYR D 65 6.33 -0.94 13.37
N GLY D 66 6.53 -1.39 14.60
CA GLY D 66 5.40 -1.74 15.45
C GLY D 66 4.89 -3.13 15.19
N GLY D 67 4.14 -3.29 14.10
CA GLY D 67 3.59 -4.58 13.75
C GLY D 67 2.83 -5.22 14.90
N LYS D 68 2.72 -6.54 14.88
CA LYS D 68 2.02 -7.26 15.92
C LYS D 68 2.05 -8.77 15.67
N GLY D 69 2.01 -9.15 14.39
CA GLY D 69 2.03 -10.55 14.03
C GLY D 69 3.45 -11.10 13.97
N PHE D 70 3.80 -11.70 12.84
CA PHE D 70 5.12 -12.28 12.65
C PHE D 70 6.15 -11.19 12.35
N TRP D 71 5.67 -10.06 11.86
CA TRP D 71 6.54 -8.93 11.53
C TRP D 71 6.42 -7.82 12.57
N ASP D 72 7.42 -7.73 13.45
CA ASP D 72 7.43 -6.72 14.49
C ASP D 72 6.26 -6.92 15.46
N ASN D 73 6.41 -6.39 16.67
CA ASN D 73 5.37 -6.51 17.68
C ASN D 73 5.38 -5.32 18.63
N HIS D 74 4.60 -5.41 19.70
CA HIS D 74 4.52 -4.32 20.67
C HIS D 74 5.56 -4.50 21.76
N HIS D 75 5.49 -3.67 22.80
CA HIS D 75 6.43 -3.73 23.91
C HIS D 75 6.51 -5.14 24.47
N HIS D 76 5.36 -5.65 24.93
CA HIS D 76 5.30 -6.99 25.51
C HIS D 76 3.86 -7.49 25.54
N HIS D 77 3.68 -8.81 25.44
CA HIS D 77 2.36 -9.42 25.45
C HIS D 77 2.47 -10.93 25.39
N HIS D 78 2.17 -11.60 26.50
CA HIS D 78 2.22 -13.05 26.57
C HIS D 78 1.44 -13.58 27.76
N HIS D 79 1.45 -14.89 27.94
CA HIS D 79 0.74 -15.52 29.05
C HIS D 79 1.68 -16.36 29.90
N MET E 1 10.04 -2.82 -19.86
CA MET E 1 10.05 -1.36 -19.91
C MET E 1 11.39 -0.82 -19.38
N LYS E 2 11.52 0.50 -19.38
CA LYS E 2 12.74 1.15 -18.91
C LYS E 2 13.09 0.68 -17.50
N ILE E 3 14.37 0.42 -17.28
CA ILE E 3 14.84 -0.03 -15.97
C ILE E 3 16.35 -0.17 -15.94
N ASP E 4 16.96 0.17 -14.80
CA ASP E 4 18.41 0.08 -14.65
C ASP E 4 18.83 0.50 -13.24
N ALA E 5 18.72 -0.44 -12.30
CA ALA E 5 19.10 -0.18 -10.92
C ALA E 5 18.99 -1.43 -10.08
N ILE E 6 20.11 -1.87 -9.51
CA ILE E 6 20.14 -3.06 -8.67
C ILE E 6 21.14 -2.91 -7.54
N VAL E 7 20.70 -2.26 -6.46
CA VAL E 7 21.56 -2.05 -5.30
C VAL E 7 20.78 -1.41 -4.14
N GLY E 8 21.16 -1.75 -2.92
CA GLY E 8 20.49 -1.21 -1.75
C GLY E 8 20.67 -2.07 -0.52
N ARG E 9 20.09 -1.65 0.59
CA ARG E 9 20.19 -2.38 1.84
C ARG E 9 19.78 -3.84 1.64
N ASN E 10 18.48 -4.07 1.51
CA ASN E 10 17.95 -5.41 1.31
C ASN E 10 17.71 -5.69 -0.17
N SER E 11 18.54 -6.57 -0.74
CA SER E 11 18.41 -6.93 -2.15
C SER E 11 18.20 -8.43 -2.32
N ALA E 12 17.29 -8.79 -3.22
CA ALA E 12 16.99 -10.20 -3.47
C ALA E 12 16.98 -10.48 -4.97
N LYS E 13 17.74 -11.51 -5.37
CA LYS E 13 17.81 -11.90 -6.78
C LYS E 13 16.67 -12.82 -7.15
N ASP E 14 16.19 -13.60 -6.19
CA ASP E 14 15.09 -14.53 -6.42
C ASP E 14 14.51 -15.02 -5.10
N ILE E 15 13.19 -15.10 -5.03
CA ILE E 15 12.52 -15.55 -3.81
C ILE E 15 11.36 -16.48 -4.16
N ARG E 16 11.46 -17.74 -3.71
CA ARG E 16 10.42 -18.73 -3.97
C ARG E 16 10.11 -19.52 -2.71
N THR E 17 8.88 -19.38 -2.21
CA THR E 17 8.45 -20.07 -1.01
C THR E 17 7.05 -20.67 -1.19
N GLU E 18 6.82 -21.83 -0.59
CA GLU E 18 5.53 -22.50 -0.68
C GLU E 18 5.18 -23.19 0.63
N GLU E 19 3.94 -23.62 0.75
CA GLU E 19 3.48 -24.30 1.96
C GLU E 19 3.45 -23.35 3.15
N ARG E 20 2.54 -22.38 3.10
CA ARG E 20 2.41 -21.41 4.17
C ARG E 20 3.76 -20.85 4.58
N ALA E 21 4.44 -20.20 3.62
CA ALA E 21 5.75 -19.61 3.87
C ALA E 21 5.66 -18.09 4.02
N ARG E 22 6.63 -17.51 4.71
CA ARG E 22 6.66 -16.08 4.91
C ARG E 22 8.07 -15.52 4.71
N VAL E 23 8.16 -14.40 4.01
CA VAL E 23 9.45 -13.77 3.73
C VAL E 23 9.39 -12.26 3.95
N GLN E 24 10.42 -11.71 4.57
CA GLN E 24 10.49 -10.27 4.83
C GLN E 24 11.86 -9.71 4.52
N LEU E 25 11.90 -8.64 3.74
CA LEU E 25 13.16 -8.02 3.36
C LEU E 25 13.27 -6.61 3.96
N GLY E 26 14.29 -6.41 4.80
CA GLY E 26 14.48 -5.11 5.42
C GLY E 26 14.67 -5.21 6.93
N ASN E 27 14.85 -4.08 7.58
CA ASN E 27 15.04 -4.04 9.02
C ASN E 27 13.72 -3.82 9.73
N VAL E 28 13.55 -4.47 10.88
CA VAL E 28 12.33 -4.34 11.67
C VAL E 28 12.62 -3.75 13.05
N VAL E 29 11.98 -2.63 13.36
CA VAL E 29 12.16 -1.97 14.64
C VAL E 29 10.84 -1.83 15.38
N THR E 30 10.78 -2.39 16.59
CA THR E 30 9.57 -2.32 17.40
C THR E 30 9.33 -0.91 17.91
N ALA E 31 8.18 -0.71 18.56
CA ALA E 31 7.82 0.60 19.10
C ALA E 31 8.82 1.05 20.16
N ALA E 32 9.26 0.10 20.98
CA ALA E 32 10.21 0.40 22.04
C ALA E 32 11.49 0.99 21.47
N ALA E 33 11.90 0.50 20.31
CA ALA E 33 13.11 0.99 19.66
C ALA E 33 12.87 2.34 18.98
N LEU E 34 12.48 3.33 19.77
CA LEU E 34 12.22 4.67 19.25
C LEU E 34 13.52 5.41 18.98
N HIS E 35 13.47 6.36 18.06
CA HIS E 35 14.64 7.15 17.71
C HIS E 35 15.10 8.01 18.89
N GLY E 36 16.31 7.79 19.35
CA GLY E 36 16.84 8.54 20.47
C GLY E 36 17.35 9.90 20.05
N GLY E 37 16.47 10.72 19.49
CA GLY E 37 16.86 12.05 19.05
C GLY E 37 16.06 12.52 17.85
N ILE E 38 16.69 12.51 16.68
CA ILE E 38 16.04 12.94 15.46
C ILE E 38 16.51 12.11 14.26
N ARG E 39 17.82 11.86 14.20
CA ARG E 39 18.40 11.08 13.12
C ARG E 39 19.27 9.96 13.66
N ILE E 40 19.31 8.84 12.93
CA ILE E 40 20.12 7.69 13.34
C ILE E 40 20.65 6.94 12.13
N SER E 41 19.75 6.31 11.38
CA SER E 41 20.14 5.55 10.20
C SER E 41 21.07 4.40 10.57
N ASP E 42 21.49 3.65 9.56
CA ASP E 42 22.39 2.52 9.79
C ASP E 42 23.39 2.37 8.63
N GLN E 43 24.19 1.32 8.68
CA GLN E 43 25.18 1.08 7.64
C GLN E 43 25.27 -0.41 7.31
N THR E 44 24.18 -1.13 7.52
CA THR E 44 24.13 -2.56 7.25
C THR E 44 23.43 -2.84 5.92
N THR E 45 24.00 -3.76 5.14
CA THR E 45 23.43 -4.12 3.86
C THR E 45 23.31 -5.64 3.71
N ASN E 46 22.10 -6.11 3.47
CA ASN E 46 21.85 -7.53 3.32
C ASN E 46 21.52 -7.88 1.87
N SER E 47 22.29 -8.81 1.30
CA SER E 47 22.08 -9.22 -0.08
C SER E 47 21.91 -10.73 -0.18
N VAL E 48 20.79 -11.16 -0.76
CA VAL E 48 20.50 -12.58 -0.91
C VAL E 48 20.27 -12.93 -2.38
N GLU E 49 20.93 -14.00 -2.84
CA GLU E 49 20.79 -14.44 -4.22
C GLU E 49 19.42 -15.09 -4.45
N THR E 50 19.29 -16.34 -3.99
CA THR E 50 18.04 -17.06 -4.14
C THR E 50 17.63 -17.74 -2.84
N VAL E 51 16.38 -17.56 -2.45
CA VAL E 51 15.86 -18.16 -1.22
C VAL E 51 14.72 -19.13 -1.52
N VAL E 52 14.91 -20.39 -1.12
CA VAL E 52 13.89 -21.41 -1.33
C VAL E 52 13.33 -21.92 -0.01
N GLY E 53 12.03 -21.77 0.18
CA GLY E 53 11.40 -22.22 1.41
C GLY E 53 10.42 -23.35 1.18
N LYS E 54 10.51 -24.39 2.00
CA LYS E 54 9.61 -25.54 1.87
C LYS E 54 9.01 -25.91 3.22
N GLY E 55 7.79 -26.43 3.20
CA GLY E 55 7.13 -26.82 4.43
C GLY E 55 7.16 -25.73 5.48
N GLU E 56 6.28 -24.75 5.34
CA GLU E 56 6.22 -23.64 6.29
C GLU E 56 7.60 -23.07 6.56
N SER E 57 8.20 -22.45 5.55
CA SER E 57 9.53 -21.87 5.68
C SER E 57 9.45 -20.37 5.93
N ARG E 58 10.38 -19.85 6.73
CA ARG E 58 10.41 -18.43 7.04
C ARG E 58 11.80 -17.85 6.80
N VAL E 59 11.85 -16.76 6.05
CA VAL E 59 13.11 -16.10 5.73
C VAL E 59 13.05 -14.60 6.01
N LEU E 60 13.95 -14.12 6.85
CA LEU E 60 14.00 -12.71 7.21
C LEU E 60 15.39 -12.13 6.96
N ILE E 61 15.48 -11.24 5.97
CA ILE E 61 16.75 -10.61 5.64
C ILE E 61 16.80 -9.17 6.15
N GLY E 62 17.58 -8.95 7.21
CA GLY E 62 17.70 -7.62 7.77
C GLY E 62 17.95 -7.66 9.27
N ASN E 63 17.91 -6.48 9.89
CA ASN E 63 18.13 -6.37 11.33
C ASN E 63 16.81 -6.51 12.10
N GLU E 64 16.90 -6.94 13.35
CA GLU E 64 15.72 -7.11 14.19
C GLU E 64 15.88 -6.37 15.51
N TYR E 65 14.97 -5.44 15.77
CA TYR E 65 15.01 -4.65 17.00
C TYR E 65 13.70 -4.79 17.78
N GLY E 66 13.81 -5.18 19.04
CA GLY E 66 12.64 -5.34 19.87
C GLY E 66 12.56 -6.71 20.52
N GLY E 67 11.39 -7.33 20.43
CA GLY E 67 11.21 -8.65 21.02
C GLY E 67 10.27 -9.52 20.21
N LYS E 68 10.40 -10.83 20.37
CA LYS E 68 9.55 -11.77 19.65
C LYS E 68 9.84 -13.21 20.09
N GLY E 69 11.12 -13.56 20.19
CA GLY E 69 11.50 -14.89 20.61
C GLY E 69 12.45 -15.55 19.63
N PHE E 70 11.92 -15.98 18.49
CA PHE E 70 12.73 -16.64 17.47
C PHE E 70 13.55 -15.62 16.69
N TRP E 71 13.06 -14.37 16.65
CA TRP E 71 13.75 -13.31 15.94
C TRP E 71 14.27 -12.25 16.91
N ASP E 72 14.53 -12.67 18.14
CA ASP E 72 15.03 -11.75 19.15
C ASP E 72 15.31 -12.49 20.46
N ASN E 73 15.57 -11.74 21.53
CA ASN E 73 15.86 -12.32 22.82
C ASN E 73 14.78 -13.33 23.22
N HIS E 74 15.17 -14.33 24.00
CA HIS E 74 14.24 -15.35 24.45
C HIS E 74 13.14 -14.75 25.31
N HIS E 75 12.35 -15.60 25.95
CA HIS E 75 11.25 -15.15 26.81
C HIS E 75 10.21 -14.38 25.99
N HIS E 76 9.25 -15.12 25.44
CA HIS E 76 8.20 -14.51 24.64
C HIS E 76 7.20 -15.57 24.15
N HIS E 77 5.96 -15.15 23.95
CA HIS E 77 4.91 -16.06 23.50
C HIS E 77 5.30 -16.71 22.17
N HIS E 78 5.28 -18.04 22.13
CA HIS E 78 5.63 -18.79 20.92
C HIS E 78 5.18 -20.23 21.03
N HIS E 79 5.91 -21.01 21.84
CA HIS E 79 5.59 -22.43 22.02
C HIS E 79 5.48 -23.14 20.69
N MET A 1 -9.02 31.49 -19.39
CA MET A 1 -10.16 32.29 -18.96
C MET A 1 -9.75 33.25 -17.84
N LYS A 2 -8.93 32.76 -16.91
CA LYS A 2 -8.47 33.58 -15.80
C LYS A 2 -7.45 32.82 -14.96
N ILE A 3 -7.90 31.76 -14.30
CA ILE A 3 -7.03 30.94 -13.46
C ILE A 3 -7.30 29.45 -13.68
N ASP A 4 -6.25 28.65 -13.55
CA ASP A 4 -6.36 27.20 -13.73
C ASP A 4 -5.63 26.46 -12.62
N ALA A 5 -5.49 25.15 -12.79
CA ALA A 5 -4.80 24.32 -11.81
C ALA A 5 -5.54 24.33 -10.47
N ILE A 6 -6.35 23.30 -10.24
CA ILE A 6 -7.12 23.19 -9.00
C ILE A 6 -6.40 22.30 -8.00
N VAL A 7 -5.58 21.40 -8.50
CA VAL A 7 -4.83 20.48 -7.65
C VAL A 7 -5.77 19.55 -6.89
N GLY A 8 -5.89 18.32 -7.37
CA GLY A 8 -6.76 17.36 -6.71
C GLY A 8 -8.11 17.24 -7.39
N ARG A 9 -8.09 16.94 -8.69
CA ARG A 9 -9.33 16.81 -9.45
C ARG A 9 -9.36 15.47 -10.18
N ASN A 10 -10.52 15.14 -10.75
CA ASN A 10 -10.69 13.89 -11.47
C ASN A 10 -10.76 14.13 -12.97
N SER A 11 -10.02 13.34 -13.72
CA SER A 11 -9.99 13.47 -15.18
C SER A 11 -9.95 12.10 -15.85
N ALA A 12 -10.55 12.00 -17.03
CA ALA A 12 -10.58 10.74 -17.77
C ALA A 12 -10.45 11.00 -19.27
N LYS A 13 -9.40 10.45 -19.87
CA LYS A 13 -9.17 10.61 -21.30
C LYS A 13 -10.22 9.85 -22.11
N ASP A 14 -10.62 8.69 -21.62
CA ASP A 14 -11.61 7.87 -22.29
C ASP A 14 -12.16 6.79 -21.35
N ILE A 15 -13.47 6.59 -21.40
CA ILE A 15 -14.12 5.58 -20.55
C ILE A 15 -15.18 4.81 -21.33
N ARG A 16 -14.96 3.51 -21.47
CA ARG A 16 -15.91 2.66 -22.20
C ARG A 16 -16.33 1.48 -21.34
N THR A 17 -17.65 1.26 -21.24
CA THR A 17 -18.17 0.16 -20.45
C THR A 17 -19.29 -0.57 -21.20
N GLU A 18 -19.42 -1.86 -20.96
CA GLU A 18 -20.46 -2.66 -21.60
C GLU A 18 -20.95 -3.77 -20.68
N GLU A 19 -22.05 -4.41 -21.06
CA GLU A 19 -22.63 -5.49 -20.27
C GLU A 19 -23.23 -4.95 -18.98
N ARG A 20 -24.22 -4.06 -19.11
CA ARG A 20 -24.87 -3.47 -17.96
C ARG A 20 -23.86 -2.96 -16.95
N ALA A 21 -22.99 -2.04 -17.39
CA ALA A 21 -21.97 -1.47 -16.53
C ALA A 21 -22.35 -0.05 -16.09
N ARG A 22 -21.79 0.38 -14.97
CA ARG A 22 -22.07 1.71 -14.45
C ARG A 22 -20.76 2.48 -14.19
N VAL A 23 -20.83 3.79 -14.36
CA VAL A 23 -19.66 4.65 -14.16
C VAL A 23 -20.05 5.95 -13.48
N GLN A 24 -19.44 6.21 -12.32
CA GLN A 24 -19.72 7.43 -11.57
C GLN A 24 -18.43 8.20 -11.29
N LEU A 25 -18.41 9.46 -11.68
CA LEU A 25 -17.24 10.30 -11.47
C LEU A 25 -17.59 11.52 -10.60
N GLY A 26 -16.96 11.61 -9.44
CA GLY A 26 -17.21 12.72 -8.53
C GLY A 26 -16.77 12.43 -7.12
N ASN A 27 -16.64 13.49 -6.32
CA ASN A 27 -16.20 13.34 -4.94
C ASN A 27 -17.39 13.05 -4.02
N VAL A 28 -17.18 12.17 -3.05
CA VAL A 28 -18.23 11.80 -2.11
C VAL A 28 -17.89 12.26 -0.70
N VAL A 29 -18.73 13.13 -0.14
CA VAL A 29 -18.52 13.64 1.21
C VAL A 29 -19.68 13.29 2.12
N THR A 30 -19.37 12.71 3.28
CA THR A 30 -20.39 12.33 4.24
C THR A 30 -21.04 13.55 4.88
N ALA A 31 -22.16 13.34 5.55
CA ALA A 31 -22.88 14.42 6.21
C ALA A 31 -22.02 15.07 7.29
N ALA A 32 -21.24 14.25 7.99
CA ALA A 32 -20.37 14.74 9.06
C ALA A 32 -19.41 15.81 8.53
N ALA A 33 -18.82 15.54 7.38
CA ALA A 33 -17.88 16.47 6.76
C ALA A 33 -18.61 17.69 6.20
N LEU A 34 -18.38 18.85 6.82
CA LEU A 34 -19.03 20.09 6.38
C LEU A 34 -18.55 21.27 7.22
N HIS A 35 -18.44 21.05 8.53
CA HIS A 35 -17.99 22.11 9.44
C HIS A 35 -16.63 22.66 9.01
N GLY A 36 -15.86 21.83 8.31
CA GLY A 36 -14.55 22.26 7.84
C GLY A 36 -14.60 23.56 7.07
N GLY A 37 -14.95 23.47 5.79
CA GLY A 37 -15.01 24.66 4.96
C GLY A 37 -15.08 24.32 3.48
N ILE A 38 -14.62 25.26 2.65
CA ILE A 38 -14.63 25.06 1.21
C ILE A 38 -13.23 25.19 0.62
N ARG A 39 -12.44 26.09 1.21
CA ARG A 39 -11.07 26.31 0.75
C ARG A 39 -10.25 25.02 0.82
N ILE A 40 -9.85 24.51 -0.33
CA ILE A 40 -9.06 23.29 -0.39
C ILE A 40 -7.84 23.47 -1.29
N SER A 41 -6.74 22.83 -0.91
CA SER A 41 -5.50 22.93 -1.67
C SER A 41 -4.58 21.74 -1.36
N ASP A 42 -3.79 21.35 -2.36
CA ASP A 42 -2.88 20.22 -2.20
C ASP A 42 -3.64 18.93 -1.88
N GLN A 43 -4.48 18.51 -2.81
CA GLN A 43 -5.27 17.30 -2.63
C GLN A 43 -4.82 16.22 -3.61
N THR A 44 -5.53 15.09 -3.60
CA THR A 44 -5.20 13.97 -4.47
C THR A 44 -5.99 14.05 -5.77
N THR A 45 -5.27 14.04 -6.90
CA THR A 45 -5.90 14.12 -8.21
C THR A 45 -5.81 12.78 -8.94
N ASN A 46 -6.96 12.22 -9.28
CA ASN A 46 -7.01 10.94 -9.98
C ASN A 46 -7.31 11.14 -11.46
N SER A 47 -6.38 10.70 -12.31
CA SER A 47 -6.54 10.83 -13.76
C SER A 47 -6.24 9.52 -14.46
N VAL A 48 -7.21 9.04 -15.24
CA VAL A 48 -7.04 7.79 -15.98
C VAL A 48 -7.10 8.03 -17.47
N GLU A 49 -6.26 7.30 -18.22
CA GLU A 49 -6.21 7.43 -19.67
C GLU A 49 -7.42 6.76 -20.32
N THR A 50 -7.40 5.44 -20.34
CA THR A 50 -8.48 4.67 -20.94
C THR A 50 -9.06 3.66 -19.95
N VAL A 51 -10.38 3.58 -19.90
CA VAL A 51 -11.06 2.65 -18.99
C VAL A 51 -11.93 1.66 -19.75
N VAL A 52 -11.80 0.39 -19.41
CA VAL A 52 -12.58 -0.65 -20.06
C VAL A 52 -13.32 -1.52 -19.04
N GLY A 53 -14.65 -1.53 -19.14
CA GLY A 53 -15.44 -2.32 -18.21
C GLY A 53 -16.15 -3.47 -18.90
N LYS A 54 -16.08 -4.65 -18.28
CA LYS A 54 -16.72 -5.84 -18.84
C LYS A 54 -17.51 -6.58 -17.77
N GLY A 55 -18.60 -7.23 -18.18
CA GLY A 55 -19.42 -7.96 -17.25
C GLY A 55 -19.85 -7.11 -16.07
N GLU A 56 -20.80 -6.21 -16.31
CA GLU A 56 -21.30 -5.34 -15.25
C GLU A 56 -20.16 -4.72 -14.47
N SER A 57 -19.30 -3.98 -15.17
CA SER A 57 -18.15 -3.33 -14.54
C SER A 57 -18.55 -2.00 -13.91
N ARG A 58 -17.91 -1.66 -12.79
CA ARG A 58 -18.21 -0.41 -12.09
C ARG A 58 -16.98 0.49 -12.05
N VAL A 59 -17.14 1.74 -12.48
CA VAL A 59 -16.04 2.70 -12.48
C VAL A 59 -16.34 3.87 -11.55
N LEU A 60 -15.43 4.10 -10.61
CA LEU A 60 -15.60 5.19 -9.65
C LEU A 60 -14.38 6.11 -9.66
N ILE A 61 -14.57 7.33 -10.12
CA ILE A 61 -13.49 8.31 -10.19
C ILE A 61 -13.71 9.45 -9.21
N GLY A 62 -12.97 9.43 -8.10
CA GLY A 62 -13.11 10.46 -7.10
C GLY A 62 -12.70 9.99 -5.71
N ASN A 63 -12.52 10.93 -4.79
CA ASN A 63 -12.13 10.60 -3.43
C ASN A 63 -13.33 10.63 -2.49
N GLU A 64 -13.23 9.90 -1.39
CA GLU A 64 -14.32 9.84 -0.41
C GLU A 64 -13.89 10.44 0.92
N TYR A 65 -14.60 11.48 1.35
CA TYR A 65 -14.28 12.16 2.60
C TYR A 65 -15.30 11.78 3.69
N GLY A 66 -14.79 11.31 4.82
CA GLY A 66 -15.67 10.92 5.91
C GLY A 66 -16.47 9.69 5.60
N GLY A 67 -16.67 8.84 6.61
CA GLY A 67 -17.43 7.61 6.41
C GLY A 67 -16.70 6.39 6.92
N LYS A 68 -15.37 6.44 6.90
CA LYS A 68 -14.54 5.33 7.36
C LYS A 68 -14.79 4.09 6.50
N GLY A 69 -14.57 4.22 5.19
CA GLY A 69 -14.76 3.11 4.29
C GLY A 69 -13.91 3.23 3.03
N PHE A 70 -14.57 3.28 1.88
CA PHE A 70 -13.87 3.40 0.61
C PHE A 70 -14.86 3.52 -0.55
N TRP A 71 -15.96 2.79 -0.46
CA TRP A 71 -16.99 2.82 -1.49
C TRP A 71 -18.36 3.10 -0.89
N ASP A 72 -18.63 2.50 0.26
CA ASP A 72 -19.90 2.69 0.95
C ASP A 72 -21.06 2.17 0.09
N ASN A 73 -21.45 0.92 0.34
CA ASN A 73 -22.53 0.30 -0.41
C ASN A 73 -23.13 -0.87 0.36
N HIS A 74 -23.65 -0.58 1.55
CA HIS A 74 -24.25 -1.61 2.39
C HIS A 74 -23.20 -2.66 2.80
N HIS A 75 -22.25 -2.24 3.62
CA HIS A 75 -21.20 -3.13 4.09
C HIS A 75 -21.18 -3.19 5.62
N HIS A 76 -20.52 -4.23 6.15
CA HIS A 76 -20.42 -4.40 7.60
C HIS A 76 -19.48 -5.55 7.94
N HIS A 77 -19.47 -5.94 9.21
CA HIS A 77 -18.61 -7.03 9.67
C HIS A 77 -17.15 -6.68 9.48
N HIS A 78 -16.27 -7.61 9.87
CA HIS A 78 -14.83 -7.40 9.74
C HIS A 78 -14.14 -8.69 9.32
N HIS A 79 -13.87 -8.82 8.03
CA HIS A 79 -13.20 -10.01 7.50
C HIS A 79 -12.56 -9.71 6.14
N MET B 1 4.85 30.74 -17.49
CA MET B 1 3.45 30.36 -17.62
C MET B 1 2.91 29.81 -16.30
N LYS B 2 3.33 28.59 -15.96
CA LYS B 2 2.89 27.95 -14.73
C LYS B 2 3.73 26.71 -14.44
N ILE B 3 3.38 26.00 -13.37
CA ILE B 3 4.09 24.79 -12.99
C ILE B 3 3.14 23.60 -12.86
N ASP B 4 3.53 22.47 -13.44
CA ASP B 4 2.72 21.26 -13.39
C ASP B 4 3.36 20.21 -12.50
N ALA B 5 2.77 19.02 -12.48
CA ALA B 5 3.28 17.93 -11.67
C ALA B 5 3.24 18.26 -10.19
N ILE B 6 2.19 17.83 -9.51
CA ILE B 6 2.03 18.10 -8.09
C ILE B 6 2.24 16.84 -7.27
N VAL B 7 2.86 16.99 -6.10
CA VAL B 7 3.12 15.85 -5.22
C VAL B 7 1.83 15.12 -4.87
N GLY B 8 1.93 13.80 -4.75
CA GLY B 8 0.76 13.00 -4.43
C GLY B 8 -0.34 13.14 -5.46
N ARG B 9 -0.40 12.21 -6.40
CA ARG B 9 -1.41 12.23 -7.45
C ARG B 9 -1.59 10.85 -8.08
N ASN B 10 -2.84 10.39 -8.13
CA ASN B 10 -3.13 9.08 -8.69
C ASN B 10 -3.28 9.16 -10.22
N SER B 11 -2.59 8.27 -10.91
CA SER B 11 -2.63 8.24 -12.37
C SER B 11 -2.68 6.81 -12.89
N ALA B 12 -3.39 6.61 -13.99
CA ALA B 12 -3.51 5.28 -14.60
C ALA B 12 -3.47 5.36 -16.12
N LYS B 13 -2.48 4.70 -16.71
CA LYS B 13 -2.33 4.70 -18.17
C LYS B 13 -3.44 3.89 -18.83
N ASP B 14 -3.91 2.85 -18.14
CA ASP B 14 -4.98 2.00 -18.66
C ASP B 14 -5.54 1.11 -17.56
N ILE B 15 -6.86 0.98 -17.52
CA ILE B 15 -7.52 0.15 -16.53
C ILE B 15 -8.67 -0.65 -17.15
N ARG B 16 -8.54 -1.98 -17.10
CA ARG B 16 -9.57 -2.85 -17.65
C ARG B 16 -9.94 -3.94 -16.66
N THR B 17 -11.25 -4.09 -16.43
CA THR B 17 -11.75 -5.09 -15.49
C THR B 17 -12.94 -5.85 -16.07
N GLU B 18 -13.08 -7.11 -15.69
CA GLU B 18 -14.18 -7.94 -16.17
C GLU B 18 -14.66 -8.88 -15.09
N GLU B 19 -15.82 -9.52 -15.33
CA GLU B 19 -16.39 -10.45 -14.36
C GLU B 19 -16.89 -9.72 -13.13
N ARG B 20 -17.90 -8.88 -13.32
CA ARG B 20 -18.47 -8.12 -12.21
C ARG B 20 -17.37 -7.46 -11.37
N ALA B 21 -16.44 -6.80 -12.05
CA ALA B 21 -15.33 -6.13 -11.37
C ALA B 21 -15.64 -4.66 -11.14
N ARG B 22 -14.98 -4.06 -10.16
CA ARG B 22 -15.18 -2.65 -9.85
C ARG B 22 -13.84 -1.95 -9.63
N VAL B 23 -13.84 -0.63 -9.84
CA VAL B 23 -12.63 0.16 -9.66
C VAL B 23 -12.94 1.51 -9.04
N GLN B 24 -12.09 1.93 -8.11
CA GLN B 24 -12.29 3.20 -7.43
C GLN B 24 -10.95 3.94 -7.26
N LEU B 25 -10.88 5.16 -7.78
CA LEU B 25 -9.67 5.97 -7.68
C LEU B 25 -9.91 7.22 -6.85
N GLY B 26 -9.17 7.34 -5.75
CA GLY B 26 -9.31 8.48 -4.88
C GLY B 26 -8.79 8.22 -3.48
N ASN B 27 -8.54 9.29 -2.73
CA ASN B 27 -8.05 9.16 -1.37
C ASN B 27 -9.19 9.00 -0.37
N VAL B 28 -9.08 8.01 0.50
CA VAL B 28 -10.11 7.75 1.50
C VAL B 28 -9.74 8.39 2.84
N VAL B 29 -10.55 9.36 3.26
CA VAL B 29 -10.31 10.05 4.52
C VAL B 29 -11.38 9.69 5.56
N THR B 30 -10.93 9.29 6.74
CA THR B 30 -11.83 8.91 7.81
C THR B 30 -12.58 10.12 8.36
N ALA B 31 -13.61 9.86 9.16
CA ALA B 31 -14.40 10.94 9.76
C ALA B 31 -13.55 11.79 10.69
N ALA B 32 -12.60 11.15 11.36
CA ALA B 32 -11.72 11.85 12.28
C ALA B 32 -10.95 12.97 11.58
N ALA B 33 -10.33 12.63 10.47
CA ALA B 33 -9.56 13.60 9.70
C ALA B 33 -10.46 14.72 9.17
N LEU B 34 -11.32 14.38 8.21
CA LEU B 34 -12.23 15.36 7.63
C LEU B 34 -11.47 16.46 6.92
N HIS B 35 -12.17 17.22 6.08
CA HIS B 35 -11.55 18.31 5.34
C HIS B 35 -11.48 19.58 6.20
N GLY B 36 -10.34 20.27 6.11
CA GLY B 36 -10.16 21.49 6.88
C GLY B 36 -8.73 21.67 7.36
N GLY B 37 -7.86 22.12 6.45
CA GLY B 37 -6.47 22.32 6.80
C GLY B 37 -5.62 22.71 5.60
N ILE B 38 -4.48 23.33 5.86
CA ILE B 38 -3.59 23.77 4.79
C ILE B 38 -2.15 23.85 5.30
N ARG B 39 -1.21 23.39 4.47
CA ARG B 39 0.20 23.43 4.83
C ARG B 39 1.06 22.97 3.67
N ILE B 40 2.33 23.39 3.67
CA ILE B 40 3.26 23.02 2.61
C ILE B 40 4.09 21.80 3.01
N SER B 41 3.64 20.63 2.59
CA SER B 41 4.35 19.38 2.90
C SER B 41 4.43 18.49 1.67
N ASP B 42 4.87 17.25 1.89
CA ASP B 42 4.98 16.29 0.80
C ASP B 42 3.79 15.33 0.77
N GLN B 43 3.84 14.35 -0.11
CA GLN B 43 2.76 13.38 -0.24
C GLN B 43 3.19 12.18 -1.09
N THR B 44 2.38 11.14 -1.08
CA THR B 44 2.68 9.93 -1.84
C THR B 44 1.88 9.89 -3.14
N THR B 45 2.58 9.66 -4.25
CA THR B 45 1.94 9.59 -5.56
C THR B 45 1.94 8.17 -6.11
N ASN B 46 0.80 7.74 -6.63
CA ASN B 46 0.68 6.40 -7.19
C ASN B 46 0.36 6.46 -8.67
N SER B 47 1.06 5.67 -9.47
CA SER B 47 0.85 5.63 -10.91
C SER B 47 1.01 4.21 -11.45
N VAL B 48 -0.03 3.72 -12.11
CA VAL B 48 -0.02 2.38 -12.67
C VAL B 48 -0.18 2.41 -14.19
N GLU B 49 0.64 1.64 -14.89
CA GLU B 49 0.58 1.58 -16.35
C GLU B 49 -0.73 0.95 -16.81
N THR B 50 -0.82 -0.37 -16.68
CA THR B 50 -2.01 -1.10 -17.09
C THR B 50 -2.44 -2.09 -16.02
N VAL B 51 -3.74 -2.10 -15.71
CA VAL B 51 -4.27 -3.01 -14.70
C VAL B 51 -5.34 -3.92 -15.30
N VAL B 52 -5.29 -5.19 -14.91
CA VAL B 52 -6.26 -6.17 -15.41
C VAL B 52 -6.95 -6.88 -14.26
N GLY B 53 -8.28 -6.83 -14.25
CA GLY B 53 -9.04 -7.49 -13.19
C GLY B 53 -9.85 -8.67 -13.70
N LYS B 54 -9.78 -9.78 -12.99
CA LYS B 54 -10.49 -10.99 -13.38
C LYS B 54 -11.25 -11.58 -12.19
N GLY B 55 -12.39 -12.20 -12.46
CA GLY B 55 -13.18 -12.81 -11.41
C GLY B 55 -13.46 -11.84 -10.27
N GLU B 56 -14.46 -10.98 -10.47
CA GLU B 56 -14.83 -10.00 -9.46
C GLU B 56 -13.59 -9.33 -8.87
N SER B 57 -12.80 -8.71 -9.73
CA SER B 57 -11.58 -8.03 -9.31
C SER B 57 -11.88 -6.62 -8.81
N ARG B 58 -11.13 -6.17 -7.80
CA ARG B 58 -11.33 -4.85 -7.24
C ARG B 58 -10.07 -4.01 -7.39
N VAL B 59 -10.22 -2.81 -7.94
CA VAL B 59 -9.09 -1.90 -8.13
C VAL B 59 -9.23 -0.64 -7.28
N LEU B 60 -8.22 -0.37 -6.47
CA LEU B 60 -8.23 0.81 -5.61
C LEU B 60 -6.96 1.64 -5.79
N ILE B 61 -7.12 2.81 -6.37
CA ILE B 61 -5.98 3.70 -6.61
C ILE B 61 -6.08 4.96 -5.74
N GLY B 62 -5.27 5.01 -4.68
CA GLY B 62 -5.29 6.16 -3.80
C GLY B 62 -4.80 5.82 -2.40
N ASN B 63 -4.60 6.85 -1.58
CA ASN B 63 -4.13 6.65 -0.21
C ASN B 63 -5.27 6.82 0.78
N GLU B 64 -5.13 6.21 1.96
CA GLU B 64 -6.15 6.29 3.00
C GLU B 64 -5.62 7.02 4.23
N TYR B 65 -6.24 8.13 4.58
CA TYR B 65 -5.83 8.91 5.73
C TYR B 65 -6.78 8.70 6.91
N GLY B 66 -6.21 8.35 8.06
CA GLY B 66 -7.03 8.12 9.25
C GLY B 66 -7.97 6.95 9.08
N GLY B 67 -8.45 6.42 10.20
CA GLY B 67 -9.36 5.29 10.14
C GLY B 67 -8.67 3.96 10.37
N LYS B 68 -8.83 3.40 11.56
CA LYS B 68 -8.21 2.12 11.90
C LYS B 68 -8.52 1.07 10.85
N GLY B 69 -7.54 0.79 9.98
CA GLY B 69 -7.73 -0.20 8.94
C GLY B 69 -6.77 -0.01 7.78
N PHE B 70 -7.31 0.05 6.57
CA PHE B 70 -6.48 0.23 5.38
C PHE B 70 -7.35 0.31 4.12
N TRP B 71 -8.41 -0.49 4.10
CA TRP B 71 -9.33 -0.50 2.96
C TRP B 71 -10.52 -1.41 3.22
N ASP B 72 -10.27 -2.72 3.16
CA ASP B 72 -11.32 -3.70 3.41
C ASP B 72 -11.55 -3.90 4.90
N ASN B 73 -12.76 -4.32 5.26
CA ASN B 73 -13.12 -4.55 6.66
C ASN B 73 -12.36 -5.76 7.21
N HIS B 74 -11.64 -5.54 8.30
CA HIS B 74 -10.88 -6.62 8.94
C HIS B 74 -10.43 -6.21 10.33
N HIS B 75 -10.37 -7.17 11.24
CA HIS B 75 -9.95 -6.92 12.61
C HIS B 75 -9.57 -8.22 13.32
N HIS B 76 -8.27 -8.46 13.46
CA HIS B 76 -7.78 -9.66 14.11
C HIS B 76 -6.27 -9.59 14.32
N HIS B 77 -5.85 -9.66 15.59
CA HIS B 77 -4.43 -9.60 15.93
C HIS B 77 -4.22 -9.87 17.41
N HIS B 78 -3.15 -10.59 17.72
CA HIS B 78 -2.84 -10.91 19.11
C HIS B 78 -1.47 -11.59 19.21
N HIS B 79 -0.55 -10.95 19.91
CA HIS B 79 0.81 -11.49 20.08
C HIS B 79 0.77 -12.75 20.94
N MET C 1 13.10 6.39 -26.95
CA MET C 1 11.80 6.91 -26.54
C MET C 1 11.86 8.42 -26.35
N LYS C 2 10.70 9.06 -26.36
CA LYS C 2 10.62 10.52 -26.20
C LYS C 2 9.22 10.93 -25.75
N ILE C 3 8.74 10.33 -24.66
CA ILE C 3 7.43 10.64 -24.13
C ILE C 3 7.52 11.22 -22.72
N ASP C 4 7.97 10.39 -21.78
CA ASP C 4 8.12 10.82 -20.39
C ASP C 4 8.70 9.68 -19.53
N ALA C 5 8.88 9.97 -18.25
CA ALA C 5 9.42 8.98 -17.33
C ALA C 5 8.51 8.80 -16.12
N ILE C 6 8.98 8.03 -15.14
CA ILE C 6 8.21 7.79 -13.92
C ILE C 6 9.09 7.89 -12.68
N VAL C 7 8.60 8.60 -11.67
CA VAL C 7 9.34 8.76 -10.42
C VAL C 7 8.48 9.45 -9.37
N GLY C 8 8.47 8.88 -8.17
CA GLY C 8 7.70 9.46 -7.08
C GLY C 8 7.69 8.58 -5.84
N ARG C 9 6.79 7.61 -5.81
CA ARG C 9 6.68 6.71 -4.69
C ARG C 9 6.17 5.34 -5.12
N ASN C 10 4.88 5.25 -5.43
CA ASN C 10 4.28 4.00 -5.87
C ASN C 10 4.12 3.97 -7.39
N SER C 11 4.76 3.00 -8.03
CA SER C 11 4.69 2.87 -9.48
C SER C 11 4.59 1.41 -9.90
N ALA C 12 3.79 1.15 -10.93
CA ALA C 12 3.62 -0.22 -11.42
C ALA C 12 3.53 -0.24 -12.95
N LYS C 13 4.31 -1.11 -13.56
CA LYS C 13 4.32 -1.24 -15.02
C LYS C 13 3.14 -2.07 -15.50
N ASP C 14 2.72 -3.03 -14.68
CA ASP C 14 1.59 -3.90 -15.01
C ASP C 14 1.13 -4.69 -13.80
N ILE C 15 -0.18 -4.74 -13.61
CA ILE C 15 -0.75 -5.47 -12.48
C ILE C 15 -2.03 -6.19 -12.88
N ARG C 16 -2.03 -7.51 -12.79
CA ARG C 16 -3.19 -8.31 -13.14
C ARG C 16 -3.51 -9.32 -12.05
N THR C 17 -4.79 -9.39 -11.68
CA THR C 17 -5.23 -10.32 -10.64
C THR C 17 -6.52 -11.03 -11.04
N GLU C 18 -6.71 -12.23 -10.50
CA GLU C 18 -7.89 -13.02 -10.82
C GLU C 18 -8.34 -13.84 -9.61
N GLU C 19 -9.54 -14.40 -9.69
CA GLU C 19 -10.07 -15.21 -8.60
C GLU C 19 -10.42 -14.33 -7.40
N ARG C 20 -11.37 -13.44 -7.58
CA ARG C 20 -11.79 -12.54 -6.50
C ARG C 20 -10.58 -11.91 -5.82
N ALA C 21 -9.77 -11.20 -6.60
CA ALA C 21 -8.58 -10.56 -6.07
C ALA C 21 -8.79 -9.05 -5.94
N ARG C 22 -8.02 -8.42 -5.05
CA ARG C 22 -8.13 -6.98 -4.84
C ARG C 22 -6.75 -6.33 -4.86
N VAL C 23 -6.65 -5.18 -5.53
CA VAL C 23 -5.39 -4.45 -5.62
C VAL C 23 -5.53 -3.03 -5.10
N GLN C 24 -4.73 -2.68 -4.10
CA GLN C 24 -4.77 -1.35 -3.51
C GLN C 24 -3.42 -0.66 -3.64
N LEU C 25 -3.40 0.44 -4.40
CA LEU C 25 -2.17 1.19 -4.61
C LEU C 25 -2.25 2.55 -3.92
N GLY C 26 -1.34 2.78 -2.98
CA GLY C 26 -1.32 4.05 -2.26
C GLY C 26 -0.77 3.91 -0.86
N ASN C 27 -0.44 5.03 -0.24
CA ASN C 27 0.11 5.03 1.12
C ASN C 27 -1.02 5.02 2.15
N VAL C 28 -0.76 4.36 3.27
CA VAL C 28 -1.75 4.26 4.35
C VAL C 28 -1.26 4.95 5.61
N VAL C 29 -2.02 5.91 6.10
CA VAL C 29 -1.66 6.65 7.31
C VAL C 29 -2.75 6.54 8.36
N THR C 30 -2.35 6.15 9.57
CA THR C 30 -3.29 5.99 10.68
C THR C 30 -3.82 7.35 11.14
N ALA C 31 -4.79 7.32 12.05
CA ALA C 31 -5.37 8.54 12.58
C ALA C 31 -4.33 9.39 13.31
N ALA C 32 -3.40 8.71 13.97
CA ALA C 32 -2.34 9.39 14.71
C ALA C 32 -1.55 10.34 13.80
N ALA C 33 -1.09 9.81 12.68
CA ALA C 33 -0.32 10.60 11.73
C ALA C 33 -1.24 11.40 10.81
N LEU C 34 -0.92 12.68 10.63
CA LEU C 34 -1.72 13.56 9.78
C LEU C 34 -0.93 14.80 9.38
N HIS C 35 -0.20 15.36 10.34
CA HIS C 35 0.60 16.55 10.10
C HIS C 35 1.69 16.71 11.15
N GLY C 36 2.82 17.29 10.74
CA GLY C 36 3.93 17.49 11.66
C GLY C 36 5.28 17.43 10.97
N GLY C 37 6.29 17.96 11.63
CA GLY C 37 7.63 17.97 11.05
C GLY C 37 7.76 18.93 9.88
N ILE C 38 8.65 19.91 10.02
CA ILE C 38 8.86 20.90 8.98
C ILE C 38 9.55 20.28 7.76
N ARG C 39 10.31 19.21 8.00
CA ARG C 39 11.02 18.52 6.93
C ARG C 39 10.30 17.23 6.54
N ILE C 40 10.62 16.72 5.36
CA ILE C 40 10.00 15.48 4.87
C ILE C 40 10.36 14.30 5.76
N SER C 41 9.39 13.42 5.98
CA SER C 41 9.60 12.24 6.81
C SER C 41 9.80 10.99 5.95
N ASP C 42 10.87 10.27 6.21
CA ASP C 42 11.17 9.05 5.46
C ASP C 42 11.32 9.35 3.98
N GLN C 43 11.47 8.30 3.18
CA GLN C 43 11.62 8.45 1.74
C GLN C 43 11.68 7.09 1.05
N THR C 44 10.62 6.31 1.19
CA THR C 44 10.55 4.98 0.58
C THR C 44 9.80 5.02 -0.73
N THR C 45 10.32 4.31 -1.73
CA THR C 45 9.69 4.26 -3.05
C THR C 45 9.51 2.83 -3.51
N ASN C 46 8.26 2.44 -3.76
CA ASN C 46 7.96 1.09 -4.21
C ASN C 46 7.60 1.09 -5.70
N SER C 47 8.38 0.34 -6.48
CA SER C 47 8.16 0.25 -7.91
C SER C 47 8.24 -1.20 -8.39
N VAL C 48 7.16 -1.67 -9.02
CA VAL C 48 7.12 -3.03 -9.53
C VAL C 48 6.93 -3.05 -11.04
N GLU C 49 7.41 -4.13 -11.68
CA GLU C 49 7.29 -4.26 -13.12
C GLU C 49 6.00 -4.97 -13.50
N THR C 50 5.83 -6.20 -13.02
CA THR C 50 4.63 -6.98 -13.31
C THR C 50 4.26 -7.86 -12.13
N VAL C 51 3.00 -7.76 -11.70
CA VAL C 51 2.51 -8.55 -10.58
C VAL C 51 1.30 -9.40 -10.98
N VAL C 52 1.28 -10.65 -10.54
CA VAL C 52 0.18 -11.55 -10.85
C VAL C 52 -0.43 -12.13 -9.58
N GLY C 53 -1.74 -11.98 -9.44
CA GLY C 53 -2.44 -12.49 -8.27
C GLY C 53 -3.38 -13.62 -8.60
N LYS C 54 -3.33 -14.69 -7.82
CA LYS C 54 -4.18 -15.84 -8.03
C LYS C 54 -4.85 -16.28 -6.72
N GLY C 55 -6.06 -16.83 -6.84
CA GLY C 55 -6.77 -17.28 -5.66
C GLY C 55 -6.86 -16.21 -4.59
N GLU C 56 -7.87 -15.34 -4.69
CA GLU C 56 -8.05 -14.27 -3.72
C GLU C 56 -6.72 -13.62 -3.37
N SER C 57 -6.04 -13.08 -4.38
CA SER C 57 -4.75 -12.42 -4.18
C SER C 57 -4.94 -10.98 -3.74
N ARG C 58 -4.04 -10.51 -2.88
CA ARG C 58 -4.10 -9.14 -2.37
C ARG C 58 -2.82 -8.37 -2.71
N VAL C 59 -2.99 -7.21 -3.31
CA VAL C 59 -1.85 -6.37 -3.68
C VAL C 59 -1.86 -5.05 -2.92
N LEU C 60 -0.76 -4.76 -2.24
CA LEU C 60 -0.64 -3.53 -1.47
C LEU C 60 0.64 -2.79 -1.84
N ILE C 61 0.48 -1.63 -2.48
CA ILE C 61 1.62 -0.82 -2.89
C ILE C 61 1.68 0.48 -2.08
N GLY C 62 2.61 0.53 -1.12
CA GLY C 62 2.76 1.71 -0.30
C GLY C 62 3.25 1.40 1.10
N ASN C 63 3.45 2.43 1.90
CA ASN C 63 3.92 2.24 3.27
C ASN C 63 2.81 2.54 4.27
N GLU C 64 2.87 1.89 5.43
CA GLU C 64 1.87 2.08 6.47
C GLU C 64 2.48 2.77 7.69
N TYR C 65 1.84 3.85 8.13
CA TYR C 65 2.32 4.61 9.27
C TYR C 65 1.34 4.51 10.44
N GLY C 66 1.84 4.10 11.60
CA GLY C 66 1.00 3.96 12.77
C GLY C 66 -0.24 3.14 12.50
N GLY C 67 -1.17 3.14 13.45
CA GLY C 67 -2.40 2.38 13.30
C GLY C 67 -2.24 0.92 13.70
N LYS C 68 -2.72 0.02 12.86
CA LYS C 68 -2.63 -1.41 13.14
C LYS C 68 -1.19 -1.82 13.44
N GLY C 69 -0.26 -1.33 12.64
CA GLY C 69 1.14 -1.65 12.85
C GLY C 69 1.81 -2.17 11.59
N PHE C 70 1.00 -2.45 10.56
CA PHE C 70 1.52 -2.96 9.30
C PHE C 70 0.43 -2.98 8.23
N TRP C 71 -0.46 -3.95 8.33
CA TRP C 71 -1.56 -4.08 7.37
C TRP C 71 -2.45 -5.27 7.73
N ASP C 72 -1.86 -6.45 7.82
CA ASP C 72 -2.61 -7.66 8.15
C ASP C 72 -1.67 -8.82 8.45
N ASN C 73 -2.23 -9.99 8.73
CA ASN C 73 -1.45 -11.17 9.03
C ASN C 73 -2.22 -12.45 8.71
N HIS C 74 -3.20 -12.77 9.56
CA HIS C 74 -4.01 -13.95 9.37
C HIS C 74 -5.09 -14.06 10.44
N HIS C 75 -5.78 -15.19 10.46
CA HIS C 75 -6.84 -15.41 11.45
C HIS C 75 -6.72 -16.80 12.07
N HIS C 76 -5.50 -17.20 12.39
CA HIS C 76 -5.25 -18.51 12.99
C HIS C 76 -3.94 -18.50 13.78
N HIS C 77 -2.82 -18.45 13.07
CA HIS C 77 -1.51 -18.45 13.72
C HIS C 77 -1.11 -17.03 14.11
N HIS C 78 -0.84 -16.84 15.40
CA HIS C 78 -0.44 -15.54 15.92
C HIS C 78 0.28 -15.66 17.25
N HIS C 79 0.95 -16.79 17.45
CA HIS C 79 1.68 -17.04 18.69
C HIS C 79 3.16 -16.70 18.52
N MET D 1 15.49 7.12 -24.82
CA MET D 1 16.78 7.80 -24.96
C MET D 1 16.92 8.92 -23.93
N LYS D 2 17.36 8.55 -22.73
CA LYS D 2 17.54 9.52 -21.66
C LYS D 2 18.84 9.28 -20.92
N ILE D 3 19.08 10.05 -19.87
CA ILE D 3 20.30 9.92 -19.07
C ILE D 3 20.20 8.75 -18.09
N ASP D 4 21.32 8.08 -17.86
CA ASP D 4 21.36 6.95 -16.95
C ASP D 4 21.66 7.40 -15.53
N ALA D 5 21.38 6.54 -14.56
CA ALA D 5 21.62 6.85 -13.16
C ALA D 5 21.32 5.66 -12.27
N ILE D 6 21.32 5.88 -10.96
CA ILE D 6 21.05 4.82 -10.00
C ILE D 6 19.79 5.12 -9.18
N VAL D 7 19.09 4.06 -8.77
CA VAL D 7 17.88 4.22 -7.98
C VAL D 7 17.68 3.04 -7.04
N GLY D 8 17.64 3.31 -5.74
CA GLY D 8 17.45 2.26 -4.77
C GLY D 8 16.00 2.08 -4.38
N ARG D 9 15.70 2.21 -3.10
CA ARG D 9 14.34 2.05 -2.60
C ARG D 9 13.84 0.63 -2.84
N ASN D 10 12.54 0.42 -2.64
CA ASN D 10 11.93 -0.89 -2.84
C ASN D 10 11.59 -1.12 -4.31
N SER D 11 12.26 -2.10 -4.92
CA SER D 11 12.03 -2.42 -6.32
C SER D 11 11.68 -3.90 -6.48
N ALA D 12 10.84 -4.20 -7.48
CA ALA D 12 10.43 -5.57 -7.74
C ALA D 12 10.30 -5.81 -9.24
N LYS D 13 11.07 -6.76 -9.75
CA LYS D 13 11.04 -7.10 -11.17
C LYS D 13 9.74 -7.83 -11.53
N ASP D 14 9.30 -8.71 -10.64
CA ASP D 14 8.08 -9.47 -10.85
C ASP D 14 7.63 -10.14 -9.56
N ILE D 15 6.32 -10.12 -9.32
CA ILE D 15 5.75 -10.72 -8.13
C ILE D 15 4.50 -11.53 -8.45
N ARG D 16 4.57 -12.85 -8.22
CA ARG D 16 3.46 -13.74 -8.50
C ARG D 16 3.09 -14.54 -7.25
N THR D 17 1.83 -14.48 -6.86
CA THR D 17 1.35 -15.19 -5.69
C THR D 17 0.01 -15.88 -5.97
N GLU D 18 -0.22 -17.01 -5.31
CA GLU D 18 -1.46 -17.77 -5.49
C GLU D 18 -1.89 -18.42 -4.19
N GLU D 19 -3.11 -18.93 -4.17
CA GLU D 19 -3.65 -19.59 -2.99
C GLU D 19 -3.77 -18.61 -1.82
N ARG D 20 -4.80 -17.76 -1.87
CA ARG D 20 -5.03 -16.77 -0.83
C ARG D 20 -3.71 -16.15 -0.38
N ALA D 21 -2.98 -15.56 -1.33
CA ALA D 21 -1.71 -14.93 -1.03
C ALA D 21 -1.84 -13.41 -1.03
N ARG D 22 -0.95 -12.73 -0.33
CA ARG D 22 -0.97 -11.27 -0.24
C ARG D 22 0.45 -10.70 -0.38
N VAL D 23 0.53 -9.48 -0.89
CA VAL D 23 1.82 -8.82 -1.08
C VAL D 23 1.75 -7.36 -0.64
N GLN D 24 2.81 -6.89 0.02
CA GLN D 24 2.87 -5.52 0.48
C GLN D 24 4.25 -4.92 0.24
N LEU D 25 4.29 -3.83 -0.53
CA LEU D 25 5.56 -3.17 -0.84
C LEU D 25 5.62 -1.80 -0.18
N GLY D 26 6.60 -1.61 0.70
CA GLY D 26 6.77 -0.35 1.39
C GLY D 26 7.29 -0.52 2.80
N ASN D 27 7.66 0.60 3.43
CA ASN D 27 8.18 0.56 4.79
C ASN D 27 7.05 0.62 5.80
N VAL D 28 7.29 0.04 6.98
CA VAL D 28 6.29 0.02 8.04
C VAL D 28 6.78 0.78 9.28
N VAL D 29 6.10 1.88 9.59
CA VAL D 29 6.48 2.70 10.74
C VAL D 29 5.45 2.54 11.87
N THR D 30 5.94 2.14 13.05
CA THR D 30 5.07 1.96 14.20
C THR D 30 4.54 3.29 14.72
N ALA D 31 3.56 3.23 15.61
CA ALA D 31 2.97 4.44 16.18
C ALA D 31 4.01 5.26 16.92
N ALA D 32 4.97 4.59 17.54
CA ALA D 32 6.03 5.26 18.28
C ALA D 32 6.80 6.22 17.38
N ALA D 33 6.98 5.84 16.13
CA ALA D 33 7.70 6.67 15.17
C ALA D 33 9.14 6.92 15.63
N LEU D 34 9.94 7.50 14.75
CA LEU D 34 11.33 7.78 15.05
C LEU D 34 11.53 9.25 15.40
N HIS D 35 11.89 9.52 16.65
CA HIS D 35 12.10 10.89 17.10
C HIS D 35 13.45 11.42 16.62
N GLY D 36 13.54 11.71 15.33
CA GLY D 36 14.78 12.22 14.77
C GLY D 36 15.57 11.14 14.05
N GLY D 37 16.58 11.57 13.29
CA GLY D 37 17.41 10.62 12.57
C GLY D 37 16.67 10.00 11.40
N ILE D 38 15.66 10.70 10.89
CA ILE D 38 14.88 10.20 9.77
C ILE D 38 15.05 11.09 8.54
N ARG D 39 15.39 12.36 8.78
CA ARG D 39 15.60 13.31 7.69
C ARG D 39 17.07 13.51 7.42
N ILE D 40 17.43 13.55 6.14
CA ILE D 40 18.82 13.73 5.73
C ILE D 40 19.71 12.61 6.27
N SER D 41 19.74 11.50 5.55
CA SER D 41 20.54 10.35 5.95
C SER D 41 20.46 9.23 4.91
N ASP D 42 21.26 8.20 5.09
CA ASP D 42 21.27 7.07 4.17
C ASP D 42 19.91 6.37 4.14
N GLN D 43 19.85 5.22 3.49
CA GLN D 43 18.61 4.46 3.39
C GLN D 43 18.86 3.08 2.80
N THR D 44 18.35 2.06 3.46
CA THR D 44 18.52 0.68 3.00
C THR D 44 17.79 0.45 1.68
N THR D 45 18.50 -0.13 0.72
CA THR D 45 17.92 -0.41 -0.59
C THR D 45 17.61 -1.90 -0.76
N ASN D 46 16.36 -2.20 -1.09
CA ASN D 46 15.93 -3.59 -1.28
C ASN D 46 15.29 -3.78 -2.64
N SER D 47 15.74 -4.79 -3.37
CA SER D 47 15.21 -5.08 -4.70
C SER D 47 15.13 -6.58 -4.94
N VAL D 48 13.93 -7.05 -5.25
CA VAL D 48 13.71 -8.48 -5.51
C VAL D 48 13.43 -8.73 -6.98
N GLU D 49 14.18 -9.68 -7.56
CA GLU D 49 14.00 -10.02 -8.97
C GLU D 49 12.65 -10.68 -9.21
N THR D 50 12.56 -11.97 -8.90
CA THR D 50 11.33 -12.72 -9.07
C THR D 50 10.84 -13.32 -7.76
N VAL D 51 9.57 -13.09 -7.45
CA VAL D 51 8.99 -13.60 -6.21
C VAL D 51 7.85 -14.58 -6.51
N VAL D 52 8.01 -15.82 -6.04
CA VAL D 52 6.99 -16.85 -6.25
C VAL D 52 6.43 -17.34 -4.92
N GLY D 53 5.14 -17.11 -4.71
CA GLY D 53 4.50 -17.55 -3.48
C GLY D 53 3.39 -18.54 -3.72
N LYS D 54 3.38 -19.62 -2.95
CA LYS D 54 2.36 -20.65 -3.08
C LYS D 54 1.77 -21.01 -1.73
N GLY D 55 0.49 -21.38 -1.72
CA GLY D 55 -0.17 -21.74 -0.49
C GLY D 55 -0.06 -20.66 0.58
N GLU D 56 -1.03 -19.75 0.60
CA GLU D 56 -1.02 -18.67 1.58
C GLU D 56 0.37 -18.05 1.70
N SER D 57 0.87 -17.50 0.59
CA SER D 57 2.19 -16.89 0.57
C SER D 57 2.10 -15.39 0.86
N ARG D 58 3.11 -14.87 1.55
CA ARG D 58 3.14 -13.44 1.89
C ARG D 58 4.41 -12.79 1.37
N VAL D 59 4.26 -11.66 0.70
CA VAL D 59 5.40 -10.93 0.15
C VAL D 59 5.56 -9.57 0.82
N LEU D 60 6.75 -9.32 1.36
CA LEU D 60 7.03 -8.06 2.03
C LEU D 60 8.30 -7.42 1.49
N ILE D 61 8.15 -6.30 0.79
CA ILE D 61 9.30 -5.60 0.22
C ILE D 61 9.49 -4.23 0.87
N GLY D 62 10.48 -4.13 1.76
CA GLY D 62 10.75 -2.88 2.43
C GLY D 62 11.36 -3.08 3.80
N ASN D 63 11.36 -2.03 4.62
CA ASN D 63 11.93 -2.10 5.95
C ASN D 63 10.92 -1.60 6.99
N GLU D 64 11.02 -2.14 8.20
CA GLU D 64 10.12 -1.75 9.28
C GLU D 64 10.89 -1.03 10.39
N TYR D 65 10.23 -0.06 11.01
CA TYR D 65 10.85 0.71 12.08
C TYR D 65 9.94 0.76 13.31
N GLY D 66 10.48 0.37 14.46
CA GLY D 66 9.71 0.38 15.69
C GLY D 66 8.51 -0.55 15.63
N GLY D 67 7.89 -0.78 16.77
CA GLY D 67 6.73 -1.66 16.83
C GLY D 67 7.04 -2.99 17.48
N LYS D 68 6.77 -4.08 16.77
CA LYS D 68 7.01 -5.41 17.30
C LYS D 68 7.62 -6.32 16.22
N GLY D 69 8.95 -6.35 16.17
CA GLY D 69 9.64 -7.17 15.19
C GLY D 69 9.50 -6.62 13.78
N PHE D 70 10.30 -7.15 12.86
CA PHE D 70 10.28 -6.72 11.48
C PHE D 70 8.86 -6.75 10.93
N TRP D 71 8.06 -7.69 11.42
CA TRP D 71 6.68 -7.83 10.97
C TRP D 71 6.02 -9.04 11.63
N ASP D 72 5.14 -8.78 12.59
CA ASP D 72 4.44 -9.84 13.29
C ASP D 72 5.42 -10.73 14.05
N ASN D 73 4.88 -11.71 14.78
CA ASN D 73 5.72 -12.63 15.55
C ASN D 73 5.55 -14.05 15.03
N HIS D 74 6.27 -14.98 15.66
CA HIS D 74 6.21 -16.39 15.26
C HIS D 74 6.16 -17.29 16.49
N HIS D 75 7.28 -17.39 17.19
CA HIS D 75 7.36 -18.23 18.38
C HIS D 75 8.74 -18.12 19.03
N HIS D 76 9.00 -18.97 20.02
CA HIS D 76 10.28 -18.97 20.72
C HIS D 76 11.11 -20.18 20.32
N HIS D 77 10.44 -21.29 20.04
CA HIS D 77 11.12 -22.53 19.65
C HIS D 77 12.02 -23.03 20.77
N HIS D 78 11.57 -24.05 21.47
CA HIS D 78 12.34 -24.63 22.56
C HIS D 78 12.67 -26.10 22.30
N HIS D 79 13.85 -26.52 22.72
CA HIS D 79 14.29 -27.90 22.52
C HIS D 79 14.71 -28.53 23.84
N MET E 1 9.29 -2.68 -17.67
CA MET E 1 9.33 -3.06 -19.07
C MET E 1 10.76 -3.26 -19.54
N LYS E 2 11.62 -2.29 -19.22
CA LYS E 2 13.02 -2.36 -19.61
C LYS E 2 13.86 -1.36 -18.81
N ILE E 3 14.51 -1.86 -17.76
CA ILE E 3 15.35 -1.01 -16.92
C ILE E 3 16.54 -1.79 -16.36
N ASP E 4 17.59 -1.07 -15.97
CA ASP E 4 18.78 -1.69 -15.43
C ASP E 4 19.73 -0.63 -14.86
N ALA E 5 20.35 -0.94 -13.72
CA ALA E 5 21.28 -0.02 -13.08
C ALA E 5 21.87 -0.64 -11.81
N ILE E 6 22.70 0.13 -11.12
CA ILE E 6 23.34 -0.34 -9.91
C ILE E 6 22.30 -0.87 -8.92
N VAL E 7 22.65 -1.93 -8.21
CA VAL E 7 21.76 -2.53 -7.22
C VAL E 7 22.09 -2.06 -5.81
N GLY E 8 21.21 -2.36 -4.87
CA GLY E 8 21.43 -1.96 -3.48
C GLY E 8 22.06 -3.06 -2.66
N ARG E 9 22.11 -2.86 -1.35
CA ARG E 9 22.70 -3.84 -0.44
C ARG E 9 21.90 -5.16 -0.48
N ASN E 10 20.58 -5.04 -0.39
CA ASN E 10 19.72 -6.21 -0.41
C ASN E 10 19.18 -6.46 -1.82
N SER E 11 19.66 -7.54 -2.44
CA SER E 11 19.22 -7.89 -3.79
C SER E 11 18.90 -9.38 -3.89
N ALA E 12 17.81 -9.70 -4.57
CA ALA E 12 17.39 -11.09 -4.74
C ALA E 12 17.24 -11.44 -6.21
N LYS E 13 17.73 -12.61 -6.60
CA LYS E 13 17.64 -13.06 -7.98
C LYS E 13 16.39 -13.90 -8.20
N ASP E 14 16.01 -14.67 -7.19
CA ASP E 14 14.83 -15.51 -7.27
C ASP E 14 14.43 -16.03 -5.89
N ILE E 15 13.13 -16.01 -5.61
CA ILE E 15 12.61 -16.47 -4.32
C ILE E 15 11.35 -17.29 -4.51
N ARG E 16 11.42 -18.57 -4.13
CA ARG E 16 10.27 -19.46 -4.25
C ARG E 16 9.92 -20.08 -2.89
N THR E 17 8.69 -19.85 -2.44
CA THR E 17 8.22 -20.38 -1.17
C THR E 17 6.82 -20.95 -1.29
N GLU E 18 6.53 -21.97 -0.48
CA GLU E 18 5.22 -22.61 -0.50
C GLU E 18 4.80 -23.03 0.90
N GLU E 19 3.52 -23.36 1.06
CA GLU E 19 3.00 -23.78 2.36
C GLU E 19 3.12 -22.66 3.38
N ARG E 20 2.09 -21.83 3.48
CA ARG E 20 2.08 -20.72 4.42
C ARG E 20 3.49 -20.17 4.63
N ALA E 21 4.08 -19.65 3.55
CA ALA E 21 5.42 -19.10 3.62
C ALA E 21 5.39 -17.56 3.60
N ARG E 22 6.44 -16.95 4.13
CA ARG E 22 6.54 -15.50 4.18
C ARG E 22 7.94 -15.02 3.80
N VAL E 23 8.00 -13.97 3.00
CA VAL E 23 9.29 -13.43 2.56
C VAL E 23 9.37 -11.93 2.86
N GLN E 24 10.53 -11.50 3.35
CA GLN E 24 10.74 -10.10 3.68
C GLN E 24 12.09 -9.62 3.15
N LEU E 25 12.07 -8.53 2.39
CA LEU E 25 13.29 -7.96 1.83
C LEU E 25 13.54 -6.56 2.37
N GLY E 26 14.66 -6.38 3.05
CA GLY E 26 15.00 -5.09 3.61
C GLY E 26 15.53 -5.18 5.03
N ASN E 27 16.02 -4.07 5.56
CA ASN E 27 16.57 -4.03 6.91
C ASN E 27 15.45 -3.81 7.93
N VAL E 28 15.76 -4.11 9.19
CA VAL E 28 14.79 -3.94 10.27
C VAL E 28 15.39 -3.14 11.43
N VAL E 29 14.61 -2.19 11.95
CA VAL E 29 15.06 -1.36 13.05
C VAL E 29 14.10 -1.46 14.24
N THR E 30 14.65 -1.83 15.40
CA THR E 30 13.85 -1.97 16.60
C THR E 30 13.35 -0.61 17.09
N ALA E 31 12.39 -0.63 18.02
CA ALA E 31 11.84 0.59 18.58
C ALA E 31 12.91 1.41 19.29
N ALA E 32 13.85 0.72 19.92
CA ALA E 32 14.94 1.37 20.65
C ALA E 32 15.71 2.33 19.73
N ALA E 33 15.88 1.91 18.47
CA ALA E 33 16.60 2.73 17.50
C ALA E 33 18.09 2.79 17.83
N LEU E 34 18.43 3.61 18.83
CA LEU E 34 19.81 3.78 19.25
C LEU E 34 20.71 4.09 18.05
N HIS E 35 20.47 5.24 17.42
CA HIS E 35 21.25 5.66 16.27
C HIS E 35 21.17 4.63 15.15
N GLY E 36 19.96 4.17 14.86
CA GLY E 36 19.76 3.18 13.81
C GLY E 36 20.33 3.64 12.48
N GLY E 37 19.50 4.32 11.69
CA GLY E 37 19.94 4.80 10.39
C GLY E 37 20.83 6.01 10.50
N ILE E 38 22.10 5.85 10.13
CA ILE E 38 23.06 6.94 10.19
C ILE E 38 23.23 7.59 8.81
N ARG E 39 23.98 8.69 8.79
CA ARG E 39 24.21 9.41 7.54
C ARG E 39 24.73 8.47 6.46
N ILE E 40 25.61 7.55 6.86
CA ILE E 40 26.19 6.59 5.92
C ILE E 40 26.06 5.16 6.46
N SER E 41 25.07 4.43 5.97
CA SER E 41 24.85 3.06 6.39
C SER E 41 25.27 2.07 5.31
N ASP E 42 26.25 2.47 4.49
CA ASP E 42 26.73 1.62 3.42
C ASP E 42 27.95 0.81 3.88
N GLN E 43 27.80 -0.51 3.87
CA GLN E 43 28.87 -1.40 4.28
C GLN E 43 28.46 -2.86 4.12
N THR E 44 27.33 -3.23 4.73
CA THR E 44 26.84 -4.60 4.65
C THR E 44 26.04 -4.82 3.37
N THR E 45 26.39 -5.86 2.63
CA THR E 45 25.71 -6.18 1.38
C THR E 45 25.22 -7.63 1.38
N ASN E 46 23.94 -7.82 1.11
CA ASN E 46 23.35 -9.16 1.07
C ASN E 46 22.70 -9.44 -0.28
N SER E 47 23.19 -10.46 -0.97
CA SER E 47 22.66 -10.82 -2.28
C SER E 47 22.42 -12.32 -2.37
N VAL E 48 21.17 -12.70 -2.68
CA VAL E 48 20.81 -14.10 -2.79
C VAL E 48 20.47 -14.46 -4.23
N GLU E 49 20.96 -15.62 -4.68
CA GLU E 49 20.72 -16.08 -6.03
C GLU E 49 19.34 -16.74 -6.15
N THR E 50 19.24 -17.96 -5.64
CA THR E 50 17.99 -18.71 -5.69
C THR E 50 17.58 -19.17 -4.29
N VAL E 51 16.33 -18.89 -3.93
CA VAL E 51 15.81 -19.28 -2.62
C VAL E 51 14.65 -20.26 -2.76
N VAL E 52 14.79 -21.41 -2.12
CA VAL E 52 13.74 -22.44 -2.17
C VAL E 52 13.34 -22.88 -0.76
N GLY E 53 12.09 -22.62 -0.40
CA GLY E 53 11.60 -23.00 0.91
C GLY E 53 10.36 -23.86 0.83
N LYS E 54 10.35 -24.94 1.62
CA LYS E 54 9.22 -25.86 1.64
C LYS E 54 8.65 -25.99 3.05
N GLY E 55 7.34 -26.20 3.14
CA GLY E 55 6.71 -26.34 4.44
C GLY E 55 6.98 -25.17 5.36
N GLU E 56 6.19 -24.11 5.21
CA GLU E 56 6.35 -22.92 6.03
C GLU E 56 7.82 -22.47 6.05
N SER E 57 8.18 -21.63 5.08
CA SER E 57 9.54 -21.13 4.98
C SER E 57 9.58 -19.61 5.18
N ARG E 58 10.65 -19.13 5.81
CA ARG E 58 10.81 -17.71 6.07
C ARG E 58 12.04 -17.16 5.35
N VAL E 59 11.86 -16.07 4.60
CA VAL E 59 12.95 -15.46 3.86
C VAL E 59 13.24 -14.06 4.39
N LEU E 60 14.48 -13.83 4.81
CA LEU E 60 14.89 -12.53 5.34
C LEU E 60 16.16 -12.05 4.65
N ILE E 61 16.03 -10.99 3.86
CA ILE E 61 17.17 -10.42 3.15
C ILE E 61 17.49 -9.02 3.66
N GLY E 62 18.55 -8.92 4.45
CA GLY E 62 18.96 -7.63 4.99
C GLY E 62 19.41 -7.73 6.44
N ASN E 63 19.86 -6.61 6.98
CA ASN E 63 20.35 -6.57 8.36
C ASN E 63 19.20 -6.26 9.33
N GLU E 64 19.37 -6.67 10.59
CA GLU E 64 18.36 -6.45 11.60
C GLU E 64 18.95 -5.79 12.84
N TYR E 65 18.25 -4.81 13.38
CA TYR E 65 18.71 -4.09 14.57
C TYR E 65 17.72 -4.24 15.72
N GLY E 66 18.21 -4.74 16.85
CA GLY E 66 17.36 -4.92 18.01
C GLY E 66 16.15 -5.80 17.72
N GLY E 67 15.34 -6.04 18.73
CA GLY E 67 14.15 -6.87 18.55
C GLY E 67 14.08 -8.00 19.57
N LYS E 68 12.90 -8.60 19.67
CA LYS E 68 12.71 -9.71 20.62
C LYS E 68 12.32 -10.98 19.87
N GLY E 69 11.78 -10.83 18.67
CA GLY E 69 11.38 -11.98 17.88
C GLY E 69 12.56 -12.87 17.52
N PHE E 70 12.37 -13.70 16.50
CA PHE E 70 13.43 -14.61 16.05
C PHE E 70 14.51 -13.84 15.28
N TRP E 71 14.11 -12.76 14.64
CA TRP E 71 15.05 -11.94 13.87
C TRP E 71 15.52 -10.73 14.67
N ASP E 72 16.46 -10.97 15.57
CA ASP E 72 17.00 -9.90 16.42
C ASP E 72 18.04 -10.44 17.39
N ASN E 73 18.56 -9.56 18.23
CA ASN E 73 19.58 -9.95 19.21
C ASN E 73 19.59 -8.99 20.40
N HIS E 74 19.78 -9.55 21.60
CA HIS E 74 19.82 -8.74 22.81
C HIS E 74 20.34 -9.55 23.98
N HIS E 75 20.22 -8.99 25.18
CA HIS E 75 20.70 -9.66 26.40
C HIS E 75 19.61 -10.56 26.97
N HIS E 76 19.31 -11.65 26.26
CA HIS E 76 18.28 -12.59 26.70
C HIS E 76 18.76 -13.37 27.92
N HIS E 77 18.01 -14.39 28.29
CA HIS E 77 18.35 -15.23 29.45
C HIS E 77 17.99 -16.69 29.18
N HIS E 78 16.80 -16.91 28.64
CA HIS E 78 16.33 -18.27 28.34
C HIS E 78 17.14 -18.87 27.20
N HIS E 79 17.08 -20.19 27.07
CA HIS E 79 17.80 -20.90 26.02
C HIS E 79 16.86 -21.83 25.25
N MET A 1 -16.05 31.72 -17.32
CA MET A 1 -16.67 32.76 -16.51
C MET A 1 -16.38 32.55 -15.03
N LYS A 2 -15.19 32.07 -14.73
CA LYS A 2 -14.79 31.82 -13.36
C LYS A 2 -13.33 31.36 -13.28
N ILE A 3 -12.41 32.31 -13.29
CA ILE A 3 -10.99 32.01 -13.22
C ILE A 3 -10.63 31.32 -11.90
N ASP A 4 -11.44 31.55 -10.89
CA ASP A 4 -11.22 30.96 -9.57
C ASP A 4 -11.06 29.45 -9.69
N ALA A 5 -10.39 28.85 -8.71
CA ALA A 5 -10.16 27.41 -8.69
C ALA A 5 -10.17 26.86 -7.27
N ILE A 6 -9.89 25.57 -7.14
CA ILE A 6 -9.86 24.93 -5.83
C ILE A 6 -9.40 23.47 -5.94
N VAL A 7 -8.77 22.98 -4.88
CA VAL A 7 -8.28 21.60 -4.86
C VAL A 7 -9.43 20.61 -5.03
N GLY A 8 -9.10 19.32 -4.96
CA GLY A 8 -10.12 18.29 -5.11
C GLY A 8 -10.80 18.34 -6.47
N ARG A 9 -10.40 17.44 -7.36
CA ARG A 9 -10.98 17.39 -8.70
C ARG A 9 -10.39 16.22 -9.49
N ASN A 10 -11.20 15.18 -9.67
CA ASN A 10 -10.77 13.99 -10.41
C ASN A 10 -10.94 14.20 -11.92
N SER A 11 -10.01 13.64 -12.68
CA SER A 11 -10.06 13.76 -14.13
C SER A 11 -10.03 12.39 -14.81
N ALA A 12 -10.65 12.30 -15.97
CA ALA A 12 -10.69 11.04 -16.71
C ALA A 12 -10.39 11.26 -18.20
N LYS A 13 -9.32 10.63 -18.67
CA LYS A 13 -8.91 10.75 -20.06
C LYS A 13 -9.89 10.03 -20.99
N ASP A 14 -10.19 8.78 -20.65
CA ASP A 14 -11.12 7.98 -21.45
C ASP A 14 -11.56 6.74 -20.68
N ILE A 15 -12.86 6.46 -20.74
CA ILE A 15 -13.42 5.30 -20.05
C ILE A 15 -14.44 4.58 -20.92
N ARG A 16 -14.35 3.25 -20.97
CA ARG A 16 -15.27 2.45 -21.76
C ARG A 16 -15.76 1.24 -20.97
N THR A 17 -17.08 1.07 -20.92
CA THR A 17 -17.67 -0.04 -20.19
C THR A 17 -18.79 -0.69 -20.99
N GLU A 18 -19.00 -1.98 -20.79
CA GLU A 18 -20.03 -2.72 -21.50
C GLU A 18 -21.03 -3.33 -20.52
N GLU A 19 -22.17 -3.78 -21.03
CA GLU A 19 -23.20 -4.39 -20.21
C GLU A 19 -23.78 -3.38 -19.23
N ARG A 20 -24.40 -3.87 -18.16
CA ARG A 20 -25.00 -3.01 -17.15
C ARG A 20 -23.93 -2.36 -16.28
N ALA A 21 -23.07 -1.57 -16.92
CA ALA A 21 -21.99 -0.89 -16.20
C ALA A 21 -22.41 0.52 -15.80
N ARG A 22 -21.77 1.06 -14.77
CA ARG A 22 -22.08 2.40 -14.29
C ARG A 22 -20.80 3.20 -14.04
N VAL A 23 -20.85 4.49 -14.33
CA VAL A 23 -19.70 5.37 -14.13
C VAL A 23 -20.11 6.68 -13.49
N GLN A 24 -19.53 6.97 -12.32
CA GLN A 24 -19.83 8.20 -11.60
C GLN A 24 -18.60 9.07 -11.47
N LEU A 25 -18.77 10.37 -11.68
CA LEU A 25 -17.66 11.32 -11.58
C LEU A 25 -18.03 12.50 -10.69
N GLY A 26 -17.30 12.67 -9.59
CA GLY A 26 -17.56 13.76 -8.68
C GLY A 26 -17.21 13.42 -7.24
N ASN A 27 -18.16 13.61 -6.33
CA ASN A 27 -17.94 13.31 -4.92
C ASN A 27 -19.21 12.78 -4.27
N VAL A 28 -19.05 11.83 -3.35
CA VAL A 28 -20.19 11.24 -2.65
C VAL A 28 -20.05 11.43 -1.15
N VAL A 29 -21.03 12.11 -0.55
CA VAL A 29 -21.04 12.35 0.89
C VAL A 29 -22.12 11.54 1.58
N THR A 30 -21.69 10.63 2.45
CA THR A 30 -22.62 9.77 3.18
C THR A 30 -23.40 10.59 4.21
N ALA A 31 -24.40 9.95 4.82
CA ALA A 31 -25.22 10.61 5.83
C ALA A 31 -24.38 11.09 7.00
N ALA A 32 -23.44 10.25 7.43
CA ALA A 32 -22.55 10.60 8.54
C ALA A 32 -21.79 11.89 8.26
N ALA A 33 -21.43 12.10 7.00
CA ALA A 33 -20.70 13.29 6.60
C ALA A 33 -21.65 14.42 6.23
N LEU A 34 -21.30 15.64 6.64
CA LEU A 34 -22.13 16.81 6.36
C LEU A 34 -21.48 18.08 6.90
N HIS A 35 -21.19 19.01 6.01
CA HIS A 35 -20.57 20.27 6.40
C HIS A 35 -19.18 20.04 7.00
N GLY A 36 -18.15 20.34 6.21
CA GLY A 36 -16.79 20.15 6.68
C GLY A 36 -16.40 21.17 7.74
N GLY A 37 -16.48 22.45 7.38
CA GLY A 37 -16.13 23.50 8.33
C GLY A 37 -14.82 24.19 7.96
N ILE A 38 -13.73 23.74 8.56
CA ILE A 38 -12.42 24.32 8.29
C ILE A 38 -12.06 24.19 6.82
N ARG A 39 -10.82 24.58 6.48
CA ARG A 39 -10.35 24.50 5.10
C ARG A 39 -10.58 23.11 4.52
N ILE A 40 -10.39 22.99 3.21
CA ILE A 40 -10.59 21.72 2.53
C ILE A 40 -9.80 20.60 3.22
N SER A 41 -10.52 19.59 3.70
CA SER A 41 -9.89 18.46 4.37
C SER A 41 -9.66 17.30 3.42
N ASP A 42 -9.52 17.62 2.14
CA ASP A 42 -9.29 16.61 1.12
C ASP A 42 -8.52 17.19 -0.08
N GLN A 43 -7.20 17.21 0.03
CA GLN A 43 -6.35 17.73 -1.03
C GLN A 43 -5.85 16.62 -1.93
N THR A 44 -6.64 15.56 -2.04
CA THR A 44 -6.27 14.41 -2.88
C THR A 44 -6.97 14.47 -4.23
N THR A 45 -6.23 14.15 -5.29
CA THR A 45 -6.79 14.18 -6.64
C THR A 45 -6.44 12.90 -7.40
N ASN A 46 -7.43 12.31 -8.05
CA ASN A 46 -7.22 11.08 -8.82
C ASN A 46 -7.46 11.33 -10.30
N SER A 47 -6.68 10.65 -11.14
CA SER A 47 -6.81 10.80 -12.58
C SER A 47 -6.61 9.45 -13.28
N VAL A 48 -7.56 9.09 -14.14
CA VAL A 48 -7.48 7.83 -14.87
C VAL A 48 -7.31 8.07 -16.37
N GLU A 49 -6.43 7.30 -16.99
CA GLU A 49 -6.18 7.42 -18.42
C GLU A 49 -7.19 6.61 -19.23
N THR A 50 -6.96 5.31 -19.30
CA THR A 50 -7.86 4.42 -20.04
C THR A 50 -8.54 3.43 -19.12
N VAL A 51 -9.87 3.37 -19.19
CA VAL A 51 -10.64 2.45 -18.36
C VAL A 51 -11.41 1.45 -19.22
N VAL A 52 -11.19 0.16 -18.96
CA VAL A 52 -11.86 -0.90 -19.70
C VAL A 52 -12.60 -1.84 -18.76
N GLY A 53 -13.92 -1.86 -18.87
CA GLY A 53 -14.72 -2.73 -18.02
C GLY A 53 -15.54 -3.73 -18.82
N LYS A 54 -15.49 -4.99 -18.39
CA LYS A 54 -16.23 -6.05 -19.08
C LYS A 54 -17.41 -6.53 -18.23
N GLY A 55 -18.59 -6.57 -18.85
CA GLY A 55 -19.78 -7.01 -18.14
C GLY A 55 -20.18 -6.04 -17.05
N GLU A 56 -21.29 -6.35 -16.37
CA GLU A 56 -21.78 -5.50 -15.29
C GLU A 56 -20.65 -5.11 -14.34
N SER A 57 -20.16 -3.88 -14.50
CA SER A 57 -19.08 -3.39 -13.65
C SER A 57 -19.44 -2.03 -13.07
N ARG A 58 -18.83 -1.70 -11.93
CA ARG A 58 -19.08 -0.43 -11.25
C ARG A 58 -17.85 0.45 -11.28
N VAL A 59 -18.01 1.69 -11.75
CA VAL A 59 -16.91 2.63 -11.83
C VAL A 59 -17.19 3.89 -11.01
N LEU A 60 -16.30 4.19 -10.08
CA LEU A 60 -16.44 5.36 -9.22
C LEU A 60 -15.21 6.25 -9.30
N ILE A 61 -15.38 7.43 -9.91
CA ILE A 61 -14.29 8.38 -10.04
C ILE A 61 -14.50 9.60 -9.14
N GLY A 62 -13.76 9.65 -8.04
CA GLY A 62 -13.87 10.76 -7.12
C GLY A 62 -13.56 10.37 -5.69
N ASN A 63 -13.97 11.22 -4.75
CA ASN A 63 -13.72 10.95 -3.33
C ASN A 63 -15.04 10.73 -2.59
N GLU A 64 -14.95 10.03 -1.46
CA GLU A 64 -16.13 9.74 -0.66
C GLU A 64 -15.91 10.11 0.80
N TYR A 65 -16.83 10.87 1.37
CA TYR A 65 -16.72 11.30 2.76
C TYR A 65 -17.96 10.89 3.55
N GLY A 66 -17.74 10.24 4.69
CA GLY A 66 -18.84 9.79 5.52
C GLY A 66 -18.50 8.56 6.33
N GLY A 67 -19.51 7.96 6.95
CA GLY A 67 -19.29 6.76 7.74
C GLY A 67 -19.15 5.52 6.90
N LYS A 68 -19.07 4.37 7.56
CA LYS A 68 -18.93 3.09 6.86
C LYS A 68 -17.56 2.98 6.20
N GLY A 69 -17.37 3.69 5.10
CA GLY A 69 -16.10 3.66 4.40
C GLY A 69 -16.13 2.75 3.19
N PHE A 70 -15.03 2.72 2.44
CA PHE A 70 -14.94 1.88 1.25
C PHE A 70 -15.94 2.32 0.19
N TRP A 71 -17.19 1.89 0.35
CA TRP A 71 -18.25 2.23 -0.59
C TRP A 71 -19.56 2.51 0.15
N ASP A 72 -19.85 1.68 1.14
CA ASP A 72 -21.08 1.83 1.92
C ASP A 72 -22.31 1.63 1.06
N ASN A 73 -22.96 0.48 1.21
CA ASN A 73 -24.16 0.16 0.43
C ASN A 73 -25.41 0.52 1.20
N HIS A 74 -26.56 0.08 0.69
CA HIS A 74 -27.85 0.36 1.34
C HIS A 74 -27.84 -0.14 2.78
N HIS A 75 -27.01 -1.14 3.05
CA HIS A 75 -26.92 -1.70 4.40
C HIS A 75 -26.33 -0.69 5.38
N HIS A 76 -26.00 -1.15 6.57
CA HIS A 76 -25.42 -0.28 7.59
C HIS A 76 -24.32 -1.00 8.37
N HIS A 77 -23.87 -0.39 9.46
CA HIS A 77 -22.82 -0.97 10.28
C HIS A 77 -21.52 -1.10 9.49
N HIS A 78 -20.54 -1.79 10.07
CA HIS A 78 -19.26 -1.99 9.42
C HIS A 78 -18.54 -0.66 9.24
N HIS A 79 -17.54 -0.40 10.08
CA HIS A 79 -16.77 0.84 10.01
C HIS A 79 -15.34 0.61 10.46
N MET B 1 -5.37 20.92 -21.49
CA MET B 1 -4.17 20.19 -21.10
C MET B 1 -3.42 20.93 -19.99
N LYS B 2 -3.64 20.53 -18.75
CA LYS B 2 -2.99 21.16 -17.62
C LYS B 2 -2.62 20.13 -16.55
N ILE B 3 -2.00 20.59 -15.47
CA ILE B 3 -1.59 19.70 -14.39
C ILE B 3 -1.56 20.44 -13.06
N ASP B 4 -1.19 19.74 -12.00
CA ASP B 4 -1.10 20.33 -10.67
C ASP B 4 0.32 20.80 -10.36
N ALA B 5 0.56 21.16 -9.11
CA ALA B 5 1.88 21.63 -8.70
C ALA B 5 2.58 20.58 -7.83
N ILE B 6 2.15 20.47 -6.58
CA ILE B 6 2.74 19.52 -5.65
C ILE B 6 1.73 19.10 -4.58
N VAL B 7 1.21 17.88 -4.71
CA VAL B 7 0.24 17.36 -3.76
C VAL B 7 -0.12 15.91 -4.07
N GLY B 8 -0.44 15.16 -3.03
CA GLY B 8 -0.81 13.76 -3.22
C GLY B 8 -1.89 13.57 -4.26
N ARG B 9 -1.64 12.69 -5.22
CA ARG B 9 -2.61 12.42 -6.28
C ARG B 9 -2.29 11.10 -6.98
N ASN B 10 -3.26 10.19 -6.97
CA ASN B 10 -3.09 8.89 -7.61
C ASN B 10 -3.46 8.96 -9.08
N SER B 11 -2.67 8.27 -9.91
CA SER B 11 -2.91 8.25 -11.35
C SER B 11 -2.81 6.83 -11.89
N ALA B 12 -3.71 6.49 -12.83
CA ALA B 12 -3.72 5.18 -13.43
C ALA B 12 -3.58 5.26 -14.95
N LYS B 13 -2.52 4.65 -15.48
CA LYS B 13 -2.26 4.66 -16.91
C LYS B 13 -3.31 3.84 -17.65
N ASP B 14 -3.61 2.66 -17.12
CA ASP B 14 -4.60 1.78 -17.74
C ASP B 14 -5.17 0.81 -16.72
N ILE B 15 -6.49 0.61 -16.76
CA ILE B 15 -7.16 -0.28 -15.84
C ILE B 15 -8.21 -1.12 -16.55
N ARG B 16 -8.02 -2.44 -16.55
CA ARG B 16 -8.95 -3.35 -17.20
C ARG B 16 -9.53 -4.34 -16.20
N THR B 17 -10.85 -4.38 -16.10
CA THR B 17 -11.54 -5.27 -15.18
C THR B 17 -12.73 -5.95 -15.85
N GLU B 18 -12.92 -7.23 -15.55
CA GLU B 18 -14.03 -8.00 -16.11
C GLU B 18 -14.92 -8.55 -15.02
N GLU B 19 -16.10 -9.03 -15.41
CA GLU B 19 -17.05 -9.59 -14.46
C GLU B 19 -17.57 -8.51 -13.50
N ARG B 20 -18.20 -8.96 -12.42
CA ARG B 20 -18.73 -8.03 -11.43
C ARG B 20 -17.61 -7.42 -10.60
N ALA B 21 -16.82 -6.55 -11.23
CA ALA B 21 -15.72 -5.89 -10.54
C ALA B 21 -16.05 -4.44 -10.23
N ARG B 22 -15.38 -3.89 -9.23
CA ARG B 22 -15.62 -2.51 -8.81
C ARG B 22 -14.30 -1.73 -8.77
N VAL B 23 -14.32 -0.51 -9.30
CA VAL B 23 -13.13 0.33 -9.31
C VAL B 23 -13.42 1.70 -8.71
N GLN B 24 -12.51 2.18 -7.86
CA GLN B 24 -12.67 3.48 -7.22
C GLN B 24 -11.38 4.27 -7.28
N LEU B 25 -11.47 5.50 -7.79
CA LEU B 25 -10.30 6.37 -7.90
C LEU B 25 -10.49 7.64 -7.07
N GLY B 26 -9.61 7.84 -6.10
CA GLY B 26 -9.69 9.02 -5.26
C GLY B 26 -9.42 8.71 -3.80
N ASN B 27 -9.58 9.71 -2.95
CA ASN B 27 -9.34 9.54 -1.51
C ASN B 27 -10.63 9.19 -0.78
N VAL B 28 -10.54 8.29 0.18
CA VAL B 28 -11.71 7.87 0.96
C VAL B 28 -11.54 8.22 2.44
N VAL B 29 -12.47 8.99 2.96
CA VAL B 29 -12.44 9.39 4.37
C VAL B 29 -13.63 8.84 5.13
N THR B 30 -13.36 8.16 6.25
CA THR B 30 -14.41 7.57 7.06
C THR B 30 -14.93 8.58 8.08
N ALA B 31 -15.99 8.22 8.78
CA ALA B 31 -16.59 9.09 9.80
C ALA B 31 -15.61 9.36 10.93
N ALA B 32 -14.91 8.32 11.37
CA ALA B 32 -13.94 8.46 12.45
C ALA B 32 -12.88 9.49 12.11
N ALA B 33 -12.41 9.46 10.87
CA ALA B 33 -11.39 10.40 10.42
C ALA B 33 -11.80 11.84 10.71
N LEU B 34 -13.09 12.09 10.72
CA LEU B 34 -13.62 13.42 10.99
C LEU B 34 -14.47 13.43 12.26
N HIS B 35 -13.81 13.63 13.40
CA HIS B 35 -14.51 13.66 14.68
C HIS B 35 -13.85 14.65 15.63
N GLY B 36 -13.71 15.89 15.19
CA GLY B 36 -13.09 16.91 16.00
C GLY B 36 -11.58 16.77 16.08
N GLY B 37 -10.90 17.11 15.00
CA GLY B 37 -9.45 16.99 14.97
C GLY B 37 -8.87 17.36 13.63
N ILE B 38 -8.13 18.46 13.58
CA ILE B 38 -7.51 18.91 12.34
C ILE B 38 -6.22 18.15 12.06
N ARG B 39 -6.26 17.27 11.06
CA ARG B 39 -5.10 16.48 10.67
C ARG B 39 -5.22 15.97 9.25
N ILE B 40 -4.21 16.25 8.43
CA ILE B 40 -4.22 15.83 7.04
C ILE B 40 -3.08 14.85 6.77
N SER B 41 -2.05 14.89 7.61
CA SER B 41 -0.90 14.00 7.46
C SER B 41 -0.13 14.32 6.19
N ASP B 42 0.78 13.44 5.81
CA ASP B 42 1.59 13.63 4.61
C ASP B 42 0.78 13.32 3.36
N GLN B 43 1.40 13.47 2.21
CA GLN B 43 0.74 13.22 0.93
C GLN B 43 1.47 12.15 0.13
N THR B 44 0.83 10.99 0.00
CA THR B 44 1.43 9.87 -0.74
C THR B 44 0.87 9.79 -2.16
N THR B 45 1.75 9.87 -3.15
CA THR B 45 1.34 9.79 -4.54
C THR B 45 1.68 8.44 -5.15
N ASN B 46 0.71 7.82 -5.80
CA ASN B 46 0.91 6.52 -6.43
C ASN B 46 0.54 6.57 -7.91
N SER B 47 1.26 5.78 -8.71
CA SER B 47 1.02 5.73 -10.15
C SER B 47 1.16 4.30 -10.68
N VAL B 48 0.11 3.82 -11.32
CA VAL B 48 0.12 2.47 -11.88
C VAL B 48 0.16 2.50 -13.40
N GLU B 49 0.88 1.55 -14.00
CA GLU B 49 1.00 1.48 -15.45
C GLU B 49 -0.17 0.72 -16.05
N THR B 50 -0.17 -0.60 -15.90
CA THR B 50 -1.22 -1.44 -16.44
C THR B 50 -1.84 -2.32 -15.35
N VAL B 51 -3.16 -2.27 -15.23
CA VAL B 51 -3.86 -3.06 -14.23
C VAL B 51 -4.82 -4.05 -14.88
N VAL B 52 -4.62 -5.34 -14.62
CA VAL B 52 -5.47 -6.38 -15.18
C VAL B 52 -6.13 -7.19 -14.08
N GLY B 53 -7.46 -7.25 -14.12
CA GLY B 53 -8.20 -8.00 -13.12
C GLY B 53 -9.24 -8.92 -13.74
N LYS B 54 -9.28 -10.17 -13.27
CA LYS B 54 -10.23 -11.14 -13.78
C LYS B 54 -11.32 -11.44 -12.75
N GLY B 55 -12.52 -11.72 -13.22
CA GLY B 55 -13.62 -12.01 -12.34
C GLY B 55 -13.99 -10.84 -11.45
N GLU B 56 -14.72 -11.11 -10.37
CA GLU B 56 -15.13 -10.07 -9.45
C GLU B 56 -13.94 -9.53 -8.67
N SER B 57 -13.21 -8.59 -9.27
CA SER B 57 -12.04 -8.00 -8.64
C SER B 57 -12.34 -6.59 -8.15
N ARG B 58 -11.47 -6.08 -7.28
CA ARG B 58 -11.66 -4.74 -6.73
C ARG B 58 -10.43 -3.87 -7.00
N VAL B 59 -10.66 -2.68 -7.54
CA VAL B 59 -9.57 -1.76 -7.85
C VAL B 59 -9.73 -0.46 -7.07
N LEU B 60 -8.69 -0.11 -6.31
CA LEU B 60 -8.69 1.10 -5.50
C LEU B 60 -7.45 1.95 -5.78
N ILE B 61 -7.65 3.10 -6.41
CA ILE B 61 -6.55 4.00 -6.72
C ILE B 61 -6.65 5.29 -5.93
N GLY B 62 -5.82 5.41 -4.89
CA GLY B 62 -5.82 6.60 -4.06
C GLY B 62 -5.34 6.34 -2.65
N ASN B 63 -5.80 7.15 -1.71
CA ASN B 63 -5.41 6.99 -0.31
C ASN B 63 -6.64 6.89 0.58
N GLU B 64 -6.49 6.16 1.69
CA GLU B 64 -7.59 5.98 2.63
C GLU B 64 -7.28 6.64 3.96
N TYR B 65 -8.27 7.34 4.52
CA TYR B 65 -8.10 8.02 5.79
C TYR B 65 -9.23 7.69 6.75
N GLY B 66 -8.87 7.24 7.95
CA GLY B 66 -9.87 6.89 8.95
C GLY B 66 -10.26 5.43 8.88
N GLY B 67 -11.05 4.98 9.85
CA GLY B 67 -11.48 3.60 9.88
C GLY B 67 -10.42 2.67 10.46
N LYS B 68 -10.80 1.90 11.48
CA LYS B 68 -9.87 0.98 12.12
C LYS B 68 -9.65 -0.26 11.25
N GLY B 69 -8.99 -0.06 10.11
CA GLY B 69 -8.72 -1.17 9.21
C GLY B 69 -7.85 -0.76 8.03
N PHE B 70 -8.00 -1.47 6.91
CA PHE B 70 -7.22 -1.19 5.72
C PHE B 70 -8.14 -0.89 4.53
N TRP B 71 -9.29 -1.55 4.50
CA TRP B 71 -10.26 -1.35 3.43
C TRP B 71 -11.67 -1.18 3.98
N ASP B 72 -12.08 -2.14 4.80
CA ASP B 72 -13.43 -2.10 5.39
C ASP B 72 -13.63 -3.29 6.33
N ASN B 73 -13.35 -4.48 5.83
CA ASN B 73 -13.51 -5.70 6.62
C ASN B 73 -12.27 -6.58 6.53
N HIS B 74 -12.16 -7.54 7.44
CA HIS B 74 -11.02 -8.45 7.46
C HIS B 74 -11.47 -9.87 7.75
N HIS B 75 -10.50 -10.77 7.94
CA HIS B 75 -10.80 -12.17 8.22
C HIS B 75 -9.78 -12.76 9.19
N HIS B 76 -9.95 -14.03 9.52
CA HIS B 76 -9.04 -14.71 10.44
C HIS B 76 -8.91 -16.18 10.08
N HIS B 77 -7.75 -16.75 10.37
CA HIS B 77 -7.49 -18.17 10.09
C HIS B 77 -6.29 -18.67 10.87
N HIS B 78 -5.10 -18.15 10.55
CA HIS B 78 -3.88 -18.55 11.22
C HIS B 78 -2.70 -17.73 10.74
N HIS B 79 -2.95 -16.46 10.41
CA HIS B 79 -1.91 -15.56 9.93
C HIS B 79 -1.47 -14.60 11.03
N MET C 1 1.60 25.38 -13.07
CA MET C 1 2.33 24.50 -13.97
C MET C 1 3.77 24.33 -13.51
N LYS C 2 3.95 23.75 -12.33
CA LYS C 2 5.28 23.53 -11.78
C LYS C 2 5.35 22.20 -11.04
N ILE C 3 6.53 21.88 -10.52
CA ILE C 3 6.74 20.63 -9.80
C ILE C 3 8.11 20.59 -9.14
N ASP C 4 8.13 20.36 -7.83
CA ASP C 4 9.37 20.29 -7.08
C ASP C 4 9.10 19.98 -5.61
N ALA C 5 8.97 18.71 -5.29
CA ALA C 5 8.71 18.28 -3.92
C ALA C 5 9.57 17.09 -3.54
N ILE C 6 9.45 16.00 -4.30
CA ILE C 6 10.22 14.80 -4.04
C ILE C 6 9.87 14.19 -2.68
N VAL C 7 8.94 13.24 -2.69
CA VAL C 7 8.53 12.59 -1.45
C VAL C 7 8.10 11.14 -1.72
N GLY C 8 7.65 10.46 -0.67
CA GLY C 8 7.22 9.08 -0.81
C GLY C 8 6.21 8.90 -1.93
N ARG C 9 6.38 7.84 -2.70
CA ARG C 9 5.48 7.55 -3.81
C ARG C 9 5.74 6.16 -4.38
N ASN C 10 4.68 5.37 -4.52
CA ASN C 10 4.80 4.02 -5.05
C ASN C 10 4.37 3.97 -6.52
N SER C 11 5.05 3.13 -7.30
CA SER C 11 4.74 3.00 -8.72
C SER C 11 4.69 1.53 -9.11
N ALA C 12 3.70 1.18 -9.93
CA ALA C 12 3.53 -0.20 -10.40
C ALA C 12 3.70 -0.28 -11.91
N LYS C 13 4.68 -1.07 -12.35
CA LYS C 13 4.95 -1.25 -13.77
C LYS C 13 3.86 -2.10 -14.42
N ASP C 14 3.48 -3.18 -13.73
CA ASP C 14 2.46 -4.08 -14.25
C ASP C 14 1.83 -4.88 -13.11
N ILE C 15 0.50 -5.01 -13.15
CA ILE C 15 -0.22 -5.74 -12.12
C ILE C 15 -1.35 -6.57 -12.73
N ARG C 16 -1.25 -7.89 -12.61
CA ARG C 16 -2.26 -8.79 -13.15
C ARG C 16 -2.79 -9.73 -12.06
N THR C 17 -4.10 -9.74 -11.88
CA THR C 17 -4.73 -10.60 -10.89
C THR C 17 -5.97 -11.28 -11.44
N GLU C 18 -6.23 -12.51 -10.99
CA GLU C 18 -7.38 -13.27 -11.45
C GLU C 18 -8.28 -13.63 -10.28
N GLU C 19 -9.50 -14.07 -10.59
CA GLU C 19 -10.46 -14.46 -9.56
C GLU C 19 -10.82 -13.27 -8.67
N ARG C 20 -11.39 -13.55 -7.51
CA ARG C 20 -11.77 -12.51 -6.57
C ARG C 20 -10.55 -11.89 -5.91
N ALA C 21 -9.78 -11.13 -6.68
CA ALA C 21 -8.59 -10.48 -6.17
C ALA C 21 -8.82 -8.99 -5.94
N ARG C 22 -8.02 -8.40 -5.07
CA ARG C 22 -8.14 -6.98 -4.76
C ARG C 22 -6.81 -6.26 -4.97
N VAL C 23 -6.89 -4.98 -5.35
CA VAL C 23 -5.69 -4.18 -5.58
C VAL C 23 -5.88 -2.75 -5.09
N GLN C 24 -4.84 -2.22 -4.44
CA GLN C 24 -4.90 -0.86 -3.91
C GLN C 24 -3.60 -0.11 -4.20
N LEU C 25 -3.73 1.11 -4.71
CA LEU C 25 -2.56 1.93 -5.03
C LEU C 25 -2.55 3.20 -4.20
N GLY C 26 -1.52 3.37 -3.38
CA GLY C 26 -1.40 4.54 -2.54
C GLY C 26 -1.18 4.20 -1.08
N ASN C 27 -1.11 5.23 -0.25
CA ASN C 27 -0.90 5.04 1.19
C ASN C 27 -2.21 4.78 1.91
N VAL C 28 -2.18 3.86 2.87
CA VAL C 28 -3.37 3.52 3.64
C VAL C 28 -3.20 3.91 5.10
N VAL C 29 -4.03 4.84 5.56
CA VAL C 29 -3.99 5.30 6.94
C VAL C 29 -5.25 4.91 7.70
N THR C 30 -5.08 4.18 8.80
CA THR C 30 -6.21 3.75 9.61
C THR C 30 -6.69 4.86 10.52
N ALA C 31 -7.79 4.60 11.24
CA ALA C 31 -8.35 5.59 12.15
C ALA C 31 -7.37 5.93 13.26
N ALA C 32 -6.68 4.92 13.78
CA ALA C 32 -5.71 5.12 14.84
C ALA C 32 -4.64 6.12 14.43
N ALA C 33 -4.03 5.90 13.27
CA ALA C 33 -2.99 6.78 12.78
C ALA C 33 -1.92 7.02 13.82
N LEU C 34 -1.02 7.97 13.55
CA LEU C 34 0.06 8.29 14.47
C LEU C 34 -0.31 9.48 15.35
N HIS C 35 0.00 9.37 16.64
CA HIS C 35 -0.30 10.44 17.58
C HIS C 35 0.28 11.77 17.10
N GLY C 36 -0.59 12.62 16.57
CA GLY C 36 -0.15 13.91 16.07
C GLY C 36 1.01 13.81 15.10
N GLY C 37 1.56 14.95 14.71
CA GLY C 37 2.68 14.95 13.78
C GLY C 37 2.48 15.93 12.64
N ILE C 38 1.44 15.71 11.85
CA ILE C 38 1.15 16.59 10.73
C ILE C 38 2.26 16.54 9.68
N ARG C 39 2.37 15.40 9.00
CA ARG C 39 3.40 15.23 7.97
C ARG C 39 4.79 15.47 8.55
N ILE C 40 5.31 14.47 9.27
CA ILE C 40 6.63 14.58 9.87
C ILE C 40 7.29 13.20 9.98
N SER C 41 7.22 12.43 8.90
CA SER C 41 7.81 11.10 8.89
C SER C 41 8.79 10.95 7.73
N ASP C 42 9.37 9.77 7.59
CA ASP C 42 10.33 9.49 6.53
C ASP C 42 9.62 9.36 5.18
N GLN C 43 10.38 9.48 4.10
CA GLN C 43 9.83 9.38 2.76
C GLN C 43 10.24 8.07 2.10
N THR C 44 9.36 7.08 2.14
CA THR C 44 9.64 5.78 1.54
C THR C 44 8.99 5.66 0.17
N THR C 45 9.74 5.09 -0.77
CA THR C 45 9.24 4.91 -2.13
C THR C 45 9.52 3.49 -2.65
N ASN C 46 8.51 2.87 -3.25
CA ASN C 46 8.66 1.53 -3.78
C ASN C 46 8.25 1.47 -5.25
N SER C 47 8.90 0.60 -6.02
CA SER C 47 8.60 0.46 -7.44
C SER C 47 8.72 -1.00 -7.86
N VAL C 48 7.63 -1.53 -8.43
CA VAL C 48 7.61 -2.92 -8.89
C VAL C 48 7.68 -2.99 -10.41
N GLU C 49 8.20 -4.11 -10.91
CA GLU C 49 8.33 -4.30 -12.35
C GLU C 49 7.16 -5.13 -12.89
N THR C 50 6.88 -6.26 -12.23
CA THR C 50 5.80 -7.14 -12.65
C THR C 50 5.15 -7.81 -11.44
N VAL C 51 3.83 -7.71 -11.34
CA VAL C 51 3.10 -8.32 -10.25
C VAL C 51 2.00 -9.25 -10.76
N VAL C 52 2.07 -10.51 -10.37
CA VAL C 52 1.09 -11.50 -10.80
C VAL C 52 0.48 -12.23 -9.59
N GLY C 53 -0.84 -12.38 -9.60
CA GLY C 53 -1.51 -13.05 -8.50
C GLY C 53 -2.60 -13.99 -8.99
N LYS C 54 -2.62 -15.20 -8.45
CA LYS C 54 -3.61 -16.20 -8.83
C LYS C 54 -4.66 -16.35 -7.73
N GLY C 55 -5.90 -16.65 -8.15
CA GLY C 55 -6.97 -16.82 -7.19
C GLY C 55 -7.25 -15.56 -6.39
N GLU C 56 -7.78 -15.73 -5.18
CA GLU C 56 -8.09 -14.60 -4.32
C GLU C 56 -6.81 -13.97 -3.75
N SER C 57 -6.07 -13.27 -4.60
CA SER C 57 -4.84 -12.62 -4.18
C SER C 57 -5.07 -11.15 -3.84
N ARG C 58 -4.18 -10.59 -3.04
CA ARG C 58 -4.29 -9.19 -2.64
C ARG C 58 -3.06 -8.40 -3.10
N VAL C 59 -3.31 -7.23 -3.70
CA VAL C 59 -2.23 -6.39 -4.18
C VAL C 59 -2.19 -5.06 -3.42
N LEU C 60 -1.05 -4.77 -2.80
CA LEU C 60 -0.89 -3.53 -2.04
C LEU C 60 0.33 -2.75 -2.53
N ILE C 61 0.08 -1.61 -3.15
CA ILE C 61 1.15 -0.76 -3.66
C ILE C 61 1.24 0.55 -2.89
N GLY C 62 2.23 0.65 -2.01
CA GLY C 62 2.41 1.85 -1.23
C GLY C 62 2.82 1.55 0.20
N ASN C 63 2.59 2.51 1.10
CA ASN C 63 2.95 2.35 2.51
C ASN C 63 1.69 2.33 3.37
N GLU C 64 1.81 1.72 4.55
CA GLU C 64 0.69 1.64 5.47
C GLU C 64 0.96 2.44 6.75
N TYR C 65 -0.08 3.04 7.30
CA TYR C 65 0.06 3.85 8.51
C TYR C 65 -1.00 3.45 9.55
N GLY C 66 -0.53 3.12 10.75
CA GLY C 66 -1.44 2.72 11.80
C GLY C 66 -2.13 1.41 11.52
N GLY C 67 -2.48 0.67 12.56
CA GLY C 67 -3.15 -0.60 12.40
C GLY C 67 -2.62 -1.66 13.35
N LYS C 68 -3.48 -2.61 13.72
CA LYS C 68 -3.09 -3.68 14.62
C LYS C 68 -1.96 -4.51 14.02
N GLY C 69 -2.23 -5.18 12.91
CA GLY C 69 -1.22 -5.99 12.26
C GLY C 69 -0.59 -5.30 11.08
N PHE C 70 0.42 -5.94 10.49
CA PHE C 70 1.11 -5.37 9.32
C PHE C 70 0.11 -4.99 8.24
N TRP C 71 -0.99 -5.72 8.18
CA TRP C 71 -2.03 -5.46 7.19
C TRP C 71 -3.39 -5.28 7.85
N ASP C 72 -3.89 -6.34 8.46
CA ASP C 72 -5.19 -6.30 9.14
C ASP C 72 -5.06 -6.78 10.58
N ASN C 73 -6.20 -6.99 11.23
CA ASN C 73 -6.22 -7.44 12.61
C ASN C 73 -5.97 -8.94 12.69
N HIS C 74 -6.17 -9.51 13.88
CA HIS C 74 -5.97 -10.94 14.09
C HIS C 74 -7.01 -11.50 15.05
N HIS C 75 -6.86 -11.20 16.33
CA HIS C 75 -7.79 -11.68 17.35
C HIS C 75 -7.39 -11.18 18.73
N HIS C 76 -8.05 -11.72 19.76
CA HIS C 76 -7.76 -11.33 21.13
C HIS C 76 -7.08 -12.46 21.89
N HIS C 77 -6.95 -12.30 23.20
CA HIS C 77 -6.32 -13.32 24.04
C HIS C 77 -7.30 -14.43 24.38
N HIS C 78 -6.77 -15.63 24.60
CA HIS C 78 -7.60 -16.78 24.93
C HIS C 78 -6.74 -17.98 25.32
N HIS C 79 -7.32 -18.88 26.12
CA HIS C 79 -6.60 -20.08 26.56
C HIS C 79 -7.51 -20.97 27.39
N MET D 1 0.65 10.94 -12.59
CA MET D 1 2.01 11.34 -12.23
C MET D 1 3.00 10.89 -13.31
N LYS D 2 3.56 11.86 -14.02
CA LYS D 2 4.53 11.57 -15.07
C LYS D 2 5.95 11.85 -14.60
N ILE D 3 6.17 11.70 -13.30
CA ILE D 3 7.49 11.94 -12.72
C ILE D 3 7.79 10.95 -11.59
N ASP D 4 8.91 10.26 -11.70
CA ASP D 4 9.31 9.29 -10.69
C ASP D 4 10.72 8.77 -10.97
N ALA D 5 11.57 8.78 -9.93
CA ALA D 5 12.93 8.30 -10.07
C ALA D 5 13.02 6.80 -9.81
N ILE D 6 14.13 6.20 -10.24
CA ILE D 6 14.33 4.77 -10.05
C ILE D 6 15.79 4.46 -9.71
N VAL D 7 16.45 5.43 -9.07
CA VAL D 7 17.84 5.25 -8.68
C VAL D 7 18.03 3.99 -7.85
N GLY D 8 17.43 3.96 -6.66
CA GLY D 8 17.55 2.80 -5.80
C GLY D 8 16.26 2.51 -5.06
N ARG D 9 16.29 2.66 -3.74
CA ARG D 9 15.12 2.41 -2.90
C ARG D 9 14.66 0.95 -3.05
N ASN D 10 13.48 0.66 -2.53
CA ASN D 10 12.93 -0.69 -2.59
C ASN D 10 12.25 -0.93 -3.93
N SER D 11 12.85 -1.78 -4.76
CA SER D 11 12.30 -2.09 -6.07
C SER D 11 12.31 -3.60 -6.32
N ALA D 12 11.45 -4.06 -7.22
CA ALA D 12 11.36 -5.47 -7.54
C ALA D 12 11.40 -5.69 -9.05
N LYS D 13 12.00 -6.81 -9.47
CA LYS D 13 12.11 -7.13 -10.89
C LYS D 13 10.90 -7.95 -11.34
N ASP D 14 10.46 -8.88 -10.50
CA ASP D 14 9.32 -9.72 -10.83
C ASP D 14 8.80 -10.44 -9.59
N ILE D 15 7.48 -10.48 -9.44
CA ILE D 15 6.85 -11.13 -8.30
C ILE D 15 5.62 -11.92 -8.71
N ARG D 16 5.66 -13.23 -8.52
CA ARG D 16 4.55 -14.10 -8.88
C ARG D 16 4.02 -14.83 -7.65
N THR D 17 2.70 -14.78 -7.46
CA THR D 17 2.07 -15.44 -6.33
C THR D 17 0.81 -16.18 -6.76
N GLU D 18 0.58 -17.34 -6.16
CA GLU D 18 -0.60 -18.14 -6.47
C GLU D 18 -1.45 -18.38 -5.24
N GLU D 19 -2.69 -18.80 -5.45
CA GLU D 19 -3.62 -19.07 -4.34
C GLU D 19 -3.92 -17.78 -3.57
N ARG D 20 -4.47 -17.94 -2.38
CA ARG D 20 -4.81 -16.80 -1.54
C ARG D 20 -3.56 -16.17 -0.94
N ALA D 21 -2.75 -15.54 -1.79
CA ALA D 21 -1.51 -14.90 -1.34
C ALA D 21 -1.68 -13.39 -1.28
N ARG D 22 -0.85 -12.74 -0.47
CA ARG D 22 -0.90 -11.29 -0.32
C ARG D 22 0.46 -10.67 -0.59
N VAL D 23 0.47 -9.57 -1.36
CA VAL D 23 1.71 -8.89 -1.69
C VAL D 23 1.61 -7.40 -1.38
N GLN D 24 2.67 -6.85 -0.77
CA GLN D 24 2.69 -5.44 -0.43
C GLN D 24 4.05 -4.83 -0.76
N LEU D 25 4.03 -3.72 -1.51
CA LEU D 25 5.25 -3.04 -1.89
C LEU D 25 5.36 -1.68 -1.21
N GLY D 26 6.40 -1.51 -0.40
CA GLY D 26 6.60 -0.26 0.31
C GLY D 26 6.86 -0.46 1.79
N ASN D 27 7.16 0.63 2.48
CA ASN D 27 7.45 0.57 3.91
C ASN D 27 6.16 0.65 4.72
N VAL D 28 6.15 0.01 5.89
CA VAL D 28 4.98 0.01 6.76
C VAL D 28 5.29 0.65 8.10
N VAL D 29 4.40 1.53 8.55
CA VAL D 29 4.58 2.21 9.83
C VAL D 29 3.40 1.95 10.77
N THR D 30 3.70 1.42 11.94
CA THR D 30 2.67 1.12 12.93
C THR D 30 2.13 2.40 13.57
N ALA D 31 0.99 2.28 14.25
CA ALA D 31 0.38 3.42 14.91
C ALA D 31 1.28 3.97 16.01
N ALA D 32 1.93 3.07 16.74
CA ALA D 32 2.83 3.45 17.82
C ALA D 32 3.92 4.41 17.32
N ALA D 33 4.37 4.18 16.10
CA ALA D 33 5.41 5.01 15.50
C ALA D 33 5.00 6.48 15.50
N LEU D 34 5.53 7.24 16.46
CA LEU D 34 5.22 8.65 16.58
C LEU D 34 5.83 9.44 15.41
N HIS D 35 7.15 9.54 15.40
CA HIS D 35 7.85 10.26 14.34
C HIS D 35 9.36 10.18 14.53
N GLY D 36 9.80 10.19 15.79
CA GLY D 36 11.22 10.11 16.07
C GLY D 36 11.84 11.47 16.29
N GLY D 37 11.58 12.39 15.36
CA GLY D 37 12.13 13.74 15.46
C GLY D 37 11.91 14.56 14.22
N ILE D 38 12.87 14.53 13.30
CA ILE D 38 12.76 15.28 12.06
C ILE D 38 12.55 14.34 10.87
N ARG D 39 11.87 14.85 9.84
CA ARG D 39 11.59 14.06 8.65
C ARG D 39 12.88 13.45 8.09
N ILE D 40 12.72 12.54 7.13
CA ILE D 40 13.87 11.88 6.51
C ILE D 40 14.70 11.14 7.55
N SER D 41 14.46 9.83 7.66
CA SER D 41 15.19 9.00 8.62
C SER D 41 15.07 7.53 8.26
N ASP D 42 16.20 6.83 8.24
CA ASP D 42 16.22 5.42 7.90
C ASP D 42 15.75 5.18 6.47
N GLN D 43 16.69 4.88 5.59
CA GLN D 43 16.38 4.63 4.18
C GLN D 43 17.22 3.50 3.62
N THR D 44 16.67 2.28 3.68
CA THR D 44 17.37 1.10 3.17
C THR D 44 16.96 0.78 1.74
N THR D 45 17.93 0.76 0.83
CA THR D 45 17.67 0.47 -0.57
C THR D 45 17.81 -1.03 -0.85
N ASN D 46 16.70 -1.67 -1.19
CA ASN D 46 16.71 -3.10 -1.49
C ASN D 46 16.18 -3.36 -2.90
N SER D 47 16.65 -4.44 -3.51
CA SER D 47 16.23 -4.80 -4.85
C SER D 47 16.10 -6.32 -5.00
N VAL D 48 14.91 -6.77 -5.37
CA VAL D 48 14.65 -8.20 -5.54
C VAL D 48 14.54 -8.56 -7.02
N GLU D 49 15.06 -9.73 -7.37
CA GLU D 49 15.02 -10.20 -8.75
C GLU D 49 13.69 -10.88 -9.06
N THR D 50 13.56 -12.13 -8.64
CA THR D 50 12.35 -12.89 -8.88
C THR D 50 11.82 -13.50 -7.58
N VAL D 51 10.53 -13.33 -7.33
CA VAL D 51 9.90 -13.85 -6.13
C VAL D 51 8.72 -14.77 -6.47
N VAL D 52 8.81 -16.02 -6.05
CA VAL D 52 7.75 -16.99 -6.31
C VAL D 52 7.13 -17.50 -5.01
N GLY D 53 5.82 -17.33 -4.87
CA GLY D 53 5.14 -17.79 -3.67
C GLY D 53 4.01 -18.75 -3.97
N LYS D 54 3.97 -19.85 -3.24
CA LYS D 54 2.92 -20.86 -3.43
C LYS D 54 1.93 -20.84 -2.28
N GLY D 55 0.67 -21.15 -2.59
CA GLY D 55 -0.36 -21.16 -1.58
C GLY D 55 -0.55 -19.80 -0.92
N GLU D 56 -0.81 -19.81 0.39
CA GLU D 56 -1.00 -18.57 1.14
C GLU D 56 0.33 -17.89 1.43
N SER D 57 1.06 -17.54 0.36
CA SER D 57 2.36 -16.90 0.50
C SER D 57 2.19 -15.39 0.70
N ARG D 58 3.16 -14.78 1.37
CA ARG D 58 3.13 -13.34 1.62
C ARG D 58 4.37 -12.66 1.06
N VAL D 59 4.17 -11.57 0.33
CA VAL D 59 5.27 -10.82 -0.26
C VAL D 59 5.38 -9.42 0.35
N LEU D 60 6.53 -9.11 0.92
CA LEU D 60 6.76 -7.80 1.52
C LEU D 60 8.05 -7.18 0.99
N ILE D 61 7.92 -6.05 0.30
CA ILE D 61 9.07 -5.35 -0.25
C ILE D 61 9.28 -4.00 0.43
N GLY D 62 10.25 -3.94 1.32
CA GLY D 62 10.53 -2.71 2.03
C GLY D 62 10.89 -2.94 3.49
N ASN D 63 10.82 -1.88 4.29
CA ASN D 63 11.15 -1.97 5.71
C ASN D 63 9.92 -1.67 6.56
N GLU D 64 9.93 -2.17 7.80
CA GLU D 64 8.82 -1.96 8.72
C GLU D 64 9.27 -1.13 9.93
N TYR D 65 8.65 0.03 10.10
CA TYR D 65 8.98 0.91 11.21
C TYR D 65 7.91 0.85 12.29
N GLY D 66 8.34 0.63 13.53
CA GLY D 66 7.40 0.55 14.64
C GLY D 66 6.89 -0.86 14.86
N GLY D 67 6.64 -1.22 16.12
CA GLY D 67 6.15 -2.54 16.43
C GLY D 67 7.26 -3.50 16.80
N LYS D 68 7.68 -3.47 18.07
CA LYS D 68 8.74 -4.35 18.55
C LYS D 68 8.37 -5.82 18.32
N GLY D 69 8.91 -6.39 17.25
CA GLY D 69 8.63 -7.79 16.93
C GLY D 69 9.44 -8.29 15.74
N PHE D 70 8.78 -8.38 14.59
CA PHE D 70 9.44 -8.85 13.37
C PHE D 70 8.51 -8.72 12.17
N TRP D 71 7.23 -8.99 12.38
CA TRP D 71 6.24 -8.90 11.31
C TRP D 71 4.91 -8.39 11.85
N ASP D 72 4.32 -9.14 12.76
CA ASP D 72 3.04 -8.78 13.34
C ASP D 72 2.77 -9.58 14.61
N ASN D 73 1.54 -9.48 15.13
CA ASN D 73 1.15 -10.19 16.34
C ASN D 73 1.18 -11.70 16.10
N HIS D 74 2.27 -12.35 16.53
CA HIS D 74 2.41 -13.78 16.37
C HIS D 74 3.28 -14.36 17.48
N HIS D 75 3.66 -15.63 17.33
CA HIS D 75 4.48 -16.30 18.33
C HIS D 75 5.28 -17.45 17.69
N HIS D 76 6.14 -18.07 18.49
CA HIS D 76 6.96 -19.18 18.00
C HIS D 76 7.76 -19.79 19.14
N HIS D 77 8.40 -20.94 18.87
CA HIS D 77 9.21 -21.62 19.87
C HIS D 77 10.65 -21.72 19.41
N HIS D 78 11.47 -22.41 20.20
CA HIS D 78 12.89 -22.58 19.87
C HIS D 78 13.28 -24.06 19.97
N HIS D 79 14.58 -24.32 19.81
CA HIS D 79 15.10 -25.68 19.88
C HIS D 79 16.07 -25.84 21.04
N MET E 1 10.74 -11.65 -16.44
CA MET E 1 11.35 -11.61 -17.77
C MET E 1 11.68 -10.17 -18.16
N LYS E 2 12.42 -9.48 -17.31
CA LYS E 2 12.81 -8.11 -17.57
C LYS E 2 14.25 -7.86 -17.13
N ILE E 3 14.69 -6.60 -17.25
CA ILE E 3 16.04 -6.23 -16.86
C ILE E 3 16.10 -4.79 -16.37
N ASP E 4 16.96 -4.54 -15.38
CA ASP E 4 17.11 -3.21 -14.82
C ASP E 4 18.50 -3.03 -14.21
N ALA E 5 18.76 -1.83 -13.69
CA ALA E 5 20.05 -1.53 -13.09
C ALA E 5 20.25 -2.32 -11.80
N ILE E 6 21.51 -2.62 -11.49
CA ILE E 6 21.84 -3.37 -10.29
C ILE E 6 22.67 -2.52 -9.32
N VAL E 7 22.05 -2.17 -8.20
CA VAL E 7 22.72 -1.36 -7.19
C VAL E 7 21.83 -1.13 -5.97
N GLY E 8 22.43 -1.14 -4.79
CA GLY E 8 21.67 -0.94 -3.57
C GLY E 8 22.31 -1.62 -2.37
N ARG E 9 21.62 -1.58 -1.23
CA ARG E 9 22.12 -2.20 -0.02
C ARG E 9 22.06 -3.72 -0.11
N ASN E 10 20.85 -4.26 0.01
CA ASN E 10 20.65 -5.71 -0.05
C ASN E 10 19.74 -6.07 -1.23
N SER E 11 20.10 -7.14 -1.94
CA SER E 11 19.33 -7.59 -3.08
C SER E 11 19.26 -9.11 -3.12
N ALA E 12 18.28 -9.64 -3.86
CA ALA E 12 18.11 -11.08 -3.99
C ALA E 12 18.07 -11.50 -5.44
N LYS E 13 18.90 -12.48 -5.81
CA LYS E 13 18.95 -12.97 -7.17
C LYS E 13 17.73 -13.83 -7.49
N ASP E 14 17.25 -14.56 -6.50
CA ASP E 14 16.08 -15.42 -6.68
C ASP E 14 15.54 -15.89 -5.33
N ILE E 15 14.22 -15.87 -5.18
CA ILE E 15 13.59 -16.30 -3.94
C ILE E 15 12.32 -17.10 -4.23
N ARG E 16 12.33 -18.37 -3.84
CA ARG E 16 11.18 -19.25 -4.04
C ARG E 16 10.68 -19.80 -2.71
N THR E 17 9.38 -19.62 -2.46
CA THR E 17 8.78 -20.09 -1.22
C THR E 17 7.44 -20.77 -1.50
N GLU E 18 7.17 -21.87 -0.81
CA GLU E 18 5.92 -22.60 -0.97
C GLU E 18 5.16 -22.70 0.34
N GLU E 19 3.90 -23.10 0.26
CA GLU E 19 3.06 -23.23 1.45
C GLU E 19 2.82 -21.87 2.09
N ARG E 20 2.39 -21.88 3.34
CA ARG E 20 2.12 -20.65 4.08
C ARG E 20 3.41 -19.98 4.51
N ALA E 21 4.24 -19.60 3.53
CA ALA E 21 5.51 -18.95 3.81
C ALA E 21 5.42 -17.44 3.58
N ARG E 22 6.30 -16.70 4.24
CA ARG E 22 6.32 -15.25 4.11
C ARG E 22 7.72 -14.74 3.80
N VAL E 23 7.81 -13.81 2.85
CA VAL E 23 9.10 -13.25 2.44
C VAL E 23 9.10 -11.73 2.60
N GLN E 24 10.17 -11.21 3.18
CA GLN E 24 10.31 -9.77 3.38
C GLN E 24 11.70 -9.29 2.99
N LEU E 25 11.75 -8.25 2.17
CA LEU E 25 13.03 -7.69 1.72
C LEU E 25 13.25 -6.30 2.31
N GLY E 26 14.30 -6.16 3.10
CA GLY E 26 14.60 -4.88 3.71
C GLY E 26 14.92 -5.00 5.19
N ASN E 27 15.37 -3.90 5.78
CA ASN E 27 15.72 -3.89 7.20
C ASN E 27 14.49 -3.61 8.06
N VAL E 28 14.60 -3.92 9.35
CA VAL E 28 13.49 -3.69 10.28
C VAL E 28 13.86 -2.66 11.34
N VAL E 29 12.95 -1.73 11.58
CA VAL E 29 13.17 -0.68 12.57
C VAL E 29 12.09 -0.69 13.64
N THR E 30 12.51 -0.87 14.89
CA THR E 30 11.57 -0.91 16.01
C THR E 30 10.96 0.48 16.26
N ALA E 31 10.00 0.54 17.16
CA ALA E 31 9.34 1.80 17.50
C ALA E 31 10.33 2.78 18.11
N ALA E 32 11.25 2.27 18.93
CA ALA E 32 12.24 3.11 19.58
C ALA E 32 13.05 3.89 18.55
N ALA E 33 13.32 3.26 17.41
CA ALA E 33 14.08 3.90 16.34
C ALA E 33 15.39 4.47 16.88
N LEU E 34 16.06 5.26 16.04
CA LEU E 34 17.34 5.86 16.43
C LEU E 34 17.13 7.29 16.93
N HIS E 35 15.94 7.54 17.48
CA HIS E 35 15.61 8.87 18.00
C HIS E 35 15.68 9.92 16.91
N GLY E 36 15.28 11.14 17.24
CA GLY E 36 15.30 12.22 16.27
C GLY E 36 16.70 12.55 15.81
N GLY E 37 17.08 12.03 14.64
CA GLY E 37 18.40 12.29 14.11
C GLY E 37 18.78 11.32 13.01
N ILE E 38 18.60 11.72 11.76
CA ILE E 38 18.93 10.88 10.62
C ILE E 38 20.35 10.34 10.73
N ARG E 39 20.50 9.04 10.51
CA ARG E 39 21.81 8.40 10.58
C ARG E 39 22.20 7.81 9.23
N ILE E 40 23.29 7.05 9.21
CA ILE E 40 23.78 6.44 7.98
C ILE E 40 23.53 4.93 8.00
N SER E 41 22.26 4.54 7.94
CA SER E 41 21.89 3.13 7.95
C SER E 41 22.57 2.39 6.80
N ASP E 42 22.89 3.12 5.74
CA ASP E 42 23.54 2.53 4.57
C ASP E 42 25.02 2.29 4.84
N GLN E 43 25.45 1.04 4.70
CA GLN E 43 26.83 0.67 4.92
C GLN E 43 27.06 -0.81 4.68
N THR E 44 26.08 -1.63 5.06
CA THR E 44 26.17 -3.07 4.87
C THR E 44 25.40 -3.52 3.64
N THR E 45 25.98 -4.44 2.87
CA THR E 45 25.34 -4.95 1.67
C THR E 45 25.23 -6.47 1.70
N ASN E 46 24.02 -6.98 1.50
CA ASN E 46 23.79 -8.41 1.50
C ASN E 46 23.10 -8.86 0.21
N SER E 47 23.76 -9.75 -0.53
CA SER E 47 23.21 -10.26 -1.78
C SER E 47 23.08 -11.78 -1.74
N VAL E 48 21.86 -12.26 -1.96
CA VAL E 48 21.59 -13.69 -1.96
C VAL E 48 21.41 -14.22 -3.37
N GLU E 49 21.85 -15.45 -3.59
CA GLU E 49 21.73 -16.08 -4.91
C GLU E 49 20.32 -16.64 -5.11
N THR E 50 20.05 -17.78 -4.49
CA THR E 50 18.75 -18.42 -4.60
C THR E 50 18.33 -19.05 -3.28
N VAL E 51 17.13 -18.70 -2.82
CA VAL E 51 16.60 -19.23 -1.57
C VAL E 51 15.32 -20.02 -1.80
N VAL E 52 15.35 -21.29 -1.43
CA VAL E 52 14.19 -22.16 -1.59
C VAL E 52 13.71 -22.70 -0.25
N GLY E 53 12.49 -22.31 0.15
CA GLY E 53 11.94 -22.76 1.40
C GLY E 53 10.73 -23.65 1.22
N LYS E 54 10.70 -24.76 1.94
CA LYS E 54 9.59 -25.70 1.85
C LYS E 54 8.68 -25.59 3.08
N GLY E 55 7.37 -25.49 2.84
CA GLY E 55 6.43 -25.38 3.94
C GLY E 55 6.34 -23.98 4.48
N GLU E 56 6.03 -23.86 5.77
CA GLU E 56 5.92 -22.56 6.42
C GLU E 56 7.29 -21.94 6.65
N SER E 57 7.95 -21.56 5.56
CA SER E 57 9.28 -20.95 5.64
C SER E 57 9.18 -19.43 5.67
N ARG E 58 10.26 -18.78 6.09
CA ARG E 58 10.30 -17.32 6.16
C ARG E 58 11.57 -16.78 5.52
N VAL E 59 11.43 -15.72 4.72
CA VAL E 59 12.56 -15.11 4.05
C VAL E 59 12.78 -13.69 4.55
N LEU E 60 13.99 -13.41 5.02
CA LEU E 60 14.34 -12.09 5.53
C LEU E 60 15.64 -11.59 4.90
N ILE E 61 15.56 -10.49 4.16
CA ILE E 61 16.72 -9.91 3.52
C ILE E 61 17.07 -8.55 4.13
N GLY E 62 18.09 -8.54 4.98
CA GLY E 62 18.51 -7.30 5.60
C GLY E 62 18.70 -7.45 7.10
N ASN E 63 19.11 -6.36 7.76
CA ASN E 63 19.32 -6.39 9.21
C ASN E 63 18.09 -5.88 9.95
N GLU E 64 17.96 -6.27 11.20
CA GLU E 64 16.82 -5.85 12.03
C GLU E 64 17.30 -5.14 13.29
N TYR E 65 16.61 -4.06 13.64
CA TYR E 65 16.95 -3.28 14.82
C TYR E 65 15.77 -3.15 15.77
N GLY E 66 15.95 -3.56 17.01
CA GLY E 66 14.88 -3.48 17.99
C GLY E 66 15.23 -4.20 19.28
N GLY E 67 14.20 -4.68 19.98
CA GLY E 67 14.43 -5.38 21.23
C GLY E 67 15.33 -6.59 21.07
N LYS E 68 15.51 -7.33 22.15
CA LYS E 68 16.36 -8.52 22.13
C LYS E 68 15.83 -9.55 21.14
N GLY E 69 16.38 -10.76 21.19
CA GLY E 69 15.94 -11.81 20.29
C GLY E 69 16.61 -11.74 18.93
N PHE E 70 17.00 -12.89 18.41
CA PHE E 70 17.66 -12.94 17.10
C PHE E 70 16.67 -12.70 15.98
N TRP E 71 15.39 -12.62 16.33
CA TRP E 71 14.34 -12.39 15.35
C TRP E 71 13.15 -11.68 15.99
N ASP E 72 12.78 -12.12 17.18
CA ASP E 72 11.65 -11.53 17.90
C ASP E 72 11.69 -11.92 19.38
N ASN E 73 10.88 -11.23 20.18
CA ASN E 73 10.82 -11.49 21.61
C ASN E 73 12.21 -11.50 22.23
N HIS E 74 12.30 -11.96 23.48
CA HIS E 74 13.57 -12.00 24.18
C HIS E 74 14.37 -13.24 23.77
N HIS E 75 15.45 -13.51 24.49
CA HIS E 75 16.30 -14.66 24.18
C HIS E 75 15.93 -15.85 25.06
N HIS E 76 16.21 -17.05 24.56
CA HIS E 76 15.89 -18.27 25.29
C HIS E 76 17.16 -19.10 25.53
N HIS E 77 16.97 -20.31 26.06
CA HIS E 77 18.10 -21.20 26.33
C HIS E 77 18.30 -22.19 25.19
N HIS E 78 19.17 -23.17 25.41
CA HIS E 78 19.45 -24.18 24.40
C HIS E 78 20.35 -25.28 24.97
N HIS E 79 20.67 -26.27 24.13
CA HIS E 79 21.51 -27.37 24.55
C HIS E 79 20.86 -28.17 25.68
N MET A 1 2.08 28.68 -9.33
CA MET A 1 1.02 28.21 -10.20
C MET A 1 -0.35 28.63 -9.67
N LYS A 2 -0.80 27.95 -8.61
CA LYS A 2 -2.09 28.25 -8.01
C LYS A 2 -2.15 27.74 -6.57
N ILE A 3 -3.00 28.37 -5.76
CA ILE A 3 -3.15 27.98 -4.36
C ILE A 3 -4.62 27.86 -3.98
N ASP A 4 -4.91 26.89 -3.13
CA ASP A 4 -6.29 26.66 -2.69
C ASP A 4 -6.31 25.92 -1.35
N ALA A 5 -7.50 25.79 -0.78
CA ALA A 5 -7.66 25.09 0.50
C ALA A 5 -8.40 23.77 0.33
N ILE A 6 -9.71 23.86 0.13
CA ILE A 6 -10.53 22.66 -0.05
C ILE A 6 -11.33 22.75 -1.34
N VAL A 7 -11.18 21.74 -2.19
CA VAL A 7 -11.89 21.69 -3.46
C VAL A 7 -11.57 20.41 -4.23
N GLY A 8 -12.61 19.65 -4.54
CA GLY A 8 -12.42 18.41 -5.27
C GLY A 8 -11.81 18.63 -6.65
N ARG A 9 -11.41 17.53 -7.29
CA ARG A 9 -10.81 17.62 -8.62
C ARG A 9 -10.71 16.23 -9.25
N ASN A 10 -11.55 15.98 -10.25
CA ASN A 10 -11.54 14.70 -10.94
C ASN A 10 -11.80 14.89 -12.44
N SER A 11 -10.85 14.43 -13.24
CA SER A 11 -10.96 14.54 -14.70
C SER A 11 -10.89 13.18 -15.36
N ALA A 12 -11.53 13.05 -16.52
CA ALA A 12 -11.54 11.79 -17.26
C ALA A 12 -11.31 12.03 -18.75
N LYS A 13 -10.24 11.46 -19.28
CA LYS A 13 -9.91 11.60 -20.69
C LYS A 13 -10.93 10.90 -21.56
N ASP A 14 -11.20 9.63 -21.26
CA ASP A 14 -12.16 8.84 -22.02
C ASP A 14 -12.55 7.58 -21.26
N ILE A 15 -13.83 7.28 -21.23
CA ILE A 15 -14.33 6.10 -20.54
C ILE A 15 -15.44 5.42 -21.34
N ARG A 16 -15.36 4.11 -21.46
CA ARG A 16 -16.36 3.34 -22.19
C ARG A 16 -16.80 2.12 -21.40
N THR A 17 -18.09 1.80 -21.47
CA THR A 17 -18.63 0.65 -20.76
C THR A 17 -19.62 -0.12 -21.62
N GLU A 18 -19.75 -1.41 -21.35
CA GLU A 18 -20.66 -2.27 -22.12
C GLU A 18 -21.41 -3.22 -21.19
N GLU A 19 -22.43 -3.88 -21.74
CA GLU A 19 -23.23 -4.82 -20.96
C GLU A 19 -24.15 -4.08 -19.99
N ARG A 20 -23.55 -3.49 -18.96
CA ARG A 20 -24.32 -2.76 -17.96
C ARG A 20 -23.40 -2.22 -16.86
N ALA A 21 -22.48 -1.33 -17.24
CA ALA A 21 -21.55 -0.75 -16.28
C ALA A 21 -22.01 0.64 -15.85
N ARG A 22 -21.55 1.07 -14.68
CA ARG A 22 -21.91 2.37 -14.15
C ARG A 22 -20.67 3.19 -13.80
N VAL A 23 -20.67 4.46 -14.19
CA VAL A 23 -19.55 5.35 -13.92
C VAL A 23 -20.00 6.59 -13.16
N GLN A 24 -19.37 6.84 -12.01
CA GLN A 24 -19.71 8.00 -11.19
C GLN A 24 -18.54 8.98 -11.14
N LEU A 25 -18.86 10.26 -11.24
CA LEU A 25 -17.84 11.31 -11.22
C LEU A 25 -18.19 12.37 -10.18
N GLY A 26 -17.32 12.54 -9.19
CA GLY A 26 -17.55 13.53 -8.14
C GLY A 26 -17.40 12.95 -6.76
N ASN A 27 -17.56 13.80 -5.74
CA ASN A 27 -17.44 13.37 -4.36
C ASN A 27 -18.78 12.85 -3.82
N VAL A 28 -18.71 11.82 -3.00
CA VAL A 28 -19.93 11.23 -2.42
C VAL A 28 -19.86 11.25 -0.89
N VAL A 29 -20.87 11.87 -0.28
CA VAL A 29 -20.93 11.96 1.17
C VAL A 29 -22.19 11.28 1.71
N THR A 30 -22.02 10.41 2.69
CA THR A 30 -23.14 9.70 3.29
C THR A 30 -23.54 10.32 4.63
N ALA A 31 -24.74 10.01 5.08
CA ALA A 31 -25.24 10.54 6.34
C ALA A 31 -24.26 10.26 7.48
N ALA A 32 -23.57 9.13 7.40
CA ALA A 32 -22.61 8.75 8.42
C ALA A 32 -21.53 9.82 8.58
N ALA A 33 -21.16 10.45 7.46
CA ALA A 33 -20.15 11.50 7.48
C ALA A 33 -20.48 12.57 8.52
N LEU A 34 -21.44 13.43 8.17
CA LEU A 34 -21.86 14.50 9.06
C LEU A 34 -22.99 15.32 8.43
N HIS A 35 -23.85 14.65 7.68
CA HIS A 35 -24.97 15.32 7.02
C HIS A 35 -24.48 16.19 5.88
N GLY A 36 -23.81 17.29 6.22
CA GLY A 36 -23.31 18.20 5.20
C GLY A 36 -21.80 18.15 5.09
N GLY A 37 -21.13 19.15 5.65
CA GLY A 37 -19.67 19.20 5.59
C GLY A 37 -19.10 20.33 6.42
N ILE A 38 -18.00 20.04 7.13
CA ILE A 38 -17.35 21.04 7.97
C ILE A 38 -15.85 20.81 8.02
N ARG A 39 -15.45 19.56 8.15
CA ARG A 39 -14.04 19.20 8.22
C ARG A 39 -13.27 19.82 7.05
N ILE A 40 -11.96 20.00 7.23
CA ILE A 40 -11.11 20.57 6.20
C ILE A 40 -9.86 19.75 6.00
N SER A 41 -9.28 19.84 4.80
CA SER A 41 -8.07 19.10 4.47
C SER A 41 -7.61 19.39 3.05
N ASP A 42 -6.64 18.62 2.58
CA ASP A 42 -6.11 18.80 1.22
C ASP A 42 -7.19 18.55 0.18
N GLN A 43 -6.78 18.48 -1.08
CA GLN A 43 -7.71 18.24 -2.18
C GLN A 43 -7.24 17.09 -3.05
N THR A 44 -7.98 15.98 -3.02
CA THR A 44 -7.64 14.81 -3.81
C THR A 44 -7.83 15.07 -5.29
N THR A 45 -6.86 14.65 -6.10
CA THR A 45 -6.93 14.84 -7.54
C THR A 45 -6.87 13.50 -8.27
N ASN A 46 -8.01 13.12 -8.87
CA ASN A 46 -8.10 11.87 -9.60
C ASN A 46 -8.12 12.11 -11.10
N SER A 47 -7.38 11.29 -11.84
CA SER A 47 -7.31 11.42 -13.30
C SER A 47 -7.43 10.06 -13.97
N VAL A 48 -8.42 9.92 -14.85
CA VAL A 48 -8.64 8.67 -15.57
C VAL A 48 -8.42 8.85 -17.06
N GLU A 49 -7.41 8.17 -17.59
CA GLU A 49 -7.10 8.25 -19.01
C GLU A 49 -8.10 7.46 -19.84
N THR A 50 -7.97 6.13 -19.82
CA THR A 50 -8.87 5.27 -20.57
C THR A 50 -9.50 4.22 -19.66
N VAL A 51 -10.83 4.14 -19.69
CA VAL A 51 -11.56 3.19 -18.88
C VAL A 51 -12.34 2.20 -19.74
N VAL A 52 -12.22 0.91 -19.42
CA VAL A 52 -12.91 -0.13 -20.17
C VAL A 52 -13.72 -1.03 -19.24
N GLY A 53 -15.04 -1.00 -19.40
CA GLY A 53 -15.90 -1.81 -18.57
C GLY A 53 -16.53 -2.96 -19.34
N LYS A 54 -16.46 -4.16 -18.76
CA LYS A 54 -17.03 -5.34 -19.40
C LYS A 54 -17.86 -6.15 -18.42
N GLY A 55 -19.00 -6.66 -18.88
CA GLY A 55 -19.85 -7.44 -18.02
C GLY A 55 -20.11 -6.77 -16.68
N GLU A 56 -21.02 -5.81 -16.67
CA GLU A 56 -21.35 -5.08 -15.45
C GLU A 56 -20.09 -4.60 -14.74
N SER A 57 -19.50 -3.53 -15.26
CA SER A 57 -18.29 -2.97 -14.68
C SER A 57 -18.62 -1.80 -13.76
N ARG A 58 -17.84 -1.66 -12.69
CA ARG A 58 -18.05 -0.58 -11.74
C ARG A 58 -16.91 0.43 -11.79
N VAL A 59 -17.25 1.70 -11.95
CA VAL A 59 -16.25 2.77 -12.02
C VAL A 59 -16.60 3.91 -11.09
N LEU A 60 -15.69 4.23 -10.18
CA LEU A 60 -15.90 5.32 -9.23
C LEU A 60 -14.81 6.37 -9.34
N ILE A 61 -15.18 7.55 -9.83
CA ILE A 61 -14.23 8.65 -9.97
C ILE A 61 -14.50 9.76 -8.97
N GLY A 62 -13.66 9.82 -7.93
CA GLY A 62 -13.83 10.84 -6.92
C GLY A 62 -13.52 10.34 -5.53
N ASN A 63 -13.84 11.13 -4.51
CA ASN A 63 -13.60 10.75 -3.14
C ASN A 63 -14.91 10.53 -2.39
N GLU A 64 -14.85 9.73 -1.32
CA GLU A 64 -16.03 9.43 -0.53
C GLU A 64 -15.84 9.86 0.92
N TYR A 65 -16.89 10.39 1.53
CA TYR A 65 -16.83 10.84 2.91
C TYR A 65 -17.94 10.19 3.74
N GLY A 66 -17.56 9.69 4.91
CA GLY A 66 -18.53 9.05 5.79
C GLY A 66 -18.33 7.55 5.87
N GLY A 67 -18.68 6.97 7.02
CA GLY A 67 -18.53 5.54 7.20
C GLY A 67 -19.47 4.74 6.33
N LYS A 68 -20.22 3.83 6.95
CA LYS A 68 -21.17 2.99 6.21
C LYS A 68 -20.45 2.11 5.20
N GLY A 69 -19.19 1.82 5.48
CA GLY A 69 -18.41 0.97 4.59
C GLY A 69 -18.12 1.64 3.26
N PHE A 70 -16.87 1.58 2.82
CA PHE A 70 -16.46 2.19 1.56
C PHE A 70 -17.37 1.74 0.42
N TRP A 71 -17.85 2.70 -0.36
CA TRP A 71 -18.73 2.39 -1.49
C TRP A 71 -20.01 1.72 -1.01
N ASP A 72 -20.75 2.39 -0.14
CA ASP A 72 -22.00 1.85 0.38
C ASP A 72 -22.91 1.37 -0.74
N ASN A 73 -22.96 0.05 -0.94
CA ASN A 73 -23.79 -0.53 -1.98
C ASN A 73 -23.82 -2.06 -1.86
N HIS A 74 -23.71 -2.54 -0.63
CA HIS A 74 -23.73 -3.98 -0.38
C HIS A 74 -24.20 -4.28 1.05
N HIS A 75 -24.20 -5.56 1.41
CA HIS A 75 -24.62 -5.97 2.74
C HIS A 75 -23.90 -5.18 3.81
N HIS A 76 -22.62 -5.49 4.02
CA HIS A 76 -21.81 -4.82 5.03
C HIS A 76 -20.38 -5.33 5.02
N HIS A 77 -19.60 -4.93 6.01
CA HIS A 77 -18.21 -5.36 6.12
C HIS A 77 -17.83 -5.63 7.57
N HIS A 78 -16.54 -5.81 7.81
CA HIS A 78 -16.04 -6.09 9.16
C HIS A 78 -14.76 -5.31 9.43
N HIS A 79 -14.11 -5.64 10.55
CA HIS A 79 -12.86 -4.97 10.93
C HIS A 79 -11.77 -5.99 11.24
N MET B 1 8.48 29.31 7.12
CA MET B 1 7.35 28.89 6.30
C MET B 1 6.81 27.56 6.78
N LYS B 2 5.55 27.27 6.42
CA LYS B 2 4.90 26.03 6.83
C LYS B 2 4.18 25.39 5.65
N ILE B 3 4.24 24.07 5.57
CA ILE B 3 3.59 23.34 4.49
C ILE B 3 2.92 22.06 5.01
N ASP B 4 1.86 22.23 5.80
CA ASP B 4 1.14 21.10 6.35
C ASP B 4 -0.06 20.73 5.48
N ALA B 5 -0.03 19.53 4.93
CA ALA B 5 -1.11 19.05 4.06
C ALA B 5 -0.86 17.64 3.58
N ILE B 6 -1.93 16.89 3.33
CA ILE B 6 -1.82 15.52 2.86
C ILE B 6 -2.53 15.34 1.52
N VAL B 7 -2.00 15.99 0.49
CA VAL B 7 -2.57 15.89 -0.84
C VAL B 7 -2.53 14.46 -1.36
N GLY B 8 -3.63 14.03 -1.99
CA GLY B 8 -3.71 12.68 -2.51
C GLY B 8 -4.14 12.66 -3.96
N ARG B 9 -3.17 12.70 -4.87
CA ARG B 9 -3.47 12.68 -6.30
C ARG B 9 -3.22 11.29 -6.88
N ASN B 10 -4.25 10.73 -7.53
CA ASN B 10 -4.13 9.41 -8.14
C ASN B 10 -4.43 9.48 -9.63
N SER B 11 -3.54 8.90 -10.43
CA SER B 11 -3.70 8.89 -11.88
C SER B 11 -3.67 7.47 -12.41
N ALA B 12 -4.46 7.22 -13.46
CA ALA B 12 -4.52 5.89 -14.07
C ALA B 12 -4.36 5.98 -15.59
N LYS B 13 -3.32 5.34 -16.10
CA LYS B 13 -3.04 5.34 -17.54
C LYS B 13 -4.15 4.59 -18.30
N ASP B 14 -4.51 3.42 -17.79
CA ASP B 14 -5.56 2.61 -18.43
C ASP B 14 -6.03 1.51 -17.50
N ILE B 15 -7.33 1.30 -17.44
CA ILE B 15 -7.92 0.27 -16.59
C ILE B 15 -9.07 -0.45 -17.30
N ARG B 16 -9.06 -1.77 -17.24
CA ARG B 16 -10.10 -2.57 -17.86
C ARG B 16 -10.57 -3.68 -16.93
N THR B 17 -11.88 -3.90 -16.90
CA THR B 17 -12.46 -4.94 -16.04
C THR B 17 -13.53 -5.72 -16.80
N GLU B 18 -13.71 -6.98 -16.40
CA GLU B 18 -14.71 -7.84 -17.03
C GLU B 18 -15.40 -8.73 -15.99
N GLU B 19 -16.49 -9.36 -16.41
CA GLU B 19 -17.23 -10.25 -15.51
C GLU B 19 -18.00 -9.43 -14.47
N ARG B 20 -17.28 -8.85 -13.53
CA ARG B 20 -17.90 -8.05 -12.48
C ARG B 20 -16.84 -7.47 -11.55
N ALA B 21 -16.03 -6.55 -12.07
CA ALA B 21 -14.98 -5.91 -11.29
C ALA B 21 -15.35 -4.48 -10.93
N ARG B 22 -14.75 -3.97 -9.86
CA ARG B 22 -15.04 -2.61 -9.40
C ARG B 22 -13.74 -1.85 -9.16
N VAL B 23 -13.69 -0.60 -9.64
CA VAL B 23 -12.51 0.23 -9.48
C VAL B 23 -12.87 1.57 -8.84
N GLN B 24 -12.13 1.94 -7.80
CA GLN B 24 -12.37 3.21 -7.11
C GLN B 24 -11.15 4.11 -7.18
N LEU B 25 -11.32 5.28 -7.76
CA LEU B 25 -10.24 6.25 -7.91
C LEU B 25 -10.48 7.47 -7.03
N GLY B 26 -9.58 7.71 -6.09
CA GLY B 26 -9.71 8.85 -5.21
C GLY B 26 -9.49 8.50 -3.75
N ASN B 27 -9.50 9.50 -2.88
CA ASN B 27 -9.29 9.28 -1.46
C ASN B 27 -10.61 8.95 -0.76
N VAL B 28 -10.57 7.95 0.11
CA VAL B 28 -11.77 7.53 0.84
C VAL B 28 -11.58 7.70 2.35
N VAL B 29 -12.46 8.50 2.96
CA VAL B 29 -12.39 8.74 4.39
C VAL B 29 -13.67 8.28 5.09
N THR B 30 -13.49 7.49 6.15
CA THR B 30 -14.64 6.97 6.90
C THR B 30 -15.11 7.99 7.93
N ALA B 31 -16.21 7.67 8.60
CA ALA B 31 -16.78 8.56 9.61
C ALA B 31 -15.81 8.76 10.77
N ALA B 32 -15.16 7.67 11.20
CA ALA B 32 -14.21 7.73 12.29
C ALA B 32 -13.06 8.69 11.97
N ALA B 33 -12.64 8.70 10.70
CA ALA B 33 -11.56 9.57 10.27
C ALA B 33 -12.01 11.02 10.17
N LEU B 34 -11.85 11.76 11.26
CA LEU B 34 -12.25 13.16 11.32
C LEU B 34 -11.05 14.06 11.58
N HIS B 35 -10.25 13.69 12.58
CA HIS B 35 -9.06 14.46 12.94
C HIS B 35 -7.89 14.08 12.04
N GLY B 36 -7.08 15.08 11.68
CA GLY B 36 -5.93 14.84 10.83
C GLY B 36 -4.64 14.76 11.62
N GLY B 37 -4.20 15.90 12.15
CA GLY B 37 -2.97 15.94 12.92
C GLY B 37 -2.64 17.33 13.42
N ILE B 38 -1.41 17.51 13.88
CA ILE B 38 -0.97 18.81 14.38
C ILE B 38 0.09 19.42 13.47
N ARG B 39 1.10 18.63 13.11
CA ARG B 39 2.17 19.10 12.24
C ARG B 39 2.69 17.97 11.37
N ILE B 40 2.03 17.75 10.23
CA ILE B 40 2.43 16.70 9.31
C ILE B 40 2.41 17.21 7.87
N SER B 41 3.40 16.78 7.09
CA SER B 41 3.50 17.18 5.69
C SER B 41 3.79 15.99 4.79
N ASP B 42 2.75 15.45 4.17
CA ASP B 42 2.88 14.31 3.29
C ASP B 42 2.20 14.57 1.95
N GLN B 43 2.54 13.76 0.95
CA GLN B 43 1.96 13.90 -0.39
C GLN B 43 1.88 12.56 -1.09
N THR B 44 0.85 11.79 -0.76
CA THR B 44 0.65 10.47 -1.36
C THR B 44 0.34 10.60 -2.85
N THR B 45 1.11 9.89 -3.67
CA THR B 45 0.91 9.92 -5.11
C THR B 45 0.90 8.51 -5.69
N ASN B 46 -0.27 8.06 -6.13
CA ASN B 46 -0.43 6.73 -6.69
C ASN B 46 -0.67 6.81 -8.20
N SER B 47 0.00 5.94 -8.95
CA SER B 47 -0.15 5.93 -10.41
C SER B 47 -0.25 4.49 -10.91
N VAL B 48 -1.33 4.20 -11.63
CA VAL B 48 -1.54 2.87 -12.18
C VAL B 48 -1.41 2.87 -13.70
N GLU B 49 -0.44 2.10 -14.21
CA GLU B 49 -0.21 2.02 -15.64
C GLU B 49 -1.37 1.32 -16.35
N THR B 50 -1.43 0.00 -16.21
CA THR B 50 -2.47 -0.79 -16.82
C THR B 50 -3.13 -1.73 -15.82
N VAL B 51 -4.46 -1.76 -15.82
CA VAL B 51 -5.20 -2.61 -14.91
C VAL B 51 -6.05 -3.63 -15.66
N VAL B 52 -5.92 -4.90 -15.27
CA VAL B 52 -6.67 -5.98 -15.92
C VAL B 52 -7.42 -6.81 -14.90
N GLY B 53 -8.75 -6.77 -14.96
CA GLY B 53 -9.56 -7.53 -14.03
C GLY B 53 -10.33 -8.65 -14.71
N LYS B 54 -10.27 -9.84 -14.13
CA LYS B 54 -10.96 -11.00 -14.69
C LYS B 54 -11.75 -11.73 -13.60
N GLY B 55 -12.91 -12.24 -13.97
CA GLY B 55 -13.75 -12.96 -13.03
C GLY B 55 -13.81 -12.27 -11.67
N GLU B 56 -14.47 -11.12 -11.63
CA GLU B 56 -14.59 -10.36 -10.39
C GLU B 56 -13.23 -9.90 -9.89
N SER B 57 -12.92 -8.63 -10.13
CA SER B 57 -11.64 -8.07 -9.71
C SER B 57 -11.85 -6.76 -8.96
N ARG B 58 -11.00 -6.50 -7.97
CA ARG B 58 -11.09 -5.28 -7.18
C ARG B 58 -9.83 -4.43 -7.35
N VAL B 59 -10.03 -3.16 -7.68
CA VAL B 59 -8.91 -2.23 -7.87
C VAL B 59 -9.13 -0.95 -7.10
N LEU B 60 -8.17 -0.61 -6.23
CA LEU B 60 -8.26 0.61 -5.43
C LEU B 60 -7.16 1.59 -5.82
N ILE B 61 -7.56 2.72 -6.40
CA ILE B 61 -6.61 3.74 -6.82
C ILE B 61 -6.71 4.97 -5.93
N GLY B 62 -5.73 5.13 -5.04
CA GLY B 62 -5.73 6.27 -4.14
C GLY B 62 -5.38 5.89 -2.72
N ASN B 63 -5.78 6.72 -1.77
CA ASN B 63 -5.51 6.47 -0.36
C ASN B 63 -6.81 6.27 0.42
N GLU B 64 -6.71 5.57 1.55
CA GLU B 64 -7.89 5.32 2.38
C GLU B 64 -7.60 5.69 3.84
N TYR B 65 -8.60 6.25 4.51
CA TYR B 65 -8.46 6.66 5.90
C TYR B 65 -9.61 6.12 6.74
N GLY B 66 -9.28 5.40 7.81
CA GLY B 66 -10.30 4.85 8.68
C GLY B 66 -9.84 3.59 9.39
N GLY B 67 -10.46 3.29 10.52
CA GLY B 67 -10.09 2.11 11.29
C GLY B 67 -10.99 0.93 10.98
N LYS B 68 -12.29 1.13 11.09
CA LYS B 68 -13.26 0.06 10.84
C LYS B 68 -13.01 -0.56 9.47
N GLY B 69 -12.41 -1.75 9.46
CA GLY B 69 -12.12 -2.44 8.22
C GLY B 69 -11.07 -1.74 7.39
N PHE B 70 -9.94 -2.41 7.19
CA PHE B 70 -8.85 -1.84 6.41
C PHE B 70 -9.33 -1.34 5.06
N TRP B 71 -10.33 -2.04 4.51
CA TRP B 71 -10.89 -1.67 3.21
C TRP B 71 -12.12 -2.51 2.90
N ASP B 72 -12.01 -3.82 3.08
CA ASP B 72 -13.12 -4.72 2.82
C ASP B 72 -12.81 -6.12 3.34
N ASN B 73 -13.39 -6.47 4.49
CA ASN B 73 -13.17 -7.78 5.09
C ASN B 73 -13.80 -8.88 4.23
N HIS B 74 -13.20 -10.06 4.27
CA HIS B 74 -13.70 -11.20 3.50
C HIS B 74 -13.73 -12.46 4.36
N HIS B 75 -14.60 -13.40 3.99
CA HIS B 75 -14.73 -14.65 4.73
C HIS B 75 -15.25 -15.77 3.81
N HIS B 76 -14.33 -16.61 3.34
CA HIS B 76 -14.70 -17.71 2.46
C HIS B 76 -13.49 -18.57 2.12
N HIS B 77 -13.72 -19.84 1.84
CA HIS B 77 -12.64 -20.76 1.50
C HIS B 77 -11.68 -20.92 2.66
N HIS B 78 -10.83 -21.95 2.60
CA HIS B 78 -9.85 -22.21 3.65
C HIS B 78 -8.64 -22.93 3.08
N HIS B 79 -8.38 -22.74 1.80
CA HIS B 79 -7.24 -23.37 1.14
C HIS B 79 -6.60 -22.43 0.12
N MET C 1 0.12 15.86 -22.89
CA MET C 1 -0.72 14.73 -22.55
C MET C 1 -0.44 14.25 -21.13
N LYS C 2 0.82 14.28 -20.74
CA LYS C 2 1.22 13.85 -19.40
C LYS C 2 1.63 15.04 -18.54
N ILE C 3 2.33 15.99 -19.16
CA ILE C 3 2.78 17.18 -18.44
C ILE C 3 3.74 16.83 -17.32
N ASP C 4 4.95 16.40 -17.71
CA ASP C 4 5.98 16.04 -16.72
C ASP C 4 5.53 14.83 -15.90
N ALA C 5 6.48 14.17 -15.27
CA ALA C 5 6.19 13.00 -14.44
C ALA C 5 7.44 12.52 -13.71
N ILE C 6 8.08 13.43 -12.99
CA ILE C 6 9.28 13.11 -12.24
C ILE C 6 9.00 13.06 -10.74
N VAL C 7 7.77 12.67 -10.39
CA VAL C 7 7.38 12.59 -8.99
C VAL C 7 6.33 11.50 -8.78
N GLY C 8 6.31 10.92 -7.58
CA GLY C 8 5.36 9.88 -7.28
C GLY C 8 5.83 8.96 -6.17
N ARG C 9 4.88 8.39 -5.43
CA ARG C 9 5.21 7.49 -4.33
C ARG C 9 5.10 6.04 -4.76
N ASN C 10 3.88 5.62 -5.07
CA ASN C 10 3.63 4.25 -5.50
C ASN C 10 3.16 4.21 -6.96
N SER C 11 3.92 3.50 -7.79
CA SER C 11 3.59 3.39 -9.20
C SER C 11 3.61 1.93 -9.65
N ALA C 12 2.64 1.55 -10.47
CA ALA C 12 2.54 0.19 -10.97
C ALA C 12 2.64 0.15 -12.49
N LYS C 13 3.47 -0.74 -13.00
CA LYS C 13 3.66 -0.88 -14.44
C LYS C 13 2.54 -1.72 -15.06
N ASP C 14 2.05 -2.68 -14.29
CA ASP C 14 0.98 -3.56 -14.76
C ASP C 14 0.37 -4.34 -13.61
N ILE C 15 -0.96 -4.44 -13.61
CA ILE C 15 -1.67 -5.16 -12.56
C ILE C 15 -2.80 -6.00 -13.14
N ARG C 16 -2.70 -7.32 -12.97
CA ARG C 16 -3.73 -8.23 -13.47
C ARG C 16 -4.14 -9.23 -12.40
N THR C 17 -5.44 -9.36 -12.19
CA THR C 17 -5.97 -10.29 -11.20
C THR C 17 -7.15 -11.07 -11.75
N GLU C 18 -7.40 -12.25 -11.17
CA GLU C 18 -8.50 -13.11 -11.61
C GLU C 18 -9.12 -13.83 -10.42
N GLU C 19 -10.28 -14.44 -10.65
CA GLU C 19 -10.97 -15.18 -9.61
C GLU C 19 -11.61 -14.22 -8.60
N ARG C 20 -10.77 -13.58 -7.78
CA ARG C 20 -11.26 -12.64 -6.77
C ARG C 20 -10.09 -12.02 -6.01
N ALA C 21 -9.26 -11.26 -6.72
CA ALA C 21 -8.11 -10.61 -6.10
C ALA C 21 -8.36 -9.12 -5.93
N ARG C 22 -7.64 -8.50 -4.99
CA ARG C 22 -7.78 -7.08 -4.72
C ARG C 22 -6.43 -6.39 -4.73
N VAL C 23 -6.35 -5.23 -5.38
CA VAL C 23 -5.11 -4.48 -5.45
C VAL C 23 -5.31 -3.04 -4.99
N GLN C 24 -4.56 -2.65 -3.97
CA GLN C 24 -4.66 -1.29 -3.42
C GLN C 24 -3.36 -0.53 -3.63
N LEU C 25 -3.44 0.58 -4.34
CA LEU C 25 -2.27 1.42 -4.61
C LEU C 25 -2.39 2.78 -3.93
N GLY C 26 -1.46 3.07 -3.02
CA GLY C 26 -1.49 4.34 -2.33
C GLY C 26 -1.22 4.19 -0.84
N ASN C 27 -1.19 5.31 -0.13
CA ASN C 27 -0.93 5.31 1.30
C ASN C 27 -2.23 5.07 2.09
N VAL C 28 -2.19 4.10 2.99
CA VAL C 28 -3.36 3.78 3.80
C VAL C 28 -3.11 4.09 5.27
N VAL C 29 -4.02 4.84 5.88
CA VAL C 29 -3.89 5.20 7.29
C VAL C 29 -5.11 4.74 8.09
N THR C 30 -4.85 4.04 9.19
CA THR C 30 -5.92 3.54 10.04
C THR C 30 -6.50 4.65 10.91
N ALA C 31 -7.56 4.33 11.64
CA ALA C 31 -8.21 5.29 12.52
C ALA C 31 -7.22 5.87 13.53
N ALA C 32 -6.37 5.00 14.07
CA ALA C 32 -5.37 5.43 15.05
C ALA C 32 -4.47 6.52 14.48
N ALA C 33 -3.92 6.27 13.31
CA ALA C 33 -3.04 7.25 12.66
C ALA C 33 -1.70 7.35 13.38
N LEU C 34 -1.72 7.92 14.58
CA LEU C 34 -0.51 8.09 15.37
C LEU C 34 -0.77 7.76 16.84
N HIS C 35 0.28 7.84 17.65
CA HIS C 35 0.15 7.55 19.08
C HIS C 35 0.23 8.83 19.90
N GLY C 36 1.38 9.50 19.84
CA GLY C 36 1.57 10.73 20.59
C GLY C 36 3.02 11.17 20.65
N GLY C 37 3.74 10.95 19.56
CA GLY C 37 5.14 11.33 19.51
C GLY C 37 5.77 11.08 18.16
N ILE C 38 4.97 11.20 17.10
CA ILE C 38 5.45 10.99 15.75
C ILE C 38 4.89 12.04 14.79
N ARG C 39 5.69 12.42 13.80
CA ARG C 39 5.28 13.42 12.82
C ARG C 39 4.68 12.74 11.58
N ILE C 40 5.10 11.51 11.33
CA ILE C 40 4.62 10.76 10.18
C ILE C 40 4.97 11.47 8.87
N SER C 41 6.01 10.98 8.21
CA SER C 41 6.46 11.56 6.95
C SER C 41 6.30 10.57 5.80
N ASP C 42 5.82 11.04 4.67
CA ASP C 42 5.61 10.20 3.49
C ASP C 42 6.84 10.25 2.58
N GLN C 43 7.85 9.47 2.91
CA GLN C 43 9.07 9.42 2.12
C GLN C 43 9.31 8.02 1.56
N THR C 44 8.23 7.27 1.39
CA THR C 44 8.32 5.92 0.86
C THR C 44 7.95 5.88 -0.62
N THR C 45 8.80 5.24 -1.43
CA THR C 45 8.56 5.14 -2.86
C THR C 45 8.63 3.68 -3.31
N ASN C 46 7.52 3.18 -3.85
CA ASN C 46 7.47 1.81 -4.33
C ASN C 46 7.12 1.76 -5.82
N SER C 47 7.70 0.80 -6.53
CA SER C 47 7.46 0.65 -7.96
C SER C 47 7.37 -0.82 -8.35
N VAL C 48 6.27 -1.20 -8.96
CA VAL C 48 6.05 -2.58 -9.39
C VAL C 48 6.14 -2.71 -10.90
N GLU C 49 6.67 -3.85 -11.36
CA GLU C 49 6.81 -4.09 -12.79
C GLU C 49 5.58 -4.81 -13.35
N THR C 50 5.25 -5.95 -12.76
CA THR C 50 4.10 -6.73 -13.19
C THR C 50 3.50 -7.52 -12.03
N VAL C 51 2.20 -7.39 -11.85
CA VAL C 51 1.49 -8.08 -10.78
C VAL C 51 0.43 -9.02 -11.33
N VAL C 52 0.57 -10.31 -11.02
CA VAL C 52 -0.38 -11.32 -11.49
C VAL C 52 -0.88 -12.17 -10.34
N GLY C 53 -2.19 -12.11 -10.10
CA GLY C 53 -2.79 -12.88 -9.03
C GLY C 53 -3.81 -13.88 -9.53
N LYS C 54 -3.72 -15.11 -9.05
CA LYS C 54 -4.65 -16.16 -9.45
C LYS C 54 -5.32 -16.80 -8.22
N GLY C 55 -6.56 -17.23 -8.40
CA GLY C 55 -7.29 -17.86 -7.31
C GLY C 55 -7.18 -17.06 -6.01
N GLU C 56 -7.79 -15.88 -6.01
CA GLU C 56 -7.76 -15.02 -4.82
C GLU C 56 -6.35 -14.57 -4.52
N SER C 57 -6.06 -13.30 -4.78
CA SER C 57 -4.73 -12.74 -4.54
C SER C 57 -4.83 -11.33 -3.96
N ARG C 58 -3.84 -10.96 -3.15
CA ARG C 58 -3.82 -9.63 -2.53
C ARG C 58 -2.52 -8.91 -2.85
N VAL C 59 -2.64 -7.68 -3.34
CA VAL C 59 -1.48 -6.89 -3.69
C VAL C 59 -1.59 -5.47 -3.13
N LEU C 60 -0.59 -5.07 -2.33
CA LEU C 60 -0.59 -3.75 -1.73
C LEU C 60 0.61 -2.93 -2.22
N ILE C 61 0.32 -1.83 -2.91
CA ILE C 61 1.37 -0.96 -3.43
C ILE C 61 1.40 0.37 -2.68
N GLY C 62 2.38 0.52 -1.81
CA GLY C 62 2.51 1.75 -1.04
C GLY C 62 2.82 1.50 0.42
N ASN C 63 2.60 2.51 1.24
CA ASN C 63 2.85 2.40 2.68
C ASN C 63 1.54 2.31 3.46
N GLU C 64 1.61 1.73 4.65
CA GLU C 64 0.43 1.58 5.49
C GLU C 64 0.72 2.05 6.92
N TYR C 65 -0.31 2.55 7.59
CA TYR C 65 -0.17 3.04 8.96
C TYR C 65 -1.24 2.43 9.86
N GLY C 66 -0.81 1.81 10.95
CA GLY C 66 -1.74 1.20 11.89
C GLY C 66 -1.18 -0.05 12.53
N GLY C 67 -1.48 -0.25 13.81
CA GLY C 67 -1.01 -1.41 14.51
C GLY C 67 -2.12 -2.37 14.89
N LYS C 68 -1.81 -3.35 15.73
CA LYS C 68 -2.80 -4.33 16.16
C LYS C 68 -3.48 -4.98 14.97
N GLY C 69 -2.76 -5.07 13.85
CA GLY C 69 -3.32 -5.68 12.66
C GLY C 69 -2.34 -5.71 11.51
N PHE C 70 -1.50 -4.67 11.42
CA PHE C 70 -0.52 -4.58 10.35
C PHE C 70 -1.18 -4.29 9.01
N TRP C 71 -1.91 -5.27 8.50
CA TRP C 71 -2.60 -5.12 7.22
C TRP C 71 -3.78 -6.07 7.12
N ASP C 72 -3.50 -7.37 7.14
CA ASP C 72 -4.54 -8.38 7.06
C ASP C 72 -4.16 -9.62 7.87
N ASN C 73 -5.06 -10.60 7.89
CA ASN C 73 -4.82 -11.83 8.64
C ASN C 73 -5.34 -13.04 7.86
N HIS C 74 -5.13 -14.23 8.41
CA HIS C 74 -5.58 -15.46 7.78
C HIS C 74 -5.33 -16.67 8.68
N HIS C 75 -5.54 -17.87 8.14
CA HIS C 75 -5.33 -19.09 8.89
C HIS C 75 -5.54 -20.32 8.01
N HIS C 76 -4.97 -21.45 8.42
CA HIS C 76 -5.09 -22.69 7.66
C HIS C 76 -4.60 -23.87 8.49
N HIS C 77 -3.46 -23.70 9.15
CA HIS C 77 -2.88 -24.75 9.97
C HIS C 77 -2.53 -25.97 9.11
N HIS C 78 -2.08 -27.04 9.78
CA HIS C 78 -1.70 -28.26 9.08
C HIS C 78 -2.63 -29.42 9.47
N HIS C 79 -2.50 -29.87 10.70
CA HIS C 79 -3.33 -30.96 11.21
C HIS C 79 -3.61 -30.80 12.69
N MET D 1 3.47 14.03 -23.25
CA MET D 1 3.49 12.60 -23.54
C MET D 1 4.81 11.98 -23.10
N LYS D 2 5.26 12.33 -21.91
CA LYS D 2 6.52 11.81 -21.38
C LYS D 2 6.34 11.35 -19.93
N ILE D 3 6.87 10.17 -19.63
CA ILE D 3 6.77 9.61 -18.28
C ILE D 3 8.14 9.21 -17.75
N ASP D 4 8.25 9.08 -16.44
CA ASP D 4 9.51 8.69 -15.80
C ASP D 4 9.29 8.28 -14.36
N ALA D 5 10.08 7.32 -13.89
CA ALA D 5 9.98 6.84 -12.52
C ALA D 5 11.35 6.61 -11.90
N ILE D 6 11.96 7.68 -11.42
CA ILE D 6 13.28 7.59 -10.80
C ILE D 6 13.19 7.72 -9.29
N VAL D 7 14.28 7.38 -8.60
CA VAL D 7 14.33 7.46 -7.15
C VAL D 7 13.22 6.61 -6.52
N GLY D 8 13.57 5.38 -6.18
CA GLY D 8 12.60 4.49 -5.57
C GLY D 8 13.22 3.55 -4.56
N ARG D 9 12.57 3.39 -3.41
CA ARG D 9 13.08 2.52 -2.36
C ARG D 9 12.81 1.06 -2.70
N ASN D 10 11.55 0.65 -2.58
CA ASN D 10 11.17 -0.73 -2.87
C ASN D 10 10.79 -0.89 -4.35
N SER D 11 11.62 -1.64 -5.07
CA SER D 11 11.39 -1.87 -6.50
C SER D 11 11.28 -3.36 -6.79
N ALA D 12 10.31 -3.72 -7.63
CA ALA D 12 10.09 -5.11 -8.00
C ALA D 12 10.15 -5.30 -9.51
N LYS D 13 10.47 -6.51 -9.94
CA LYS D 13 10.55 -6.83 -11.36
C LYS D 13 9.39 -7.71 -11.79
N ASP D 14 8.90 -8.52 -10.88
CA ASP D 14 7.78 -9.42 -11.16
C ASP D 14 7.18 -9.97 -9.88
N ILE D 15 5.86 -10.04 -9.82
CA ILE D 15 5.16 -10.55 -8.65
C ILE D 15 3.99 -11.42 -9.05
N ARG D 16 4.05 -12.70 -8.67
CA ARG D 16 2.98 -13.65 -8.98
C ARG D 16 2.56 -14.44 -7.75
N THR D 17 1.27 -14.51 -7.50
CA THR D 17 0.74 -15.23 -6.35
C THR D 17 -0.47 -16.07 -6.73
N GLU D 18 -0.73 -17.12 -5.96
CA GLU D 18 -1.86 -18.01 -6.22
C GLU D 18 -2.41 -18.57 -4.92
N GLU D 19 -3.60 -19.17 -5.00
CA GLU D 19 -4.25 -19.75 -3.82
C GLU D 19 -4.76 -18.66 -2.89
N ARG D 20 -3.83 -17.99 -2.21
CA ARG D 20 -4.19 -16.92 -1.29
C ARG D 20 -2.94 -16.27 -0.70
N ALA D 21 -2.14 -15.65 -1.57
CA ALA D 21 -0.92 -14.98 -1.14
C ALA D 21 -1.10 -13.46 -1.14
N ARG D 22 -0.31 -12.78 -0.31
CA ARG D 22 -0.37 -11.33 -0.21
C ARG D 22 1.02 -10.71 -0.33
N VAL D 23 1.11 -9.65 -1.12
CA VAL D 23 2.39 -8.97 -1.33
C VAL D 23 2.25 -7.47 -1.07
N GLN D 24 3.03 -6.96 -0.13
CA GLN D 24 3.00 -5.55 0.21
C GLN D 24 4.37 -4.91 0.03
N LEU D 25 4.41 -3.80 -0.70
CA LEU D 25 5.66 -3.10 -0.95
C LEU D 25 5.59 -1.66 -0.44
N GLY D 26 6.47 -1.34 0.51
CA GLY D 26 6.50 0.00 1.07
C GLY D 26 6.81 0.00 2.56
N ASN D 27 6.87 1.19 3.15
CA ASN D 27 7.17 1.31 4.57
C ASN D 27 5.90 1.18 5.40
N VAL D 28 5.95 0.31 6.41
CA VAL D 28 4.81 0.09 7.29
C VAL D 28 5.08 0.62 8.69
N VAL D 29 4.16 1.42 9.21
CA VAL D 29 4.29 1.99 10.54
C VAL D 29 3.12 1.60 11.43
N THR D 30 3.43 1.07 12.62
CA THR D 30 2.39 0.66 13.56
C THR D 30 1.79 1.87 14.28
N ALA D 31 0.77 1.62 15.09
CA ALA D 31 0.10 2.68 15.84
C ALA D 31 1.06 3.34 16.82
N ALA D 32 1.92 2.53 17.42
CA ALA D 32 2.90 3.04 18.38
C ALA D 32 3.77 4.12 17.77
N ALA D 33 4.36 3.83 16.62
CA ALA D 33 5.22 4.78 15.93
C ALA D 33 6.52 5.01 16.70
N LEU D 34 6.42 5.81 17.76
CA LEU D 34 7.59 6.12 18.58
C LEU D 34 8.71 6.72 17.74
N HIS D 35 8.75 8.05 17.69
CA HIS D 35 9.77 8.76 16.93
C HIS D 35 9.64 8.45 15.44
N GLY D 36 10.44 9.15 14.63
CA GLY D 36 10.39 8.92 13.19
C GLY D 36 9.83 10.13 12.44
N GLY D 37 10.65 10.70 11.56
CA GLY D 37 10.21 11.85 10.79
C GLY D 37 11.15 12.16 9.64
N ILE D 38 11.08 13.39 9.14
CA ILE D 38 11.93 13.81 8.03
C ILE D 38 11.60 13.03 6.76
N ARG D 39 10.94 13.68 5.82
CA ARG D 39 10.57 13.04 4.57
C ARG D 39 11.75 13.04 3.58
N ILE D 40 12.45 11.93 3.51
CA ILE D 40 13.60 11.80 2.62
C ILE D 40 13.83 10.35 2.21
N SER D 41 13.20 9.94 1.10
CA SER D 41 13.33 8.58 0.61
C SER D 41 14.79 8.23 0.36
N ASP D 42 15.39 7.51 1.31
CA ASP D 42 16.78 7.10 1.20
C ASP D 42 17.16 6.16 2.33
N GLN D 43 18.47 5.90 2.47
CA GLN D 43 18.96 5.02 3.51
C GLN D 43 18.57 3.57 3.25
N THR D 44 17.30 3.26 3.48
CA THR D 44 16.79 1.90 3.25
C THR D 44 16.36 1.71 1.80
N THR D 45 16.97 0.74 1.14
CA THR D 45 16.64 0.45 -0.25
C THR D 45 16.47 -1.05 -0.48
N ASN D 46 15.34 -1.44 -1.05
CA ASN D 46 15.06 -2.84 -1.33
C ASN D 46 14.70 -3.05 -2.79
N SER D 47 15.21 -4.13 -3.37
CA SER D 47 14.95 -4.45 -4.77
C SER D 47 14.76 -5.96 -4.96
N VAL D 48 13.62 -6.34 -5.52
CA VAL D 48 13.31 -7.74 -5.77
C VAL D 48 13.23 -8.04 -7.26
N GLU D 49 13.58 -9.27 -7.64
CA GLU D 49 13.56 -9.67 -9.04
C GLU D 49 12.23 -10.35 -9.38
N THR D 50 12.10 -11.61 -8.98
CA THR D 50 10.88 -12.37 -9.24
C THR D 50 10.34 -12.99 -7.97
N VAL D 51 9.06 -12.76 -7.69
CA VAL D 51 8.41 -13.30 -6.50
C VAL D 51 7.26 -14.22 -6.86
N VAL D 52 7.35 -15.48 -6.44
CA VAL D 52 6.32 -16.46 -6.72
C VAL D 52 5.83 -17.13 -5.44
N GLY D 53 4.55 -16.94 -5.14
CA GLY D 53 3.97 -17.54 -3.94
C GLY D 53 2.89 -18.55 -4.26
N LYS D 54 2.96 -19.72 -3.62
CA LYS D 54 1.98 -20.77 -3.83
C LYS D 54 1.37 -21.22 -2.51
N GLY D 55 0.11 -21.62 -2.56
CA GLY D 55 -0.57 -22.07 -1.36
C GLY D 55 -0.30 -21.17 -0.16
N GLU D 56 -0.97 -20.02 -0.13
CA GLU D 56 -0.80 -19.06 0.96
C GLU D 56 0.67 -18.63 1.08
N SER D 57 0.97 -17.47 0.52
CA SER D 57 2.33 -16.94 0.54
C SER D 57 2.34 -15.49 1.02
N ARG D 58 3.38 -15.11 1.76
CA ARG D 58 3.51 -13.76 2.28
C ARG D 58 4.83 -13.13 1.83
N VAL D 59 4.74 -11.93 1.25
CA VAL D 59 5.91 -11.22 0.78
C VAL D 59 5.86 -9.75 1.17
N LEU D 60 6.89 -9.30 1.88
CA LEU D 60 6.97 -7.91 2.32
C LEU D 60 8.23 -7.24 1.79
N ILE D 61 8.05 -6.18 1.01
CA ILE D 61 9.17 -5.45 0.44
C ILE D 61 9.27 -4.04 1.03
N GLY D 62 10.23 -3.85 1.93
CA GLY D 62 10.41 -2.56 2.56
C GLY D 62 10.82 -2.68 4.02
N ASN D 63 10.60 -1.61 4.77
CA ASN D 63 10.94 -1.59 6.19
C ASN D 63 9.69 -1.46 7.06
N GLU D 64 9.79 -1.90 8.30
CA GLU D 64 8.66 -1.83 9.23
C GLU D 64 9.08 -1.13 10.53
N TYR D 65 8.22 -0.21 10.99
CA TYR D 65 8.49 0.53 12.21
C TYR D 65 7.40 0.30 13.25
N GLY D 66 7.81 -0.12 14.44
CA GLY D 66 6.85 -0.38 15.51
C GLY D 66 7.17 -1.64 16.28
N GLY D 67 6.66 -1.73 17.51
CA GLY D 67 6.91 -2.89 18.33
C GLY D 67 5.70 -3.81 18.41
N LYS D 68 5.32 -4.38 17.27
CA LYS D 68 4.18 -5.28 17.22
C LYS D 68 4.63 -6.74 17.31
N GLY D 69 5.71 -6.97 18.06
CA GLY D 69 6.22 -8.32 18.22
C GLY D 69 7.04 -8.77 17.02
N PHE D 70 6.37 -8.96 15.89
CA PHE D 70 7.03 -9.40 14.67
C PHE D 70 6.04 -9.50 13.51
N TRP D 71 6.15 -8.58 12.56
CA TRP D 71 5.26 -8.56 11.41
C TRP D 71 3.85 -8.12 11.80
N ASP D 72 3.16 -8.97 12.55
CA ASP D 72 1.81 -8.67 13.00
C ASP D 72 1.40 -9.59 14.15
N ASN D 73 0.39 -9.16 14.90
CA ASN D 73 -0.10 -9.95 16.02
C ASN D 73 -1.16 -10.95 15.58
N HIS D 74 -0.82 -12.23 15.64
CA HIS D 74 -1.75 -13.29 15.24
C HIS D 74 -1.12 -14.66 15.47
N HIS D 75 -0.02 -14.93 14.79
CA HIS D 75 0.68 -16.21 14.92
C HIS D 75 0.95 -16.53 16.38
N HIS D 76 1.17 -17.81 16.67
CA HIS D 76 1.45 -18.25 18.03
C HIS D 76 2.01 -19.68 18.03
N HIS D 77 1.13 -20.65 17.80
CA HIS D 77 1.53 -22.05 17.78
C HIS D 77 2.30 -22.37 16.51
N HIS D 78 3.07 -23.46 16.55
CA HIS D 78 3.86 -23.88 15.39
C HIS D 78 4.62 -25.16 15.69
N HIS D 79 5.45 -25.60 14.74
CA HIS D 79 6.24 -26.81 14.91
C HIS D 79 5.34 -28.03 15.05
N MET E 1 11.08 -2.36 -22.24
CA MET E 1 10.78 -1.86 -20.90
C MET E 1 12.06 -1.44 -20.17
N LYS E 2 12.04 -0.24 -19.61
CA LYS E 2 13.21 0.27 -18.89
C LYS E 2 13.48 -0.56 -17.65
N ILE E 3 14.61 -0.28 -16.99
CA ILE E 3 14.99 -1.00 -15.78
C ILE E 3 16.01 -0.21 -14.97
N ASP E 4 15.89 -0.28 -13.64
CA ASP E 4 16.80 0.43 -12.76
C ASP E 4 17.38 -0.52 -11.70
N ALA E 5 18.68 -0.44 -11.50
CA ALA E 5 19.36 -1.29 -10.53
C ALA E 5 19.87 -0.47 -9.34
N ILE E 6 20.52 -1.14 -8.40
CA ILE E 6 21.05 -0.48 -7.22
C ILE E 6 22.27 -1.22 -6.67
N VAL E 7 23.19 -0.48 -6.06
CA VAL E 7 24.39 -1.07 -5.49
C VAL E 7 24.22 -1.32 -4.00
N GLY E 8 24.57 -2.54 -3.57
CA GLY E 8 24.45 -2.88 -2.16
C GLY E 8 23.00 -2.93 -1.70
N ARG E 9 22.79 -2.69 -0.41
CA ARG E 9 21.45 -2.71 0.16
C ARG E 9 20.82 -4.09 0.02
N ASN E 10 19.52 -4.18 0.30
CA ASN E 10 18.80 -5.43 0.19
C ASN E 10 18.34 -5.70 -1.24
N SER E 11 18.96 -6.69 -1.87
CA SER E 11 18.63 -7.02 -3.26
C SER E 11 18.50 -8.54 -3.41
N ALA E 12 17.49 -8.96 -4.19
CA ALA E 12 17.26 -10.37 -4.43
C ALA E 12 17.21 -10.68 -5.92
N LYS E 13 17.37 -11.96 -6.27
CA LYS E 13 17.34 -12.38 -7.67
C LYS E 13 16.14 -13.27 -7.93
N ASP E 14 15.65 -13.95 -6.90
CA ASP E 14 14.50 -14.83 -7.04
C ASP E 14 13.94 -15.19 -5.66
N ILE E 15 12.61 -15.20 -5.55
CA ILE E 15 11.94 -15.53 -4.30
C ILE E 15 10.73 -16.42 -4.54
N ARG E 16 10.78 -17.63 -3.99
CA ARG E 16 9.68 -18.58 -4.14
C ARG E 16 9.32 -19.22 -2.80
N THR E 17 8.03 -19.23 -2.49
CA THR E 17 7.56 -19.80 -1.24
C THR E 17 6.31 -20.65 -1.46
N GLU E 18 6.06 -21.57 -0.54
CA GLU E 18 4.89 -22.45 -0.63
C GLU E 18 4.39 -22.85 0.76
N GLU E 19 3.20 -23.43 0.81
CA GLU E 19 2.62 -23.86 2.06
C GLU E 19 2.17 -22.66 2.90
N ARG E 20 3.13 -21.95 3.46
CA ARG E 20 2.83 -20.77 4.28
C ARG E 20 4.13 -20.11 4.77
N ALA E 21 4.93 -19.63 3.83
CA ALA E 21 6.19 -18.97 4.17
C ALA E 21 6.07 -17.45 4.03
N ARG E 22 6.93 -16.73 4.73
CA ARG E 22 6.92 -15.28 4.69
C ARG E 22 8.32 -14.73 4.44
N VAL E 23 8.42 -13.76 3.54
CA VAL E 23 9.71 -13.15 3.20
C VAL E 23 9.69 -11.65 3.43
N GLN E 24 10.58 -11.17 4.29
CA GLN E 24 10.67 -9.75 4.59
C GLN E 24 12.03 -9.19 4.21
N LEU E 25 12.04 -8.29 3.23
CA LEU E 25 13.28 -7.67 2.76
C LEU E 25 13.29 -6.17 3.06
N GLY E 26 14.41 -5.69 3.57
CA GLY E 26 14.53 -4.27 3.89
C GLY E 26 15.15 -4.03 5.24
N ASN E 27 14.42 -3.36 6.12
CA ASN E 27 14.91 -3.06 7.46
C ASN E 27 13.78 -3.14 8.49
N VAL E 28 14.02 -3.90 9.56
CA VAL E 28 13.03 -4.06 10.61
C VAL E 28 13.38 -3.21 11.84
N VAL E 29 12.48 -2.29 12.18
CA VAL E 29 12.69 -1.41 13.33
C VAL E 29 11.57 -1.55 14.34
N THR E 30 11.93 -1.88 15.58
CA THR E 30 10.94 -2.04 16.65
C THR E 30 10.42 -0.69 17.11
N ALA E 31 9.43 -0.73 18.01
CA ALA E 31 8.84 0.49 18.55
C ALA E 31 9.91 1.42 19.11
N ALA E 32 10.84 0.85 19.88
CA ALA E 32 11.92 1.63 20.47
C ALA E 32 12.72 2.37 19.40
N ALA E 33 13.13 1.64 18.38
CA ALA E 33 13.90 2.22 17.28
C ALA E 33 15.13 2.97 17.82
N LEU E 34 15.79 3.71 16.93
CA LEU E 34 16.96 4.48 17.32
C LEU E 34 16.77 5.96 17.01
N HIS E 35 16.24 6.69 17.98
CA HIS E 35 16.01 8.12 17.81
C HIS E 35 17.28 8.83 17.36
N GLY E 36 17.19 9.51 16.23
CA GLY E 36 18.35 10.22 15.69
C GLY E 36 17.98 11.17 14.58
N GLY E 37 18.51 10.92 13.39
CA GLY E 37 18.23 11.78 12.25
C GLY E 37 19.35 11.78 11.23
N ILE E 38 19.03 11.37 10.01
CA ILE E 38 20.03 11.32 8.94
C ILE E 38 19.53 12.05 7.70
N ARG E 39 20.33 12.01 6.63
CA ARG E 39 19.97 12.66 5.38
C ARG E 39 20.06 11.68 4.21
N ILE E 40 21.18 10.95 4.15
CA ILE E 40 21.39 9.98 3.08
C ILE E 40 22.70 9.23 3.28
N SER E 41 22.63 7.91 3.28
CA SER E 41 23.81 7.08 3.46
C SER E 41 23.45 5.59 3.41
N ASP E 42 24.41 4.74 3.73
CA ASP E 42 24.19 3.29 3.71
C ASP E 42 25.24 2.58 4.57
N GLN E 43 24.88 1.40 5.06
CA GLN E 43 25.79 0.62 5.89
C GLN E 43 25.58 -0.88 5.66
N THR E 44 24.48 -1.41 6.18
CA THR E 44 24.18 -2.83 6.03
C THR E 44 23.87 -3.17 4.58
N THR E 45 24.43 -4.28 4.11
CA THR E 45 24.21 -4.72 2.74
C THR E 45 23.88 -6.21 2.68
N ASN E 46 22.73 -6.53 2.09
CA ASN E 46 22.30 -7.92 1.97
C ASN E 46 22.00 -8.27 0.52
N SER E 47 22.67 -9.30 0.01
CA SER E 47 22.47 -9.74 -1.37
C SER E 47 22.15 -11.23 -1.42
N VAL E 48 21.02 -11.57 -2.03
CA VAL E 48 20.60 -12.96 -2.16
C VAL E 48 20.35 -13.32 -3.61
N GLU E 49 20.56 -14.60 -3.94
CA GLU E 49 20.37 -15.09 -5.29
C GLU E 49 18.98 -15.70 -5.46
N THR E 50 18.83 -16.93 -4.96
CA THR E 50 17.56 -17.64 -5.05
C THR E 50 17.10 -18.12 -3.68
N VAL E 51 15.87 -17.79 -3.33
CA VAL E 51 15.32 -18.20 -2.03
C VAL E 51 14.08 -19.07 -2.22
N VAL E 52 14.15 -20.29 -1.70
CA VAL E 52 13.03 -21.24 -1.81
C VAL E 52 12.59 -21.72 -0.43
N GLY E 53 11.34 -21.42 -0.08
CA GLY E 53 10.81 -21.84 1.20
C GLY E 53 9.75 -22.92 1.08
N LYS E 54 9.83 -23.93 1.94
CA LYS E 54 8.86 -25.02 1.91
C LYS E 54 8.36 -25.33 3.32
N GLY E 55 7.04 -25.47 3.45
CA GLY E 55 6.46 -25.76 4.74
C GLY E 55 6.83 -24.74 5.81
N GLU E 56 5.98 -23.73 5.97
CA GLU E 56 6.24 -22.69 6.96
C GLU E 56 7.69 -22.22 6.90
N SER E 57 8.04 -21.54 5.82
CA SER E 57 9.41 -21.04 5.63
C SER E 57 9.50 -19.57 6.02
N ARG E 58 10.65 -19.19 6.59
CA ARG E 58 10.87 -17.81 7.01
C ARG E 58 12.16 -17.26 6.42
N VAL E 59 12.07 -16.10 5.77
CA VAL E 59 13.23 -15.47 5.17
C VAL E 59 13.26 -13.97 5.45
N LEU E 60 14.35 -13.51 6.04
CA LEU E 60 14.50 -12.09 6.37
C LEU E 60 15.79 -11.53 5.76
N ILE E 61 15.65 -10.49 4.95
CA ILE E 61 16.79 -9.86 4.31
C ILE E 61 17.01 -8.45 4.84
N GLY E 62 18.03 -8.30 5.70
CA GLY E 62 18.33 -7.00 6.27
C GLY E 62 18.60 -7.08 7.76
N ASN E 63 18.67 -5.92 8.40
CA ASN E 63 18.93 -5.86 9.83
C ASN E 63 17.65 -5.64 10.62
N GLU E 64 17.64 -6.04 11.88
CA GLU E 64 16.47 -5.89 12.73
C GLU E 64 16.84 -5.25 14.06
N TYR E 65 16.08 -4.24 14.47
CA TYR E 65 16.33 -3.54 15.72
C TYR E 65 15.19 -3.78 16.71
N GLY E 66 15.55 -4.25 17.90
CA GLY E 66 14.54 -4.50 18.92
C GLY E 66 14.74 -5.85 19.60
N GLY E 67 15.26 -5.84 20.82
CA GLY E 67 15.47 -7.07 21.55
C GLY E 67 14.19 -7.76 21.93
N LYS E 68 13.98 -7.96 23.22
CA LYS E 68 12.78 -8.61 23.72
C LYS E 68 12.68 -10.05 23.21
N GLY E 69 13.83 -10.64 22.89
CA GLY E 69 13.85 -12.00 22.39
C GLY E 69 14.60 -12.12 21.08
N PHE E 70 14.37 -13.22 20.38
CA PHE E 70 15.04 -13.47 19.10
C PHE E 70 14.03 -13.39 17.95
N TRP E 71 14.26 -12.44 17.05
CA TRP E 71 13.37 -12.26 15.90
C TRP E 71 12.04 -11.66 16.32
N ASP E 72 11.25 -12.45 17.05
CA ASP E 72 9.94 -12.00 17.52
C ASP E 72 9.92 -11.89 19.03
N ASN E 73 9.09 -10.99 19.56
CA ASN E 73 8.97 -10.80 20.99
C ASN E 73 7.75 -11.51 21.54
N HIS E 74 7.89 -12.81 21.79
CA HIS E 74 6.79 -13.61 22.32
C HIS E 74 6.47 -13.19 23.75
N HIS E 75 5.41 -13.78 24.31
CA HIS E 75 4.99 -13.47 25.67
C HIS E 75 5.55 -14.49 26.66
N HIS E 76 5.10 -14.42 27.90
CA HIS E 76 5.56 -15.33 28.94
C HIS E 76 4.40 -16.12 29.53
N HIS E 77 4.71 -17.25 30.16
CA HIS E 77 3.69 -18.09 30.77
C HIS E 77 4.01 -18.36 32.24
N HIS E 78 5.29 -18.52 32.54
CA HIS E 78 5.73 -18.79 33.91
C HIS E 78 7.15 -18.30 34.13
N HIS E 79 8.11 -19.00 33.53
CA HIS E 79 9.52 -18.65 33.66
C HIS E 79 10.36 -19.36 32.60
N MET A 1 8.74 19.74 -7.24
CA MET A 1 9.55 20.85 -7.77
C MET A 1 9.44 22.07 -6.87
N LYS A 2 8.21 22.43 -6.50
CA LYS A 2 7.97 23.57 -5.64
C LYS A 2 7.28 23.15 -4.34
N ILE A 3 5.99 22.84 -4.44
CA ILE A 3 5.22 22.43 -3.28
C ILE A 3 3.88 21.82 -3.70
N ASP A 4 2.96 22.66 -4.11
CA ASP A 4 1.64 22.22 -4.54
C ASP A 4 0.77 23.39 -4.98
N ALA A 5 -0.51 23.12 -5.22
CA ALA A 5 -1.44 24.16 -5.64
C ALA A 5 -2.88 23.67 -5.54
N ILE A 6 -3.77 24.55 -5.08
CA ILE A 6 -5.17 24.21 -4.93
C ILE A 6 -5.76 23.70 -6.24
N VAL A 7 -6.33 22.51 -6.20
CA VAL A 7 -6.93 21.90 -7.39
C VAL A 7 -8.07 20.96 -7.01
N GLY A 8 -8.66 20.32 -8.02
CA GLY A 8 -9.75 19.40 -7.77
C GLY A 8 -10.69 19.29 -8.95
N ARG A 9 -10.74 18.12 -9.58
CA ARG A 9 -11.60 17.89 -10.72
C ARG A 9 -11.46 16.46 -11.23
N ASN A 10 -12.14 16.16 -12.33
CA ASN A 10 -12.10 14.83 -12.92
C ASN A 10 -12.03 14.91 -14.45
N SER A 11 -11.08 14.19 -15.03
CA SER A 11 -10.90 14.17 -16.48
C SER A 11 -11.03 12.76 -17.03
N ALA A 12 -11.72 12.64 -18.16
CA ALA A 12 -11.92 11.34 -18.79
C ALA A 12 -11.65 11.42 -20.29
N LYS A 13 -10.81 10.52 -20.79
CA LYS A 13 -10.47 10.48 -22.20
C LYS A 13 -11.41 9.56 -22.96
N ASP A 14 -11.80 8.45 -22.34
CA ASP A 14 -12.71 7.50 -22.96
C ASP A 14 -13.28 6.55 -21.91
N ILE A 15 -14.57 6.25 -22.04
CA ILE A 15 -15.25 5.37 -21.10
C ILE A 15 -16.18 4.40 -21.85
N ARG A 16 -15.88 3.10 -21.74
CA ARG A 16 -16.68 2.08 -22.39
C ARG A 16 -17.16 1.04 -21.39
N THR A 17 -18.47 0.95 -21.23
CA THR A 17 -19.07 0.00 -20.29
C THR A 17 -20.25 -0.72 -20.91
N GLU A 18 -20.27 -2.05 -20.80
CA GLU A 18 -21.35 -2.85 -21.36
C GLU A 18 -21.85 -3.87 -20.33
N GLU A 19 -23.01 -4.45 -20.60
CA GLU A 19 -23.61 -5.44 -19.71
C GLU A 19 -23.96 -4.82 -18.36
N ARG A 20 -25.09 -4.11 -18.32
CA ARG A 20 -25.54 -3.46 -17.10
C ARG A 20 -24.36 -2.94 -16.29
N ALA A 21 -23.60 -2.03 -16.89
CA ALA A 21 -22.44 -1.45 -16.24
C ALA A 21 -22.73 -0.02 -15.76
N ARG A 22 -22.04 0.40 -14.71
CA ARG A 22 -22.23 1.74 -14.16
C ARG A 22 -20.88 2.45 -14.00
N VAL A 23 -20.87 3.75 -14.28
CA VAL A 23 -19.66 4.55 -14.16
C VAL A 23 -19.97 5.94 -13.62
N GLN A 24 -19.35 6.29 -12.50
CA GLN A 24 -19.55 7.60 -11.88
C GLN A 24 -18.31 8.47 -12.04
N LEU A 25 -18.53 9.74 -12.36
CA LEU A 25 -17.43 10.69 -12.54
C LEU A 25 -17.67 11.96 -11.74
N GLY A 26 -16.77 12.24 -10.80
CA GLY A 26 -16.90 13.43 -9.98
C GLY A 26 -16.74 13.13 -8.50
N ASN A 27 -16.99 14.13 -7.67
CA ASN A 27 -16.87 13.97 -6.21
C ASN A 27 -18.20 13.56 -5.60
N VAL A 28 -18.14 12.64 -4.64
CA VAL A 28 -19.34 12.16 -3.97
C VAL A 28 -19.18 12.20 -2.46
N VAL A 29 -20.15 12.79 -1.78
CA VAL A 29 -20.12 12.90 -0.32
C VAL A 29 -21.35 12.24 0.31
N THR A 30 -21.11 11.34 1.25
CA THR A 30 -22.19 10.65 1.94
C THR A 30 -22.77 11.49 3.08
N ALA A 31 -23.96 11.13 3.53
CA ALA A 31 -24.61 11.85 4.61
C ALA A 31 -23.79 11.77 5.90
N ALA A 32 -23.24 10.59 6.18
CA ALA A 32 -22.43 10.39 7.37
C ALA A 32 -21.24 11.33 7.39
N ALA A 33 -20.63 11.54 6.24
CA ALA A 33 -19.47 12.43 6.12
C ALA A 33 -19.80 13.82 6.65
N LEU A 34 -20.56 14.59 5.86
CA LEU A 34 -20.93 15.94 6.26
C LEU A 34 -22.17 15.92 7.15
N HIS A 35 -22.07 16.56 8.31
CA HIS A 35 -23.19 16.61 9.25
C HIS A 35 -22.92 17.65 10.34
N GLY A 36 -22.15 18.68 10.01
CA GLY A 36 -21.84 19.71 10.97
C GLY A 36 -20.38 20.11 10.93
N GLY A 37 -19.53 19.24 10.38
CA GLY A 37 -18.11 19.52 10.30
C GLY A 37 -17.83 20.77 9.48
N ILE A 38 -16.55 21.09 9.33
CA ILE A 38 -16.13 22.26 8.57
C ILE A 38 -14.78 22.04 7.92
N ARG A 39 -14.26 23.10 7.28
CA ARG A 39 -12.96 23.02 6.61
C ARG A 39 -13.01 22.02 5.46
N ILE A 40 -13.05 22.53 4.24
CA ILE A 40 -13.09 21.68 3.05
C ILE A 40 -11.72 21.55 2.41
N SER A 41 -10.99 22.66 2.39
CA SER A 41 -9.64 22.67 1.80
C SER A 41 -9.70 22.34 0.32
N ASP A 42 -8.53 22.22 -0.30
CA ASP A 42 -8.44 21.89 -1.72
C ASP A 42 -9.08 20.54 -2.01
N GLN A 43 -8.93 20.07 -3.24
CA GLN A 43 -9.50 18.79 -3.65
C GLN A 43 -8.49 17.99 -4.47
N THR A 44 -8.87 16.76 -4.83
CA THR A 44 -8.01 15.89 -5.60
C THR A 44 -8.43 15.87 -7.07
N THR A 45 -7.45 15.91 -7.97
CA THR A 45 -7.70 15.91 -9.39
C THR A 45 -7.21 14.62 -10.04
N ASN A 46 -8.14 13.79 -10.49
CA ASN A 46 -7.80 12.52 -11.13
C ASN A 46 -8.13 12.55 -12.62
N SER A 47 -7.37 11.81 -13.41
CA SER A 47 -7.59 11.74 -14.85
C SER A 47 -7.45 10.32 -15.36
N VAL A 48 -8.49 9.83 -16.03
CA VAL A 48 -8.49 8.48 -16.58
C VAL A 48 -8.39 8.50 -18.10
N GLU A 49 -7.54 7.63 -18.64
CA GLU A 49 -7.36 7.55 -20.08
C GLU A 49 -8.50 6.78 -20.73
N THR A 50 -8.48 5.46 -20.60
CA THR A 50 -9.50 4.61 -21.18
C THR A 50 -10.06 3.63 -20.14
N VAL A 51 -11.37 3.54 -20.06
CA VAL A 51 -12.03 2.64 -19.12
C VAL A 51 -12.86 1.59 -19.84
N VAL A 52 -12.69 0.34 -19.45
CA VAL A 52 -13.42 -0.77 -20.07
C VAL A 52 -14.12 -1.62 -19.00
N GLY A 53 -15.41 -1.84 -19.19
CA GLY A 53 -16.17 -2.64 -18.24
C GLY A 53 -16.95 -3.75 -18.91
N LYS A 54 -16.87 -4.95 -18.35
CA LYS A 54 -17.57 -6.11 -18.90
C LYS A 54 -18.30 -6.87 -17.80
N GLY A 55 -19.44 -7.46 -18.17
CA GLY A 55 -20.22 -8.22 -17.20
C GLY A 55 -20.49 -7.43 -15.94
N GLU A 56 -21.46 -6.53 -16.00
CA GLU A 56 -21.82 -5.69 -14.86
C GLU A 56 -20.58 -5.10 -14.21
N SER A 57 -19.88 -4.25 -14.94
CA SER A 57 -18.68 -3.61 -14.44
C SER A 57 -18.99 -2.26 -13.79
N ARG A 58 -18.25 -1.92 -12.74
CA ARG A 58 -18.46 -0.66 -12.05
C ARG A 58 -17.15 0.13 -11.95
N VAL A 59 -17.20 1.39 -12.36
CA VAL A 59 -16.02 2.25 -12.32
C VAL A 59 -16.33 3.57 -11.63
N LEU A 60 -15.56 3.88 -10.58
CA LEU A 60 -15.75 5.11 -9.83
C LEU A 60 -14.58 6.07 -10.05
N ILE A 61 -14.88 7.23 -10.63
CA ILE A 61 -13.85 8.23 -10.90
C ILE A 61 -14.06 9.46 -10.03
N GLY A 62 -13.13 9.69 -9.10
CA GLY A 62 -13.23 10.84 -8.22
C GLY A 62 -13.00 10.49 -6.77
N ASN A 63 -13.36 11.39 -5.87
CA ASN A 63 -13.19 11.16 -4.44
C ASN A 63 -14.53 10.81 -3.78
N GLU A 64 -14.45 10.06 -2.68
CA GLU A 64 -15.65 9.65 -1.96
C GLU A 64 -15.49 9.91 -0.46
N TYR A 65 -16.53 10.49 0.14
CA TYR A 65 -16.51 10.80 1.57
C TYR A 65 -17.52 9.93 2.33
N GLY A 66 -17.02 9.24 3.35
CA GLY A 66 -17.89 8.39 4.14
C GLY A 66 -17.20 7.10 4.56
N GLY A 67 -17.38 6.72 5.82
CA GLY A 67 -16.75 5.51 6.33
C GLY A 67 -17.77 4.43 6.64
N LYS A 68 -17.29 3.27 7.05
CA LYS A 68 -18.16 2.14 7.38
C LYS A 68 -19.13 1.86 6.23
N GLY A 69 -18.60 1.68 5.04
CA GLY A 69 -19.43 1.41 3.88
C GLY A 69 -18.63 1.29 2.59
N PHE A 70 -18.09 2.42 2.15
CA PHE A 70 -17.29 2.45 0.92
C PHE A 70 -18.16 2.09 -0.29
N TRP A 71 -18.42 3.09 -1.13
CA TRP A 71 -19.23 2.88 -2.32
C TRP A 71 -20.70 2.70 -1.96
N ASP A 72 -21.01 1.60 -1.30
CA ASP A 72 -22.39 1.31 -0.89
C ASP A 72 -22.41 0.36 0.30
N ASN A 73 -23.62 0.04 0.77
CA ASN A 73 -23.78 -0.87 1.91
C ASN A 73 -23.01 -2.16 1.68
N HIS A 74 -22.55 -2.77 2.77
CA HIS A 74 -21.81 -4.02 2.69
C HIS A 74 -22.36 -5.04 3.67
N HIS A 75 -21.81 -6.26 3.63
CA HIS A 75 -22.25 -7.33 4.52
C HIS A 75 -21.11 -8.30 4.80
N HIS A 76 -20.69 -9.02 3.77
CA HIS A 76 -19.61 -10.00 3.90
C HIS A 76 -19.29 -10.65 2.57
N HIS A 77 -18.03 -11.04 2.38
CA HIS A 77 -17.60 -11.67 1.14
C HIS A 77 -16.14 -12.09 1.23
N HIS A 78 -15.78 -12.77 2.31
CA HIS A 78 -14.41 -13.23 2.51
C HIS A 78 -14.31 -14.15 3.72
N HIS A 79 -13.37 -15.09 3.67
CA HIS A 79 -13.18 -16.04 4.76
C HIS A 79 -11.72 -16.08 5.19
N MET B 1 7.10 26.99 4.97
CA MET B 1 5.66 26.89 5.12
C MET B 1 5.07 25.94 4.08
N LYS B 2 3.76 25.72 4.17
CA LYS B 2 3.07 24.84 3.23
C LYS B 2 1.72 25.42 2.84
N ILE B 3 1.36 25.27 1.56
CA ILE B 3 0.09 25.77 1.07
C ILE B 3 -1.07 24.94 1.59
N ASP B 4 -2.29 25.33 1.22
CA ASP B 4 -3.49 24.62 1.65
C ASP B 4 -3.94 23.61 0.60
N ALA B 5 -3.08 22.62 0.35
CA ALA B 5 -3.38 21.59 -0.64
C ALA B 5 -2.35 20.47 -0.60
N ILE B 6 -2.73 19.33 -0.03
CA ILE B 6 -1.83 18.20 0.07
C ILE B 6 -2.58 16.88 -0.14
N VAL B 7 -1.92 15.93 -0.78
CA VAL B 7 -2.53 14.62 -1.05
C VAL B 7 -3.75 14.76 -1.95
N GLY B 8 -3.58 14.47 -3.23
CA GLY B 8 -4.68 14.56 -4.18
C GLY B 8 -4.20 14.56 -5.62
N ARG B 9 -4.07 13.36 -6.18
CA ARG B 9 -3.62 13.21 -7.56
C ARG B 9 -3.57 11.75 -7.97
N ASN B 10 -4.36 11.38 -8.97
CA ASN B 10 -4.41 10.01 -9.45
C ASN B 10 -4.56 9.96 -10.97
N SER B 11 -3.62 9.30 -11.64
CA SER B 11 -3.65 9.18 -13.09
C SER B 11 -3.70 7.72 -13.52
N ALA B 12 -4.53 7.43 -14.51
CA ALA B 12 -4.66 6.07 -15.02
C ALA B 12 -4.47 6.03 -16.53
N LYS B 13 -3.61 5.14 -16.99
CA LYS B 13 -3.33 4.99 -18.42
C LYS B 13 -4.37 4.08 -19.08
N ASP B 14 -4.81 3.07 -18.35
CA ASP B 14 -5.80 2.13 -18.86
C ASP B 14 -6.41 1.31 -17.73
N ILE B 15 -7.72 1.11 -17.80
CA ILE B 15 -8.43 0.34 -16.77
C ILE B 15 -9.45 -0.60 -17.41
N ARG B 16 -9.26 -1.90 -17.21
CA ARG B 16 -10.15 -2.91 -17.75
C ARG B 16 -10.57 -3.90 -16.67
N THR B 17 -11.88 -3.97 -16.41
CA THR B 17 -12.41 -4.88 -15.40
C THR B 17 -13.65 -5.60 -15.91
N GLU B 18 -13.66 -6.93 -15.75
CA GLU B 18 -14.79 -7.74 -16.20
C GLU B 18 -15.24 -8.70 -15.10
N GLU B 19 -16.41 -9.29 -15.28
CA GLU B 19 -16.95 -10.23 -14.30
C GLU B 19 -17.25 -9.54 -12.99
N ARG B 20 -18.37 -8.82 -12.94
CA ARG B 20 -18.76 -8.09 -11.74
C ARG B 20 -17.55 -7.53 -11.02
N ALA B 21 -16.75 -6.75 -11.74
CA ALA B 21 -15.56 -6.14 -11.17
C ALA B 21 -15.80 -4.68 -10.81
N ARG B 22 -15.01 -4.17 -9.88
CA ARG B 22 -15.14 -2.78 -9.44
C ARG B 22 -13.78 -2.09 -9.39
N VAL B 23 -13.73 -0.86 -9.89
CA VAL B 23 -12.49 -0.10 -9.92
C VAL B 23 -12.73 1.36 -9.50
N GLN B 24 -12.05 1.79 -8.45
CA GLN B 24 -12.19 3.15 -7.96
C GLN B 24 -10.90 3.93 -8.14
N LEU B 25 -11.02 5.19 -8.58
CA LEU B 25 -9.85 6.04 -8.79
C LEU B 25 -10.03 7.38 -8.08
N GLY B 26 -9.14 7.67 -7.15
CA GLY B 26 -9.22 8.92 -6.41
C GLY B 26 -8.98 8.75 -4.93
N ASN B 27 -8.97 9.85 -4.20
CA ASN B 27 -8.75 9.82 -2.76
C ASN B 27 -10.06 9.59 -2.01
N VAL B 28 -10.05 8.67 -1.06
CA VAL B 28 -11.23 8.36 -0.27
C VAL B 28 -11.03 8.71 1.20
N VAL B 29 -12.00 9.40 1.78
CA VAL B 29 -11.93 9.79 3.19
C VAL B 29 -13.11 9.25 3.97
N THR B 30 -12.83 8.43 4.98
CA THR B 30 -13.87 7.84 5.81
C THR B 30 -14.29 8.80 6.92
N ALA B 31 -15.45 8.54 7.53
CA ALA B 31 -15.96 9.37 8.61
C ALA B 31 -15.02 9.34 9.81
N ALA B 32 -14.43 8.18 10.07
CA ALA B 32 -13.52 8.02 11.18
C ALA B 32 -12.29 8.92 11.02
N ALA B 33 -11.84 9.07 9.79
CA ALA B 33 -10.68 9.92 9.50
C ALA B 33 -10.85 11.30 10.11
N LEU B 34 -11.69 12.13 9.48
CA LEU B 34 -11.92 13.48 9.96
C LEU B 34 -12.96 14.19 9.09
N HIS B 35 -13.34 15.39 9.49
CA HIS B 35 -14.32 16.17 8.74
C HIS B 35 -13.64 17.28 7.94
N GLY B 36 -12.47 17.71 8.41
CA GLY B 36 -11.74 18.75 7.72
C GLY B 36 -10.54 19.24 8.50
N GLY B 37 -9.42 18.53 8.36
CA GLY B 37 -8.20 18.90 9.07
C GLY B 37 -7.08 17.91 8.88
N ILE B 38 -5.85 18.40 8.87
CA ILE B 38 -4.68 17.55 8.70
C ILE B 38 -3.57 17.93 9.65
N ARG B 39 -2.43 17.24 9.55
CA ARG B 39 -1.29 17.51 10.39
C ARG B 39 0.02 17.25 9.65
N ILE B 40 0.24 15.99 9.29
CA ILE B 40 1.45 15.61 8.56
C ILE B 40 1.11 14.89 7.27
N SER B 41 1.63 15.40 6.16
CA SER B 41 1.39 14.80 4.85
C SER B 41 2.12 15.58 3.76
N ASP B 42 2.23 14.97 2.58
CA ASP B 42 2.91 15.59 1.46
C ASP B 42 2.15 15.32 0.16
N GLN B 43 2.47 16.11 -0.87
CA GLN B 43 1.83 15.95 -2.18
C GLN B 43 1.95 14.52 -2.68
N THR B 44 0.86 13.76 -2.54
CA THR B 44 0.85 12.38 -2.98
C THR B 44 0.13 12.23 -4.32
N THR B 45 0.84 11.68 -5.31
CA THR B 45 0.28 11.49 -6.64
C THR B 45 0.59 10.10 -7.17
N ASN B 46 -0.44 9.25 -7.24
CA ASN B 46 -0.27 7.89 -7.73
C ASN B 46 -0.62 7.80 -9.22
N SER B 47 0.03 6.88 -9.92
CA SER B 47 -0.21 6.69 -11.35
C SER B 47 -0.22 5.21 -11.70
N VAL B 48 -1.30 4.76 -12.31
CA VAL B 48 -1.43 3.36 -12.71
C VAL B 48 -1.37 3.22 -14.23
N GLU B 49 -0.55 2.27 -14.69
CA GLU B 49 -0.40 2.04 -16.13
C GLU B 49 -1.63 1.33 -16.69
N THR B 50 -1.70 0.02 -16.43
CA THR B 50 -2.82 -0.78 -16.92
C THR B 50 -3.41 -1.64 -15.80
N VAL B 51 -4.73 -1.66 -15.71
CA VAL B 51 -5.41 -2.45 -14.70
C VAL B 51 -6.29 -3.53 -15.32
N VAL B 52 -6.11 -4.77 -14.86
CA VAL B 52 -6.88 -5.89 -15.38
C VAL B 52 -7.54 -6.66 -14.25
N GLY B 53 -8.88 -6.72 -14.27
CA GLY B 53 -9.61 -7.43 -13.25
C GLY B 53 -10.50 -8.53 -13.82
N LYS B 54 -10.43 -9.70 -13.21
CA LYS B 54 -11.23 -10.84 -13.66
C LYS B 54 -11.90 -11.54 -12.48
N GLY B 55 -13.08 -12.10 -12.73
CA GLY B 55 -13.81 -12.79 -11.67
C GLY B 55 -13.91 -11.96 -10.41
N GLU B 56 -14.88 -11.06 -10.36
CA GLU B 56 -15.08 -10.20 -9.20
C GLU B 56 -13.76 -9.61 -8.73
N SER B 57 -13.13 -8.81 -9.57
CA SER B 57 -11.85 -8.18 -9.25
C SER B 57 -12.06 -6.76 -8.72
N ARG B 58 -11.21 -6.35 -7.78
CA ARG B 58 -11.30 -5.02 -7.19
C ARG B 58 -9.97 -4.29 -7.30
N VAL B 59 -10.00 -3.08 -7.84
CA VAL B 59 -8.80 -2.27 -8.00
C VAL B 59 -9.01 -0.86 -7.47
N LEU B 60 -8.16 -0.45 -6.53
CA LEU B 60 -8.24 0.88 -5.94
C LEU B 60 -7.02 1.71 -6.30
N ILE B 61 -7.24 2.80 -7.03
CA ILE B 61 -6.16 3.69 -7.43
C ILE B 61 -6.24 5.03 -6.71
N GLY B 62 -5.38 5.22 -5.71
CA GLY B 62 -5.38 6.46 -4.96
C GLY B 62 -5.13 6.24 -3.49
N ASN B 63 -5.16 7.32 -2.71
CA ASN B 63 -4.93 7.24 -1.27
C ASN B 63 -6.24 7.06 -0.52
N GLU B 64 -6.18 6.33 0.59
CA GLU B 64 -7.37 6.08 1.41
C GLU B 64 -7.11 6.44 2.86
N TYR B 65 -8.12 7.01 3.52
CA TYR B 65 -8.00 7.40 4.91
C TYR B 65 -9.15 6.81 5.74
N GLY B 66 -8.79 6.10 6.81
CA GLY B 66 -9.79 5.50 7.67
C GLY B 66 -9.21 4.52 8.66
N GLY B 67 -9.84 4.37 9.80
CA GLY B 67 -9.37 3.45 10.81
C GLY B 67 -9.15 2.05 10.28
N LYS B 68 -8.63 1.16 11.12
CA LYS B 68 -8.38 -0.22 10.71
C LYS B 68 -9.62 -0.84 10.07
N GLY B 69 -9.60 -0.97 8.75
CA GLY B 69 -10.72 -1.54 8.04
C GLY B 69 -10.34 -2.07 6.67
N PHE B 70 -9.45 -1.35 5.99
CA PHE B 70 -9.01 -1.75 4.66
C PHE B 70 -10.15 -1.72 3.66
N TRP B 71 -10.09 -0.78 2.72
CA TRP B 71 -11.12 -0.65 1.71
C TRP B 71 -12.41 -0.08 2.31
N ASP B 72 -13.09 -0.91 3.10
CA ASP B 72 -14.34 -0.49 3.74
C ASP B 72 -14.37 -0.92 5.21
N ASN B 73 -14.60 0.04 6.09
CA ASN B 73 -14.65 -0.25 7.53
C ASN B 73 -15.69 -1.32 7.83
N HIS B 74 -15.23 -2.55 8.01
CA HIS B 74 -16.13 -3.67 8.31
C HIS B 74 -15.33 -4.94 8.59
N HIS B 75 -15.77 -5.70 9.58
CA HIS B 75 -15.10 -6.95 9.95
C HIS B 75 -15.82 -7.64 11.09
N HIS B 76 -15.62 -8.95 11.21
CA HIS B 76 -16.27 -9.73 12.26
C HIS B 76 -15.81 -11.18 12.22
N HIS B 77 -15.41 -11.72 13.36
CA HIS B 77 -14.94 -13.10 13.45
C HIS B 77 -15.14 -13.64 14.86
N HIS B 78 -14.96 -14.96 15.01
CA HIS B 78 -15.11 -15.60 16.31
C HIS B 78 -13.83 -16.33 16.71
N HIS B 79 -13.88 -17.01 17.85
CA HIS B 79 -12.72 -17.76 18.34
C HIS B 79 -12.89 -19.25 18.07
N MET C 1 2.24 17.37 -17.88
CA MET C 1 3.46 17.85 -18.51
C MET C 1 4.56 18.07 -17.48
N LYS C 2 5.80 17.77 -17.86
CA LYS C 2 6.94 17.93 -16.98
C LYS C 2 6.77 17.09 -15.71
N ILE C 3 6.83 15.77 -15.86
CA ILE C 3 6.68 14.86 -14.74
C ILE C 3 7.84 13.87 -14.67
N ASP C 4 8.21 13.49 -13.45
CA ASP C 4 9.31 12.55 -13.24
C ASP C 4 9.06 11.69 -12.00
N ALA C 5 9.90 10.68 -11.82
CA ALA C 5 9.77 9.79 -10.67
C ALA C 5 10.31 10.45 -9.40
N ILE C 6 9.53 11.39 -8.86
CA ILE C 6 9.91 12.09 -7.65
C ILE C 6 9.52 11.31 -6.42
N VAL C 7 9.78 11.89 -5.24
CA VAL C 7 9.44 11.24 -3.98
C VAL C 7 7.97 11.48 -3.62
N GLY C 8 7.40 10.52 -2.89
CA GLY C 8 6.02 10.63 -2.49
C GLY C 8 5.06 10.47 -3.65
N ARG C 9 5.08 9.29 -4.27
CA ARG C 9 4.20 9.02 -5.42
C ARG C 9 4.42 7.60 -5.94
N ASN C 10 3.42 6.75 -5.75
CA ASN C 10 3.50 5.37 -6.19
C ASN C 10 3.13 5.24 -7.67
N SER C 11 3.86 4.41 -8.40
CA SER C 11 3.61 4.20 -9.81
C SER C 11 3.59 2.72 -10.16
N ALA C 12 2.72 2.35 -11.10
CA ALA C 12 2.60 0.95 -11.52
C ALA C 12 2.76 0.81 -13.03
N LYS C 13 3.41 -0.26 -13.46
CA LYS C 13 3.64 -0.50 -14.88
C LYS C 13 2.56 -1.44 -15.44
N ASP C 14 2.09 -2.36 -14.61
CA ASP C 14 1.06 -3.31 -15.01
C ASP C 14 0.44 -4.00 -13.81
N ILE C 15 -0.88 -4.15 -13.84
CA ILE C 15 -1.60 -4.78 -12.74
C ILE C 15 -2.67 -5.74 -13.27
N ARG C 16 -2.51 -7.02 -12.95
CA ARG C 16 -3.47 -8.04 -13.38
C ARG C 16 -3.87 -8.94 -12.23
N THR C 17 -5.15 -8.90 -11.86
CA THR C 17 -5.67 -9.71 -10.76
C THR C 17 -6.99 -10.36 -11.15
N GLU C 18 -7.12 -11.65 -10.82
CA GLU C 18 -8.35 -12.39 -11.13
C GLU C 18 -8.69 -13.35 -10.00
N GLU C 19 -9.91 -13.88 -10.04
CA GLU C 19 -10.37 -14.81 -9.01
C GLU C 19 -10.51 -14.10 -7.66
N ARG C 20 -11.53 -13.26 -7.54
CA ARG C 20 -11.76 -12.53 -6.30
C ARG C 20 -10.46 -11.96 -5.75
N ALA C 21 -9.74 -11.22 -6.58
CA ALA C 21 -8.48 -10.62 -6.18
C ALA C 21 -8.64 -9.12 -5.93
N ARG C 22 -7.87 -8.60 -4.98
CA ARG C 22 -7.93 -7.17 -4.65
C ARG C 22 -6.54 -6.54 -4.73
N VAL C 23 -6.47 -5.35 -5.33
CA VAL C 23 -5.21 -4.65 -5.48
C VAL C 23 -5.37 -3.17 -5.10
N GLN C 24 -4.58 -2.74 -4.13
CA GLN C 24 -4.62 -1.35 -3.67
C GLN C 24 -3.37 -0.60 -4.09
N LEU C 25 -3.56 0.63 -4.57
CA LEU C 25 -2.45 1.46 -5.02
C LEU C 25 -2.53 2.85 -4.40
N GLY C 26 -1.50 3.20 -3.64
CA GLY C 26 -1.47 4.50 -3.00
C GLY C 26 -1.15 4.42 -1.51
N ASN C 27 -0.97 5.57 -0.88
CA ASN C 27 -0.66 5.62 0.54
C ASN C 27 -1.94 5.59 1.38
N VAL C 28 -1.93 4.75 2.42
CA VAL C 28 -3.10 4.63 3.29
C VAL C 28 -2.78 5.13 4.70
N VAL C 29 -3.67 5.97 5.23
CA VAL C 29 -3.50 6.53 6.56
C VAL C 29 -4.67 6.18 7.47
N THR C 30 -4.36 5.65 8.65
CA THR C 30 -5.39 5.27 9.62
C THR C 30 -5.78 6.45 10.49
N ALA C 31 -6.86 6.29 11.25
CA ALA C 31 -7.34 7.34 12.13
C ALA C 31 -6.32 7.67 13.20
N ALA C 32 -5.58 6.65 13.65
CA ALA C 32 -4.56 6.84 14.67
C ALA C 32 -3.53 7.88 14.25
N ALA C 33 -3.16 7.84 12.98
CA ALA C 33 -2.18 8.79 12.44
C ALA C 33 -2.56 10.22 12.76
N LEU C 34 -1.89 10.81 13.74
CA LEU C 34 -2.17 12.19 14.14
C LEU C 34 -0.87 12.93 14.46
N HIS C 35 0.02 12.28 15.20
CA HIS C 35 1.29 12.88 15.56
C HIS C 35 1.08 14.12 16.43
N GLY C 36 2.17 14.61 17.02
CA GLY C 36 2.08 15.79 17.87
C GLY C 36 1.71 17.03 17.09
N GLY C 37 2.68 17.59 16.37
CA GLY C 37 2.42 18.79 15.59
C GLY C 37 3.58 19.14 14.67
N ILE C 38 3.75 18.34 13.62
CA ILE C 38 4.83 18.57 12.66
C ILE C 38 4.33 18.39 11.23
N ARG C 39 4.90 19.16 10.31
CA ARG C 39 4.52 19.09 8.90
C ARG C 39 5.75 19.10 8.00
N ILE C 40 6.43 17.97 7.93
CA ILE C 40 7.63 17.85 7.11
C ILE C 40 7.28 17.85 5.62
N SER C 41 8.30 17.79 4.78
CA SER C 41 8.11 17.78 3.33
C SER C 41 8.76 16.57 2.69
N ASP C 42 8.14 15.40 2.88
CA ASP C 42 8.67 14.17 2.32
C ASP C 42 7.61 13.07 2.33
N GLN C 43 7.96 11.90 1.82
CA GLN C 43 7.03 10.78 1.76
C GLN C 43 7.71 9.54 1.15
N THR C 44 6.99 8.42 1.16
CA THR C 44 7.52 7.19 0.61
C THR C 44 6.95 6.91 -0.78
N THR C 45 7.81 6.47 -1.69
CA THR C 45 7.40 6.18 -3.06
C THR C 45 7.76 4.75 -3.46
N ASN C 46 6.80 4.05 -4.05
CA ASN C 46 7.02 2.67 -4.47
C ASN C 46 6.66 2.49 -5.95
N SER C 47 7.40 1.61 -6.63
CA SER C 47 7.17 1.35 -8.04
C SER C 47 7.02 -0.13 -8.31
N VAL C 48 5.88 -0.52 -8.90
CA VAL C 48 5.61 -1.91 -9.20
C VAL C 48 5.64 -2.17 -10.71
N GLU C 49 6.43 -3.16 -11.11
CA GLU C 49 6.55 -3.50 -12.53
C GLU C 49 5.27 -4.17 -13.03
N THR C 50 5.05 -5.41 -12.61
CA THR C 50 3.88 -6.16 -13.02
C THR C 50 3.31 -6.97 -11.86
N VAL C 51 1.99 -6.96 -11.74
CA VAL C 51 1.32 -7.70 -10.67
C VAL C 51 0.42 -8.79 -11.23
N VAL C 52 0.59 -10.01 -10.74
CA VAL C 52 -0.22 -11.14 -11.19
C VAL C 52 -0.86 -11.87 -10.03
N GLY C 53 -2.19 -11.88 -10.01
CA GLY C 53 -2.91 -12.54 -8.93
C GLY C 53 -3.78 -13.69 -9.43
N LYS C 54 -3.69 -14.83 -8.76
CA LYS C 54 -4.46 -16.00 -9.13
C LYS C 54 -5.13 -16.62 -7.92
N GLY C 55 -6.37 -17.09 -8.10
CA GLY C 55 -7.09 -17.71 -7.01
C GLY C 55 -7.01 -16.90 -5.73
N GLU C 56 -7.88 -15.91 -5.59
CA GLU C 56 -7.90 -15.06 -4.40
C GLU C 56 -6.51 -14.52 -4.10
N SER C 57 -6.14 -13.44 -4.80
CA SER C 57 -4.83 -12.81 -4.60
C SER C 57 -4.98 -11.41 -4.05
N ARG C 58 -4.02 -11.00 -3.21
CA ARG C 58 -4.05 -9.67 -2.61
C ARG C 58 -2.70 -8.97 -2.81
N VAL C 59 -2.75 -7.75 -3.34
CA VAL C 59 -1.53 -6.97 -3.58
C VAL C 59 -1.69 -5.55 -3.07
N LEU C 60 -0.78 -5.15 -2.18
CA LEU C 60 -0.81 -3.81 -1.61
C LEU C 60 0.37 -2.99 -2.08
N ILE C 61 0.10 -1.97 -2.89
CA ILE C 61 1.15 -1.11 -3.42
C ILE C 61 1.06 0.29 -2.82
N GLY C 62 1.95 0.60 -1.89
CA GLY C 62 1.96 1.91 -1.26
C GLY C 62 2.56 1.87 0.13
N ASN C 63 2.16 2.82 0.97
CA ASN C 63 2.66 2.90 2.34
C ASN C 63 1.52 2.98 3.34
N GLU C 64 1.72 2.37 4.51
CA GLU C 64 0.69 2.36 5.55
C GLU C 64 1.15 3.17 6.76
N TYR C 65 0.30 4.08 7.22
CA TYR C 65 0.62 4.91 8.36
C TYR C 65 -0.39 4.70 9.49
N GLY C 66 0.12 4.38 10.68
CA GLY C 66 -0.74 4.16 11.82
C GLY C 66 -0.92 2.68 12.14
N GLY C 67 -0.20 2.22 13.16
CA GLY C 67 -0.30 0.81 13.54
C GLY C 67 0.79 -0.03 12.92
N LYS C 68 0.64 -1.35 13.01
CA LYS C 68 1.62 -2.27 12.44
C LYS C 68 1.76 -2.06 10.94
N GLY C 69 2.52 -2.95 10.29
CA GLY C 69 2.72 -2.84 8.85
C GLY C 69 1.62 -3.51 8.07
N PHE C 70 0.88 -4.40 8.72
CA PHE C 70 -0.21 -5.13 8.08
C PHE C 70 -1.37 -4.19 7.76
N TRP C 71 -1.76 -4.14 6.49
CA TRP C 71 -2.86 -3.29 6.06
C TRP C 71 -4.21 -3.88 6.48
N ASP C 72 -4.25 -5.20 6.62
CA ASP C 72 -5.47 -5.88 7.02
C ASP C 72 -5.43 -6.25 8.50
N ASN C 73 -5.66 -5.27 9.36
CA ASN C 73 -5.64 -5.49 10.80
C ASN C 73 -6.55 -6.65 11.18
N HIS C 74 -6.26 -7.28 12.32
CA HIS C 74 -7.05 -8.40 12.80
C HIS C 74 -7.17 -8.38 14.31
N HIS C 75 -7.28 -7.17 14.88
CA HIS C 75 -7.41 -7.01 16.31
C HIS C 75 -8.67 -6.22 16.67
N HIS C 76 -8.79 -5.85 17.93
CA HIS C 76 -9.95 -5.09 18.40
C HIS C 76 -9.53 -3.99 19.37
N HIS C 77 -9.28 -2.80 18.83
CA HIS C 77 -8.86 -1.66 19.66
C HIS C 77 -10.07 -0.83 20.06
N HIS C 78 -9.86 0.05 21.06
CA HIS C 78 -10.93 0.90 21.55
C HIS C 78 -11.12 2.12 20.64
N HIS C 79 -12.05 2.02 19.70
CA HIS C 79 -12.32 3.12 18.77
C HIS C 79 -13.53 2.81 17.91
N MET D 1 4.57 5.02 -20.37
CA MET D 1 5.24 5.16 -21.66
C MET D 1 6.11 6.41 -21.70
N LYS D 2 5.74 7.41 -20.89
CA LYS D 2 6.47 8.66 -20.84
C LYS D 2 7.14 8.83 -19.47
N ILE D 3 7.87 7.82 -19.04
CA ILE D 3 8.56 7.85 -17.75
C ILE D 3 9.94 7.24 -17.85
N ASP D 4 10.91 7.83 -17.15
CA ASP D 4 12.28 7.33 -17.16
C ASP D 4 13.14 8.10 -16.16
N ALA D 5 13.13 7.65 -14.91
CA ALA D 5 13.91 8.28 -13.86
C ALA D 5 13.77 7.53 -12.54
N ILE D 6 14.80 7.60 -11.71
CA ILE D 6 14.79 6.92 -10.42
C ILE D 6 16.05 7.26 -9.62
N VAL D 7 15.87 7.66 -8.36
CA VAL D 7 16.98 8.00 -7.49
C VAL D 7 17.04 7.08 -6.28
N GLY D 8 16.10 7.27 -5.36
CA GLY D 8 16.06 6.44 -4.16
C GLY D 8 14.64 6.12 -3.74
N ARG D 9 14.29 4.84 -3.82
CA ARG D 9 12.96 4.39 -3.45
C ARG D 9 12.80 2.89 -3.66
N ASN D 10 11.58 2.39 -3.45
CA ASN D 10 11.32 0.96 -3.62
C ASN D 10 10.79 0.67 -5.02
N SER D 11 11.35 -0.35 -5.66
CA SER D 11 10.95 -0.73 -7.01
C SER D 11 10.91 -2.24 -7.16
N ALA D 12 10.04 -2.73 -8.04
CA ALA D 12 9.91 -4.16 -8.28
C ALA D 12 10.00 -4.48 -9.77
N LYS D 13 10.33 -5.72 -10.08
CA LYS D 13 10.45 -6.16 -11.47
C LYS D 13 9.30 -7.08 -11.84
N ASP D 14 8.84 -7.87 -10.88
CA ASP D 14 7.73 -8.80 -11.12
C ASP D 14 7.14 -9.29 -9.80
N ILE D 15 5.82 -9.37 -9.75
CA ILE D 15 5.13 -9.82 -8.54
C ILE D 15 3.97 -10.75 -8.88
N ARG D 16 4.06 -11.99 -8.42
CA ARG D 16 3.01 -12.97 -8.68
C ARG D 16 2.63 -13.72 -7.40
N THR D 17 1.36 -13.63 -7.04
CA THR D 17 0.86 -14.29 -5.84
C THR D 17 -0.48 -14.98 -6.09
N GLU D 18 -0.71 -16.09 -5.39
CA GLU D 18 -1.96 -16.83 -5.54
C GLU D 18 -2.25 -17.67 -4.30
N GLU D 19 -3.47 -18.17 -4.20
CA GLU D 19 -3.87 -18.99 -3.06
C GLU D 19 -3.85 -18.17 -1.77
N ARG D 20 -4.81 -17.26 -1.63
CA ARG D 20 -4.89 -16.41 -0.44
C ARG D 20 -3.53 -15.81 -0.12
N ALA D 21 -2.77 -15.50 -1.16
CA ALA D 21 -1.44 -14.91 -0.99
C ALA D 21 -1.54 -13.38 -0.93
N ARG D 22 -0.70 -12.78 -0.08
CA ARG D 22 -0.70 -11.33 0.08
C ARG D 22 0.71 -10.78 -0.10
N VAL D 23 0.83 -9.69 -0.85
CA VAL D 23 2.12 -9.06 -1.09
C VAL D 23 2.07 -7.57 -0.77
N GLN D 24 3.13 -7.08 -0.12
CA GLN D 24 3.20 -5.67 0.25
C GLN D 24 4.39 -5.00 -0.44
N LEU D 25 4.15 -3.80 -0.98
CA LEU D 25 5.19 -3.05 -1.66
C LEU D 25 5.27 -1.61 -1.14
N GLY D 26 6.48 -1.18 -0.79
CA GLY D 26 6.66 0.17 -0.29
C GLY D 26 7.27 0.19 1.10
N ASN D 27 6.67 0.95 1.99
CA ASN D 27 7.17 1.06 3.37
C ASN D 27 6.02 1.21 4.35
N VAL D 28 6.23 0.72 5.58
CA VAL D 28 5.21 0.81 6.61
C VAL D 28 5.73 1.55 7.85
N VAL D 29 5.01 2.60 8.24
CA VAL D 29 5.41 3.39 9.40
C VAL D 29 4.31 3.40 10.45
N THR D 30 4.67 3.09 11.68
CA THR D 30 3.71 3.07 12.79
C THR D 30 3.29 4.48 13.19
N ALA D 31 2.33 4.57 14.10
CA ALA D 31 1.85 5.87 14.57
C ALA D 31 2.99 6.73 15.08
N ALA D 32 3.87 6.14 15.88
CA ALA D 32 5.02 6.86 16.42
C ALA D 32 5.89 7.43 15.31
N ALA D 33 6.24 6.58 14.35
CA ALA D 33 7.08 7.01 13.23
C ALA D 33 8.41 7.57 13.72
N LEU D 34 9.16 8.17 12.80
CA LEU D 34 10.46 8.75 13.14
C LEU D 34 10.30 10.02 13.98
N HIS D 35 11.00 10.08 15.10
CA HIS D 35 10.93 11.23 15.98
C HIS D 35 11.71 12.42 15.39
N GLY D 36 11.09 13.12 14.45
CA GLY D 36 11.73 14.26 13.83
C GLY D 36 11.27 14.48 12.41
N GLY D 37 11.69 13.59 11.51
CA GLY D 37 11.31 13.70 10.11
C GLY D 37 12.43 13.32 9.17
N ILE D 38 12.13 12.41 8.24
CA ILE D 38 13.11 11.95 7.27
C ILE D 38 13.42 13.03 6.24
N ARG D 39 14.50 12.82 5.47
CA ARG D 39 14.89 13.78 4.45
C ARG D 39 13.73 14.07 3.50
N ILE D 40 13.84 15.18 2.78
CA ILE D 40 12.80 15.56 1.83
C ILE D 40 12.47 14.43 0.87
N SER D 41 13.46 13.58 0.60
CA SER D 41 13.28 12.45 -0.30
C SER D 41 13.13 11.15 0.49
N ASP D 42 13.17 10.02 -0.22
CA ASP D 42 13.04 8.72 0.41
C ASP D 42 14.17 8.48 1.40
N GLN D 43 14.30 7.24 1.87
CA GLN D 43 15.34 6.89 2.83
C GLN D 43 16.02 5.58 2.42
N THR D 44 15.28 4.48 2.47
CA THR D 44 15.82 3.18 2.11
C THR D 44 15.38 2.77 0.70
N THR D 45 16.36 2.52 -0.16
CA THR D 45 16.08 2.13 -1.54
C THR D 45 16.23 0.62 -1.72
N ASN D 46 15.10 -0.05 -1.89
CA ASN D 46 15.09 -1.50 -2.08
C ASN D 46 14.58 -1.88 -3.47
N SER D 47 15.07 -2.99 -4.00
CA SER D 47 14.65 -3.46 -5.31
C SER D 47 14.48 -4.98 -5.32
N VAL D 48 13.29 -5.44 -5.70
CA VAL D 48 13.00 -6.86 -5.76
C VAL D 48 12.93 -7.34 -7.21
N GLU D 49 13.57 -8.48 -7.48
CA GLU D 49 13.58 -9.05 -8.82
C GLU D 49 12.20 -9.60 -9.18
N THR D 50 11.87 -10.76 -8.61
CA THR D 50 10.59 -11.40 -8.87
C THR D 50 10.11 -12.18 -7.65
N VAL D 51 8.83 -12.03 -7.32
CA VAL D 51 8.24 -12.73 -6.19
C VAL D 51 7.14 -13.69 -6.63
N VAL D 52 7.23 -14.94 -6.19
CA VAL D 52 6.24 -15.94 -6.54
C VAL D 52 5.69 -16.64 -5.30
N GLY D 53 4.37 -16.58 -5.12
CA GLY D 53 3.75 -17.21 -3.98
C GLY D 53 2.78 -18.29 -4.36
N LYS D 54 2.86 -19.43 -3.69
CA LYS D 54 1.98 -20.56 -3.98
C LYS D 54 1.39 -21.13 -2.68
N GLY D 55 0.09 -21.42 -2.70
CA GLY D 55 -0.56 -21.97 -1.53
C GLY D 55 -0.28 -21.17 -0.28
N GLU D 56 -1.11 -20.15 -0.04
CA GLU D 56 -0.95 -19.30 1.13
C GLU D 56 0.48 -18.76 1.22
N SER D 57 0.76 -17.72 0.46
CA SER D 57 2.08 -17.10 0.44
C SER D 57 2.03 -15.69 1.00
N ARG D 58 3.10 -15.29 1.70
CA ARG D 58 3.19 -13.96 2.28
C ARG D 58 4.51 -13.30 1.94
N VAL D 59 4.43 -12.09 1.39
CA VAL D 59 5.63 -11.34 1.02
C VAL D 59 5.52 -9.88 1.44
N LEU D 60 6.53 -9.40 2.17
CA LEU D 60 6.55 -8.02 2.65
C LEU D 60 7.82 -7.32 2.19
N ILE D 61 7.66 -6.36 1.28
CA ILE D 61 8.80 -5.59 0.77
C ILE D 61 8.76 -4.16 1.27
N GLY D 62 9.64 -3.86 2.23
CA GLY D 62 9.70 -2.52 2.78
C GLY D 62 10.36 -2.49 4.15
N ASN D 63 10.19 -1.36 4.85
CA ASN D 63 10.77 -1.22 6.18
C ASN D 63 9.69 -0.89 7.21
N GLU D 64 9.97 -1.19 8.47
CA GLU D 64 9.04 -0.93 9.56
C GLU D 64 9.56 0.16 10.48
N TYR D 65 8.82 1.26 10.58
CA TYR D 65 9.20 2.38 11.42
C TYR D 65 8.38 2.40 12.71
N GLY D 66 9.07 2.42 13.85
CA GLY D 66 8.39 2.44 15.12
C GLY D 66 7.56 1.21 15.36
N GLY D 67 8.01 0.08 14.81
CA GLY D 67 7.28 -1.17 14.98
C GLY D 67 7.82 -2.00 16.12
N LYS D 68 8.34 -3.18 15.80
CA LYS D 68 8.89 -4.09 16.82
C LYS D 68 9.44 -5.35 16.17
N GLY D 69 9.98 -5.22 14.97
CA GLY D 69 10.54 -6.36 14.27
C GLY D 69 9.71 -6.75 13.06
N PHE D 70 9.09 -7.92 13.13
CA PHE D 70 8.27 -8.42 12.03
C PHE D 70 7.15 -7.43 11.70
N TRP D 71 6.32 -7.79 10.72
CA TRP D 71 5.21 -6.94 10.31
C TRP D 71 3.93 -7.34 11.02
N ASP D 72 3.86 -8.59 11.44
CA ASP D 72 2.69 -9.10 12.13
C ASP D 72 2.93 -9.19 13.64
N ASN D 73 1.91 -8.84 14.42
CA ASN D 73 2.02 -8.89 15.88
C ASN D 73 0.66 -9.15 16.52
N HIS D 74 0.64 -9.16 17.84
CA HIS D 74 -0.60 -9.40 18.58
C HIS D 74 -0.61 -8.63 19.90
N HIS D 75 -1.80 -8.46 20.47
CA HIS D 75 -1.94 -7.73 21.72
C HIS D 75 -2.36 -8.67 22.85
N HIS D 76 -3.33 -9.54 22.57
CA HIS D 76 -3.81 -10.49 23.55
C HIS D 76 -4.26 -9.78 24.82
N HIS D 77 -5.36 -9.03 24.72
CA HIS D 77 -5.90 -8.30 25.86
C HIS D 77 -4.89 -7.27 26.36
N HIS D 78 -5.33 -6.44 27.31
CA HIS D 78 -4.47 -5.41 27.88
C HIS D 78 -3.89 -4.52 26.79
N HIS D 79 -4.63 -3.48 26.44
CA HIS D 79 -4.20 -2.55 25.40
C HIS D 79 -3.94 -3.27 24.09
N MET E 1 5.59 -5.44 -18.78
CA MET E 1 6.76 -6.32 -18.72
C MET E 1 7.97 -5.67 -19.37
N LYS E 2 8.35 -4.49 -18.87
CA LYS E 2 9.49 -3.77 -19.41
C LYS E 2 9.95 -2.69 -18.44
N ILE E 3 11.07 -2.05 -18.77
CA ILE E 3 11.61 -0.99 -17.93
C ILE E 3 11.97 -1.51 -16.54
N ASP E 4 13.25 -1.81 -16.34
CA ASP E 4 13.72 -2.32 -15.05
C ASP E 4 14.87 -1.46 -14.51
N ALA E 5 15.09 -1.53 -13.21
CA ALA E 5 16.15 -0.77 -12.57
C ALA E 5 16.99 -1.65 -11.65
N ILE E 6 18.27 -1.33 -11.53
CA ILE E 6 19.17 -2.09 -10.67
C ILE E 6 19.98 -1.18 -9.76
N VAL E 7 19.40 -0.82 -8.62
CA VAL E 7 20.08 0.04 -7.67
C VAL E 7 19.33 0.07 -6.34
N GLY E 8 20.08 0.07 -5.24
CA GLY E 8 19.48 0.09 -3.92
C GLY E 8 20.27 -0.71 -2.91
N ARG E 9 20.29 -0.24 -1.67
CA ARG E 9 21.02 -0.91 -0.60
C ARG E 9 20.59 -2.37 -0.48
N ASN E 10 19.28 -2.59 -0.39
CA ASN E 10 18.73 -3.93 -0.28
C ASN E 10 18.10 -4.37 -1.59
N SER E 11 18.75 -5.31 -2.27
CA SER E 11 18.25 -5.82 -3.54
C SER E 11 18.12 -7.34 -3.50
N ALA E 12 17.20 -7.87 -4.30
CA ALA E 12 16.97 -9.31 -4.36
C ALA E 12 17.10 -9.83 -5.79
N LYS E 13 17.26 -11.14 -5.92
CA LYS E 13 17.40 -11.76 -7.24
C LYS E 13 16.19 -12.64 -7.55
N ASP E 14 15.63 -13.26 -6.52
CA ASP E 14 14.47 -14.13 -6.67
C ASP E 14 13.84 -14.45 -5.32
N ILE E 15 12.52 -14.48 -5.27
CA ILE E 15 11.80 -14.78 -4.04
C ILE E 15 10.64 -15.72 -4.30
N ARG E 16 10.73 -16.92 -3.74
CA ARG E 16 9.68 -17.92 -3.91
C ARG E 16 9.29 -18.55 -2.57
N THR E 17 8.02 -18.39 -2.19
CA THR E 17 7.53 -18.93 -0.94
C THR E 17 6.18 -19.63 -1.12
N GLU E 18 5.97 -20.71 -0.39
CA GLU E 18 4.72 -21.46 -0.47
C GLU E 18 4.47 -22.26 0.81
N GLU E 19 3.25 -22.74 0.97
CA GLU E 19 2.88 -23.51 2.15
C GLU E 19 3.07 -22.70 3.42
N ARG E 20 2.20 -21.71 3.62
CA ARG E 20 2.28 -20.85 4.81
C ARG E 20 3.69 -20.30 4.98
N ALA E 21 4.29 -19.87 3.87
CA ALA E 21 5.63 -19.31 3.91
C ALA E 21 5.61 -17.79 3.87
N ARG E 22 6.55 -17.17 4.57
CA ARG E 22 6.63 -15.71 4.62
C ARG E 22 8.04 -15.23 4.29
N VAL E 23 8.13 -14.12 3.56
CA VAL E 23 9.42 -13.56 3.17
C VAL E 23 9.45 -12.06 3.38
N GLN E 24 10.52 -11.56 3.98
CA GLN E 24 10.68 -10.14 4.24
C GLN E 24 11.90 -9.58 3.52
N LEU E 25 11.74 -8.40 2.91
CA LEU E 25 12.83 -7.76 2.19
C LEU E 25 12.98 -6.30 2.62
N GLY E 26 14.16 -5.98 3.17
CA GLY E 26 14.41 -4.63 3.62
C GLY E 26 14.81 -4.56 5.07
N ASN E 27 15.10 -3.35 5.55
CA ASN E 27 15.50 -3.16 6.95
C ASN E 27 14.28 -2.90 7.83
N VAL E 28 14.34 -3.40 9.07
CA VAL E 28 13.24 -3.22 10.01
C VAL E 28 13.70 -2.47 11.25
N VAL E 29 12.86 -1.56 11.74
CA VAL E 29 13.18 -0.77 12.92
C VAL E 29 12.13 -0.97 14.01
N THR E 30 12.59 -1.30 15.21
CA THR E 30 11.69 -1.50 16.33
C THR E 30 11.05 -0.20 16.79
N ALA E 31 10.15 -0.30 17.75
CA ALA E 31 9.46 0.88 18.28
C ALA E 31 10.46 1.92 18.78
N ALA E 32 11.46 1.46 19.53
CA ALA E 32 12.48 2.34 20.06
C ALA E 32 13.18 3.12 18.95
N ALA E 33 13.65 2.39 17.94
CA ALA E 33 14.35 3.01 16.81
C ALA E 33 15.51 3.87 17.29
N LEU E 34 16.10 4.62 16.37
CA LEU E 34 17.22 5.50 16.69
C LEU E 34 17.31 6.66 15.70
N HIS E 35 17.24 7.88 16.22
CA HIS E 35 17.32 9.07 15.39
C HIS E 35 18.69 9.71 15.48
N GLY E 36 18.99 10.62 14.55
CA GLY E 36 20.28 11.28 14.54
C GLY E 36 20.78 11.58 13.15
N GLY E 37 21.71 12.52 13.03
CA GLY E 37 22.25 12.87 11.73
C GLY E 37 23.77 12.90 11.72
N ILE E 38 24.33 14.04 11.34
CA ILE E 38 25.78 14.19 11.29
C ILE E 38 26.39 13.23 10.26
N ARG E 39 26.82 13.79 9.14
CA ARG E 39 27.43 12.99 8.07
C ARG E 39 28.59 12.18 8.60
N ILE E 40 28.73 10.94 8.13
CA ILE E 40 29.80 10.07 8.55
C ILE E 40 29.90 8.84 7.66
N SER E 41 31.11 8.32 7.50
CA SER E 41 31.35 7.15 6.66
C SER E 41 30.41 6.01 7.06
N ASP E 42 29.40 5.76 6.23
CA ASP E 42 28.44 4.71 6.49
C ASP E 42 27.65 4.36 5.23
N GLN E 43 27.54 3.06 4.95
CA GLN E 43 26.83 2.60 3.76
C GLN E 43 26.53 1.10 3.85
N THR E 44 25.26 0.76 4.04
CA THR E 44 24.85 -0.63 4.14
C THR E 44 24.25 -1.13 2.84
N THR E 45 24.85 -2.18 2.27
CA THR E 45 24.37 -2.75 1.03
C THR E 45 24.29 -4.27 1.10
N ASN E 46 23.09 -4.81 0.99
CA ASN E 46 22.89 -6.25 1.05
C ASN E 46 22.12 -6.75 -0.18
N SER E 47 22.58 -7.86 -0.75
CA SER E 47 21.94 -8.43 -1.93
C SER E 47 21.60 -9.90 -1.70
N VAL E 48 20.32 -10.23 -1.83
CA VAL E 48 19.86 -11.59 -1.64
C VAL E 48 19.60 -12.28 -2.98
N GLU E 49 20.27 -13.41 -3.20
CA GLU E 49 20.12 -14.16 -4.44
C GLU E 49 18.70 -14.72 -4.56
N THR E 50 18.59 -15.93 -5.11
CA THR E 50 17.29 -16.56 -5.29
C THR E 50 16.94 -17.44 -4.10
N VAL E 51 15.75 -17.25 -3.55
CA VAL E 51 15.30 -18.02 -2.40
C VAL E 51 14.10 -18.88 -2.76
N VAL E 52 14.14 -20.15 -2.36
CA VAL E 52 13.05 -21.08 -2.64
C VAL E 52 12.54 -21.73 -1.36
N GLY E 53 11.25 -21.56 -1.08
CA GLY E 53 10.66 -22.13 0.11
C GLY E 53 9.71 -23.27 -0.20
N LYS E 54 9.87 -24.38 0.52
CA LYS E 54 9.02 -25.55 0.32
C LYS E 54 8.50 -26.08 1.64
N GLY E 55 7.18 -26.03 1.83
CA GLY E 55 6.58 -26.52 3.05
C GLY E 55 7.00 -25.71 4.26
N GLU E 56 6.26 -24.64 4.55
CA GLU E 56 6.57 -23.78 5.68
C GLU E 56 7.99 -23.23 5.59
N SER E 57 8.14 -22.11 4.89
CA SER E 57 9.45 -21.49 4.72
C SER E 57 9.43 -20.04 5.19
N ARG E 58 10.55 -19.59 5.76
CA ARG E 58 10.66 -18.24 6.25
C ARG E 58 12.00 -17.62 5.86
N VAL E 59 11.95 -16.45 5.24
CA VAL E 59 13.16 -15.76 4.82
C VAL E 59 13.13 -14.29 5.21
N LEU E 60 14.24 -13.79 5.76
CA LEU E 60 14.34 -12.40 6.18
C LEU E 60 15.58 -11.74 5.60
N ILE E 61 15.36 -10.75 4.73
CA ILE E 61 16.46 -10.03 4.11
C ILE E 61 16.54 -8.59 4.61
N GLY E 62 17.76 -8.11 4.81
CA GLY E 62 17.95 -6.75 5.29
C GLY E 62 18.55 -6.71 6.68
N ASN E 63 18.61 -5.52 7.26
CA ASN E 63 19.15 -5.35 8.60
C ASN E 63 18.05 -5.09 9.62
N GLU E 64 18.31 -5.45 10.88
CA GLU E 64 17.34 -5.25 11.94
C GLU E 64 17.82 -4.19 12.93
N TYR E 65 16.87 -3.41 13.45
CA TYR E 65 17.21 -2.36 14.40
C TYR E 65 16.40 -2.51 15.69
N GLY E 66 17.10 -2.57 16.82
CA GLY E 66 16.43 -2.72 18.09
C GLY E 66 15.47 -3.88 18.11
N GLY E 67 15.75 -4.91 17.31
CA GLY E 67 14.89 -6.07 17.26
C GLY E 67 15.41 -7.22 18.09
N LYS E 68 16.30 -6.91 19.03
CA LYS E 68 16.88 -7.92 19.90
C LYS E 68 17.49 -9.06 19.08
N GLY E 69 18.05 -8.72 17.93
CA GLY E 69 18.66 -9.73 17.08
C GLY E 69 17.67 -10.35 16.11
N PHE E 70 17.23 -11.56 16.41
CA PHE E 70 16.28 -12.26 15.54
C PHE E 70 15.06 -11.38 15.27
N TRP E 71 14.36 -11.68 14.18
CA TRP E 71 13.18 -10.93 13.80
C TRP E 71 12.01 -11.23 14.74
N ASP E 72 11.16 -10.23 14.95
CA ASP E 72 10.00 -10.40 15.83
C ASP E 72 10.45 -10.73 17.25
N ASN E 73 9.47 -10.90 18.14
CA ASN E 73 9.75 -11.22 19.53
C ASN E 73 10.53 -10.08 20.20
N HIS E 74 9.83 -9.31 21.03
CA HIS E 74 10.44 -8.20 21.74
C HIS E 74 10.71 -8.56 23.20
N HIS E 75 11.18 -7.58 23.96
CA HIS E 75 11.47 -7.79 25.38
C HIS E 75 10.19 -7.97 26.18
N HIS E 76 10.17 -8.96 27.06
CA HIS E 76 9.00 -9.24 27.89
C HIS E 76 9.40 -9.45 29.34
N HIS E 77 10.24 -10.45 29.58
CA HIS E 77 10.71 -10.75 30.93
C HIS E 77 9.53 -11.02 31.86
N HIS E 78 9.06 -12.27 31.86
CA HIS E 78 7.93 -12.66 32.70
C HIS E 78 8.36 -12.73 34.17
N HIS E 79 7.50 -12.22 35.05
CA HIS E 79 7.78 -12.22 36.48
C HIS E 79 7.69 -13.64 37.05
N MET A 1 -14.59 23.75 -20.35
CA MET A 1 -15.07 24.76 -21.29
C MET A 1 -16.58 24.68 -21.44
N LYS A 2 -17.29 25.52 -20.70
CA LYS A 2 -18.75 25.54 -20.75
C LYS A 2 -19.30 26.65 -19.87
N ILE A 3 -20.62 26.84 -19.92
CA ILE A 3 -21.28 27.86 -19.12
C ILE A 3 -21.80 27.29 -17.80
N ASP A 4 -22.31 28.16 -16.94
CA ASP A 4 -22.83 27.74 -15.65
C ASP A 4 -21.77 27.02 -14.83
N ALA A 5 -22.12 26.63 -13.62
CA ALA A 5 -21.20 25.92 -12.74
C ALA A 5 -21.95 25.10 -11.70
N ILE A 6 -21.35 23.98 -11.29
CA ILE A 6 -21.96 23.09 -10.31
C ILE A 6 -20.91 22.42 -9.44
N VAL A 7 -20.20 21.47 -10.03
CA VAL A 7 -19.15 20.74 -9.31
C VAL A 7 -18.41 19.77 -10.24
N GLY A 8 -17.16 19.50 -9.91
CA GLY A 8 -16.36 18.59 -10.72
C GLY A 8 -14.89 18.62 -10.36
N ARG A 9 -14.17 17.57 -10.74
CA ARG A 9 -12.75 17.48 -10.44
C ARG A 9 -12.16 16.18 -11.00
N ASN A 10 -12.68 15.74 -12.13
CA ASN A 10 -12.21 14.52 -12.76
C ASN A 10 -12.20 14.65 -14.28
N SER A 11 -11.19 14.06 -14.91
CA SER A 11 -11.07 14.12 -16.37
C SER A 11 -11.07 12.72 -16.98
N ALA A 12 -11.79 12.56 -18.09
CA ALA A 12 -11.87 11.27 -18.77
C ALA A 12 -11.63 11.42 -20.26
N LYS A 13 -10.89 10.48 -20.84
CA LYS A 13 -10.58 10.51 -22.26
C LYS A 13 -11.51 9.59 -23.04
N ASP A 14 -12.00 8.54 -22.37
CA ASP A 14 -12.91 7.58 -23.00
C ASP A 14 -13.57 6.70 -21.95
N ILE A 15 -14.86 6.46 -22.12
CA ILE A 15 -15.61 5.62 -21.19
C ILE A 15 -16.57 4.69 -21.93
N ARG A 16 -16.34 3.39 -21.79
CA ARG A 16 -17.18 2.39 -22.45
C ARG A 16 -17.65 1.34 -21.45
N THR A 17 -18.97 1.19 -21.33
CA THR A 17 -19.56 0.22 -20.41
C THR A 17 -20.69 -0.54 -21.07
N GLU A 18 -20.92 -1.78 -20.62
CA GLU A 18 -21.98 -2.61 -21.16
C GLU A 18 -22.41 -3.67 -20.16
N GLU A 19 -23.61 -4.21 -20.34
CA GLU A 19 -24.13 -5.23 -19.45
C GLU A 19 -24.32 -4.69 -18.04
N ARG A 20 -25.45 -4.02 -17.82
CA ARG A 20 -25.75 -3.45 -16.50
C ARG A 20 -24.47 -2.91 -15.84
N ALA A 21 -23.83 -1.95 -16.51
CA ALA A 21 -22.60 -1.36 -15.99
C ALA A 21 -22.87 0.03 -15.42
N ARG A 22 -22.17 0.38 -14.34
CA ARG A 22 -22.34 1.67 -13.71
C ARG A 22 -20.99 2.38 -13.58
N VAL A 23 -20.98 3.67 -13.91
CA VAL A 23 -19.76 4.47 -13.82
C VAL A 23 -20.06 5.88 -13.35
N GLN A 24 -19.44 6.27 -12.23
CA GLN A 24 -19.65 7.60 -11.68
C GLN A 24 -18.31 8.32 -11.50
N LEU A 25 -18.28 9.60 -11.85
CA LEU A 25 -17.07 10.42 -11.72
C LEU A 25 -17.36 11.72 -10.98
N GLY A 26 -16.70 11.89 -9.83
CA GLY A 26 -16.90 13.10 -9.04
C GLY A 26 -16.75 12.85 -7.55
N ASN A 27 -17.26 13.78 -6.75
CA ASN A 27 -17.18 13.64 -5.30
C ASN A 27 -18.41 12.93 -4.75
N VAL A 28 -18.18 12.03 -3.80
CA VAL A 28 -19.27 11.28 -3.18
C VAL A 28 -19.32 11.52 -1.68
N VAL A 29 -20.52 11.81 -1.18
CA VAL A 29 -20.71 12.06 0.25
C VAL A 29 -21.74 11.10 0.85
N THR A 30 -21.35 10.45 1.94
CA THR A 30 -22.23 9.50 2.61
C THR A 30 -23.03 10.17 3.73
N ALA A 31 -23.94 9.42 4.34
CA ALA A 31 -24.75 9.95 5.42
C ALA A 31 -23.90 10.35 6.62
N ALA A 32 -22.82 9.59 6.85
CA ALA A 32 -21.92 9.87 7.96
C ALA A 32 -21.37 11.29 7.88
N ALA A 33 -21.10 11.75 6.67
CA ALA A 33 -20.57 13.08 6.45
C ALA A 33 -21.60 14.15 6.80
N LEU A 34 -22.59 14.32 5.92
CA LEU A 34 -23.64 15.31 6.15
C LEU A 34 -23.06 16.72 6.19
N HIS A 35 -23.89 17.68 6.58
CA HIS A 35 -23.47 19.07 6.68
C HIS A 35 -22.20 19.19 7.51
N GLY A 36 -21.09 19.50 6.85
CA GLY A 36 -19.83 19.64 7.55
C GLY A 36 -18.63 19.31 6.67
N GLY A 37 -17.43 19.45 7.22
CA GLY A 37 -16.23 19.16 6.47
C GLY A 37 -15.41 20.40 6.17
N ILE A 38 -14.20 20.45 6.70
CA ILE A 38 -13.31 21.58 6.49
C ILE A 38 -11.85 21.16 6.53
N ARG A 39 -10.95 22.14 6.43
CA ARG A 39 -9.52 21.87 6.46
C ARG A 39 -9.11 21.01 5.27
N ILE A 40 -8.46 21.65 4.29
CA ILE A 40 -8.01 20.94 3.09
C ILE A 40 -6.77 21.60 2.51
N SER A 41 -6.17 20.93 1.53
CA SER A 41 -4.96 21.45 0.88
C SER A 41 -4.49 20.51 -0.22
N ASP A 42 -3.30 20.76 -0.74
CA ASP A 42 -2.73 19.94 -1.80
C ASP A 42 -3.58 20.02 -3.06
N GLN A 43 -3.04 19.53 -4.18
CA GLN A 43 -3.74 19.54 -5.45
C GLN A 43 -3.92 18.13 -5.99
N THR A 44 -4.97 17.45 -5.52
CA THR A 44 -5.25 16.09 -5.96
C THR A 44 -6.33 16.06 -7.02
N THR A 45 -6.01 15.51 -8.19
CA THR A 45 -6.96 15.42 -9.28
C THR A 45 -7.02 14.01 -9.86
N ASN A 46 -8.22 13.56 -10.21
CA ASN A 46 -8.41 12.23 -10.76
C ASN A 46 -8.52 12.29 -12.28
N SER A 47 -7.69 11.51 -12.98
CA SER A 47 -7.71 11.48 -14.43
C SER A 47 -7.65 10.04 -14.94
N VAL A 48 -8.64 9.67 -15.75
CA VAL A 48 -8.71 8.33 -16.31
C VAL A 48 -8.64 8.37 -17.84
N GLU A 49 -7.69 7.63 -18.40
CA GLU A 49 -7.53 7.57 -19.85
C GLU A 49 -8.74 6.92 -20.51
N THR A 50 -8.84 5.61 -20.39
CA THR A 50 -9.94 4.86 -20.98
C THR A 50 -10.48 3.81 -20.02
N VAL A 51 -11.80 3.74 -19.91
CA VAL A 51 -12.45 2.78 -19.02
C VAL A 51 -13.32 1.80 -19.80
N VAL A 52 -13.09 0.51 -19.60
CA VAL A 52 -13.87 -0.52 -20.29
C VAL A 52 -14.44 -1.51 -19.30
N GLY A 53 -15.76 -1.60 -19.25
CA GLY A 53 -16.42 -2.52 -18.34
C GLY A 53 -17.40 -3.45 -19.05
N LYS A 54 -17.31 -4.73 -18.74
CA LYS A 54 -18.18 -5.73 -19.36
C LYS A 54 -18.79 -6.65 -18.31
N GLY A 55 -20.02 -7.11 -18.55
CA GLY A 55 -20.69 -7.98 -17.62
C GLY A 55 -20.70 -7.44 -16.20
N GLU A 56 -21.66 -6.57 -15.91
CA GLU A 56 -21.77 -5.97 -14.59
C GLU A 56 -20.44 -5.36 -14.16
N SER A 57 -20.16 -4.16 -14.66
CA SER A 57 -18.92 -3.47 -14.33
C SER A 57 -19.20 -2.21 -13.50
N ARG A 58 -18.30 -1.90 -12.59
CA ARG A 58 -18.45 -0.72 -11.74
C ARG A 58 -17.15 0.08 -11.69
N VAL A 59 -17.25 1.38 -11.96
CA VAL A 59 -16.09 2.25 -11.96
C VAL A 59 -16.41 3.59 -11.29
N LEU A 60 -15.65 3.94 -10.26
CA LEU A 60 -15.86 5.19 -9.54
C LEU A 60 -14.60 6.06 -9.58
N ILE A 61 -14.69 7.18 -10.28
CA ILE A 61 -13.56 8.10 -10.39
C ILE A 61 -13.76 9.31 -9.50
N GLY A 62 -13.04 9.35 -8.38
CA GLY A 62 -13.14 10.47 -7.46
C GLY A 62 -12.92 10.05 -6.02
N ASN A 63 -13.22 10.96 -5.09
CA ASN A 63 -13.05 10.68 -3.67
C ASN A 63 -14.40 10.59 -2.97
N GLU A 64 -14.47 9.79 -1.92
CA GLU A 64 -15.70 9.61 -1.16
C GLU A 64 -15.50 9.99 0.30
N TYR A 65 -16.24 10.99 0.76
CA TYR A 65 -16.15 11.44 2.14
C TYR A 65 -17.38 11.05 2.94
N GLY A 66 -17.21 10.91 4.25
CA GLY A 66 -18.32 10.53 5.10
C GLY A 66 -18.03 9.26 5.91
N GLY A 67 -18.85 8.24 5.70
CA GLY A 67 -18.66 6.99 6.42
C GLY A 67 -19.56 5.89 5.90
N LYS A 68 -20.04 5.05 6.81
CA LYS A 68 -20.91 3.94 6.44
C LYS A 68 -20.15 2.88 5.64
N GLY A 69 -19.88 3.19 4.38
CA GLY A 69 -19.16 2.26 3.53
C GLY A 69 -18.24 2.96 2.54
N PHE A 70 -17.08 2.36 2.28
CA PHE A 70 -16.11 2.94 1.36
C PHE A 70 -16.70 3.07 -0.03
N TRP A 71 -17.74 2.29 -0.31
CA TRP A 71 -18.40 2.33 -1.60
C TRP A 71 -19.77 1.65 -1.54
N ASP A 72 -19.77 0.33 -1.37
CA ASP A 72 -21.01 -0.43 -1.30
C ASP A 72 -21.16 -1.08 0.09
N ASN A 73 -20.12 -0.96 0.90
CA ASN A 73 -20.15 -1.53 2.25
C ASN A 73 -20.11 -3.06 2.19
N HIS A 74 -21.24 -3.66 1.83
CA HIS A 74 -21.34 -5.11 1.73
C HIS A 74 -21.16 -5.57 0.29
N HIS A 75 -20.38 -6.63 0.11
CA HIS A 75 -20.13 -7.17 -1.22
C HIS A 75 -20.29 -8.69 -1.23
N HIS A 76 -19.37 -9.38 -0.57
CA HIS A 76 -19.42 -10.84 -0.49
C HIS A 76 -18.32 -11.37 0.43
N HIS A 77 -18.43 -12.65 0.79
CA HIS A 77 -17.44 -13.27 1.67
C HIS A 77 -16.36 -13.98 0.86
N HIS A 78 -15.32 -14.45 1.55
CA HIS A 78 -14.22 -15.14 0.90
C HIS A 78 -13.34 -15.84 1.92
N HIS A 79 -12.36 -16.61 1.43
CA HIS A 79 -11.45 -17.34 2.31
C HIS A 79 -10.15 -17.68 1.58
N MET B 1 5.74 23.95 14.45
CA MET B 1 4.52 24.51 13.88
C MET B 1 3.40 23.47 13.89
N LYS B 2 2.19 23.91 13.55
CA LYS B 2 1.04 23.01 13.52
C LYS B 2 0.16 23.31 12.30
N ILE B 3 0.25 22.45 11.29
CA ILE B 3 -0.53 22.62 10.08
C ILE B 3 -1.16 21.29 9.64
N ASP B 4 -1.91 21.33 8.54
CA ASP B 4 -2.55 20.13 8.02
C ASP B 4 -2.49 20.10 6.49
N ALA B 5 -2.24 18.92 5.94
CA ALA B 5 -2.14 18.76 4.50
C ALA B 5 -2.57 17.35 4.07
N ILE B 6 -2.73 17.15 2.78
CA ILE B 6 -3.13 15.85 2.24
C ILE B 6 -2.43 15.55 0.92
N VAL B 7 -2.75 14.41 0.34
CA VAL B 7 -2.16 14.00 -0.93
C VAL B 7 -3.14 13.19 -1.76
N GLY B 8 -2.75 12.90 -3.01
CA GLY B 8 -3.61 12.12 -3.89
C GLY B 8 -3.02 11.97 -5.27
N ARG B 9 -3.49 12.78 -6.21
CA ARG B 9 -3.01 12.73 -7.59
C ARG B 9 -3.08 11.31 -8.13
N ASN B 10 -4.23 10.95 -8.70
CA ASN B 10 -4.43 9.61 -9.26
C ASN B 10 -4.63 9.68 -10.77
N SER B 11 -3.76 9.01 -11.51
CA SER B 11 -3.84 9.00 -12.97
C SER B 11 -3.78 7.58 -13.50
N ALA B 12 -4.62 7.28 -14.49
CA ALA B 12 -4.66 5.95 -15.10
C ALA B 12 -4.49 6.04 -16.60
N LYS B 13 -3.96 4.96 -17.19
CA LYS B 13 -3.74 4.91 -18.63
C LYS B 13 -4.75 3.99 -19.30
N ASP B 14 -5.23 3.00 -18.55
CA ASP B 14 -6.21 2.05 -19.07
C ASP B 14 -6.86 1.27 -17.94
N ILE B 15 -8.17 1.07 -18.04
CA ILE B 15 -8.92 0.35 -17.02
C ILE B 15 -9.89 -0.65 -17.66
N ARG B 16 -9.74 -1.93 -17.30
CA ARG B 16 -10.60 -2.97 -17.84
C ARG B 16 -11.08 -3.90 -16.73
N THR B 17 -12.40 -3.93 -16.51
CA THR B 17 -12.98 -4.78 -15.49
C THR B 17 -14.15 -5.58 -16.03
N GLU B 18 -14.31 -6.80 -15.53
CA GLU B 18 -15.40 -7.67 -15.97
C GLU B 18 -15.76 -8.68 -14.88
N GLU B 19 -16.95 -9.26 -15.00
CA GLU B 19 -17.43 -10.23 -14.02
C GLU B 19 -17.59 -9.58 -12.65
N ARG B 20 -18.59 -8.71 -12.53
CA ARG B 20 -18.85 -8.03 -11.27
C ARG B 20 -17.57 -7.45 -10.68
N ALA B 21 -16.88 -6.62 -11.45
CA ALA B 21 -15.64 -6.01 -11.01
C ALA B 21 -15.86 -4.55 -10.62
N ARG B 22 -15.14 -4.10 -9.60
CA ARG B 22 -15.25 -2.72 -9.14
C ARG B 22 -13.89 -2.05 -9.09
N VAL B 23 -13.82 -0.81 -9.58
CA VAL B 23 -12.58 -0.05 -9.59
C VAL B 23 -12.80 1.38 -9.14
N GLN B 24 -12.09 1.78 -8.08
CA GLN B 24 -12.21 3.13 -7.54
C GLN B 24 -10.87 3.85 -7.55
N LEU B 25 -10.86 5.09 -8.02
CA LEU B 25 -9.64 5.88 -8.07
C LEU B 25 -9.85 7.26 -7.44
N GLY B 26 -9.08 7.54 -6.39
CA GLY B 26 -9.20 8.82 -5.72
C GLY B 26 -8.81 8.75 -4.25
N ASN B 27 -9.77 9.00 -3.38
CA ASN B 27 -9.52 8.96 -1.94
C ASN B 27 -10.73 8.42 -1.18
N VAL B 28 -10.47 7.59 -0.18
CA VAL B 28 -11.52 7.00 0.62
C VAL B 28 -11.42 7.43 2.07
N VAL B 29 -12.44 8.15 2.55
CA VAL B 29 -12.46 8.63 3.93
C VAL B 29 -13.63 8.01 4.70
N THR B 30 -13.32 7.44 5.87
CA THR B 30 -14.34 6.81 6.70
C THR B 30 -14.91 7.81 7.71
N ALA B 31 -15.92 7.38 8.46
CA ALA B 31 -16.54 8.23 9.47
C ALA B 31 -15.55 8.60 10.56
N ALA B 32 -14.75 7.63 10.99
CA ALA B 32 -13.76 7.86 12.04
C ALA B 32 -12.74 8.91 11.60
N ALA B 33 -12.37 8.87 10.32
CA ALA B 33 -11.41 9.82 9.79
C ALA B 33 -11.80 11.25 10.10
N LEU B 34 -10.96 11.94 10.87
CA LEU B 34 -11.24 13.33 11.25
C LEU B 34 -9.94 14.07 11.56
N HIS B 35 -9.18 13.56 12.51
CA HIS B 35 -7.91 14.18 12.89
C HIS B 35 -6.75 13.22 12.64
N GLY B 36 -5.81 13.65 11.80
CA GLY B 36 -4.66 12.83 11.50
C GLY B 36 -3.42 13.24 12.28
N GLY B 37 -2.28 13.25 11.61
CA GLY B 37 -1.04 13.63 12.26
C GLY B 37 -0.95 15.12 12.52
N ILE B 38 0.14 15.53 13.16
CA ILE B 38 0.35 16.95 13.48
C ILE B 38 1.49 17.54 12.66
N ARG B 39 1.17 18.50 11.82
CA ARG B 39 2.16 19.15 10.97
C ARG B 39 2.79 18.15 10.01
N ILE B 40 2.30 18.13 8.77
CA ILE B 40 2.80 17.22 7.76
C ILE B 40 2.63 17.80 6.36
N SER B 41 3.59 17.51 5.48
CA SER B 41 3.54 18.01 4.11
C SER B 41 4.12 16.98 3.15
N ASP B 42 3.25 16.29 2.42
CA ASP B 42 3.69 15.29 1.46
C ASP B 42 3.05 15.54 0.10
N GLN B 43 3.39 14.69 -0.87
CA GLN B 43 2.86 14.81 -2.22
C GLN B 43 2.95 13.49 -2.97
N THR B 44 2.11 12.53 -2.56
CA THR B 44 2.09 11.22 -3.19
C THR B 44 1.22 11.22 -4.44
N THR B 45 1.71 10.57 -5.50
CA THR B 45 0.97 10.50 -6.75
C THR B 45 0.89 9.06 -7.26
N ASN B 46 -0.31 8.50 -7.26
CA ASN B 46 -0.52 7.13 -7.71
C ASN B 46 -0.82 7.10 -9.21
N SER B 47 -0.06 6.29 -9.95
CA SER B 47 -0.23 6.18 -11.38
C SER B 47 -0.33 4.71 -11.80
N VAL B 48 -1.42 4.36 -12.47
CA VAL B 48 -1.63 2.99 -12.93
C VAL B 48 -1.67 2.92 -14.45
N GLU B 49 -0.82 2.06 -15.02
CA GLU B 49 -0.74 1.90 -16.46
C GLU B 49 -2.03 1.28 -17.00
N THR B 50 -2.17 -0.02 -16.81
CA THR B 50 -3.35 -0.74 -17.29
C THR B 50 -3.86 -1.72 -16.23
N VAL B 51 -5.17 -1.78 -16.05
CA VAL B 51 -5.78 -2.67 -15.08
C VAL B 51 -6.69 -3.69 -15.77
N VAL B 52 -6.48 -4.97 -15.46
CA VAL B 52 -7.28 -6.04 -16.05
C VAL B 52 -7.85 -6.95 -14.96
N GLY B 53 -9.18 -6.98 -14.87
CA GLY B 53 -9.83 -7.81 -13.88
C GLY B 53 -10.74 -8.86 -14.50
N LYS B 54 -10.60 -10.10 -14.04
CA LYS B 54 -11.41 -11.19 -14.55
C LYS B 54 -11.99 -12.03 -13.41
N GLY B 55 -13.32 -12.18 -13.41
CA GLY B 55 -13.97 -12.96 -12.37
C GLY B 55 -13.86 -12.30 -10.99
N GLU B 56 -14.77 -11.37 -10.72
CA GLU B 56 -14.77 -10.67 -9.44
C GLU B 56 -13.40 -10.04 -9.16
N SER B 57 -13.19 -8.84 -9.71
CA SER B 57 -11.93 -8.13 -9.52
C SER B 57 -12.16 -6.79 -8.82
N ARG B 58 -11.19 -6.40 -7.99
CA ARG B 58 -11.28 -5.15 -7.26
C ARG B 58 -9.96 -4.38 -7.31
N VAL B 59 -10.03 -3.12 -7.72
CA VAL B 59 -8.84 -2.28 -7.82
C VAL B 59 -9.10 -0.89 -7.23
N LEU B 60 -8.26 -0.50 -6.27
CA LEU B 60 -8.40 0.80 -5.63
C LEU B 60 -7.12 1.62 -5.79
N ILE B 61 -7.20 2.69 -6.57
CA ILE B 61 -6.06 3.55 -6.81
C ILE B 61 -6.17 4.85 -6.01
N GLY B 62 -5.39 4.94 -4.93
CA GLY B 62 -5.42 6.13 -4.09
C GLY B 62 -5.09 5.83 -2.65
N ASN B 63 -5.47 6.73 -1.75
CA ASN B 63 -5.21 6.56 -0.33
C ASN B 63 -6.51 6.42 0.45
N GLU B 64 -6.47 5.65 1.54
CA GLU B 64 -7.64 5.44 2.38
C GLU B 64 -7.38 5.90 3.81
N TYR B 65 -8.15 6.87 4.26
CA TYR B 65 -8.00 7.40 5.61
C TYR B 65 -9.21 7.05 6.47
N GLY B 66 -8.97 6.46 7.64
CA GLY B 66 -10.04 6.09 8.53
C GLY B 66 -9.75 4.81 9.29
N GLY B 67 -9.31 3.77 8.57
CA GLY B 67 -8.99 2.51 9.20
C GLY B 67 -10.24 1.75 9.61
N LYS B 68 -11.40 2.20 9.14
CA LYS B 68 -12.66 1.55 9.46
C LYS B 68 -12.84 0.28 8.64
N GLY B 69 -11.93 -0.67 8.81
CA GLY B 69 -12.01 -1.92 8.08
C GLY B 69 -11.15 -1.92 6.83
N PHE B 70 -10.20 -2.85 6.78
CA PHE B 70 -9.30 -2.96 5.64
C PHE B 70 -10.09 -2.99 4.32
N TRP B 71 -10.01 -1.89 3.57
CA TRP B 71 -10.71 -1.80 2.30
C TRP B 71 -12.22 -1.66 2.52
N ASP B 72 -12.84 -2.73 2.98
CA ASP B 72 -14.29 -2.72 3.24
C ASP B 72 -14.57 -3.05 4.70
N ASN B 73 -15.85 -3.27 5.01
CA ASN B 73 -16.26 -3.59 6.37
C ASN B 73 -15.48 -4.78 6.91
N HIS B 74 -15.32 -5.79 6.08
CA HIS B 74 -14.58 -7.00 6.47
C HIS B 74 -15.29 -7.71 7.62
N HIS B 75 -15.94 -8.83 7.30
CA HIS B 75 -16.67 -9.61 8.31
C HIS B 75 -16.25 -11.08 8.25
N HIS B 76 -15.16 -11.40 8.95
CA HIS B 76 -14.66 -12.77 8.98
C HIS B 76 -14.68 -13.32 10.40
N HIS B 77 -14.26 -14.57 10.56
CA HIS B 77 -14.22 -15.21 11.87
C HIS B 77 -13.13 -16.28 11.93
N HIS B 78 -12.05 -16.05 11.19
CA HIS B 78 -10.94 -16.99 11.16
C HIS B 78 -9.61 -16.26 11.28
N HIS B 79 -8.53 -17.03 11.43
CA HIS B 79 -7.20 -16.45 11.56
C HIS B 79 -6.31 -16.85 10.38
N MET C 1 4.78 12.34 -28.55
CA MET C 1 3.37 12.57 -28.27
C MET C 1 3.12 12.66 -26.76
N LYS C 2 3.35 11.56 -26.06
CA LYS C 2 3.16 11.52 -24.62
C LYS C 2 4.36 12.11 -23.88
N ILE C 3 4.14 13.24 -23.20
CA ILE C 3 5.21 13.90 -22.46
C ILE C 3 4.66 15.06 -21.64
N ASP C 4 5.10 15.15 -20.39
CA ASP C 4 4.66 16.22 -19.49
C ASP C 4 5.46 16.22 -18.19
N ALA C 5 5.18 15.24 -17.34
CA ALA C 5 5.88 15.11 -16.06
C ALA C 5 5.56 13.79 -15.39
N ILE C 6 6.27 12.74 -15.79
CA ILE C 6 6.06 11.41 -15.22
C ILE C 6 6.71 11.30 -13.84
N VAL C 7 6.14 11.98 -12.87
CA VAL C 7 6.66 11.96 -11.51
C VAL C 7 5.66 11.33 -10.54
N GLY C 8 6.08 11.15 -9.29
CA GLY C 8 5.21 10.57 -8.29
C GLY C 8 5.93 9.59 -7.39
N ARG C 9 5.18 8.66 -6.81
CA ARG C 9 5.75 7.66 -5.91
C ARG C 9 5.35 6.26 -6.33
N ASN C 10 4.08 5.92 -6.11
CA ASN C 10 3.57 4.60 -6.47
C ASN C 10 3.16 4.56 -7.94
N SER C 11 3.93 3.82 -8.74
CA SER C 11 3.65 3.70 -10.17
C SER C 11 3.66 2.24 -10.60
N ALA C 12 2.69 1.88 -11.44
CA ALA C 12 2.59 0.50 -11.93
C ALA C 12 2.61 0.47 -13.46
N LYS C 13 3.12 -0.64 -14.01
CA LYS C 13 3.20 -0.80 -15.46
C LYS C 13 2.09 -1.72 -15.96
N ASP C 14 1.62 -2.59 -15.09
CA ASP C 14 0.56 -3.53 -15.46
C ASP C 14 -0.05 -4.17 -14.21
N ILE C 15 -1.37 -4.31 -14.20
CA ILE C 15 -2.07 -4.90 -13.07
C ILE C 15 -3.15 -5.87 -13.54
N ARG C 16 -3.00 -7.14 -13.18
CA ARG C 16 -3.96 -8.16 -13.56
C ARG C 16 -4.37 -9.00 -12.35
N THR C 17 -5.66 -8.98 -12.04
CA THR C 17 -6.19 -9.73 -10.91
C THR C 17 -7.44 -10.52 -11.31
N GLU C 18 -7.65 -11.65 -10.64
CA GLU C 18 -8.82 -12.49 -10.92
C GLU C 18 -9.16 -13.36 -9.72
N GLU C 19 -10.35 -13.96 -9.75
CA GLU C 19 -10.80 -14.82 -8.66
C GLU C 19 -10.88 -14.04 -7.35
N ARG C 20 -11.82 -13.10 -7.29
CA ARG C 20 -11.99 -12.28 -6.10
C ARG C 20 -10.67 -11.73 -5.61
N ALA C 21 -9.98 -10.99 -6.47
CA ALA C 21 -8.70 -10.39 -6.13
C ALA C 21 -8.84 -8.89 -5.86
N ARG C 22 -8.00 -8.39 -4.96
CA ARG C 22 -8.02 -6.98 -4.60
C ARG C 22 -6.64 -6.36 -4.70
N VAL C 23 -6.55 -5.17 -5.28
CA VAL C 23 -5.28 -4.47 -5.43
C VAL C 23 -5.41 -3.00 -5.07
N GLN C 24 -4.63 -2.57 -4.08
CA GLN C 24 -4.65 -1.18 -3.64
C GLN C 24 -3.30 -0.51 -3.85
N LEU C 25 -3.33 0.72 -4.34
CA LEU C 25 -2.11 1.48 -4.59
C LEU C 25 -2.18 2.87 -3.96
N GLY C 26 -1.27 3.14 -3.04
CA GLY C 26 -1.24 4.43 -2.38
C GLY C 26 -0.96 4.32 -0.89
N ASN C 27 -1.15 5.42 -0.17
CA ASN C 27 -0.90 5.43 1.27
C ASN C 27 -2.17 5.11 2.05
N VAL C 28 -2.02 4.41 3.17
CA VAL C 28 -3.15 4.04 4.00
C VAL C 28 -2.96 4.48 5.43
N VAL C 29 -3.92 5.25 5.95
CA VAL C 29 -3.85 5.75 7.32
C VAL C 29 -5.07 5.31 8.12
N THR C 30 -4.84 4.54 9.17
CA THR C 30 -5.91 4.06 10.03
C THR C 30 -6.40 5.14 10.98
N ALA C 31 -7.45 4.85 11.73
CA ALA C 31 -8.00 5.80 12.68
C ALA C 31 -7.00 6.13 13.78
N ALA C 32 -6.36 5.10 14.32
CA ALA C 32 -5.38 5.28 15.38
C ALA C 32 -4.28 6.24 14.95
N ALA C 33 -3.91 6.18 13.67
CA ALA C 33 -2.87 7.04 13.12
C ALA C 33 -3.22 8.52 13.31
N LEU C 34 -2.67 9.13 14.35
CA LEU C 34 -2.93 10.53 14.62
C LEU C 34 -1.64 11.29 14.89
N HIS C 35 -0.54 10.78 14.33
CA HIS C 35 0.77 11.41 14.51
C HIS C 35 1.42 11.68 13.16
N GLY C 36 2.59 12.31 13.19
CA GLY C 36 3.29 12.63 11.96
C GLY C 36 4.79 12.52 12.11
N GLY C 37 5.47 13.65 12.11
CA GLY C 37 6.92 13.65 12.25
C GLY C 37 7.46 14.99 12.72
N ILE C 38 7.23 16.03 11.92
CA ILE C 38 7.69 17.36 12.26
C ILE C 38 9.21 17.42 12.31
N ARG C 39 9.85 17.40 11.15
CA ARG C 39 11.30 17.44 11.05
C ARG C 39 11.76 17.44 9.61
N ILE C 40 11.59 16.30 8.93
CA ILE C 40 11.98 16.18 7.54
C ILE C 40 10.78 15.84 6.66
N SER C 41 10.83 16.29 5.40
CA SER C 41 9.75 16.04 4.46
C SER C 41 10.20 15.06 3.38
N ASP C 42 10.66 13.89 3.80
CA ASP C 42 11.12 12.87 2.87
C ASP C 42 9.93 12.08 2.31
N GLN C 43 10.22 11.11 1.45
CA GLN C 43 9.19 10.29 0.84
C GLN C 43 9.80 9.18 0.00
N THR C 44 9.25 7.97 0.13
CA THR C 44 9.75 6.82 -0.62
C THR C 44 8.85 6.52 -1.81
N THR C 45 9.47 6.22 -2.95
CA THR C 45 8.72 5.90 -4.16
C THR C 45 8.81 4.43 -4.50
N ASN C 46 7.68 3.84 -4.88
CA ASN C 46 7.64 2.43 -5.25
C ASN C 46 7.18 2.24 -6.69
N SER C 47 7.83 1.30 -7.39
CA SER C 47 7.49 1.03 -8.78
C SER C 47 7.30 -0.46 -9.01
N VAL C 48 6.14 -0.84 -9.52
CA VAL C 48 5.84 -2.24 -9.79
C VAL C 48 5.73 -2.50 -11.29
N GLU C 49 6.49 -3.49 -11.76
CA GLU C 49 6.48 -3.84 -13.18
C GLU C 49 5.12 -4.42 -13.59
N THR C 50 4.87 -5.65 -13.19
CA THR C 50 3.61 -6.32 -13.51
C THR C 50 3.10 -7.13 -12.33
N VAL C 51 1.80 -7.04 -12.07
CA VAL C 51 1.19 -7.78 -10.97
C VAL C 51 0.13 -8.76 -11.49
N VAL C 52 0.27 -10.03 -11.09
CA VAL C 52 -0.67 -11.06 -11.50
C VAL C 52 -1.22 -11.81 -10.31
N GLY C 53 -2.55 -11.89 -10.22
CA GLY C 53 -3.18 -12.59 -9.12
C GLY C 53 -4.14 -13.66 -9.59
N LYS C 54 -4.04 -14.85 -9.00
CA LYS C 54 -4.91 -15.96 -9.36
C LYS C 54 -5.49 -16.63 -8.11
N GLY C 55 -6.75 -17.02 -8.19
CA GLY C 55 -7.40 -17.67 -7.06
C GLY C 55 -7.24 -16.88 -5.78
N GLU C 56 -7.90 -15.74 -5.69
CA GLU C 56 -7.83 -14.90 -4.50
C GLU C 56 -6.42 -14.36 -4.30
N SER C 57 -6.19 -13.13 -4.76
CA SER C 57 -4.88 -12.50 -4.64
C SER C 57 -5.01 -11.08 -4.09
N ARG C 58 -4.02 -10.67 -3.30
CA ARG C 58 -4.01 -9.34 -2.70
C ARG C 58 -2.68 -8.65 -2.92
N VAL C 59 -2.73 -7.44 -3.46
CA VAL C 59 -1.51 -6.67 -3.72
C VAL C 59 -1.66 -5.23 -3.23
N LEU C 60 -0.76 -4.80 -2.37
CA LEU C 60 -0.78 -3.44 -1.84
C LEU C 60 0.51 -2.70 -2.16
N ILE C 61 0.40 -1.70 -3.02
CA ILE C 61 1.57 -0.91 -3.41
C ILE C 61 1.54 0.48 -2.76
N GLY C 62 2.37 0.65 -1.73
CA GLY C 62 2.43 1.92 -1.04
C GLY C 62 2.89 1.77 0.40
N ASN C 63 2.45 2.70 1.25
CA ASN C 63 2.83 2.66 2.67
C ASN C 63 1.59 2.46 3.54
N GLU C 64 1.73 1.63 4.57
CA GLU C 64 0.63 1.35 5.49
C GLU C 64 0.93 1.93 6.87
N TYR C 65 0.08 2.85 7.32
CA TYR C 65 0.25 3.47 8.62
C TYR C 65 -0.90 3.11 9.56
N GLY C 66 -0.56 2.55 10.71
CA GLY C 66 -1.57 2.16 11.68
C GLY C 66 -1.05 1.17 12.71
N GLY C 67 -0.57 0.02 12.22
CA GLY C 67 -0.04 -0.99 13.12
C GLY C 67 -1.11 -1.99 13.54
N LYS C 68 -2.30 -1.50 13.84
CA LYS C 68 -3.41 -2.35 14.26
C LYS C 68 -3.60 -3.50 13.28
N GLY C 69 -3.27 -3.26 12.01
CA GLY C 69 -3.42 -4.30 11.00
C GLY C 69 -2.35 -4.20 9.92
N PHE C 70 -1.39 -5.12 9.95
CA PHE C 70 -0.32 -5.13 8.97
C PHE C 70 -0.87 -5.17 7.55
N TRP C 71 -2.09 -5.66 7.42
CA TRP C 71 -2.75 -5.76 6.11
C TRP C 71 -4.26 -5.71 6.25
N ASP C 72 -4.79 -6.58 7.11
CA ASP C 72 -6.24 -6.65 7.34
C ASP C 72 -6.55 -6.66 8.84
N ASN C 73 -7.70 -6.11 9.20
CA ASN C 73 -8.11 -6.06 10.60
C ASN C 73 -8.68 -7.41 11.04
N HIS C 74 -7.80 -8.30 11.48
CA HIS C 74 -8.22 -9.63 11.93
C HIS C 74 -7.08 -10.33 12.66
N HIS C 75 -7.31 -11.59 13.02
CA HIS C 75 -6.30 -12.37 13.73
C HIS C 75 -5.47 -13.18 12.74
N HIS C 76 -4.24 -13.51 13.15
CA HIS C 76 -3.33 -14.29 12.30
C HIS C 76 -2.04 -14.60 13.04
N HIS C 77 -1.77 -15.89 13.23
CA HIS C 77 -0.57 -16.33 13.92
C HIS C 77 -0.46 -17.85 13.92
N HIS C 78 0.65 -18.37 14.43
CA HIS C 78 0.87 -19.81 14.49
C HIS C 78 1.30 -20.23 15.90
N HIS C 79 1.48 -21.54 16.08
CA HIS C 79 1.89 -22.07 17.38
C HIS C 79 3.03 -23.07 17.21
N MET D 1 3.18 0.63 -22.65
CA MET D 1 4.24 0.83 -23.64
C MET D 1 4.85 2.22 -23.50
N LYS D 2 6.03 2.29 -22.89
CA LYS D 2 6.72 3.56 -22.70
C LYS D 2 8.19 3.33 -22.40
N ILE D 3 9.05 3.75 -23.32
CA ILE D 3 10.49 3.60 -23.16
C ILE D 3 10.96 4.20 -21.84
N ASP D 4 10.23 5.21 -21.37
CA ASP D 4 10.58 5.87 -20.12
C ASP D 4 10.35 4.94 -18.93
N ALA D 5 11.23 5.04 -17.94
CA ALA D 5 11.13 4.20 -16.74
C ALA D 5 11.09 5.06 -15.48
N ILE D 6 10.71 4.45 -14.36
CA ILE D 6 10.64 5.15 -13.10
C ILE D 6 11.19 4.29 -11.96
N VAL D 7 12.36 4.67 -11.45
CA VAL D 7 12.99 3.94 -10.36
C VAL D 7 12.64 4.55 -9.01
N GLY D 8 12.85 3.78 -7.95
CA GLY D 8 12.56 4.26 -6.62
C GLY D 8 13.12 3.35 -5.53
N ARG D 9 12.76 3.64 -4.28
CA ARG D 9 13.23 2.85 -3.15
C ARG D 9 12.96 1.36 -3.38
N ASN D 10 11.68 1.02 -3.54
CA ASN D 10 11.29 -0.37 -3.77
C ASN D 10 10.80 -0.57 -5.20
N SER D 11 11.54 -1.38 -5.95
CA SER D 11 11.18 -1.66 -7.34
C SER D 11 11.05 -3.16 -7.58
N ALA D 12 10.05 -3.54 -8.38
CA ALA D 12 9.81 -4.94 -8.69
C ALA D 12 9.77 -5.17 -10.20
N LYS D 13 10.21 -6.35 -10.63
CA LYS D 13 10.21 -6.69 -12.04
C LYS D 13 9.03 -7.58 -12.39
N ASP D 14 8.54 -8.32 -11.40
CA ASP D 14 7.41 -9.22 -11.60
C ASP D 14 6.82 -9.66 -10.26
N ILE D 15 5.49 -9.69 -10.20
CA ILE D 15 4.81 -10.09 -8.98
C ILE D 15 3.64 -11.02 -9.28
N ARG D 16 3.70 -12.24 -8.77
CA ARG D 16 2.64 -13.23 -8.98
C ARG D 16 2.26 -13.91 -7.68
N THR D 17 1.00 -13.74 -7.28
CA THR D 17 0.51 -14.34 -6.05
C THR D 17 -0.81 -15.07 -6.28
N GLU D 18 -1.06 -16.11 -5.49
CA GLU D 18 -2.29 -16.88 -5.61
C GLU D 18 -2.61 -17.60 -4.30
N GLU D 19 -3.83 -18.12 -4.21
CA GLU D 19 -4.25 -18.84 -3.01
C GLU D 19 -4.22 -17.94 -1.79
N ARG D 20 -5.09 -16.93 -1.79
CA ARG D 20 -5.17 -15.98 -0.67
C ARG D 20 -3.79 -15.44 -0.34
N ALA D 21 -3.02 -15.08 -1.37
CA ALA D 21 -1.68 -14.55 -1.18
C ALA D 21 -1.72 -13.03 -1.03
N ARG D 22 -0.73 -12.50 -0.32
CA ARG D 22 -0.64 -11.05 -0.10
C ARG D 22 0.79 -10.56 -0.31
N VAL D 23 0.92 -9.45 -1.03
CA VAL D 23 2.23 -8.86 -1.29
C VAL D 23 2.23 -7.36 -1.04
N GLN D 24 3.09 -6.91 -0.13
CA GLN D 24 3.19 -5.50 0.21
C GLN D 24 4.47 -4.90 -0.35
N LEU D 25 4.36 -3.72 -0.96
CA LEU D 25 5.51 -3.04 -1.54
C LEU D 25 5.56 -1.58 -1.08
N GLY D 26 6.63 -1.23 -0.38
CA GLY D 26 6.79 0.13 0.11
C GLY D 26 7.38 0.19 1.50
N ASN D 27 6.62 0.74 2.44
CA ASN D 27 7.09 0.85 3.82
C ASN D 27 5.92 0.70 4.80
N VAL D 28 6.12 -0.12 5.83
CA VAL D 28 5.09 -0.36 6.84
C VAL D 28 5.47 0.28 8.17
N VAL D 29 4.63 1.18 8.66
CA VAL D 29 4.88 1.85 9.92
C VAL D 29 3.72 1.65 10.89
N THR D 30 4.01 1.04 12.04
CA THR D 30 2.98 0.79 13.05
C THR D 30 2.52 2.08 13.71
N ALA D 31 1.53 1.97 14.58
CA ALA D 31 1.00 3.15 15.27
C ALA D 31 2.11 3.91 15.97
N ALA D 32 2.98 3.19 16.68
CA ALA D 32 4.08 3.81 17.39
C ALA D 32 5.00 4.56 16.44
N ALA D 33 5.40 3.89 15.36
CA ALA D 33 6.28 4.51 14.38
C ALA D 33 7.64 4.85 14.99
N LEU D 34 8.48 5.51 14.20
CA LEU D 34 9.81 5.89 14.66
C LEU D 34 9.73 6.64 15.99
N HIS D 35 10.15 5.98 17.06
CA HIS D 35 10.13 6.59 18.38
C HIS D 35 10.84 7.94 18.38
N GLY D 36 10.63 8.72 19.43
CA GLY D 36 11.26 10.02 19.53
C GLY D 36 10.40 11.13 18.93
N GLY D 37 9.84 10.87 17.75
CA GLY D 37 9.00 11.84 17.09
C GLY D 37 9.33 11.98 15.62
N ILE D 38 10.59 12.26 15.31
CA ILE D 38 11.02 12.41 13.93
C ILE D 38 10.74 11.16 13.12
N ARG D 39 10.39 11.36 11.85
CA ARG D 39 10.09 10.23 10.96
C ARG D 39 11.26 9.28 10.88
N ILE D 40 11.10 8.20 10.12
CA ILE D 40 12.14 7.21 9.95
C ILE D 40 13.40 7.85 9.36
N SER D 41 14.44 7.03 9.20
CA SER D 41 15.71 7.52 8.66
C SER D 41 16.45 6.39 7.93
N ASP D 42 16.21 6.28 6.62
CA ASP D 42 16.86 5.26 5.81
C ASP D 42 16.56 5.46 4.33
N GLN D 43 17.56 5.26 3.49
CA GLN D 43 17.40 5.42 2.05
C GLN D 43 17.72 4.13 1.31
N THR D 44 17.46 3.01 1.98
CA THR D 44 17.72 1.69 1.38
C THR D 44 16.83 1.45 0.18
N THR D 45 17.40 0.87 -0.88
CA THR D 45 16.66 0.59 -2.10
C THR D 45 16.52 -0.91 -2.31
N ASN D 46 15.31 -1.42 -2.13
CA ASN D 46 15.04 -2.85 -2.30
C ASN D 46 14.61 -3.15 -3.74
N SER D 47 15.24 -4.16 -4.33
CA SER D 47 14.93 -4.55 -5.69
C SER D 47 14.59 -6.05 -5.78
N VAL D 48 13.41 -6.35 -6.31
CA VAL D 48 12.95 -7.73 -6.44
C VAL D 48 12.73 -8.09 -7.91
N GLU D 49 13.32 -9.20 -8.33
CA GLU D 49 13.20 -9.67 -9.70
C GLU D 49 11.80 -10.21 -9.97
N THR D 50 11.54 -11.42 -9.46
CA THR D 50 10.23 -12.05 -9.64
C THR D 50 9.75 -12.69 -8.34
N VAL D 51 8.48 -12.48 -8.02
CA VAL D 51 7.89 -13.05 -6.81
C VAL D 51 6.76 -14.01 -7.14
N VAL D 52 6.84 -15.22 -6.59
CA VAL D 52 5.82 -16.24 -6.83
C VAL D 52 5.30 -16.80 -5.51
N GLY D 53 3.98 -16.70 -5.32
CA GLY D 53 3.38 -17.21 -4.10
C GLY D 53 2.30 -18.23 -4.38
N LYS D 54 2.34 -19.35 -3.67
CA LYS D 54 1.35 -20.41 -3.84
C LYS D 54 0.85 -20.89 -2.48
N GLY D 55 -0.44 -21.25 -2.44
CA GLY D 55 -1.03 -21.73 -1.20
C GLY D 55 -0.72 -20.83 -0.03
N GLU D 56 -1.32 -19.64 -0.02
CA GLU D 56 -1.10 -18.68 1.06
C GLU D 56 0.36 -18.23 1.11
N SER D 57 0.65 -17.12 0.44
CA SER D 57 2.01 -16.59 0.41
C SER D 57 2.03 -15.13 0.86
N ARG D 58 3.11 -14.76 1.55
CA ARG D 58 3.26 -13.39 2.04
C ARG D 58 4.63 -12.84 1.69
N VAL D 59 4.65 -11.67 1.05
CA VAL D 59 5.90 -11.03 0.65
C VAL D 59 5.91 -9.56 1.05
N LEU D 60 7.00 -9.12 1.66
CA LEU D 60 7.14 -7.73 2.09
C LEU D 60 8.45 -7.13 1.59
N ILE D 61 8.35 -6.20 0.65
CA ILE D 61 9.52 -5.55 0.09
C ILE D 61 9.64 -4.10 0.58
N GLY D 62 10.59 -3.86 1.48
CA GLY D 62 10.79 -2.53 2.01
C GLY D 62 11.09 -2.53 3.50
N ASN D 63 10.62 -1.51 4.20
CA ASN D 63 10.86 -1.40 5.63
C ASN D 63 9.60 -1.78 6.42
N GLU D 64 9.80 -2.19 7.66
CA GLU D 64 8.68 -2.59 8.52
C GLU D 64 8.95 -2.20 9.97
N TYR D 65 8.04 -1.41 10.54
CA TYR D 65 8.17 -0.97 11.92
C TYR D 65 6.99 -1.43 12.77
N GLY D 66 7.28 -2.14 13.85
CA GLY D 66 6.22 -2.63 14.72
C GLY D 66 6.67 -2.74 16.16
N GLY D 67 6.24 -3.80 16.83
CA GLY D 67 6.61 -4.00 18.22
C GLY D 67 6.95 -5.45 18.53
N LYS D 68 5.99 -6.17 19.09
CA LYS D 68 6.18 -7.58 19.44
C LYS D 68 6.68 -8.37 18.23
N GLY D 69 7.98 -8.64 18.21
CA GLY D 69 8.56 -9.38 17.11
C GLY D 69 8.61 -8.58 15.82
N PHE D 70 7.88 -9.04 14.81
CA PHE D 70 7.85 -8.36 13.52
C PHE D 70 6.61 -8.76 12.73
N TRP D 71 6.16 -7.86 11.86
CA TRP D 71 4.98 -8.11 11.05
C TRP D 71 3.71 -8.05 11.88
N ASP D 72 3.53 -9.03 12.76
CA ASP D 72 2.35 -9.10 13.62
C ASP D 72 2.69 -8.59 15.02
N ASN D 73 1.66 -8.41 15.84
CA ASN D 73 1.84 -7.93 17.21
C ASN D 73 0.86 -8.61 18.16
N HIS D 74 0.99 -9.92 18.31
CA HIS D 74 0.13 -10.69 19.18
C HIS D 74 0.94 -11.48 20.21
N HIS D 75 0.26 -12.35 20.94
CA HIS D 75 0.92 -13.17 21.95
C HIS D 75 0.95 -14.64 21.54
N HIS D 76 2.14 -15.14 21.21
CA HIS D 76 2.30 -16.52 20.78
C HIS D 76 3.76 -16.83 20.50
N HIS D 77 4.32 -17.78 21.24
CA HIS D 77 5.72 -18.18 21.06
C HIS D 77 5.83 -19.67 20.80
N HIS D 78 5.52 -20.47 21.82
CA HIS D 78 5.59 -21.93 21.70
C HIS D 78 6.96 -22.36 21.20
N HIS D 79 7.08 -23.65 20.89
CA HIS D 79 8.34 -24.20 20.40
C HIS D 79 9.50 -23.84 21.32
N MET E 1 7.24 -2.65 -20.54
CA MET E 1 7.74 -2.68 -19.18
C MET E 1 9.02 -3.49 -19.08
N LYS E 2 10.06 -2.88 -18.51
CA LYS E 2 11.34 -3.55 -18.36
C LYS E 2 11.91 -3.32 -16.96
N ILE E 3 12.27 -2.07 -16.67
CA ILE E 3 12.83 -1.72 -15.37
C ILE E 3 14.13 -2.47 -15.10
N ASP E 4 15.26 -1.80 -15.30
CA ASP E 4 16.56 -2.39 -15.09
C ASP E 4 17.62 -1.33 -14.84
N ALA E 5 17.93 -1.08 -13.58
CA ALA E 5 18.93 -0.08 -13.21
C ALA E 5 19.13 -0.03 -11.71
N ILE E 6 20.23 -0.62 -11.24
CA ILE E 6 20.54 -0.64 -9.82
C ILE E 6 22.04 -0.69 -9.58
N VAL E 7 22.45 -0.55 -8.33
CA VAL E 7 23.87 -0.58 -7.97
C VAL E 7 24.13 -1.60 -6.86
N GLY E 8 23.68 -1.28 -5.66
CA GLY E 8 23.87 -2.18 -4.52
C GLY E 8 22.59 -2.44 -3.77
N ARG E 9 22.64 -2.29 -2.45
CA ARG E 9 21.46 -2.51 -1.61
C ARG E 9 21.01 -3.97 -1.69
N ASN E 10 19.85 -4.26 -1.14
CA ASN E 10 19.30 -5.61 -1.14
C ASN E 10 18.56 -5.89 -2.45
N SER E 11 19.06 -6.87 -3.21
CA SER E 11 18.45 -7.23 -4.47
C SER E 11 18.26 -8.75 -4.57
N ALA E 12 17.13 -9.16 -5.13
CA ALA E 12 16.83 -10.58 -5.28
C ALA E 12 16.63 -10.95 -6.75
N LYS E 13 17.03 -12.16 -7.12
CA LYS E 13 16.89 -12.62 -8.49
C LYS E 13 15.62 -13.44 -8.66
N ASP E 14 15.16 -14.06 -7.57
CA ASP E 14 13.95 -14.87 -7.59
C ASP E 14 13.45 -15.13 -6.18
N ILE E 15 12.13 -15.07 -6.02
CA ILE E 15 11.52 -15.30 -4.71
C ILE E 15 10.27 -16.16 -4.84
N ARG E 16 10.29 -17.34 -4.22
CA ARG E 16 9.16 -18.25 -4.27
C ARG E 16 8.82 -18.76 -2.87
N THR E 17 7.59 -18.51 -2.43
CA THR E 17 7.14 -18.95 -1.12
C THR E 17 5.75 -19.57 -1.19
N GLU E 18 5.49 -20.54 -0.32
CA GLU E 18 4.21 -21.22 -0.29
C GLU E 18 3.96 -21.86 1.07
N GLU E 19 2.70 -22.15 1.37
CA GLU E 19 2.32 -22.76 2.64
C GLU E 19 2.60 -21.82 3.80
N ARG E 20 1.79 -20.77 3.91
CA ARG E 20 1.95 -19.78 4.97
C ARG E 20 3.40 -19.31 5.06
N ALA E 21 4.04 -19.16 3.90
CA ALA E 21 5.43 -18.71 3.85
C ALA E 21 5.52 -17.19 3.87
N ARG E 22 6.50 -16.66 4.58
CA ARG E 22 6.69 -15.22 4.67
C ARG E 22 8.11 -14.83 4.26
N VAL E 23 8.22 -13.78 3.46
CA VAL E 23 9.52 -13.30 2.99
C VAL E 23 9.59 -11.77 3.03
N GLN E 24 10.57 -11.26 3.76
CA GLN E 24 10.74 -9.82 3.88
C GLN E 24 12.11 -9.39 3.37
N LEU E 25 12.13 -8.34 2.57
CA LEU E 25 13.38 -7.82 2.00
C LEU E 25 13.49 -6.31 2.22
N GLY E 26 14.53 -5.90 2.95
CA GLY E 26 14.72 -4.49 3.20
C GLY E 26 15.30 -4.23 4.58
N ASN E 27 14.48 -3.67 5.47
CA ASN E 27 14.92 -3.37 6.83
C ASN E 27 13.77 -3.59 7.83
N VAL E 28 14.14 -3.95 9.05
CA VAL E 28 13.15 -4.18 10.10
C VAL E 28 13.54 -3.49 11.40
N VAL E 29 12.66 -2.63 11.90
CA VAL E 29 12.92 -1.91 13.13
C VAL E 29 11.80 -2.14 14.15
N THR E 30 12.13 -2.82 15.24
CA THR E 30 11.16 -3.11 16.28
C THR E 30 10.75 -1.84 17.03
N ALA E 31 9.80 -1.98 17.94
CA ALA E 31 9.33 -0.84 18.72
C ALA E 31 10.48 -0.15 19.43
N ALA E 32 11.34 -0.95 20.07
CA ALA E 32 12.49 -0.41 20.79
C ALA E 32 13.36 0.44 19.88
N ALA E 33 13.75 -0.12 18.74
CA ALA E 33 14.59 0.58 17.79
C ALA E 33 15.82 1.17 18.46
N LEU E 34 16.55 2.02 17.74
CA LEU E 34 17.75 2.64 18.27
C LEU E 34 17.94 4.04 17.69
N HIS E 35 18.56 4.92 18.47
CA HIS E 35 18.80 6.28 18.03
C HIS E 35 19.53 6.31 16.70
N GLY E 36 19.14 7.23 15.83
CA GLY E 36 19.77 7.34 14.53
C GLY E 36 21.28 7.51 14.62
N GLY E 37 21.94 7.54 13.46
CA GLY E 37 23.38 7.68 13.44
C GLY E 37 23.84 8.81 12.53
N ILE E 38 24.66 8.46 11.53
CA ILE E 38 25.16 9.44 10.59
C ILE E 38 25.30 8.84 9.20
N ARG E 39 25.13 9.68 8.18
CA ARG E 39 25.24 9.24 6.80
C ARG E 39 24.16 8.21 6.47
N ILE E 40 23.10 8.66 5.82
CA ILE E 40 21.99 7.78 5.45
C ILE E 40 22.19 7.20 4.05
N SER E 41 22.91 7.94 3.21
CA SER E 41 23.18 7.50 1.84
C SER E 41 24.30 6.47 1.82
N ASP E 42 24.08 5.35 2.49
CA ASP E 42 25.08 4.28 2.55
C ASP E 42 24.56 3.09 3.34
N GLN E 43 24.90 1.89 2.88
CA GLN E 43 24.46 0.67 3.54
C GLN E 43 25.10 -0.56 2.91
N THR E 44 25.01 -1.69 3.60
CA THR E 44 25.58 -2.94 3.10
C THR E 44 24.76 -3.49 1.94
N THR E 45 25.44 -3.96 0.90
CA THR E 45 24.78 -4.51 -0.27
C THR E 45 24.61 -6.02 -0.14
N ASN E 46 23.38 -6.49 -0.35
CA ASN E 46 23.09 -7.92 -0.25
C ASN E 46 22.40 -8.41 -1.52
N SER E 47 22.74 -9.64 -1.93
CA SER E 47 22.16 -10.23 -3.13
C SER E 47 21.75 -11.67 -2.88
N VAL E 48 20.55 -12.02 -3.31
CA VAL E 48 20.03 -13.37 -3.13
C VAL E 48 19.62 -13.99 -4.46
N GLU E 49 20.27 -15.08 -4.83
CA GLU E 49 19.97 -15.77 -6.09
C GLU E 49 18.49 -16.10 -6.18
N THR E 50 18.07 -17.13 -5.46
CA THR E 50 16.67 -17.55 -5.46
C THR E 50 16.28 -18.16 -4.12
N VAL E 51 15.08 -17.83 -3.64
CA VAL E 51 14.59 -18.36 -2.38
C VAL E 51 13.33 -19.20 -2.58
N VAL E 52 13.35 -20.41 -2.04
CA VAL E 52 12.21 -21.31 -2.16
C VAL E 52 11.77 -21.82 -0.79
N GLY E 53 10.53 -21.51 -0.43
CA GLY E 53 9.99 -21.94 0.86
C GLY E 53 8.83 -22.92 0.70
N LYS E 54 8.89 -24.02 1.45
CA LYS E 54 7.83 -25.02 1.40
C LYS E 54 7.43 -25.45 2.80
N GLY E 55 6.17 -25.18 3.16
CA GLY E 55 5.67 -25.55 4.48
C GLY E 55 6.20 -24.63 5.56
N GLU E 56 5.50 -23.52 5.79
CA GLU E 56 5.91 -22.56 6.81
C GLU E 56 7.37 -22.18 6.65
N SER E 57 7.64 -21.26 5.73
CA SER E 57 9.00 -20.80 5.48
C SER E 57 9.16 -19.32 5.80
N ARG E 58 10.33 -18.95 6.30
CA ARG E 58 10.61 -17.56 6.65
C ARG E 58 11.97 -17.12 6.13
N VAL E 59 11.99 -16.01 5.39
CA VAL E 59 13.23 -15.49 4.83
C VAL E 59 13.36 -14.00 5.07
N LEU E 60 14.50 -13.57 5.59
CA LEU E 60 14.76 -12.17 5.87
C LEU E 60 16.07 -11.71 5.23
N ILE E 61 15.95 -10.91 4.18
CA ILE E 61 17.12 -10.39 3.48
C ILE E 61 17.24 -8.88 3.64
N GLY E 62 18.23 -8.43 4.41
CA GLY E 62 18.42 -7.01 4.62
C GLY E 62 18.99 -6.71 6.00
N ASN E 63 18.45 -5.67 6.63
CA ASN E 63 18.91 -5.27 7.96
C ASN E 63 17.84 -5.54 9.02
N GLU E 64 18.25 -6.15 10.13
CA GLU E 64 17.33 -6.46 11.21
C GLU E 64 17.65 -5.64 12.45
N TYR E 65 16.61 -5.07 13.06
CA TYR E 65 16.79 -4.25 14.25
C TYR E 65 15.80 -4.67 15.34
N GLY E 66 16.32 -5.00 16.51
CA GLY E 66 15.47 -5.41 17.61
C GLY E 66 15.59 -6.89 17.93
N GLY E 67 14.96 -7.73 17.11
CA GLY E 67 15.02 -9.16 17.33
C GLY E 67 16.43 -9.67 17.50
N LYS E 68 16.68 -10.37 18.61
CA LYS E 68 18.01 -10.91 18.88
C LYS E 68 18.20 -12.26 18.20
N GLY E 69 17.47 -13.26 18.67
CA GLY E 69 17.58 -14.60 18.09
C GLY E 69 17.45 -14.58 16.58
N PHE E 70 16.21 -14.49 16.10
CA PHE E 70 15.94 -14.47 14.67
C PHE E 70 15.52 -13.08 14.21
N TRP E 71 14.40 -12.60 14.74
CA TRP E 71 13.88 -11.29 14.38
C TRP E 71 12.56 -11.01 15.08
N ASP E 72 11.78 -12.06 15.32
CA ASP E 72 10.49 -11.93 15.98
C ASP E 72 10.64 -12.02 17.49
N ASN E 73 11.42 -11.10 18.06
CA ASN E 73 11.65 -11.09 19.50
C ASN E 73 10.33 -11.12 20.27
N HIS E 74 10.29 -11.94 21.32
CA HIS E 74 9.09 -12.07 22.13
C HIS E 74 9.28 -11.39 23.48
N HIS E 75 8.32 -11.59 24.38
CA HIS E 75 8.38 -11.00 25.71
C HIS E 75 9.15 -11.91 26.67
N HIS E 76 9.87 -11.29 27.61
CA HIS E 76 10.65 -12.04 28.59
C HIS E 76 9.76 -13.02 29.35
N HIS E 77 10.31 -14.20 29.65
CA HIS E 77 9.57 -15.21 30.38
C HIS E 77 10.51 -16.25 30.98
N HIS E 78 9.95 -17.32 31.54
CA HIS E 78 10.75 -18.37 32.15
C HIS E 78 10.94 -19.54 31.18
N HIS E 79 11.49 -20.63 31.68
CA HIS E 79 11.74 -21.82 30.86
C HIS E 79 11.01 -23.04 31.42
N MET A 1 -5.57 26.60 12.38
CA MET A 1 -6.21 27.63 11.58
C MET A 1 -7.66 27.28 11.28
N LYS A 2 -7.87 26.20 10.54
CA LYS A 2 -9.21 25.75 10.19
C LYS A 2 -9.46 24.34 10.68
N ILE A 3 -10.65 23.82 10.39
CA ILE A 3 -11.02 22.46 10.81
C ILE A 3 -11.46 21.62 9.61
N ASP A 4 -10.95 21.98 8.44
CA ASP A 4 -11.30 21.26 7.22
C ASP A 4 -10.53 21.82 6.02
N ALA A 5 -9.60 21.02 5.49
CA ALA A 5 -8.80 21.44 4.35
C ALA A 5 -8.82 20.38 3.25
N ILE A 6 -9.92 19.64 3.17
CA ILE A 6 -10.07 18.60 2.16
C ILE A 6 -10.11 19.19 0.76
N VAL A 7 -9.13 18.81 -0.06
CA VAL A 7 -9.04 19.30 -1.43
C VAL A 7 -8.62 18.20 -2.39
N GLY A 8 -9.14 18.24 -3.61
CA GLY A 8 -8.81 17.25 -4.60
C GLY A 8 -9.61 17.40 -5.88
N ARG A 9 -9.29 16.59 -6.88
CA ARG A 9 -9.98 16.64 -8.16
C ARG A 9 -9.86 15.30 -8.90
N ASN A 10 -10.84 15.01 -9.75
CA ASN A 10 -10.84 13.77 -10.52
C ASN A 10 -10.89 14.06 -12.02
N SER A 11 -10.00 13.43 -12.77
CA SER A 11 -9.95 13.62 -14.22
C SER A 11 -9.95 12.27 -14.93
N ALA A 12 -10.61 12.23 -16.09
CA ALA A 12 -10.68 11.01 -16.88
C ALA A 12 -10.51 11.30 -18.37
N LYS A 13 -9.54 10.64 -18.98
CA LYS A 13 -9.27 10.84 -20.41
C LYS A 13 -10.30 10.11 -21.26
N ASP A 14 -10.72 8.94 -20.80
CA ASP A 14 -11.72 8.15 -21.52
C ASP A 14 -12.30 7.05 -20.62
N ILE A 15 -13.61 6.86 -20.71
CA ILE A 15 -14.29 5.86 -19.90
C ILE A 15 -15.32 5.09 -20.73
N ARG A 16 -15.11 3.79 -20.88
CA ARG A 16 -16.03 2.94 -21.64
C ARG A 16 -16.46 1.73 -20.82
N THR A 17 -17.77 1.54 -20.72
CA THR A 17 -18.32 0.42 -19.97
C THR A 17 -19.45 -0.27 -20.73
N GLU A 18 -19.60 -1.57 -20.51
CA GLU A 18 -20.65 -2.33 -21.19
C GLU A 18 -21.20 -3.42 -20.27
N GLU A 19 -22.30 -4.03 -20.69
CA GLU A 19 -22.93 -5.08 -19.90
C GLU A 19 -23.46 -4.54 -18.58
N ARG A 20 -24.57 -3.81 -18.64
CA ARG A 20 -25.16 -3.23 -17.44
C ARG A 20 -24.09 -2.66 -16.51
N ALA A 21 -23.32 -1.71 -17.04
CA ALA A 21 -22.27 -1.07 -16.26
C ALA A 21 -22.67 0.32 -15.79
N ARG A 22 -22.06 0.79 -14.72
CA ARG A 22 -22.36 2.10 -14.17
C ARG A 22 -21.08 2.86 -13.82
N VAL A 23 -21.11 4.18 -14.00
CA VAL A 23 -19.95 5.01 -13.71
C VAL A 23 -20.37 6.32 -13.04
N GLN A 24 -19.62 6.72 -12.02
CA GLN A 24 -19.92 7.95 -11.30
C GLN A 24 -18.64 8.74 -11.01
N LEU A 25 -18.64 10.02 -11.36
CA LEU A 25 -17.48 10.87 -11.14
C LEU A 25 -17.85 12.08 -10.28
N GLY A 26 -17.07 12.32 -9.24
CA GLY A 26 -17.32 13.45 -8.36
C GLY A 26 -16.99 13.15 -6.91
N ASN A 27 -17.98 13.27 -6.03
CA ASN A 27 -17.77 13.01 -4.62
C ASN A 27 -19.02 12.37 -3.99
N VAL A 28 -18.81 11.30 -3.23
CA VAL A 28 -19.91 10.60 -2.58
C VAL A 28 -19.75 10.61 -1.07
N VAL A 29 -20.73 11.17 -0.37
CA VAL A 29 -20.70 11.24 1.08
C VAL A 29 -21.91 10.56 1.70
N THR A 30 -21.67 9.65 2.65
CA THR A 30 -22.74 8.93 3.31
C THR A 30 -23.42 9.79 4.36
N ALA A 31 -24.58 9.34 4.84
CA ALA A 31 -25.32 10.07 5.85
C ALA A 31 -24.54 10.18 7.15
N ALA A 32 -23.76 9.15 7.45
CA ALA A 32 -22.95 9.12 8.66
C ALA A 32 -22.01 10.33 8.72
N ALA A 33 -21.47 10.70 7.56
CA ALA A 33 -20.56 11.83 7.48
C ALA A 33 -21.27 13.14 7.81
N LEU A 34 -22.59 13.15 7.63
CA LEU A 34 -23.39 14.34 7.91
C LEU A 34 -23.59 14.52 9.41
N HIS A 35 -22.50 14.76 10.13
CA HIS A 35 -22.57 14.96 11.57
C HIS A 35 -21.18 15.25 12.14
N GLY A 36 -20.37 15.95 11.37
CA GLY A 36 -19.02 16.27 11.81
C GLY A 36 -18.05 16.44 10.65
N GLY A 37 -16.76 16.32 10.95
CA GLY A 37 -15.75 16.47 9.92
C GLY A 37 -14.34 16.40 10.47
N ILE A 38 -13.36 16.36 9.58
CA ILE A 38 -11.96 16.30 9.98
C ILE A 38 -11.18 17.49 9.45
N ARG A 39 -9.92 17.59 9.85
CA ARG A 39 -9.06 18.69 9.41
C ARG A 39 -7.77 18.15 8.80
N ILE A 40 -7.81 17.82 7.52
CA ILE A 40 -6.64 17.29 6.82
C ILE A 40 -6.55 17.86 5.41
N SER A 41 -5.35 18.27 5.02
CA SER A 41 -5.12 18.83 3.69
C SER A 41 -5.61 17.87 2.61
N ASP A 42 -5.20 16.61 2.72
CA ASP A 42 -5.58 15.59 1.74
C ASP A 42 -4.93 15.85 0.39
N GLN A 43 -5.45 16.83 -0.34
CA GLN A 43 -4.92 17.17 -1.65
C GLN A 43 -4.81 15.94 -2.54
N THR A 44 -5.83 15.10 -2.49
CA THR A 44 -5.85 13.87 -3.29
C THR A 44 -6.43 14.13 -4.67
N THR A 45 -5.64 13.84 -5.71
CA THR A 45 -6.08 14.03 -7.09
C THR A 45 -5.89 12.77 -7.91
N ASN A 46 -7.00 12.14 -8.29
CA ASN A 46 -6.96 10.92 -9.09
C ASN A 46 -7.21 11.22 -10.56
N SER A 47 -6.41 10.62 -11.43
CA SER A 47 -6.55 10.82 -12.87
C SER A 47 -6.33 9.52 -13.62
N VAL A 48 -7.32 9.12 -14.41
CA VAL A 48 -7.24 7.90 -15.20
C VAL A 48 -7.20 8.19 -16.69
N GLU A 49 -6.54 7.33 -17.45
CA GLU A 49 -6.43 7.49 -18.89
C GLU A 49 -7.62 6.84 -19.60
N THR A 50 -7.61 5.51 -19.65
CA THR A 50 -8.68 4.76 -20.30
C THR A 50 -9.31 3.76 -19.34
N VAL A 51 -10.64 3.72 -19.33
CA VAL A 51 -11.36 2.81 -18.46
C VAL A 51 -12.21 1.83 -19.27
N VAL A 52 -12.06 0.55 -18.98
CA VAL A 52 -12.81 -0.48 -19.68
C VAL A 52 -13.53 -1.40 -18.70
N GLY A 53 -14.86 -1.40 -18.77
CA GLY A 53 -15.66 -2.24 -17.89
C GLY A 53 -16.47 -3.28 -18.64
N LYS A 54 -16.43 -4.51 -18.16
CA LYS A 54 -17.18 -5.60 -18.79
C LYS A 54 -17.94 -6.40 -17.75
N GLY A 55 -19.10 -6.94 -18.16
CA GLY A 55 -19.91 -7.73 -17.25
C GLY A 55 -20.18 -7.00 -15.95
N GLU A 56 -21.24 -6.22 -15.92
CA GLU A 56 -21.61 -5.47 -14.72
C GLU A 56 -20.38 -4.82 -14.09
N SER A 57 -19.79 -3.86 -14.80
CA SER A 57 -18.61 -3.16 -14.32
C SER A 57 -18.99 -1.88 -13.59
N ARG A 58 -18.23 -1.54 -12.56
CA ARG A 58 -18.50 -0.34 -11.78
C ARG A 58 -17.27 0.58 -11.76
N VAL A 59 -17.48 1.84 -12.10
CA VAL A 59 -16.38 2.81 -12.13
C VAL A 59 -16.66 3.96 -11.15
N LEU A 60 -15.72 4.18 -10.24
CA LEU A 60 -15.85 5.24 -9.25
C LEU A 60 -14.68 6.23 -9.34
N ILE A 61 -14.99 7.44 -9.78
CA ILE A 61 -13.96 8.47 -9.92
C ILE A 61 -14.18 9.59 -8.91
N GLY A 62 -13.35 9.61 -7.86
CA GLY A 62 -13.46 10.62 -6.84
C GLY A 62 -13.24 10.07 -5.44
N ASN A 63 -13.70 10.81 -4.44
CA ASN A 63 -13.55 10.39 -3.05
C ASN A 63 -14.88 9.91 -2.47
N GLU A 64 -14.80 8.99 -1.51
CA GLU A 64 -16.00 8.46 -0.88
C GLU A 64 -15.89 8.52 0.64
N TYR A 65 -16.93 9.01 1.29
CA TYR A 65 -16.95 9.13 2.74
C TYR A 65 -17.99 8.20 3.35
N GLY A 66 -17.55 7.36 4.29
CA GLY A 66 -18.45 6.42 4.94
C GLY A 66 -17.90 5.01 4.96
N GLY A 67 -18.53 4.15 5.77
CA GLY A 67 -18.07 2.78 5.88
C GLY A 67 -18.61 1.90 4.76
N LYS A 68 -19.54 1.02 5.10
CA LYS A 68 -20.13 0.11 4.12
C LYS A 68 -19.05 -0.62 3.33
N GLY A 69 -18.12 -1.24 4.05
CA GLY A 69 -17.05 -1.97 3.41
C GLY A 69 -16.33 -1.15 2.36
N PHE A 70 -16.28 0.17 2.57
CA PHE A 70 -15.61 1.07 1.63
C PHE A 70 -16.24 0.97 0.24
N TRP A 71 -17.34 1.69 0.05
CA TRP A 71 -18.04 1.68 -1.23
C TRP A 71 -18.42 0.26 -1.64
N ASP A 72 -19.27 -0.38 -0.84
CA ASP A 72 -19.70 -1.74 -1.11
C ASP A 72 -20.69 -2.22 -0.05
N ASN A 73 -21.00 -3.51 -0.08
CA ASN A 73 -21.92 -4.10 0.89
C ASN A 73 -21.25 -5.19 1.70
N HIS A 74 -21.85 -5.53 2.84
CA HIS A 74 -21.30 -6.56 3.72
C HIS A 74 -21.02 -7.84 2.94
N HIS A 75 -19.74 -8.22 2.88
CA HIS A 75 -19.34 -9.42 2.17
C HIS A 75 -18.06 -10.01 2.76
N HIS A 76 -16.94 -9.35 2.50
CA HIS A 76 -15.65 -9.79 3.01
C HIS A 76 -15.28 -11.16 2.43
N HIS A 77 -14.04 -11.56 2.63
CA HIS A 77 -13.56 -12.85 2.13
C HIS A 77 -12.38 -13.35 2.96
N HIS A 78 -11.89 -14.54 2.62
CA HIS A 78 -10.76 -15.14 3.33
C HIS A 78 -9.44 -14.61 2.78
N HIS A 79 -8.51 -14.30 3.68
CA HIS A 79 -7.20 -13.79 3.28
C HIS A 79 -6.19 -14.93 3.17
N MET B 1 1.51 29.97 9.11
CA MET B 1 0.19 29.38 8.93
C MET B 1 -0.08 29.08 7.46
N LYS B 2 -0.14 27.80 7.12
CA LYS B 2 -0.38 27.39 5.75
C LYS B 2 -0.90 25.95 5.70
N ILE B 3 -0.98 25.39 4.49
CA ILE B 3 -1.44 24.02 4.31
C ILE B 3 -0.42 23.01 4.83
N ASP B 4 -0.92 21.87 5.28
CA ASP B 4 -0.04 20.82 5.80
C ASP B 4 1.02 20.43 4.77
N ALA B 5 1.92 19.54 5.16
CA ALA B 5 2.98 19.08 4.27
C ALA B 5 2.58 17.77 3.58
N ILE B 6 1.28 17.54 3.47
CA ILE B 6 0.78 16.32 2.83
C ILE B 6 0.10 16.65 1.51
N VAL B 7 0.39 15.84 0.49
CA VAL B 7 -0.20 16.03 -0.83
C VAL B 7 -0.34 14.70 -1.57
N GLY B 8 -1.57 14.22 -1.65
CA GLY B 8 -1.83 12.96 -2.33
C GLY B 8 -1.90 13.11 -3.84
N ARG B 9 -1.81 11.99 -4.55
CA ARG B 9 -1.85 12.01 -6.00
C ARG B 9 -1.96 10.59 -6.57
N ASN B 10 -2.96 10.38 -7.42
CA ASN B 10 -3.17 9.07 -8.03
C ASN B 10 -3.27 9.19 -9.54
N SER B 11 -2.52 8.33 -10.25
CA SER B 11 -2.52 8.33 -11.70
C SER B 11 -2.64 6.91 -12.26
N ALA B 12 -3.33 6.78 -13.38
CA ALA B 12 -3.52 5.48 -14.01
C ALA B 12 -3.39 5.57 -15.52
N LYS B 13 -2.49 4.78 -16.09
CA LYS B 13 -2.28 4.78 -17.53
C LYS B 13 -3.38 4.01 -18.25
N ASP B 14 -3.85 2.93 -17.62
CA ASP B 14 -4.91 2.11 -18.20
C ASP B 14 -5.52 1.19 -17.14
N ILE B 15 -6.84 1.07 -17.16
CA ILE B 15 -7.54 0.21 -16.21
C ILE B 15 -8.66 -0.55 -16.88
N ARG B 16 -8.56 -1.88 -16.88
CA ARG B 16 -9.57 -2.73 -17.50
C ARG B 16 -10.03 -3.81 -16.52
N THR B 17 -11.32 -3.87 -16.27
CA THR B 17 -11.89 -4.87 -15.37
C THR B 17 -13.15 -5.48 -15.94
N GLU B 18 -13.34 -6.79 -15.71
CA GLU B 18 -14.50 -7.49 -16.21
C GLU B 18 -14.97 -8.54 -15.21
N GLU B 19 -16.17 -9.07 -15.43
CA GLU B 19 -16.73 -10.08 -14.55
C GLU B 19 -17.08 -9.48 -13.19
N ARG B 20 -18.15 -8.71 -13.15
CA ARG B 20 -18.58 -8.06 -11.91
C ARG B 20 -17.41 -7.44 -11.18
N ALA B 21 -16.68 -6.57 -11.88
CA ALA B 21 -15.52 -5.91 -11.28
C ALA B 21 -15.84 -4.45 -10.94
N ARG B 22 -15.10 -3.89 -10.00
CA ARG B 22 -15.30 -2.51 -9.58
C ARG B 22 -13.97 -1.80 -9.38
N VAL B 23 -13.95 -0.50 -9.68
CA VAL B 23 -12.74 0.30 -9.53
C VAL B 23 -13.04 1.65 -8.89
N GLN B 24 -12.15 2.09 -8.02
CA GLN B 24 -12.32 3.37 -7.33
C GLN B 24 -11.00 4.13 -7.26
N LEU B 25 -10.99 5.34 -7.79
CA LEU B 25 -9.80 6.17 -7.80
C LEU B 25 -10.03 7.46 -7.00
N GLY B 26 -9.24 7.65 -5.95
CA GLY B 26 -9.38 8.84 -5.12
C GLY B 26 -9.20 8.54 -3.65
N ASN B 27 -9.49 9.53 -2.81
CA ASN B 27 -9.35 9.38 -1.36
C ASN B 27 -10.61 8.77 -0.76
N VAL B 28 -10.43 7.71 0.03
CA VAL B 28 -11.55 7.03 0.67
C VAL B 28 -11.42 7.09 2.19
N VAL B 29 -12.43 7.68 2.84
CA VAL B 29 -12.45 7.79 4.29
C VAL B 29 -13.68 7.13 4.88
N THR B 30 -13.46 6.26 5.87
CA THR B 30 -14.55 5.55 6.52
C THR B 30 -15.15 6.39 7.66
N ALA B 31 -16.22 5.89 8.26
CA ALA B 31 -16.88 6.59 9.35
C ALA B 31 -15.92 6.82 10.51
N ALA B 32 -15.13 5.81 10.83
CA ALA B 32 -14.17 5.91 11.92
C ALA B 32 -13.20 7.05 11.70
N ALA B 33 -12.59 7.08 10.52
CA ALA B 33 -11.63 8.14 10.18
C ALA B 33 -12.29 9.51 10.23
N LEU B 34 -13.60 9.54 10.03
CA LEU B 34 -14.35 10.78 10.04
C LEU B 34 -14.13 11.54 11.35
N HIS B 35 -13.80 10.80 12.40
CA HIS B 35 -13.55 11.40 13.70
C HIS B 35 -12.10 11.21 14.13
N GLY B 36 -11.18 11.71 13.31
CA GLY B 36 -9.77 11.58 13.62
C GLY B 36 -8.90 12.44 12.72
N GLY B 37 -7.62 12.13 12.65
CA GLY B 37 -6.70 12.89 11.83
C GLY B 37 -5.68 13.66 12.64
N ILE B 38 -4.43 13.63 12.21
CA ILE B 38 -3.36 14.33 12.90
C ILE B 38 -2.35 14.90 11.92
N ARG B 39 -2.85 15.64 10.92
CA ARG B 39 -1.98 16.24 9.92
C ARG B 39 -1.37 15.18 9.02
N ILE B 40 -0.39 14.46 9.54
CA ILE B 40 0.29 13.41 8.78
C ILE B 40 0.97 13.98 7.54
N SER B 41 2.16 14.54 7.71
CA SER B 41 2.90 15.12 6.61
C SER B 41 3.68 14.05 5.86
N ASP B 42 3.31 13.84 4.60
CA ASP B 42 3.97 12.84 3.76
C ASP B 42 3.38 12.82 2.35
N GLN B 43 4.11 13.36 1.40
CA GLN B 43 3.66 13.41 0.02
C GLN B 43 3.62 12.01 -0.59
N THR B 44 2.44 11.38 -0.53
CA THR B 44 2.27 10.04 -1.07
C THR B 44 1.58 10.08 -2.44
N THR B 45 2.25 9.53 -3.44
CA THR B 45 1.70 9.51 -4.79
C THR B 45 1.86 8.13 -5.43
N ASN B 46 0.75 7.57 -5.89
CA ASN B 46 0.76 6.25 -6.50
C ASN B 46 0.34 6.33 -7.97
N SER B 47 1.09 5.65 -8.83
CA SER B 47 0.80 5.66 -10.26
C SER B 47 0.94 4.26 -10.85
N VAL B 48 -0.12 3.77 -11.48
CA VAL B 48 -0.11 2.44 -12.09
C VAL B 48 -0.13 2.54 -13.61
N GLU B 49 0.47 1.56 -14.27
CA GLU B 49 0.51 1.53 -15.73
C GLU B 49 -0.73 0.86 -16.29
N THR B 50 -0.76 -0.47 -16.23
CA THR B 50 -1.90 -1.23 -16.73
C THR B 50 -2.55 -2.07 -15.64
N VAL B 51 -3.87 -2.00 -15.54
CA VAL B 51 -4.61 -2.74 -14.54
C VAL B 51 -5.56 -3.74 -15.18
N VAL B 52 -5.37 -5.03 -14.86
CA VAL B 52 -6.22 -6.08 -15.40
C VAL B 52 -6.91 -6.86 -14.29
N GLY B 53 -8.24 -6.80 -14.27
CA GLY B 53 -9.00 -7.51 -13.25
C GLY B 53 -9.88 -8.59 -13.84
N LYS B 54 -9.85 -9.77 -13.22
CA LYS B 54 -10.65 -10.90 -13.68
C LYS B 54 -11.39 -11.55 -12.52
N GLY B 55 -12.57 -12.09 -12.82
CA GLY B 55 -13.36 -12.74 -11.78
C GLY B 55 -13.56 -11.85 -10.56
N GLU B 56 -14.54 -10.96 -10.64
CA GLU B 56 -14.82 -10.06 -9.53
C GLU B 56 -13.53 -9.43 -9.00
N SER B 57 -12.93 -8.56 -9.80
CA SER B 57 -11.70 -7.88 -9.42
C SER B 57 -11.98 -6.49 -8.87
N ARG B 58 -11.17 -6.06 -7.90
CA ARG B 58 -11.34 -4.75 -7.29
C ARG B 58 -10.07 -3.92 -7.45
N VAL B 59 -10.23 -2.70 -7.96
CA VAL B 59 -9.09 -1.81 -8.16
C VAL B 59 -9.26 -0.53 -7.34
N LEU B 60 -8.27 -0.24 -6.49
CA LEU B 60 -8.30 0.95 -5.66
C LEU B 60 -7.06 1.81 -5.88
N ILE B 61 -7.24 2.98 -6.48
CA ILE B 61 -6.14 3.89 -6.74
C ILE B 61 -6.25 5.15 -5.89
N GLY B 62 -5.42 5.23 -4.84
CA GLY B 62 -5.44 6.38 -3.97
C GLY B 62 -5.15 6.02 -2.52
N ASN B 63 -5.45 6.94 -1.62
CA ASN B 63 -5.23 6.71 -0.20
C ASN B 63 -6.53 6.34 0.51
N GLU B 64 -6.42 5.57 1.59
CA GLU B 64 -7.57 5.14 2.35
C GLU B 64 -7.37 5.40 3.85
N TYR B 65 -8.45 5.81 4.52
CA TYR B 65 -8.39 6.09 5.95
C TYR B 65 -9.47 5.33 6.70
N GLY B 66 -9.05 4.56 7.72
CA GLY B 66 -10.00 3.80 8.50
C GLY B 66 -9.36 2.63 9.22
N GLY B 67 -9.85 2.31 10.40
CA GLY B 67 -9.30 1.21 11.17
C GLY B 67 -10.17 -0.03 11.11
N LYS B 68 -9.84 -1.02 11.94
CA LYS B 68 -10.59 -2.26 11.97
C LYS B 68 -10.62 -2.92 10.59
N GLY B 69 -9.63 -2.61 9.77
CA GLY B 69 -9.56 -3.17 8.43
C GLY B 69 -9.06 -2.18 7.41
N PHE B 70 -7.93 -2.49 6.78
CA PHE B 70 -7.35 -1.60 5.78
C PHE B 70 -8.35 -1.32 4.67
N TRP B 71 -9.28 -2.24 4.46
CA TRP B 71 -10.29 -2.09 3.43
C TRP B 71 -11.65 -2.55 3.92
N ASP B 72 -11.76 -3.84 4.21
CA ASP B 72 -13.02 -4.41 4.70
C ASP B 72 -12.78 -5.22 5.97
N ASN B 73 -13.51 -4.87 7.03
CA ASN B 73 -13.38 -5.56 8.31
C ASN B 73 -13.53 -7.06 8.13
N HIS B 74 -12.73 -7.82 8.88
CA HIS B 74 -12.77 -9.28 8.81
C HIS B 74 -12.20 -9.90 10.07
N HIS B 75 -12.44 -11.20 10.26
CA HIS B 75 -11.95 -11.92 11.42
C HIS B 75 -10.56 -12.51 11.16
N HIS B 76 -10.08 -13.31 12.09
CA HIS B 76 -8.78 -13.95 11.95
C HIS B 76 -8.87 -15.45 12.22
N HIS B 77 -7.71 -16.09 12.33
CA HIS B 77 -7.66 -17.52 12.59
C HIS B 77 -6.51 -17.87 13.54
N HIS B 78 -6.25 -19.16 13.71
CA HIS B 78 -5.18 -19.61 14.59
C HIS B 78 -3.82 -19.46 13.92
N HIS B 79 -2.79 -20.02 14.53
CA HIS B 79 -1.43 -19.95 14.00
C HIS B 79 -1.13 -18.54 13.49
N MET C 1 -9.77 18.35 -21.96
CA MET C 1 -8.35 18.10 -22.22
C MET C 1 -7.57 18.01 -20.92
N LYS C 2 -7.28 16.80 -20.48
CA LYS C 2 -6.53 16.58 -19.24
C LYS C 2 -5.04 16.47 -19.53
N ILE C 3 -4.24 16.42 -18.47
CA ILE C 3 -2.79 16.31 -18.60
C ILE C 3 -2.16 15.73 -17.34
N ASP C 4 -1.11 14.95 -17.51
CA ASP C 4 -0.42 14.34 -16.38
C ASP C 4 0.77 13.51 -16.85
N ALA C 5 1.91 13.70 -16.20
CA ALA C 5 3.12 12.96 -16.56
C ALA C 5 4.27 13.31 -15.63
N ILE C 6 4.22 12.81 -14.40
CA ILE C 6 5.26 13.08 -13.42
C ILE C 6 5.57 11.84 -12.59
N VAL C 7 6.83 11.67 -12.22
CA VAL C 7 7.26 10.53 -11.43
C VAL C 7 6.58 10.51 -10.07
N GLY C 8 6.95 9.55 -9.23
CA GLY C 8 6.37 9.44 -7.91
C GLY C 8 6.99 8.34 -7.08
N ARG C 9 6.56 8.23 -5.83
CA ARG C 9 7.09 7.20 -4.94
C ARG C 9 6.61 5.82 -5.34
N ASN C 10 5.30 5.59 -5.20
CA ASN C 10 4.72 4.31 -5.56
C ASN C 10 4.39 4.24 -7.05
N SER C 11 5.03 3.31 -7.75
CA SER C 11 4.81 3.14 -9.18
C SER C 11 4.67 1.67 -9.55
N ALA C 12 3.87 1.39 -10.57
CA ALA C 12 3.65 0.02 -11.02
C ALA C 12 3.70 -0.06 -12.53
N LYS C 13 4.50 -1.00 -13.04
CA LYS C 13 4.64 -1.18 -14.49
C LYS C 13 3.47 -1.99 -15.04
N ASP C 14 3.00 -2.95 -14.25
CA ASP C 14 1.88 -3.80 -14.67
C ASP C 14 1.31 -4.56 -13.48
N ILE C 15 -0.01 -4.62 -13.39
CA ILE C 15 -0.69 -5.31 -12.31
C ILE C 15 -1.89 -6.10 -12.81
N ARG C 16 -1.85 -7.41 -12.65
CA ARG C 16 -2.94 -8.27 -13.09
C ARG C 16 -3.36 -9.23 -11.98
N THR C 17 -4.65 -9.20 -11.64
CA THR C 17 -5.18 -10.06 -10.59
C THR C 17 -6.50 -10.69 -11.01
N GLU C 18 -6.71 -11.93 -10.60
CA GLU C 18 -7.94 -12.65 -10.93
C GLU C 18 -8.39 -13.54 -9.78
N GLU C 19 -9.62 -14.04 -9.87
CA GLU C 19 -10.18 -14.89 -8.82
C GLU C 19 -10.43 -14.10 -7.55
N ARG C 20 -11.44 -13.22 -7.59
CA ARG C 20 -11.78 -12.40 -6.44
C ARG C 20 -10.54 -11.76 -5.84
N ALA C 21 -9.80 -11.01 -6.65
CA ALA C 21 -8.59 -10.34 -6.19
C ALA C 21 -8.83 -8.85 -5.99
N ARG C 22 -8.01 -8.24 -5.15
CA ARG C 22 -8.12 -6.81 -4.87
C ARG C 22 -6.75 -6.14 -4.85
N VAL C 23 -6.69 -4.92 -5.38
CA VAL C 23 -5.45 -4.17 -5.43
C VAL C 23 -5.63 -2.75 -4.91
N GLN C 24 -4.65 -2.27 -4.17
CA GLN C 24 -4.71 -0.92 -3.60
C GLN C 24 -3.36 -0.22 -3.73
N LEU C 25 -3.38 1.00 -4.27
CA LEU C 25 -2.15 1.78 -4.44
C LEU C 25 -2.27 3.13 -3.75
N GLY C 26 -1.39 3.37 -2.78
CA GLY C 26 -1.40 4.62 -2.06
C GLY C 26 -1.10 4.45 -0.58
N ASN C 27 -1.16 5.55 0.17
CA ASN C 27 -0.89 5.51 1.60
C ASN C 27 -2.15 5.14 2.38
N VAL C 28 -2.03 4.15 3.26
CA VAL C 28 -3.16 3.71 4.07
C VAL C 28 -2.94 4.05 5.54
N VAL C 29 -3.92 4.72 6.13
CA VAL C 29 -3.84 5.10 7.54
C VAL C 29 -5.01 4.54 8.34
N THR C 30 -4.69 3.88 9.45
CA THR C 30 -5.72 3.29 10.29
C THR C 30 -6.29 4.32 11.26
N ALA C 31 -7.31 3.91 12.02
CA ALA C 31 -7.95 4.80 12.98
C ALA C 31 -6.93 5.32 14.00
N ALA C 32 -5.96 4.47 14.35
CA ALA C 32 -4.93 4.86 15.31
C ALA C 32 -3.97 5.89 14.71
N ALA C 33 -3.44 5.58 13.53
CA ALA C 33 -2.51 6.47 12.85
C ALA C 33 -1.37 6.88 13.77
N LEU C 34 -0.58 7.85 13.33
CA LEU C 34 0.56 8.32 14.12
C LEU C 34 0.08 9.10 15.34
N HIS C 35 1.03 9.64 16.10
CA HIS C 35 0.70 10.40 17.30
C HIS C 35 1.94 11.12 17.83
N GLY C 36 2.43 12.09 17.06
CA GLY C 36 3.60 12.85 17.48
C GLY C 36 4.01 13.88 16.45
N GLY C 37 3.44 15.07 16.55
CA GLY C 37 3.77 16.13 15.61
C GLY C 37 3.62 15.70 14.17
N ILE C 38 4.49 16.21 13.30
CA ILE C 38 4.44 15.86 11.88
C ILE C 38 5.72 15.16 11.45
N ARG C 39 6.85 15.57 12.01
CA ARG C 39 8.14 14.98 11.68
C ARG C 39 8.40 15.05 10.18
N ILE C 40 9.52 14.47 9.75
CA ILE C 40 9.89 14.47 8.34
C ILE C 40 10.46 13.12 7.93
N SER C 41 9.60 12.10 7.89
CA SER C 41 10.03 10.76 7.51
C SER C 41 10.77 10.78 6.18
N ASP C 42 11.59 9.76 5.94
CA ASP C 42 12.35 9.66 4.71
C ASP C 42 11.42 9.61 3.50
N GLN C 43 12.02 9.55 2.31
CA GLN C 43 11.24 9.51 1.08
C GLN C 43 11.27 8.11 0.46
N THR C 44 10.44 7.22 1.01
CA THR C 44 10.38 5.85 0.52
C THR C 44 9.80 5.79 -0.89
N THR C 45 10.51 5.10 -1.79
CA THR C 45 10.07 4.98 -3.16
C THR C 45 9.99 3.51 -3.58
N ASN C 46 8.76 3.02 -3.75
CA ASN C 46 8.55 1.64 -4.15
C ASN C 46 8.08 1.56 -5.60
N SER C 47 8.65 0.62 -6.35
CA SER C 47 8.31 0.43 -7.75
C SER C 47 8.28 -1.05 -8.12
N VAL C 48 7.14 -1.51 -8.63
CA VAL C 48 7.00 -2.91 -9.03
C VAL C 48 6.91 -3.04 -10.54
N GLU C 49 7.46 -4.13 -11.07
CA GLU C 49 7.45 -4.38 -12.51
C GLU C 49 6.14 -5.02 -12.93
N THR C 50 6.00 -6.31 -12.64
CA THR C 50 4.80 -7.05 -12.99
C THR C 50 4.20 -7.74 -11.78
N VAL C 51 2.88 -7.63 -11.62
CA VAL C 51 2.19 -8.24 -10.49
C VAL C 51 1.16 -9.26 -10.98
N VAL C 52 1.24 -10.47 -10.45
CA VAL C 52 0.32 -11.54 -10.82
C VAL C 52 -0.33 -12.16 -9.59
N GLY C 53 -1.65 -12.01 -9.49
CA GLY C 53 -2.37 -12.56 -8.36
C GLY C 53 -3.37 -13.63 -8.77
N LYS C 54 -3.37 -14.74 -8.05
CA LYS C 54 -4.28 -15.84 -8.34
C LYS C 54 -4.97 -16.34 -7.07
N GLY C 55 -6.21 -16.80 -7.21
CA GLY C 55 -6.95 -17.29 -6.07
C GLY C 55 -6.93 -16.33 -4.91
N GLU C 56 -7.86 -15.37 -4.93
CA GLU C 56 -7.95 -14.38 -3.87
C GLU C 56 -6.58 -13.78 -3.56
N SER C 57 -6.10 -12.93 -4.46
CA SER C 57 -4.80 -12.29 -4.29
C SER C 57 -4.97 -10.85 -3.82
N ARG C 58 -4.02 -10.39 -2.99
CA ARG C 58 -4.06 -9.03 -2.47
C ARG C 58 -2.81 -8.26 -2.89
N VAL C 59 -3.02 -7.08 -3.46
CA VAL C 59 -1.90 -6.24 -3.90
C VAL C 59 -1.91 -4.89 -3.18
N LEU C 60 -0.80 -4.57 -2.53
CA LEU C 60 -0.68 -3.32 -1.80
C LEU C 60 0.56 -2.54 -2.24
N ILE C 61 0.34 -1.43 -2.92
CA ILE C 61 1.45 -0.59 -3.40
C ILE C 61 1.49 0.74 -2.67
N GLY C 62 2.43 0.87 -1.74
CA GLY C 62 2.57 2.10 -0.98
C GLY C 62 3.00 1.85 0.45
N ASN C 63 2.71 2.80 1.33
CA ASN C 63 3.08 2.70 2.74
C ASN C 63 1.84 2.60 3.61
N GLU C 64 2.00 2.02 4.80
CA GLU C 64 0.89 1.88 5.73
C GLU C 64 1.25 2.45 7.10
N TYR C 65 0.30 3.15 7.72
CA TYR C 65 0.51 3.75 9.03
C TYR C 65 -0.60 3.36 9.99
N GLY C 66 -0.23 2.81 11.15
CA GLY C 66 -1.20 2.42 12.14
C GLY C 66 -0.75 1.22 12.94
N GLY C 67 -1.26 1.10 14.16
CA GLY C 67 -0.90 -0.02 15.01
C GLY C 67 -1.93 -1.13 15.00
N LYS C 68 -1.63 -2.21 14.29
CA LYS C 68 -2.54 -3.34 14.20
C LYS C 68 -1.95 -4.45 13.34
N GLY C 69 -0.66 -4.70 13.51
CA GLY C 69 0.00 -5.74 12.74
C GLY C 69 0.75 -5.19 11.54
N PHE C 70 0.60 -5.84 10.40
CA PHE C 70 1.26 -5.41 9.17
C PHE C 70 0.24 -5.18 8.06
N TRP C 71 -1.02 -5.44 8.36
CA TRP C 71 -2.09 -5.26 7.37
C TRP C 71 -3.46 -5.49 8.01
N ASP C 72 -3.71 -6.72 8.42
CA ASP C 72 -4.97 -7.07 9.05
C ASP C 72 -4.75 -7.65 10.45
N ASN C 73 -5.82 -8.17 11.04
CA ASN C 73 -5.74 -8.75 12.39
C ASN C 73 -4.63 -9.79 12.47
N HIS C 74 -3.75 -9.63 13.46
CA HIS C 74 -2.65 -10.56 13.64
C HIS C 74 -3.14 -12.00 13.68
N HIS C 75 -2.40 -12.90 13.04
CA HIS C 75 -2.76 -14.32 13.00
C HIS C 75 -1.58 -15.17 12.57
N HIS C 76 -0.43 -14.95 13.20
CA HIS C 76 0.78 -15.70 12.88
C HIS C 76 1.40 -16.29 14.14
N HIS C 77 2.03 -15.43 14.94
CA HIS C 77 2.67 -15.86 16.17
C HIS C 77 1.63 -16.17 17.25
N HIS C 78 1.71 -17.36 17.83
CA HIS C 78 0.78 -17.77 18.87
C HIS C 78 -0.61 -18.03 18.28
N HIS C 79 -1.28 -16.96 17.86
CA HIS C 79 -2.62 -17.08 17.28
C HIS C 79 -2.78 -16.10 16.12
N MET D 1 -1.21 5.19 -25.31
CA MET D 1 -0.34 6.07 -26.08
C MET D 1 0.52 6.92 -25.15
N LYS D 2 1.31 6.25 -24.31
CA LYS D 2 2.19 6.94 -23.38
C LYS D 2 3.27 6.01 -22.86
N ILE D 3 4.10 6.51 -21.94
CA ILE D 3 5.18 5.73 -21.37
C ILE D 3 5.36 6.04 -19.89
N ASP D 4 6.14 5.21 -19.21
CA ASP D 4 6.39 5.40 -17.78
C ASP D 4 7.46 4.43 -17.29
N ALA D 5 8.36 4.92 -16.44
CA ALA D 5 9.42 4.09 -15.90
C ALA D 5 10.23 4.86 -14.84
N ILE D 6 10.11 4.42 -13.59
CA ILE D 6 10.83 5.06 -12.49
C ILE D 6 11.38 4.03 -11.52
N VAL D 7 12.54 4.35 -10.93
CA VAL D 7 13.18 3.44 -9.97
C VAL D 7 13.42 4.14 -8.63
N GLY D 8 13.34 3.37 -7.55
CA GLY D 8 13.55 3.93 -6.23
C GLY D 8 14.27 2.97 -5.30
N ARG D 9 14.03 3.12 -4.00
CA ARG D 9 14.64 2.26 -3.01
C ARG D 9 14.24 0.80 -3.22
N ASN D 10 12.99 0.49 -2.89
CA ASN D 10 12.47 -0.86 -3.04
C ASN D 10 11.94 -1.09 -4.46
N SER D 11 12.64 -1.91 -5.22
CA SER D 11 12.24 -2.20 -6.59
C SER D 11 12.09 -3.70 -6.80
N ALA D 12 11.03 -4.09 -7.52
CA ALA D 12 10.78 -5.50 -7.79
C ALA D 12 10.73 -5.77 -9.29
N LYS D 13 11.48 -6.77 -9.74
CA LYS D 13 11.53 -7.12 -11.14
C LYS D 13 10.29 -7.93 -11.54
N ASP D 14 9.80 -8.73 -10.61
CA ASP D 14 8.62 -9.55 -10.87
C ASP D 14 8.08 -10.14 -9.56
N ILE D 15 6.76 -10.10 -9.41
CA ILE D 15 6.11 -10.62 -8.21
C ILE D 15 4.82 -11.36 -8.55
N ARG D 16 4.79 -12.65 -8.27
CA ARG D 16 3.61 -13.47 -8.55
C ARG D 16 3.23 -14.31 -7.33
N THR D 17 1.98 -14.17 -6.90
CA THR D 17 1.49 -14.91 -5.74
C THR D 17 0.09 -15.47 -6.00
N GLU D 18 -0.16 -16.67 -5.48
CA GLU D 18 -1.45 -17.32 -5.66
C GLU D 18 -1.85 -18.08 -4.40
N GLU D 19 -3.11 -18.50 -4.35
CA GLU D 19 -3.63 -19.23 -3.20
C GLU D 19 -3.69 -18.34 -1.96
N ARG D 20 -4.71 -17.49 -1.91
CA ARG D 20 -4.88 -16.58 -0.77
C ARG D 20 -3.56 -15.93 -0.39
N ALA D 21 -2.87 -15.38 -1.39
CA ALA D 21 -1.59 -14.72 -1.16
C ALA D 21 -1.73 -13.20 -1.18
N ARG D 22 -0.81 -12.52 -0.52
CA ARG D 22 -0.83 -11.05 -0.47
C ARG D 22 0.56 -10.48 -0.68
N VAL D 23 0.62 -9.24 -1.14
CA VAL D 23 1.90 -8.56 -1.38
C VAL D 23 1.83 -7.09 -0.97
N GLN D 24 2.91 -6.60 -0.37
CA GLN D 24 2.97 -5.21 0.07
C GLN D 24 4.34 -4.61 -0.24
N LEU D 25 4.34 -3.57 -1.06
CA LEU D 25 5.58 -2.90 -1.43
C LEU D 25 5.57 -1.43 -0.98
N GLY D 26 6.69 -1.00 -0.41
CA GLY D 26 6.78 0.37 0.06
C GLY D 26 7.41 0.48 1.43
N ASN D 27 6.66 0.97 2.40
CA ASN D 27 7.15 1.13 3.77
C ASN D 27 6.05 0.83 4.79
N VAL D 28 6.36 -0.05 5.74
CA VAL D 28 5.39 -0.42 6.77
C VAL D 28 5.74 0.26 8.10
N VAL D 29 4.84 1.13 8.56
CA VAL D 29 5.04 1.84 9.82
C VAL D 29 3.90 1.57 10.79
N THR D 30 4.23 1.11 11.98
CA THR D 30 3.24 0.82 13.00
C THR D 30 2.88 2.08 13.81
N ALA D 31 1.90 1.94 14.69
CA ALA D 31 1.47 3.06 15.53
C ALA D 31 2.65 3.67 16.28
N ALA D 32 3.51 2.81 16.81
CA ALA D 32 4.68 3.27 17.55
C ALA D 32 5.59 4.11 16.67
N ALA D 33 5.83 3.63 15.45
CA ALA D 33 6.70 4.34 14.51
C ALA D 33 8.03 4.69 15.15
N LEU D 34 8.82 5.51 14.45
CA LEU D 34 10.13 5.92 14.95
C LEU D 34 10.40 7.39 14.62
N HIS D 35 11.64 7.82 14.85
CA HIS D 35 12.03 9.20 14.58
C HIS D 35 12.13 9.44 13.08
N GLY D 36 12.59 10.64 12.72
CA GLY D 36 12.72 10.99 11.31
C GLY D 36 14.04 11.68 11.01
N GLY D 37 14.01 12.61 10.06
CA GLY D 37 15.22 13.34 9.69
C GLY D 37 15.04 14.15 8.43
N ILE D 38 15.98 15.05 8.18
CA ILE D 38 15.92 15.90 6.99
C ILE D 38 15.73 15.08 5.73
N ARG D 39 15.00 15.63 4.77
CA ARG D 39 14.73 14.95 3.51
C ARG D 39 15.96 15.02 2.59
N ILE D 40 16.74 13.94 2.57
CA ILE D 40 17.93 13.88 1.74
C ILE D 40 18.25 12.45 1.33
N SER D 41 19.16 12.29 0.38
CA SER D 41 19.54 10.97 -0.10
C SER D 41 20.11 10.12 1.03
N ASP D 42 19.28 9.24 1.57
CA ASP D 42 19.70 8.37 2.67
C ASP D 42 18.60 7.35 3.00
N GLN D 43 18.80 6.11 2.55
CA GLN D 43 17.84 5.06 2.79
C GLN D 43 18.34 3.72 2.24
N THR D 44 17.78 2.63 2.74
CA THR D 44 18.17 1.30 2.30
C THR D 44 17.56 0.96 0.94
N THR D 45 18.40 0.58 0.00
CA THR D 45 17.95 0.23 -1.35
C THR D 45 17.84 -1.28 -1.51
N ASN D 46 16.60 -1.77 -1.59
CA ASN D 46 16.36 -3.19 -1.76
C ASN D 46 15.84 -3.51 -3.15
N SER D 47 16.25 -4.65 -3.69
CA SER D 47 15.82 -5.06 -5.02
C SER D 47 15.48 -6.55 -5.06
N VAL D 48 14.37 -6.88 -5.70
CA VAL D 48 13.93 -8.27 -5.80
C VAL D 48 13.85 -8.72 -7.26
N GLU D 49 14.39 -9.90 -7.54
CA GLU D 49 14.38 -10.44 -8.91
C GLU D 49 12.99 -10.96 -9.27
N THR D 50 12.60 -12.07 -8.64
CA THR D 50 11.29 -12.67 -8.90
C THR D 50 10.79 -13.40 -7.67
N VAL D 51 9.51 -13.18 -7.34
CA VAL D 51 8.90 -13.83 -6.18
C VAL D 51 7.74 -14.73 -6.62
N VAL D 52 7.77 -15.97 -6.14
CA VAL D 52 6.72 -16.94 -6.48
C VAL D 52 6.13 -17.56 -5.22
N GLY D 53 4.85 -17.30 -4.98
CA GLY D 53 4.19 -17.85 -3.81
C GLY D 53 3.19 -18.93 -4.16
N LYS D 54 3.24 -20.04 -3.43
CA LYS D 54 2.34 -21.16 -3.67
C LYS D 54 1.70 -21.63 -2.37
N GLY D 55 0.37 -21.50 -2.30
CA GLY D 55 -0.35 -21.91 -1.10
C GLY D 55 -0.13 -20.96 0.06
N GLU D 56 -0.95 -19.92 0.14
CA GLU D 56 -0.84 -18.95 1.22
C GLU D 56 0.59 -18.41 1.31
N SER D 57 0.87 -17.35 0.57
CA SER D 57 2.20 -16.75 0.57
C SER D 57 2.11 -15.25 0.85
N ARG D 58 3.11 -14.73 1.55
CA ARG D 58 3.15 -13.30 1.89
C ARG D 58 4.40 -12.65 1.32
N VAL D 59 4.22 -11.54 0.61
CA VAL D 59 5.35 -10.81 0.02
C VAL D 59 5.47 -9.42 0.63
N LEU D 60 6.66 -9.10 1.12
CA LEU D 60 6.92 -7.79 1.73
C LEU D 60 8.16 -7.15 1.12
N ILE D 61 7.94 -6.08 0.36
CA ILE D 61 9.04 -5.36 -0.28
C ILE D 61 9.21 -3.96 0.33
N GLY D 62 10.24 -3.81 1.15
CA GLY D 62 10.51 -2.53 1.78
C GLY D 62 10.91 -2.67 3.24
N ASN D 63 11.09 -1.54 3.91
CA ASN D 63 11.48 -1.54 5.32
C ASN D 63 10.24 -1.49 6.21
N GLU D 64 10.40 -1.96 7.44
CA GLU D 64 9.30 -1.98 8.40
C GLU D 64 9.75 -1.41 9.75
N TYR D 65 8.87 -0.60 10.36
CA TYR D 65 9.17 0.01 11.65
C TYR D 65 8.09 -0.30 12.67
N GLY D 66 8.49 -0.86 13.81
CA GLY D 66 7.54 -1.20 14.85
C GLY D 66 8.22 -1.59 16.15
N GLY D 67 8.53 -2.88 16.27
CA GLY D 67 9.19 -3.36 17.47
C GLY D 67 8.60 -4.68 17.96
N LYS D 68 7.29 -4.73 18.08
CA LYS D 68 6.60 -5.93 18.54
C LYS D 68 7.03 -7.14 17.72
N GLY D 69 7.90 -7.97 18.31
CA GLY D 69 8.37 -9.17 17.62
C GLY D 69 9.02 -8.84 16.29
N PHE D 70 8.28 -9.05 15.21
CA PHE D 70 8.79 -8.78 13.87
C PHE D 70 7.70 -9.00 12.82
N TRP D 71 7.43 -7.96 12.04
CA TRP D 71 6.41 -8.04 11.00
C TRP D 71 5.10 -8.57 11.56
N ASP D 72 4.82 -8.27 12.82
CA ASP D 72 3.60 -8.72 13.47
C ASP D 72 3.52 -8.21 14.90
N ASN D 73 2.55 -8.71 15.65
CA ASN D 73 2.36 -8.30 17.04
C ASN D 73 2.69 -9.43 18.00
N HIS D 74 2.63 -9.16 19.29
CA HIS D 74 2.92 -10.17 20.30
C HIS D 74 1.78 -10.26 21.32
N HIS D 75 0.93 -11.26 21.16
CA HIS D 75 -0.20 -11.46 22.06
C HIS D 75 -0.99 -12.71 21.68
N HIS D 76 -1.78 -13.20 22.63
CA HIS D 76 -2.59 -14.39 22.39
C HIS D 76 -3.70 -14.52 23.42
N HIS D 77 -3.33 -14.89 24.65
CA HIS D 77 -4.30 -15.04 25.72
C HIS D 77 -3.60 -15.45 27.02
N HIS D 78 -3.60 -14.54 28.00
CA HIS D 78 -2.96 -14.82 29.28
C HIS D 78 -3.15 -13.64 30.23
N HIS D 79 -2.52 -13.73 31.41
CA HIS D 79 -2.61 -12.67 32.41
C HIS D 79 -4.05 -12.50 32.88
N MET E 1 12.85 7.68 -16.92
CA MET E 1 14.12 8.15 -16.39
C MET E 1 14.69 7.17 -15.36
N LYS E 2 15.70 6.41 -15.77
CA LYS E 2 16.33 5.43 -14.89
C LYS E 2 17.50 4.75 -15.58
N ILE E 3 18.57 4.50 -14.83
CA ILE E 3 19.76 3.85 -15.37
C ILE E 3 20.75 3.50 -14.28
N ASP E 4 21.35 2.33 -14.37
CA ASP E 4 22.33 1.89 -13.37
C ASP E 4 22.89 0.51 -13.74
N ALA E 5 24.18 0.33 -13.53
CA ALA E 5 24.84 -0.93 -13.83
C ALA E 5 25.14 -1.72 -12.55
N ILE E 6 26.07 -1.19 -11.76
CA ILE E 6 26.46 -1.84 -10.52
C ILE E 6 25.75 -1.21 -9.33
N VAL E 7 25.00 -2.03 -8.59
CA VAL E 7 24.27 -1.56 -7.42
C VAL E 7 24.32 -2.57 -6.28
N GLY E 8 25.02 -2.22 -5.21
CA GLY E 8 25.14 -3.11 -4.08
C GLY E 8 23.86 -3.21 -3.29
N ARG E 9 23.95 -3.00 -1.98
CA ARG E 9 22.78 -3.08 -1.11
C ARG E 9 22.18 -4.48 -1.11
N ASN E 10 20.99 -4.60 -0.55
CA ASN E 10 20.30 -5.89 -0.49
C ASN E 10 19.56 -6.17 -1.79
N SER E 11 20.06 -7.14 -2.57
CA SER E 11 19.45 -7.50 -3.83
C SER E 11 19.28 -9.01 -3.94
N ALA E 12 18.12 -9.44 -4.45
CA ALA E 12 17.84 -10.85 -4.60
C ALA E 12 17.86 -11.26 -6.07
N LYS E 13 18.13 -12.54 -6.33
CA LYS E 13 18.18 -13.05 -7.69
C LYS E 13 16.99 -13.96 -7.98
N ASP E 14 16.45 -14.56 -6.92
CA ASP E 14 15.31 -15.46 -7.06
C ASP E 14 14.70 -15.77 -5.69
N ILE E 15 13.37 -15.77 -5.62
CA ILE E 15 12.67 -16.05 -4.39
C ILE E 15 11.44 -16.91 -4.63
N ARG E 16 11.45 -18.13 -4.08
CA ARG E 16 10.33 -19.05 -4.25
C ARG E 16 9.94 -19.67 -2.91
N THR E 17 8.70 -19.42 -2.49
CA THR E 17 8.20 -19.94 -1.24
C THR E 17 6.79 -20.48 -1.39
N GLU E 18 6.43 -21.45 -0.54
CA GLU E 18 5.10 -22.05 -0.59
C GLU E 18 4.73 -22.66 0.76
N GLU E 19 3.46 -23.00 0.92
CA GLU E 19 2.98 -23.60 2.16
C GLU E 19 3.12 -22.62 3.33
N ARG E 20 2.17 -21.70 3.42
CA ARG E 20 2.19 -20.70 4.49
C ARG E 20 3.58 -20.09 4.64
N ALA E 21 4.15 -19.63 3.54
CA ALA E 21 5.48 -19.03 3.55
C ALA E 21 5.40 -17.51 3.45
N ARG E 22 6.44 -16.83 3.92
CA ARG E 22 6.49 -15.38 3.87
C ARG E 22 7.88 -14.88 3.49
N VAL E 23 7.94 -13.69 2.90
CA VAL E 23 9.21 -13.11 2.49
C VAL E 23 9.23 -11.61 2.73
N GLN E 24 10.34 -11.11 3.27
CA GLN E 24 10.48 -9.69 3.55
C GLN E 24 11.87 -9.19 3.18
N LEU E 25 11.94 -8.11 2.42
CA LEU E 25 13.21 -7.54 2.00
C LEU E 25 13.29 -6.05 2.34
N GLY E 26 14.42 -5.63 2.89
CA GLY E 26 14.60 -4.24 3.24
C GLY E 26 15.37 -4.06 4.53
N ASN E 27 14.78 -3.35 5.48
CA ASN E 27 15.42 -3.11 6.77
C ASN E 27 14.40 -3.11 7.90
N VAL E 28 14.67 -3.89 8.94
CA VAL E 28 13.76 -3.97 10.09
C VAL E 28 14.26 -3.11 11.24
N VAL E 29 13.44 -2.15 11.64
CA VAL E 29 13.80 -1.25 12.74
C VAL E 29 12.75 -1.30 13.85
N THR E 30 13.15 -1.82 15.00
CA THR E 30 12.25 -1.92 16.14
C THR E 30 11.98 -0.56 16.76
N ALA E 31 11.09 -0.53 17.74
CA ALA E 31 10.73 0.72 18.41
C ALA E 31 11.93 1.31 19.13
N ALA E 32 12.73 0.46 19.76
CA ALA E 32 13.92 0.90 20.48
C ALA E 32 14.86 1.68 19.57
N ALA E 33 15.19 1.08 18.43
CA ALA E 33 16.09 1.71 17.46
C ALA E 33 17.37 2.18 18.13
N LEU E 34 18.17 2.95 17.40
CA LEU E 34 19.43 3.46 17.92
C LEU E 34 19.19 4.54 18.98
N HIS E 35 18.63 5.68 18.53
CA HIS E 35 18.34 6.79 19.44
C HIS E 35 17.66 7.93 18.69
N GLY E 36 17.16 8.90 19.44
CA GLY E 36 16.48 10.03 18.83
C GLY E 36 17.33 10.71 17.76
N GLY E 37 16.90 10.58 16.51
CA GLY E 37 17.64 11.19 15.42
C GLY E 37 18.96 10.50 15.17
N ILE E 38 19.29 10.31 13.89
CA ILE E 38 20.55 9.67 13.52
C ILE E 38 20.92 9.99 12.07
N ARG E 39 22.21 10.14 11.82
CA ARG E 39 22.70 10.45 10.48
C ARG E 39 22.35 9.33 9.51
N ILE E 40 22.91 9.40 8.30
CA ILE E 40 22.65 8.40 7.28
C ILE E 40 23.34 7.09 7.62
N SER E 41 23.15 6.08 6.77
CA SER E 41 23.74 4.77 6.98
C SER E 41 23.63 3.91 5.72
N ASP E 42 24.77 3.64 5.10
CA ASP E 42 24.79 2.82 3.89
C ASP E 42 26.23 2.53 3.46
N GLN E 43 26.53 1.25 3.26
CA GLN E 43 27.87 0.84 2.86
C GLN E 43 27.95 -0.67 2.65
N THR E 44 27.23 -1.40 3.50
CA THR E 44 27.20 -2.86 3.41
C THR E 44 26.42 -3.33 2.19
N THR E 45 26.95 -4.33 1.50
CA THR E 45 26.31 -4.87 0.32
C THR E 45 26.01 -6.36 0.48
N ASN E 46 24.76 -6.74 0.29
CA ASN E 46 24.35 -8.13 0.41
C ASN E 46 23.63 -8.60 -0.85
N SER E 47 24.12 -9.69 -1.43
CA SER E 47 23.52 -10.24 -2.64
C SER E 47 23.00 -11.65 -2.39
N VAL E 48 21.69 -11.84 -2.58
CA VAL E 48 21.07 -13.14 -2.38
C VAL E 48 20.68 -13.77 -3.72
N GLU E 49 21.32 -14.91 -4.03
CA GLU E 49 21.04 -15.61 -5.28
C GLU E 49 19.60 -16.13 -5.30
N THR E 50 19.44 -17.39 -5.69
CA THR E 50 18.12 -18.00 -5.76
C THR E 50 17.81 -18.78 -4.47
N VAL E 51 16.64 -18.52 -3.91
CA VAL E 51 16.22 -19.19 -2.68
C VAL E 51 14.98 -20.05 -2.92
N VAL E 52 15.09 -21.34 -2.61
CA VAL E 52 13.98 -22.26 -2.79
C VAL E 52 13.43 -22.73 -1.44
N GLY E 53 12.16 -22.41 -1.19
CA GLY E 53 11.53 -22.80 0.05
C GLY E 53 10.49 -23.89 -0.13
N LYS E 54 10.54 -24.91 0.71
CA LYS E 54 9.59 -26.01 0.64
C LYS E 54 8.95 -26.27 2.00
N GLY E 55 7.64 -26.09 2.08
CA GLY E 55 6.93 -26.31 3.32
C GLY E 55 7.30 -25.31 4.39
N GLU E 56 6.49 -24.27 4.54
CA GLU E 56 6.75 -23.23 5.54
C GLU E 56 8.17 -22.69 5.41
N SER E 57 8.33 -21.67 4.58
CA SER E 57 9.64 -21.06 4.36
C SER E 57 9.60 -19.57 4.64
N ARG E 58 10.70 -19.03 5.14
CA ARG E 58 10.80 -17.61 5.45
C ARG E 58 12.02 -16.98 4.79
N VAL E 59 11.81 -15.89 4.07
CA VAL E 59 12.89 -15.20 3.39
C VAL E 59 13.11 -13.80 3.98
N LEU E 60 14.33 -13.55 4.43
CA LEU E 60 14.67 -12.25 5.01
C LEU E 60 15.93 -11.68 4.38
N ILE E 61 15.77 -10.61 3.61
CA ILE E 61 16.90 -9.97 2.95
C ILE E 61 17.14 -8.57 3.50
N GLY E 62 18.18 -8.43 4.32
CA GLY E 62 18.51 -7.15 4.91
C GLY E 62 19.04 -7.27 6.32
N ASN E 63 19.01 -6.17 7.06
CA ASN E 63 19.48 -6.16 8.44
C ASN E 63 18.35 -5.85 9.40
N GLU E 64 18.52 -6.28 10.65
CA GLU E 64 17.50 -6.05 11.68
C GLU E 64 18.07 -5.22 12.83
N TYR E 65 17.22 -4.41 13.44
CA TYR E 65 17.63 -3.56 14.55
C TYR E 65 16.67 -3.70 15.73
N GLY E 66 17.23 -4.02 16.90
CA GLY E 66 16.40 -4.18 18.08
C GLY E 66 17.13 -4.92 19.20
N GLY E 67 16.57 -4.88 20.40
CA GLY E 67 17.18 -5.55 21.53
C GLY E 67 17.14 -7.06 21.39
N LYS E 68 16.84 -7.75 22.48
CA LYS E 68 16.77 -9.20 22.48
C LYS E 68 15.89 -9.72 21.35
N GLY E 69 16.30 -10.80 20.71
CA GLY E 69 15.53 -11.37 19.63
C GLY E 69 16.18 -11.14 18.27
N PHE E 70 17.08 -12.05 17.91
CA PHE E 70 17.78 -11.96 16.63
C PHE E 70 16.80 -11.78 15.47
N TRP E 71 15.64 -12.42 15.59
CA TRP E 71 14.61 -12.33 14.56
C TRP E 71 13.36 -13.07 14.99
N ASP E 72 13.54 -14.28 15.53
CA ASP E 72 12.41 -15.10 15.97
C ASP E 72 12.61 -15.53 17.42
N ASN E 73 11.52 -15.93 18.06
CA ASN E 73 11.56 -16.38 19.45
C ASN E 73 10.90 -17.74 19.61
N HIS E 74 10.71 -18.17 20.85
CA HIS E 74 10.09 -19.46 21.13
C HIS E 74 9.38 -19.43 22.49
N HIS E 75 8.06 -19.55 22.45
CA HIS E 75 7.25 -19.54 23.67
C HIS E 75 5.78 -19.72 23.35
N HIS E 76 5.14 -20.67 24.04
CA HIS E 76 3.73 -20.94 23.83
C HIS E 76 3.09 -21.47 25.11
N HIS E 77 3.66 -21.11 26.26
CA HIS E 77 3.14 -21.55 27.55
C HIS E 77 2.98 -23.07 27.57
N HIS E 78 4.03 -23.76 27.98
CA HIS E 78 4.01 -25.22 28.05
C HIS E 78 2.97 -25.68 29.06
N HIS E 79 2.99 -26.98 29.37
CA HIS E 79 2.05 -27.55 30.33
C HIS E 79 0.62 -27.44 29.81
N MET A 1 1.97 29.21 -9.85
CA MET A 1 1.96 30.65 -10.04
C MET A 1 1.90 31.38 -8.70
N LYS A 2 0.74 31.37 -8.07
CA LYS A 2 0.54 32.02 -6.78
C LYS A 2 -0.88 31.83 -6.28
N ILE A 3 -1.83 31.81 -7.20
CA ILE A 3 -3.24 31.63 -6.84
C ILE A 3 -3.43 30.40 -5.96
N ASP A 4 -4.45 30.44 -5.12
CA ASP A 4 -4.75 29.34 -4.21
C ASP A 4 -5.81 28.43 -4.81
N ALA A 5 -5.90 28.41 -6.14
CA ALA A 5 -6.88 27.59 -6.83
C ALA A 5 -6.38 27.19 -8.22
N ILE A 6 -5.83 25.98 -8.32
CA ILE A 6 -5.33 25.49 -9.59
C ILE A 6 -5.24 23.96 -9.60
N VAL A 7 -5.37 23.37 -10.78
CA VAL A 7 -5.31 21.92 -10.93
C VAL A 7 -6.47 21.24 -10.20
N GLY A 8 -6.85 20.06 -10.67
CA GLY A 8 -7.94 19.32 -10.05
C GLY A 8 -9.20 19.34 -10.90
N ARG A 9 -9.50 18.21 -11.53
CA ARG A 9 -10.67 18.09 -12.38
C ARG A 9 -10.79 16.69 -12.96
N ASN A 10 -12.02 16.22 -13.14
CA ASN A 10 -12.26 14.90 -13.69
C ASN A 10 -12.23 14.93 -15.22
N SER A 11 -11.31 14.17 -15.80
CA SER A 11 -11.17 14.10 -17.25
C SER A 11 -11.21 12.67 -17.74
N ALA A 12 -11.92 12.44 -18.83
CA ALA A 12 -12.04 11.10 -19.41
C ALA A 12 -11.83 11.13 -20.93
N LYS A 13 -11.15 10.12 -21.45
CA LYS A 13 -10.89 10.03 -22.88
C LYS A 13 -11.90 9.13 -23.56
N ASP A 14 -12.31 8.07 -22.87
CA ASP A 14 -13.28 7.12 -23.40
C ASP A 14 -13.85 6.25 -22.29
N ILE A 15 -15.16 6.01 -22.37
CA ILE A 15 -15.83 5.18 -21.37
C ILE A 15 -16.82 4.23 -22.02
N ARG A 16 -16.58 2.93 -21.86
CA ARG A 16 -17.46 1.91 -22.44
C ARG A 16 -17.86 0.88 -21.38
N THR A 17 -19.16 0.76 -21.15
CA THR A 17 -19.68 -0.18 -20.17
C THR A 17 -20.89 -0.94 -20.72
N GLU A 18 -21.02 -2.20 -20.30
CA GLU A 18 -22.13 -3.03 -20.75
C GLU A 18 -22.53 -4.04 -19.68
N GLU A 19 -23.68 -4.67 -19.86
CA GLU A 19 -24.18 -5.64 -18.90
C GLU A 19 -24.53 -4.98 -17.58
N ARG A 20 -25.42 -4.00 -17.63
CA ARG A 20 -25.84 -3.28 -16.44
C ARG A 20 -24.64 -2.80 -15.64
N ALA A 21 -23.86 -1.90 -16.22
CA ALA A 21 -22.67 -1.36 -15.56
C ALA A 21 -22.92 0.05 -15.06
N ARG A 22 -22.15 0.46 -14.06
CA ARG A 22 -22.29 1.79 -13.49
C ARG A 22 -20.93 2.50 -13.41
N VAL A 23 -20.91 3.77 -13.80
CA VAL A 23 -19.68 4.55 -13.78
C VAL A 23 -19.94 5.98 -13.29
N GLN A 24 -19.14 6.43 -12.34
CA GLN A 24 -19.30 7.76 -11.78
C GLN A 24 -18.00 8.56 -11.94
N LEU A 25 -18.13 9.80 -12.41
CA LEU A 25 -16.97 10.66 -12.61
C LEU A 25 -17.20 12.03 -11.99
N GLY A 26 -16.20 12.53 -11.27
CA GLY A 26 -16.32 13.83 -10.64
C GLY A 26 -15.91 13.81 -9.18
N ASN A 27 -16.76 14.37 -8.32
CA ASN A 27 -16.49 14.41 -6.89
C ASN A 27 -17.77 14.26 -6.09
N VAL A 28 -17.77 13.33 -5.13
CA VAL A 28 -18.94 13.08 -4.29
C VAL A 28 -18.68 13.54 -2.86
N VAL A 29 -19.57 14.39 -2.35
CA VAL A 29 -19.45 14.90 -0.99
C VAL A 29 -20.69 14.57 -0.16
N THR A 30 -20.47 13.99 1.02
CA THR A 30 -21.57 13.62 1.90
C THR A 30 -22.21 14.85 2.52
N ALA A 31 -23.29 14.65 3.26
CA ALA A 31 -23.99 15.74 3.92
C ALA A 31 -23.11 16.43 4.94
N ALA A 32 -22.26 15.65 5.62
CA ALA A 32 -21.36 16.18 6.63
C ALA A 32 -20.47 17.26 6.04
N ALA A 33 -20.07 17.08 4.78
CA ALA A 33 -19.21 18.05 4.11
C ALA A 33 -19.78 19.46 4.22
N LEU A 34 -21.10 19.56 4.30
CA LEU A 34 -21.77 20.84 4.40
C LEU A 34 -21.56 21.46 5.77
N HIS A 35 -20.45 22.17 5.94
CA HIS A 35 -20.12 22.80 7.21
C HIS A 35 -18.82 23.57 7.12
N GLY A 36 -18.55 24.14 5.95
CA GLY A 36 -17.33 24.90 5.75
C GLY A 36 -16.09 24.04 5.83
N GLY A 37 -14.93 24.67 5.92
CA GLY A 37 -13.68 23.94 6.00
C GLY A 37 -12.50 24.82 6.37
N ILE A 38 -12.03 25.61 5.40
CA ILE A 38 -10.90 26.50 5.63
C ILE A 38 -9.64 25.72 5.97
N ARG A 39 -9.07 25.06 4.98
CA ARG A 39 -7.85 24.28 5.17
C ARG A 39 -7.28 23.81 3.84
N ILE A 40 -5.96 23.83 3.72
CA ILE A 40 -5.29 23.41 2.49
C ILE A 40 -5.48 21.91 2.25
N SER A 41 -5.88 21.56 1.04
CA SER A 41 -6.10 20.16 0.69
C SER A 41 -6.54 20.02 -0.77
N ASP A 42 -7.32 20.99 -1.23
CA ASP A 42 -7.80 20.99 -2.60
C ASP A 42 -6.66 20.81 -3.59
N GLN A 43 -6.58 19.62 -4.19
CA GLN A 43 -5.53 19.33 -5.16
C GLN A 43 -5.69 17.92 -5.73
N THR A 44 -6.94 17.51 -5.90
CA THR A 44 -7.24 16.19 -6.44
C THR A 44 -7.62 16.26 -7.91
N THR A 45 -6.87 15.55 -8.74
CA THR A 45 -7.12 15.55 -10.18
C THR A 45 -7.17 14.11 -10.71
N ASN A 46 -8.38 13.68 -11.09
CA ASN A 46 -8.58 12.34 -11.61
C ASN A 46 -8.71 12.37 -13.14
N SER A 47 -7.93 11.53 -13.81
CA SER A 47 -7.95 11.46 -15.26
C SER A 47 -7.84 10.02 -15.75
N VAL A 48 -8.82 9.58 -16.53
CA VAL A 48 -8.83 8.22 -17.05
C VAL A 48 -8.82 8.23 -18.58
N GLU A 49 -8.01 7.35 -19.17
CA GLU A 49 -7.90 7.25 -20.62
C GLU A 49 -9.08 6.47 -21.19
N THR A 50 -9.04 5.14 -21.04
CA THR A 50 -10.09 4.28 -21.54
C THR A 50 -10.63 3.37 -20.45
N VAL A 51 -11.94 3.33 -20.31
CA VAL A 51 -12.58 2.49 -19.29
C VAL A 51 -13.48 1.44 -19.94
N VAL A 52 -13.25 0.17 -19.61
CA VAL A 52 -14.03 -0.92 -20.15
C VAL A 52 -14.64 -1.77 -19.03
N GLY A 53 -15.96 -1.87 -19.04
CA GLY A 53 -16.65 -2.66 -18.02
C GLY A 53 -17.51 -3.75 -18.61
N LYS A 54 -17.41 -4.95 -18.06
CA LYS A 54 -18.19 -6.09 -18.54
C LYS A 54 -18.83 -6.84 -17.38
N GLY A 55 -20.01 -7.41 -17.63
CA GLY A 55 -20.71 -8.15 -16.59
C GLY A 55 -20.86 -7.34 -15.31
N GLU A 56 -21.83 -6.42 -15.30
CA GLU A 56 -22.08 -5.59 -14.13
C GLU A 56 -20.78 -5.01 -13.60
N SER A 57 -20.13 -4.17 -14.41
CA SER A 57 -18.87 -3.55 -14.02
C SER A 57 -19.12 -2.21 -13.33
N ARG A 58 -18.27 -1.89 -12.35
CA ARG A 58 -18.40 -0.65 -11.61
C ARG A 58 -17.08 0.12 -11.60
N VAL A 59 -17.14 1.39 -11.99
CA VAL A 59 -15.94 2.23 -12.03
C VAL A 59 -16.21 3.60 -11.40
N LEU A 60 -15.42 3.95 -10.40
CA LEU A 60 -15.57 5.24 -9.72
C LEU A 60 -14.31 6.09 -9.87
N ILE A 61 -14.42 7.17 -10.62
CA ILE A 61 -13.30 8.07 -10.84
C ILE A 61 -13.53 9.41 -10.15
N GLY A 62 -12.84 9.63 -9.03
CA GLY A 62 -12.98 10.88 -8.30
C GLY A 62 -12.67 10.71 -6.83
N ASN A 63 -13.12 11.67 -6.03
CA ASN A 63 -12.89 11.64 -4.58
C ASN A 63 -14.20 11.60 -3.82
N GLU A 64 -14.18 10.98 -2.64
CA GLU A 64 -15.37 10.87 -1.80
C GLU A 64 -15.12 11.45 -0.41
N TYR A 65 -16.00 12.34 0.02
CA TYR A 65 -15.87 12.96 1.33
C TYR A 65 -16.96 12.47 2.28
N GLY A 66 -16.54 11.96 3.44
CA GLY A 66 -17.49 11.47 4.41
C GLY A 66 -17.20 10.03 4.83
N GLY A 67 -17.73 9.63 5.98
CA GLY A 67 -17.52 8.28 6.45
C GLY A 67 -18.78 7.43 6.38
N LYS A 68 -19.90 8.07 6.06
CA LYS A 68 -21.17 7.37 5.95
C LYS A 68 -21.26 6.59 4.63
N GLY A 69 -20.34 5.65 4.45
CA GLY A 69 -20.32 4.86 3.24
C GLY A 69 -19.23 5.28 2.28
N PHE A 70 -18.11 4.57 2.30
CA PHE A 70 -16.98 4.88 1.44
C PHE A 70 -17.43 4.96 -0.02
N TRP A 71 -17.82 3.83 -0.58
CA TRP A 71 -18.28 3.78 -1.97
C TRP A 71 -19.43 2.80 -2.12
N ASP A 72 -19.15 1.51 -1.98
CA ASP A 72 -20.17 0.47 -2.11
C ASP A 72 -20.56 -0.08 -0.73
N ASN A 73 -21.32 -1.16 -0.73
CA ASN A 73 -21.76 -1.77 0.50
C ASN A 73 -20.57 -2.11 1.40
N HIS A 74 -20.87 -2.58 2.61
CA HIS A 74 -19.81 -2.95 3.56
C HIS A 74 -20.09 -4.31 4.19
N HIS A 75 -19.20 -4.74 5.06
CA HIS A 75 -19.35 -6.03 5.74
C HIS A 75 -19.38 -7.17 4.72
N HIS A 76 -19.39 -8.40 5.21
CA HIS A 76 -19.42 -9.57 4.35
C HIS A 76 -18.17 -9.65 3.48
N HIS A 77 -17.23 -10.51 3.88
CA HIS A 77 -15.99 -10.68 3.14
C HIS A 77 -15.91 -12.05 2.50
N HIS A 78 -14.74 -12.39 1.97
CA HIS A 78 -14.55 -13.69 1.33
C HIS A 78 -13.29 -14.38 1.87
N HIS A 79 -12.13 -13.87 1.48
CA HIS A 79 -10.86 -14.44 1.93
C HIS A 79 -9.76 -13.38 1.92
N MET B 1 19.34 22.96 -11.57
CA MET B 1 18.11 22.58 -10.87
C MET B 1 17.28 23.80 -10.51
N LYS B 2 15.97 23.68 -10.66
CA LYS B 2 15.06 24.77 -10.35
C LYS B 2 13.62 24.27 -10.26
N ILE B 3 13.24 23.39 -11.17
CA ILE B 3 11.89 22.83 -11.18
C ILE B 3 11.57 22.15 -9.87
N ASP B 4 10.47 22.57 -9.24
CA ASP B 4 10.05 21.99 -7.97
C ASP B 4 8.69 22.56 -7.55
N ALA B 5 7.69 21.68 -7.45
CA ALA B 5 6.36 22.08 -7.06
C ALA B 5 5.58 20.92 -6.45
N ILE B 6 4.39 21.21 -5.94
CA ILE B 6 3.55 20.18 -5.33
C ILE B 6 3.01 19.23 -6.38
N VAL B 7 3.01 17.93 -6.06
CA VAL B 7 2.51 16.91 -6.98
C VAL B 7 1.49 16.01 -6.29
N GLY B 8 0.39 15.73 -6.98
CA GLY B 8 -0.63 14.87 -6.42
C GLY B 8 -1.88 14.82 -7.29
N ARG B 9 -2.15 13.66 -7.87
CA ARG B 9 -3.32 13.48 -8.72
C ARG B 9 -3.41 12.06 -9.24
N ASN B 10 -4.63 11.57 -9.46
CA ASN B 10 -4.84 10.22 -9.95
C ASN B 10 -4.88 10.20 -11.48
N SER B 11 -3.99 9.43 -12.09
CA SER B 11 -3.93 9.32 -13.54
C SER B 11 -3.90 7.86 -13.97
N ALA B 12 -4.65 7.56 -15.03
CA ALA B 12 -4.72 6.19 -15.54
C ALA B 12 -4.49 6.17 -17.05
N LYS B 13 -4.15 5.00 -17.58
CA LYS B 13 -3.91 4.84 -19.02
C LYS B 13 -4.91 3.87 -19.63
N ASP B 14 -5.33 2.89 -18.85
CA ASP B 14 -6.30 1.89 -19.31
C ASP B 14 -6.91 1.13 -18.15
N ILE B 15 -8.21 0.89 -18.22
CA ILE B 15 -8.91 0.17 -17.16
C ILE B 15 -9.90 -0.83 -17.75
N ARG B 16 -9.69 -2.11 -17.45
CA ARG B 16 -10.56 -3.17 -17.94
C ARG B 16 -10.98 -4.10 -16.81
N THR B 17 -12.28 -4.19 -16.57
CA THR B 17 -12.81 -5.04 -15.51
C THR B 17 -14.01 -5.84 -16.00
N GLU B 18 -14.11 -7.09 -15.58
CA GLU B 18 -15.20 -7.96 -15.97
C GLU B 18 -15.59 -8.90 -14.83
N GLU B 19 -16.74 -9.56 -14.98
CA GLU B 19 -17.23 -10.48 -13.97
C GLU B 19 -17.48 -9.77 -12.65
N ARG B 20 -18.42 -8.83 -12.65
CA ARG B 20 -18.75 -8.06 -11.46
C ARG B 20 -17.48 -7.54 -10.78
N ALA B 21 -16.73 -6.71 -11.51
CA ALA B 21 -15.50 -6.14 -10.98
C ALA B 21 -15.69 -4.67 -10.59
N ARG B 22 -14.90 -4.20 -9.64
CA ARG B 22 -14.98 -2.82 -9.18
C ARG B 22 -13.62 -2.16 -9.19
N VAL B 23 -13.57 -0.92 -9.69
CA VAL B 23 -12.31 -0.18 -9.76
C VAL B 23 -12.53 1.30 -9.42
N GLN B 24 -11.79 1.78 -8.42
CA GLN B 24 -11.91 3.17 -8.00
C GLN B 24 -10.58 3.90 -8.18
N LEU B 25 -10.65 5.13 -8.69
CA LEU B 25 -9.46 5.93 -8.91
C LEU B 25 -9.63 7.33 -8.32
N GLY B 26 -8.76 7.66 -7.37
CA GLY B 26 -8.83 8.97 -6.73
C GLY B 26 -8.61 8.90 -5.23
N ASN B 27 -8.54 10.06 -4.59
CA ASN B 27 -8.33 10.13 -3.15
C ASN B 27 -9.66 10.09 -2.41
N VAL B 28 -9.71 9.32 -1.33
CA VAL B 28 -10.92 9.20 -0.52
C VAL B 28 -10.68 9.66 0.91
N VAL B 29 -11.50 10.59 1.38
CA VAL B 29 -11.38 11.11 2.73
C VAL B 29 -12.67 10.87 3.53
N THR B 30 -12.52 10.30 4.72
CA THR B 30 -13.65 10.01 5.58
C THR B 30 -14.23 11.30 6.17
N ALA B 31 -15.35 11.16 6.89
CA ALA B 31 -16.00 12.32 7.49
C ALA B 31 -15.07 13.01 8.49
N ALA B 32 -14.33 12.21 9.25
CA ALA B 32 -13.40 12.76 10.24
C ALA B 32 -12.39 13.69 9.58
N ALA B 33 -11.97 13.36 8.36
CA ALA B 33 -11.01 14.16 7.63
C ALA B 33 -11.46 15.62 7.56
N LEU B 34 -12.77 15.84 7.57
CA LEU B 34 -13.33 17.18 7.51
C LEU B 34 -13.33 17.83 8.90
N HIS B 35 -12.14 17.92 9.49
CA HIS B 35 -12.00 18.53 10.81
C HIS B 35 -11.12 19.78 10.76
N GLY B 36 -9.84 19.57 10.46
CA GLY B 36 -8.91 20.69 10.38
C GLY B 36 -7.87 20.49 9.30
N GLY B 37 -6.66 20.98 9.55
CA GLY B 37 -5.59 20.85 8.58
C GLY B 37 -4.26 21.32 9.11
N ILE B 38 -3.38 20.38 9.45
CA ILE B 38 -2.07 20.71 9.99
C ILE B 38 -1.08 21.02 8.86
N ARG B 39 -0.12 21.90 9.13
CA ARG B 39 0.88 22.29 8.15
C ARG B 39 1.86 21.14 7.92
N ILE B 40 1.48 20.21 7.06
CA ILE B 40 2.32 19.06 6.74
C ILE B 40 2.36 18.80 5.24
N SER B 41 3.49 18.28 4.77
CA SER B 41 3.67 17.99 3.34
C SER B 41 2.72 16.88 2.89
N ASP B 42 1.68 17.26 2.16
CA ASP B 42 0.70 16.30 1.67
C ASP B 42 0.75 16.21 0.14
N GLN B 43 1.74 15.52 -0.38
CA GLN B 43 1.90 15.35 -1.81
C GLN B 43 1.70 13.90 -2.22
N THR B 44 0.45 13.48 -2.33
CA THR B 44 0.13 12.11 -2.71
C THR B 44 -0.27 12.03 -4.18
N THR B 45 0.46 11.22 -4.94
CA THR B 45 0.18 11.04 -6.36
C THR B 45 0.07 9.57 -6.73
N ASN B 46 -0.95 9.23 -7.49
CA ASN B 46 -1.16 7.85 -7.92
C ASN B 46 -1.30 7.76 -9.44
N SER B 47 -0.53 6.85 -10.04
CA SER B 47 -0.56 6.67 -11.48
C SER B 47 -0.57 5.18 -11.84
N VAL B 48 -1.56 4.77 -12.60
CA VAL B 48 -1.68 3.38 -13.02
C VAL B 48 -1.65 3.25 -14.54
N GLU B 49 -0.84 2.30 -15.03
CA GLU B 49 -0.71 2.09 -16.46
C GLU B 49 -1.94 1.37 -17.01
N THR B 50 -2.03 0.07 -16.74
CA THR B 50 -3.15 -0.73 -17.21
C THR B 50 -3.67 -1.64 -16.11
N VAL B 51 -5.00 -1.67 -15.96
CA VAL B 51 -5.63 -2.50 -14.94
C VAL B 51 -6.55 -3.54 -15.57
N VAL B 52 -6.33 -4.81 -15.22
CA VAL B 52 -7.14 -5.89 -15.75
C VAL B 52 -7.70 -6.76 -14.63
N GLY B 53 -9.02 -6.93 -14.62
CA GLY B 53 -9.66 -7.74 -13.60
C GLY B 53 -10.56 -8.80 -14.18
N LYS B 54 -10.44 -10.02 -13.67
CA LYS B 54 -11.26 -11.13 -14.15
C LYS B 54 -11.89 -11.88 -12.97
N GLY B 55 -13.08 -12.42 -13.20
CA GLY B 55 -13.78 -13.16 -12.15
C GLY B 55 -13.82 -12.39 -10.85
N GLU B 56 -14.52 -11.26 -10.85
CA GLU B 56 -14.64 -10.44 -9.65
C GLU B 56 -13.28 -9.89 -9.23
N SER B 57 -12.98 -8.66 -9.65
CA SER B 57 -11.71 -8.03 -9.31
C SER B 57 -11.94 -6.69 -8.63
N ARG B 58 -11.06 -6.34 -7.69
CA ARG B 58 -11.17 -5.08 -6.98
C ARG B 58 -9.85 -4.30 -7.05
N VAL B 59 -9.93 -3.04 -7.47
CA VAL B 59 -8.75 -2.19 -7.59
C VAL B 59 -9.01 -0.81 -7.00
N LEU B 60 -8.19 -0.42 -6.05
CA LEU B 60 -8.33 0.89 -5.39
C LEU B 60 -7.08 1.74 -5.62
N ILE B 61 -7.24 2.83 -6.37
CA ILE B 61 -6.13 3.73 -6.66
C ILE B 61 -6.31 5.06 -5.94
N GLY B 62 -5.29 5.47 -5.19
CA GLY B 62 -5.34 6.71 -4.47
C GLY B 62 -5.02 6.55 -2.99
N ASN B 63 -5.35 7.57 -2.21
CA ASN B 63 -5.09 7.53 -0.77
C ASN B 63 -6.39 7.52 0.02
N GLU B 64 -6.37 6.87 1.19
CA GLU B 64 -7.55 6.79 2.04
C GLU B 64 -7.27 7.41 3.40
N TYR B 65 -8.19 8.28 3.84
CA TYR B 65 -8.04 8.95 5.12
C TYR B 65 -9.18 8.56 6.08
N GLY B 66 -8.81 8.08 7.25
CA GLY B 66 -9.81 7.68 8.24
C GLY B 66 -9.55 6.29 8.79
N GLY B 67 -10.47 5.81 9.62
CA GLY B 67 -10.31 4.49 10.21
C GLY B 67 -11.60 3.69 10.19
N LYS B 68 -12.22 3.60 9.01
CA LYS B 68 -13.47 2.86 8.86
C LYS B 68 -13.21 1.46 8.31
N GLY B 69 -12.01 0.96 8.55
CA GLY B 69 -11.65 -0.37 8.06
C GLY B 69 -10.64 -0.33 6.95
N PHE B 70 -9.95 0.80 6.83
CA PHE B 70 -8.93 0.97 5.79
C PHE B 70 -9.57 1.05 4.41
N TRP B 71 -10.00 -0.11 3.90
CA TRP B 71 -10.62 -0.16 2.58
C TRP B 71 -11.78 -1.17 2.58
N ASP B 72 -11.43 -2.46 2.59
CA ASP B 72 -12.42 -3.52 2.59
C ASP B 72 -12.96 -3.76 4.00
N ASN B 73 -13.76 -4.82 4.15
CA ASN B 73 -14.33 -5.15 5.44
C ASN B 73 -13.35 -5.97 6.27
N HIS B 74 -13.03 -7.17 5.80
CA HIS B 74 -12.11 -8.06 6.49
C HIS B 74 -10.92 -8.41 5.60
N HIS B 75 -10.05 -9.29 6.11
CA HIS B 75 -8.87 -9.70 5.36
C HIS B 75 -8.07 -10.73 6.15
N HIS B 76 -6.93 -11.14 5.59
CA HIS B 76 -6.06 -12.11 6.25
C HIS B 76 -6.78 -13.45 6.41
N HIS B 77 -6.01 -14.50 6.68
CA HIS B 77 -6.57 -15.84 6.85
C HIS B 77 -5.54 -16.79 7.46
N HIS B 78 -6.01 -17.87 8.06
CA HIS B 78 -5.13 -18.85 8.68
C HIS B 78 -4.07 -19.33 7.68
N HIS B 79 -3.06 -20.01 8.19
CA HIS B 79 -1.98 -20.53 7.35
C HIS B 79 -1.25 -19.38 6.64
N MET C 1 -3.70 19.28 -16.29
CA MET C 1 -3.66 18.98 -17.72
C MET C 1 -3.86 17.49 -17.97
N LYS C 2 -3.86 17.10 -19.24
CA LYS C 2 -4.03 15.71 -19.61
C LYS C 2 -2.72 15.10 -20.08
N ILE C 3 -1.93 14.60 -19.14
CA ILE C 3 -0.64 14.00 -19.46
C ILE C 3 -0.55 12.58 -18.90
N ASP C 4 0.03 11.68 -19.69
CA ASP C 4 0.19 10.29 -19.27
C ASP C 4 1.55 10.06 -18.65
N ALA C 5 1.98 10.98 -17.79
CA ALA C 5 3.27 10.87 -17.13
C ALA C 5 3.39 11.88 -16.00
N ILE C 6 2.74 11.60 -14.87
CA ILE C 6 2.77 12.49 -13.72
C ILE C 6 3.68 11.93 -12.62
N VAL C 7 4.98 12.19 -12.75
CA VAL C 7 5.94 11.72 -11.78
C VAL C 7 5.53 12.10 -10.35
N GLY C 8 5.39 11.10 -9.49
CA GLY C 8 5.00 11.36 -8.12
C GLY C 8 5.64 10.38 -7.15
N ARG C 9 4.83 9.47 -6.61
CA ARG C 9 5.33 8.48 -5.65
C ARG C 9 4.82 7.08 -6.01
N ASN C 10 3.51 6.93 -6.09
CA ASN C 10 2.90 5.65 -6.42
C ASN C 10 2.65 5.54 -7.92
N SER C 11 3.42 4.67 -8.57
CA SER C 11 3.30 4.47 -10.00
C SER C 11 3.36 2.98 -10.36
N ALA C 12 2.51 2.57 -11.29
CA ALA C 12 2.46 1.18 -11.72
C ALA C 12 2.63 1.05 -13.22
N LYS C 13 3.02 -0.13 -13.68
CA LYS C 13 3.21 -0.38 -15.11
C LYS C 13 2.17 -1.36 -15.64
N ASP C 14 1.72 -2.26 -14.77
CA ASP C 14 0.71 -3.25 -15.14
C ASP C 14 0.08 -3.89 -13.91
N ILE C 15 -1.23 -4.07 -13.94
CA ILE C 15 -1.95 -4.68 -12.83
C ILE C 15 -2.99 -5.68 -13.33
N ARG C 16 -2.82 -6.93 -12.94
CA ARG C 16 -3.74 -7.99 -13.34
C ARG C 16 -4.13 -8.86 -12.15
N THR C 17 -5.42 -8.89 -11.83
CA THR C 17 -5.91 -9.68 -10.71
C THR C 17 -7.15 -10.47 -11.11
N GLU C 18 -7.29 -11.66 -10.53
CA GLU C 18 -8.43 -12.53 -10.83
C GLU C 18 -8.78 -13.39 -9.62
N GLU C 19 -9.95 -14.02 -9.67
CA GLU C 19 -10.40 -14.88 -8.58
C GLU C 19 -10.55 -14.09 -7.30
N ARG C 20 -11.48 -13.14 -7.30
CA ARG C 20 -11.72 -12.30 -6.12
C ARG C 20 -10.42 -11.76 -5.56
N ALA C 21 -9.70 -11.00 -6.39
CA ALA C 21 -8.43 -10.42 -5.96
C ALA C 21 -8.57 -8.94 -5.67
N ARG C 22 -7.75 -8.44 -4.75
CA ARG C 22 -7.79 -7.02 -4.37
C ARG C 22 -6.41 -6.39 -4.51
N VAL C 23 -6.38 -5.19 -5.09
CA VAL C 23 -5.13 -4.47 -5.28
C VAL C 23 -5.29 -2.98 -5.00
N GLN C 24 -4.52 -2.47 -4.05
CA GLN C 24 -4.58 -1.07 -3.69
C GLN C 24 -3.27 -0.36 -4.00
N LEU C 25 -3.37 0.84 -4.55
CA LEU C 25 -2.19 1.62 -4.91
C LEU C 25 -2.27 3.02 -4.32
N GLY C 26 -1.31 3.36 -3.45
CA GLY C 26 -1.28 4.66 -2.83
C GLY C 26 -1.01 4.59 -1.34
N ASN C 27 -0.97 5.76 -0.69
CA ASN C 27 -0.71 5.81 0.74
C ASN C 27 -2.01 5.80 1.53
N VAL C 28 -2.04 5.00 2.60
CA VAL C 28 -3.22 4.89 3.44
C VAL C 28 -2.94 5.38 4.85
N VAL C 29 -3.76 6.31 5.32
CA VAL C 29 -3.61 6.88 6.66
C VAL C 29 -4.82 6.59 7.53
N THR C 30 -4.58 6.06 8.73
CA THR C 30 -5.66 5.73 9.64
C THR C 30 -6.33 6.99 10.18
N ALA C 31 -7.44 6.81 10.89
CA ALA C 31 -8.18 7.94 11.45
C ALA C 31 -7.27 8.83 12.27
N ALA C 32 -6.28 8.22 12.93
CA ALA C 32 -5.33 8.97 13.76
C ALA C 32 -4.64 10.06 12.95
N ALA C 33 -4.37 9.76 11.68
CA ALA C 33 -3.70 10.71 10.80
C ALA C 33 -2.24 10.92 11.21
N LEU C 34 -2.05 11.69 12.27
CA LEU C 34 -0.70 11.97 12.77
C LEU C 34 -0.55 11.50 14.20
N HIS C 35 -1.62 11.59 14.98
CA HIS C 35 -1.60 11.16 16.37
C HIS C 35 -0.43 11.80 17.13
N GLY C 36 -0.59 13.07 17.49
CA GLY C 36 0.46 13.77 18.21
C GLY C 36 0.79 15.11 17.59
N GLY C 37 1.66 15.87 18.24
CA GLY C 37 2.05 17.17 17.73
C GLY C 37 3.41 17.16 17.07
N ILE C 38 3.87 15.97 16.69
CA ILE C 38 5.16 15.83 16.03
C ILE C 38 5.13 16.38 14.61
N ARG C 39 6.27 16.33 13.94
CA ARG C 39 6.38 16.82 12.57
C ARG C 39 7.09 15.82 11.67
N ILE C 40 6.62 15.69 10.44
CA ILE C 40 7.22 14.76 9.48
C ILE C 40 7.58 15.47 8.18
N SER C 41 8.60 14.95 7.50
CA SER C 41 9.05 15.53 6.25
C SER C 41 9.81 14.50 5.41
N ASP C 42 9.20 13.34 5.24
CA ASP C 42 9.81 12.26 4.46
C ASP C 42 9.07 12.08 3.12
N GLN C 43 9.82 11.67 2.10
CA GLN C 43 9.25 11.45 0.78
C GLN C 43 9.22 9.97 0.44
N THR C 44 8.02 9.40 0.40
CA THR C 44 7.85 7.98 0.10
C THR C 44 7.49 7.78 -1.38
N THR C 45 8.21 6.90 -2.05
CA THR C 45 7.97 6.62 -3.46
C THR C 45 7.95 5.12 -3.72
N ASN C 46 6.86 4.64 -4.31
CA ASN C 46 6.72 3.22 -4.62
C ASN C 46 6.38 3.01 -6.10
N SER C 47 7.17 2.17 -6.76
CA SER C 47 6.97 1.90 -8.18
C SER C 47 6.91 0.39 -8.43
N VAL C 48 5.80 -0.06 -9.03
CA VAL C 48 5.62 -1.48 -9.33
C VAL C 48 5.70 -1.73 -10.83
N GLU C 49 6.26 -2.88 -11.19
CA GLU C 49 6.41 -3.25 -12.59
C GLU C 49 5.14 -3.93 -13.10
N THR C 50 4.85 -5.11 -12.57
CA THR C 50 3.68 -5.87 -12.96
C THR C 50 3.11 -6.67 -11.80
N VAL C 51 1.78 -6.68 -11.68
CA VAL C 51 1.12 -7.41 -10.61
C VAL C 51 0.23 -8.52 -11.16
N VAL C 52 0.46 -9.74 -10.70
CA VAL C 52 -0.33 -10.88 -11.15
C VAL C 52 -0.90 -11.66 -9.97
N GLY C 53 -2.22 -11.68 -9.87
CA GLY C 53 -2.87 -12.39 -8.78
C GLY C 53 -3.78 -13.50 -9.26
N LYS C 54 -3.66 -14.68 -8.66
CA LYS C 54 -4.47 -15.83 -9.04
C LYS C 54 -5.07 -16.50 -7.81
N GLY C 55 -6.32 -16.95 -7.93
CA GLY C 55 -6.99 -17.60 -6.82
C GLY C 55 -6.90 -16.79 -5.54
N GLU C 56 -7.59 -15.66 -5.51
CA GLU C 56 -7.60 -14.79 -4.33
C GLU C 56 -6.20 -14.24 -4.05
N SER C 57 -5.93 -13.05 -4.58
CA SER C 57 -4.62 -12.42 -4.40
C SER C 57 -4.78 -11.01 -3.82
N ARG C 58 -3.83 -10.61 -2.99
CA ARG C 58 -3.87 -9.30 -2.37
C ARG C 58 -2.53 -8.58 -2.55
N VAL C 59 -2.59 -7.35 -3.06
CA VAL C 59 -1.38 -6.55 -3.29
C VAL C 59 -1.60 -5.10 -2.86
N LEU C 60 -0.65 -4.58 -2.10
CA LEU C 60 -0.73 -3.19 -1.63
C LEU C 60 0.55 -2.44 -1.93
N ILE C 61 0.46 -1.48 -2.84
CA ILE C 61 1.61 -0.67 -3.23
C ILE C 61 1.52 0.74 -2.65
N GLY C 62 2.31 1.00 -1.61
CA GLY C 62 2.30 2.31 -0.99
C GLY C 62 2.55 2.24 0.50
N ASN C 63 2.56 3.40 1.16
CA ASN C 63 2.80 3.47 2.59
C ASN C 63 1.50 3.36 3.37
N GLU C 64 1.58 2.92 4.62
CA GLU C 64 0.41 2.78 5.46
C GLU C 64 0.67 3.31 6.87
N TYR C 65 -0.34 3.93 7.46
CA TYR C 65 -0.21 4.49 8.80
C TYR C 65 -1.37 4.04 9.69
N GLY C 66 -1.03 3.45 10.83
CA GLY C 66 -2.04 2.98 11.76
C GLY C 66 -1.60 1.78 12.56
N GLY C 67 -1.51 1.94 13.87
CA GLY C 67 -1.08 0.84 14.72
C GLY C 67 -2.03 -0.34 14.68
N LYS C 68 -3.32 -0.05 14.50
CA LYS C 68 -4.33 -1.09 14.43
C LYS C 68 -4.26 -1.85 13.11
N GLY C 69 -3.29 -2.76 13.01
CA GLY C 69 -3.13 -3.53 11.79
C GLY C 69 -2.54 -2.72 10.66
N PHE C 70 -1.26 -2.94 10.37
CA PHE C 70 -0.58 -2.22 9.30
C PHE C 70 -1.28 -2.43 7.96
N TRP C 71 -1.93 -3.58 7.81
CA TRP C 71 -2.64 -3.91 6.58
C TRP C 71 -3.60 -5.07 6.80
N ASP C 72 -3.15 -6.08 7.53
CA ASP C 72 -3.97 -7.25 7.82
C ASP C 72 -3.97 -7.57 9.30
N ASN C 73 -2.81 -7.96 9.83
CA ASN C 73 -2.69 -8.28 11.25
C ASN C 73 -3.57 -9.48 11.60
N HIS C 74 -3.29 -10.09 12.75
CA HIS C 74 -4.05 -11.24 13.21
C HIS C 74 -3.62 -11.66 14.62
N HIS C 75 -3.31 -10.67 15.45
CA HIS C 75 -2.88 -10.94 16.82
C HIS C 75 -4.08 -11.21 17.72
N HIS C 76 -4.33 -12.49 18.00
CA HIS C 76 -5.45 -12.88 18.85
C HIS C 76 -5.43 -14.39 19.11
N HIS C 77 -5.21 -14.76 20.36
CA HIS C 77 -5.17 -16.17 20.74
C HIS C 77 -5.05 -16.32 22.26
N HIS C 78 -4.91 -17.55 22.72
CA HIS C 78 -4.79 -17.84 24.13
C HIS C 78 -3.31 -17.89 24.56
N HIS C 79 -2.88 -16.86 25.27
CA HIS C 79 -1.49 -16.79 25.73
C HIS C 79 -0.52 -16.91 24.56
N MET D 1 6.99 9.88 -22.67
CA MET D 1 6.49 10.94 -21.80
C MET D 1 7.01 10.78 -20.38
N LYS D 2 7.32 9.54 -20.00
CA LYS D 2 7.82 9.24 -18.68
C LYS D 2 9.12 9.99 -18.40
N ILE D 3 9.47 10.13 -17.13
CA ILE D 3 10.69 10.83 -16.74
C ILE D 3 10.94 10.72 -15.24
N ASP D 4 12.20 10.64 -14.86
CA ASP D 4 12.57 10.53 -13.45
C ASP D 4 14.08 10.67 -13.27
N ALA D 5 14.52 10.71 -12.02
CA ALA D 5 15.94 10.84 -11.71
C ALA D 5 16.27 10.19 -10.37
N ILE D 6 17.57 10.03 -10.10
CA ILE D 6 18.01 9.43 -8.85
C ILE D 6 17.50 7.99 -8.73
N VAL D 7 18.29 7.04 -9.20
CA VAL D 7 17.92 5.64 -9.13
C VAL D 7 17.87 5.15 -7.69
N GLY D 8 16.94 4.23 -7.42
CA GLY D 8 16.80 3.70 -6.07
C GLY D 8 15.36 3.72 -5.59
N ARG D 9 15.18 3.97 -4.29
CA ARG D 9 13.85 4.00 -3.71
C ARG D 9 13.16 2.64 -3.83
N ASN D 10 11.86 2.62 -3.55
CA ASN D 10 11.08 1.39 -3.63
C ASN D 10 10.64 1.12 -5.06
N SER D 11 11.22 0.08 -5.67
CA SER D 11 10.88 -0.29 -7.04
C SER D 11 10.80 -1.80 -7.19
N ALA D 12 9.92 -2.26 -8.07
CA ALA D 12 9.75 -3.68 -8.31
C ALA D 12 9.92 -4.02 -9.79
N LYS D 13 10.13 -5.29 -10.09
CA LYS D 13 10.32 -5.75 -11.45
C LYS D 13 9.20 -6.71 -11.86
N ASP D 14 8.70 -7.45 -10.89
CA ASP D 14 7.63 -8.41 -11.16
C ASP D 14 7.01 -8.91 -9.85
N ILE D 15 5.69 -9.04 -9.84
CA ILE D 15 4.97 -9.50 -8.66
C ILE D 15 3.88 -10.49 -9.02
N ARG D 16 4.03 -11.72 -8.55
CA ARG D 16 3.05 -12.77 -8.83
C ARG D 16 2.73 -13.58 -7.57
N THR D 17 1.48 -13.53 -7.14
CA THR D 17 1.04 -14.24 -5.96
C THR D 17 -0.28 -14.96 -6.19
N GLU D 18 -0.49 -16.05 -5.47
CA GLU D 18 -1.72 -16.82 -5.59
C GLU D 18 -2.00 -17.63 -4.33
N GLU D 19 -3.21 -18.17 -4.23
CA GLU D 19 -3.60 -18.96 -3.07
C GLU D 19 -3.61 -18.11 -1.80
N ARG D 20 -4.53 -17.16 -1.75
CA ARG D 20 -4.64 -16.27 -0.60
C ARG D 20 -3.28 -15.68 -0.23
N ALA D 21 -2.55 -15.21 -1.24
CA ALA D 21 -1.24 -14.62 -1.02
C ALA D 21 -1.35 -13.10 -0.86
N ARG D 22 -0.40 -12.53 -0.11
CA ARG D 22 -0.40 -11.09 0.13
C ARG D 22 1.00 -10.51 -0.09
N VAL D 23 1.06 -9.38 -0.78
CA VAL D 23 2.33 -8.73 -1.07
C VAL D 23 2.25 -7.23 -0.79
N GLN D 24 3.13 -6.77 0.10
CA GLN D 24 3.16 -5.35 0.46
C GLN D 24 4.40 -4.67 -0.11
N LEU D 25 4.21 -3.48 -0.68
CA LEU D 25 5.31 -2.73 -1.26
C LEU D 25 5.36 -1.32 -0.68
N GLY D 26 6.48 -1.00 -0.03
CA GLY D 26 6.64 0.33 0.56
C GLY D 26 6.92 0.27 2.04
N ASN D 27 7.18 1.43 2.64
CA ASN D 27 7.46 1.50 4.07
C ASN D 27 6.18 1.70 4.87
N VAL D 28 6.14 1.10 6.05
CA VAL D 28 4.96 1.21 6.93
C VAL D 28 5.32 1.88 8.24
N VAL D 29 4.48 2.83 8.66
CA VAL D 29 4.70 3.55 9.91
C VAL D 29 3.58 3.29 10.91
N THR D 30 3.95 2.94 12.14
CA THR D 30 2.98 2.67 13.18
C THR D 30 2.24 3.93 13.59
N ALA D 31 1.24 3.78 14.47
CA ALA D 31 0.47 4.92 14.95
C ALA D 31 1.39 6.01 15.50
N ALA D 32 2.47 5.60 16.15
CA ALA D 32 3.42 6.54 16.73
C ALA D 32 3.94 7.50 15.67
N ALA D 33 4.12 7.00 14.45
CA ALA D 33 4.62 7.82 13.35
C ALA D 33 6.04 8.28 13.61
N LEU D 34 6.75 8.63 12.55
CA LEU D 34 8.14 9.09 12.67
C LEU D 34 8.18 10.58 12.99
N HIS D 35 9.35 11.05 13.40
CA HIS D 35 9.53 12.46 13.74
C HIS D 35 10.97 12.73 14.17
N GLY D 36 11.63 13.63 13.44
CA GLY D 36 13.01 13.97 13.76
C GLY D 36 13.78 14.46 12.55
N GLY D 37 15.03 14.86 12.76
CA GLY D 37 15.86 15.35 11.67
C GLY D 37 16.80 16.45 12.10
N ILE D 38 18.10 16.20 11.94
CA ILE D 38 19.11 17.19 12.32
C ILE D 38 20.32 17.10 11.41
N ARG D 39 21.11 16.04 11.56
CA ARG D 39 22.29 15.84 10.75
C ARG D 39 22.36 14.41 10.21
N ILE D 40 22.70 13.48 11.10
CA ILE D 40 22.79 12.07 10.72
C ILE D 40 21.53 11.60 10.01
N SER D 41 21.70 10.69 9.06
CA SER D 41 20.57 10.17 8.30
C SER D 41 21.00 9.01 7.40
N ASP D 42 20.06 8.48 6.64
CA ASP D 42 20.34 7.37 5.73
C ASP D 42 19.15 7.10 4.81
N GLN D 43 19.33 7.40 3.53
CA GLN D 43 18.27 7.19 2.55
C GLN D 43 17.95 5.71 2.40
N THR D 44 16.66 5.39 2.38
CA THR D 44 16.21 4.01 2.25
C THR D 44 15.93 3.65 0.79
N THR D 45 16.57 2.60 0.30
CA THR D 45 16.38 2.17 -1.08
C THR D 45 16.16 0.66 -1.15
N ASN D 46 14.99 0.27 -1.64
CA ASN D 46 14.65 -1.15 -1.76
C ASN D 46 14.26 -1.49 -3.20
N SER D 47 14.91 -2.50 -3.75
CA SER D 47 14.65 -2.93 -5.12
C SER D 47 14.41 -4.44 -5.18
N VAL D 48 13.26 -4.83 -5.70
CA VAL D 48 12.91 -6.24 -5.81
C VAL D 48 12.79 -6.67 -7.27
N GLU D 49 13.21 -7.90 -7.57
CA GLU D 49 13.16 -8.42 -8.93
C GLU D 49 11.80 -9.04 -9.22
N THR D 50 11.63 -10.30 -8.81
CA THR D 50 10.38 -11.01 -9.03
C THR D 50 9.92 -11.71 -7.76
N VAL D 51 8.62 -11.63 -7.48
CA VAL D 51 8.05 -12.25 -6.30
C VAL D 51 7.04 -13.34 -6.67
N VAL D 52 7.31 -14.57 -6.25
CA VAL D 52 6.42 -15.69 -6.55
C VAL D 52 5.90 -16.32 -5.27
N GLY D 53 4.57 -16.34 -5.13
CA GLY D 53 3.95 -16.92 -3.95
C GLY D 53 3.01 -18.05 -4.29
N LYS D 54 3.12 -19.15 -3.56
CA LYS D 54 2.27 -20.32 -3.79
C LYS D 54 1.70 -20.84 -2.48
N GLY D 55 0.46 -21.31 -2.52
CA GLY D 55 -0.18 -21.83 -1.32
C GLY D 55 0.03 -20.93 -0.11
N GLU D 56 -0.84 -19.94 0.04
CA GLU D 56 -0.74 -19.00 1.16
C GLU D 56 0.68 -18.45 1.29
N SER D 57 1.01 -17.49 0.43
CA SER D 57 2.34 -16.89 0.45
C SER D 57 2.28 -15.46 0.98
N ARG D 58 3.33 -15.06 1.71
CA ARG D 58 3.39 -13.72 2.27
C ARG D 58 4.75 -13.08 2.01
N VAL D 59 4.74 -11.89 1.43
CA VAL D 59 5.97 -11.18 1.11
C VAL D 59 5.83 -9.68 1.41
N LEU D 60 6.71 -9.18 2.27
CA LEU D 60 6.70 -7.76 2.64
C LEU D 60 7.95 -7.05 2.13
N ILE D 61 7.77 -6.18 1.15
CA ILE D 61 8.89 -5.43 0.59
C ILE D 61 8.87 -3.98 1.07
N GLY D 62 9.81 -3.65 1.96
CA GLY D 62 9.89 -2.30 2.48
C GLY D 62 10.31 -2.26 3.94
N ASN D 63 10.54 -1.06 4.46
CA ASN D 63 10.95 -0.90 5.85
C ASN D 63 9.74 -0.67 6.75
N GLU D 64 9.74 -1.33 7.91
CA GLU D 64 8.65 -1.19 8.86
C GLU D 64 9.11 -0.47 10.12
N TYR D 65 8.24 0.38 10.65
CA TYR D 65 8.55 1.13 11.86
C TYR D 65 7.43 1.01 12.89
N GLY D 66 7.79 0.57 14.10
CA GLY D 66 6.80 0.42 15.16
C GLY D 66 7.33 -0.38 16.32
N GLY D 67 8.61 -0.17 16.66
CA GLY D 67 9.21 -0.89 17.76
C GLY D 67 8.99 -2.38 17.68
N LYS D 68 8.55 -2.97 18.80
CA LYS D 68 8.30 -4.41 18.85
C LYS D 68 7.36 -4.84 17.71
N GLY D 69 6.50 -3.92 17.29
CA GLY D 69 5.57 -4.23 16.22
C GLY D 69 6.27 -4.62 14.93
N PHE D 70 6.39 -5.93 14.71
CA PHE D 70 7.05 -6.44 13.51
C PHE D 70 6.01 -6.86 12.47
N TRP D 71 6.50 -7.41 11.36
CA TRP D 71 5.63 -7.85 10.28
C TRP D 71 4.68 -8.95 10.76
N ASP D 72 5.25 -10.05 11.24
CA ASP D 72 4.46 -11.18 11.73
C ASP D 72 5.28 -12.04 12.67
N ASN D 73 4.60 -12.98 13.34
CA ASN D 73 5.27 -13.87 14.28
C ASN D 73 4.70 -15.28 14.19
N HIS D 74 5.55 -16.28 14.39
CA HIS D 74 5.15 -17.67 14.33
C HIS D 74 4.46 -18.10 15.62
N HIS D 75 3.62 -19.13 15.54
CA HIS D 75 2.90 -19.63 16.71
C HIS D 75 2.47 -21.07 16.50
N HIS D 76 3.43 -21.98 16.50
CA HIS D 76 3.15 -23.40 16.31
C HIS D 76 4.34 -24.26 16.75
N HIS D 77 4.11 -25.56 16.88
CA HIS D 77 5.16 -26.48 17.30
C HIS D 77 4.81 -27.91 16.88
N HIS D 78 5.82 -28.64 16.40
CA HIS D 78 5.62 -30.02 15.97
C HIS D 78 6.38 -30.98 16.88
N HIS D 79 5.99 -32.26 16.85
CA HIS D 79 6.63 -33.28 17.66
C HIS D 79 6.46 -32.97 19.15
N MET E 1 29.65 10.42 -6.75
CA MET E 1 30.12 10.02 -5.43
C MET E 1 30.25 8.51 -5.33
N LYS E 2 31.48 8.03 -5.12
CA LYS E 2 31.74 6.61 -5.00
C LYS E 2 32.91 6.34 -4.05
N ILE E 3 33.33 5.08 -3.96
CA ILE E 3 34.43 4.70 -3.09
C ILE E 3 34.08 4.94 -1.62
N ASP E 4 33.57 3.90 -0.97
CA ASP E 4 33.19 4.00 0.43
C ASP E 4 32.67 2.67 0.95
N ALA E 5 32.20 2.66 2.20
CA ALA E 5 31.66 1.45 2.81
C ALA E 5 30.93 1.77 4.10
N ILE E 6 29.68 2.23 3.97
CA ILE E 6 28.87 2.57 5.13
C ILE E 6 27.45 2.04 4.99
N VAL E 7 26.85 1.62 6.09
CA VAL E 7 25.49 1.10 6.08
C VAL E 7 25.31 0.04 5.01
N GLY E 8 24.06 -0.33 4.75
CA GLY E 8 23.78 -1.33 3.73
C GLY E 8 22.44 -1.11 3.07
N ARG E 9 22.46 -0.91 1.75
CA ARG E 9 21.24 -0.69 0.98
C ARG E 9 20.33 -1.91 1.05
N ASN E 10 19.41 -1.99 0.10
CA ASN E 10 18.47 -3.11 0.04
C ASN E 10 18.15 -3.49 -1.40
N SER E 11 18.74 -4.59 -1.86
CA SER E 11 18.53 -5.06 -3.22
C SER E 11 18.30 -6.57 -3.25
N ALA E 12 17.42 -7.02 -4.14
CA ALA E 12 17.12 -8.44 -4.27
C ALA E 12 17.33 -8.91 -5.71
N LYS E 13 17.40 -10.23 -5.88
CA LYS E 13 17.59 -10.82 -7.20
C LYS E 13 16.42 -11.71 -7.58
N ASP E 14 15.87 -12.41 -6.59
CA ASP E 14 14.74 -13.30 -6.82
C ASP E 14 14.10 -13.72 -5.50
N ILE E 15 12.77 -13.75 -5.47
CA ILE E 15 12.05 -14.13 -4.27
C ILE E 15 10.87 -15.04 -4.61
N ARG E 16 10.96 -16.29 -4.15
CA ARG E 16 9.90 -17.27 -4.41
C ARG E 16 9.61 -18.10 -3.16
N THR E 17 8.42 -17.95 -2.61
CA THR E 17 8.02 -18.68 -1.41
C THR E 17 6.74 -19.47 -1.65
N GLU E 18 6.59 -20.58 -0.94
CA GLU E 18 5.41 -21.42 -1.07
C GLU E 18 5.18 -22.25 0.18
N GLU E 19 3.96 -22.74 0.36
CA GLU E 19 3.62 -23.55 1.52
C GLU E 19 3.72 -22.73 2.80
N ARG E 20 2.81 -21.77 2.95
CA ARG E 20 2.80 -20.91 4.13
C ARG E 20 4.19 -20.36 4.42
N ALA E 21 4.79 -19.72 3.42
CA ALA E 21 6.12 -19.15 3.57
C ALA E 21 6.05 -17.63 3.69
N ARG E 22 7.00 -17.05 4.43
CA ARG E 22 7.04 -15.61 4.63
C ARG E 22 8.43 -15.07 4.34
N VAL E 23 8.49 -13.96 3.62
CA VAL E 23 9.77 -13.33 3.27
C VAL E 23 9.68 -11.81 3.37
N GLN E 24 10.63 -11.21 4.08
CA GLN E 24 10.65 -9.76 4.26
C GLN E 24 11.95 -9.18 3.71
N LEU E 25 11.84 -8.05 3.01
CA LEU E 25 13.00 -7.39 2.42
C LEU E 25 13.11 -5.95 2.93
N GLY E 26 14.22 -5.65 3.61
CA GLY E 26 14.43 -4.32 4.12
C GLY E 26 14.73 -4.31 5.61
N ASN E 27 15.05 -3.14 6.14
CA ASN E 27 15.35 -3.00 7.57
C ASN E 27 14.15 -2.44 8.33
N VAL E 28 14.18 -2.59 9.65
CA VAL E 28 13.09 -2.11 10.49
C VAL E 28 13.61 -1.11 11.53
N VAL E 29 12.85 -0.06 11.78
CA VAL E 29 13.23 0.95 12.75
C VAL E 29 12.30 0.92 13.97
N THR E 30 12.89 0.85 15.15
CA THR E 30 12.12 0.82 16.39
C THR E 30 11.45 2.16 16.65
N ALA E 31 10.54 2.18 17.62
CA ALA E 31 9.82 3.40 17.97
C ALA E 31 10.80 4.54 18.26
N ALA E 32 11.95 4.21 18.82
CA ALA E 32 12.96 5.21 19.13
C ALA E 32 13.37 5.99 17.89
N ALA E 33 13.70 5.27 16.83
CA ALA E 33 14.10 5.90 15.58
C ALA E 33 15.25 6.88 15.80
N LEU E 34 15.61 7.61 14.75
CA LEU E 34 16.70 8.59 14.83
C LEU E 34 16.49 9.71 13.82
N HIS E 35 17.03 10.88 14.14
CA HIS E 35 16.91 12.03 13.25
C HIS E 35 17.35 11.68 11.83
N GLY E 36 16.54 12.07 10.86
CA GLY E 36 16.86 11.79 9.47
C GLY E 36 17.11 13.05 8.66
N GLY E 37 17.03 12.93 7.34
CA GLY E 37 17.27 14.07 6.48
C GLY E 37 18.54 13.95 5.67
N ILE E 38 18.43 13.36 4.47
CA ILE E 38 19.59 13.19 3.61
C ILE E 38 19.17 13.04 2.16
N ARG E 39 20.04 13.46 1.25
CA ARG E 39 19.76 13.38 -0.18
C ARG E 39 20.00 11.97 -0.71
N ILE E 40 21.28 11.62 -0.85
CA ILE E 40 21.66 10.29 -1.34
C ILE E 40 23.00 9.86 -0.77
N SER E 41 23.46 8.69 -1.19
CA SER E 41 24.74 8.16 -0.72
C SER E 41 25.14 6.92 -1.52
N ASP E 42 26.43 6.74 -1.73
CA ASP E 42 26.95 5.60 -2.47
C ASP E 42 27.91 4.79 -1.61
N GLN E 43 27.53 4.55 -0.35
CA GLN E 43 28.35 3.79 0.56
C GLN E 43 27.66 2.49 0.97
N THR E 44 26.33 2.45 0.79
CA THR E 44 25.55 1.28 1.14
C THR E 44 25.23 0.44 -0.09
N THR E 45 25.68 -0.80 -0.09
CA THR E 45 25.44 -1.70 -1.22
C THR E 45 25.10 -3.11 -0.73
N ASN E 46 23.83 -3.49 -0.86
CA ASN E 46 23.37 -4.80 -0.44
C ASN E 46 22.60 -5.50 -1.56
N SER E 47 23.13 -6.62 -2.04
CA SER E 47 22.49 -7.38 -3.10
C SER E 47 22.14 -8.79 -2.64
N VAL E 48 20.88 -9.15 -2.76
CA VAL E 48 20.41 -10.47 -2.35
C VAL E 48 20.15 -11.35 -3.56
N GLU E 49 20.58 -12.61 -3.48
CA GLU E 49 20.39 -13.56 -4.57
C GLU E 49 18.94 -14.01 -4.65
N THR E 50 18.73 -15.27 -5.04
CA THR E 50 17.40 -15.82 -5.16
C THR E 50 17.01 -16.61 -3.91
N VAL E 51 15.77 -16.42 -3.46
CA VAL E 51 15.27 -17.12 -2.28
C VAL E 51 14.15 -18.08 -2.63
N VAL E 52 14.35 -19.35 -2.31
CA VAL E 52 13.34 -20.37 -2.59
C VAL E 52 12.90 -21.07 -1.32
N GLY E 53 11.60 -20.99 -1.02
CA GLY E 53 11.07 -21.61 0.18
C GLY E 53 10.20 -22.82 -0.14
N LYS E 54 10.42 -23.91 0.57
CA LYS E 54 9.66 -25.13 0.37
C LYS E 54 9.15 -25.69 1.69
N GLY E 55 7.83 -25.74 1.84
CA GLY E 55 7.24 -26.24 3.07
C GLY E 55 7.56 -25.38 4.27
N GLU E 56 6.82 -24.28 4.42
CA GLU E 56 7.03 -23.37 5.53
C GLU E 56 8.46 -22.82 5.54
N SER E 57 8.66 -21.72 4.83
CA SER E 57 9.98 -21.10 4.74
C SER E 57 9.94 -19.67 5.26
N ARG E 58 11.03 -19.25 5.90
CA ARG E 58 11.12 -17.89 6.44
C ARG E 58 12.45 -17.25 6.06
N VAL E 59 12.38 -16.04 5.50
CA VAL E 59 13.58 -15.32 5.09
C VAL E 59 13.49 -13.85 5.47
N LEU E 60 14.46 -13.37 6.25
CA LEU E 60 14.49 -11.98 6.68
C LEU E 60 15.77 -11.29 6.21
N ILE E 61 15.63 -10.36 5.27
CA ILE E 61 16.77 -9.63 4.75
C ILE E 61 16.77 -8.19 5.25
N GLY E 62 17.95 -7.70 5.62
CA GLY E 62 18.07 -6.33 6.11
C GLY E 62 18.63 -6.28 7.52
N ASN E 63 18.42 -5.14 8.18
CA ASN E 63 18.92 -4.95 9.54
C ASN E 63 17.80 -4.47 10.47
N GLU E 64 17.97 -4.71 11.76
CA GLU E 64 16.97 -4.31 12.75
C GLU E 64 17.55 -3.30 13.72
N TYR E 65 16.97 -2.10 13.73
CA TYR E 65 17.43 -1.03 14.61
C TYR E 65 16.50 -0.86 15.80
N GLY E 66 17.05 -0.94 17.01
CA GLY E 66 16.25 -0.80 18.21
C GLY E 66 16.80 -1.61 19.37
N GLY E 67 16.14 -1.50 20.52
CA GLY E 67 16.59 -2.23 21.70
C GLY E 67 15.69 -3.41 22.01
N LYS E 68 16.30 -4.57 22.20
CA LYS E 68 15.56 -5.79 22.52
C LYS E 68 14.41 -6.00 21.52
N GLY E 69 14.77 -6.29 20.27
CA GLY E 69 13.77 -6.50 19.25
C GLY E 69 14.26 -7.43 18.15
N PHE E 70 14.98 -8.49 18.54
CA PHE E 70 15.50 -9.45 17.59
C PHE E 70 14.40 -9.96 16.67
N TRP E 71 14.77 -10.25 15.42
CA TRP E 71 13.80 -10.74 14.44
C TRP E 71 13.01 -11.92 14.99
N ASP E 72 13.72 -12.96 15.41
CA ASP E 72 13.09 -14.15 15.96
C ASP E 72 12.38 -13.82 17.28
N ASN E 73 11.06 -13.63 17.20
CA ASN E 73 10.27 -13.32 18.38
C ASN E 73 9.04 -14.21 18.46
N HIS E 74 9.18 -15.34 19.15
CA HIS E 74 8.08 -16.29 19.31
C HIS E 74 8.38 -17.28 20.42
N HIS E 75 7.34 -17.95 20.90
CA HIS E 75 7.48 -18.93 21.97
C HIS E 75 8.57 -19.95 21.63
N HIS E 76 9.48 -20.16 22.57
CA HIS E 76 10.57 -21.10 22.38
C HIS E 76 10.30 -22.42 23.10
N HIS E 77 9.52 -22.34 24.18
CA HIS E 77 9.18 -23.52 24.96
C HIS E 77 10.44 -24.19 25.51
N HIS E 78 10.27 -25.38 26.07
CA HIS E 78 11.39 -26.13 26.63
C HIS E 78 12.52 -26.25 25.62
N HIS E 79 13.62 -25.56 25.89
CA HIS E 79 14.78 -25.60 24.99
C HIS E 79 16.05 -25.95 25.76
N MET A 1 3.81 34.97 -18.86
CA MET A 1 2.98 35.73 -17.94
C MET A 1 2.99 35.11 -16.55
N LYS A 2 2.33 33.96 -16.42
CA LYS A 2 2.26 33.25 -15.14
C LYS A 2 1.47 31.96 -15.28
N ILE A 3 1.17 31.34 -14.13
CA ILE A 3 0.41 30.10 -14.13
C ILE A 3 -0.68 30.12 -13.07
N ASP A 4 -1.44 29.03 -12.97
CA ASP A 4 -2.52 28.94 -12.00
C ASP A 4 -2.80 27.48 -11.64
N ALA A 5 -3.75 27.27 -10.74
CA ALA A 5 -4.12 25.93 -10.32
C ALA A 5 -5.03 25.25 -11.35
N ILE A 6 -4.53 24.19 -11.96
CA ILE A 6 -5.30 23.45 -12.96
C ILE A 6 -5.64 22.05 -12.47
N VAL A 7 -4.81 21.52 -11.58
CA VAL A 7 -5.02 20.19 -11.03
C VAL A 7 -6.41 20.07 -10.40
N GLY A 8 -6.88 18.83 -10.25
CA GLY A 8 -8.19 18.61 -9.65
C GLY A 8 -9.30 18.65 -10.68
N ARG A 9 -9.39 17.61 -11.50
CA ARG A 9 -10.43 17.54 -12.53
C ARG A 9 -10.58 16.10 -13.04
N ASN A 10 -11.72 15.83 -13.66
CA ASN A 10 -11.99 14.49 -14.19
C ASN A 10 -11.90 14.49 -15.72
N SER A 11 -11.03 13.63 -16.25
CA SER A 11 -10.84 13.54 -17.69
C SER A 11 -11.12 12.11 -18.18
N ALA A 12 -11.81 12.01 -19.30
CA ALA A 12 -12.15 10.71 -19.88
C ALA A 12 -12.05 10.73 -21.40
N LYS A 13 -11.19 9.88 -21.95
CA LYS A 13 -11.00 9.80 -23.39
C LYS A 13 -12.06 8.91 -24.04
N ASP A 14 -12.44 7.85 -23.33
CA ASP A 14 -13.44 6.92 -23.84
C ASP A 14 -13.98 6.04 -22.71
N ILE A 15 -15.29 5.82 -22.72
CA ILE A 15 -15.93 4.99 -21.70
C ILE A 15 -16.96 4.05 -22.32
N ARG A 16 -16.72 2.74 -22.18
CA ARG A 16 -17.62 1.74 -22.72
C ARG A 16 -18.03 0.73 -21.66
N THR A 17 -19.32 0.65 -21.39
CA THR A 17 -19.84 -0.27 -20.39
C THR A 17 -21.04 -1.05 -20.92
N GLU A 18 -21.20 -2.28 -20.45
CA GLU A 18 -22.29 -3.14 -20.88
C GLU A 18 -22.72 -4.08 -19.75
N GLU A 19 -23.88 -4.71 -19.94
CA GLU A 19 -24.41 -5.64 -18.95
C GLU A 19 -24.80 -4.90 -17.66
N ARG A 20 -25.65 -3.89 -17.81
CA ARG A 20 -26.10 -3.11 -16.66
C ARG A 20 -24.91 -2.63 -15.84
N ALA A 21 -24.07 -1.79 -16.44
CA ALA A 21 -22.91 -1.26 -15.75
C ALA A 21 -23.13 0.19 -15.33
N ARG A 22 -22.39 0.63 -14.31
CA ARG A 22 -22.50 1.99 -13.81
C ARG A 22 -21.13 2.65 -13.71
N VAL A 23 -21.05 3.90 -14.17
CA VAL A 23 -19.80 4.65 -14.12
C VAL A 23 -20.05 6.12 -13.80
N GLN A 24 -19.30 6.64 -12.83
CA GLN A 24 -19.44 8.03 -12.42
C GLN A 24 -18.07 8.71 -12.35
N LEU A 25 -18.01 9.94 -12.85
CA LEU A 25 -16.77 10.70 -12.85
C LEU A 25 -16.97 12.07 -12.21
N GLY A 26 -16.25 12.33 -11.12
CA GLY A 26 -16.37 13.60 -10.42
C GLY A 26 -16.02 13.50 -8.95
N ASN A 27 -16.01 14.64 -8.27
CA ASN A 27 -15.68 14.68 -6.85
C ASN A 27 -16.92 14.42 -6.00
N VAL A 28 -16.79 13.51 -5.04
CA VAL A 28 -17.90 13.17 -4.16
C VAL A 28 -17.65 13.67 -2.74
N VAL A 29 -18.59 14.46 -2.23
CA VAL A 29 -18.47 15.00 -0.88
C VAL A 29 -19.62 14.54 0.01
N THR A 30 -19.29 13.72 1.01
CA THR A 30 -20.30 13.21 1.93
C THR A 30 -20.84 14.31 2.83
N ALA A 31 -21.93 14.00 3.53
CA ALA A 31 -22.54 14.98 4.43
C ALA A 31 -21.59 15.36 5.56
N ALA A 32 -20.81 14.38 6.04
CA ALA A 32 -19.87 14.60 7.11
C ALA A 32 -18.88 15.71 6.75
N ALA A 33 -18.44 15.72 5.49
CA ALA A 33 -17.50 16.73 5.02
C ALA A 33 -17.99 18.13 5.35
N LEU A 34 -19.30 18.30 5.38
CA LEU A 34 -19.90 19.60 5.68
C LEU A 34 -19.41 20.12 7.04
N HIS A 35 -19.26 19.21 7.99
CA HIS A 35 -18.79 19.58 9.32
C HIS A 35 -17.29 19.82 9.33
N GLY A 36 -16.75 20.23 10.48
CA GLY A 36 -15.33 20.49 10.60
C GLY A 36 -14.98 21.94 10.35
N GLY A 37 -13.86 22.38 10.93
CA GLY A 37 -13.44 23.75 10.75
C GLY A 37 -12.78 24.00 9.41
N ILE A 38 -11.57 23.47 9.24
CA ILE A 38 -10.83 23.64 7.99
C ILE A 38 -11.02 22.42 7.09
N ARG A 39 -11.74 22.62 5.99
CA ARG A 39 -12.00 21.54 5.03
C ARG A 39 -11.04 21.63 3.85
N ILE A 40 -10.62 20.47 3.35
CA ILE A 40 -9.71 20.41 2.21
C ILE A 40 -10.00 19.21 1.33
N SER A 41 -10.09 19.46 0.03
CA SER A 41 -10.37 18.39 -0.94
C SER A 41 -10.35 18.94 -2.36
N ASP A 42 -10.69 18.07 -3.32
CA ASP A 42 -10.71 18.46 -4.72
C ASP A 42 -9.32 18.88 -5.19
N GLN A 43 -8.35 18.00 -5.01
CA GLN A 43 -6.97 18.27 -5.42
C GLN A 43 -6.45 17.20 -6.35
N THR A 44 -6.83 15.95 -6.08
CA THR A 44 -6.40 14.83 -6.90
C THR A 44 -7.04 14.87 -8.28
N THR A 45 -6.21 14.88 -9.32
CA THR A 45 -6.69 14.92 -10.69
C THR A 45 -6.84 13.51 -11.26
N ASN A 46 -8.07 13.09 -11.49
CA ASN A 46 -8.35 11.77 -12.03
C ASN A 46 -8.50 11.83 -13.55
N SER A 47 -7.65 11.10 -14.25
CA SER A 47 -7.69 11.07 -15.71
C SER A 47 -7.65 9.64 -16.23
N VAL A 48 -8.66 9.28 -17.03
CA VAL A 48 -8.74 7.94 -17.59
C VAL A 48 -8.78 7.98 -19.11
N GLU A 49 -8.04 7.08 -19.75
CA GLU A 49 -8.00 7.02 -21.21
C GLU A 49 -9.17 6.22 -21.75
N THR A 50 -9.12 4.91 -21.56
CA THR A 50 -10.17 4.02 -22.02
C THR A 50 -10.72 3.16 -20.89
N VAL A 51 -12.05 3.13 -20.75
CA VAL A 51 -12.69 2.35 -19.71
C VAL A 51 -13.60 1.28 -20.31
N VAL A 52 -13.38 0.04 -19.90
CA VAL A 52 -14.18 -1.08 -20.40
C VAL A 52 -14.76 -1.89 -19.24
N GLY A 53 -16.08 -1.93 -19.16
CA GLY A 53 -16.74 -2.67 -18.10
C GLY A 53 -17.67 -3.74 -18.64
N LYS A 54 -17.58 -4.94 -18.07
CA LYS A 54 -18.42 -6.05 -18.49
C LYS A 54 -19.06 -6.75 -17.29
N GLY A 55 -20.27 -7.26 -17.48
CA GLY A 55 -20.96 -7.95 -16.40
C GLY A 55 -21.15 -7.07 -15.18
N GLU A 56 -22.07 -6.11 -15.27
CA GLU A 56 -22.34 -5.21 -14.17
C GLU A 56 -21.05 -4.62 -13.61
N SER A 57 -20.30 -3.93 -14.47
CA SER A 57 -19.03 -3.33 -14.07
C SER A 57 -19.27 -1.97 -13.41
N ARG A 58 -18.43 -1.64 -12.44
CA ARG A 58 -18.54 -0.37 -11.72
C ARG A 58 -17.24 0.42 -11.81
N VAL A 59 -17.33 1.67 -12.23
CA VAL A 59 -16.16 2.53 -12.37
C VAL A 59 -16.39 3.88 -11.70
N LEU A 60 -15.51 4.26 -10.79
CA LEU A 60 -15.62 5.53 -10.08
C LEU A 60 -14.34 6.35 -10.25
N ILE A 61 -14.45 7.45 -10.97
CA ILE A 61 -13.31 8.33 -11.20
C ILE A 61 -13.44 9.63 -10.40
N GLY A 62 -12.68 9.74 -9.32
CA GLY A 62 -12.73 10.94 -8.50
C GLY A 62 -12.43 10.66 -7.05
N ASN A 63 -12.21 11.71 -6.27
CA ASN A 63 -11.91 11.57 -4.85
C ASN A 63 -13.18 11.67 -4.00
N GLU A 64 -13.16 11.03 -2.84
CA GLU A 64 -14.30 11.05 -1.94
C GLU A 64 -13.90 11.59 -0.56
N TYR A 65 -14.53 12.69 -0.17
CA TYR A 65 -14.24 13.32 1.11
C TYR A 65 -15.48 13.32 2.01
N GLY A 66 -15.26 13.23 3.31
CA GLY A 66 -16.36 13.22 4.26
C GLY A 66 -16.21 12.18 5.33
N GLY A 67 -17.01 11.12 5.25
CA GLY A 67 -16.94 10.06 6.24
C GLY A 67 -17.80 8.86 5.87
N LYS A 68 -17.19 7.87 5.22
CA LYS A 68 -17.90 6.68 4.81
C LYS A 68 -16.97 5.71 4.10
N GLY A 69 -16.01 6.25 3.35
CA GLY A 69 -15.06 5.41 2.64
C GLY A 69 -15.42 5.26 1.17
N PHE A 70 -15.84 4.06 0.78
CA PHE A 70 -16.21 3.79 -0.61
C PHE A 70 -17.37 4.70 -1.05
N TRP A 71 -17.89 4.44 -2.24
CA TRP A 71 -18.99 5.22 -2.78
C TRP A 71 -20.29 4.90 -2.05
N ASP A 72 -20.26 3.86 -1.21
CA ASP A 72 -21.43 3.46 -0.46
C ASP A 72 -21.10 3.30 1.03
N ASN A 73 -22.09 2.93 1.82
CA ASN A 73 -21.91 2.75 3.25
C ASN A 73 -20.79 1.76 3.53
N HIS A 74 -21.04 0.49 3.22
CA HIS A 74 -20.05 -0.56 3.43
C HIS A 74 -20.44 -1.84 2.68
N HIS A 75 -19.56 -2.84 2.75
CA HIS A 75 -19.81 -4.12 2.07
C HIS A 75 -19.19 -5.27 2.85
N HIS A 76 -19.41 -6.49 2.35
CA HIS A 76 -18.87 -7.68 3.00
C HIS A 76 -17.74 -8.29 2.17
N HIS A 77 -16.54 -8.31 2.75
CA HIS A 77 -15.37 -8.87 2.06
C HIS A 77 -14.18 -8.95 3.01
N HIS A 78 -13.74 -10.18 3.30
CA HIS A 78 -12.61 -10.39 4.19
C HIS A 78 -11.99 -11.76 3.95
N HIS A 79 -10.66 -11.78 3.78
CA HIS A 79 -9.94 -13.02 3.54
C HIS A 79 -8.56 -12.97 4.18
N MET B 1 10.00 25.58 7.98
CA MET B 1 8.75 26.27 8.28
C MET B 1 7.59 25.27 8.30
N LYS B 2 6.40 25.77 8.62
CA LYS B 2 5.21 24.93 8.68
C LYS B 2 4.19 25.36 7.63
N ILE B 3 3.56 24.37 6.99
CA ILE B 3 2.56 24.66 5.96
C ILE B 3 1.92 23.37 5.46
N ASP B 4 0.64 23.44 5.14
CA ASP B 4 -0.09 22.28 4.66
C ASP B 4 0.56 21.71 3.40
N ALA B 5 0.05 20.57 2.92
CA ALA B 5 0.59 19.93 1.73
C ALA B 5 -0.31 18.78 1.28
N ILE B 6 -1.17 19.06 0.30
CA ILE B 6 -2.07 18.06 -0.22
C ILE B 6 -2.41 18.32 -1.68
N VAL B 7 -2.16 17.33 -2.53
CA VAL B 7 -2.43 17.46 -3.96
C VAL B 7 -2.78 16.11 -4.57
N GLY B 8 -1.77 15.25 -4.73
CA GLY B 8 -1.99 13.94 -5.30
C GLY B 8 -2.57 14.01 -6.69
N ARG B 9 -2.71 12.85 -7.34
CA ARG B 9 -3.26 12.78 -8.68
C ARG B 9 -3.44 11.33 -9.12
N ASN B 10 -4.56 11.06 -9.79
CA ASN B 10 -4.86 9.72 -10.27
C ASN B 10 -4.77 9.64 -11.78
N SER B 11 -3.94 8.73 -12.28
CA SER B 11 -3.76 8.56 -13.71
C SER B 11 -4.10 7.13 -14.13
N ALA B 12 -4.79 7.00 -15.27
CA ALA B 12 -5.17 5.69 -15.78
C ALA B 12 -5.08 5.66 -17.30
N LYS B 13 -4.26 4.75 -17.82
CA LYS B 13 -4.08 4.62 -19.26
C LYS B 13 -5.13 3.67 -19.84
N ASP B 14 -5.55 2.70 -19.05
CA ASP B 14 -6.56 1.74 -19.50
C ASP B 14 -7.14 0.97 -18.32
N ILE B 15 -8.44 0.77 -18.34
CA ILE B 15 -9.13 0.04 -17.26
C ILE B 15 -10.15 -0.94 -17.82
N ARG B 16 -9.93 -2.23 -17.55
CA ARG B 16 -10.83 -3.27 -18.02
C ARG B 16 -11.22 -4.21 -16.89
N THR B 17 -12.52 -4.29 -16.59
CA THR B 17 -13.01 -5.14 -15.54
C THR B 17 -14.21 -5.97 -16.00
N GLU B 18 -14.33 -7.19 -15.48
CA GLU B 18 -15.42 -8.07 -15.85
C GLU B 18 -15.84 -8.95 -14.67
N GLU B 19 -16.99 -9.60 -14.80
CA GLU B 19 -17.50 -10.47 -13.75
C GLU B 19 -17.84 -9.66 -12.50
N ARG B 20 -18.69 -8.65 -12.68
CA ARG B 20 -19.10 -7.80 -11.57
C ARG B 20 -17.90 -7.27 -10.80
N ALA B 21 -17.06 -6.49 -11.48
CA ALA B 21 -15.87 -5.93 -10.87
C ALA B 21 -16.06 -4.45 -10.54
N ARG B 22 -15.30 -3.96 -9.58
CA ARG B 22 -15.39 -2.56 -9.18
C ARG B 22 -14.01 -1.91 -9.12
N VAL B 23 -13.91 -0.70 -9.65
CA VAL B 23 -12.65 0.04 -9.67
C VAL B 23 -12.87 1.52 -9.39
N GLN B 24 -12.23 2.02 -8.35
CA GLN B 24 -12.34 3.42 -7.98
C GLN B 24 -10.98 4.10 -7.94
N LEU B 25 -10.91 5.31 -8.48
CA LEU B 25 -9.66 6.07 -8.50
C LEU B 25 -9.82 7.42 -7.83
N GLY B 26 -9.06 7.64 -6.75
CA GLY B 26 -9.14 8.90 -6.04
C GLY B 26 -8.81 8.76 -4.57
N ASN B 27 -8.68 9.89 -3.88
CA ASN B 27 -8.37 9.87 -2.46
C ASN B 27 -9.63 9.74 -1.62
N VAL B 28 -9.56 8.93 -0.57
CA VAL B 28 -10.70 8.72 0.32
C VAL B 28 -10.40 9.20 1.74
N VAL B 29 -11.23 10.09 2.25
CA VAL B 29 -11.05 10.62 3.60
C VAL B 29 -12.28 10.36 4.46
N THR B 30 -12.06 9.79 5.64
CA THR B 30 -13.14 9.48 6.56
C THR B 30 -13.46 10.68 7.45
N ALA B 31 -14.57 10.57 8.19
CA ALA B 31 -14.98 11.65 9.09
C ALA B 31 -13.95 11.89 10.18
N ALA B 32 -13.37 10.80 10.69
CA ALA B 32 -12.37 10.90 11.74
C ALA B 32 -11.19 11.77 11.31
N ALA B 33 -10.85 11.69 10.03
CA ALA B 33 -9.75 12.48 9.48
C ALA B 33 -10.23 13.84 9.00
N LEU B 34 -10.98 14.53 9.85
CA LEU B 34 -11.51 15.86 9.51
C LEU B 34 -10.85 16.93 10.36
N HIS B 35 -11.07 16.87 11.67
CA HIS B 35 -10.49 17.84 12.59
C HIS B 35 -9.97 17.16 13.85
N GLY B 36 -9.29 17.93 14.70
CA GLY B 36 -8.75 17.38 15.94
C GLY B 36 -7.29 17.00 15.80
N GLY B 37 -6.42 18.00 15.73
CA GLY B 37 -5.00 17.73 15.61
C GLY B 37 -4.67 16.91 14.37
N ILE B 38 -5.19 17.33 13.23
CA ILE B 38 -4.94 16.62 11.98
C ILE B 38 -3.51 16.85 11.48
N ARG B 39 -3.25 18.08 11.03
CA ARG B 39 -1.93 18.43 10.52
C ARG B 39 -1.51 17.50 9.39
N ILE B 40 -2.49 17.06 8.60
CA ILE B 40 -2.22 16.17 7.48
C ILE B 40 -1.29 16.82 6.47
N SER B 41 -0.46 16.00 5.82
CA SER B 41 0.47 16.51 4.82
C SER B 41 1.09 15.37 4.02
N ASP B 42 0.32 14.82 3.08
CA ASP B 42 0.79 13.72 2.26
C ASP B 42 0.21 13.81 0.85
N GLN B 43 1.09 13.91 -0.14
CA GLN B 43 0.66 14.01 -1.54
C GLN B 43 1.24 12.87 -2.37
N THR B 44 0.47 11.78 -2.46
CA THR B 44 0.90 10.61 -3.22
C THR B 44 0.23 10.57 -4.59
N THR B 45 1.05 10.51 -5.64
CA THR B 45 0.54 10.47 -7.00
C THR B 45 0.44 9.04 -7.51
N ASN B 46 -0.79 8.54 -7.64
CA ASN B 46 -1.01 7.18 -8.12
C ASN B 46 -1.29 7.17 -9.61
N SER B 47 -0.51 6.38 -10.35
CA SER B 47 -0.67 6.28 -11.80
C SER B 47 -0.59 4.82 -12.25
N VAL B 48 -1.63 4.37 -12.94
CA VAL B 48 -1.70 3.00 -13.43
C VAL B 48 -1.80 2.97 -14.95
N GLU B 49 -1.03 2.09 -15.58
CA GLU B 49 -1.04 1.96 -17.03
C GLU B 49 -2.25 1.15 -17.49
N THR B 50 -2.20 -0.16 -17.29
CA THR B 50 -3.29 -1.04 -17.68
C THR B 50 -3.81 -1.83 -16.49
N VAL B 51 -5.14 -1.81 -16.32
CA VAL B 51 -5.77 -2.53 -15.22
C VAL B 51 -6.72 -3.60 -15.74
N VAL B 52 -6.49 -4.83 -15.31
CA VAL B 52 -7.33 -5.96 -15.73
C VAL B 52 -7.85 -6.74 -14.52
N GLY B 53 -9.17 -6.78 -14.38
CA GLY B 53 -9.76 -7.50 -13.26
C GLY B 53 -10.74 -8.56 -13.72
N LYS B 54 -10.65 -9.75 -13.12
CA LYS B 54 -11.53 -10.85 -13.47
C LYS B 54 -12.12 -11.49 -12.22
N GLY B 55 -13.35 -11.99 -12.34
CA GLY B 55 -14.00 -12.63 -11.21
C GLY B 55 -14.15 -11.68 -10.03
N GLU B 56 -15.06 -10.72 -10.15
CA GLU B 56 -15.31 -9.75 -9.09
C GLU B 56 -13.99 -9.15 -8.59
N SER B 57 -13.25 -8.52 -9.50
CA SER B 57 -11.97 -7.91 -9.15
C SER B 57 -12.18 -6.51 -8.58
N ARG B 58 -11.33 -6.15 -7.62
CA ARG B 58 -11.41 -4.84 -6.98
C ARG B 58 -10.10 -4.08 -7.12
N VAL B 59 -10.18 -2.85 -7.62
CA VAL B 59 -9.00 -2.02 -7.80
C VAL B 59 -9.21 -0.62 -7.24
N LEU B 60 -8.30 -0.17 -6.40
CA LEU B 60 -8.39 1.16 -5.79
C LEU B 60 -7.09 1.94 -5.99
N ILE B 61 -7.17 3.00 -6.79
CA ILE B 61 -6.00 3.83 -7.07
C ILE B 61 -6.11 5.17 -6.34
N GLY B 62 -5.34 5.30 -5.27
CA GLY B 62 -5.35 6.54 -4.51
C GLY B 62 -4.94 6.34 -3.06
N ASN B 63 -4.92 7.42 -2.29
CA ASN B 63 -4.54 7.35 -0.89
C ASN B 63 -5.77 7.26 0.01
N GLU B 64 -5.64 6.54 1.12
CA GLU B 64 -6.75 6.39 2.05
C GLU B 64 -6.40 6.99 3.41
N TYR B 65 -7.19 7.98 3.82
CA TYR B 65 -6.96 8.65 5.10
C TYR B 65 -8.16 8.47 6.03
N GLY B 66 -7.90 7.97 7.22
CA GLY B 66 -8.97 7.75 8.19
C GLY B 66 -8.84 6.43 8.92
N GLY B 67 -8.53 5.37 8.17
CA GLY B 67 -8.38 4.06 8.76
C GLY B 67 -9.67 3.26 8.72
N LYS B 68 -9.56 1.98 8.34
CA LYS B 68 -10.73 1.11 8.27
C LYS B 68 -10.32 -0.30 7.84
N GLY B 69 -9.31 -0.38 6.99
CA GLY B 69 -8.83 -1.68 6.52
C GLY B 69 -8.34 -1.63 5.09
N PHE B 70 -9.24 -1.89 4.15
CA PHE B 70 -8.88 -1.88 2.72
C PHE B 70 -9.49 -0.67 2.02
N TRP B 71 -10.79 -0.47 2.23
CA TRP B 71 -11.49 0.65 1.61
C TRP B 71 -12.97 0.65 2.03
N ASP B 72 -13.22 0.27 3.27
CA ASP B 72 -14.58 0.23 3.78
C ASP B 72 -14.60 -0.23 5.24
N ASN B 73 -15.79 -0.22 5.85
CA ASN B 73 -15.93 -0.65 7.24
C ASN B 73 -16.56 -2.04 7.32
N HIS B 74 -15.70 -3.06 7.36
CA HIS B 74 -16.18 -4.44 7.44
C HIS B 74 -15.44 -5.20 8.53
N HIS B 75 -15.71 -6.49 8.64
CA HIS B 75 -15.07 -7.33 9.65
C HIS B 75 -15.41 -6.84 11.06
N HIS B 76 -15.07 -7.66 12.05
CA HIS B 76 -15.33 -7.31 13.44
C HIS B 76 -14.74 -8.35 14.39
N HIS B 77 -13.53 -8.10 14.85
CA HIS B 77 -12.85 -9.01 15.76
C HIS B 77 -12.35 -8.28 17.01
N HIS B 78 -11.58 -8.98 17.83
CA HIS B 78 -11.04 -8.40 19.06
C HIS B 78 -9.93 -9.27 19.63
N HIS B 79 -9.50 -8.95 20.85
CA HIS B 79 -8.44 -9.70 21.51
C HIS B 79 -8.76 -11.18 21.53
N MET C 1 -0.55 25.59 -4.11
CA MET C 1 0.61 24.69 -4.21
C MET C 1 1.90 25.50 -4.24
N LYS C 2 2.18 26.13 -5.36
CA LYS C 2 3.39 26.93 -5.52
C LYS C 2 4.64 26.05 -5.54
N ILE C 3 5.02 25.54 -4.37
CA ILE C 3 6.19 24.68 -4.27
C ILE C 3 6.00 23.41 -5.07
N ASP C 4 7.02 23.05 -5.85
CA ASP C 4 6.98 21.85 -6.68
C ASP C 4 7.60 20.67 -5.94
N ALA C 5 7.25 20.52 -4.66
CA ALA C 5 7.77 19.42 -3.85
C ALA C 5 6.86 18.21 -3.92
N ILE C 6 7.47 17.03 -3.94
CA ILE C 6 6.70 15.78 -4.00
C ILE C 6 7.60 14.57 -3.75
N VAL C 7 7.12 13.65 -2.93
CA VAL C 7 7.88 12.45 -2.61
C VAL C 7 6.96 11.24 -2.46
N GLY C 8 7.46 10.06 -2.81
CA GLY C 8 6.67 8.85 -2.70
C GLY C 8 5.92 8.54 -3.98
N ARG C 9 4.61 8.74 -3.96
CA ARG C 9 3.78 8.47 -5.12
C ARG C 9 3.80 6.99 -5.49
N ASN C 10 2.81 6.55 -6.24
CA ASN C 10 2.71 5.15 -6.65
C ASN C 10 2.66 5.04 -8.18
N SER C 11 3.50 4.17 -8.73
CA SER C 11 3.56 3.96 -10.17
C SER C 11 3.27 2.50 -10.52
N ALA C 12 2.47 2.30 -11.57
CA ALA C 12 2.12 0.96 -12.01
C ALA C 12 2.18 0.85 -13.53
N LYS C 13 2.67 -0.28 -14.02
CA LYS C 13 2.78 -0.52 -15.46
C LYS C 13 1.69 -1.48 -15.94
N ASP C 14 1.32 -2.42 -15.09
CA ASP C 14 0.30 -3.39 -15.41
C ASP C 14 -0.21 -4.11 -14.16
N ILE C 15 -1.52 -4.30 -14.10
CA ILE C 15 -2.14 -4.97 -12.95
C ILE C 15 -3.21 -5.96 -13.40
N ARG C 16 -2.99 -7.24 -13.10
CA ARG C 16 -3.94 -8.28 -13.46
C ARG C 16 -4.30 -9.14 -12.26
N THR C 17 -5.59 -9.17 -11.92
CA THR C 17 -6.06 -9.95 -10.79
C THR C 17 -7.25 -10.82 -11.18
N GLU C 18 -7.38 -11.96 -10.53
CA GLU C 18 -8.48 -12.88 -10.80
C GLU C 18 -8.89 -13.64 -9.55
N GLU C 19 -10.04 -14.32 -9.62
CA GLU C 19 -10.55 -15.08 -8.48
C GLU C 19 -10.82 -14.16 -7.29
N ARG C 20 -11.62 -13.12 -7.52
CA ARG C 20 -11.96 -12.17 -6.47
C ARG C 20 -10.69 -11.66 -5.77
N ALA C 21 -9.88 -10.91 -6.51
CA ALA C 21 -8.65 -10.35 -5.96
C ALA C 21 -8.80 -8.87 -5.66
N ARG C 22 -7.97 -8.37 -4.75
CA ARG C 22 -8.01 -6.97 -4.37
C ARG C 22 -6.64 -6.31 -4.55
N VAL C 23 -6.63 -5.12 -5.13
CA VAL C 23 -5.40 -4.38 -5.35
C VAL C 23 -5.56 -2.90 -5.02
N GLN C 24 -4.74 -2.41 -4.10
CA GLN C 24 -4.80 -1.01 -3.69
C GLN C 24 -3.45 -0.33 -3.91
N LEU C 25 -3.50 0.90 -4.44
CA LEU C 25 -2.28 1.65 -4.69
C LEU C 25 -2.36 3.03 -4.04
N GLY C 26 -1.42 3.29 -3.12
CA GLY C 26 -1.39 4.57 -2.43
C GLY C 26 -1.03 4.43 -0.97
N ASN C 27 -0.90 5.56 -0.27
CA ASN C 27 -0.55 5.56 1.14
C ASN C 27 -1.80 5.54 2.01
N VAL C 28 -1.84 4.61 2.96
CA VAL C 28 -2.98 4.48 3.86
C VAL C 28 -2.61 4.93 5.27
N VAL C 29 -3.27 5.99 5.73
CA VAL C 29 -3.01 6.52 7.07
C VAL C 29 -4.28 6.48 7.93
N THR C 30 -4.21 5.73 9.03
CA THR C 30 -5.36 5.61 9.93
C THR C 30 -5.60 6.91 10.68
N ALA C 31 -6.69 6.96 11.44
CA ALA C 31 -7.04 8.15 12.21
C ALA C 31 -5.97 8.46 13.26
N ALA C 32 -5.41 7.42 13.86
CA ALA C 32 -4.37 7.59 14.87
C ALA C 32 -3.19 8.38 14.32
N ALA C 33 -2.67 7.93 13.18
CA ALA C 33 -1.54 8.60 12.55
C ALA C 33 -1.90 10.02 12.12
N LEU C 34 -3.19 10.23 11.87
CA LEU C 34 -3.68 11.54 11.45
C LEU C 34 -3.86 12.48 12.65
N HIS C 35 -4.11 11.89 13.81
CA HIS C 35 -4.31 12.66 15.03
C HIS C 35 -3.02 12.71 15.85
N GLY C 36 -3.08 13.37 17.01
CA GLY C 36 -1.92 13.48 17.86
C GLY C 36 -0.76 14.19 17.18
N GLY C 37 0.34 13.48 17.01
CA GLY C 37 1.51 14.06 16.37
C GLY C 37 2.78 13.28 16.65
N ILE C 38 2.88 12.10 16.06
CA ILE C 38 4.06 11.25 16.26
C ILE C 38 5.06 11.43 15.12
N ARG C 39 5.00 12.59 14.47
CA ARG C 39 5.90 12.89 13.37
C ARG C 39 5.88 11.77 12.32
N ILE C 40 4.88 11.82 11.44
CA ILE C 40 4.74 10.81 10.39
C ILE C 40 5.94 10.86 9.44
N SER C 41 5.92 9.96 8.46
CA SER C 41 7.00 9.88 7.48
C SER C 41 6.54 9.18 6.22
N ASP C 42 5.31 9.46 5.80
CA ASP C 42 4.74 8.86 4.60
C ASP C 42 5.34 9.48 3.35
N GLN C 43 6.57 9.10 3.02
CA GLN C 43 7.25 9.62 1.85
C GLN C 43 8.03 8.51 1.13
N THR C 44 7.45 7.32 1.10
CA THR C 44 8.08 6.18 0.44
C THR C 44 7.58 6.03 -0.99
N THR C 45 8.53 5.88 -1.92
CA THR C 45 8.19 5.72 -3.33
C THR C 45 8.05 4.26 -3.70
N ASN C 46 6.90 3.91 -4.27
CA ASN C 46 6.65 2.53 -4.68
C ASN C 46 6.23 2.46 -6.14
N SER C 47 6.89 1.59 -6.90
CA SER C 47 6.59 1.44 -8.32
C SER C 47 6.66 -0.03 -8.73
N VAL C 48 5.57 -0.53 -9.29
CA VAL C 48 5.49 -1.93 -9.73
C VAL C 48 5.31 -2.02 -11.24
N GLU C 49 6.04 -2.92 -11.86
CA GLU C 49 5.95 -3.11 -13.32
C GLU C 49 4.75 -3.98 -13.68
N THR C 50 4.87 -5.28 -13.44
CA THR C 50 3.79 -6.22 -13.74
C THR C 50 3.28 -6.87 -12.47
N VAL C 51 1.96 -6.82 -12.27
CA VAL C 51 1.32 -7.41 -11.10
C VAL C 51 0.34 -8.50 -11.50
N VAL C 52 0.56 -9.70 -10.98
CA VAL C 52 -0.32 -10.84 -11.27
C VAL C 52 -0.82 -11.49 -10.00
N GLY C 53 -2.14 -11.65 -9.90
CA GLY C 53 -2.73 -12.27 -8.73
C GLY C 53 -3.73 -13.36 -9.08
N LYS C 54 -3.64 -14.48 -8.38
CA LYS C 54 -4.53 -15.60 -8.62
C LYS C 54 -5.10 -16.14 -7.32
N GLY C 55 -6.33 -16.66 -7.38
CA GLY C 55 -6.97 -17.19 -6.19
C GLY C 55 -7.03 -16.18 -5.06
N GLU C 56 -7.94 -15.23 -5.16
CA GLU C 56 -8.11 -14.20 -4.14
C GLU C 56 -6.75 -13.60 -3.77
N SER C 57 -6.06 -13.04 -4.75
CA SER C 57 -4.75 -12.44 -4.51
C SER C 57 -4.89 -11.01 -3.99
N ARG C 58 -3.97 -10.62 -3.12
CA ARG C 58 -4.00 -9.28 -2.54
C ARG C 58 -2.67 -8.56 -2.78
N VAL C 59 -2.74 -7.35 -3.34
CA VAL C 59 -1.55 -6.57 -3.60
C VAL C 59 -1.72 -5.12 -3.16
N LEU C 60 -0.82 -4.67 -2.30
CA LEU C 60 -0.87 -3.30 -1.78
C LEU C 60 0.44 -2.56 -2.07
N ILE C 61 0.34 -1.48 -2.82
CA ILE C 61 1.51 -0.68 -3.17
C ILE C 61 1.45 0.70 -2.50
N GLY C 62 2.25 0.86 -1.45
CA GLY C 62 2.29 2.13 -0.74
C GLY C 62 2.72 1.98 0.70
N ASN C 63 2.38 2.96 1.53
CA ASN C 63 2.74 2.93 2.94
C ASN C 63 1.51 2.72 3.82
N GLU C 64 1.72 2.19 5.02
CA GLU C 64 0.63 1.93 5.95
C GLU C 64 0.95 2.48 7.33
N TYR C 65 0.08 3.34 7.85
CA TYR C 65 0.27 3.94 9.17
C TYR C 65 -0.89 3.60 10.09
N GLY C 66 -0.56 3.04 11.26
CA GLY C 66 -1.59 2.68 12.22
C GLY C 66 -1.36 1.31 12.82
N GLY C 67 -2.00 1.05 13.96
CA GLY C 67 -1.85 -0.23 14.63
C GLY C 67 -2.97 -1.19 14.29
N LYS C 68 -2.64 -2.23 13.52
CA LYS C 68 -3.63 -3.23 13.13
C LYS C 68 -3.00 -4.32 12.27
N GLY C 69 -1.76 -4.69 12.62
CA GLY C 69 -1.06 -5.72 11.87
C GLY C 69 -1.02 -5.43 10.38
N PHE C 70 -1.74 -6.22 9.60
CA PHE C 70 -1.78 -6.04 8.15
C PHE C 70 -2.77 -4.95 7.76
N TRP C 71 -2.95 -4.75 6.46
CA TRP C 71 -3.86 -3.75 5.96
C TRP C 71 -5.28 -3.99 6.46
N ASP C 72 -5.56 -5.23 6.85
CA ASP C 72 -6.87 -5.60 7.34
C ASP C 72 -6.89 -7.05 7.82
N ASN C 73 -7.85 -7.37 8.69
CA ASN C 73 -7.96 -8.72 9.23
C ASN C 73 -6.65 -9.18 9.85
N HIS C 74 -6.48 -8.92 11.14
CA HIS C 74 -5.26 -9.30 11.85
C HIS C 74 -5.27 -10.80 12.15
N HIS C 75 -4.26 -11.50 11.64
CA HIS C 75 -4.14 -12.94 11.85
C HIS C 75 -4.22 -13.27 13.34
N HIS C 76 -4.79 -14.43 13.65
CA HIS C 76 -4.92 -14.88 15.04
C HIS C 76 -4.18 -16.18 15.27
N HIS C 77 -4.39 -16.79 16.43
CA HIS C 77 -3.75 -18.05 16.78
C HIS C 77 -4.67 -19.23 16.46
N HIS C 78 -4.10 -20.43 16.45
CA HIS C 78 -4.87 -21.64 16.17
C HIS C 78 -5.43 -21.61 14.75
N HIS C 79 -5.81 -22.78 14.25
CA HIS C 79 -6.37 -22.88 12.90
C HIS C 79 -7.47 -23.94 12.85
N MET D 1 0.65 16.00 -19.84
CA MET D 1 1.77 15.13 -20.17
C MET D 1 2.97 15.43 -19.27
N LYS D 2 2.70 15.69 -17.99
CA LYS D 2 3.76 15.99 -17.04
C LYS D 2 3.57 15.19 -15.75
N ILE D 3 4.27 14.07 -15.65
CA ILE D 3 4.18 13.21 -14.48
C ILE D 3 5.52 13.14 -13.75
N ASP D 4 6.60 13.14 -14.52
CA ASP D 4 7.95 13.07 -13.95
C ASP D 4 8.07 11.90 -12.97
N ALA D 5 7.65 10.72 -13.42
CA ALA D 5 7.71 9.52 -12.59
C ALA D 5 9.13 9.29 -12.05
N ILE D 6 9.22 9.04 -10.75
CA ILE D 6 10.52 8.81 -10.12
C ILE D 6 10.53 7.49 -9.36
N VAL D 7 11.62 6.74 -9.52
CA VAL D 7 11.76 5.45 -8.85
C VAL D 7 12.58 5.59 -7.57
N GLY D 8 12.64 4.49 -6.80
CA GLY D 8 13.40 4.51 -5.56
C GLY D 8 12.59 3.99 -4.38
N ARG D 9 13.27 3.70 -3.28
CA ARG D 9 12.61 3.19 -2.09
C ARG D 9 12.09 1.78 -2.32
N ASN D 10 11.00 1.67 -3.06
CA ASN D 10 10.40 0.37 -3.35
C ASN D 10 10.19 0.19 -4.85
N SER D 11 10.94 -0.73 -5.45
CA SER D 11 10.83 -1.00 -6.88
C SER D 11 10.46 -2.46 -7.14
N ALA D 12 9.64 -2.69 -8.15
CA ALA D 12 9.21 -4.03 -8.49
C ALA D 12 9.17 -4.22 -10.01
N LYS D 13 9.73 -5.33 -10.48
CA LYS D 13 9.76 -5.63 -11.91
C LYS D 13 8.62 -6.57 -12.29
N ASP D 14 8.32 -7.51 -11.40
CA ASP D 14 7.26 -8.48 -11.65
C ASP D 14 6.86 -9.19 -10.35
N ILE D 15 5.56 -9.36 -10.15
CA ILE D 15 5.06 -10.02 -8.96
C ILE D 15 3.91 -10.97 -9.29
N ARG D 16 4.12 -12.25 -9.03
CA ARG D 16 3.11 -13.26 -9.31
C ARG D 16 2.76 -14.05 -8.06
N THR D 17 1.52 -13.93 -7.60
CA THR D 17 1.06 -14.62 -6.41
C THR D 17 -0.18 -15.45 -6.69
N GLU D 18 -0.33 -16.57 -5.99
CA GLU D 18 -1.47 -17.45 -6.17
C GLU D 18 -1.80 -18.18 -4.88
N GLU D 19 -2.98 -18.79 -4.83
CA GLU D 19 -3.42 -19.52 -3.65
C GLU D 19 -3.61 -18.59 -2.47
N ARG D 20 -4.39 -17.53 -2.68
CA ARG D 20 -4.65 -16.56 -1.62
C ARG D 20 -3.35 -16.02 -1.04
N ALA D 21 -2.54 -15.41 -1.89
CA ALA D 21 -1.26 -14.85 -1.47
C ALA D 21 -1.37 -13.34 -1.23
N ARG D 22 -0.48 -12.82 -0.39
CA ARG D 22 -0.48 -11.39 -0.07
C ARG D 22 0.88 -10.77 -0.33
N VAL D 23 0.88 -9.60 -0.96
CA VAL D 23 2.13 -8.90 -1.27
C VAL D 23 1.99 -7.40 -0.99
N GLN D 24 2.86 -6.90 -0.13
CA GLN D 24 2.84 -5.47 0.22
C GLN D 24 4.14 -4.80 -0.19
N LEU D 25 4.03 -3.61 -0.76
CA LEU D 25 5.20 -2.85 -1.20
C LEU D 25 5.27 -1.50 -0.50
N GLY D 26 6.34 -1.28 0.26
CA GLY D 26 6.51 -0.03 0.97
C GLY D 26 6.79 -0.23 2.44
N ASN D 27 6.83 0.86 3.19
CA ASN D 27 7.10 0.80 4.62
C ASN D 27 5.79 0.70 5.42
N VAL D 28 5.86 0.04 6.58
CA VAL D 28 4.70 -0.12 7.43
C VAL D 28 5.01 0.23 8.88
N VAL D 29 4.36 1.26 9.39
CA VAL D 29 4.58 1.70 10.76
C VAL D 29 3.31 1.52 11.60
N THR D 30 3.47 0.87 12.75
CA THR D 30 2.34 0.63 13.64
C THR D 30 1.88 1.92 14.30
N ALA D 31 0.79 1.84 15.05
CA ALA D 31 0.24 3.01 15.74
C ALA D 31 1.22 3.54 16.78
N ALA D 32 1.86 2.62 17.52
CA ALA D 32 2.83 3.00 18.54
C ALA D 32 3.95 3.85 17.94
N ALA D 33 4.45 3.45 16.78
CA ALA D 33 5.52 4.17 16.11
C ALA D 33 6.69 4.41 17.05
N LEU D 34 7.64 5.23 16.61
CA LEU D 34 8.81 5.55 17.42
C LEU D 34 8.42 6.20 18.73
N HIS D 35 8.99 5.72 19.83
CA HIS D 35 8.69 6.27 21.15
C HIS D 35 9.44 7.58 21.37
N GLY D 36 8.78 8.69 21.05
CA GLY D 36 9.39 10.00 21.22
C GLY D 36 9.10 10.93 20.07
N GLY D 37 9.39 10.49 18.86
CA GLY D 37 9.14 11.31 17.68
C GLY D 37 10.42 11.75 16.99
N ILE D 38 10.28 12.53 15.93
CA ILE D 38 11.43 13.02 15.19
C ILE D 38 12.20 11.86 14.54
N ARG D 39 12.10 11.75 13.22
CA ARG D 39 12.79 10.70 12.49
C ARG D 39 13.29 11.20 11.15
N ILE D 40 14.06 10.38 10.45
CA ILE D 40 14.60 10.74 9.14
C ILE D 40 14.31 9.66 8.11
N SER D 41 14.02 10.09 6.88
CA SER D 41 13.71 9.17 5.80
C SER D 41 14.85 9.14 4.78
N ASP D 42 14.63 8.42 3.68
CA ASP D 42 15.63 8.32 2.63
C ASP D 42 16.91 7.69 3.16
N GLN D 43 17.08 6.39 2.91
CA GLN D 43 18.26 5.68 3.37
C GLN D 43 18.26 4.24 2.87
N THR D 44 17.12 3.57 3.01
CA THR D 44 16.97 2.19 2.57
C THR D 44 16.26 2.11 1.22
N THR D 45 16.76 1.24 0.34
CA THR D 45 16.18 1.07 -0.99
C THR D 45 16.02 -0.40 -1.33
N ASN D 46 14.77 -0.87 -1.35
CA ASN D 46 14.49 -2.27 -1.66
C ASN D 46 13.87 -2.40 -3.05
N SER D 47 14.54 -3.15 -3.92
CA SER D 47 14.06 -3.35 -5.29
C SER D 47 14.09 -4.83 -5.66
N VAL D 48 12.94 -5.36 -6.06
CA VAL D 48 12.84 -6.76 -6.45
C VAL D 48 12.71 -6.90 -7.97
N GLU D 49 13.40 -7.89 -8.52
CA GLU D 49 13.37 -8.13 -9.96
C GLU D 49 12.32 -9.19 -10.30
N THR D 50 12.07 -10.11 -9.37
CA THR D 50 11.10 -11.17 -9.57
C THR D 50 10.52 -11.64 -8.25
N VAL D 51 9.20 -11.70 -8.18
CA VAL D 51 8.51 -12.13 -6.96
C VAL D 51 7.51 -13.24 -7.27
N VAL D 52 7.72 -14.40 -6.64
CA VAL D 52 6.84 -15.54 -6.83
C VAL D 52 6.34 -16.09 -5.50
N GLY D 53 5.02 -16.24 -5.39
CA GLY D 53 4.44 -16.75 -4.16
C GLY D 53 3.37 -17.80 -4.43
N LYS D 54 3.43 -18.91 -3.69
CA LYS D 54 2.47 -19.98 -3.85
C LYS D 54 1.96 -20.46 -2.49
N GLY D 55 0.72 -20.93 -2.45
CA GLY D 55 0.14 -21.42 -1.22
C GLY D 55 0.23 -20.38 -0.10
N GLU D 56 -0.71 -19.45 -0.09
CA GLU D 56 -0.74 -18.41 0.93
C GLU D 56 0.65 -17.82 1.14
N SER D 57 1.24 -17.30 0.07
CA SER D 57 2.57 -16.71 0.14
C SER D 57 2.50 -15.25 0.62
N ARG D 58 3.51 -14.84 1.38
CA ARG D 58 3.55 -13.47 1.90
C ARG D 58 4.87 -12.81 1.53
N VAL D 59 4.78 -11.62 0.93
CA VAL D 59 5.97 -10.88 0.52
C VAL D 59 5.82 -9.40 0.86
N LEU D 60 6.77 -8.87 1.63
CA LEU D 60 6.75 -7.47 2.03
C LEU D 60 8.08 -6.79 1.71
N ILE D 61 8.06 -5.88 0.74
CA ILE D 61 9.26 -5.16 0.34
C ILE D 61 9.28 -3.75 0.93
N GLY D 62 10.09 -3.55 1.96
CA GLY D 62 10.19 -2.25 2.58
C GLY D 62 10.65 -2.33 4.03
N ASN D 63 10.53 -1.22 4.76
CA ASN D 63 10.94 -1.18 6.15
C ASN D 63 9.72 -1.23 7.08
N GLU D 64 9.85 -1.97 8.17
CA GLU D 64 8.77 -2.10 9.13
C GLU D 64 9.12 -1.42 10.45
N TYR D 65 8.18 -0.66 10.99
CA TYR D 65 8.39 0.06 12.25
C TYR D 65 7.38 -0.39 13.30
N GLY D 66 7.89 -0.81 14.46
CA GLY D 66 7.02 -1.25 15.53
C GLY D 66 6.57 -2.69 15.35
N GLY D 67 5.49 -3.06 16.04
CA GLY D 67 4.99 -4.42 15.94
C GLY D 67 6.05 -5.45 16.22
N LYS D 68 6.92 -5.18 17.18
CA LYS D 68 7.99 -6.09 17.54
C LYS D 68 9.03 -6.17 16.42
N GLY D 69 8.70 -6.89 15.37
CA GLY D 69 9.61 -7.03 14.24
C GLY D 69 8.99 -7.76 13.07
N PHE D 70 7.68 -7.65 12.93
CA PHE D 70 6.96 -8.30 11.85
C PHE D 70 5.92 -7.37 11.23
N TRP D 71 5.05 -7.93 10.40
CA TRP D 71 4.01 -7.14 9.75
C TRP D 71 2.63 -7.53 10.28
N ASP D 72 2.59 -8.09 11.48
CA ASP D 72 1.33 -8.51 12.10
C ASP D 72 1.55 -8.89 13.55
N ASN D 73 0.51 -9.45 14.17
CA ASN D 73 0.57 -9.86 15.57
C ASN D 73 0.50 -11.38 15.70
N HIS D 74 0.98 -12.07 14.68
CA HIS D 74 0.96 -13.54 14.67
C HIS D 74 1.99 -14.08 15.66
N HIS D 75 2.21 -15.40 15.61
CA HIS D 75 3.17 -16.05 16.49
C HIS D 75 4.10 -16.96 15.71
N HIS D 76 4.89 -17.75 16.44
CA HIS D 76 5.83 -18.67 15.80
C HIS D 76 5.83 -20.02 16.52
N HIS D 77 6.41 -21.03 15.88
CA HIS D 77 6.48 -22.37 16.46
C HIS D 77 7.25 -22.36 17.78
N HIS D 78 7.51 -23.54 18.31
CA HIS D 78 8.24 -23.67 19.57
C HIS D 78 9.70 -24.03 19.32
N HIS D 79 10.20 -23.65 18.15
CA HIS D 79 11.59 -23.95 17.79
C HIS D 79 12.46 -22.70 17.95
N MET E 1 13.07 -2.22 -15.29
CA MET E 1 12.94 -0.77 -15.51
C MET E 1 14.24 -0.19 -16.06
N LYS E 2 14.30 1.13 -16.14
CA LYS E 2 15.49 1.82 -16.65
C LYS E 2 16.72 1.42 -15.84
N ILE E 3 16.51 1.04 -14.59
CA ILE E 3 17.60 0.64 -13.71
C ILE E 3 17.99 -0.81 -13.95
N ASP E 4 19.29 -1.09 -13.88
CA ASP E 4 19.80 -2.44 -14.08
C ASP E 4 20.77 -2.84 -12.96
N ALA E 5 20.38 -2.54 -11.72
CA ALA E 5 21.21 -2.87 -10.57
C ALA E 5 22.55 -2.12 -10.63
N ILE E 6 22.58 -0.95 -10.01
CA ILE E 6 23.80 -0.12 -10.00
C ILE E 6 23.85 0.74 -8.74
N VAL E 7 23.65 0.11 -7.59
CA VAL E 7 23.68 0.83 -6.32
C VAL E 7 23.53 -0.14 -5.14
N GLY E 8 23.96 0.31 -3.96
CA GLY E 8 23.87 -0.53 -2.78
C GLY E 8 22.44 -0.77 -2.35
N ARG E 9 22.18 -0.64 -1.05
CA ARG E 9 20.85 -0.85 -0.50
C ARG E 9 20.39 -2.29 -0.72
N ASN E 10 19.10 -2.53 -0.51
CA ASN E 10 18.54 -3.87 -0.68
C ASN E 10 18.23 -4.15 -2.14
N SER E 11 18.93 -5.11 -2.72
CA SER E 11 18.74 -5.48 -4.11
C SER E 11 18.30 -6.93 -4.24
N ALA E 12 17.28 -7.16 -5.06
CA ALA E 12 16.75 -8.50 -5.27
C ALA E 12 16.79 -8.88 -6.75
N LYS E 13 16.54 -10.15 -7.03
CA LYS E 13 16.55 -10.64 -8.41
C LYS E 13 15.41 -11.64 -8.64
N ASP E 14 15.10 -12.41 -7.60
CA ASP E 14 14.02 -13.40 -7.70
C ASP E 14 13.79 -14.08 -6.34
N ILE E 15 12.53 -14.15 -5.93
CA ILE E 15 12.18 -14.78 -4.66
C ILE E 15 11.02 -15.75 -4.83
N ARG E 16 11.28 -17.02 -4.58
CA ARG E 16 10.26 -18.05 -4.71
C ARG E 16 9.89 -18.62 -3.34
N THR E 17 8.64 -18.40 -2.92
CA THR E 17 8.16 -18.87 -1.63
C THR E 17 6.87 -19.67 -1.80
N GLU E 18 6.84 -20.87 -1.22
CA GLU E 18 5.66 -21.73 -1.31
C GLU E 18 5.37 -22.37 0.04
N GLU E 19 4.19 -22.95 0.18
CA GLU E 19 3.78 -23.61 1.42
C GLU E 19 3.76 -22.62 2.58
N ARG E 20 2.91 -21.60 2.46
CA ARG E 20 2.79 -20.59 3.50
C ARG E 20 4.17 -20.06 3.89
N ALA E 21 4.86 -19.42 2.95
CA ALA E 21 6.18 -18.86 3.21
C ALA E 21 6.12 -17.35 3.35
N ARG E 22 7.11 -16.79 4.05
CA ARG E 22 7.17 -15.34 4.26
C ARG E 22 8.53 -14.79 3.85
N VAL E 23 8.52 -13.67 3.14
CA VAL E 23 9.75 -13.03 2.70
C VAL E 23 9.67 -11.52 2.84
N GLN E 24 10.61 -10.96 3.61
CA GLN E 24 10.65 -9.52 3.83
C GLN E 24 12.00 -8.94 3.41
N LEU E 25 11.96 -7.79 2.73
CA LEU E 25 13.17 -7.14 2.27
C LEU E 25 13.27 -5.71 2.82
N GLY E 26 14.31 -5.47 3.61
CA GLY E 26 14.51 -4.15 4.18
C GLY E 26 14.85 -4.21 5.67
N ASN E 27 15.28 -3.08 6.22
CA ASN E 27 15.64 -3.02 7.63
C ASN E 27 14.41 -2.74 8.50
N VAL E 28 14.28 -3.49 9.58
CA VAL E 28 13.16 -3.33 10.49
C VAL E 28 13.61 -2.73 11.82
N VAL E 29 12.85 -1.76 12.32
CA VAL E 29 13.16 -1.11 13.57
C VAL E 29 12.01 -1.24 14.56
N THR E 30 12.33 -1.69 15.77
CA THR E 30 11.32 -1.86 16.81
C THR E 30 10.81 -0.51 17.31
N ALA E 31 9.77 -0.55 18.13
CA ALA E 31 9.18 0.67 18.68
C ALA E 31 10.19 1.43 19.54
N ALA E 32 11.05 0.67 20.23
CA ALA E 32 12.07 1.28 21.09
C ALA E 32 12.95 2.24 20.31
N ALA E 33 13.50 1.76 19.19
CA ALA E 33 14.37 2.58 18.35
C ALA E 33 15.47 3.23 19.18
N LEU E 34 16.18 4.17 18.56
CA LEU E 34 17.27 4.87 19.23
C LEU E 34 17.82 5.99 18.36
N HIS E 35 17.14 7.13 18.37
CA HIS E 35 17.56 8.29 17.59
C HIS E 35 17.61 9.54 18.45
N GLY E 36 18.81 9.92 18.87
CA GLY E 36 18.98 11.09 19.69
C GLY E 36 19.53 12.28 18.91
N GLY E 37 20.33 11.99 17.89
CA GLY E 37 20.90 13.05 17.09
C GLY E 37 22.36 12.78 16.74
N ILE E 38 22.67 11.54 16.40
CA ILE E 38 24.02 11.16 16.05
C ILE E 38 24.04 10.12 14.93
N ARG E 39 25.23 9.69 14.54
CA ARG E 39 25.39 8.69 13.48
C ARG E 39 26.79 8.10 13.50
N ILE E 40 26.90 6.85 13.05
CA ILE E 40 28.18 6.17 13.01
C ILE E 40 28.19 5.05 11.97
N SER E 41 29.32 4.85 11.31
CA SER E 41 29.45 3.82 10.30
C SER E 41 28.47 4.05 9.16
N ASP E 42 28.53 3.20 8.14
CA ASP E 42 27.64 3.32 6.98
C ASP E 42 26.58 2.22 7.00
N GLN E 43 25.57 2.37 6.15
CA GLN E 43 24.49 1.40 6.07
C GLN E 43 25.00 0.06 5.50
N THR E 44 24.19 -0.98 5.66
CA THR E 44 24.55 -2.30 5.18
C THR E 44 23.86 -2.61 3.85
N THR E 45 24.67 -2.89 2.83
CA THR E 45 24.13 -3.20 1.51
C THR E 45 23.94 -4.71 1.34
N ASN E 46 22.68 -5.13 1.26
CA ASN E 46 22.35 -6.54 1.10
C ASN E 46 21.81 -6.82 -0.30
N SER E 47 22.50 -7.67 -1.04
CA SER E 47 22.09 -8.02 -2.39
C SER E 47 22.16 -9.53 -2.62
N VAL E 48 21.10 -10.08 -3.19
CA VAL E 48 21.04 -11.51 -3.46
C VAL E 48 20.95 -11.78 -4.95
N GLU E 49 21.41 -12.96 -5.37
CA GLU E 49 21.39 -13.34 -6.77
C GLU E 49 20.40 -14.49 -7.00
N THR E 50 19.93 -15.08 -5.91
CA THR E 50 18.98 -16.19 -5.99
C THR E 50 18.36 -16.48 -4.64
N VAL E 51 17.03 -16.50 -4.60
CA VAL E 51 16.32 -16.78 -3.35
C VAL E 51 15.22 -17.81 -3.57
N VAL E 52 15.35 -18.95 -2.90
CA VAL E 52 14.37 -20.03 -3.01
C VAL E 52 13.91 -20.51 -1.64
N GLY E 53 12.62 -20.77 -1.51
CA GLY E 53 12.09 -21.25 -0.25
C GLY E 53 10.96 -22.24 -0.43
N LYS E 54 11.01 -23.33 0.31
CA LYS E 54 9.99 -24.38 0.23
C LYS E 54 9.55 -24.82 1.63
N GLY E 55 8.28 -25.20 1.75
CA GLY E 55 7.77 -25.64 3.03
C GLY E 55 7.95 -24.60 4.13
N GLU E 56 6.99 -23.69 4.24
CA GLU E 56 7.07 -22.64 5.25
C GLU E 56 8.46 -22.03 5.31
N SER E 57 8.92 -21.52 4.17
CA SER E 57 10.25 -20.91 4.08
C SER E 57 10.20 -19.45 4.54
N ARG E 58 11.28 -19.01 5.18
CA ARG E 58 11.36 -17.64 5.68
C ARG E 58 12.67 -16.99 5.23
N VAL E 59 12.56 -15.82 4.62
CA VAL E 59 13.73 -15.09 4.14
C VAL E 59 13.62 -13.60 4.47
N LEU E 60 14.61 -13.08 5.19
CA LEU E 60 14.63 -11.67 5.57
C LEU E 60 15.96 -11.03 5.20
N ILE E 61 15.93 -10.13 4.22
CA ILE E 61 17.13 -9.44 3.78
C ILE E 61 17.17 -8.01 4.31
N GLY E 62 18.00 -7.77 5.31
CA GLY E 62 18.11 -6.45 5.90
C GLY E 62 18.64 -6.48 7.32
N ASN E 63 18.66 -5.31 7.96
CA ASN E 63 19.15 -5.21 9.34
C ASN E 63 17.98 -5.07 10.31
N GLU E 64 18.19 -5.51 11.55
CA GLU E 64 17.17 -5.44 12.58
C GLU E 64 17.60 -4.51 13.72
N TYR E 65 16.68 -3.67 14.17
CA TYR E 65 16.96 -2.74 15.24
C TYR E 65 16.08 -3.02 16.46
N GLY E 66 16.72 -3.21 17.61
CA GLY E 66 15.97 -3.48 18.83
C GLY E 66 15.02 -4.65 18.67
N GLY E 67 15.34 -5.56 17.76
CA GLY E 67 14.49 -6.72 17.53
C GLY E 67 14.78 -7.84 18.50
N LYS E 68 15.92 -7.78 19.17
CA LYS E 68 16.31 -8.80 20.13
C LYS E 68 16.49 -10.16 19.45
N GLY E 69 17.10 -10.14 18.28
CA GLY E 69 17.33 -11.37 17.54
C GLY E 69 16.03 -11.98 17.03
N PHE E 70 16.06 -12.48 15.80
CA PHE E 70 14.87 -13.08 15.20
C PHE E 70 13.77 -12.05 14.99
N TRP E 71 13.38 -11.86 13.74
CA TRP E 71 12.33 -10.89 13.41
C TRP E 71 11.10 -11.12 14.27
N ASP E 72 10.75 -10.10 15.06
CA ASP E 72 9.59 -10.18 15.94
C ASP E 72 9.78 -11.26 17.01
N ASN E 73 10.33 -10.86 18.15
CA ASN E 73 10.57 -11.79 19.25
C ASN E 73 9.68 -11.47 20.44
N HIS E 74 9.86 -12.22 21.53
CA HIS E 74 9.08 -12.01 22.73
C HIS E 74 9.54 -10.77 23.49
N HIS E 75 8.95 -10.52 24.65
CA HIS E 75 9.30 -9.36 25.46
C HIS E 75 10.76 -9.44 25.90
N HIS E 76 11.19 -8.46 26.70
CA HIS E 76 12.56 -8.41 27.19
C HIS E 76 12.88 -9.65 28.02
N HIS E 77 14.15 -10.02 28.06
CA HIS E 77 14.59 -11.19 28.82
C HIS E 77 16.11 -11.30 28.81
N HIS E 78 16.72 -11.02 29.96
CA HIS E 78 18.17 -11.09 30.09
C HIS E 78 18.57 -11.33 31.54
N HIS E 79 19.87 -11.21 31.82
CA HIS E 79 20.38 -11.41 33.17
C HIS E 79 21.23 -10.23 33.62
N MET A 1 5.50 26.02 -13.85
CA MET A 1 6.16 25.80 -12.56
C MET A 1 5.67 26.80 -11.52
N LYS A 2 4.70 26.38 -10.72
CA LYS A 2 4.14 27.24 -9.68
C LYS A 2 3.41 26.42 -8.62
N ILE A 3 2.56 25.50 -9.08
CA ILE A 3 1.81 24.65 -8.17
C ILE A 3 1.07 25.47 -7.12
N ASP A 4 -0.12 25.95 -7.49
CA ASP A 4 -0.93 26.76 -6.59
C ASP A 4 -2.40 26.36 -6.67
N ALA A 5 -2.77 25.33 -5.92
CA ALA A 5 -4.16 24.86 -5.91
C ALA A 5 -4.33 23.71 -4.92
N ILE A 6 -5.46 23.71 -4.22
CA ILE A 6 -5.75 22.66 -3.25
C ILE A 6 -7.23 22.28 -3.28
N VAL A 7 -7.56 21.29 -4.09
CA VAL A 7 -8.94 20.83 -4.22
C VAL A 7 -9.05 19.65 -5.17
N GLY A 8 -9.92 18.70 -4.85
CA GLY A 8 -10.11 17.53 -5.69
C GLY A 8 -10.45 17.90 -7.12
N ARG A 9 -10.46 16.90 -8.00
CA ARG A 9 -10.76 17.13 -9.41
C ARG A 9 -10.88 15.81 -10.15
N ASN A 10 -12.11 15.37 -10.39
CA ASN A 10 -12.36 14.12 -11.09
C ASN A 10 -12.42 14.35 -12.60
N SER A 11 -11.43 13.81 -13.31
CA SER A 11 -11.36 13.96 -14.76
C SER A 11 -11.25 12.59 -15.44
N ALA A 12 -11.81 12.49 -16.64
CA ALA A 12 -11.77 11.25 -17.39
C ALA A 12 -11.60 11.51 -18.88
N LYS A 13 -10.52 11.01 -19.45
CA LYS A 13 -10.24 11.20 -20.88
C LYS A 13 -11.28 10.48 -21.73
N ASP A 14 -11.62 9.25 -21.35
CA ASP A 14 -12.60 8.47 -22.08
C ASP A 14 -13.06 7.26 -21.25
N ILE A 15 -14.36 7.02 -21.25
CA ILE A 15 -14.93 5.90 -20.50
C ILE A 15 -16.02 5.19 -21.30
N ARG A 16 -15.93 3.87 -21.36
CA ARG A 16 -16.92 3.07 -22.10
C ARG A 16 -17.36 1.87 -21.28
N THR A 17 -18.64 1.56 -21.33
CA THR A 17 -19.19 0.43 -20.60
C THR A 17 -20.16 -0.37 -21.46
N GLU A 18 -20.32 -1.65 -21.15
CA GLU A 18 -21.21 -2.52 -21.89
C GLU A 18 -21.91 -3.51 -20.96
N GLU A 19 -22.92 -4.20 -21.49
CA GLU A 19 -23.67 -5.17 -20.71
C GLU A 19 -24.60 -4.48 -19.72
N ARG A 20 -24.01 -3.87 -18.69
CA ARG A 20 -24.78 -3.17 -17.66
C ARG A 20 -23.86 -2.56 -16.62
N ALA A 21 -22.90 -1.77 -17.07
CA ALA A 21 -21.95 -1.12 -16.16
C ALA A 21 -22.44 0.26 -15.75
N ARG A 22 -21.96 0.74 -14.60
CA ARG A 22 -22.35 2.04 -14.09
C ARG A 22 -21.13 2.86 -13.70
N VAL A 23 -21.15 4.15 -14.03
CA VAL A 23 -20.05 5.05 -13.71
C VAL A 23 -20.52 6.22 -12.87
N GLN A 24 -19.87 6.42 -11.72
CA GLN A 24 -20.24 7.51 -10.83
C GLN A 24 -19.02 8.40 -10.55
N LEU A 25 -19.14 9.68 -10.93
CA LEU A 25 -18.05 10.62 -10.72
C LEU A 25 -18.47 11.71 -9.74
N GLY A 26 -17.74 11.81 -8.63
CA GLY A 26 -18.05 12.80 -7.62
C GLY A 26 -17.66 12.37 -6.23
N ASN A 27 -17.71 13.29 -5.28
CA ASN A 27 -17.36 12.99 -3.89
C ASN A 27 -18.56 12.44 -3.13
N VAL A 28 -18.33 11.36 -2.40
CA VAL A 28 -19.39 10.73 -1.62
C VAL A 28 -19.26 11.05 -0.13
N VAL A 29 -20.37 11.44 0.48
CA VAL A 29 -20.37 11.77 1.91
C VAL A 29 -21.31 10.86 2.68
N THR A 30 -20.77 10.16 3.67
CA THR A 30 -21.56 9.25 4.49
C THR A 30 -22.52 10.02 5.39
N ALA A 31 -23.54 9.33 5.90
CA ALA A 31 -24.52 9.94 6.78
C ALA A 31 -23.87 10.44 8.07
N ALA A 32 -22.97 9.64 8.61
CA ALA A 32 -22.28 9.99 9.85
C ALA A 32 -21.54 11.31 9.71
N ALA A 33 -21.01 11.56 8.51
CA ALA A 33 -20.28 12.79 8.24
C ALA A 33 -21.13 14.02 8.58
N LEU A 34 -22.44 13.86 8.49
CA LEU A 34 -23.37 14.95 8.78
C LEU A 34 -23.31 15.33 10.26
N HIS A 35 -22.42 16.27 10.59
CA HIS A 35 -22.27 16.73 11.96
C HIS A 35 -21.23 17.85 12.04
N GLY A 36 -19.98 17.51 11.77
CA GLY A 36 -18.91 18.50 11.82
C GLY A 36 -18.47 18.95 10.43
N GLY A 37 -17.36 18.39 9.97
CA GLY A 37 -16.84 18.75 8.66
C GLY A 37 -15.37 19.14 8.69
N ILE A 38 -14.96 19.95 7.74
CA ILE A 38 -13.57 20.40 7.66
C ILE A 38 -12.65 19.26 7.24
N ARG A 39 -12.47 18.30 8.13
CA ARG A 39 -11.61 17.15 7.85
C ARG A 39 -10.23 17.60 7.38
N ILE A 40 -9.44 16.64 6.90
CA ILE A 40 -8.10 16.95 6.41
C ILE A 40 -8.15 17.71 5.09
N SER A 41 -7.27 18.70 4.96
CA SER A 41 -7.22 19.51 3.74
C SER A 41 -6.92 18.65 2.52
N ASP A 42 -5.67 18.21 2.40
CA ASP A 42 -5.25 17.38 1.28
C ASP A 42 -5.65 18.01 -0.05
N GLN A 43 -5.51 17.26 -1.13
CA GLN A 43 -5.85 17.75 -2.45
C GLN A 43 -5.73 16.63 -3.49
N THR A 44 -6.21 15.44 -3.13
CA THR A 44 -6.17 14.30 -4.03
C THR A 44 -7.04 14.52 -5.26
N THR A 45 -6.49 14.21 -6.43
CA THR A 45 -7.22 14.38 -7.68
C THR A 45 -7.26 13.08 -8.48
N ASN A 46 -8.47 12.61 -8.76
CA ASN A 46 -8.65 11.38 -9.52
C ASN A 46 -8.75 11.66 -11.01
N SER A 47 -7.91 10.98 -11.80
CA SER A 47 -7.90 11.16 -13.24
C SER A 47 -7.67 9.83 -13.96
N VAL A 48 -8.60 9.46 -14.83
CA VAL A 48 -8.50 8.22 -15.58
C VAL A 48 -8.44 8.48 -17.09
N GLU A 49 -7.52 7.81 -17.76
CA GLU A 49 -7.36 7.97 -19.21
C GLU A 49 -8.43 7.20 -19.97
N THR A 50 -8.26 5.88 -20.03
CA THR A 50 -9.21 5.02 -20.72
C THR A 50 -9.88 4.05 -19.76
N VAL A 51 -11.20 4.02 -19.78
CA VAL A 51 -11.97 3.13 -18.90
C VAL A 51 -12.81 2.16 -19.71
N VAL A 52 -12.58 0.87 -19.51
CA VAL A 52 -13.33 -0.16 -20.23
C VAL A 52 -14.00 -1.13 -19.26
N GLY A 53 -15.33 -1.12 -19.27
CA GLY A 53 -16.08 -2.01 -18.38
C GLY A 53 -16.83 -3.08 -19.13
N LYS A 54 -16.72 -4.31 -18.66
CA LYS A 54 -17.40 -5.44 -19.29
C LYS A 54 -18.14 -6.29 -18.25
N GLY A 55 -19.33 -6.74 -18.61
CA GLY A 55 -20.12 -7.56 -17.70
C GLY A 55 -20.41 -6.86 -16.38
N GLU A 56 -21.41 -5.98 -16.39
CA GLU A 56 -21.78 -5.24 -15.19
C GLU A 56 -20.54 -4.69 -14.49
N SER A 57 -19.81 -3.81 -15.18
CA SER A 57 -18.61 -3.21 -14.62
C SER A 57 -18.95 -2.01 -13.75
N ARG A 58 -18.17 -1.84 -12.68
CA ARG A 58 -18.39 -0.72 -11.75
C ARG A 58 -17.23 0.27 -11.82
N VAL A 59 -17.57 1.54 -12.01
CA VAL A 59 -16.56 2.59 -12.08
C VAL A 59 -16.89 3.74 -11.14
N LEU A 60 -15.96 4.06 -10.24
CA LEU A 60 -16.17 5.15 -9.30
C LEU A 60 -14.98 6.11 -9.31
N ILE A 61 -15.23 7.33 -9.80
CA ILE A 61 -14.17 8.33 -9.86
C ILE A 61 -14.44 9.46 -8.87
N GLY A 62 -13.70 9.45 -7.77
CA GLY A 62 -13.86 10.49 -6.75
C GLY A 62 -13.52 9.98 -5.37
N ASN A 63 -13.41 10.91 -4.41
CA ASN A 63 -13.09 10.56 -3.04
C ASN A 63 -14.35 10.27 -2.24
N GLU A 64 -14.22 9.46 -1.20
CA GLU A 64 -15.35 9.11 -0.34
C GLU A 64 -15.03 9.37 1.13
N TYR A 65 -15.87 10.19 1.77
CA TYR A 65 -15.67 10.52 3.18
C TYR A 65 -16.65 9.75 4.06
N GLY A 66 -16.11 9.09 5.08
CA GLY A 66 -16.95 8.32 5.98
C GLY A 66 -17.09 6.87 5.56
N GLY A 67 -16.96 5.95 6.51
CA GLY A 67 -17.07 4.54 6.21
C GLY A 67 -18.52 4.07 6.17
N LYS A 68 -18.88 3.24 7.14
CA LYS A 68 -20.25 2.72 7.23
C LYS A 68 -20.57 1.85 6.01
N GLY A 69 -19.53 1.29 5.40
CA GLY A 69 -19.74 0.46 4.23
C GLY A 69 -18.60 0.59 3.21
N PHE A 70 -17.78 1.61 3.40
CA PHE A 70 -16.66 1.85 2.49
C PHE A 70 -17.15 2.38 1.14
N TRP A 71 -17.83 1.53 0.39
CA TRP A 71 -18.36 1.90 -0.92
C TRP A 71 -19.66 1.16 -1.22
N ASP A 72 -19.65 -0.14 -1.00
CA ASP A 72 -20.83 -0.96 -1.25
C ASP A 72 -21.08 -1.93 -0.08
N ASN A 73 -22.08 -2.78 -0.24
CA ASN A 73 -22.42 -3.76 0.80
C ASN A 73 -21.46 -4.94 0.77
N HIS A 74 -21.19 -5.51 1.94
CA HIS A 74 -20.30 -6.65 2.04
C HIS A 74 -20.84 -7.68 3.02
N HIS A 75 -20.21 -8.85 3.07
CA HIS A 75 -20.63 -9.93 3.95
C HIS A 75 -19.53 -10.28 4.94
N HIS A 76 -18.51 -10.98 4.44
CA HIS A 76 -17.38 -11.38 5.29
C HIS A 76 -16.31 -12.08 4.45
N HIS A 77 -15.26 -12.55 5.12
CA HIS A 77 -14.16 -13.23 4.44
C HIS A 77 -13.13 -13.73 5.44
N HIS A 78 -13.10 -15.04 5.66
CA HIS A 78 -12.16 -15.63 6.60
C HIS A 78 -10.93 -16.17 5.87
N HIS A 79 -9.76 -16.03 6.50
CA HIS A 79 -8.51 -16.51 5.90
C HIS A 79 -8.25 -15.80 4.57
N MET B 1 6.36 25.36 -17.25
CA MET B 1 7.46 24.41 -17.15
C MET B 1 6.96 23.06 -16.62
N LYS B 2 7.90 22.18 -16.28
CA LYS B 2 7.56 20.86 -15.76
C LYS B 2 8.71 20.30 -14.92
N ILE B 3 8.61 19.02 -14.57
CA ILE B 3 9.64 18.36 -13.78
C ILE B 3 9.76 18.98 -12.39
N ASP B 4 9.00 18.46 -11.45
CA ASP B 4 9.02 18.95 -10.08
C ASP B 4 8.09 18.16 -9.18
N ALA B 5 8.39 18.10 -7.90
CA ALA B 5 7.58 17.38 -6.94
C ALA B 5 6.11 17.79 -7.04
N ILE B 6 5.22 16.80 -6.96
CA ILE B 6 3.79 17.06 -7.04
C ILE B 6 3.03 16.38 -5.90
N VAL B 7 1.94 16.99 -5.48
CA VAL B 7 1.12 16.46 -4.39
C VAL B 7 0.52 15.11 -4.79
N GLY B 8 0.28 14.27 -3.78
CA GLY B 8 -0.31 12.97 -4.03
C GLY B 8 -1.57 13.05 -4.87
N ARG B 9 -1.52 12.48 -6.07
CA ARG B 9 -2.67 12.50 -6.97
C ARG B 9 -2.93 11.12 -7.55
N ASN B 10 -4.21 10.77 -7.71
CA ASN B 10 -4.58 9.47 -8.25
C ASN B 10 -4.79 9.55 -9.77
N SER B 11 -3.90 8.90 -10.51
CA SER B 11 -3.98 8.89 -11.97
C SER B 11 -3.97 7.46 -12.51
N ALA B 12 -4.58 7.28 -13.68
CA ALA B 12 -4.64 5.97 -14.31
C ALA B 12 -4.44 6.07 -15.82
N LYS B 13 -3.45 5.35 -16.33
CA LYS B 13 -3.17 5.37 -17.76
C LYS B 13 -4.21 4.57 -18.54
N ASP B 14 -4.62 3.44 -17.98
CA ASP B 14 -5.62 2.59 -18.61
C ASP B 14 -6.16 1.56 -17.64
N ILE B 15 -7.47 1.37 -17.63
CA ILE B 15 -8.11 0.40 -16.75
C ILE B 15 -9.22 -0.36 -17.47
N ARG B 16 -9.18 -1.68 -17.36
CA ARG B 16 -10.19 -2.52 -17.99
C ARG B 16 -10.66 -3.63 -17.05
N THR B 17 -11.96 -3.86 -17.02
CA THR B 17 -12.54 -4.88 -16.16
C THR B 17 -13.60 -5.69 -16.90
N GLU B 18 -13.75 -6.95 -16.50
CA GLU B 18 -14.73 -7.83 -17.13
C GLU B 18 -15.40 -8.74 -16.10
N GLU B 19 -16.47 -9.42 -16.50
CA GLU B 19 -17.19 -10.31 -15.61
C GLU B 19 -17.99 -9.51 -14.58
N ARG B 20 -17.30 -8.91 -13.63
CA ARG B 20 -17.95 -8.12 -12.59
C ARG B 20 -16.91 -7.49 -11.66
N ALA B 21 -16.05 -6.66 -12.23
CA ALA B 21 -15.01 -5.99 -11.45
C ALA B 21 -15.43 -4.57 -11.09
N ARG B 22 -14.84 -4.04 -10.02
CA ARG B 22 -15.16 -2.69 -9.57
C ARG B 22 -13.88 -1.89 -9.34
N VAL B 23 -13.88 -0.64 -9.80
CA VAL B 23 -12.73 0.24 -9.64
C VAL B 23 -13.10 1.52 -8.89
N GLN B 24 -12.29 1.86 -7.89
CA GLN B 24 -12.55 3.06 -7.10
C GLN B 24 -11.29 3.91 -7.00
N LEU B 25 -11.37 5.15 -7.49
CA LEU B 25 -10.23 6.06 -7.45
C LEU B 25 -10.51 7.22 -6.49
N GLY B 26 -9.68 7.33 -5.46
CA GLY B 26 -9.84 8.41 -4.49
C GLY B 26 -9.48 7.97 -3.08
N ASN B 27 -9.51 8.91 -2.15
CA ASN B 27 -9.18 8.63 -0.76
C ASN B 27 -10.40 8.11 0.00
N VAL B 28 -10.25 6.99 0.68
CA VAL B 28 -11.33 6.39 1.45
C VAL B 28 -11.18 6.68 2.94
N VAL B 29 -12.12 7.44 3.49
CA VAL B 29 -12.09 7.80 4.91
C VAL B 29 -13.15 7.03 5.68
N THR B 30 -12.75 6.40 6.77
CA THR B 30 -13.66 5.63 7.61
C THR B 30 -14.55 6.55 8.44
N ALA B 31 -15.56 5.98 9.07
CA ALA B 31 -16.48 6.75 9.90
C ALA B 31 -15.76 7.36 11.10
N ALA B 32 -14.87 6.58 11.71
CA ALA B 32 -14.11 7.04 12.86
C ALA B 32 -13.33 8.31 12.53
N ALA B 33 -12.83 8.39 11.30
CA ALA B 33 -12.07 9.55 10.85
C ALA B 33 -12.99 10.74 10.60
N LEU B 34 -14.26 10.46 10.33
CA LEU B 34 -15.23 11.51 10.06
C LEU B 34 -15.89 11.98 11.36
N HIS B 35 -15.91 11.11 12.36
CA HIS B 35 -16.50 11.43 13.65
C HIS B 35 -15.57 11.02 14.79
N GLY B 36 -14.32 11.44 14.70
CA GLY B 36 -13.34 11.12 15.73
C GLY B 36 -11.93 11.44 15.31
N GLY B 37 -11.21 10.43 14.84
CA GLY B 37 -9.83 10.62 14.41
C GLY B 37 -9.70 11.70 13.35
N ILE B 38 -8.61 12.45 13.40
CA ILE B 38 -8.37 13.52 12.44
C ILE B 38 -6.89 13.69 12.15
N ARG B 39 -6.55 14.67 11.33
CA ARG B 39 -5.17 14.93 10.97
C ARG B 39 -4.52 13.70 10.33
N ILE B 40 -4.69 13.59 9.01
CA ILE B 40 -4.12 12.46 8.28
C ILE B 40 -3.61 12.90 6.92
N SER B 41 -2.92 14.04 6.89
CA SER B 41 -2.37 14.57 5.65
C SER B 41 -1.41 13.58 5.00
N ASP B 42 -1.17 13.74 3.71
CA ASP B 42 -0.27 12.86 2.97
C ASP B 42 0.10 13.46 1.62
N GLN B 43 1.20 12.99 1.05
CA GLN B 43 1.66 13.48 -0.25
C GLN B 43 2.04 12.32 -1.16
N THR B 44 1.38 11.17 -0.97
CA THR B 44 1.65 10.00 -1.77
C THR B 44 0.94 10.08 -3.12
N THR B 45 1.71 10.00 -4.20
CA THR B 45 1.15 10.07 -5.55
C THR B 45 0.97 8.67 -6.13
N ASN B 46 -0.29 8.25 -6.25
CA ASN B 46 -0.60 6.93 -6.79
C ASN B 46 -0.94 7.03 -8.28
N SER B 47 -0.24 6.23 -9.08
CA SER B 47 -0.46 6.23 -10.53
C SER B 47 -0.35 4.81 -11.08
N VAL B 48 -1.41 4.37 -11.76
CA VAL B 48 -1.44 3.03 -12.35
C VAL B 48 -1.34 3.10 -13.87
N GLU B 49 -0.53 2.22 -14.44
CA GLU B 49 -0.35 2.18 -15.89
C GLU B 49 -1.48 1.40 -16.56
N THR B 50 -1.41 0.08 -16.47
CA THR B 50 -2.43 -0.77 -17.08
C THR B 50 -3.09 -1.66 -16.03
N VAL B 51 -4.43 -1.63 -15.99
CA VAL B 51 -5.17 -2.43 -15.03
C VAL B 51 -6.08 -3.43 -15.75
N VAL B 52 -5.86 -4.72 -15.47
CA VAL B 52 -6.65 -5.78 -16.08
C VAL B 52 -7.32 -6.65 -15.03
N GLY B 53 -8.64 -6.62 -14.99
CA GLY B 53 -9.38 -7.41 -14.01
C GLY B 53 -10.25 -8.46 -14.67
N LYS B 54 -10.19 -9.69 -14.16
CA LYS B 54 -10.99 -10.78 -14.71
C LYS B 54 -11.69 -11.56 -13.60
N GLY B 55 -12.87 -12.07 -13.88
CA GLY B 55 -13.63 -12.82 -12.90
C GLY B 55 -13.73 -12.09 -11.57
N GLU B 56 -14.58 -11.07 -11.52
CA GLU B 56 -14.77 -10.29 -10.31
C GLU B 56 -13.43 -9.78 -9.77
N SER B 57 -12.93 -8.71 -10.38
CA SER B 57 -11.66 -8.13 -9.97
C SER B 57 -11.88 -6.86 -9.17
N ARG B 58 -11.01 -6.63 -8.18
CA ARG B 58 -11.13 -5.45 -7.34
C ARG B 58 -9.94 -4.51 -7.58
N VAL B 59 -10.24 -3.25 -7.85
CA VAL B 59 -9.21 -2.24 -8.09
C VAL B 59 -9.45 -0.99 -7.27
N LEU B 60 -8.45 -0.62 -6.47
CA LEU B 60 -8.55 0.56 -5.62
C LEU B 60 -7.34 1.48 -5.81
N ILE B 61 -7.57 2.65 -6.40
CA ILE B 61 -6.50 3.61 -6.64
C ILE B 61 -6.62 4.80 -5.70
N GLY B 62 -5.76 4.84 -4.68
CA GLY B 62 -5.78 5.93 -3.72
C GLY B 62 -5.33 5.49 -2.34
N ASN B 63 -5.48 6.39 -1.37
CA ASN B 63 -5.09 6.09 0.01
C ASN B 63 -6.31 5.81 0.87
N GLU B 64 -6.14 4.93 1.86
CA GLU B 64 -7.23 4.57 2.76
C GLU B 64 -6.91 4.98 4.19
N TYR B 65 -7.79 5.82 4.76
CA TYR B 65 -7.60 6.29 6.13
C TYR B 65 -8.67 5.72 7.05
N GLY B 66 -8.24 5.09 8.13
CA GLY B 66 -9.17 4.51 9.08
C GLY B 66 -8.71 3.17 9.60
N GLY B 67 -9.32 2.71 10.69
CA GLY B 67 -8.97 1.43 11.27
C GLY B 67 -9.97 0.35 10.96
N LYS B 68 -10.20 -0.54 11.93
CA LYS B 68 -11.15 -1.63 11.75
C LYS B 68 -10.80 -2.47 10.54
N GLY B 69 -9.52 -2.47 10.17
CA GLY B 69 -9.06 -3.24 9.03
C GLY B 69 -8.26 -2.41 8.04
N PHE B 70 -8.77 -2.28 6.82
CA PHE B 70 -8.10 -1.50 5.79
C PHE B 70 -8.96 -1.39 4.54
N TRP B 71 -9.56 -2.51 4.14
CA TRP B 71 -10.42 -2.54 2.96
C TRP B 71 -11.80 -3.10 3.30
N ASP B 72 -11.85 -4.38 3.62
CA ASP B 72 -13.11 -5.04 3.96
C ASP B 72 -12.89 -6.06 5.08
N ASN B 73 -13.92 -6.86 5.32
CA ASN B 73 -13.85 -7.88 6.37
C ASN B 73 -12.67 -8.82 6.13
N HIS B 74 -12.05 -9.26 7.22
CA HIS B 74 -10.91 -10.17 7.14
C HIS B 74 -10.53 -10.70 8.52
N HIS B 75 -9.85 -11.85 8.54
CA HIS B 75 -9.44 -12.46 9.80
C HIS B 75 -8.16 -13.28 9.60
N HIS B 76 -7.33 -13.31 10.63
CA HIS B 76 -6.07 -14.06 10.58
C HIS B 76 -5.32 -13.96 11.91
N HIS B 77 -4.43 -14.91 12.15
CA HIS B 77 -3.64 -14.93 13.37
C HIS B 77 -2.43 -15.85 13.23
N HIS B 78 -1.27 -15.38 13.67
CA HIS B 78 -0.05 -16.16 13.60
C HIS B 78 0.90 -15.78 14.74
N HIS B 79 2.06 -16.45 14.77
CA HIS B 79 3.05 -16.19 15.81
C HIS B 79 4.42 -16.72 15.38
N MET C 1 -3.18 4.69 -23.04
CA MET C 1 -2.62 4.81 -24.37
C MET C 1 -1.90 6.14 -24.54
N LYS C 2 -0.59 6.14 -24.35
CA LYS C 2 0.22 7.35 -24.49
C LYS C 2 -0.24 8.42 -23.49
N ILE C 3 0.43 9.56 -23.51
CA ILE C 3 0.10 10.66 -22.61
C ILE C 3 0.30 10.26 -21.15
N ASP C 4 1.55 10.10 -20.76
CA ASP C 4 1.87 9.72 -19.39
C ASP C 4 3.38 9.66 -19.17
N ALA C 5 3.85 10.26 -18.09
CA ALA C 5 5.27 10.27 -17.77
C ALA C 5 5.52 10.89 -16.41
N ILE C 6 5.14 10.17 -15.35
CA ILE C 6 5.32 10.64 -13.99
C ILE C 6 5.49 9.48 -13.02
N VAL C 7 6.46 9.62 -12.11
CA VAL C 7 6.73 8.58 -11.13
C VAL C 7 6.18 8.95 -9.76
N GLY C 8 6.80 9.95 -9.13
CA GLY C 8 6.35 10.40 -7.83
C GLY C 8 6.73 9.43 -6.73
N ARG C 9 5.71 8.80 -6.12
CA ARG C 9 5.95 7.85 -5.05
C ARG C 9 5.38 6.48 -5.41
N ASN C 10 4.07 6.38 -5.46
CA ASN C 10 3.40 5.12 -5.78
C ASN C 10 3.08 5.05 -7.27
N SER C 11 3.80 4.18 -7.98
CA SER C 11 3.59 4.01 -9.42
C SER C 11 3.59 2.54 -9.81
N ALA C 12 2.82 2.20 -10.83
CA ALA C 12 2.73 0.83 -11.30
C ALA C 12 2.88 0.75 -12.82
N LYS C 13 3.65 -0.23 -13.28
CA LYS C 13 3.87 -0.42 -14.71
C LYS C 13 2.77 -1.26 -15.33
N ASP C 14 2.36 -2.31 -14.61
CA ASP C 14 1.30 -3.19 -15.10
C ASP C 14 0.77 -4.07 -13.96
N ILE C 15 -0.55 -4.20 -13.90
CA ILE C 15 -1.19 -5.01 -12.86
C ILE C 15 -2.35 -5.81 -13.43
N ARG C 16 -2.23 -7.14 -13.39
CA ARG C 16 -3.28 -8.02 -13.89
C ARG C 16 -3.74 -8.99 -12.82
N THR C 17 -5.00 -8.88 -12.42
CA THR C 17 -5.57 -9.75 -11.39
C THR C 17 -6.82 -10.46 -11.91
N GLU C 18 -6.91 -11.76 -11.61
CA GLU C 18 -8.06 -12.55 -12.03
C GLU C 18 -8.78 -13.16 -10.83
N GLU C 19 -9.98 -13.68 -11.07
CA GLU C 19 -10.77 -14.29 -10.01
C GLU C 19 -11.09 -13.27 -8.91
N ARG C 20 -11.48 -13.78 -7.74
CA ARG C 20 -11.82 -12.92 -6.62
C ARG C 20 -10.56 -12.30 -6.01
N ALA C 21 -9.86 -11.50 -6.80
CA ALA C 21 -8.64 -10.84 -6.35
C ALA C 21 -8.88 -9.36 -6.08
N ARG C 22 -8.04 -8.78 -5.22
CA ARG C 22 -8.16 -7.37 -4.87
C ARG C 22 -6.79 -6.70 -4.88
N VAL C 23 -6.73 -5.50 -5.46
CA VAL C 23 -5.48 -4.75 -5.53
C VAL C 23 -5.71 -3.28 -5.15
N GLN C 24 -4.81 -2.76 -4.31
CA GLN C 24 -4.92 -1.37 -3.88
C GLN C 24 -3.58 -0.65 -4.05
N LEU C 25 -3.65 0.59 -4.54
CA LEU C 25 -2.44 1.38 -4.75
C LEU C 25 -2.47 2.66 -3.91
N GLY C 26 -1.50 2.79 -3.01
CA GLY C 26 -1.45 3.97 -2.16
C GLY C 26 -1.04 3.63 -0.74
N ASN C 27 -1.00 4.65 0.12
CA ASN C 27 -0.63 4.46 1.51
C ASN C 27 -1.84 4.05 2.36
N VAL C 28 -1.58 3.34 3.44
CA VAL C 28 -2.65 2.89 4.33
C VAL C 28 -2.43 3.40 5.75
N VAL C 29 -3.34 4.26 6.21
CA VAL C 29 -3.25 4.82 7.55
C VAL C 29 -4.31 4.22 8.46
N THR C 30 -3.88 3.72 9.61
CA THR C 30 -4.80 3.12 10.58
C THR C 30 -5.68 4.19 11.23
N ALA C 31 -6.62 3.74 12.05
CA ALA C 31 -7.53 4.65 12.74
C ALA C 31 -6.77 5.57 13.69
N ALA C 32 -5.85 4.99 14.45
CA ALA C 32 -5.05 5.76 15.40
C ALA C 32 -4.31 6.89 14.70
N ALA C 33 -3.86 6.63 13.48
CA ALA C 33 -3.13 7.62 12.70
C ALA C 33 -1.89 8.10 13.45
N LEU C 34 -1.20 9.09 12.89
CA LEU C 34 0.00 9.63 13.50
C LEU C 34 -0.31 10.94 14.24
N HIS C 35 0.73 11.57 14.77
CA HIS C 35 0.56 12.82 15.51
C HIS C 35 -0.18 13.86 14.66
N GLY C 36 0.29 14.06 13.44
CA GLY C 36 -0.34 15.01 12.55
C GLY C 36 0.67 15.88 11.83
N GLY C 37 0.19 16.98 11.24
CA GLY C 37 1.08 17.88 10.51
C GLY C 37 1.69 17.23 9.29
N ILE C 38 2.95 17.54 9.02
CA ILE C 38 3.65 16.99 7.88
C ILE C 38 2.99 17.41 6.57
N ARG C 39 3.55 18.44 5.93
CA ARG C 39 3.01 18.93 4.68
C ARG C 39 3.60 18.18 3.48
N ILE C 40 4.86 18.47 3.17
CA ILE C 40 5.54 17.82 2.06
C ILE C 40 6.00 16.41 2.44
N SER C 41 5.66 15.44 1.61
CA SER C 41 6.05 14.06 1.86
C SER C 41 6.69 13.43 0.63
N ASP C 42 7.93 12.98 0.78
CA ASP C 42 8.67 12.36 -0.32
C ASP C 42 9.93 11.68 0.18
N GLN C 43 9.75 10.65 1.00
CA GLN C 43 10.88 9.92 1.55
C GLN C 43 11.06 8.57 0.86
N THR C 44 10.10 7.67 1.08
CA THR C 44 10.14 6.34 0.48
C THR C 44 9.22 6.26 -0.73
N THR C 45 9.70 5.67 -1.81
CA THR C 45 8.92 5.53 -3.02
C THR C 45 8.66 4.06 -3.34
N ASN C 46 7.45 3.76 -3.81
CA ASN C 46 7.08 2.39 -4.15
C ASN C 46 6.72 2.29 -5.63
N SER C 47 7.39 1.38 -6.34
CA SER C 47 7.13 1.18 -7.76
C SER C 47 7.06 -0.31 -8.10
N VAL C 48 6.03 -0.70 -8.83
CA VAL C 48 5.86 -2.09 -9.22
C VAL C 48 5.95 -2.25 -10.73
N GLU C 49 6.60 -3.33 -11.16
CA GLU C 49 6.77 -3.60 -12.59
C GLU C 49 5.52 -4.30 -13.16
N THR C 50 5.39 -5.59 -12.87
CA THR C 50 4.25 -6.36 -13.34
C THR C 50 3.71 -7.27 -12.25
N VAL C 51 2.40 -7.22 -12.05
CA VAL C 51 1.74 -8.05 -11.05
C VAL C 51 0.74 -9.01 -11.68
N VAL C 52 0.83 -10.28 -11.30
CA VAL C 52 -0.07 -11.30 -11.82
C VAL C 52 -0.73 -12.09 -10.70
N GLY C 53 -2.05 -12.14 -10.73
CA GLY C 53 -2.79 -12.87 -9.69
C GLY C 53 -3.62 -13.99 -10.27
N LYS C 54 -3.56 -15.16 -9.64
CA LYS C 54 -4.33 -16.31 -10.10
C LYS C 54 -5.11 -16.94 -8.94
N GLY C 55 -6.43 -16.91 -9.05
CA GLY C 55 -7.28 -17.49 -8.02
C GLY C 55 -7.09 -16.79 -6.68
N GLU C 56 -7.76 -15.65 -6.51
CA GLU C 56 -7.67 -14.89 -5.27
C GLU C 56 -6.24 -14.40 -5.04
N SER C 57 -6.04 -13.10 -5.14
CA SER C 57 -4.71 -12.51 -4.94
C SER C 57 -4.83 -11.11 -4.37
N ARG C 58 -3.87 -10.75 -3.51
CA ARG C 58 -3.86 -9.44 -2.88
C ARG C 58 -2.61 -8.66 -3.28
N VAL C 59 -2.82 -7.44 -3.79
CA VAL C 59 -1.71 -6.59 -4.21
C VAL C 59 -1.80 -5.21 -3.56
N LEU C 60 -0.74 -4.83 -2.85
CA LEU C 60 -0.70 -3.54 -2.18
C LEU C 60 0.57 -2.79 -2.54
N ILE C 61 0.41 -1.62 -3.18
CA ILE C 61 1.54 -0.80 -3.57
C ILE C 61 1.60 0.49 -2.76
N GLY C 62 2.50 0.54 -1.79
CA GLY C 62 2.63 1.72 -0.96
C GLY C 62 3.09 1.39 0.44
N ASN C 63 3.13 2.40 1.30
CA ASN C 63 3.55 2.22 2.69
C ASN C 63 2.36 2.27 3.64
N GLU C 64 2.51 1.65 4.80
CA GLU C 64 1.44 1.63 5.80
C GLU C 64 1.87 2.38 7.07
N TYR C 65 1.02 3.30 7.51
CA TYR C 65 1.30 4.08 8.70
C TYR C 65 0.36 3.71 9.84
N GLY C 66 0.92 3.43 11.01
CA GLY C 66 0.11 3.07 12.15
C GLY C 66 0.46 1.69 12.70
N GLY C 67 -0.04 1.39 13.89
CA GLY C 67 0.25 0.10 14.50
C GLY C 67 -0.98 -0.79 14.57
N LYS C 68 -0.93 -1.80 15.43
CA LYS C 68 -2.04 -2.72 15.59
C LYS C 68 -2.50 -3.27 14.24
N GLY C 69 -1.77 -4.25 13.72
CA GLY C 69 -2.12 -4.84 12.44
C GLY C 69 -1.52 -4.08 11.27
N PHE C 70 -0.30 -4.44 10.91
CA PHE C 70 0.39 -3.78 9.81
C PHE C 70 -0.49 -3.73 8.56
N TRP C 71 -1.18 -4.83 8.30
CA TRP C 71 -2.06 -4.93 7.14
C TRP C 71 -3.11 -6.02 7.34
N ASP C 72 -4.02 -5.80 8.27
CA ASP C 72 -5.09 -6.75 8.55
C ASP C 72 -6.15 -6.14 9.44
N ASN C 73 -7.07 -6.98 9.93
CA ASN C 73 -8.15 -6.51 10.78
C ASN C 73 -8.00 -7.05 12.20
N HIS C 74 -7.71 -6.17 13.14
CA HIS C 74 -7.54 -6.57 14.53
C HIS C 74 -8.77 -7.31 15.04
N HIS C 75 -8.68 -8.64 15.10
CA HIS C 75 -9.78 -9.47 15.56
C HIS C 75 -9.57 -9.89 17.01
N HIS C 76 -10.41 -10.81 17.48
CA HIS C 76 -10.32 -11.30 18.86
C HIS C 76 -8.95 -11.94 19.11
N HIS C 77 -8.62 -12.12 20.39
CA HIS C 77 -7.34 -12.71 20.77
C HIS C 77 -7.55 -13.96 21.61
N HIS C 78 -8.49 -13.89 22.54
CA HIS C 78 -8.80 -15.01 23.42
C HIS C 78 -9.05 -16.28 22.60
N HIS C 79 -9.60 -16.10 21.40
CA HIS C 79 -9.90 -17.24 20.53
C HIS C 79 -8.66 -18.08 20.29
N MET D 1 3.16 0.72 -22.10
CA MET D 1 3.67 1.82 -22.92
C MET D 1 3.99 3.03 -22.06
N LYS D 2 5.06 3.74 -22.42
CA LYS D 2 5.48 4.93 -21.69
C LYS D 2 5.76 4.60 -20.24
N ILE D 3 7.02 4.27 -19.94
CA ILE D 3 7.43 3.93 -18.59
C ILE D 3 8.36 5.00 -18.01
N ASP D 4 8.61 4.91 -16.71
CA ASP D 4 9.49 5.87 -16.04
C ASP D 4 9.80 5.41 -14.61
N ALA D 5 11.08 5.30 -14.29
CA ALA D 5 11.51 4.88 -12.97
C ALA D 5 13.01 5.08 -12.79
N ILE D 6 13.39 5.69 -11.67
CA ILE D 6 14.80 5.94 -11.38
C ILE D 6 14.98 6.54 -9.99
N VAL D 7 15.99 6.06 -9.27
CA VAL D 7 16.27 6.54 -7.92
C VAL D 7 15.07 6.33 -7.01
N GLY D 8 15.05 5.19 -6.32
CA GLY D 8 13.96 4.89 -5.42
C GLY D 8 14.37 3.98 -4.28
N ARG D 9 13.40 3.44 -3.56
CA ARG D 9 13.66 2.54 -2.45
C ARG D 9 13.03 1.17 -2.68
N ASN D 10 11.72 1.09 -2.48
CA ASN D 10 10.99 -0.16 -2.67
C ASN D 10 10.53 -0.31 -4.11
N SER D 11 11.11 -1.28 -4.81
CA SER D 11 10.76 -1.53 -6.20
C SER D 11 10.66 -3.03 -6.48
N ALA D 12 9.63 -3.41 -7.23
CA ALA D 12 9.41 -4.82 -7.57
C ALA D 12 9.50 -5.03 -9.08
N LYS D 13 10.44 -5.87 -9.49
CA LYS D 13 10.63 -6.17 -10.91
C LYS D 13 9.53 -7.11 -11.41
N ASP D 14 9.03 -7.95 -10.52
CA ASP D 14 7.98 -8.90 -10.87
C ASP D 14 7.35 -9.50 -9.62
N ILE D 15 6.02 -9.59 -9.62
CA ILE D 15 5.29 -10.14 -8.49
C ILE D 15 4.15 -11.04 -8.95
N ARG D 16 4.23 -12.32 -8.59
CA ARG D 16 3.21 -13.29 -8.97
C ARG D 16 2.67 -14.02 -7.73
N THR D 17 1.36 -13.99 -7.56
CA THR D 17 0.73 -14.65 -6.42
C THR D 17 -0.54 -15.39 -6.85
N GLU D 18 -0.90 -16.41 -6.09
CA GLU D 18 -2.10 -17.21 -6.39
C GLU D 18 -2.68 -17.81 -5.12
N GLU D 19 -3.88 -18.36 -5.24
CA GLU D 19 -4.55 -18.98 -4.10
C GLU D 19 -4.96 -17.92 -3.08
N ARG D 20 -4.01 -17.50 -2.25
CA ARG D 20 -4.27 -16.50 -1.22
C ARG D 20 -2.97 -15.85 -0.78
N ALA D 21 -2.23 -15.29 -1.73
CA ALA D 21 -0.97 -14.63 -1.42
C ALA D 21 -1.12 -13.11 -1.49
N ARG D 22 -0.37 -12.41 -0.64
CA ARG D 22 -0.42 -10.95 -0.59
C ARG D 22 0.98 -10.36 -0.75
N VAL D 23 1.09 -9.33 -1.59
CA VAL D 23 2.37 -8.67 -1.83
C VAL D 23 2.28 -7.18 -1.51
N GLN D 24 3.13 -6.73 -0.59
CA GLN D 24 3.15 -5.33 -0.20
C GLN D 24 4.48 -4.69 -0.55
N LEU D 25 4.44 -3.58 -1.29
CA LEU D 25 5.64 -2.87 -1.69
C LEU D 25 5.73 -1.52 -0.99
N GLY D 26 6.78 -1.34 -0.19
CA GLY D 26 6.96 -0.09 0.52
C GLY D 26 7.40 -0.29 1.96
N ASN D 27 7.60 0.81 2.67
CA ASN D 27 8.02 0.75 4.06
C ASN D 27 6.82 0.62 5.00
N VAL D 28 7.09 0.21 6.24
CA VAL D 28 6.04 0.05 7.23
C VAL D 28 6.42 0.67 8.56
N VAL D 29 5.59 1.59 9.04
CA VAL D 29 5.85 2.27 10.30
C VAL D 29 4.69 2.08 11.28
N THR D 30 5.01 1.66 12.49
CA THR D 30 4.00 1.42 13.51
C THR D 30 3.40 2.74 13.99
N ALA D 31 2.39 2.64 14.86
CA ALA D 31 1.72 3.83 15.38
C ALA D 31 2.71 4.73 16.12
N ALA D 32 3.59 4.12 16.90
CA ALA D 32 4.59 4.86 17.65
C ALA D 32 5.44 5.75 16.73
N ALA D 33 5.94 5.15 15.66
CA ALA D 33 6.75 5.88 14.70
C ALA D 33 7.98 6.49 15.38
N LEU D 34 8.79 7.19 14.59
CA LEU D 34 10.01 7.82 15.12
C LEU D 34 10.14 9.25 14.58
N HIS D 35 11.05 10.01 15.18
CA HIS D 35 11.28 11.39 14.77
C HIS D 35 12.29 11.45 13.62
N GLY D 36 12.03 10.67 12.57
CA GLY D 36 12.93 10.66 11.43
C GLY D 36 13.14 12.03 10.83
N GLY D 37 12.14 12.90 10.98
CA GLY D 37 12.23 14.24 10.45
C GLY D 37 11.71 14.34 9.02
N ILE D 38 11.14 15.50 8.68
CA ILE D 38 10.59 15.71 7.35
C ILE D 38 11.67 15.56 6.29
N ARG D 39 11.31 15.87 5.04
CA ARG D 39 12.26 15.76 3.92
C ARG D 39 12.68 14.31 3.72
N ILE D 40 13.68 14.11 2.88
CA ILE D 40 14.19 12.77 2.58
C ILE D 40 14.48 12.00 3.87
N SER D 41 13.79 10.89 4.05
CA SER D 41 13.99 10.06 5.25
C SER D 41 14.45 8.66 4.86
N ASP D 42 14.41 8.37 3.57
CA ASP D 42 14.84 7.06 3.07
C ASP D 42 16.22 6.69 3.61
N GLN D 43 16.58 5.41 3.49
CA GLN D 43 17.86 4.93 3.96
C GLN D 43 18.38 3.79 3.10
N THR D 44 17.78 2.61 3.28
CA THR D 44 18.18 1.43 2.51
C THR D 44 17.20 1.15 1.39
N THR D 45 17.73 0.80 0.22
CA THR D 45 16.89 0.50 -0.94
C THR D 45 16.55 -0.98 -1.02
N ASN D 46 15.32 -1.28 -1.40
CA ASN D 46 14.87 -2.67 -1.51
C ASN D 46 14.33 -2.95 -2.91
N SER D 47 14.95 -3.90 -3.60
CA SER D 47 14.55 -4.28 -4.95
C SER D 47 14.43 -5.79 -5.09
N VAL D 48 13.24 -6.25 -5.47
CA VAL D 48 12.99 -7.68 -5.64
C VAL D 48 12.87 -8.04 -7.11
N GLU D 49 13.64 -9.04 -7.54
CA GLU D 49 13.60 -9.48 -8.93
C GLU D 49 12.23 -10.02 -9.31
N THR D 50 11.92 -11.23 -8.82
CA THR D 50 10.64 -11.85 -9.11
C THR D 50 10.18 -12.72 -7.94
N VAL D 51 8.91 -12.57 -7.56
CA VAL D 51 8.36 -13.34 -6.46
C VAL D 51 7.23 -14.24 -6.93
N VAL D 52 7.26 -15.51 -6.51
CA VAL D 52 6.24 -16.47 -6.90
C VAL D 52 5.64 -17.15 -5.68
N GLY D 53 4.33 -16.95 -5.48
CA GLY D 53 3.65 -17.55 -4.34
C GLY D 53 2.61 -18.57 -4.75
N LYS D 54 2.63 -19.73 -4.11
CA LYS D 54 1.68 -20.79 -4.43
C LYS D 54 1.06 -21.35 -3.14
N GLY D 55 -0.25 -21.17 -3.00
CA GLY D 55 -0.93 -21.67 -1.82
C GLY D 55 -0.62 -20.87 -0.58
N GLU D 56 -1.16 -19.66 -0.51
CA GLU D 56 -0.92 -18.78 0.63
C GLU D 56 0.54 -18.37 0.72
N SER D 57 0.84 -17.16 0.27
CA SER D 57 2.22 -16.65 0.29
C SER D 57 2.25 -15.21 0.78
N ARG D 58 3.30 -14.87 1.51
CA ARG D 58 3.46 -13.52 2.05
C ARG D 58 4.75 -12.88 1.54
N VAL D 59 4.62 -11.68 0.97
CA VAL D 59 5.76 -10.95 0.44
C VAL D 59 5.76 -9.50 0.88
N LEU D 60 6.83 -9.08 1.53
CA LEU D 60 6.94 -7.70 2.02
C LEU D 60 8.25 -7.08 1.57
N ILE D 61 8.15 -5.97 0.84
CA ILE D 61 9.34 -5.27 0.36
C ILE D 61 9.50 -3.91 1.03
N GLY D 62 10.44 -3.82 1.96
CA GLY D 62 10.67 -2.58 2.68
C GLY D 62 11.07 -2.80 4.12
N ASN D 63 11.51 -1.74 4.78
CA ASN D 63 11.92 -1.82 6.18
C ASN D 63 10.74 -1.56 7.11
N GLU D 64 10.81 -2.10 8.32
CA GLU D 64 9.74 -1.93 9.30
C GLU D 64 10.25 -1.13 10.50
N TYR D 65 9.44 -0.18 10.95
CA TYR D 65 9.81 0.65 12.10
C TYR D 65 8.90 0.37 13.28
N GLY D 66 9.51 0.04 14.42
CA GLY D 66 8.74 -0.26 15.62
C GLY D 66 8.43 -1.73 15.76
N GLY D 67 7.22 -2.04 16.24
CA GLY D 67 6.82 -3.42 16.43
C GLY D 67 7.64 -4.13 17.48
N LYS D 68 7.01 -4.46 18.60
CA LYS D 68 7.68 -5.15 19.69
C LYS D 68 8.42 -6.38 19.19
N GLY D 69 7.82 -7.07 18.22
CA GLY D 69 8.43 -8.27 17.67
C GLY D 69 8.97 -8.04 16.27
N PHE D 70 8.10 -8.16 15.27
CA PHE D 70 8.49 -7.97 13.88
C PHE D 70 7.28 -8.08 12.96
N TRP D 71 7.49 -7.77 11.69
CA TRP D 71 6.42 -7.84 10.69
C TRP D 71 5.82 -9.23 10.64
N ASP D 72 4.67 -9.39 11.30
CA ASP D 72 3.99 -10.69 11.34
C ASP D 72 2.71 -10.60 12.15
N ASN D 73 2.82 -10.13 13.39
CA ASN D 73 1.67 -10.00 14.27
C ASN D 73 2.08 -9.44 15.62
N HIS D 74 3.07 -8.56 15.62
CA HIS D 74 3.56 -7.94 16.85
C HIS D 74 3.92 -9.00 17.88
N HIS D 75 4.98 -9.75 17.61
CA HIS D 75 5.42 -10.80 18.52
C HIS D 75 5.63 -10.25 19.93
N HIS D 76 5.25 -11.04 20.93
CA HIS D 76 5.40 -10.64 22.32
C HIS D 76 5.91 -11.80 23.18
N HIS D 77 5.88 -11.60 24.50
CA HIS D 77 6.33 -12.63 25.42
C HIS D 77 5.46 -13.88 25.31
N HIS D 78 6.04 -15.03 25.68
CA HIS D 78 5.31 -16.29 25.62
C HIS D 78 6.11 -17.40 26.30
N HIS D 79 5.64 -18.63 26.16
CA HIS D 79 6.31 -19.78 26.76
C HIS D 79 6.51 -20.90 25.73
N MET E 1 8.12 8.24 -19.95
CA MET E 1 9.09 9.33 -19.90
C MET E 1 10.46 8.87 -20.39
N LYS E 2 11.05 7.91 -19.68
CA LYS E 2 12.36 7.38 -20.05
C LYS E 2 12.58 6.00 -19.44
N ILE E 3 13.78 5.46 -19.63
CA ILE E 3 14.11 4.14 -19.10
C ILE E 3 15.44 4.17 -18.34
N ASP E 4 15.51 3.41 -17.25
CA ASP E 4 16.72 3.35 -16.44
C ASP E 4 16.77 2.07 -15.64
N ALA E 5 17.76 1.96 -14.75
CA ALA E 5 17.92 0.78 -13.92
C ALA E 5 17.71 1.11 -12.45
N ILE E 6 17.72 0.08 -11.61
CA ILE E 6 17.52 0.27 -10.18
C ILE E 6 18.49 -0.60 -9.37
N VAL E 7 19.10 0.00 -8.35
CA VAL E 7 20.04 -0.72 -7.50
C VAL E 7 19.81 -0.41 -6.03
N GLY E 8 20.27 -1.30 -5.16
CA GLY E 8 20.09 -1.10 -3.74
C GLY E 8 20.80 -2.17 -2.92
N ARG E 9 21.20 -1.80 -1.70
CA ARG E 9 21.89 -2.73 -0.81
C ARG E 9 21.10 -4.02 -0.65
N ASN E 10 19.80 -3.88 -0.41
CA ASN E 10 18.92 -5.05 -0.23
C ASN E 10 18.24 -5.41 -1.54
N SER E 11 18.63 -6.55 -2.10
CA SER E 11 18.05 -7.03 -3.36
C SER E 11 17.84 -8.54 -3.32
N ALA E 12 16.83 -9.00 -4.08
CA ALA E 12 16.52 -10.41 -4.13
C ALA E 12 16.47 -10.92 -5.57
N LYS E 13 17.34 -11.86 -5.90
CA LYS E 13 17.39 -12.41 -7.25
C LYS E 13 16.13 -13.20 -7.56
N ASP E 14 15.59 -13.88 -6.56
CA ASP E 14 14.38 -14.67 -6.73
C ASP E 14 13.81 -15.09 -5.39
N ILE E 15 12.48 -15.07 -5.27
CA ILE E 15 11.81 -15.44 -4.03
C ILE E 15 10.59 -16.32 -4.32
N ARG E 16 10.64 -17.56 -3.83
CA ARG E 16 9.55 -18.50 -4.02
C ARG E 16 9.03 -19.02 -2.69
N THR E 17 7.73 -18.88 -2.46
CA THR E 17 7.11 -19.33 -1.22
C THR E 17 5.80 -20.05 -1.49
N GLU E 18 5.43 -20.96 -0.59
CA GLU E 18 4.19 -21.72 -0.73
C GLU E 18 3.70 -22.22 0.62
N GLU E 19 2.45 -22.67 0.66
CA GLU E 19 1.86 -23.18 1.89
C GLU E 19 1.61 -22.04 2.88
N ARG E 20 2.68 -21.54 3.48
CA ARG E 20 2.57 -20.45 4.44
C ARG E 20 3.95 -19.86 4.74
N ALA E 21 4.62 -19.39 3.70
CA ALA E 21 5.95 -18.79 3.86
C ALA E 21 5.89 -17.27 3.74
N ARG E 22 6.80 -16.60 4.43
CA ARG E 22 6.85 -15.13 4.41
C ARG E 22 8.26 -14.64 4.11
N VAL E 23 8.36 -13.64 3.23
CA VAL E 23 9.66 -13.08 2.87
C VAL E 23 9.66 -11.57 3.04
N GLN E 24 10.66 -11.06 3.75
CA GLN E 24 10.79 -9.63 3.99
C GLN E 24 12.13 -9.11 3.50
N LEU E 25 12.10 -8.01 2.74
CA LEU E 25 13.33 -7.42 2.21
C LEU E 25 13.54 -6.02 2.79
N GLY E 26 14.65 -5.86 3.50
CA GLY E 26 14.96 -4.56 4.10
C GLY E 26 15.41 -4.69 5.54
N ASN E 27 15.78 -3.56 6.15
CA ASN E 27 16.22 -3.55 7.53
C ASN E 27 15.03 -3.44 8.49
N VAL E 28 15.27 -3.77 9.75
CA VAL E 28 14.22 -3.70 10.77
C VAL E 28 14.70 -3.00 12.02
N VAL E 29 13.94 -2.01 12.48
CA VAL E 29 14.30 -1.25 13.67
C VAL E 29 13.20 -1.33 14.72
N THR E 30 13.57 -1.68 15.94
CA THR E 30 12.62 -1.80 17.04
C THR E 30 12.10 -0.43 17.45
N ALA E 31 11.08 -0.42 18.31
CA ALA E 31 10.49 0.82 18.78
C ALA E 31 11.53 1.71 19.45
N ALA E 32 12.50 1.08 20.11
CA ALA E 32 13.56 1.82 20.79
C ALA E 32 14.30 2.74 19.82
N ALA E 33 14.45 2.29 18.58
CA ALA E 33 15.14 3.07 17.57
C ALA E 33 16.56 3.43 18.01
N LEU E 34 17.19 4.32 17.25
CA LEU E 34 18.55 4.75 17.57
C LEU E 34 18.56 5.70 18.77
N HIS E 35 19.56 5.54 19.63
CA HIS E 35 19.68 6.37 20.82
C HIS E 35 21.00 6.12 21.54
N GLY E 36 22.03 5.76 20.77
CA GLY E 36 23.33 5.48 21.34
C GLY E 36 24.43 5.50 20.31
N GLY E 37 24.20 6.21 19.21
CA GLY E 37 25.20 6.29 18.16
C GLY E 37 25.23 7.65 17.50
N ILE E 38 25.80 7.71 16.29
CA ILE E 38 25.90 8.96 15.55
C ILE E 38 25.12 8.89 14.24
N ARG E 39 25.18 7.73 13.59
CA ARG E 39 24.49 7.53 12.31
C ARG E 39 24.97 8.54 11.28
N ILE E 40 25.87 8.10 10.40
CA ILE E 40 26.40 8.95 9.36
C ILE E 40 26.08 8.40 7.97
N SER E 41 26.21 7.08 7.83
CA SER E 41 25.93 6.43 6.55
C SER E 41 26.18 4.93 6.65
N ASP E 42 25.64 4.18 5.69
CA ASP E 42 25.81 2.73 5.65
C ASP E 42 26.84 2.32 4.61
N GLN E 43 26.90 1.02 4.34
CA GLN E 43 27.85 0.49 3.36
C GLN E 43 27.60 -0.99 3.10
N THR E 44 27.23 -1.72 4.15
CA THR E 44 26.97 -3.14 4.05
C THR E 44 25.76 -3.40 3.15
N THR E 45 25.93 -4.28 2.17
CA THR E 45 24.85 -4.61 1.25
C THR E 45 24.46 -6.08 1.38
N ASN E 46 23.16 -6.35 1.29
CA ASN E 46 22.65 -7.72 1.41
C ASN E 46 21.94 -8.15 0.12
N SER E 47 22.48 -9.17 -0.53
CA SER E 47 21.89 -9.68 -1.77
C SER E 47 21.52 -11.15 -1.64
N VAL E 48 20.23 -11.44 -1.76
CA VAL E 48 19.74 -12.81 -1.65
C VAL E 48 19.37 -13.37 -3.03
N GLU E 49 20.06 -14.42 -3.44
CA GLU E 49 19.80 -15.05 -4.73
C GLU E 49 18.38 -15.59 -4.79
N THR E 50 18.25 -16.82 -5.29
CA THR E 50 16.94 -17.46 -5.41
C THR E 50 16.65 -18.35 -4.20
N VAL E 51 15.50 -18.11 -3.56
CA VAL E 51 15.10 -18.89 -2.41
C VAL E 51 13.84 -19.69 -2.68
N VAL E 52 13.84 -20.95 -2.27
CA VAL E 52 12.67 -21.82 -2.47
C VAL E 52 12.17 -22.39 -1.15
N GLY E 53 10.96 -22.00 -0.77
CA GLY E 53 10.40 -22.48 0.48
C GLY E 53 9.20 -23.39 0.25
N LYS E 54 9.18 -24.54 0.94
CA LYS E 54 8.10 -25.49 0.81
C LYS E 54 7.61 -25.94 2.18
N GLY E 55 6.37 -25.59 2.51
CA GLY E 55 5.81 -25.98 3.79
C GLY E 55 6.30 -25.09 4.92
N GLU E 56 5.80 -23.86 4.98
CA GLU E 56 6.21 -22.92 6.02
C GLU E 56 7.67 -22.55 5.88
N SER E 57 7.93 -21.34 5.37
CA SER E 57 9.29 -20.86 5.17
C SER E 57 9.41 -19.40 5.59
N ARG E 58 10.56 -19.04 6.13
CA ARG E 58 10.81 -17.67 6.56
C ARG E 58 12.13 -17.14 5.99
N VAL E 59 12.07 -15.97 5.37
CA VAL E 59 13.26 -15.36 4.78
C VAL E 59 13.32 -13.87 5.10
N LEU E 60 14.42 -13.44 5.71
CA LEU E 60 14.60 -12.04 6.07
C LEU E 60 15.94 -11.53 5.56
N ILE E 61 15.89 -10.48 4.74
CA ILE E 61 17.10 -9.88 4.19
C ILE E 61 17.32 -8.47 4.73
N GLY E 62 18.49 -8.24 5.31
CA GLY E 62 18.81 -6.93 5.84
C GLY E 62 19.29 -7.00 7.28
N ASN E 63 19.45 -5.84 7.91
CA ASN E 63 19.91 -5.78 9.29
C ASN E 63 18.74 -5.68 10.26
N GLU E 64 18.97 -6.11 11.49
CA GLU E 64 17.93 -6.07 12.52
C GLU E 64 18.40 -5.29 13.75
N TYR E 65 17.51 -4.49 14.31
CA TYR E 65 17.82 -3.68 15.48
C TYR E 65 16.76 -3.85 16.56
N GLY E 66 17.19 -4.23 17.76
CA GLY E 66 16.26 -4.43 18.86
C GLY E 66 16.77 -5.42 19.88
N GLY E 67 15.84 -6.09 20.56
CA GLY E 67 16.22 -7.06 21.57
C GLY E 67 15.05 -7.91 22.03
N LYS E 68 15.16 -9.23 21.87
CA LYS E 68 14.11 -10.14 22.27
C LYS E 68 14.51 -11.58 21.98
N GLY E 69 15.25 -11.79 20.89
CA GLY E 69 15.67 -13.12 20.52
C GLY E 69 15.74 -13.31 19.02
N PHE E 70 15.16 -14.41 18.54
CA PHE E 70 15.16 -14.71 17.12
C PHE E 70 14.51 -13.58 16.32
N TRP E 71 15.02 -13.34 15.13
CA TRP E 71 14.49 -12.29 14.26
C TRP E 71 14.73 -10.92 14.88
N ASP E 72 15.58 -10.86 15.89
CA ASP E 72 15.90 -9.61 16.58
C ASP E 72 16.93 -9.84 17.68
N ASN E 73 18.00 -10.54 17.34
CA ASN E 73 19.06 -10.83 18.31
C ASN E 73 19.53 -9.56 18.98
N HIS E 74 20.30 -9.71 20.06
CA HIS E 74 20.82 -8.57 20.80
C HIS E 74 21.77 -9.02 21.90
N HIS E 75 22.14 -8.09 22.78
CA HIS E 75 23.05 -8.39 23.88
C HIS E 75 22.46 -7.95 25.21
N HIS E 76 21.79 -6.80 25.20
CA HIS E 76 21.18 -6.27 26.42
C HIS E 76 19.94 -7.08 26.79
N HIS E 77 20.17 -8.23 27.42
CA HIS E 77 19.07 -9.10 27.84
C HIS E 77 18.27 -8.46 28.97
N HIS E 78 17.23 -9.15 29.42
CA HIS E 78 16.38 -8.64 30.50
C HIS E 78 15.74 -9.79 31.27
N HIS E 79 15.27 -10.80 30.54
CA HIS E 79 14.64 -11.96 31.16
C HIS E 79 15.27 -13.25 30.65
N MET A 1 -19.81 32.08 -2.51
CA MET A 1 -20.09 32.60 -1.17
C MET A 1 -18.94 32.31 -0.22
N LYS A 2 -19.01 32.87 0.98
CA LYS A 2 -17.96 32.67 1.98
C LYS A 2 -18.01 31.24 2.53
N ILE A 3 -17.34 30.33 1.83
CA ILE A 3 -17.28 28.93 2.25
C ILE A 3 -15.86 28.42 2.30
N ASP A 4 -15.60 27.47 3.19
CA ASP A 4 -14.27 26.89 3.34
C ASP A 4 -14.01 25.84 2.26
N ALA A 5 -14.10 26.26 1.01
CA ALA A 5 -13.87 25.36 -0.12
C ALA A 5 -13.85 26.12 -1.44
N ILE A 6 -13.67 25.39 -2.54
CA ILE A 6 -13.63 25.99 -3.86
C ILE A 6 -14.40 25.15 -4.88
N VAL A 7 -13.82 24.01 -5.24
CA VAL A 7 -14.44 23.11 -6.20
C VAL A 7 -13.64 21.83 -6.37
N GLY A 8 -14.33 20.75 -6.73
CA GLY A 8 -13.67 19.47 -6.91
C GLY A 8 -12.67 19.50 -8.06
N ARG A 9 -12.40 18.32 -8.63
CA ARG A 9 -11.45 18.21 -9.72
C ARG A 9 -11.42 16.79 -10.28
N ASN A 10 -12.11 16.58 -11.40
CA ASN A 10 -12.17 15.27 -12.03
C ASN A 10 -12.15 15.40 -13.55
N SER A 11 -11.38 14.53 -14.20
CA SER A 11 -11.26 14.54 -15.65
C SER A 11 -11.37 13.12 -16.22
N ALA A 12 -11.92 13.02 -17.42
CA ALA A 12 -12.09 11.74 -18.08
C ALA A 12 -11.85 11.85 -19.58
N LYS A 13 -10.86 11.12 -20.07
CA LYS A 13 -10.52 11.14 -21.50
C LYS A 13 -11.55 10.35 -22.30
N ASP A 14 -11.84 9.13 -21.86
CA ASP A 14 -12.81 8.28 -22.53
C ASP A 14 -13.23 7.12 -21.65
N ILE A 15 -14.52 6.83 -21.63
CA ILE A 15 -15.05 5.73 -20.82
C ILE A 15 -16.06 4.90 -21.60
N ARG A 16 -15.88 3.59 -21.57
CA ARG A 16 -16.77 2.67 -22.29
C ARG A 16 -17.16 1.49 -21.40
N THR A 17 -18.46 1.28 -21.25
CA THR A 17 -18.96 0.19 -20.43
C THR A 17 -20.12 -0.53 -21.12
N GLU A 18 -20.25 -1.82 -20.84
CA GLU A 18 -21.32 -2.62 -21.44
C GLU A 18 -21.86 -3.65 -20.44
N GLU A 19 -22.97 -4.27 -20.79
CA GLU A 19 -23.59 -5.28 -19.92
C GLU A 19 -24.05 -4.65 -18.61
N ARG A 20 -25.15 -3.91 -18.67
CA ARG A 20 -25.70 -3.26 -17.48
C ARG A 20 -24.58 -2.67 -16.63
N ALA A 21 -23.81 -1.77 -17.21
CA ALA A 21 -22.71 -1.12 -16.50
C ALA A 21 -23.08 0.30 -16.08
N ARG A 22 -22.40 0.80 -15.06
CA ARG A 22 -22.65 2.15 -14.55
C ARG A 22 -21.35 2.91 -14.31
N VAL A 23 -21.36 4.20 -14.59
CA VAL A 23 -20.18 5.03 -14.40
C VAL A 23 -20.54 6.34 -13.69
N GLN A 24 -19.92 6.57 -12.54
CA GLN A 24 -20.17 7.78 -11.77
C GLN A 24 -18.91 8.63 -11.66
N LEU A 25 -19.03 9.91 -11.98
CA LEU A 25 -17.90 10.83 -11.91
C LEU A 25 -18.09 11.85 -10.80
N GLY A 26 -17.19 11.83 -9.83
CA GLY A 26 -17.26 12.76 -8.71
C GLY A 26 -16.98 12.09 -7.38
N ASN A 27 -17.30 12.80 -6.30
CA ASN A 27 -17.07 12.27 -4.96
C ASN A 27 -18.40 11.89 -4.29
N VAL A 28 -18.38 10.79 -3.55
CA VAL A 28 -19.58 10.32 -2.86
C VAL A 28 -19.39 10.36 -1.34
N VAL A 29 -20.21 11.17 -0.68
CA VAL A 29 -20.14 11.29 0.78
C VAL A 29 -21.48 10.95 1.42
N THR A 30 -21.46 9.99 2.34
CA THR A 30 -22.67 9.57 3.03
C THR A 30 -22.85 10.34 4.33
N ALA A 31 -24.08 10.34 4.85
CA ALA A 31 -24.38 11.04 6.09
C ALA A 31 -23.63 10.43 7.27
N ALA A 32 -23.61 9.10 7.32
CA ALA A 32 -22.92 8.39 8.39
C ALA A 32 -21.45 8.80 8.47
N ALA A 33 -20.86 9.07 7.30
CA ALA A 33 -19.46 9.46 7.24
C ALA A 33 -19.25 10.82 7.93
N LEU A 34 -20.34 11.52 8.17
CA LEU A 34 -20.26 12.83 8.82
C LEU A 34 -19.49 13.82 7.96
N HIS A 35 -19.29 15.03 8.49
CA HIS A 35 -18.56 16.07 7.76
C HIS A 35 -17.77 16.94 8.73
N GLY A 36 -18.42 17.37 9.80
CA GLY A 36 -17.75 18.21 10.79
C GLY A 36 -17.41 19.57 10.24
N GLY A 37 -18.42 20.39 9.97
CA GLY A 37 -18.19 21.71 9.44
C GLY A 37 -19.02 21.99 8.20
N ILE A 38 -18.40 22.61 7.20
CA ILE A 38 -19.08 22.94 5.96
C ILE A 38 -18.32 22.41 4.75
N ARG A 39 -16.99 22.47 4.82
CA ARG A 39 -16.15 21.98 3.74
C ARG A 39 -14.67 22.15 4.09
N ILE A 40 -13.81 21.95 3.09
CA ILE A 40 -12.37 22.07 3.29
C ILE A 40 -11.70 22.67 2.06
N SER A 41 -10.46 23.11 2.23
CA SER A 41 -9.70 23.70 1.13
C SER A 41 -9.19 22.63 0.18
N ASP A 42 -9.07 22.98 -1.09
CA ASP A 42 -8.60 22.04 -2.11
C ASP A 42 -9.39 20.74 -2.07
N GLN A 43 -8.92 19.74 -2.81
CA GLN A 43 -9.59 18.44 -2.85
C GLN A 43 -8.77 17.43 -3.64
N THR A 44 -9.24 16.19 -3.68
CA THR A 44 -8.55 15.13 -4.40
C THR A 44 -8.77 15.25 -5.90
N THR A 45 -7.69 15.09 -6.66
CA THR A 45 -7.77 15.18 -8.11
C THR A 45 -7.66 13.80 -8.77
N ASN A 46 -8.67 13.43 -9.54
CA ASN A 46 -8.68 12.14 -10.22
C ASN A 46 -8.91 12.31 -11.71
N SER A 47 -8.14 11.57 -12.51
CA SER A 47 -8.24 11.64 -13.96
C SER A 47 -8.06 10.26 -14.58
N VAL A 48 -9.05 9.83 -15.36
CA VAL A 48 -9.00 8.53 -16.01
C VAL A 48 -8.92 8.68 -17.53
N GLU A 49 -8.03 7.91 -18.15
CA GLU A 49 -7.85 7.96 -19.60
C GLU A 49 -8.89 7.11 -20.30
N THR A 50 -8.67 5.80 -20.30
CA THR A 50 -9.59 4.87 -20.94
C THR A 50 -10.18 3.88 -19.93
N VAL A 51 -11.51 3.78 -19.90
CA VAL A 51 -12.19 2.88 -18.99
C VAL A 51 -12.98 1.82 -19.76
N VAL A 52 -12.81 0.56 -19.36
CA VAL A 52 -13.50 -0.55 -19.99
C VAL A 52 -14.23 -1.40 -18.96
N GLY A 53 -15.56 -1.44 -19.06
CA GLY A 53 -16.35 -2.22 -18.14
C GLY A 53 -17.11 -3.34 -18.82
N LYS A 54 -17.04 -4.54 -18.25
CA LYS A 54 -17.71 -5.70 -18.81
C LYS A 54 -18.48 -6.46 -17.73
N GLY A 55 -19.59 -7.08 -18.11
CA GLY A 55 -20.39 -7.84 -17.17
C GLY A 55 -20.70 -7.05 -15.91
N GLU A 56 -21.70 -6.16 -16.01
CA GLU A 56 -22.09 -5.33 -14.88
C GLU A 56 -20.87 -4.72 -14.19
N SER A 57 -20.18 -3.83 -14.91
CA SER A 57 -19.00 -3.18 -14.37
C SER A 57 -19.36 -1.85 -13.71
N ARG A 58 -18.65 -1.52 -12.64
CA ARG A 58 -18.90 -0.27 -11.91
C ARG A 58 -17.67 0.63 -11.95
N VAL A 59 -17.88 1.89 -12.37
CA VAL A 59 -16.80 2.85 -12.45
C VAL A 59 -17.04 4.04 -11.53
N LEU A 60 -16.10 4.30 -10.63
CA LEU A 60 -16.21 5.40 -9.69
C LEU A 60 -14.95 6.27 -9.70
N ILE A 61 -15.09 7.49 -10.20
CA ILE A 61 -13.95 8.41 -10.27
C ILE A 61 -14.08 9.52 -9.23
N GLY A 62 -13.23 9.48 -8.22
CA GLY A 62 -13.26 10.48 -7.17
C GLY A 62 -13.12 9.89 -5.79
N ASN A 63 -13.17 10.74 -4.77
CA ASN A 63 -13.05 10.29 -3.39
C ASN A 63 -14.42 9.92 -2.81
N GLU A 64 -14.41 9.07 -1.79
CA GLU A 64 -15.64 8.64 -1.15
C GLU A 64 -15.51 8.68 0.37
N TYR A 65 -16.61 8.98 1.05
CA TYR A 65 -16.61 9.05 2.50
C TYR A 65 -17.66 8.10 3.09
N GLY A 66 -17.21 7.19 3.95
CA GLY A 66 -18.11 6.24 4.57
C GLY A 66 -17.98 6.21 6.08
N GLY A 67 -18.36 5.10 6.69
CA GLY A 67 -18.28 4.96 8.13
C GLY A 67 -17.90 3.57 8.56
N LYS A 68 -17.36 2.78 7.64
CA LYS A 68 -16.96 1.41 7.93
C LYS A 68 -16.26 0.78 6.74
N GLY A 69 -16.89 0.87 5.57
CA GLY A 69 -16.32 0.31 4.36
C GLY A 69 -15.69 1.35 3.47
N PHE A 70 -15.34 0.96 2.25
CA PHE A 70 -14.72 1.88 1.30
C PHE A 70 -15.32 1.71 -0.09
N TRP A 71 -16.61 1.35 -0.13
CA TRP A 71 -17.30 1.15 -1.40
C TRP A 71 -18.76 0.77 -1.17
N ASP A 72 -18.99 -0.04 -0.13
CA ASP A 72 -20.34 -0.48 0.21
C ASP A 72 -20.54 -0.51 1.72
N ASN A 73 -21.67 -1.08 2.14
CA ASN A 73 -21.99 -1.16 3.57
C ASN A 73 -21.38 -2.41 4.19
N HIS A 74 -20.09 -2.37 4.48
CA HIS A 74 -19.40 -3.51 5.08
C HIS A 74 -19.38 -3.39 6.59
N HIS A 75 -19.66 -4.50 7.28
CA HIS A 75 -19.68 -4.52 8.73
C HIS A 75 -19.91 -5.94 9.26
N HIS A 76 -19.41 -6.21 10.46
CA HIS A 76 -19.56 -7.53 11.07
C HIS A 76 -18.91 -8.61 10.21
N HIS A 77 -17.63 -8.43 9.92
CA HIS A 77 -16.88 -9.40 9.11
C HIS A 77 -15.40 -9.06 9.09
N HIS A 78 -14.58 -10.03 9.49
CA HIS A 78 -13.13 -9.83 9.53
C HIS A 78 -12.46 -10.58 8.37
N HIS A 79 -11.48 -9.93 7.75
CA HIS A 79 -10.75 -10.54 6.64
C HIS A 79 -9.65 -9.60 6.14
N MET B 1 -7.77 31.09 -8.50
CA MET B 1 -7.93 31.07 -7.04
C MET B 1 -6.64 30.60 -6.37
N LYS B 2 -6.48 30.96 -5.10
CA LYS B 2 -5.30 30.57 -4.34
C LYS B 2 -5.61 29.42 -3.39
N ILE B 3 -4.75 28.41 -3.38
CA ILE B 3 -4.94 27.26 -2.51
C ILE B 3 -3.62 26.82 -1.89
N ASP B 4 -3.69 26.29 -0.67
CA ASP B 4 -2.50 25.82 0.03
C ASP B 4 -2.88 24.88 1.16
N ALA B 5 -3.01 23.60 0.85
CA ALA B 5 -3.36 22.59 1.84
C ALA B 5 -3.25 21.19 1.26
N ILE B 6 -3.73 20.20 2.00
CA ILE B 6 -3.69 18.81 1.57
C ILE B 6 -4.29 18.66 0.18
N VAL B 7 -3.65 17.83 -0.65
CA VAL B 7 -4.12 17.59 -2.01
C VAL B 7 -3.82 16.17 -2.46
N GLY B 8 -4.77 15.56 -3.15
CA GLY B 8 -4.59 14.19 -3.62
C GLY B 8 -4.03 14.13 -5.02
N ARG B 9 -3.91 12.93 -5.57
CA ARG B 9 -3.38 12.74 -6.91
C ARG B 9 -3.59 11.31 -7.38
N ASN B 10 -4.56 11.13 -8.29
CA ASN B 10 -4.86 9.81 -8.83
C ASN B 10 -5.00 9.86 -10.34
N SER B 11 -4.05 9.25 -11.05
CA SER B 11 -4.07 9.23 -12.50
C SER B 11 -4.07 7.80 -13.02
N ALA B 12 -4.86 7.55 -14.06
CA ALA B 12 -4.95 6.22 -14.65
C ALA B 12 -4.86 6.29 -16.17
N LYS B 13 -3.85 5.63 -16.73
CA LYS B 13 -3.64 5.62 -18.17
C LYS B 13 -4.67 4.70 -18.86
N ASP B 14 -5.00 3.61 -18.19
CA ASP B 14 -5.97 2.65 -18.73
C ASP B 14 -6.43 1.68 -17.66
N ILE B 15 -7.73 1.43 -17.62
CA ILE B 15 -8.31 0.53 -16.63
C ILE B 15 -9.42 -0.32 -17.24
N ARG B 16 -9.35 -1.63 -17.01
CA ARG B 16 -10.36 -2.55 -17.54
C ARG B 16 -10.79 -3.55 -16.47
N THR B 17 -12.10 -3.64 -16.26
CA THR B 17 -12.65 -4.56 -15.26
C THR B 17 -13.85 -5.31 -15.82
N GLU B 18 -13.94 -6.60 -15.49
CA GLU B 18 -15.04 -7.43 -15.95
C GLU B 18 -15.49 -8.40 -14.87
N GLU B 19 -16.64 -9.04 -15.08
CA GLU B 19 -17.18 -9.99 -14.11
C GLU B 19 -17.60 -9.29 -12.83
N ARG B 20 -18.66 -8.49 -12.91
CA ARG B 20 -19.16 -7.77 -11.75
C ARG B 20 -18.02 -7.08 -11.01
N ALA B 21 -17.04 -6.60 -11.76
CA ALA B 21 -15.89 -5.91 -11.17
C ALA B 21 -16.18 -4.43 -11.00
N ARG B 22 -15.47 -3.81 -10.06
CA ARG B 22 -15.65 -2.38 -9.78
C ARG B 22 -14.30 -1.67 -9.67
N VAL B 23 -14.25 -0.43 -10.13
CA VAL B 23 -13.02 0.36 -10.08
C VAL B 23 -13.24 1.67 -9.35
N GLN B 24 -12.48 1.87 -8.27
CA GLN B 24 -12.58 3.09 -7.47
C GLN B 24 -11.27 3.87 -7.49
N LEU B 25 -11.32 5.08 -8.02
CA LEU B 25 -10.14 5.93 -8.10
C LEU B 25 -10.27 7.13 -7.17
N GLY B 26 -9.37 7.22 -6.19
CA GLY B 26 -9.41 8.33 -5.25
C GLY B 26 -9.06 7.91 -3.85
N ASN B 27 -9.34 8.77 -2.88
CA ASN B 27 -9.04 8.49 -1.48
C ASN B 27 -10.33 8.23 -0.70
N VAL B 28 -10.31 7.18 0.13
CA VAL B 28 -11.47 6.83 0.94
C VAL B 28 -11.24 7.20 2.41
N VAL B 29 -12.14 8.01 2.95
CA VAL B 29 -12.04 8.42 4.35
C VAL B 29 -13.32 8.10 5.11
N THR B 30 -13.19 7.31 6.17
CA THR B 30 -14.33 6.93 6.99
C THR B 30 -14.60 7.94 8.08
N ALA B 31 -15.80 7.92 8.64
CA ALA B 31 -16.18 8.84 9.71
C ALA B 31 -15.33 8.62 10.95
N ALA B 32 -15.04 7.34 11.24
CA ALA B 32 -14.22 7.00 12.41
C ALA B 32 -12.89 7.73 12.39
N ALA B 33 -12.35 7.93 11.19
CA ALA B 33 -11.07 8.62 11.04
C ALA B 33 -11.28 10.11 10.83
N LEU B 34 -10.81 10.91 11.78
CA LEU B 34 -10.94 12.36 11.71
C LEU B 34 -10.03 13.06 12.72
N HIS B 35 -10.34 12.86 14.00
CA HIS B 35 -9.56 13.46 15.08
C HIS B 35 -9.40 14.96 14.85
N GLY B 36 -10.40 15.58 14.23
CA GLY B 36 -10.35 17.00 13.97
C GLY B 36 -9.26 17.37 12.99
N GLY B 37 -9.22 18.65 12.61
CA GLY B 37 -8.22 19.11 11.67
C GLY B 37 -6.80 18.85 12.15
N ILE B 38 -5.85 18.87 11.22
CA ILE B 38 -4.46 18.64 11.56
C ILE B 38 -3.53 19.51 10.72
N ARG B 39 -2.23 19.39 10.95
CA ARG B 39 -1.24 20.16 10.21
C ARG B 39 -0.16 19.25 9.62
N ILE B 40 0.55 19.76 8.63
CA ILE B 40 1.61 19.00 7.99
C ILE B 40 1.07 17.72 7.35
N SER B 41 0.84 17.77 6.04
CA SER B 41 0.32 16.62 5.32
C SER B 41 1.45 15.80 4.70
N ASP B 42 1.09 14.74 3.99
CA ASP B 42 2.08 13.88 3.35
C ASP B 42 1.97 13.97 1.83
N GLN B 43 0.78 14.27 1.34
CA GLN B 43 0.55 14.38 -0.10
C GLN B 43 0.81 13.06 -0.80
N THR B 44 -0.26 12.32 -1.08
CA THR B 44 -0.16 11.03 -1.75
C THR B 44 -0.46 11.16 -3.24
N THR B 45 0.36 10.50 -4.06
CA THR B 45 0.18 10.54 -5.51
C THR B 45 0.30 9.15 -6.11
N ASN B 46 -0.84 8.61 -6.57
CA ASN B 46 -0.86 7.28 -7.16
C ASN B 46 -1.17 7.37 -8.66
N SER B 47 -0.38 6.65 -9.45
CA SER B 47 -0.56 6.65 -10.91
C SER B 47 -0.36 5.25 -11.47
N VAL B 48 -1.37 4.75 -12.19
CA VAL B 48 -1.30 3.43 -12.78
C VAL B 48 -1.33 3.51 -14.30
N GLU B 49 -0.60 2.61 -14.96
CA GLU B 49 -0.54 2.58 -16.42
C GLU B 49 -1.68 1.74 -16.98
N THR B 50 -1.81 0.52 -16.49
CA THR B 50 -2.85 -0.39 -16.95
C THR B 50 -3.27 -1.35 -15.84
N VAL B 51 -4.58 -1.41 -15.58
CA VAL B 51 -5.11 -2.29 -14.54
C VAL B 51 -6.16 -3.23 -15.12
N VAL B 52 -6.09 -4.50 -14.72
CA VAL B 52 -7.03 -5.51 -15.19
C VAL B 52 -7.68 -6.25 -14.03
N GLY B 53 -9.00 -6.32 -14.04
CA GLY B 53 -9.72 -7.01 -12.98
C GLY B 53 -10.64 -8.09 -13.51
N LYS B 54 -10.58 -9.26 -12.88
CA LYS B 54 -11.42 -10.39 -13.29
C LYS B 54 -12.08 -11.04 -12.08
N GLY B 55 -13.28 -11.58 -12.29
CA GLY B 55 -14.00 -12.23 -11.21
C GLY B 55 -14.18 -11.33 -10.01
N GLU B 56 -15.25 -10.54 -10.02
CA GLU B 56 -15.52 -9.62 -8.92
C GLU B 56 -14.25 -8.94 -8.44
N SER B 57 -13.51 -8.37 -9.39
CA SER B 57 -12.26 -7.68 -9.07
C SER B 57 -12.53 -6.25 -8.62
N ARG B 58 -11.72 -5.77 -7.68
CA ARG B 58 -11.87 -4.42 -7.16
C ARG B 58 -10.55 -3.66 -7.24
N VAL B 59 -10.60 -2.45 -7.80
CA VAL B 59 -9.41 -1.62 -7.94
C VAL B 59 -9.52 -0.36 -7.08
N LEU B 60 -8.47 -0.08 -6.31
CA LEU B 60 -8.46 1.09 -5.45
C LEU B 60 -7.18 1.89 -5.66
N ILE B 61 -7.32 3.08 -6.24
CA ILE B 61 -6.18 3.95 -6.49
C ILE B 61 -6.21 5.18 -5.59
N GLY B 62 -5.37 5.17 -4.55
CA GLY B 62 -5.31 6.28 -3.63
C GLY B 62 -5.10 5.83 -2.19
N ASN B 63 -5.19 6.78 -1.26
CA ASN B 63 -5.02 6.48 0.15
C ASN B 63 -6.36 6.14 0.81
N GLU B 64 -6.30 5.41 1.92
CA GLU B 64 -7.50 5.02 2.63
C GLU B 64 -7.36 5.30 4.12
N TYR B 65 -8.44 5.75 4.75
CA TYR B 65 -8.44 6.07 6.16
C TYR B 65 -9.57 5.33 6.89
N GLY B 66 -9.21 4.55 7.90
CA GLY B 66 -10.20 3.81 8.66
C GLY B 66 -10.04 3.99 10.15
N GLY B 67 -10.58 3.04 10.92
CA GLY B 67 -10.49 3.12 12.37
C GLY B 67 -9.60 2.04 12.95
N LYS B 68 -9.40 0.97 12.18
CA LYS B 68 -8.57 -0.14 12.63
C LYS B 68 -8.50 -1.23 11.56
N GLY B 69 -8.52 -0.82 10.31
CA GLY B 69 -8.45 -1.77 9.22
C GLY B 69 -7.63 -1.26 8.05
N PHE B 70 -7.45 -2.10 7.03
CA PHE B 70 -6.68 -1.74 5.86
C PHE B 70 -7.55 -1.71 4.61
N TRP B 71 -8.66 -2.44 4.66
CA TRP B 71 -9.59 -2.52 3.53
C TRP B 71 -10.98 -2.90 4.00
N ASP B 72 -11.05 -3.84 4.93
CA ASP B 72 -12.34 -4.30 5.46
C ASP B 72 -12.13 -5.27 6.61
N ASN B 73 -11.97 -4.73 7.82
CA ASN B 73 -11.76 -5.55 9.00
C ASN B 73 -12.97 -5.50 9.93
N HIS B 74 -12.82 -6.05 11.13
CA HIS B 74 -13.90 -6.06 12.11
C HIS B 74 -13.39 -6.46 13.48
N HIS B 75 -13.03 -7.73 13.63
CA HIS B 75 -12.51 -8.24 14.89
C HIS B 75 -11.04 -8.64 14.77
N HIS B 76 -10.52 -9.27 15.81
CA HIS B 76 -9.13 -9.70 15.82
C HIS B 76 -9.00 -11.16 15.40
N HIS B 77 -9.89 -11.60 14.51
CA HIS B 77 -9.88 -12.98 14.03
C HIS B 77 -10.15 -13.94 15.17
N HIS B 78 -10.30 -15.22 14.83
CA HIS B 78 -10.57 -16.26 15.82
C HIS B 78 -9.30 -16.62 16.59
N HIS B 79 -9.36 -17.69 17.37
CA HIS B 79 -8.21 -18.13 18.15
C HIS B 79 -6.97 -18.28 17.27
N MET C 1 5.34 27.28 1.51
CA MET C 1 4.62 26.23 0.81
C MET C 1 5.51 25.03 0.55
N LYS C 2 4.92 23.84 0.59
CA LYS C 2 5.67 22.60 0.37
C LYS C 2 5.34 22.02 -1.00
N ILE C 3 6.37 21.77 -1.80
CA ILE C 3 6.20 21.21 -3.14
C ILE C 3 6.86 19.84 -3.25
N ASP C 4 7.92 19.64 -2.47
CA ASP C 4 8.64 18.37 -2.48
C ASP C 4 9.13 18.04 -3.89
N ALA C 5 9.68 16.83 -4.05
CA ALA C 5 10.18 16.39 -5.34
C ALA C 5 9.77 14.95 -5.62
N ILE C 6 10.38 14.01 -4.93
CA ILE C 6 10.07 12.60 -5.11
C ILE C 6 10.33 11.81 -3.83
N VAL C 7 9.51 12.07 -2.81
CA VAL C 7 9.64 11.39 -1.52
C VAL C 7 8.51 10.38 -1.33
N GLY C 8 7.35 10.68 -1.89
CA GLY C 8 6.21 9.78 -1.76
C GLY C 8 5.33 9.78 -3.00
N ARG C 9 5.49 8.77 -3.84
CA ARG C 9 4.72 8.66 -5.07
C ARG C 9 4.57 7.20 -5.50
N ASN C 10 3.34 6.71 -5.54
CA ASN C 10 3.07 5.34 -5.93
C ASN C 10 2.91 5.22 -7.44
N SER C 11 3.71 4.36 -8.06
CA SER C 11 3.65 4.16 -9.50
C SER C 11 3.39 2.69 -9.84
N ALA C 12 2.62 2.46 -10.88
CA ALA C 12 2.29 1.10 -11.30
C ALA C 12 2.35 0.98 -12.83
N LYS C 13 3.23 0.11 -13.32
CA LYS C 13 3.38 -0.10 -14.75
C LYS C 13 2.22 -0.94 -15.30
N ASP C 14 1.89 -2.02 -14.60
CA ASP C 14 0.81 -2.89 -15.01
C ASP C 14 0.41 -3.84 -13.88
N ILE C 15 -0.89 -4.00 -13.67
CA ILE C 15 -1.41 -4.87 -12.62
C ILE C 15 -2.60 -5.68 -13.12
N ARG C 16 -2.56 -6.98 -12.86
CA ARG C 16 -3.65 -7.87 -13.28
C ARG C 16 -4.03 -8.83 -12.16
N THR C 17 -5.29 -8.78 -11.75
CA THR C 17 -5.78 -9.64 -10.68
C THR C 17 -7.14 -10.25 -11.04
N GLU C 18 -7.31 -11.53 -10.73
CA GLU C 18 -8.55 -12.23 -11.02
C GLU C 18 -8.96 -13.14 -9.86
N GLU C 19 -10.19 -13.62 -9.90
CA GLU C 19 -10.69 -14.51 -8.86
C GLU C 19 -10.86 -13.75 -7.54
N ARG C 20 -11.89 -12.92 -7.47
CA ARG C 20 -12.16 -12.15 -6.26
C ARG C 20 -10.88 -11.52 -5.72
N ALA C 21 -10.18 -10.78 -6.58
CA ALA C 21 -8.94 -10.12 -6.19
C ALA C 21 -9.15 -8.63 -5.99
N ARG C 22 -8.28 -8.02 -5.19
CA ARG C 22 -8.37 -6.59 -4.92
C ARG C 22 -6.98 -5.95 -4.91
N VAL C 23 -6.91 -4.71 -5.41
CA VAL C 23 -5.65 -4.00 -5.46
C VAL C 23 -5.78 -2.59 -4.87
N GLN C 24 -4.83 -2.23 -4.02
CA GLN C 24 -4.84 -0.91 -3.38
C GLN C 24 -3.50 -0.22 -3.53
N LEU C 25 -3.51 0.95 -4.16
CA LEU C 25 -2.28 1.72 -4.36
C LEU C 25 -2.29 3.00 -3.53
N GLY C 26 -1.33 3.11 -2.62
CA GLY C 26 -1.24 4.29 -1.77
C GLY C 26 -0.90 3.94 -0.33
N ASN C 27 -0.84 4.96 0.51
CA ASN C 27 -0.51 4.76 1.92
C ASN C 27 -1.78 4.70 2.77
N VAL C 28 -1.89 3.66 3.60
CA VAL C 28 -3.06 3.51 4.46
C VAL C 28 -2.78 4.04 5.86
N VAL C 29 -3.66 4.91 6.34
CA VAL C 29 -3.52 5.49 7.67
C VAL C 29 -4.75 5.22 8.52
N THR C 30 -4.52 4.71 9.73
CA THR C 30 -5.61 4.40 10.65
C THR C 30 -6.03 5.64 11.43
N ALA C 31 -7.20 5.57 12.06
CA ALA C 31 -7.72 6.69 12.85
C ALA C 31 -6.81 7.01 14.02
N ALA C 32 -6.20 5.96 14.59
CA ALA C 32 -5.30 6.13 15.72
C ALA C 32 -4.16 7.09 15.39
N ALA C 33 -3.70 7.05 14.14
CA ALA C 33 -2.62 7.92 13.70
C ALA C 33 -1.30 7.54 14.36
N LEU C 34 -1.14 7.93 15.62
CA LEU C 34 0.08 7.64 16.36
C LEU C 34 -0.25 6.89 17.66
N HIS C 35 -1.01 5.81 17.54
CA HIS C 35 -1.39 5.02 18.70
C HIS C 35 -2.41 5.76 19.56
N GLY C 36 -1.97 6.83 20.21
CA GLY C 36 -2.86 7.60 21.05
C GLY C 36 -2.66 9.10 20.88
N GLY C 37 -2.34 9.51 19.66
CA GLY C 37 -2.13 10.92 19.39
C GLY C 37 -2.18 11.25 17.91
N ILE C 38 -1.78 12.46 17.55
CA ILE C 38 -1.78 12.89 16.16
C ILE C 38 -0.49 13.61 15.80
N ARG C 39 0.34 12.97 15.00
CA ARG C 39 1.61 13.55 14.58
C ARG C 39 1.80 13.41 13.06
N ILE C 40 2.98 13.82 12.59
CA ILE C 40 3.28 13.74 11.17
C ILE C 40 3.64 12.31 10.76
N SER C 41 3.87 12.11 9.46
CA SER C 41 4.22 10.80 8.94
C SER C 41 5.44 10.88 8.03
N ASP C 42 5.74 9.77 7.37
CA ASP C 42 6.88 9.71 6.45
C ASP C 42 6.41 9.64 5.00
N GLN C 43 7.35 9.80 4.07
CA GLN C 43 7.03 9.75 2.66
C GLN C 43 7.62 8.51 2.00
N THR C 44 6.76 7.53 1.73
CA THR C 44 7.20 6.28 1.11
C THR C 44 6.88 6.27 -0.38
N THR C 45 7.85 5.82 -1.18
CA THR C 45 7.67 5.76 -2.63
C THR C 45 7.93 4.36 -3.15
N ASN C 46 6.91 3.73 -3.72
CA ASN C 46 7.02 2.39 -4.26
C ASN C 46 6.56 2.34 -5.72
N SER C 47 7.15 1.45 -6.49
CA SER C 47 6.80 1.30 -7.90
C SER C 47 6.81 -0.17 -8.31
N VAL C 48 5.68 -0.63 -8.84
CA VAL C 48 5.54 -2.01 -9.28
C VAL C 48 5.47 -2.10 -10.80
N GLU C 49 6.15 -3.10 -11.36
CA GLU C 49 6.16 -3.29 -12.81
C GLU C 49 4.95 -4.10 -13.26
N THR C 50 4.97 -5.41 -12.99
CA THR C 50 3.88 -6.29 -13.36
C THR C 50 3.37 -7.07 -12.16
N VAL C 51 2.06 -7.01 -11.93
CA VAL C 51 1.45 -7.72 -10.81
C VAL C 51 0.45 -8.77 -11.31
N VAL C 52 0.59 -9.99 -10.81
CA VAL C 52 -0.30 -11.09 -11.19
C VAL C 52 -0.89 -11.77 -9.97
N GLY C 53 -2.21 -11.68 -9.83
CA GLY C 53 -2.88 -12.29 -8.69
C GLY C 53 -3.88 -13.35 -9.12
N LYS C 54 -3.84 -14.50 -8.46
CA LYS C 54 -4.75 -15.60 -8.78
C LYS C 54 -5.38 -16.17 -7.51
N GLY C 55 -6.62 -16.64 -7.63
CA GLY C 55 -7.32 -17.19 -6.48
C GLY C 55 -7.27 -16.28 -5.27
N GLU C 56 -8.20 -15.32 -5.23
CA GLU C 56 -8.26 -14.37 -4.11
C GLU C 56 -6.88 -13.79 -3.82
N SER C 57 -6.45 -12.87 -4.67
CA SER C 57 -5.15 -12.23 -4.51
C SER C 57 -5.31 -10.79 -4.02
N ARG C 58 -4.36 -10.35 -3.18
CA ARG C 58 -4.40 -9.01 -2.64
C ARG C 58 -3.09 -8.27 -2.92
N VAL C 59 -3.19 -7.07 -3.48
CA VAL C 59 -2.03 -6.27 -3.80
C VAL C 59 -2.07 -4.92 -3.10
N LEU C 60 -1.03 -4.63 -2.32
CA LEU C 60 -0.95 -3.37 -1.59
C LEU C 60 0.38 -2.68 -1.83
N ILE C 61 0.33 -1.54 -2.50
CA ILE C 61 1.53 -0.77 -2.80
C ILE C 61 1.56 0.55 -2.03
N GLY C 62 2.38 0.60 -0.99
CA GLY C 62 2.48 1.80 -0.18
C GLY C 62 2.79 1.50 1.28
N ASN C 63 2.84 2.54 2.10
CA ASN C 63 3.14 2.39 3.52
C ASN C 63 1.85 2.31 4.33
N GLU C 64 1.94 1.70 5.51
CA GLU C 64 0.77 1.56 6.38
C GLU C 64 1.08 2.11 7.77
N TYR C 65 0.18 2.94 8.28
CA TYR C 65 0.35 3.53 9.60
C TYR C 65 -0.80 3.14 10.53
N GLY C 66 -0.44 2.58 11.68
CA GLY C 66 -1.45 2.17 12.64
C GLY C 66 -1.08 0.88 13.36
N GLY C 67 -1.87 0.52 14.37
CA GLY C 67 -1.59 -0.69 15.12
C GLY C 67 -1.88 -1.95 14.31
N LYS C 68 -2.46 -2.95 14.97
CA LYS C 68 -2.79 -4.20 14.31
C LYS C 68 -1.53 -4.91 13.83
N GLY C 69 -0.41 -4.61 14.47
CA GLY C 69 0.85 -5.23 14.09
C GLY C 69 1.25 -4.90 12.66
N PHE C 70 0.91 -5.77 11.73
CA PHE C 70 1.25 -5.57 10.32
C PHE C 70 -0.02 -5.34 9.50
N TRP C 71 0.16 -5.24 8.19
CA TRP C 71 -0.96 -5.01 7.28
C TRP C 71 -2.08 -6.01 7.55
N ASP C 72 -1.89 -7.25 7.13
CA ASP C 72 -2.88 -8.30 7.33
C ASP C 72 -2.96 -8.70 8.80
N ASN C 73 -3.78 -9.71 9.09
CA ASN C 73 -3.94 -10.18 10.46
C ASN C 73 -3.31 -11.56 10.64
N HIS C 74 -3.40 -12.09 11.85
CA HIS C 74 -2.83 -13.40 12.15
C HIS C 74 -3.73 -14.18 13.10
N HIS C 75 -3.23 -15.30 13.62
CA HIS C 75 -3.99 -16.14 14.53
C HIS C 75 -3.11 -16.63 15.68
N HIS C 76 -3.65 -17.54 16.49
CA HIS C 76 -2.91 -18.09 17.61
C HIS C 76 -1.76 -18.97 17.13
N HIS C 77 -0.65 -18.94 17.86
CA HIS C 77 0.52 -19.73 17.51
C HIS C 77 1.29 -20.15 18.76
N HIS C 78 2.44 -20.78 18.55
CA HIS C 78 3.27 -21.23 19.66
C HIS C 78 4.75 -20.93 19.39
N HIS C 79 5.62 -21.47 20.24
CA HIS C 79 7.05 -21.27 20.08
C HIS C 79 7.77 -22.60 19.80
N MET D 1 -0.07 12.64 -10.42
CA MET D 1 -0.23 12.31 -11.83
C MET D 1 1.02 12.68 -12.63
N LYS D 2 1.25 11.97 -13.73
CA LYS D 2 2.41 12.21 -14.58
C LYS D 2 3.70 11.96 -13.81
N ILE D 3 4.32 10.82 -14.06
CA ILE D 3 5.57 10.45 -13.40
C ILE D 3 6.77 10.97 -14.18
N ASP D 4 7.97 10.66 -13.69
CA ASP D 4 9.20 11.08 -14.34
C ASP D 4 10.18 9.92 -14.45
N ALA D 5 10.79 9.56 -13.33
CA ALA D 5 11.76 8.47 -13.31
C ALA D 5 11.85 7.85 -11.92
N ILE D 6 12.84 6.98 -11.73
CA ILE D 6 13.03 6.32 -10.45
C ILE D 6 14.38 5.59 -10.40
N VAL D 7 14.99 5.55 -9.22
CA VAL D 7 16.27 4.88 -9.05
C VAL D 7 16.23 3.93 -7.86
N GLY D 8 16.22 4.48 -6.66
CA GLY D 8 16.17 3.66 -5.46
C GLY D 8 14.76 3.39 -4.99
N ARG D 9 14.55 3.46 -3.68
CA ARG D 9 13.24 3.21 -3.11
C ARG D 9 12.79 1.77 -3.36
N ASN D 10 11.52 1.50 -3.08
CA ASN D 10 10.97 0.15 -3.29
C ASN D 10 10.55 -0.05 -4.74
N SER D 11 11.28 -0.90 -5.45
CA SER D 11 10.99 -1.18 -6.85
C SER D 11 10.82 -2.68 -7.09
N ALA D 12 9.83 -3.05 -7.88
CA ALA D 12 9.57 -4.45 -8.19
C ALA D 12 9.54 -4.68 -9.70
N LYS D 13 10.38 -5.60 -10.16
CA LYS D 13 10.45 -5.92 -11.58
C LYS D 13 9.26 -6.77 -12.01
N ASP D 14 8.87 -7.72 -11.16
CA ASP D 14 7.75 -8.60 -11.44
C ASP D 14 7.31 -9.34 -10.19
N ILE D 15 6.00 -9.40 -9.98
CA ILE D 15 5.45 -10.09 -8.81
C ILE D 15 4.17 -10.84 -9.17
N ARG D 16 4.22 -12.17 -9.01
CA ARG D 16 3.06 -13.01 -9.33
C ARG D 16 2.76 -13.97 -8.18
N THR D 17 1.55 -13.90 -7.66
CA THR D 17 1.14 -14.76 -6.56
C THR D 17 -0.25 -15.34 -6.79
N GLU D 18 -0.49 -16.54 -6.27
CA GLU D 18 -1.79 -17.19 -6.43
C GLU D 18 -2.13 -18.02 -5.20
N GLU D 19 -3.39 -18.44 -5.10
CA GLU D 19 -3.84 -19.24 -3.97
C GLU D 19 -3.84 -18.41 -2.69
N ARG D 20 -4.87 -17.60 -2.51
CA ARG D 20 -4.98 -16.76 -1.33
C ARG D 20 -3.63 -16.12 -0.98
N ALA D 21 -3.02 -15.48 -1.97
CA ALA D 21 -1.73 -14.83 -1.76
C ALA D 21 -1.88 -13.31 -1.66
N ARG D 22 -0.92 -12.67 -1.02
CA ARG D 22 -0.96 -11.22 -0.84
C ARG D 22 0.45 -10.64 -0.82
N VAL D 23 0.62 -9.47 -1.43
CA VAL D 23 1.92 -8.81 -1.47
C VAL D 23 1.82 -7.37 -1.00
N GLN D 24 2.82 -6.93 -0.25
CA GLN D 24 2.84 -5.56 0.27
C GLN D 24 4.18 -4.89 -0.04
N LEU D 25 4.11 -3.72 -0.67
CA LEU D 25 5.31 -2.97 -1.02
C LEU D 25 5.41 -1.69 -0.21
N GLY D 26 6.60 -1.41 0.30
CA GLY D 26 6.81 -0.21 1.09
C GLY D 26 7.15 -0.52 2.54
N ASN D 27 7.28 0.52 3.35
CA ASN D 27 7.60 0.36 4.76
C ASN D 27 6.35 0.49 5.62
N VAL D 28 6.21 -0.43 6.58
CA VAL D 28 5.07 -0.42 7.48
C VAL D 28 5.44 0.12 8.85
N VAL D 29 4.62 1.03 9.38
CA VAL D 29 4.86 1.62 10.68
C VAL D 29 3.69 1.37 11.63
N THR D 30 3.99 0.87 12.82
CA THR D 30 2.96 0.60 13.81
C THR D 30 2.35 1.87 14.35
N ALA D 31 1.34 1.74 15.20
CA ALA D 31 0.67 2.89 15.80
C ALA D 31 1.63 3.69 16.67
N ALA D 32 2.43 2.98 17.46
CA ALA D 32 3.39 3.62 18.35
C ALA D 32 4.38 4.48 17.56
N ALA D 33 4.74 4.01 16.36
CA ALA D 33 5.68 4.73 15.51
C ALA D 33 6.97 5.05 16.26
N LEU D 34 7.82 5.86 15.64
CA LEU D 34 9.09 6.24 16.24
C LEU D 34 8.87 7.09 17.48
N HIS D 35 8.80 6.43 18.64
CA HIS D 35 8.60 7.13 19.90
C HIS D 35 9.89 7.79 20.37
N GLY D 36 9.85 8.36 21.57
CA GLY D 36 11.01 9.02 22.12
C GLY D 36 10.87 10.53 22.16
N GLY D 37 9.95 11.05 21.35
CA GLY D 37 9.73 12.49 21.33
C GLY D 37 8.86 12.92 20.16
N ILE D 38 9.49 13.49 19.13
CA ILE D 38 8.76 13.95 17.96
C ILE D 38 9.59 13.76 16.69
N ARG D 39 10.23 12.60 16.58
CA ARG D 39 11.06 12.29 15.43
C ARG D 39 10.26 11.54 14.37
N ILE D 40 10.89 11.29 13.22
CA ILE D 40 10.23 10.58 12.13
C ILE D 40 10.86 9.21 11.92
N SER D 41 10.35 8.47 10.94
CA SER D 41 10.85 7.14 10.63
C SER D 41 11.89 7.19 9.51
N ASP D 42 12.30 6.01 9.05
CA ASP D 42 13.28 5.91 7.97
C ASP D 42 12.70 5.19 6.76
N GLN D 43 13.46 5.17 5.68
CA GLN D 43 13.02 4.50 4.45
C GLN D 43 14.13 3.64 3.87
N THR D 44 13.87 2.34 3.75
CA THR D 44 14.85 1.41 3.20
C THR D 44 14.62 1.17 1.72
N THR D 45 15.70 1.14 0.95
CA THR D 45 15.61 0.91 -0.49
C THR D 45 15.77 -0.57 -0.82
N ASN D 46 14.69 -1.16 -1.33
CA ASN D 46 14.70 -2.58 -1.69
C ASN D 46 14.25 -2.77 -3.14
N SER D 47 14.83 -3.76 -3.81
CA SER D 47 14.49 -4.04 -5.20
C SER D 47 14.32 -5.54 -5.42
N VAL D 48 13.16 -5.94 -5.92
CA VAL D 48 12.87 -7.34 -6.17
C VAL D 48 12.75 -7.61 -7.67
N GLU D 49 13.41 -8.67 -8.13
CA GLU D 49 13.38 -9.05 -9.54
C GLU D 49 12.06 -9.72 -9.89
N THR D 50 11.92 -10.97 -9.49
CA THR D 50 10.71 -11.74 -9.76
C THR D 50 10.22 -12.47 -8.52
N VAL D 51 8.93 -12.36 -8.24
CA VAL D 51 8.34 -13.01 -7.07
C VAL D 51 7.29 -14.04 -7.49
N VAL D 52 7.43 -15.26 -6.99
CA VAL D 52 6.49 -16.33 -7.31
C VAL D 52 5.92 -16.95 -6.04
N GLY D 53 4.61 -16.80 -5.87
CA GLY D 53 3.95 -17.36 -4.69
C GLY D 53 2.93 -18.42 -5.05
N LYS D 54 2.98 -19.55 -4.34
CA LYS D 54 2.05 -20.64 -4.59
C LYS D 54 1.46 -21.15 -3.28
N GLY D 55 0.19 -21.55 -3.32
CA GLY D 55 -0.47 -22.05 -2.13
C GLY D 55 -0.24 -21.17 -0.92
N GLU D 56 -1.06 -20.14 -0.77
CA GLU D 56 -0.93 -19.21 0.35
C GLU D 56 0.49 -18.68 0.46
N SER D 57 0.75 -17.57 -0.22
CA SER D 57 2.08 -16.95 -0.20
C SER D 57 1.99 -15.49 0.21
N ARG D 58 3.01 -15.02 0.93
CA ARG D 58 3.05 -13.64 1.38
C ARG D 58 4.37 -12.97 1.00
N VAL D 59 4.27 -11.81 0.36
CA VAL D 59 5.46 -11.08 -0.07
C VAL D 59 5.52 -9.71 0.58
N LEU D 60 6.62 -9.44 1.29
CA LEU D 60 6.80 -8.15 1.96
C LEU D 60 8.09 -7.48 1.51
N ILE D 61 7.96 -6.36 0.81
CA ILE D 61 9.12 -5.61 0.33
C ILE D 61 9.24 -4.28 1.05
N GLY D 62 10.20 -4.19 1.97
CA GLY D 62 10.40 -2.96 2.71
C GLY D 62 10.92 -3.20 4.11
N ASN D 63 10.52 -2.35 5.04
CA ASN D 63 10.95 -2.47 6.43
C ASN D 63 9.75 -2.45 7.38
N GLU D 64 9.89 -3.14 8.50
CA GLU D 64 8.81 -3.20 9.50
C GLU D 64 9.20 -2.46 10.77
N TYR D 65 8.35 -1.54 11.19
CA TYR D 65 8.60 -0.75 12.40
C TYR D 65 7.49 -0.98 13.43
N GLY D 66 7.89 -1.37 14.64
CA GLY D 66 6.94 -1.60 15.70
C GLY D 66 7.02 -3.00 16.27
N GLY D 67 6.49 -3.19 17.48
CA GLY D 67 6.53 -4.49 18.11
C GLY D 67 7.94 -4.98 18.36
N LYS D 68 8.08 -5.98 19.21
CA LYS D 68 9.39 -6.53 19.54
C LYS D 68 9.54 -7.94 18.97
N GLY D 69 9.20 -8.10 17.69
CA GLY D 69 9.32 -9.39 17.05
C GLY D 69 9.91 -9.30 15.65
N PHE D 70 9.04 -9.19 14.66
CA PHE D 70 9.48 -9.09 13.27
C PHE D 70 8.28 -8.96 12.33
N TRP D 71 7.46 -9.99 12.28
CA TRP D 71 6.28 -10.00 11.42
C TRP D 71 5.36 -11.16 11.75
N ASP D 72 5.23 -11.46 13.04
CA ASP D 72 4.38 -12.55 13.49
C ASP D 72 4.39 -12.66 15.01
N ASN D 73 5.56 -12.46 15.60
CA ASN D 73 5.72 -12.53 17.05
C ASN D 73 4.68 -11.66 17.75
N HIS D 74 4.41 -11.99 19.01
CA HIS D 74 3.43 -11.22 19.79
C HIS D 74 3.92 -11.06 21.23
N HIS D 75 3.05 -10.48 22.07
CA HIS D 75 3.39 -10.27 23.48
C HIS D 75 3.89 -11.55 24.13
N HIS D 76 2.97 -12.48 24.36
CA HIS D 76 3.32 -13.76 24.97
C HIS D 76 3.84 -13.56 26.39
N HIS D 77 3.01 -13.87 27.37
CA HIS D 77 3.39 -13.73 28.77
C HIS D 77 4.01 -15.01 29.31
N HIS D 78 3.65 -16.14 28.70
CA HIS D 78 4.18 -17.44 29.12
C HIS D 78 5.38 -17.83 28.26
N HIS D 79 5.94 -18.99 28.55
CA HIS D 79 7.10 -19.49 27.80
C HIS D 79 7.24 -21.00 27.96
N MET E 1 6.52 -3.20 -16.34
CA MET E 1 7.12 -4.03 -17.38
C MET E 1 8.48 -4.57 -16.92
N LYS E 2 9.48 -3.69 -16.90
CA LYS E 2 10.82 -4.08 -16.47
C LYS E 2 11.77 -2.88 -16.51
N ILE E 3 12.38 -2.58 -15.37
CA ILE E 3 13.31 -1.47 -15.28
C ILE E 3 14.66 -1.92 -14.70
N ASP E 4 15.74 -1.47 -15.32
CA ASP E 4 17.08 -1.81 -14.87
C ASP E 4 17.41 -1.12 -13.55
N ALA E 5 18.15 -1.81 -12.70
CA ALA E 5 18.54 -1.26 -11.40
C ALA E 5 20.05 -1.32 -11.21
N ILE E 6 20.57 -2.51 -10.93
CA ILE E 6 22.00 -2.69 -10.73
C ILE E 6 22.54 -1.71 -9.69
N VAL E 7 22.25 -1.97 -8.42
CA VAL E 7 22.71 -1.11 -7.33
C VAL E 7 22.94 -1.91 -6.06
N GLY E 8 23.23 -1.21 -4.97
CA GLY E 8 23.48 -1.88 -3.70
C GLY E 8 22.19 -2.18 -2.95
N ARG E 9 22.17 -1.82 -1.67
CA ARG E 9 21.00 -2.06 -0.85
C ARG E 9 20.54 -3.51 -0.95
N ASN E 10 19.33 -3.79 -0.45
CA ASN E 10 18.77 -5.14 -0.49
C ASN E 10 18.13 -5.41 -1.85
N SER E 11 18.73 -6.33 -2.61
CA SER E 11 18.22 -6.68 -3.93
C SER E 11 18.13 -8.20 -4.09
N ALA E 12 17.04 -8.65 -4.70
CA ALA E 12 16.84 -10.09 -4.90
C ALA E 12 16.70 -10.40 -6.39
N LYS E 13 17.42 -11.43 -6.84
CA LYS E 13 17.37 -11.83 -8.24
C LYS E 13 16.12 -12.67 -8.52
N ASP E 14 15.69 -13.43 -7.53
CA ASP E 14 14.51 -14.27 -7.67
C ASP E 14 14.02 -14.76 -6.31
N ILE E 15 12.70 -14.77 -6.13
CA ILE E 15 12.11 -15.21 -4.87
C ILE E 15 10.87 -16.06 -5.12
N ARG E 16 10.94 -17.32 -4.72
CA ARG E 16 9.82 -18.24 -4.89
C ARG E 16 9.49 -18.97 -3.59
N THR E 17 8.27 -18.74 -3.09
CA THR E 17 7.84 -19.37 -1.85
C THR E 17 6.43 -19.91 -1.97
N GLU E 18 6.13 -20.95 -1.20
CA GLU E 18 4.81 -21.57 -1.23
C GLU E 18 4.53 -22.33 0.07
N GLU E 19 3.27 -22.71 0.27
CA GLU E 19 2.87 -23.44 1.47
C GLU E 19 3.00 -22.55 2.71
N ARG E 20 2.06 -21.63 2.87
CA ARG E 20 2.06 -20.72 4.00
C ARG E 20 3.45 -20.14 4.24
N ALA E 21 4.11 -19.76 3.15
CA ALA E 21 5.46 -19.19 3.24
C ALA E 21 5.43 -17.68 3.04
N ARG E 22 6.37 -16.99 3.66
CA ARG E 22 6.46 -15.54 3.56
C ARG E 22 7.89 -15.09 3.28
N VAL E 23 8.02 -13.99 2.55
CA VAL E 23 9.33 -13.46 2.19
C VAL E 23 9.42 -11.96 2.50
N GLN E 24 10.41 -11.59 3.31
CA GLN E 24 10.60 -10.19 3.68
C GLN E 24 11.91 -9.65 3.13
N LEU E 25 11.84 -8.54 2.40
CA LEU E 25 13.02 -7.93 1.82
C LEU E 25 13.30 -6.56 2.44
N GLY E 26 14.48 -6.42 3.03
CA GLY E 26 14.84 -5.16 3.65
C GLY E 26 15.19 -5.32 5.12
N ASN E 27 15.62 -4.24 5.75
CA ASN E 27 15.98 -4.27 7.16
C ASN E 27 14.76 -4.05 8.05
N VAL E 28 14.68 -4.80 9.14
CA VAL E 28 13.56 -4.69 10.07
C VAL E 28 13.97 -3.94 11.34
N VAL E 29 13.08 -3.08 11.82
CA VAL E 29 13.35 -2.30 13.02
C VAL E 29 12.28 -2.55 14.08
N THR E 30 12.71 -2.86 15.30
CA THR E 30 11.80 -3.11 16.40
C THR E 30 11.08 -1.85 16.82
N ALA E 31 10.12 -1.98 17.74
CA ALA E 31 9.35 -0.85 18.23
C ALA E 31 10.27 0.20 18.85
N ALA E 32 11.23 -0.26 19.65
CA ALA E 32 12.17 0.64 20.30
C ALA E 32 12.91 1.50 19.28
N ALA E 33 13.43 0.86 18.24
CA ALA E 33 14.16 1.58 17.19
C ALA E 33 15.26 2.45 17.78
N LEU E 34 15.86 3.28 16.95
CA LEU E 34 16.93 4.17 17.39
C LEU E 34 17.39 5.07 16.24
N HIS E 35 17.95 6.22 16.59
CA HIS E 35 18.44 7.17 15.59
C HIS E 35 19.45 8.14 16.21
N GLY E 36 20.30 8.72 15.38
CA GLY E 36 21.30 9.65 15.86
C GLY E 36 22.56 8.95 16.33
N GLY E 37 23.71 9.51 15.98
CA GLY E 37 24.98 8.92 16.39
C GLY E 37 26.14 9.86 16.17
N ILE E 38 27.35 9.39 16.50
CA ILE E 38 28.55 10.20 16.33
C ILE E 38 29.55 9.51 15.42
N ARG E 39 29.05 8.65 14.54
CA ARG E 39 29.91 7.93 13.61
C ARG E 39 29.10 7.41 12.41
N ILE E 40 29.71 7.43 11.24
CA ILE E 40 29.05 6.96 10.02
C ILE E 40 28.88 5.45 10.04
N SER E 41 28.24 4.92 9.00
CA SER E 41 28.01 3.49 8.88
C SER E 41 27.27 3.15 7.60
N ASP E 42 26.34 4.02 7.21
CA ASP E 42 25.57 3.81 6.00
C ASP E 42 24.72 2.55 6.10
N GLN E 43 23.70 2.45 5.26
CA GLN E 43 22.80 1.30 5.25
C GLN E 43 23.49 0.09 4.63
N THR E 44 23.42 -1.04 5.31
CA THR E 44 24.03 -2.28 4.83
C THR E 44 23.33 -2.77 3.57
N THR E 45 24.12 -3.23 2.59
CA THR E 45 23.57 -3.74 1.35
C THR E 45 23.61 -5.26 1.30
N ASN E 46 22.50 -5.87 0.88
CA ASN E 46 22.40 -7.31 0.79
C ASN E 46 21.97 -7.75 -0.61
N SER E 47 22.40 -8.95 -1.00
CA SER E 47 22.05 -9.47 -2.32
C SER E 47 21.73 -10.97 -2.23
N VAL E 48 20.61 -11.36 -2.84
CA VAL E 48 20.19 -12.75 -2.84
C VAL E 48 19.87 -13.24 -4.25
N GLU E 49 20.57 -14.29 -4.68
CA GLU E 49 20.37 -14.85 -6.01
C GLU E 49 18.93 -15.34 -6.17
N THR E 50 18.66 -16.52 -5.61
CA THR E 50 17.32 -17.11 -5.71
C THR E 50 16.96 -17.84 -4.42
N VAL E 51 15.73 -17.64 -3.95
CA VAL E 51 15.27 -18.28 -2.73
C VAL E 51 14.08 -19.21 -3.02
N VAL E 52 14.13 -20.40 -2.44
CA VAL E 52 13.06 -21.38 -2.63
C VAL E 52 12.53 -21.89 -1.29
N GLY E 53 11.25 -21.67 -1.05
CA GLY E 53 10.64 -22.12 0.19
C GLY E 53 9.58 -23.18 -0.02
N LYS E 54 9.64 -24.24 0.77
CA LYS E 54 8.67 -25.32 0.66
C LYS E 54 8.13 -25.71 2.03
N GLY E 55 6.81 -25.72 2.17
CA GLY E 55 6.19 -26.07 3.44
C GLY E 55 6.63 -25.17 4.57
N GLU E 56 5.85 -24.13 4.83
CA GLU E 56 6.16 -23.18 5.90
C GLU E 56 7.60 -22.70 5.78
N SER E 57 7.84 -21.82 4.82
CA SER E 57 9.18 -21.27 4.60
C SER E 57 9.22 -19.78 4.89
N ARG E 58 10.34 -19.30 5.41
CA ARG E 58 10.50 -17.89 5.74
C ARG E 58 11.81 -17.35 5.17
N VAL E 59 11.72 -16.25 4.43
CA VAL E 59 12.90 -15.64 3.82
C VAL E 59 13.12 -14.24 4.38
N LEU E 60 14.32 -13.99 4.90
CA LEU E 60 14.66 -12.70 5.46
C LEU E 60 15.93 -12.15 4.82
N ILE E 61 15.79 -11.07 4.05
CA ILE E 61 16.93 -10.45 3.39
C ILE E 61 17.19 -9.06 3.95
N GLY E 62 18.23 -8.95 4.79
CA GLY E 62 18.59 -7.68 5.38
C GLY E 62 18.94 -7.81 6.85
N ASN E 63 19.26 -6.68 7.48
CA ASN E 63 19.63 -6.66 8.89
C ASN E 63 18.39 -6.49 9.77
N GLU E 64 18.51 -6.94 11.02
CA GLU E 64 17.40 -6.83 11.97
C GLU E 64 17.81 -6.03 13.19
N TYR E 65 16.96 -5.11 13.61
CA TYR E 65 17.23 -4.27 14.77
C TYR E 65 16.24 -4.56 15.89
N GLY E 66 16.77 -4.90 17.07
CA GLY E 66 15.93 -5.19 18.21
C GLY E 66 15.69 -6.68 18.38
N GLY E 67 15.89 -7.43 17.31
CA GLY E 67 15.68 -8.87 17.36
C GLY E 67 16.77 -9.59 18.14
N LYS E 68 17.94 -8.94 18.24
CA LYS E 68 19.07 -9.52 18.95
C LYS E 68 19.36 -10.94 18.45
N GLY E 69 20.11 -11.04 17.36
CA GLY E 69 20.44 -12.34 16.82
C GLY E 69 19.22 -13.09 16.30
N PHE E 70 19.13 -13.23 14.99
CA PHE E 70 18.01 -13.92 14.37
C PHE E 70 16.68 -13.27 14.78
N TRP E 71 15.58 -13.95 14.48
CA TRP E 71 14.25 -13.45 14.81
C TRP E 71 14.20 -12.95 16.25
N ASP E 72 14.51 -13.83 17.19
CA ASP E 72 14.50 -13.48 18.60
C ASP E 72 15.57 -14.26 19.37
N ASN E 73 15.77 -13.90 20.63
CA ASN E 73 16.76 -14.56 21.47
C ASN E 73 16.12 -15.12 22.73
N HIS E 74 15.79 -16.42 22.70
CA HIS E 74 15.17 -17.08 23.84
C HIS E 74 15.12 -18.58 23.64
N HIS E 75 16.25 -19.17 23.25
CA HIS E 75 16.33 -20.60 23.02
C HIS E 75 17.70 -21.14 23.42
N HIS E 76 17.90 -22.44 23.23
CA HIS E 76 19.17 -23.08 23.56
C HIS E 76 19.36 -24.36 22.76
N HIS E 77 20.60 -24.61 22.35
CA HIS E 77 20.91 -25.81 21.56
C HIS E 77 22.06 -26.59 22.21
N HIS E 78 22.50 -27.65 21.53
CA HIS E 78 23.59 -28.47 22.04
C HIS E 78 24.03 -29.49 21.00
N HIS E 79 24.95 -30.37 21.38
CA HIS E 79 25.46 -31.39 20.47
C HIS E 79 25.71 -32.70 21.22
N MET A 1 -7.97 13.17 -29.37
CA MET A 1 -6.57 12.77 -29.25
C MET A 1 -5.78 13.81 -28.46
N LYS A 2 -6.25 15.05 -28.48
CA LYS A 2 -5.59 16.14 -27.77
C LYS A 2 -6.50 16.72 -26.69
N ILE A 3 -6.19 16.42 -25.43
CA ILE A 3 -6.99 16.91 -24.31
C ILE A 3 -6.09 17.43 -23.19
N ASP A 4 -6.60 18.41 -22.45
CA ASP A 4 -5.84 18.99 -21.35
C ASP A 4 -6.57 18.79 -20.03
N ALA A 5 -6.08 19.44 -18.98
CA ALA A 5 -6.68 19.34 -17.65
C ALA A 5 -6.04 20.32 -16.68
N ILE A 6 -6.68 20.49 -15.51
CA ILE A 6 -6.17 21.40 -14.49
C ILE A 6 -6.58 20.94 -13.10
N VAL A 7 -6.16 21.70 -12.09
CA VAL A 7 -6.49 21.38 -10.71
C VAL A 7 -8.00 21.31 -10.50
N GLY A 8 -8.43 20.34 -9.69
CA GLY A 8 -9.85 20.19 -9.42
C GLY A 8 -10.67 20.10 -10.69
N ARG A 9 -10.65 18.93 -11.32
CA ARG A 9 -11.40 18.71 -12.55
C ARG A 9 -11.27 17.26 -13.01
N ASN A 10 -12.40 16.58 -13.13
CA ASN A 10 -12.42 15.18 -13.57
C ASN A 10 -12.41 15.09 -15.08
N SER A 11 -11.58 14.20 -15.62
CA SER A 11 -11.48 14.00 -17.05
C SER A 11 -11.86 12.58 -17.44
N ALA A 12 -12.64 12.45 -18.51
CA ALA A 12 -13.08 11.15 -18.99
C ALA A 12 -13.00 11.07 -20.52
N LYS A 13 -12.57 9.92 -21.02
CA LYS A 13 -12.45 9.72 -22.46
C LYS A 13 -13.58 8.83 -22.98
N ASP A 14 -13.51 7.55 -22.67
CA ASP A 14 -14.53 6.60 -23.10
C ASP A 14 -15.00 5.74 -21.94
N ILE A 15 -16.31 5.52 -21.86
CA ILE A 15 -16.90 4.72 -20.80
C ILE A 15 -17.81 3.63 -21.36
N ARG A 16 -17.44 2.38 -21.13
CA ARG A 16 -18.23 1.25 -21.61
C ARG A 16 -18.73 0.40 -20.45
N THR A 17 -20.04 0.35 -20.28
CA THR A 17 -20.65 -0.42 -19.20
C THR A 17 -21.79 -1.30 -19.72
N GLU A 18 -21.96 -2.47 -19.12
CA GLU A 18 -23.01 -3.39 -19.52
C GLU A 18 -23.38 -4.34 -18.38
N GLU A 19 -24.60 -4.85 -18.42
CA GLU A 19 -25.08 -5.76 -17.38
C GLU A 19 -25.15 -5.05 -16.03
N ARG A 20 -26.23 -4.33 -15.80
CA ARG A 20 -26.41 -3.60 -14.55
C ARG A 20 -25.11 -2.94 -14.10
N ALA A 21 -24.41 -2.32 -15.05
CA ALA A 21 -23.15 -1.66 -14.76
C ALA A 21 -23.37 -0.18 -14.43
N ARG A 22 -22.67 0.31 -13.42
CA ARG A 22 -22.79 1.70 -13.00
C ARG A 22 -21.43 2.39 -12.99
N VAL A 23 -21.40 3.64 -13.40
CA VAL A 23 -20.16 4.42 -13.43
C VAL A 23 -20.41 5.88 -13.06
N GLN A 24 -19.73 6.33 -12.02
CA GLN A 24 -19.87 7.71 -11.56
C GLN A 24 -18.53 8.43 -11.57
N LEU A 25 -18.53 9.67 -12.04
CA LEU A 25 -17.32 10.47 -12.10
C LEU A 25 -17.53 11.85 -11.51
N GLY A 26 -16.80 12.16 -10.45
CA GLY A 26 -16.92 13.46 -9.81
C GLY A 26 -16.55 13.42 -8.35
N ASN A 27 -17.50 13.77 -7.48
CA ASN A 27 -17.26 13.78 -6.04
C ASN A 27 -18.52 13.35 -5.29
N VAL A 28 -18.35 12.40 -4.37
CA VAL A 28 -19.47 11.91 -3.57
C VAL A 28 -19.46 12.52 -2.18
N VAL A 29 -20.63 12.93 -1.70
CA VAL A 29 -20.75 13.52 -0.37
C VAL A 29 -21.74 12.75 0.49
N THR A 30 -21.31 12.39 1.70
CA THR A 30 -22.16 11.64 2.62
C THR A 30 -22.77 12.56 3.66
N ALA A 31 -23.82 12.07 4.33
CA ALA A 31 -24.50 12.86 5.35
C ALA A 31 -23.57 13.16 6.52
N ALA A 32 -22.78 12.17 6.92
CA ALA A 32 -21.85 12.33 8.02
C ALA A 32 -20.88 13.48 7.75
N ALA A 33 -20.49 13.64 6.50
CA ALA A 33 -19.58 14.70 6.10
C ALA A 33 -20.06 16.06 6.60
N LEU A 34 -21.07 16.60 5.93
CA LEU A 34 -21.63 17.90 6.31
C LEU A 34 -22.79 18.28 5.39
N HIS A 35 -23.24 19.51 5.51
CA HIS A 35 -24.35 20.00 4.68
C HIS A 35 -23.93 20.12 3.22
N GLY A 36 -22.69 20.56 3.00
CA GLY A 36 -22.18 20.72 1.65
C GLY A 36 -20.69 20.98 1.61
N GLY A 37 -20.22 21.83 2.51
CA GLY A 37 -18.80 22.14 2.56
C GLY A 37 -18.51 23.39 3.37
N ILE A 38 -17.23 23.66 3.61
CA ILE A 38 -16.82 24.83 4.38
C ILE A 38 -15.59 25.49 3.77
N ARG A 39 -14.49 24.75 3.72
CA ARG A 39 -13.24 25.26 3.16
C ARG A 39 -12.22 24.15 3.00
N ILE A 40 -11.47 24.19 1.91
CA ILE A 40 -10.45 23.18 1.64
C ILE A 40 -9.48 23.65 0.56
N SER A 41 -8.21 23.29 0.73
CA SER A 41 -7.17 23.68 -0.22
C SER A 41 -6.94 22.58 -1.26
N ASP A 42 -6.57 22.99 -2.47
CA ASP A 42 -6.30 22.04 -3.54
C ASP A 42 -7.51 21.14 -3.78
N GLN A 43 -7.36 20.15 -4.65
CA GLN A 43 -8.44 19.22 -4.96
C GLN A 43 -7.93 18.06 -5.81
N THR A 44 -8.39 16.86 -5.48
CA THR A 44 -7.97 15.66 -6.20
C THR A 44 -8.47 15.68 -7.64
N THR A 45 -7.54 15.53 -8.58
CA THR A 45 -7.88 15.54 -10.00
C THR A 45 -7.67 14.17 -10.63
N ASN A 46 -8.76 13.49 -10.96
CA ASN A 46 -8.69 12.17 -11.56
C ASN A 46 -9.01 12.25 -13.06
N SER A 47 -8.26 11.49 -13.86
CA SER A 47 -8.46 11.47 -15.30
C SER A 47 -8.29 10.06 -15.85
N VAL A 48 -9.32 9.57 -16.53
CA VAL A 48 -9.29 8.24 -17.11
C VAL A 48 -9.16 8.29 -18.63
N GLU A 49 -8.53 7.28 -19.21
CA GLU A 49 -8.34 7.22 -20.65
C GLU A 49 -9.33 6.24 -21.29
N THR A 50 -9.56 5.12 -20.62
CA THR A 50 -10.48 4.10 -21.12
C THR A 50 -11.12 3.33 -19.97
N VAL A 51 -12.45 3.27 -19.98
CA VAL A 51 -13.18 2.56 -18.93
C VAL A 51 -14.05 1.45 -19.53
N VAL A 52 -13.78 0.22 -19.11
CA VAL A 52 -14.53 -0.93 -19.60
C VAL A 52 -15.08 -1.76 -18.44
N GLY A 53 -16.37 -2.07 -18.49
CA GLY A 53 -16.99 -2.86 -17.44
C GLY A 53 -17.98 -3.86 -17.99
N LYS A 54 -17.89 -5.10 -17.51
CA LYS A 54 -18.80 -6.16 -17.94
C LYS A 54 -19.34 -6.95 -16.76
N GLY A 55 -20.57 -7.43 -16.88
CA GLY A 55 -21.17 -8.19 -15.81
C GLY A 55 -21.15 -7.45 -14.49
N GLU A 56 -22.20 -6.68 -14.23
CA GLU A 56 -22.30 -5.92 -12.98
C GLU A 56 -20.98 -5.22 -12.68
N SER A 57 -20.55 -4.35 -13.59
CA SER A 57 -19.30 -3.62 -13.41
C SER A 57 -19.55 -2.29 -12.71
N ARG A 58 -18.59 -1.87 -11.89
CA ARG A 58 -18.70 -0.62 -11.14
C ARG A 58 -17.42 0.20 -11.27
N VAL A 59 -17.57 1.46 -11.68
CA VAL A 59 -16.42 2.35 -11.83
C VAL A 59 -16.67 3.69 -11.16
N LEU A 60 -15.77 4.07 -10.24
CA LEU A 60 -15.90 5.33 -9.53
C LEU A 60 -14.66 6.20 -9.74
N ILE A 61 -14.84 7.30 -10.46
CA ILE A 61 -13.75 8.22 -10.74
C ILE A 61 -13.89 9.51 -9.92
N GLY A 62 -13.08 9.63 -8.87
CA GLY A 62 -13.12 10.80 -8.03
C GLY A 62 -12.83 10.49 -6.58
N ASN A 63 -13.38 11.30 -5.68
CA ASN A 63 -13.17 11.11 -4.25
C ASN A 63 -14.51 11.08 -3.50
N GLU A 64 -14.54 10.36 -2.38
CA GLU A 64 -15.75 10.24 -1.59
C GLU A 64 -15.54 10.82 -0.19
N TYR A 65 -16.39 11.77 0.18
CA TYR A 65 -16.30 12.41 1.50
C TYR A 65 -17.41 11.93 2.42
N GLY A 66 -17.04 11.44 3.59
CA GLY A 66 -18.00 10.95 4.55
C GLY A 66 -17.93 9.46 4.75
N GLY A 67 -18.30 8.70 3.72
CA GLY A 67 -18.26 7.25 3.82
C GLY A 67 -19.63 6.65 4.08
N LYS A 68 -19.89 6.27 5.32
CA LYS A 68 -21.17 5.68 5.70
C LYS A 68 -21.39 4.35 4.99
N GLY A 69 -20.35 3.51 4.99
CA GLY A 69 -20.44 2.22 4.35
C GLY A 69 -19.67 2.16 3.05
N PHE A 70 -18.74 3.11 2.87
CA PHE A 70 -17.92 3.15 1.66
C PHE A 70 -18.79 3.33 0.43
N TRP A 71 -18.15 3.59 -0.71
CA TRP A 71 -18.86 3.78 -1.97
C TRP A 71 -19.64 2.52 -2.35
N ASP A 72 -20.20 2.52 -3.55
CA ASP A 72 -20.97 1.38 -4.04
C ASP A 72 -20.10 0.13 -4.06
N ASN A 73 -20.25 -0.70 -3.03
CA ASN A 73 -19.48 -1.94 -2.93
C ASN A 73 -20.29 -3.02 -2.21
N HIS A 74 -20.42 -2.88 -0.90
CA HIS A 74 -21.17 -3.84 -0.09
C HIS A 74 -21.18 -3.43 1.38
N HIS A 75 -21.67 -4.33 2.23
CA HIS A 75 -21.75 -4.05 3.66
C HIS A 75 -20.36 -4.09 4.29
N HIS A 76 -20.32 -4.06 5.62
CA HIS A 76 -19.05 -4.09 6.34
C HIS A 76 -18.43 -5.48 6.29
N HIS A 77 -19.07 -6.44 6.96
CA HIS A 77 -18.58 -7.81 6.99
C HIS A 77 -17.14 -7.87 7.49
N HIS A 78 -16.55 -9.05 7.46
CA HIS A 78 -15.18 -9.24 7.92
C HIS A 78 -14.48 -10.31 7.09
N HIS A 79 -14.88 -11.56 7.29
CA HIS A 79 -14.28 -12.68 6.56
C HIS A 79 -14.45 -12.50 5.06
N MET B 1 2.03 11.29 11.33
CA MET B 1 0.57 11.22 11.19
C MET B 1 0.09 12.07 10.03
N LYS B 2 0.24 11.54 8.82
CA LYS B 2 -0.19 12.24 7.62
C LYS B 2 -1.70 12.42 7.59
N ILE B 3 -2.16 13.56 7.09
CA ILE B 3 -3.59 13.85 7.01
C ILE B 3 -3.95 14.49 5.67
N ASP B 4 -3.84 13.70 4.61
CA ASP B 4 -4.16 14.18 3.27
C ASP B 4 -5.48 13.61 2.78
N ALA B 5 -6.57 14.33 3.04
CA ALA B 5 -7.90 13.89 2.63
C ALA B 5 -8.44 14.75 1.49
N ILE B 6 -8.94 14.10 0.44
CA ILE B 6 -9.49 14.81 -0.70
C ILE B 6 -8.50 15.84 -1.23
N VAL B 7 -7.41 15.36 -1.82
CA VAL B 7 -6.39 16.25 -2.38
C VAL B 7 -5.29 15.44 -3.07
N GLY B 8 -5.07 15.73 -4.35
CA GLY B 8 -4.04 15.03 -5.10
C GLY B 8 -4.35 14.98 -6.58
N ARG B 9 -4.11 13.82 -7.19
CA ARG B 9 -4.36 13.65 -8.62
C ARG B 9 -4.12 12.19 -9.04
N ASN B 10 -5.06 11.64 -9.80
CA ASN B 10 -4.95 10.27 -10.27
C ASN B 10 -5.02 10.20 -11.79
N SER B 11 -4.17 9.36 -12.38
CA SER B 11 -4.13 9.20 -13.83
C SER B 11 -4.33 7.75 -14.22
N ALA B 12 -5.14 7.54 -15.26
CA ALA B 12 -5.42 6.19 -15.75
C ALA B 12 -5.28 6.11 -17.27
N LYS B 13 -4.71 5.01 -17.74
CA LYS B 13 -4.51 4.80 -19.17
C LYS B 13 -5.52 3.80 -19.72
N ASP B 14 -5.93 2.85 -18.89
CA ASP B 14 -6.89 1.84 -19.30
C ASP B 14 -7.45 1.11 -18.08
N ILE B 15 -8.76 0.85 -18.10
CA ILE B 15 -9.42 0.16 -17.00
C ILE B 15 -10.40 -0.88 -17.52
N ARG B 16 -10.19 -2.13 -17.13
CA ARG B 16 -11.06 -3.23 -17.54
C ARG B 16 -11.44 -4.12 -16.36
N THR B 17 -12.72 -4.18 -16.06
CA THR B 17 -13.21 -5.00 -14.96
C THR B 17 -14.44 -5.80 -15.36
N GLU B 18 -14.41 -7.10 -15.11
CA GLU B 18 -15.52 -7.97 -15.44
C GLU B 18 -15.83 -8.93 -14.29
N GLU B 19 -16.99 -9.59 -14.37
CA GLU B 19 -17.41 -10.52 -13.34
C GLU B 19 -17.59 -9.81 -12.00
N ARG B 20 -18.64 -9.01 -11.90
CA ARG B 20 -18.93 -8.26 -10.68
C ARG B 20 -17.66 -7.60 -10.14
N ALA B 21 -16.94 -6.91 -11.02
CA ALA B 21 -15.71 -6.24 -10.63
C ALA B 21 -15.96 -4.75 -10.39
N ARG B 22 -15.18 -4.16 -9.49
CA ARG B 22 -15.32 -2.75 -9.16
C ARG B 22 -13.96 -2.07 -9.10
N VAL B 23 -13.90 -0.83 -9.57
CA VAL B 23 -12.66 -0.06 -9.58
C VAL B 23 -12.90 1.39 -9.17
N GLN B 24 -12.08 1.89 -8.26
CA GLN B 24 -12.22 3.27 -7.80
C GLN B 24 -10.89 4.01 -7.90
N LEU B 25 -10.94 5.24 -8.38
CA LEU B 25 -9.75 6.06 -8.54
C LEU B 25 -9.86 7.36 -7.75
N GLY B 26 -8.95 7.54 -6.79
CA GLY B 26 -8.96 8.74 -5.97
C GLY B 26 -8.98 8.43 -4.49
N ASN B 27 -9.22 9.46 -3.67
CA ASN B 27 -9.26 9.29 -2.23
C ASN B 27 -10.64 8.83 -1.77
N VAL B 28 -10.68 7.85 -0.87
CA VAL B 28 -11.93 7.33 -0.36
C VAL B 28 -12.03 7.55 1.15
N VAL B 29 -13.04 8.32 1.57
CA VAL B 29 -13.25 8.60 2.99
C VAL B 29 -14.42 7.79 3.54
N THR B 30 -14.14 6.97 4.54
CA THR B 30 -15.16 6.14 5.16
C THR B 30 -15.81 6.86 6.34
N ALA B 31 -16.87 6.27 6.88
CA ALA B 31 -17.58 6.85 8.01
C ALA B 31 -16.62 7.16 9.15
N ALA B 32 -15.69 6.25 9.41
CA ALA B 32 -14.70 6.44 10.47
C ALA B 32 -13.92 7.73 10.28
N ALA B 33 -13.65 8.07 9.02
CA ALA B 33 -12.91 9.28 8.70
C ALA B 33 -13.82 10.50 8.69
N LEU B 34 -13.90 11.18 9.83
CA LEU B 34 -14.75 12.37 9.96
C LEU B 34 -14.09 13.57 9.30
N HIS B 35 -14.66 14.75 9.53
CA HIS B 35 -14.13 15.99 8.97
C HIS B 35 -12.64 16.13 9.27
N GLY B 36 -11.83 16.19 8.21
CA GLY B 36 -10.39 16.32 8.39
C GLY B 36 -9.67 16.64 7.09
N GLY B 37 -8.35 16.70 7.15
CA GLY B 37 -7.57 17.00 5.96
C GLY B 37 -7.40 18.48 5.74
N ILE B 38 -6.20 18.99 6.03
CA ILE B 38 -5.91 20.41 5.86
C ILE B 38 -4.44 20.70 6.14
N ARG B 39 -3.92 21.73 5.49
CA ARG B 39 -2.52 22.12 5.67
C ARG B 39 -1.58 21.00 5.22
N ILE B 40 -0.30 21.16 5.52
CA ILE B 40 0.70 20.17 5.14
C ILE B 40 0.82 20.06 3.63
N SER B 41 1.93 20.57 3.09
CA SER B 41 2.18 20.53 1.66
C SER B 41 2.49 19.11 1.20
N ASP B 42 2.92 18.99 -0.05
CA ASP B 42 3.25 17.69 -0.62
C ASP B 42 2.02 16.79 -0.68
N GLN B 43 1.47 16.63 -1.88
CA GLN B 43 0.29 15.80 -2.07
C GLN B 43 0.67 14.45 -2.67
N THR B 44 -0.25 13.50 -2.60
CA THR B 44 -0.02 12.16 -3.13
C THR B 44 -0.65 12.00 -4.51
N THR B 45 0.08 11.36 -5.41
CA THR B 45 -0.40 11.14 -6.77
C THR B 45 -0.25 9.68 -7.17
N ASN B 46 -1.32 9.11 -7.73
CA ASN B 46 -1.31 7.72 -8.17
C ASN B 46 -1.59 7.61 -9.66
N SER B 47 -0.65 7.00 -10.39
CA SER B 47 -0.78 6.84 -11.83
C SER B 47 -0.80 5.37 -12.21
N VAL B 48 -1.86 4.94 -12.90
CA VAL B 48 -1.99 3.55 -13.32
C VAL B 48 -1.98 3.44 -14.84
N GLU B 49 -1.29 2.43 -15.35
CA GLU B 49 -1.22 2.20 -16.80
C GLU B 49 -2.40 1.38 -17.28
N THR B 50 -2.35 0.07 -17.01
CA THR B 50 -3.41 -0.83 -17.43
C THR B 50 -3.99 -1.59 -16.24
N VAL B 51 -5.31 -1.59 -16.12
CA VAL B 51 -5.98 -2.28 -15.02
C VAL B 51 -6.90 -3.38 -15.55
N VAL B 52 -6.65 -4.61 -15.09
CA VAL B 52 -7.44 -5.76 -15.51
C VAL B 52 -7.99 -6.52 -14.30
N GLY B 53 -9.29 -6.78 -14.31
CA GLY B 53 -9.91 -7.51 -13.22
C GLY B 53 -10.83 -8.61 -13.70
N LYS B 54 -10.69 -9.79 -13.11
CA LYS B 54 -11.50 -10.94 -13.48
C LYS B 54 -12.04 -11.65 -12.23
N GLY B 55 -13.23 -12.22 -12.36
CA GLY B 55 -13.83 -12.92 -11.24
C GLY B 55 -13.80 -12.11 -9.96
N GLU B 56 -14.81 -11.27 -9.77
CA GLU B 56 -14.89 -10.44 -8.58
C GLU B 56 -13.55 -9.77 -8.29
N SER B 57 -13.14 -8.87 -9.19
CA SER B 57 -11.87 -8.17 -9.03
C SER B 57 -12.09 -6.77 -8.45
N ARG B 58 -11.15 -6.32 -7.63
CA ARG B 58 -11.24 -5.00 -7.01
C ARG B 58 -9.95 -4.21 -7.21
N VAL B 59 -10.09 -2.99 -7.72
CA VAL B 59 -8.93 -2.13 -7.96
C VAL B 59 -9.14 -0.75 -7.36
N LEU B 60 -8.22 -0.34 -6.48
CA LEU B 60 -8.30 0.95 -5.84
C LEU B 60 -7.00 1.74 -6.03
N ILE B 61 -7.08 2.82 -6.79
CA ILE B 61 -5.92 3.65 -7.06
C ILE B 61 -6.02 4.99 -6.32
N GLY B 62 -5.27 5.12 -5.23
CA GLY B 62 -5.29 6.35 -4.46
C GLY B 62 -5.00 6.11 -2.99
N ASN B 63 -5.71 6.85 -2.13
CA ASN B 63 -5.54 6.71 -0.69
C ASN B 63 -6.87 6.48 0.00
N GLU B 64 -6.83 5.87 1.18
CA GLU B 64 -8.04 5.59 1.95
C GLU B 64 -7.96 6.23 3.34
N TYR B 65 -8.97 7.03 3.67
CA TYR B 65 -9.02 7.69 4.97
C TYR B 65 -10.11 7.09 5.85
N GLY B 66 -9.72 6.71 7.06
CA GLY B 66 -10.68 6.13 8.00
C GLY B 66 -10.50 4.64 8.14
N GLY B 67 -10.94 4.10 9.27
CA GLY B 67 -10.82 2.67 9.51
C GLY B 67 -12.17 1.98 9.60
N LYS B 68 -12.29 0.86 8.89
CA LYS B 68 -13.54 0.10 8.88
C LYS B 68 -13.37 -1.19 8.09
N GLY B 69 -12.27 -1.90 8.34
CA GLY B 69 -12.02 -3.16 7.65
C GLY B 69 -11.30 -2.95 6.34
N PHE B 70 -10.53 -1.87 6.24
CA PHE B 70 -9.78 -1.57 5.02
C PHE B 70 -10.73 -1.34 3.85
N TRP B 71 -10.20 -0.77 2.77
CA TRP B 71 -11.00 -0.50 1.58
C TRP B 71 -11.74 -1.75 1.12
N ASP B 72 -11.11 -2.90 1.34
CA ASP B 72 -11.71 -4.18 0.94
C ASP B 72 -12.82 -4.59 1.91
N ASN B 73 -13.82 -5.30 1.40
CA ASN B 73 -14.94 -5.74 2.22
C ASN B 73 -14.66 -7.11 2.83
N HIS B 74 -14.72 -8.15 1.99
CA HIS B 74 -14.47 -9.50 2.46
C HIS B 74 -13.02 -9.90 2.22
N HIS B 75 -12.44 -10.61 3.18
CA HIS B 75 -11.05 -11.05 3.07
C HIS B 75 -10.97 -12.51 2.62
N HIS B 76 -11.39 -13.41 3.51
CA HIS B 76 -11.37 -14.84 3.20
C HIS B 76 -9.99 -15.27 2.72
N HIS B 77 -9.11 -15.61 3.66
CA HIS B 77 -7.77 -16.05 3.32
C HIS B 77 -7.63 -17.56 3.43
N HIS B 78 -7.59 -18.07 4.65
CA HIS B 78 -7.47 -19.50 4.88
C HIS B 78 -7.45 -19.82 6.38
N HIS B 79 -7.13 -21.07 6.71
CA HIS B 79 -7.08 -21.48 8.10
C HIS B 79 -5.64 -21.70 8.55
N MET C 1 -1.42 24.07 -2.43
CA MET C 1 -2.33 24.93 -3.20
C MET C 1 -1.54 25.93 -4.03
N LYS C 2 -2.22 26.55 -4.99
CA LYS C 2 -1.58 27.54 -5.85
C LYS C 2 -0.47 26.91 -6.68
N ILE C 3 -0.60 25.61 -6.96
CA ILE C 3 0.40 24.90 -7.74
C ILE C 3 1.75 24.91 -7.04
N ASP C 4 1.91 24.02 -6.07
CA ASP C 4 3.16 23.92 -5.32
C ASP C 4 3.29 22.57 -4.64
N ALA C 5 3.87 21.60 -5.36
CA ALA C 5 4.05 20.26 -4.81
C ALA C 5 4.90 19.40 -5.75
N ILE C 6 4.95 18.10 -5.47
CA ILE C 6 5.73 17.18 -6.28
C ILE C 6 4.83 16.41 -7.25
N VAL C 7 3.60 16.14 -6.81
CA VAL C 7 2.65 15.41 -7.63
C VAL C 7 3.24 14.11 -8.15
N GLY C 8 3.45 13.16 -7.25
CA GLY C 8 4.01 11.88 -7.64
C GLY C 8 4.35 11.01 -6.45
N ARG C 9 3.79 9.80 -6.42
CA ARG C 9 4.02 8.88 -5.32
C ARG C 9 3.92 7.43 -5.80
N ASN C 10 2.69 6.98 -6.04
CA ASN C 10 2.45 5.61 -6.49
C ASN C 10 2.34 5.56 -8.02
N SER C 11 3.06 4.63 -8.62
CA SER C 11 3.06 4.47 -10.07
C SER C 11 3.04 3.00 -10.46
N ALA C 12 2.24 2.66 -11.46
CA ALA C 12 2.13 1.29 -11.94
C ALA C 12 2.20 1.22 -13.46
N LYS C 13 2.83 0.17 -13.98
CA LYS C 13 2.96 0.00 -15.42
C LYS C 13 1.94 -1.02 -15.94
N ASP C 14 1.52 -1.92 -15.06
CA ASP C 14 0.53 -2.95 -15.43
C ASP C 14 -0.06 -3.60 -14.19
N ILE C 15 -1.36 -3.83 -14.22
CA ILE C 15 -2.05 -4.46 -13.09
C ILE C 15 -3.06 -5.49 -13.57
N ARG C 16 -2.83 -6.75 -13.19
CA ARG C 16 -3.73 -7.84 -13.58
C ARG C 16 -4.07 -8.72 -12.37
N THR C 17 -5.35 -8.74 -12.01
CA THR C 17 -5.81 -9.53 -10.88
C THR C 17 -7.08 -10.29 -11.23
N GLU C 18 -7.13 -11.57 -10.83
CA GLU C 18 -8.30 -12.40 -11.10
C GLU C 18 -8.57 -13.35 -9.94
N GLU C 19 -9.75 -13.96 -9.95
CA GLU C 19 -10.13 -14.89 -8.89
C GLU C 19 -10.16 -14.18 -7.53
N ARG C 20 -11.21 -13.40 -7.31
CA ARG C 20 -11.35 -12.66 -6.06
C ARG C 20 -10.03 -12.02 -5.64
N ALA C 21 -9.45 -11.24 -6.55
CA ALA C 21 -8.18 -10.57 -6.28
C ALA C 21 -8.39 -9.09 -6.01
N ARG C 22 -7.58 -8.52 -5.12
CA ARG C 22 -7.68 -7.12 -4.77
C ARG C 22 -6.33 -6.42 -4.91
N VAL C 23 -6.34 -5.22 -5.48
CA VAL C 23 -5.11 -4.45 -5.68
C VAL C 23 -5.29 -3.01 -5.21
N GLN C 24 -4.29 -2.50 -4.50
CA GLN C 24 -4.34 -1.14 -4.00
C GLN C 24 -3.04 -0.40 -4.29
N LEU C 25 -3.15 0.84 -4.76
CA LEU C 25 -1.99 1.65 -5.09
C LEU C 25 -2.05 3.00 -4.38
N GLY C 26 -1.05 3.25 -3.53
CA GLY C 26 -1.01 4.50 -2.80
C GLY C 26 -0.87 4.31 -1.31
N ASN C 27 -1.04 5.39 -0.55
CA ASN C 27 -0.93 5.33 0.90
C ASN C 27 -2.31 5.24 1.55
N VAL C 28 -2.40 4.47 2.63
CA VAL C 28 -3.67 4.31 3.34
C VAL C 28 -3.54 4.75 4.79
N VAL C 29 -4.56 5.44 5.29
CA VAL C 29 -4.57 5.92 6.67
C VAL C 29 -5.77 5.37 7.43
N THR C 30 -5.49 4.65 8.51
CA THR C 30 -6.54 4.07 9.34
C THR C 30 -7.24 5.14 10.17
N ALA C 31 -8.30 4.74 10.86
CA ALA C 31 -9.06 5.66 11.70
C ALA C 31 -8.20 6.20 12.84
N ALA C 32 -7.34 5.36 13.39
CA ALA C 32 -6.46 5.75 14.47
C ALA C 32 -5.59 6.93 14.08
N ALA C 33 -4.91 6.81 12.94
CA ALA C 33 -4.05 7.88 12.45
C ALA C 33 -4.82 9.18 12.29
N LEU C 34 -6.13 9.07 12.10
CA LEU C 34 -6.98 10.24 11.93
C LEU C 34 -6.95 11.12 13.18
N HIS C 35 -7.00 10.48 14.34
CA HIS C 35 -6.98 11.20 15.61
C HIS C 35 -5.56 11.26 16.17
N GLY C 36 -5.20 12.43 16.72
CA GLY C 36 -3.87 12.59 17.28
C GLY C 36 -3.16 13.83 16.76
N GLY C 37 -1.84 13.84 16.86
CA GLY C 37 -1.07 14.97 16.38
C GLY C 37 0.08 14.56 15.48
N ILE C 38 1.30 14.88 15.89
CA ILE C 38 2.47 14.53 15.10
C ILE C 38 2.55 15.38 13.84
N ARG C 39 1.65 15.12 12.89
CA ARG C 39 1.62 15.86 11.63
C ARG C 39 2.90 15.63 10.84
N ILE C 40 2.81 14.80 9.81
CA ILE C 40 3.97 14.50 8.96
C ILE C 40 3.67 14.82 7.50
N SER C 41 4.72 15.17 6.75
CA SER C 41 4.58 15.50 5.34
C SER C 41 4.81 14.26 4.47
N ASP C 42 5.79 13.46 4.86
CA ASP C 42 6.12 12.25 4.11
C ASP C 42 6.57 12.59 2.69
N GLN C 43 7.09 11.59 1.99
CA GLN C 43 7.55 11.78 0.62
C GLN C 43 8.01 10.46 0.01
N THR C 44 7.31 9.38 0.36
CA THR C 44 7.65 8.06 -0.16
C THR C 44 7.10 7.86 -1.56
N THR C 45 7.92 7.27 -2.44
CA THR C 45 7.51 7.02 -3.81
C THR C 45 7.56 5.54 -4.13
N ASN C 46 6.40 4.96 -4.46
CA ASN C 46 6.31 3.55 -4.79
C ASN C 46 6.08 3.35 -6.30
N SER C 47 6.83 2.44 -6.88
CA SER C 47 6.70 2.16 -8.31
C SER C 47 6.70 0.64 -8.58
N VAL C 48 5.64 0.17 -9.24
CA VAL C 48 5.51 -1.24 -9.55
C VAL C 48 5.53 -1.48 -11.05
N GLU C 49 6.38 -2.41 -11.48
CA GLU C 49 6.50 -2.74 -12.90
C GLU C 49 5.23 -3.43 -13.41
N THR C 50 4.97 -4.62 -12.89
CA THR C 50 3.80 -5.39 -13.29
C THR C 50 3.30 -6.27 -12.15
N VAL C 51 1.98 -6.27 -11.95
CA VAL C 51 1.37 -7.07 -10.89
C VAL C 51 0.42 -8.11 -11.47
N VAL C 52 0.65 -9.37 -11.13
CA VAL C 52 -0.19 -10.46 -11.60
C VAL C 52 -0.70 -11.31 -10.45
N GLY C 53 -2.02 -11.52 -10.41
CA GLY C 53 -2.61 -12.32 -9.36
C GLY C 53 -3.52 -13.41 -9.89
N LYS C 54 -3.35 -14.63 -9.37
CA LYS C 54 -4.17 -15.75 -9.81
C LYS C 54 -4.70 -16.53 -8.61
N GLY C 55 -5.95 -16.96 -8.69
CA GLY C 55 -6.56 -17.71 -7.61
C GLY C 55 -6.39 -17.02 -6.27
N GLU C 56 -7.15 -15.95 -6.05
CA GLU C 56 -7.08 -15.21 -4.81
C GLU C 56 -5.70 -14.59 -4.62
N SER C 57 -5.58 -13.30 -4.91
CA SER C 57 -4.32 -12.59 -4.78
C SER C 57 -4.53 -11.20 -4.19
N ARG C 58 -3.57 -10.75 -3.38
CA ARG C 58 -3.66 -9.45 -2.74
C ARG C 58 -2.37 -8.65 -2.96
N VAL C 59 -2.51 -7.43 -3.46
CA VAL C 59 -1.36 -6.57 -3.71
C VAL C 59 -1.57 -5.18 -3.14
N LEU C 60 -0.64 -4.74 -2.30
CA LEU C 60 -0.73 -3.42 -1.68
C LEU C 60 0.53 -2.60 -1.95
N ILE C 61 0.38 -1.56 -2.75
CA ILE C 61 1.50 -0.69 -3.09
C ILE C 61 1.42 0.63 -2.34
N GLY C 62 2.55 1.05 -1.77
CA GLY C 62 2.59 2.29 -1.03
C GLY C 62 2.93 2.08 0.44
N ASN C 63 2.36 2.93 1.30
CA ASN C 63 2.60 2.83 2.73
C ASN C 63 1.29 2.79 3.50
N GLU C 64 1.28 2.05 4.61
CA GLU C 64 0.08 1.92 5.45
C GLU C 64 0.30 2.58 6.81
N TYR C 65 -0.58 3.53 7.14
CA TYR C 65 -0.49 4.23 8.42
C TYR C 65 -1.53 3.72 9.39
N GLY C 66 -1.08 3.31 10.57
CA GLY C 66 -1.99 2.81 11.59
C GLY C 66 -1.81 1.32 11.84
N GLY C 67 -1.90 0.53 10.77
CA GLY C 67 -1.75 -0.90 10.90
C GLY C 67 -2.85 -1.53 11.75
N LYS C 68 -2.45 -2.11 12.88
CA LYS C 68 -3.41 -2.75 13.78
C LYS C 68 -4.09 -3.93 13.10
N GLY C 69 -3.70 -5.14 13.48
CA GLY C 69 -4.27 -6.33 12.91
C GLY C 69 -4.02 -6.43 11.41
N PHE C 70 -2.76 -6.49 11.02
CA PHE C 70 -2.39 -6.58 9.62
C PHE C 70 -3.08 -5.50 8.79
N TRP C 71 -3.00 -5.62 7.49
CA TRP C 71 -3.62 -4.66 6.58
C TRP C 71 -5.08 -4.42 6.97
N ASP C 72 -5.86 -5.49 7.03
CA ASP C 72 -7.27 -5.40 7.37
C ASP C 72 -7.55 -6.14 8.67
N ASN C 73 -8.26 -5.48 9.58
CA ASN C 73 -8.60 -6.08 10.87
C ASN C 73 -9.25 -7.44 10.68
N HIS C 74 -8.62 -8.47 11.25
CA HIS C 74 -9.14 -9.83 11.14
C HIS C 74 -8.33 -10.79 12.01
N HIS C 75 -8.82 -12.02 12.13
CA HIS C 75 -8.14 -13.03 12.94
C HIS C 75 -7.95 -14.32 12.15
N HIS C 76 -6.75 -14.89 12.23
CA HIS C 76 -6.43 -16.12 11.52
C HIS C 76 -5.10 -16.69 11.99
N HIS C 77 -5.10 -17.97 12.33
CA HIS C 77 -3.89 -18.64 12.79
C HIS C 77 -4.15 -20.12 13.07
N HIS C 78 -3.13 -20.95 12.88
CA HIS C 78 -3.26 -22.38 13.11
C HIS C 78 -1.93 -23.09 12.83
N HIS C 79 -1.96 -24.42 12.83
CA HIS C 79 -0.77 -25.21 12.58
C HIS C 79 -0.16 -24.87 11.23
N MET D 1 0.88 11.58 -12.41
CA MET D 1 2.32 11.48 -12.52
C MET D 1 2.95 12.84 -12.79
N LYS D 2 4.11 13.08 -12.20
CA LYS D 2 4.81 14.35 -12.39
C LYS D 2 6.12 14.36 -11.61
N ILE D 3 6.07 13.91 -10.36
CA ILE D 3 7.26 13.87 -9.52
C ILE D 3 8.07 15.15 -9.65
N ASP D 4 9.31 15.10 -9.18
CA ASP D 4 10.20 16.26 -9.25
C ASP D 4 11.57 15.93 -8.66
N ALA D 5 11.64 15.81 -7.35
CA ALA D 5 12.88 15.49 -6.67
C ALA D 5 12.62 14.80 -5.34
N ILE D 6 13.19 13.60 -5.18
CA ILE D 6 13.02 12.83 -3.96
C ILE D 6 14.29 12.06 -3.61
N VAL D 7 14.25 11.34 -2.49
CA VAL D 7 15.40 10.56 -2.04
C VAL D 7 15.09 9.07 -2.07
N GLY D 8 14.25 8.64 -1.12
CA GLY D 8 13.89 7.23 -1.05
C GLY D 8 12.64 6.91 -1.86
N ARG D 9 12.54 5.66 -2.30
CA ARG D 9 11.39 5.23 -3.09
C ARG D 9 11.52 3.74 -3.45
N ASN D 10 10.42 3.01 -3.26
CA ASN D 10 10.41 1.58 -3.57
C ASN D 10 10.13 1.35 -5.05
N SER D 11 10.82 0.37 -5.63
CA SER D 11 10.66 0.04 -7.04
C SER D 11 10.66 -1.47 -7.26
N ALA D 12 9.78 -1.94 -8.12
CA ALA D 12 9.69 -3.36 -8.42
C ALA D 12 9.84 -3.62 -9.92
N LYS D 13 10.19 -4.86 -10.27
CA LYS D 13 10.36 -5.24 -11.67
C LYS D 13 9.28 -6.22 -12.10
N ASP D 14 8.80 -7.03 -11.15
CA ASP D 14 7.76 -8.01 -11.44
C ASP D 14 7.17 -8.55 -10.15
N ILE D 15 5.84 -8.70 -10.14
CA ILE D 15 5.14 -9.21 -8.96
C ILE D 15 4.06 -10.21 -9.35
N ARG D 16 4.22 -11.44 -8.89
CA ARG D 16 3.26 -12.51 -9.20
C ARG D 16 2.91 -13.30 -7.94
N THR D 17 1.64 -13.32 -7.59
CA THR D 17 1.18 -14.04 -6.41
C THR D 17 -0.09 -14.83 -6.70
N GLU D 18 -0.27 -15.94 -6.00
CA GLU D 18 -1.45 -16.78 -6.20
C GLU D 18 -1.71 -17.63 -4.96
N GLU D 19 -2.89 -18.24 -4.91
CA GLU D 19 -3.27 -19.08 -3.78
C GLU D 19 -3.30 -18.27 -2.48
N ARG D 20 -4.30 -17.42 -2.34
CA ARG D 20 -4.43 -16.59 -1.16
C ARG D 20 -3.09 -15.96 -0.77
N ALA D 21 -2.35 -15.52 -1.78
CA ALA D 21 -1.05 -14.90 -1.54
C ALA D 21 -1.18 -13.41 -1.31
N ARG D 22 -0.34 -12.86 -0.43
CA ARG D 22 -0.37 -11.44 -0.12
C ARG D 22 1.01 -10.81 -0.31
N VAL D 23 1.04 -9.65 -0.95
CA VAL D 23 2.30 -8.94 -1.19
C VAL D 23 2.13 -7.44 -1.00
N GLN D 24 3.14 -6.82 -0.38
CA GLN D 24 3.11 -5.39 -0.13
C GLN D 24 4.40 -4.72 -0.58
N LEU D 25 4.27 -3.57 -1.23
CA LEU D 25 5.45 -2.84 -1.71
C LEU D 25 5.53 -1.47 -1.05
N GLY D 26 6.62 -1.23 -0.32
CA GLY D 26 6.81 0.03 0.35
C GLY D 26 6.94 -0.12 1.85
N ASN D 27 7.21 1.00 2.54
CA ASN D 27 7.35 0.98 3.99
C ASN D 27 6.00 1.13 4.67
N VAL D 28 5.87 0.55 5.85
CA VAL D 28 4.62 0.62 6.61
C VAL D 28 4.86 1.21 8.00
N VAL D 29 3.95 2.07 8.44
CA VAL D 29 4.06 2.69 9.74
C VAL D 29 2.83 2.41 10.60
N THR D 30 3.05 1.93 11.82
CA THR D 30 1.95 1.62 12.73
C THR D 30 1.33 2.89 13.28
N ALA D 31 0.25 2.72 14.06
CA ALA D 31 -0.45 3.84 14.66
C ALA D 31 0.51 4.69 15.50
N ALA D 32 1.35 4.04 16.29
CA ALA D 32 2.31 4.74 17.14
C ALA D 32 3.22 5.62 16.30
N ALA D 33 3.83 5.04 15.28
CA ALA D 33 4.73 5.79 14.40
C ALA D 33 5.80 6.53 15.21
N LEU D 34 6.15 5.97 16.36
CA LEU D 34 7.16 6.58 17.24
C LEU D 34 8.50 6.65 16.53
N HIS D 35 9.28 7.68 16.86
CA HIS D 35 10.60 7.87 16.26
C HIS D 35 11.29 9.10 16.83
N GLY D 36 12.61 9.11 16.78
CA GLY D 36 13.36 10.25 17.29
C GLY D 36 12.90 11.56 16.71
N GLY D 37 12.35 11.51 15.50
CA GLY D 37 11.87 12.73 14.86
C GLY D 37 11.08 12.43 13.60
N ILE D 38 10.52 13.47 12.99
CA ILE D 38 9.74 13.32 11.77
C ILE D 38 10.52 12.54 10.72
N ARG D 39 9.82 12.12 9.66
CA ARG D 39 10.44 11.36 8.58
C ARG D 39 11.67 12.10 8.05
N ILE D 40 12.61 11.33 7.50
CA ILE D 40 13.83 11.91 6.95
C ILE D 40 13.90 11.72 5.44
N SER D 41 12.93 12.30 4.73
CA SER D 41 12.88 12.19 3.28
C SER D 41 12.98 10.73 2.84
N ASP D 42 12.30 9.85 3.57
CA ASP D 42 12.32 8.43 3.25
C ASP D 42 13.67 7.81 3.59
N GLN D 43 14.69 8.17 2.82
CA GLN D 43 16.04 7.65 3.05
C GLN D 43 16.13 6.18 2.62
N THR D 44 15.46 5.32 3.35
CA THR D 44 15.45 3.89 3.05
C THR D 44 14.79 3.61 1.71
N THR D 45 15.40 2.73 0.93
CA THR D 45 14.86 2.37 -0.38
C THR D 45 14.83 0.86 -0.57
N ASN D 46 13.72 0.35 -1.08
CA ASN D 46 13.57 -1.08 -1.32
C ASN D 46 13.34 -1.37 -2.80
N SER D 47 14.23 -2.18 -3.38
CA SER D 47 14.13 -2.53 -4.79
C SER D 47 14.04 -4.04 -4.97
N VAL D 48 12.98 -4.49 -5.64
CA VAL D 48 12.79 -5.92 -5.88
C VAL D 48 12.74 -6.23 -7.37
N GLU D 49 13.24 -7.40 -7.75
CA GLU D 49 13.25 -7.80 -9.15
C GLU D 49 11.96 -8.53 -9.51
N THR D 50 11.83 -9.77 -9.04
CA THR D 50 10.65 -10.58 -9.33
C THR D 50 10.22 -11.37 -8.09
N VAL D 51 8.94 -11.28 -7.74
CA VAL D 51 8.40 -11.99 -6.59
C VAL D 51 7.35 -13.00 -7.02
N VAL D 52 7.58 -14.26 -6.71
CA VAL D 52 6.66 -15.33 -7.05
C VAL D 52 6.09 -16.00 -5.80
N GLY D 53 4.77 -16.02 -5.68
CA GLY D 53 4.14 -16.63 -4.53
C GLY D 53 3.24 -17.80 -4.91
N LYS D 54 3.40 -18.92 -4.21
CA LYS D 54 2.60 -20.11 -4.47
C LYS D 54 2.07 -20.71 -3.18
N GLY D 55 0.82 -21.17 -3.21
CA GLY D 55 0.22 -21.76 -2.04
C GLY D 55 0.42 -20.92 -0.80
N GLU D 56 -0.48 -19.97 -0.57
CA GLU D 56 -0.38 -19.10 0.59
C GLU D 56 1.03 -18.50 0.72
N SER D 57 1.31 -17.51 -0.14
CA SER D 57 2.62 -16.86 -0.12
C SER D 57 2.53 -15.46 0.47
N ARG D 58 3.57 -15.05 1.16
CA ARG D 58 3.60 -13.73 1.78
C ARG D 58 4.92 -13.03 1.49
N VAL D 59 4.84 -11.80 0.98
CA VAL D 59 6.03 -11.02 0.66
C VAL D 59 5.88 -9.57 1.10
N LEU D 60 6.82 -9.11 1.92
CA LEU D 60 6.78 -7.74 2.42
C LEU D 60 8.05 -6.99 2.03
N ILE D 61 7.90 -6.00 1.15
CA ILE D 61 9.04 -5.21 0.69
C ILE D 61 9.04 -3.83 1.35
N GLY D 62 10.05 -3.57 2.17
CA GLY D 62 10.15 -2.29 2.85
C GLY D 62 10.45 -2.44 4.32
N ASN D 63 10.19 -1.38 5.08
CA ASN D 63 10.44 -1.39 6.52
C ASN D 63 9.14 -1.22 7.30
N GLU D 64 9.04 -1.88 8.45
CA GLU D 64 7.85 -1.80 9.28
C GLU D 64 8.14 -1.05 10.58
N TYR D 65 7.28 -0.10 10.92
CA TYR D 65 7.44 0.69 12.14
C TYR D 65 6.39 0.32 13.17
N GLY D 66 6.84 -0.04 14.37
CA GLY D 66 5.92 -0.41 15.43
C GLY D 66 6.31 -1.70 16.11
N GLY D 67 5.54 -2.08 17.13
CA GLY D 67 5.83 -3.31 17.86
C GLY D 67 4.59 -4.10 18.17
N LYS D 68 4.45 -5.26 17.53
CA LYS D 68 3.29 -6.13 17.75
C LYS D 68 3.62 -7.57 17.38
N GLY D 69 4.90 -7.90 17.40
CA GLY D 69 5.32 -9.26 17.07
C GLY D 69 5.08 -9.59 15.61
N PHE D 70 6.15 -9.96 14.91
CA PHE D 70 6.06 -10.31 13.49
C PHE D 70 5.34 -9.22 12.72
N TRP D 71 4.99 -9.52 11.46
CA TRP D 71 4.30 -8.56 10.61
C TRP D 71 2.83 -8.46 10.98
N ASP D 72 2.30 -9.52 11.57
CA ASP D 72 0.91 -9.56 11.98
C ASP D 72 0.78 -9.75 13.49
N ASN D 73 -0.34 -9.31 14.05
CA ASN D 73 -0.57 -9.43 15.48
C ASN D 73 -0.37 -10.88 15.95
N HIS D 74 -0.68 -11.82 15.07
CA HIS D 74 -0.52 -13.24 15.38
C HIS D 74 -0.92 -14.10 14.19
N HIS D 75 -0.08 -15.07 13.86
CA HIS D 75 -0.34 -15.97 12.74
C HIS D 75 0.61 -17.17 12.77
N HIS D 76 0.07 -18.35 12.49
CA HIS D 76 0.86 -19.57 12.49
C HIS D 76 1.55 -19.78 13.83
N HIS D 77 2.35 -20.84 13.93
CA HIS D 77 3.05 -21.15 15.17
C HIS D 77 4.53 -21.44 14.88
N HIS D 78 5.23 -21.93 15.90
CA HIS D 78 6.65 -22.25 15.75
C HIS D 78 7.46 -20.99 15.45
N HIS D 79 8.79 -21.14 15.45
CA HIS D 79 9.67 -20.02 15.18
C HIS D 79 10.37 -20.20 13.83
N MET E 1 7.29 4.98 -19.60
CA MET E 1 7.28 6.41 -19.30
C MET E 1 7.72 6.65 -17.85
N LYS E 2 8.74 5.93 -17.41
CA LYS E 2 9.25 6.06 -16.05
C LYS E 2 10.78 6.11 -16.05
N ILE E 3 11.34 6.92 -15.16
CA ILE E 3 12.79 7.04 -15.06
C ILE E 3 13.20 7.38 -13.62
N ASP E 4 14.41 6.96 -13.26
CA ASP E 4 14.93 7.22 -11.92
C ASP E 4 16.34 6.67 -11.77
N ALA E 5 16.86 6.68 -10.54
CA ALA E 5 18.19 6.18 -10.27
C ALA E 5 18.26 5.50 -8.91
N ILE E 6 19.23 4.60 -8.75
CA ILE E 6 19.40 3.87 -7.50
C ILE E 6 20.87 3.79 -7.10
N VAL E 7 21.13 3.87 -5.81
CA VAL E 7 22.50 3.79 -5.29
C VAL E 7 22.54 3.11 -3.94
N GLY E 8 22.91 1.83 -3.93
CA GLY E 8 22.98 1.08 -2.69
C GLY E 8 21.61 0.78 -2.11
N ARG E 9 21.43 1.10 -0.84
CA ARG E 9 20.15 0.87 -0.16
C ARG E 9 19.79 -0.62 -0.19
N ASN E 10 18.56 -0.93 0.21
CA ASN E 10 18.10 -2.32 0.23
C ASN E 10 17.59 -2.74 -1.14
N SER E 11 18.31 -3.66 -1.77
CA SER E 11 17.93 -4.16 -3.10
C SER E 11 17.90 -5.67 -3.12
N ALA E 12 17.19 -6.23 -4.09
CA ALA E 12 17.08 -7.69 -4.22
C ALA E 12 17.33 -8.11 -5.67
N LYS E 13 17.56 -9.41 -5.85
CA LYS E 13 17.82 -9.96 -7.18
C LYS E 13 16.68 -10.87 -7.62
N ASP E 14 16.16 -11.65 -6.68
CA ASP E 14 15.07 -12.57 -6.98
C ASP E 14 14.45 -13.11 -5.68
N ILE E 15 13.13 -13.24 -5.68
CA ILE E 15 12.41 -13.74 -4.51
C ILE E 15 11.33 -14.74 -4.91
N ARG E 16 11.49 -15.99 -4.47
CA ARG E 16 10.54 -17.04 -4.78
C ARG E 16 10.14 -17.80 -3.52
N THR E 17 8.85 -17.75 -3.18
CA THR E 17 8.34 -18.44 -2.00
C THR E 17 7.04 -19.18 -2.31
N GLU E 18 6.98 -20.45 -1.95
CA GLU E 18 5.80 -21.26 -2.19
C GLU E 18 5.53 -22.20 -1.00
N GLU E 19 4.28 -22.64 -0.89
CA GLU E 19 3.89 -23.53 0.20
C GLU E 19 4.05 -22.85 1.55
N ARG E 20 3.09 -22.01 1.90
CA ARG E 20 3.13 -21.28 3.16
C ARG E 20 4.51 -20.69 3.42
N ALA E 21 5.05 -19.99 2.42
CA ALA E 21 6.36 -19.38 2.53
C ALA E 21 6.26 -17.87 2.74
N ARG E 22 7.13 -17.33 3.57
CA ARG E 22 7.13 -15.90 3.85
C ARG E 22 8.51 -15.30 3.63
N VAL E 23 8.53 -14.10 3.04
CA VAL E 23 9.79 -13.42 2.76
C VAL E 23 9.66 -11.92 2.95
N GLN E 24 10.70 -11.30 3.50
CA GLN E 24 10.69 -9.86 3.74
C GLN E 24 12.03 -9.24 3.38
N LEU E 25 11.99 -8.09 2.71
CA LEU E 25 13.21 -7.40 2.30
C LEU E 25 13.28 -6.01 2.92
N GLY E 26 14.30 -5.76 3.73
CA GLY E 26 14.46 -4.47 4.36
C GLY E 26 14.55 -4.57 5.88
N ASN E 27 14.93 -3.46 6.52
CA ASN E 27 15.06 -3.44 7.97
C ASN E 27 13.72 -3.10 8.63
N VAL E 28 13.62 -3.37 9.93
CA VAL E 28 12.40 -3.09 10.67
C VAL E 28 12.71 -2.33 11.96
N VAL E 29 11.86 -1.35 12.28
CA VAL E 29 12.05 -0.55 13.47
C VAL E 29 10.89 -0.76 14.45
N THR E 30 11.23 -1.07 15.70
CA THR E 30 10.22 -1.30 16.73
C THR E 30 9.53 0.00 17.11
N ALA E 31 8.48 -0.11 17.91
CA ALA E 31 7.72 1.06 18.35
C ALA E 31 8.59 1.98 19.21
N ALA E 32 9.43 1.39 20.04
CA ALA E 32 10.32 2.15 20.91
C ALA E 32 11.20 3.09 20.10
N ALA E 33 11.61 2.64 18.92
CA ALA E 33 12.46 3.43 18.05
C ALA E 33 13.79 3.78 18.72
N LEU E 34 14.63 4.53 18.03
CA LEU E 34 15.93 4.93 18.56
C LEU E 34 15.77 5.59 19.93
N HIS E 35 16.90 5.81 20.61
CA HIS E 35 16.89 6.43 21.92
C HIS E 35 16.09 7.74 21.89
N GLY E 36 16.64 8.74 21.21
CA GLY E 36 15.98 10.02 21.11
C GLY E 36 16.67 10.97 20.15
N GLY E 37 15.96 12.02 19.74
CA GLY E 37 16.54 12.98 18.82
C GLY E 37 16.61 12.45 17.40
N ILE E 38 16.66 13.37 16.43
CA ILE E 38 16.74 12.99 15.03
C ILE E 38 18.03 12.24 14.73
N ARG E 39 17.91 11.05 14.15
CA ARG E 39 19.07 10.24 13.81
C ARG E 39 19.37 10.32 12.31
N ILE E 40 20.49 10.93 11.98
CA ILE E 40 20.90 11.08 10.58
C ILE E 40 22.42 11.02 10.44
N SER E 41 22.93 9.85 10.10
CA SER E 41 24.36 9.67 9.93
C SER E 41 24.68 8.24 9.51
N ASP E 42 25.62 8.09 8.58
CA ASP E 42 26.02 6.78 8.09
C ASP E 42 24.86 6.11 7.35
N GLN E 43 25.20 5.16 6.48
CA GLN E 43 24.19 4.44 5.71
C GLN E 43 24.65 3.02 5.39
N THR E 44 23.81 2.04 5.72
CA THR E 44 24.14 0.64 5.46
C THR E 44 23.43 0.13 4.21
N THR E 45 24.20 -0.49 3.31
CA THR E 45 23.65 -1.02 2.08
C THR E 45 23.54 -2.55 2.14
N ASN E 46 22.36 -3.07 1.83
CA ASN E 46 22.15 -4.51 1.84
C ASN E 46 21.58 -4.98 0.51
N SER E 47 22.18 -6.04 -0.03
CA SER E 47 21.74 -6.59 -1.31
C SER E 47 21.50 -8.10 -1.20
N VAL E 48 20.28 -8.52 -1.49
CA VAL E 48 19.93 -9.93 -1.42
C VAL E 48 19.82 -10.54 -2.82
N GLU E 49 20.60 -11.60 -3.06
CA GLU E 49 20.60 -12.26 -4.36
C GLU E 49 19.26 -12.93 -4.62
N THR E 50 19.30 -14.08 -5.27
CA THR E 50 18.07 -14.82 -5.59
C THR E 50 17.74 -15.84 -4.51
N VAL E 51 16.50 -15.81 -4.04
CA VAL E 51 16.05 -16.72 -3.00
C VAL E 51 14.98 -17.68 -3.53
N VAL E 52 15.17 -18.97 -3.26
CA VAL E 52 14.22 -19.99 -3.72
C VAL E 52 13.69 -20.80 -2.53
N GLY E 53 12.38 -20.70 -2.31
CA GLY E 53 11.77 -21.44 -1.22
C GLY E 53 10.92 -22.59 -1.70
N LYS E 54 11.10 -23.75 -1.07
CA LYS E 54 10.35 -24.95 -1.45
C LYS E 54 9.79 -25.63 -0.21
N GLY E 55 8.46 -25.67 -0.11
CA GLY E 55 7.81 -26.31 1.02
C GLY E 55 8.14 -25.62 2.33
N GLU E 56 7.28 -24.69 2.75
CA GLU E 56 7.49 -23.97 3.99
C GLU E 56 8.88 -23.34 4.03
N SER E 57 9.00 -22.14 3.49
CA SER E 57 10.28 -21.44 3.46
C SER E 57 10.16 -20.05 4.09
N ARG E 58 11.22 -19.61 4.74
CA ARG E 58 11.22 -18.31 5.39
C ARG E 58 12.55 -17.58 5.14
N VAL E 59 12.46 -16.35 4.66
CA VAL E 59 13.64 -15.54 4.37
C VAL E 59 13.47 -14.12 4.86
N LEU E 60 14.41 -13.66 5.68
CA LEU E 60 14.38 -12.30 6.22
C LEU E 60 15.64 -11.54 5.88
N ILE E 61 15.50 -10.48 5.10
CA ILE E 61 16.64 -9.66 4.69
C ILE E 61 16.60 -8.30 5.39
N GLY E 62 17.78 -7.82 5.78
CA GLY E 62 17.86 -6.53 6.45
C GLY E 62 18.28 -6.66 7.90
N ASN E 63 17.95 -5.64 8.70
CA ASN E 63 18.30 -5.65 10.12
C ASN E 63 17.07 -5.35 10.98
N GLU E 64 17.12 -5.78 12.23
CA GLU E 64 16.01 -5.56 13.15
C GLU E 64 16.40 -4.58 14.26
N TYR E 65 15.65 -3.48 14.36
CA TYR E 65 15.93 -2.46 15.36
C TYR E 65 14.90 -2.51 16.48
N GLY E 66 15.38 -2.63 17.72
CA GLY E 66 14.48 -2.68 18.86
C GLY E 66 14.86 -3.77 19.83
N GLY E 67 14.19 -3.79 20.99
CA GLY E 67 14.47 -4.80 21.99
C GLY E 67 13.93 -6.16 21.63
N LYS E 68 13.86 -7.06 22.61
CA LYS E 68 13.37 -8.40 22.38
C LYS E 68 14.34 -9.20 21.53
N GLY E 69 14.34 -8.92 20.23
CA GLY E 69 15.23 -9.62 19.32
C GLY E 69 14.52 -10.72 18.54
N PHE E 70 15.23 -11.35 17.61
CA PHE E 70 14.66 -12.41 16.80
C PHE E 70 13.52 -11.87 15.92
N TRP E 71 13.22 -12.59 14.85
CA TRP E 71 12.16 -12.20 13.93
C TRP E 71 10.80 -12.61 14.48
N ASP E 72 10.47 -12.15 15.68
CA ASP E 72 9.20 -12.49 16.30
C ASP E 72 9.07 -11.82 17.67
N ASN E 73 8.02 -12.18 18.40
CA ASN E 73 7.80 -11.62 19.73
C ASN E 73 8.03 -12.66 20.81
N HIS E 74 7.65 -12.32 22.04
CA HIS E 74 7.83 -13.23 23.17
C HIS E 74 7.23 -14.60 22.86
N HIS E 75 8.10 -15.61 22.75
CA HIS E 75 7.65 -16.97 22.46
C HIS E 75 7.33 -17.72 23.75
N HIS E 76 7.10 -19.02 23.61
CA HIS E 76 6.77 -19.86 24.77
C HIS E 76 7.91 -19.84 25.79
N HIS E 77 7.77 -20.64 26.84
CA HIS E 77 8.78 -20.72 27.89
C HIS E 77 10.14 -21.05 27.30
N HIS E 78 11.14 -20.24 27.65
CA HIS E 78 12.50 -20.45 27.15
C HIS E 78 13.47 -19.45 27.77
N HIS E 79 14.51 -19.96 28.41
CA HIS E 79 15.50 -19.10 29.06
C HIS E 79 14.87 -18.28 30.18
N MET A 1 -24.70 20.16 -15.13
CA MET A 1 -24.88 21.49 -14.56
C MET A 1 -26.12 22.17 -15.13
N LYS A 2 -26.97 22.69 -14.26
CA LYS A 2 -28.19 23.36 -14.68
C LYS A 2 -28.97 23.90 -13.48
N ILE A 3 -28.92 23.16 -12.37
CA ILE A 3 -29.61 23.57 -11.16
C ILE A 3 -28.91 23.01 -9.92
N ASP A 4 -29.02 23.74 -8.81
CA ASP A 4 -28.40 23.31 -7.57
C ASP A 4 -26.88 23.26 -7.69
N ALA A 5 -26.19 23.26 -6.55
CA ALA A 5 -24.73 23.22 -6.55
C ALA A 5 -24.23 21.80 -6.78
N ILE A 6 -23.25 21.66 -7.66
CA ILE A 6 -22.68 20.36 -7.97
C ILE A 6 -21.17 20.33 -7.68
N VAL A 7 -20.67 19.15 -7.34
CA VAL A 7 -19.25 18.99 -7.03
C VAL A 7 -18.77 17.60 -7.40
N GLY A 8 -17.46 17.38 -7.29
CA GLY A 8 -16.89 16.08 -7.61
C GLY A 8 -15.65 16.20 -8.48
N ARG A 9 -14.49 16.30 -7.85
CA ARG A 9 -13.23 16.41 -8.56
C ARG A 9 -12.88 15.11 -9.28
N ASN A 10 -13.42 14.94 -10.48
CA ASN A 10 -13.17 13.74 -11.26
C ASN A 10 -13.03 14.07 -12.74
N SER A 11 -12.04 13.47 -13.40
CA SER A 11 -11.80 13.70 -14.81
C SER A 11 -11.88 12.40 -15.61
N ALA A 12 -12.54 12.46 -16.76
CA ALA A 12 -12.69 11.28 -17.61
C ALA A 12 -12.33 11.62 -19.06
N LYS A 13 -11.50 10.77 -19.67
CA LYS A 13 -11.09 10.97 -21.04
C LYS A 13 -11.90 10.09 -21.99
N ASP A 14 -12.37 8.96 -21.48
CA ASP A 14 -13.16 8.03 -22.27
C ASP A 14 -13.85 7.00 -21.38
N ILE A 15 -15.11 6.71 -21.68
CA ILE A 15 -15.87 5.75 -20.90
C ILE A 15 -16.71 4.86 -21.81
N ARG A 16 -16.43 3.56 -21.78
CA ARG A 16 -17.17 2.60 -22.60
C ARG A 16 -17.70 1.45 -21.75
N THR A 17 -19.02 1.25 -21.79
CA THR A 17 -19.65 0.19 -21.02
C THR A 17 -20.67 -0.57 -21.88
N GLU A 18 -21.04 -1.76 -21.42
CA GLU A 18 -22.01 -2.58 -22.13
C GLU A 18 -22.74 -3.52 -21.17
N GLU A 19 -23.81 -4.14 -21.67
CA GLU A 19 -24.60 -5.06 -20.86
C GLU A 19 -25.43 -4.31 -19.83
N ARG A 20 -24.77 -3.72 -18.84
CA ARG A 20 -25.45 -2.98 -17.79
C ARG A 20 -24.44 -2.39 -16.81
N ALA A 21 -23.30 -1.95 -17.31
CA ALA A 21 -22.25 -1.36 -16.47
C ALA A 21 -22.68 -0.01 -15.94
N ARG A 22 -22.15 0.37 -14.78
CA ARG A 22 -22.47 1.64 -14.16
C ARG A 22 -21.21 2.42 -13.84
N VAL A 23 -21.22 3.72 -14.15
CA VAL A 23 -20.07 4.58 -13.90
C VAL A 23 -20.48 5.85 -13.15
N GLN A 24 -19.89 6.05 -11.97
CA GLN A 24 -20.20 7.22 -11.16
C GLN A 24 -18.96 8.07 -10.94
N LEU A 25 -19.11 9.38 -11.11
CA LEU A 25 -18.00 10.31 -10.93
C LEU A 25 -18.36 11.41 -9.94
N GLY A 26 -17.61 11.47 -8.84
CA GLY A 26 -17.87 12.48 -7.83
C GLY A 26 -17.83 11.92 -6.42
N ASN A 27 -18.24 12.73 -5.45
CA ASN A 27 -18.25 12.30 -4.06
C ASN A 27 -19.55 11.57 -3.72
N VAL A 28 -19.42 10.38 -3.14
CA VAL A 28 -20.58 9.58 -2.75
C VAL A 28 -20.56 9.25 -1.28
N VAL A 29 -21.62 9.64 -0.57
CA VAL A 29 -21.72 9.39 0.86
C VAL A 29 -22.94 8.53 1.18
N THR A 30 -22.73 7.46 1.93
CA THR A 30 -23.81 6.55 2.30
C THR A 30 -24.50 7.02 3.57
N ALA A 31 -25.70 6.50 3.82
CA ALA A 31 -26.47 6.87 5.00
C ALA A 31 -25.67 6.58 6.27
N ALA A 32 -24.88 5.52 6.25
CA ALA A 32 -24.06 5.15 7.39
C ALA A 32 -23.16 6.29 7.83
N ALA A 33 -22.65 7.05 6.85
CA ALA A 33 -21.77 8.16 7.12
C ALA A 33 -22.48 9.23 7.95
N LEU A 34 -22.26 9.18 9.27
CA LEU A 34 -22.88 10.15 10.17
C LEU A 34 -22.39 11.56 9.90
N HIS A 35 -23.17 12.31 9.13
CA HIS A 35 -22.82 13.69 8.79
C HIS A 35 -21.49 13.73 8.04
N GLY A 36 -21.50 13.31 6.79
CA GLY A 36 -20.30 13.30 5.98
C GLY A 36 -19.94 14.68 5.48
N GLY A 37 -19.17 15.42 6.28
CA GLY A 37 -18.77 16.76 5.90
C GLY A 37 -17.28 16.87 5.64
N ILE A 38 -16.71 15.83 5.05
CA ILE A 38 -15.28 15.80 4.75
C ILE A 38 -14.46 16.13 5.99
N ARG A 39 -14.46 15.22 6.95
CA ARG A 39 -13.71 15.42 8.19
C ARG A 39 -12.30 14.83 8.08
N ILE A 40 -11.49 15.42 7.19
CA ILE A 40 -10.13 14.95 7.00
C ILE A 40 -9.35 15.91 6.09
N SER A 41 -10.04 16.44 5.09
CA SER A 41 -9.42 17.37 4.14
C SER A 41 -8.16 16.76 3.54
N ASP A 42 -8.32 16.06 2.43
CA ASP A 42 -7.20 15.42 1.76
C ASP A 42 -6.90 16.12 0.42
N GLN A 43 -7.95 16.63 -0.22
CA GLN A 43 -7.80 17.31 -1.50
C GLN A 43 -7.14 16.40 -2.52
N THR A 44 -7.74 15.25 -2.77
CA THR A 44 -7.21 14.29 -3.73
C THR A 44 -7.93 14.41 -5.07
N THR A 45 -7.15 14.33 -6.16
CA THR A 45 -7.72 14.43 -7.50
C THR A 45 -7.70 13.08 -8.19
N ASN A 46 -8.82 12.71 -8.79
CA ASN A 46 -8.94 11.43 -9.50
C ASN A 46 -9.24 11.66 -10.98
N SER A 47 -8.34 11.16 -11.83
CA SER A 47 -8.50 11.32 -13.27
C SER A 47 -8.32 9.98 -13.98
N VAL A 48 -9.33 9.57 -14.75
CA VAL A 48 -9.28 8.31 -15.48
C VAL A 48 -9.15 8.55 -16.98
N GLU A 49 -8.25 7.81 -17.61
CA GLU A 49 -8.03 7.93 -19.04
C GLU A 49 -9.18 7.30 -19.83
N THR A 50 -9.16 5.97 -19.92
CA THR A 50 -10.19 5.25 -20.66
C THR A 50 -10.64 4.02 -19.88
N VAL A 51 -11.95 3.84 -19.77
CA VAL A 51 -12.51 2.70 -19.05
C VAL A 51 -13.36 1.83 -19.98
N VAL A 52 -12.97 0.56 -20.11
CA VAL A 52 -13.69 -0.38 -20.96
C VAL A 52 -14.24 -1.55 -20.16
N GLY A 53 -15.57 -1.69 -20.17
CA GLY A 53 -16.19 -2.77 -19.44
C GLY A 53 -16.90 -3.76 -20.34
N LYS A 54 -16.67 -5.05 -20.12
CA LYS A 54 -17.29 -6.10 -20.92
C LYS A 54 -18.24 -6.95 -20.07
N GLY A 55 -19.52 -6.92 -20.40
CA GLY A 55 -20.49 -7.69 -19.67
C GLY A 55 -20.53 -7.33 -18.19
N GLU A 56 -21.26 -6.27 -17.86
CA GLU A 56 -21.37 -5.82 -16.48
C GLU A 56 -20.03 -5.30 -15.97
N SER A 57 -20.03 -4.03 -15.55
CA SER A 57 -18.81 -3.41 -15.05
C SER A 57 -19.14 -2.24 -14.13
N ARG A 58 -18.31 -2.05 -13.10
CA ARG A 58 -18.52 -0.96 -12.14
C ARG A 58 -17.28 -0.09 -12.04
N VAL A 59 -17.47 1.22 -12.22
CA VAL A 59 -16.36 2.17 -12.15
C VAL A 59 -16.76 3.42 -11.38
N LEU A 60 -16.02 3.73 -10.33
CA LEU A 60 -16.30 4.90 -9.51
C LEU A 60 -15.08 5.84 -9.47
N ILE A 61 -15.27 7.07 -9.93
CA ILE A 61 -14.19 8.05 -9.94
C ILE A 61 -14.48 9.19 -8.95
N GLY A 62 -13.80 9.15 -7.81
CA GLY A 62 -13.99 10.18 -6.81
C GLY A 62 -13.74 9.68 -5.40
N ASN A 63 -14.35 10.33 -4.42
CA ASN A 63 -14.19 9.94 -3.02
C ASN A 63 -15.49 9.35 -2.47
N GLU A 64 -15.34 8.47 -1.48
CA GLU A 64 -16.50 7.84 -0.87
C GLU A 64 -16.46 7.98 0.66
N TYR A 65 -17.60 8.33 1.24
CA TYR A 65 -17.68 8.50 2.68
C TYR A 65 -18.75 7.60 3.28
N GLY A 66 -18.41 6.94 4.38
CA GLY A 66 -19.35 6.05 5.03
C GLY A 66 -19.40 4.67 4.38
N GLY A 67 -19.97 3.70 5.09
CA GLY A 67 -20.07 2.36 4.55
C GLY A 67 -19.83 1.30 5.62
N LYS A 68 -20.66 0.26 5.61
CA LYS A 68 -20.54 -0.83 6.57
C LYS A 68 -19.12 -1.37 6.61
N GLY A 69 -18.54 -1.59 5.43
CA GLY A 69 -17.18 -2.10 5.35
C GLY A 69 -16.33 -1.33 4.38
N PHE A 70 -16.88 -1.02 3.21
CA PHE A 70 -16.17 -0.28 2.18
C PHE A 70 -17.08 0.06 1.01
N TRP A 71 -16.49 0.47 -0.10
CA TRP A 71 -17.25 0.82 -1.29
C TRP A 71 -18.32 -0.22 -1.59
N ASP A 72 -17.89 -1.38 -2.09
CA ASP A 72 -18.81 -2.46 -2.42
C ASP A 72 -19.26 -3.18 -1.15
N ASN A 73 -20.01 -2.47 -0.30
CA ASN A 73 -20.50 -3.05 0.94
C ASN A 73 -21.22 -4.38 0.68
N HIS A 74 -20.60 -5.47 1.11
CA HIS A 74 -21.17 -6.80 0.93
C HIS A 74 -20.91 -7.67 2.14
N HIS A 75 -19.66 -7.71 2.59
CA HIS A 75 -19.28 -8.51 3.74
C HIS A 75 -19.50 -10.00 3.48
N HIS A 76 -18.42 -10.72 3.23
CA HIS A 76 -18.50 -12.16 2.96
C HIS A 76 -17.25 -12.87 3.47
N HIS A 77 -17.43 -14.13 3.87
CA HIS A 77 -16.32 -14.93 4.38
C HIS A 77 -16.68 -16.41 4.41
N HIS A 78 -15.71 -17.25 4.74
CA HIS A 78 -15.93 -18.69 4.80
C HIS A 78 -14.66 -19.42 5.21
N HIS A 79 -14.71 -20.75 5.19
CA HIS A 79 -13.54 -21.56 5.56
C HIS A 79 -13.18 -21.34 7.02
N MET B 1 5.87 14.84 12.51
CA MET B 1 4.97 14.84 11.36
C MET B 1 4.91 16.21 10.70
N LYS B 2 4.72 16.23 9.39
CA LYS B 2 4.64 17.49 8.65
C LYS B 2 4.33 17.23 7.18
N ILE B 3 3.70 18.20 6.54
CA ILE B 3 3.35 18.08 5.12
C ILE B 3 3.68 19.36 4.36
N ASP B 4 4.00 19.21 3.08
CA ASP B 4 4.34 20.35 2.24
C ASP B 4 4.02 20.06 0.77
N ALA B 5 4.65 19.01 0.24
CA ALA B 5 4.43 18.63 -1.15
C ALA B 5 2.96 18.31 -1.41
N ILE B 6 2.66 17.88 -2.63
CA ILE B 6 1.29 17.55 -3.01
C ILE B 6 0.67 16.58 -2.02
N VAL B 7 -0.64 16.39 -2.13
CA VAL B 7 -1.36 15.49 -1.24
C VAL B 7 -2.39 14.66 -2.00
N GLY B 8 -2.08 13.39 -2.21
CA GLY B 8 -2.99 12.52 -2.93
C GLY B 8 -3.11 12.87 -4.39
N ARG B 9 -2.92 11.89 -5.27
CA ARG B 9 -3.00 12.12 -6.70
C ARG B 9 -3.34 10.82 -7.44
N ASN B 10 -4.63 10.54 -7.58
CA ASN B 10 -5.08 9.34 -8.25
C ASN B 10 -5.14 9.55 -9.77
N SER B 11 -4.22 8.90 -10.48
CA SER B 11 -4.16 9.01 -11.94
C SER B 11 -4.25 7.64 -12.59
N ALA B 12 -5.02 7.56 -13.67
CA ALA B 12 -5.19 6.31 -14.40
C ALA B 12 -4.83 6.49 -15.87
N LYS B 13 -4.35 5.41 -16.49
CA LYS B 13 -3.98 5.44 -17.90
C LYS B 13 -4.89 4.53 -18.73
N ASP B 14 -5.35 3.45 -18.11
CA ASP B 14 -6.24 2.50 -18.79
C ASP B 14 -6.89 1.56 -17.79
N ILE B 15 -8.18 1.31 -17.99
CA ILE B 15 -8.92 0.42 -17.11
C ILE B 15 -9.85 -0.50 -17.89
N ARG B 16 -9.61 -1.80 -17.80
CA ARG B 16 -10.42 -2.78 -18.51
C ARG B 16 -10.89 -3.88 -17.57
N THR B 17 -12.20 -4.08 -17.50
CA THR B 17 -12.78 -5.10 -16.64
C THR B 17 -13.86 -5.90 -17.37
N GLU B 18 -14.21 -7.05 -16.82
CA GLU B 18 -15.23 -7.90 -17.41
C GLU B 18 -15.99 -8.69 -16.35
N GLU B 19 -17.10 -9.31 -16.74
CA GLU B 19 -17.91 -10.08 -15.82
C GLU B 19 -18.69 -9.16 -14.88
N ARG B 20 -17.98 -8.54 -13.94
CA ARG B 20 -18.61 -7.63 -12.98
C ARG B 20 -17.56 -7.06 -12.02
N ALA B 21 -16.40 -6.73 -12.55
CA ALA B 21 -15.32 -6.16 -11.74
C ALA B 21 -15.67 -4.75 -11.28
N ARG B 22 -15.04 -4.33 -10.19
CA ARG B 22 -15.28 -3.00 -9.64
C ARG B 22 -13.97 -2.22 -9.49
N VAL B 23 -13.99 -0.96 -9.90
CA VAL B 23 -12.81 -0.12 -9.81
C VAL B 23 -13.14 1.24 -9.19
N GLN B 24 -12.31 1.67 -8.24
CA GLN B 24 -12.52 2.94 -7.56
C GLN B 24 -11.26 3.79 -7.59
N LEU B 25 -11.42 5.08 -7.87
CA LEU B 25 -10.29 6.00 -7.93
C LEU B 25 -10.51 7.19 -7.00
N GLY B 26 -9.63 7.34 -6.02
CA GLY B 26 -9.74 8.44 -5.09
C GLY B 26 -9.57 8.01 -3.65
N ASN B 27 -9.90 8.90 -2.72
CA ASN B 27 -9.79 8.60 -1.29
C ASN B 27 -11.04 7.89 -0.78
N VAL B 28 -10.85 6.94 0.13
CA VAL B 28 -11.96 6.19 0.69
C VAL B 28 -11.94 6.25 2.22
N VAL B 29 -13.01 6.77 2.80
CA VAL B 29 -13.12 6.88 4.25
C VAL B 29 -14.35 6.16 4.77
N THR B 30 -14.13 5.17 5.64
CA THR B 30 -15.22 4.39 6.21
C THR B 30 -15.99 5.20 7.25
N ALA B 31 -17.16 4.71 7.62
CA ALA B 31 -17.99 5.39 8.61
C ALA B 31 -17.28 5.44 9.97
N ALA B 32 -16.53 4.40 10.28
CA ALA B 32 -15.81 4.33 11.54
C ALA B 32 -14.85 5.51 11.70
N ALA B 33 -14.26 5.93 10.59
CA ALA B 33 -13.32 7.05 10.60
C ALA B 33 -13.96 8.28 11.24
N LEU B 34 -15.27 8.39 11.13
CA LEU B 34 -16.00 9.51 11.70
C LEU B 34 -16.39 9.24 13.15
N HIS B 35 -16.12 10.22 14.01
CA HIS B 35 -16.45 10.09 15.44
C HIS B 35 -16.12 11.37 16.19
N GLY B 36 -15.03 12.03 15.78
CA GLY B 36 -14.62 13.26 16.43
C GLY B 36 -13.32 13.11 17.18
N GLY B 37 -12.40 14.06 16.96
CA GLY B 37 -11.11 14.01 17.62
C GLY B 37 -10.12 14.97 17.01
N ILE B 38 -10.30 15.29 15.74
CA ILE B 38 -9.40 16.20 15.05
C ILE B 38 -7.99 15.64 14.96
N ARG B 39 -7.73 14.83 13.93
CA ARG B 39 -6.43 14.22 13.74
C ARG B 39 -6.39 13.38 12.47
N ILE B 40 -5.65 13.85 11.48
CA ILE B 40 -5.53 13.14 10.21
C ILE B 40 -4.18 13.39 9.56
N SER B 41 -3.93 12.70 8.45
CA SER B 41 -2.67 12.85 7.74
C SER B 41 -2.64 11.96 6.49
N ASP B 42 -2.25 12.54 5.36
CA ASP B 42 -2.18 11.80 4.11
C ASP B 42 -1.69 12.70 2.98
N GLN B 43 -0.89 12.14 2.08
CA GLN B 43 -0.34 12.89 0.96
C GLN B 43 0.43 11.96 0.02
N THR B 44 -0.11 10.77 -0.21
CA THR B 44 0.54 9.80 -1.09
C THR B 44 -0.13 9.78 -2.46
N THR B 45 0.67 9.94 -3.50
CA THR B 45 0.16 9.93 -4.87
C THR B 45 0.22 8.53 -5.48
N ASN B 46 -0.87 8.12 -6.10
CA ASN B 46 -0.95 6.81 -6.73
C ASN B 46 -1.37 6.92 -8.19
N SER B 47 -0.61 6.27 -9.07
CA SER B 47 -0.91 6.30 -10.50
C SER B 47 -0.85 4.90 -11.10
N VAL B 48 -1.95 4.48 -11.72
CA VAL B 48 -2.01 3.16 -12.34
C VAL B 48 -1.93 3.25 -13.86
N GLU B 49 -1.13 2.39 -14.46
CA GLU B 49 -0.96 2.37 -15.91
C GLU B 49 -2.15 1.69 -16.58
N THR B 50 -2.18 0.36 -16.54
CA THR B 50 -3.26 -0.39 -17.15
C THR B 50 -3.75 -1.50 -16.22
N VAL B 51 -5.07 -1.59 -16.06
CA VAL B 51 -5.67 -2.60 -15.20
C VAL B 51 -6.56 -3.54 -15.99
N VAL B 52 -6.23 -4.83 -15.95
CA VAL B 52 -7.01 -5.83 -16.67
C VAL B 52 -7.61 -6.86 -15.71
N GLY B 53 -8.93 -6.96 -15.71
CA GLY B 53 -9.61 -7.90 -14.83
C GLY B 53 -10.31 -9.00 -15.60
N LYS B 54 -10.11 -10.24 -15.15
CA LYS B 54 -10.72 -11.39 -15.80
C LYS B 54 -11.69 -12.11 -14.85
N GLY B 55 -12.96 -12.11 -15.21
CA GLY B 55 -13.97 -12.76 -14.39
C GLY B 55 -13.93 -12.28 -12.96
N GLU B 56 -14.60 -11.15 -12.69
CA GLU B 56 -14.63 -10.58 -11.36
C GLU B 56 -13.26 -10.10 -10.93
N SER B 57 -13.14 -8.81 -10.64
CA SER B 57 -11.87 -8.22 -10.23
C SER B 57 -12.11 -6.94 -9.43
N ARG B 58 -11.23 -6.68 -8.46
CA ARG B 58 -11.34 -5.49 -7.63
C ARG B 58 -10.04 -4.67 -7.68
N VAL B 59 -10.18 -3.39 -8.01
CA VAL B 59 -9.03 -2.50 -8.09
C VAL B 59 -9.33 -1.15 -7.44
N LEU B 60 -8.52 -0.77 -6.46
CA LEU B 60 -8.70 0.49 -5.77
C LEU B 60 -7.45 1.37 -5.91
N ILE B 61 -7.64 2.57 -6.45
CA ILE B 61 -6.53 3.50 -6.63
C ILE B 61 -6.69 4.72 -5.73
N GLY B 62 -5.90 4.76 -4.66
CA GLY B 62 -5.97 5.87 -3.73
C GLY B 62 -5.59 5.48 -2.32
N ASN B 63 -6.31 6.01 -1.34
CA ASN B 63 -6.04 5.71 0.06
C ASN B 63 -7.30 5.27 0.78
N GLU B 64 -7.16 4.35 1.73
CA GLU B 64 -8.28 3.83 2.49
C GLU B 64 -8.15 4.17 3.97
N TYR B 65 -9.24 4.61 4.57
CA TYR B 65 -9.24 4.98 5.98
C TYR B 65 -10.25 4.14 6.77
N GLY B 66 -9.78 3.49 7.82
CA GLY B 66 -10.65 2.67 8.63
C GLY B 66 -11.19 1.47 7.87
N GLY B 67 -11.90 0.59 8.58
CA GLY B 67 -12.46 -0.59 7.94
C GLY B 67 -12.30 -1.83 8.80
N LYS B 68 -11.57 -1.71 9.90
CA LYS B 68 -11.34 -2.83 10.81
C LYS B 68 -10.56 -3.93 10.12
N GLY B 69 -9.28 -3.68 9.86
CA GLY B 69 -8.44 -4.66 9.20
C GLY B 69 -7.73 -4.11 7.98
N PHE B 70 -8.16 -4.55 6.81
CA PHE B 70 -7.55 -4.09 5.56
C PHE B 70 -8.60 -3.44 4.65
N TRP B 71 -9.43 -4.27 4.04
CA TRP B 71 -10.47 -3.78 3.14
C TRP B 71 -11.80 -3.65 3.88
N ASP B 72 -12.35 -4.78 4.32
CA ASP B 72 -13.61 -4.80 5.04
C ASP B 72 -13.45 -5.44 6.41
N ASN B 73 -12.70 -6.54 6.46
CA ASN B 73 -12.47 -7.25 7.71
C ASN B 73 -11.53 -8.44 7.50
N HIS B 74 -12.01 -9.43 6.75
CA HIS B 74 -11.21 -10.62 6.48
C HIS B 74 -10.86 -11.36 7.76
N HIS B 75 -11.77 -12.21 8.21
CA HIS B 75 -11.56 -12.98 9.44
C HIS B 75 -10.39 -13.96 9.27
N HIS B 76 -10.13 -14.74 10.32
CA HIS B 76 -9.04 -15.71 10.29
C HIS B 76 -9.19 -16.72 11.41
N HIS B 77 -8.24 -17.64 11.50
CA HIS B 77 -8.27 -18.67 12.54
C HIS B 77 -6.86 -19.19 12.83
N HIS B 78 -6.69 -19.82 13.99
CA HIS B 78 -5.39 -20.36 14.38
C HIS B 78 -5.44 -21.88 14.45
N HIS B 79 -4.33 -22.47 14.89
CA HIS B 79 -4.25 -23.93 15.01
C HIS B 79 -3.32 -24.33 16.16
N MET C 1 -9.32 20.33 -6.38
CA MET C 1 -8.37 20.18 -7.48
C MET C 1 -6.98 20.65 -7.07
N LYS C 2 -6.11 19.70 -6.75
CA LYS C 2 -4.75 20.02 -6.34
C LYS C 2 -3.82 20.06 -7.54
N ILE C 3 -3.37 21.26 -7.89
CA ILE C 3 -2.47 21.43 -9.03
C ILE C 3 -1.05 21.73 -8.56
N ASP C 4 -0.12 20.85 -8.92
CA ASP C 4 1.28 21.02 -8.53
C ASP C 4 2.14 19.88 -9.09
N ALA C 5 3.41 19.86 -8.70
CA ALA C 5 4.33 18.83 -9.16
C ALA C 5 4.20 17.57 -8.32
N ILE C 6 4.18 16.42 -9.00
CA ILE C 6 4.07 15.14 -8.31
C ILE C 6 5.42 14.67 -7.79
N VAL C 7 5.51 14.45 -6.48
CA VAL C 7 6.74 14.00 -5.86
C VAL C 7 7.00 12.52 -6.16
N GLY C 8 5.92 11.76 -6.28
CA GLY C 8 6.05 10.33 -6.57
C GLY C 8 6.02 9.49 -5.31
N ARG C 9 5.00 8.66 -5.18
CA ARG C 9 4.86 7.78 -4.02
C ARG C 9 4.44 6.38 -4.44
N ASN C 10 3.50 6.30 -5.37
CA ASN C 10 3.02 5.01 -5.86
C ASN C 10 2.80 5.05 -7.37
N SER C 11 3.52 4.18 -8.08
CA SER C 11 3.42 4.12 -9.53
C SER C 11 3.18 2.68 -9.99
N ALA C 12 2.35 2.51 -11.01
CA ALA C 12 2.05 1.19 -11.55
C ALA C 12 2.33 1.13 -13.04
N LYS C 13 2.77 -0.03 -13.51
CA LYS C 13 3.07 -0.22 -14.93
C LYS C 13 2.05 -1.15 -15.59
N ASP C 14 1.62 -2.17 -14.85
CA ASP C 14 0.64 -3.12 -15.36
C ASP C 14 0.05 -3.96 -14.23
N ILE C 15 -1.26 -4.15 -14.27
CA ILE C 15 -1.95 -4.94 -13.25
C ILE C 15 -3.01 -5.84 -13.87
N ARG C 16 -2.82 -7.15 -13.71
CA ARG C 16 -3.76 -8.12 -14.25
C ARG C 16 -4.15 -9.15 -13.19
N THR C 17 -5.46 -9.30 -12.98
CA THR C 17 -5.97 -10.25 -12.00
C THR C 17 -7.13 -11.06 -12.56
N GLU C 18 -7.46 -12.15 -11.88
CA GLU C 18 -8.56 -13.01 -12.31
C GLU C 18 -9.29 -13.60 -11.12
N GLU C 19 -10.45 -14.20 -11.38
CA GLU C 19 -11.25 -14.81 -10.32
C GLU C 19 -11.94 -13.74 -9.48
N ARG C 20 -11.16 -13.08 -8.64
CA ARG C 20 -11.69 -12.02 -7.77
C ARG C 20 -10.59 -11.42 -6.91
N ALA C 21 -9.41 -11.24 -7.51
CA ALA C 21 -8.27 -10.67 -6.79
C ALA C 21 -8.50 -9.19 -6.52
N ARG C 22 -7.80 -8.67 -5.50
CA ARG C 22 -7.93 -7.27 -5.13
C ARG C 22 -6.56 -6.58 -5.14
N VAL C 23 -6.51 -5.39 -5.72
CA VAL C 23 -5.26 -4.63 -5.79
C VAL C 23 -5.45 -3.22 -5.25
N GLN C 24 -4.68 -2.86 -4.24
CA GLN C 24 -4.76 -1.54 -3.63
C GLN C 24 -3.52 -0.70 -3.99
N LEU C 25 -3.76 0.46 -4.58
CA LEU C 25 -2.68 1.36 -4.96
C LEU C 25 -2.68 2.62 -4.12
N GLY C 26 -1.60 2.85 -3.38
CA GLY C 26 -1.49 4.02 -2.54
C GLY C 26 -1.26 3.67 -1.08
N ASN C 27 -1.39 4.66 -0.20
CA ASN C 27 -1.19 4.45 1.22
C ASN C 27 -2.47 3.95 1.89
N VAL C 28 -2.31 3.16 2.95
CA VAL C 28 -3.45 2.63 3.68
C VAL C 28 -3.36 2.94 5.16
N VAL C 29 -4.37 3.63 5.68
CA VAL C 29 -4.40 4.00 7.10
C VAL C 29 -5.58 3.32 7.81
N THR C 30 -5.28 2.67 8.93
CA THR C 30 -6.31 1.99 9.72
C THR C 30 -7.10 2.98 10.56
N ALA C 31 -8.24 2.53 11.06
CA ALA C 31 -9.10 3.37 11.89
C ALA C 31 -8.39 3.77 13.17
N ALA C 32 -7.56 2.88 13.70
CA ALA C 32 -6.81 3.15 14.92
C ALA C 32 -5.98 4.41 14.79
N ALA C 33 -5.36 4.59 13.62
CA ALA C 33 -4.53 5.76 13.37
C ALA C 33 -5.27 7.04 13.70
N LEU C 34 -4.93 7.65 14.83
CA LEU C 34 -5.56 8.90 15.26
C LEU C 34 -4.96 9.39 16.56
N HIS C 35 -5.23 8.67 17.64
CA HIS C 35 -4.70 9.03 18.96
C HIS C 35 -3.76 7.96 19.49
N GLY C 36 -3.29 8.14 20.72
CA GLY C 36 -2.39 7.18 21.32
C GLY C 36 -1.02 7.21 20.68
N GLY C 37 -0.41 8.39 20.63
CA GLY C 37 0.91 8.52 20.03
C GLY C 37 1.06 9.82 19.26
N ILE C 38 0.13 10.08 18.35
CA ILE C 38 0.17 11.29 17.53
C ILE C 38 1.50 11.42 16.79
N ARG C 39 1.66 10.62 15.74
CA ARG C 39 2.88 10.65 14.94
C ARG C 39 2.69 9.90 13.63
N ILE C 40 2.44 10.64 12.56
CA ILE C 40 2.24 10.04 11.24
C ILE C 40 3.07 10.75 10.18
N SER C 41 3.71 9.96 9.32
CA SER C 41 4.54 10.51 8.26
C SER C 41 5.12 9.40 7.39
N ASP C 42 5.52 9.76 6.17
CA ASP C 42 6.09 8.79 5.24
C ASP C 42 6.62 9.49 3.99
N GLN C 43 7.72 8.97 3.45
CA GLN C 43 8.33 9.54 2.26
C GLN C 43 8.96 8.45 1.39
N THR C 44 8.39 7.25 1.45
CA THR C 44 8.89 6.13 0.67
C THR C 44 8.16 6.01 -0.66
N THR C 45 8.93 5.75 -1.71
CA THR C 45 8.36 5.61 -3.05
C THR C 45 8.31 4.15 -3.49
N ASN C 46 7.15 3.72 -3.99
CA ASN C 46 6.98 2.34 -4.43
C ASN C 46 6.47 2.31 -5.87
N SER C 47 7.04 1.41 -6.68
CA SER C 47 6.64 1.27 -8.07
C SER C 47 6.64 -0.20 -8.49
N VAL C 48 5.50 -0.67 -8.98
CA VAL C 48 5.38 -2.05 -9.42
C VAL C 48 5.34 -2.15 -10.95
N GLU C 49 6.04 -3.14 -11.50
CA GLU C 49 6.09 -3.33 -12.94
C GLU C 49 4.82 -4.01 -13.44
N THR C 50 4.73 -5.32 -13.21
CA THR C 50 3.57 -6.08 -13.64
C THR C 50 3.10 -7.03 -12.55
N VAL C 51 1.80 -7.02 -12.29
CA VAL C 51 1.21 -7.88 -11.25
C VAL C 51 0.23 -8.88 -11.86
N VAL C 52 0.51 -10.16 -11.67
CA VAL C 52 -0.36 -11.21 -12.20
C VAL C 52 -0.92 -12.07 -11.07
N GLY C 53 -2.25 -12.10 -10.96
CA GLY C 53 -2.89 -12.89 -9.93
C GLY C 53 -3.66 -14.06 -10.48
N LYS C 54 -3.46 -15.23 -9.88
CA LYS C 54 -4.14 -16.44 -10.33
C LYS C 54 -5.10 -16.97 -9.24
N GLY C 55 -6.38 -16.98 -9.55
CA GLY C 55 -7.37 -17.46 -8.60
C GLY C 55 -7.21 -16.83 -7.23
N GLU C 56 -7.81 -15.66 -7.03
CA GLU C 56 -7.72 -14.96 -5.77
C GLU C 56 -6.29 -14.50 -5.49
N SER C 57 -6.11 -13.19 -5.38
CA SER C 57 -4.79 -12.62 -5.12
C SER C 57 -4.91 -11.23 -4.50
N ARG C 58 -3.93 -10.89 -3.66
CA ARG C 58 -3.92 -9.59 -3.00
C ARG C 58 -2.61 -8.86 -3.24
N VAL C 59 -2.70 -7.63 -3.72
CA VAL C 59 -1.52 -6.81 -3.99
C VAL C 59 -1.71 -5.38 -3.54
N LEU C 60 -0.81 -4.90 -2.69
CA LEU C 60 -0.88 -3.54 -2.17
C LEU C 60 0.42 -2.80 -2.41
N ILE C 61 0.34 -1.67 -3.11
CA ILE C 61 1.52 -0.87 -3.41
C ILE C 61 1.46 0.47 -2.68
N GLY C 62 2.26 0.59 -1.61
CA GLY C 62 2.28 1.82 -0.84
C GLY C 62 2.57 1.58 0.63
N ASN C 63 2.59 2.65 1.41
CA ASN C 63 2.86 2.55 2.84
C ASN C 63 1.56 2.34 3.62
N GLU C 64 1.65 1.56 4.69
CA GLU C 64 0.49 1.27 5.53
C GLU C 64 0.72 1.74 6.96
N TYR C 65 -0.19 2.56 7.47
CA TYR C 65 -0.09 3.08 8.83
C TYR C 65 -1.24 2.57 9.70
N GLY C 66 -0.92 2.24 10.94
CA GLY C 66 -1.93 1.74 11.86
C GLY C 66 -2.07 0.23 11.80
N GLY C 67 -1.52 -0.37 10.76
CA GLY C 67 -1.61 -1.81 10.61
C GLY C 67 -0.79 -2.55 11.64
N LYS C 68 -1.40 -2.81 12.80
CA LYS C 68 -0.72 -3.51 13.88
C LYS C 68 -0.25 -4.89 13.43
N GLY C 69 1.03 -4.98 13.07
CA GLY C 69 1.59 -6.24 12.61
C GLY C 69 0.93 -6.74 11.35
N PHE C 70 1.63 -6.62 10.22
CA PHE C 70 1.11 -7.06 8.93
C PHE C 70 -0.14 -6.26 8.55
N TRP C 71 -0.85 -6.75 7.55
CA TRP C 71 -2.07 -6.08 7.09
C TRP C 71 -3.00 -5.76 8.24
N ASP C 72 -3.16 -6.73 9.14
CA ASP C 72 -4.02 -6.55 10.31
C ASP C 72 -3.92 -7.74 11.26
N ASN C 73 -4.81 -7.79 12.24
CA ASN C 73 -4.81 -8.88 13.21
C ASN C 73 -6.24 -9.23 13.63
N HIS C 74 -6.83 -8.37 14.45
CA HIS C 74 -8.19 -8.59 14.92
C HIS C 74 -8.65 -7.45 15.82
N HIS C 75 -9.81 -7.63 16.46
CA HIS C 75 -10.36 -6.61 17.36
C HIS C 75 -10.04 -6.95 18.81
N HIS C 76 -9.98 -8.23 19.12
CA HIS C 76 -9.70 -8.68 20.47
C HIS C 76 -8.68 -9.82 20.46
N HIS C 77 -8.38 -10.35 21.64
CA HIS C 77 -7.42 -11.44 21.77
C HIS C 77 -7.64 -12.22 23.06
N HIS C 78 -7.66 -13.55 22.95
CA HIS C 78 -7.88 -14.40 24.11
C HIS C 78 -7.54 -15.85 23.78
N HIS C 79 -6.48 -16.37 24.40
CA HIS C 79 -6.05 -17.75 24.17
C HIS C 79 -5.23 -18.26 25.35
N MET D 1 -1.82 7.53 -21.80
CA MET D 1 -0.74 7.74 -22.75
C MET D 1 0.22 8.82 -22.25
N LYS D 2 0.64 8.70 -21.00
CA LYS D 2 1.55 9.66 -20.39
C LYS D 2 2.33 9.03 -19.24
N ILE D 3 3.56 8.63 -19.52
CA ILE D 3 4.41 8.01 -18.50
C ILE D 3 5.62 8.89 -18.19
N ASP D 4 6.02 8.91 -16.92
CA ASP D 4 7.16 9.71 -16.50
C ASP D 4 7.50 9.43 -15.03
N ALA D 5 8.78 9.41 -14.72
CA ALA D 5 9.23 9.17 -13.36
C ALA D 5 8.80 7.79 -12.87
N ILE D 6 9.74 6.85 -12.87
CA ILE D 6 9.45 5.48 -12.43
C ILE D 6 10.59 4.92 -11.59
N VAL D 7 10.78 5.50 -10.40
CA VAL D 7 11.84 5.06 -9.51
C VAL D 7 11.48 5.33 -8.05
N GLY D 8 12.18 4.67 -7.14
CA GLY D 8 11.92 4.86 -5.72
C GLY D 8 12.49 3.74 -4.87
N ARG D 9 12.28 3.83 -3.57
CA ARG D 9 12.78 2.82 -2.64
C ARG D 9 12.31 1.42 -3.05
N ASN D 10 11.01 1.21 -2.99
CA ASN D 10 10.43 -0.09 -3.37
C ASN D 10 10.24 -0.19 -4.87
N SER D 11 10.86 -1.20 -5.48
CA SER D 11 10.76 -1.41 -6.91
C SER D 11 10.48 -2.87 -7.23
N ALA D 12 9.58 -3.09 -8.18
CA ALA D 12 9.22 -4.45 -8.58
C ALA D 12 9.27 -4.61 -10.10
N LYS D 13 9.89 -5.68 -10.56
CA LYS D 13 10.01 -5.95 -11.99
C LYS D 13 8.91 -6.91 -12.46
N ASP D 14 8.50 -7.80 -11.56
CA ASP D 14 7.46 -8.78 -11.87
C ASP D 14 6.94 -9.46 -10.60
N ILE D 15 5.63 -9.61 -10.52
CA ILE D 15 5.00 -10.23 -9.37
C ILE D 15 3.87 -11.17 -9.79
N ARG D 16 4.03 -12.46 -9.50
CA ARG D 16 3.02 -13.44 -9.84
C ARG D 16 2.66 -14.31 -8.63
N THR D 17 1.38 -14.37 -8.32
CA THR D 17 0.90 -15.16 -7.18
C THR D 17 -0.33 -15.97 -7.56
N GLU D 18 -0.66 -16.96 -6.72
CA GLU D 18 -1.82 -17.80 -6.96
C GLU D 18 -2.48 -18.22 -5.65
N GLU D 19 -3.67 -18.80 -5.75
CA GLU D 19 -4.41 -19.23 -4.57
C GLU D 19 -4.98 -18.04 -3.81
N ARG D 20 -4.11 -17.33 -3.09
CA ARG D 20 -4.53 -16.17 -2.32
C ARG D 20 -3.34 -15.54 -1.60
N ALA D 21 -2.25 -15.34 -2.34
CA ALA D 21 -1.05 -14.74 -1.76
C ALA D 21 -1.20 -13.23 -1.62
N ARG D 22 -0.42 -12.65 -0.71
CA ARG D 22 -0.47 -11.21 -0.48
C ARG D 22 0.92 -10.59 -0.62
N VAL D 23 0.98 -9.47 -1.33
CA VAL D 23 2.25 -8.77 -1.54
C VAL D 23 2.14 -7.30 -1.14
N GLN D 24 3.00 -6.89 -0.20
CA GLN D 24 3.00 -5.51 0.27
C GLN D 24 4.28 -4.80 -0.15
N LEU D 25 4.11 -3.64 -0.77
CA LEU D 25 5.25 -2.85 -1.23
C LEU D 25 5.32 -1.51 -0.50
N GLY D 26 6.40 -1.30 0.24
CA GLY D 26 6.58 -0.06 0.97
C GLY D 26 6.94 -0.30 2.42
N ASN D 27 6.86 0.76 3.23
CA ASN D 27 7.19 0.66 4.65
C ASN D 27 5.92 0.50 5.50
N VAL D 28 5.92 -0.51 6.36
CA VAL D 28 4.77 -0.77 7.23
C VAL D 28 5.04 -0.28 8.64
N VAL D 29 4.14 0.57 9.15
CA VAL D 29 4.28 1.11 10.50
C VAL D 29 3.05 0.77 11.35
N THR D 30 3.30 0.20 12.52
CA THR D 30 2.22 -0.16 13.43
C THR D 30 1.54 1.07 14.02
N ALA D 31 0.48 0.85 14.79
CA ALA D 31 -0.25 1.96 15.41
C ALA D 31 0.64 2.74 16.37
N ALA D 32 1.46 2.01 17.13
CA ALA D 32 2.37 2.63 18.09
C ALA D 32 3.30 3.61 17.40
N ALA D 33 3.77 3.25 16.21
CA ALA D 33 4.67 4.10 15.45
C ALA D 33 5.91 4.45 16.26
N LEU D 34 6.77 5.30 15.70
CA LEU D 34 7.99 5.73 16.37
C LEU D 34 7.68 6.67 17.53
N HIS D 35 7.98 6.22 18.74
CA HIS D 35 7.73 7.03 19.93
C HIS D 35 9.02 7.66 20.43
N GLY D 36 9.96 7.89 19.52
CA GLY D 36 11.22 8.49 19.89
C GLY D 36 11.40 9.88 19.30
N GLY D 37 11.10 10.02 18.01
CA GLY D 37 11.23 11.30 17.35
C GLY D 37 10.21 11.49 16.25
N ILE D 38 9.95 12.75 15.90
CA ILE D 38 8.99 13.08 14.85
C ILE D 38 9.67 13.19 13.50
N ARG D 39 8.94 12.84 12.45
CA ARG D 39 9.47 12.90 11.09
C ARG D 39 10.67 11.97 10.93
N ILE D 40 11.36 12.10 9.80
CA ILE D 40 12.53 11.26 9.52
C ILE D 40 12.14 9.79 9.41
N SER D 41 12.13 9.28 8.18
CA SER D 41 11.78 7.88 7.94
C SER D 41 12.99 7.08 7.49
N ASP D 42 12.75 5.85 7.06
CA ASP D 42 13.83 4.98 6.59
C ASP D 42 14.54 5.58 5.39
N GLN D 43 15.55 4.88 4.88
CA GLN D 43 16.31 5.35 3.74
C GLN D 43 16.94 4.18 2.99
N THR D 44 16.33 3.00 3.12
CA THR D 44 16.84 1.81 2.45
C THR D 44 16.04 1.51 1.18
N THR D 45 16.75 1.30 0.08
CA THR D 45 16.12 1.00 -1.20
C THR D 45 16.06 -0.50 -1.45
N ASN D 46 14.86 -1.03 -1.61
CA ASN D 46 14.67 -2.45 -1.87
C ASN D 46 13.94 -2.68 -3.19
N SER D 47 14.43 -3.64 -3.97
CA SER D 47 13.82 -3.96 -5.25
C SER D 47 13.85 -5.46 -5.51
N VAL D 48 12.68 -6.03 -5.78
CA VAL D 48 12.56 -7.46 -6.04
C VAL D 48 12.35 -7.73 -7.53
N GLU D 49 13.25 -8.51 -8.12
CA GLU D 49 13.17 -8.85 -9.54
C GLU D 49 11.82 -9.49 -9.86
N THR D 50 11.72 -10.80 -9.60
CA THR D 50 10.49 -11.53 -9.86
C THR D 50 10.04 -12.32 -8.64
N VAL D 51 8.74 -12.28 -8.36
CA VAL D 51 8.19 -13.00 -7.22
C VAL D 51 7.19 -14.06 -7.67
N VAL D 52 7.47 -15.32 -7.32
CA VAL D 52 6.60 -16.43 -7.68
C VAL D 52 6.02 -17.10 -6.44
N GLY D 53 4.70 -17.05 -6.30
CA GLY D 53 4.06 -17.66 -5.15
C GLY D 53 3.25 -18.88 -5.53
N LYS D 54 3.43 -19.97 -4.78
CA LYS D 54 2.71 -21.21 -5.04
C LYS D 54 1.77 -21.55 -3.89
N GLY D 55 0.47 -21.62 -4.18
CA GLY D 55 -0.51 -21.94 -3.16
C GLY D 55 -0.33 -21.11 -1.91
N GLU D 56 -0.78 -19.86 -1.94
CA GLU D 56 -0.66 -18.96 -0.81
C GLU D 56 0.79 -18.58 -0.56
N SER D 57 1.07 -17.29 -0.52
CA SER D 57 2.42 -16.79 -0.30
C SER D 57 2.40 -15.38 0.28
N ARG D 58 3.51 -14.97 0.89
CA ARG D 58 3.61 -13.65 1.47
C ARG D 58 4.93 -12.98 1.07
N VAL D 59 4.84 -11.77 0.54
CA VAL D 59 6.02 -11.02 0.12
C VAL D 59 5.91 -9.56 0.51
N LEU D 60 6.90 -9.07 1.26
CA LEU D 60 6.93 -7.69 1.71
C LEU D 60 8.25 -7.03 1.35
N ILE D 61 8.17 -5.91 0.63
CA ILE D 61 9.36 -5.17 0.23
C ILE D 61 9.43 -3.83 0.93
N GLY D 62 10.32 -3.72 1.92
CA GLY D 62 10.47 -2.48 2.65
C GLY D 62 10.88 -2.70 4.09
N ASN D 63 10.37 -1.85 4.99
CA ASN D 63 10.69 -1.97 6.41
C ASN D 63 9.42 -2.11 7.23
N GLU D 64 9.48 -2.96 8.25
CA GLU D 64 8.34 -3.19 9.13
C GLU D 64 8.60 -2.66 10.52
N TYR D 65 7.62 -1.95 11.08
CA TYR D 65 7.76 -1.38 12.42
C TYR D 65 6.60 -1.82 13.31
N GLY D 66 6.93 -2.40 14.45
CA GLY D 66 5.92 -2.86 15.38
C GLY D 66 5.80 -4.37 15.43
N GLY D 67 4.60 -4.86 15.71
CA GLY D 67 4.38 -6.28 15.78
C GLY D 67 5.25 -6.96 16.83
N LYS D 68 5.77 -6.16 17.76
CA LYS D 68 6.62 -6.69 18.82
C LYS D 68 7.76 -7.52 18.24
N GLY D 69 8.19 -7.17 17.03
CA GLY D 69 9.27 -7.90 16.39
C GLY D 69 8.76 -8.87 15.33
N PHE D 70 9.33 -8.77 14.13
CA PHE D 70 8.93 -9.64 13.03
C PHE D 70 7.44 -9.49 12.72
N TRP D 71 6.99 -10.16 11.67
CA TRP D 71 5.59 -10.11 11.27
C TRP D 71 4.68 -10.40 12.46
N ASP D 72 5.11 -11.29 13.33
CA ASP D 72 4.34 -11.67 14.51
C ASP D 72 5.24 -11.88 15.71
N ASN D 73 4.64 -11.92 16.90
CA ASN D 73 5.39 -12.12 18.13
C ASN D 73 5.18 -13.52 18.68
N HIS D 74 6.12 -13.99 19.50
CA HIS D 74 6.04 -15.31 20.10
C HIS D 74 7.12 -15.51 21.14
N HIS D 75 6.85 -16.37 22.12
CA HIS D 75 7.82 -16.65 23.19
C HIS D 75 7.98 -18.15 23.39
N HIS D 76 9.01 -18.53 24.13
CA HIS D 76 9.28 -19.94 24.40
C HIS D 76 9.91 -20.12 25.78
N HIS D 77 11.12 -19.59 25.95
CA HIS D 77 11.82 -19.69 27.22
C HIS D 77 11.53 -18.49 28.11
N HIS D 78 11.24 -18.75 29.38
CA HIS D 78 10.93 -17.68 30.33
C HIS D 78 12.18 -17.27 31.10
N HIS D 79 12.43 -15.96 31.14
CA HIS D 79 13.59 -15.43 31.85
C HIS D 79 13.51 -13.92 31.96
N MET E 1 4.85 2.70 -19.44
CA MET E 1 5.17 1.37 -19.92
C MET E 1 6.67 1.23 -20.19
N LYS E 2 7.25 2.26 -20.81
CA LYS E 2 8.67 2.25 -21.13
C LYS E 2 9.48 2.91 -20.01
N ILE E 3 10.35 2.12 -19.39
CA ILE E 3 11.18 2.63 -18.31
C ILE E 3 12.62 2.11 -18.43
N ASP E 4 13.49 2.58 -17.55
CA ASP E 4 14.89 2.16 -17.55
C ASP E 4 15.66 2.81 -16.41
N ALA E 5 15.49 2.26 -15.21
CA ALA E 5 16.17 2.78 -14.03
C ALA E 5 15.85 1.93 -12.80
N ILE E 6 16.90 1.55 -12.07
CA ILE E 6 16.73 0.74 -10.87
C ILE E 6 18.06 0.53 -10.15
N VAL E 7 18.07 0.77 -8.85
CA VAL E 7 19.27 0.60 -8.04
C VAL E 7 19.00 0.88 -6.57
N GLY E 8 19.58 0.06 -5.70
CA GLY E 8 19.38 0.22 -4.28
C GLY E 8 20.21 -0.75 -3.46
N ARG E 9 20.04 -0.71 -2.15
CA ARG E 9 20.79 -1.59 -1.24
C ARG E 9 20.25 -3.01 -1.33
N ASN E 10 18.96 -3.18 -1.06
CA ASN E 10 18.33 -4.48 -1.10
C ASN E 10 17.92 -4.85 -2.52
N SER E 11 18.52 -5.91 -3.05
CA SER E 11 18.23 -6.36 -4.40
C SER E 11 17.92 -7.86 -4.42
N ALA E 12 16.97 -8.24 -5.28
CA ALA E 12 16.57 -9.64 -5.39
C ALA E 12 16.54 -10.08 -6.84
N LYS E 13 17.08 -11.26 -7.11
CA LYS E 13 17.11 -11.81 -8.47
C LYS E 13 15.83 -12.59 -8.77
N ASP E 14 15.39 -13.38 -7.80
CA ASP E 14 14.18 -14.17 -7.97
C ASP E 14 13.79 -14.85 -6.66
N ILE E 15 12.49 -14.86 -6.36
CA ILE E 15 12.00 -15.48 -5.13
C ILE E 15 10.80 -16.38 -5.42
N ARG E 16 10.95 -17.67 -5.15
CA ARG E 16 9.88 -18.63 -5.37
C ARG E 16 9.60 -19.43 -4.11
N THR E 17 8.35 -19.41 -3.66
CA THR E 17 7.94 -20.13 -2.47
C THR E 17 6.62 -20.87 -2.68
N GLU E 18 6.32 -21.81 -1.79
CA GLU E 18 5.09 -22.58 -1.88
C GLU E 18 4.49 -22.83 -0.50
N GLU E 19 3.24 -23.31 -0.48
CA GLU E 19 2.56 -23.58 0.79
C GLU E 19 2.16 -22.29 1.49
N ARG E 20 3.13 -21.62 2.08
CA ARG E 20 2.89 -20.37 2.79
C ARG E 20 4.18 -19.81 3.38
N ALA E 21 5.05 -19.32 2.52
CA ALA E 21 6.32 -18.75 2.95
C ALA E 21 6.27 -17.22 2.96
N ARG E 22 7.14 -16.61 3.75
CA ARG E 22 7.20 -15.15 3.84
C ARG E 22 8.59 -14.64 3.52
N VAL E 23 8.66 -13.60 2.70
CA VAL E 23 9.95 -13.01 2.31
C VAL E 23 9.94 -11.50 2.53
N GLN E 24 10.87 -11.02 3.35
CA GLN E 24 10.98 -9.60 3.63
C GLN E 24 12.28 -9.02 3.07
N LEU E 25 12.16 -7.92 2.34
CA LEU E 25 13.33 -7.28 1.75
C LEU E 25 13.54 -5.89 2.34
N GLY E 26 14.68 -5.69 3.00
CA GLY E 26 14.98 -4.41 3.60
C GLY E 26 15.38 -4.52 5.05
N ASN E 27 15.09 -3.49 5.83
CA ASN E 27 15.43 -3.48 7.25
C ASN E 27 14.19 -3.68 8.10
N VAL E 28 14.27 -4.61 9.05
CA VAL E 28 13.15 -4.90 9.94
C VAL E 28 13.40 -4.34 11.34
N VAL E 29 12.46 -3.56 11.85
CA VAL E 29 12.58 -2.97 13.17
C VAL E 29 11.41 -3.37 14.06
N THR E 30 11.72 -3.95 15.22
CA THR E 30 10.69 -4.38 16.15
C THR E 30 9.99 -3.19 16.80
N ALA E 31 8.90 -3.45 17.51
CA ALA E 31 8.14 -2.40 18.18
C ALA E 31 9.06 -1.55 19.06
N ALA E 32 10.07 -2.18 19.65
CA ALA E 32 11.01 -1.48 20.52
C ALA E 32 11.66 -0.32 19.78
N ALA E 33 12.23 -0.60 18.61
CA ALA E 33 12.89 0.41 17.81
C ALA E 33 14.07 1.01 18.56
N LEU E 34 14.73 1.98 17.94
CA LEU E 34 15.89 2.64 18.54
C LEU E 34 15.71 4.16 18.56
N HIS E 35 15.72 4.74 19.75
CA HIS E 35 15.57 6.18 19.90
C HIS E 35 16.60 6.93 19.07
N GLY E 36 16.28 8.16 18.68
CA GLY E 36 17.20 8.96 17.89
C GLY E 36 16.52 10.16 17.28
N GLY E 37 17.32 11.09 16.75
CA GLY E 37 16.78 12.29 16.14
C GLY E 37 16.81 12.23 14.63
N ILE E 38 18.00 12.36 14.05
CA ILE E 38 18.17 12.32 12.61
C ILE E 38 19.47 11.63 12.23
N ARG E 39 19.37 10.68 11.29
CA ARG E 39 20.54 9.94 10.84
C ARG E 39 20.16 8.94 9.75
N ILE E 40 21.16 8.41 9.06
CA ILE E 40 20.93 7.44 7.99
C ILE E 40 21.74 6.16 8.22
N SER E 41 21.08 5.02 8.05
CA SER E 41 21.73 3.73 8.23
C SER E 41 22.92 3.58 7.29
N ASP E 42 23.59 2.43 7.35
CA ASP E 42 24.74 2.16 6.51
C ASP E 42 24.38 2.30 5.03
N GLN E 43 25.36 2.08 4.16
CA GLN E 43 25.15 2.17 2.73
C GLN E 43 25.61 0.89 2.02
N THR E 44 25.61 -0.22 2.75
CA THR E 44 26.03 -1.50 2.20
C THR E 44 24.99 -2.04 1.23
N THR E 45 25.46 -2.59 0.11
CA THR E 45 24.57 -3.14 -0.90
C THR E 45 24.42 -4.65 -0.73
N ASN E 46 23.25 -5.08 -0.27
CA ASN E 46 22.98 -6.50 -0.07
C ASN E 46 21.93 -7.01 -1.06
N SER E 47 22.29 -8.03 -1.82
CA SER E 47 21.40 -8.60 -2.81
C SER E 47 21.38 -10.12 -2.70
N VAL E 48 20.19 -10.71 -2.79
CA VAL E 48 20.03 -12.15 -2.70
C VAL E 48 19.77 -12.75 -4.08
N GLU E 49 20.44 -13.87 -4.36
CA GLU E 49 20.29 -14.55 -5.64
C GLU E 49 18.86 -15.09 -5.80
N THR E 50 18.73 -16.41 -5.67
CA THR E 50 17.42 -17.05 -5.80
C THR E 50 17.01 -17.72 -4.49
N VAL E 51 15.73 -17.57 -4.14
CA VAL E 51 15.20 -18.16 -2.91
C VAL E 51 14.11 -19.18 -3.22
N VAL E 52 14.36 -20.43 -2.84
CA VAL E 52 13.40 -21.50 -3.06
C VAL E 52 12.92 -22.11 -1.75
N GLY E 53 11.64 -21.93 -1.45
CA GLY E 53 11.08 -22.47 -0.23
C GLY E 53 10.07 -23.57 -0.47
N LYS E 54 10.22 -24.68 0.23
CA LYS E 54 9.31 -25.81 0.09
C LYS E 54 8.51 -26.04 1.36
N GLY E 55 7.19 -26.04 1.24
CA GLY E 55 6.33 -26.25 2.38
C GLY E 55 6.58 -25.24 3.48
N GLU E 56 6.22 -23.98 3.22
CA GLU E 56 6.41 -22.91 4.19
C GLU E 56 7.90 -22.64 4.42
N SER E 57 8.27 -21.37 4.34
CA SER E 57 9.66 -20.98 4.53
C SER E 57 9.76 -19.51 4.95
N ARG E 58 10.90 -19.13 5.51
CA ARG E 58 11.12 -17.77 5.96
C ARG E 58 12.45 -17.22 5.43
N VAL E 59 12.39 -16.07 4.79
CA VAL E 59 13.59 -15.44 4.23
C VAL E 59 13.59 -13.93 4.48
N LEU E 60 14.69 -13.43 5.03
CA LEU E 60 14.82 -12.01 5.31
C LEU E 60 16.12 -11.45 4.73
N ILE E 61 16.00 -10.38 3.96
CA ILE E 61 17.15 -9.74 3.35
C ILE E 61 17.41 -8.36 3.95
N GLY E 62 18.58 -8.20 4.57
CA GLY E 62 18.93 -6.93 5.18
C GLY E 62 19.21 -7.05 6.66
N ASN E 63 19.08 -5.93 7.38
CA ASN E 63 19.33 -5.92 8.81
C ASN E 63 18.04 -6.18 9.58
N GLU E 64 18.18 -6.68 10.81
CA GLU E 64 17.03 -6.97 11.65
C GLU E 64 17.25 -6.44 13.07
N TYR E 65 16.22 -5.82 13.62
CA TYR E 65 16.30 -5.26 14.97
C TYR E 65 15.15 -5.78 15.84
N GLY E 66 15.52 -6.38 16.98
CA GLY E 66 14.52 -6.91 17.88
C GLY E 66 14.60 -6.29 19.26
N GLY E 67 13.66 -6.67 20.13
CA GLY E 67 13.64 -6.14 21.48
C GLY E 67 14.33 -7.04 22.47
N LYS E 68 14.98 -8.08 21.96
CA LYS E 68 15.69 -9.04 22.81
C LYS E 68 16.88 -9.65 22.06
N GLY E 69 16.65 -10.02 20.81
CA GLY E 69 17.71 -10.62 20.01
C GLY E 69 17.19 -11.64 19.02
N PHE E 70 17.86 -11.76 17.88
CA PHE E 70 17.45 -12.70 16.85
C PHE E 70 16.01 -12.46 16.42
N TRP E 71 15.50 -13.32 15.55
CA TRP E 71 14.13 -13.20 15.07
C TRP E 71 13.15 -13.09 16.22
N ASP E 72 13.49 -13.72 17.34
CA ASP E 72 12.64 -13.68 18.53
C ASP E 72 13.46 -13.88 19.79
N ASN E 73 13.90 -15.11 20.03
CA ASN E 73 14.70 -15.42 21.22
C ASN E 73 13.96 -15.03 22.49
N HIS E 74 14.67 -15.07 23.61
CA HIS E 74 14.08 -14.72 24.91
C HIS E 74 15.04 -13.84 25.71
N HIS E 75 14.70 -13.61 26.97
CA HIS E 75 15.53 -12.79 27.86
C HIS E 75 15.59 -11.35 27.34
N HIS E 76 15.96 -10.44 28.24
CA HIS E 76 16.06 -9.03 27.87
C HIS E 76 16.85 -8.26 28.93
N HIS E 77 18.13 -8.60 29.07
CA HIS E 77 19.00 -7.95 30.04
C HIS E 77 19.74 -6.79 29.39
N HIS E 78 19.03 -5.99 28.60
CA HIS E 78 19.63 -4.84 27.92
C HIS E 78 18.56 -3.83 27.53
N HIS E 79 17.46 -3.82 28.27
CA HIS E 79 16.36 -2.90 28.00
C HIS E 79 15.83 -3.09 26.58
N MET A 1 -2.65 25.62 -22.17
CA MET A 1 -2.10 24.65 -21.24
C MET A 1 -2.01 25.22 -19.83
N LYS A 2 -3.12 25.78 -19.35
CA LYS A 2 -3.17 26.36 -18.02
C LYS A 2 -4.56 26.19 -17.40
N ILE A 3 -4.60 25.50 -16.26
CA ILE A 3 -5.86 25.27 -15.56
C ILE A 3 -5.62 24.98 -14.08
N ASP A 4 -4.49 25.44 -13.57
CA ASP A 4 -4.15 25.24 -12.16
C ASP A 4 -4.04 23.75 -11.85
N ALA A 5 -3.93 23.44 -10.55
CA ALA A 5 -3.82 22.06 -10.11
C ALA A 5 -3.94 21.96 -8.60
N ILE A 6 -3.76 20.76 -8.07
CA ILE A 6 -3.85 20.52 -6.63
C ILE A 6 -5.25 20.83 -6.11
N VAL A 7 -6.27 20.33 -6.82
CA VAL A 7 -7.65 20.56 -6.43
C VAL A 7 -8.54 19.40 -6.87
N GLY A 8 -9.51 19.06 -6.02
CA GLY A 8 -10.42 17.97 -6.33
C GLY A 8 -11.06 18.13 -7.71
N ARG A 9 -11.10 17.04 -8.46
CA ARG A 9 -11.69 17.06 -9.80
C ARG A 9 -11.72 15.65 -10.40
N ASN A 10 -12.66 15.43 -11.32
CA ASN A 10 -12.80 14.14 -11.97
C ASN A 10 -12.80 14.29 -13.49
N SER A 11 -11.87 13.61 -14.14
CA SER A 11 -11.76 13.67 -15.60
C SER A 11 -11.90 12.27 -16.21
N ALA A 12 -12.64 12.20 -17.31
CA ALA A 12 -12.84 10.92 -18.00
C ALA A 12 -12.87 11.11 -19.51
N LYS A 13 -11.94 10.45 -20.20
CA LYS A 13 -11.86 10.55 -21.65
C LYS A 13 -12.91 9.67 -22.32
N ASP A 14 -13.20 8.53 -21.71
CA ASP A 14 -14.20 7.60 -22.23
C ASP A 14 -14.60 6.57 -21.18
N ILE A 15 -15.89 6.28 -21.12
CA ILE A 15 -16.41 5.31 -20.15
C ILE A 15 -17.42 4.37 -20.81
N ARG A 16 -17.26 3.07 -20.56
CA ARG A 16 -18.15 2.07 -21.11
C ARG A 16 -18.58 1.06 -20.05
N THR A 17 -19.88 0.93 -19.86
CA THR A 17 -20.43 0.01 -18.87
C THR A 17 -21.59 -0.79 -19.44
N GLU A 18 -21.53 -2.11 -19.31
CA GLU A 18 -22.59 -2.98 -19.81
C GLU A 18 -22.90 -4.10 -18.82
N GLU A 19 -24.01 -4.78 -19.02
CA GLU A 19 -24.42 -5.86 -18.14
C GLU A 19 -24.77 -5.33 -16.76
N ARG A 20 -25.87 -4.59 -16.66
CA ARG A 20 -26.30 -4.02 -15.39
C ARG A 20 -25.15 -3.31 -14.69
N ALA A 21 -24.27 -2.72 -15.48
CA ALA A 21 -23.12 -2.00 -14.94
C ALA A 21 -23.48 -0.55 -14.62
N ARG A 22 -22.74 0.06 -13.70
CA ARG A 22 -22.98 1.44 -13.30
C ARG A 22 -21.67 2.18 -13.13
N VAL A 23 -21.69 3.49 -13.41
CA VAL A 23 -20.50 4.32 -13.28
C VAL A 23 -20.83 5.64 -12.60
N GLN A 24 -20.16 5.91 -11.47
CA GLN A 24 -20.38 7.12 -10.73
C GLN A 24 -19.11 7.97 -10.67
N LEU A 25 -19.26 9.27 -10.89
CA LEU A 25 -18.13 10.19 -10.86
C LEU A 25 -18.41 11.39 -9.97
N GLY A 26 -17.61 11.55 -8.93
CA GLY A 26 -17.79 12.68 -8.02
C GLY A 26 -17.56 12.28 -6.57
N ASN A 27 -17.66 13.26 -5.67
CA ASN A 27 -17.45 13.01 -4.25
C ASN A 27 -18.75 12.60 -3.58
N VAL A 28 -18.71 11.49 -2.85
CA VAL A 28 -19.88 10.99 -2.15
C VAL A 28 -19.73 11.13 -0.64
N VAL A 29 -20.77 11.64 0.02
CA VAL A 29 -20.75 11.82 1.47
C VAL A 29 -21.89 11.07 2.13
N THR A 30 -21.56 10.27 3.15
CA THR A 30 -22.56 9.50 3.86
C THR A 30 -23.42 10.39 4.75
N ALA A 31 -24.55 9.86 5.20
CA ALA A 31 -25.46 10.61 6.06
C ALA A 31 -24.79 10.96 7.38
N ALA A 32 -23.93 10.07 7.86
CA ALA A 32 -23.23 10.28 9.12
C ALA A 32 -22.44 11.59 9.10
N ALA A 33 -21.89 11.91 7.93
CA ALA A 33 -21.11 13.13 7.77
C ALA A 33 -22.01 14.37 7.79
N LEU A 34 -23.27 14.17 7.43
CA LEU A 34 -24.24 15.26 7.42
C LEU A 34 -24.24 16.02 8.74
N HIS A 35 -23.61 17.20 8.75
CA HIS A 35 -23.54 18.01 9.95
C HIS A 35 -23.16 19.45 9.61
N GLY A 36 -21.96 19.63 9.08
CA GLY A 36 -21.48 20.95 8.72
C GLY A 36 -21.71 21.26 7.25
N GLY A 37 -21.65 22.54 6.91
CA GLY A 37 -21.86 22.95 5.52
C GLY A 37 -20.59 23.52 4.91
N ILE A 38 -19.45 22.99 5.30
CA ILE A 38 -18.17 23.45 4.77
C ILE A 38 -18.12 23.33 3.25
N ARG A 39 -18.93 22.42 2.71
CA ARG A 39 -18.99 22.22 1.27
C ARG A 39 -17.63 21.75 0.73
N ILE A 40 -17.56 20.46 0.41
CA ILE A 40 -16.32 19.88 -0.11
C ILE A 40 -15.19 20.00 0.90
N SER A 41 -15.01 18.97 1.72
CA SER A 41 -13.95 18.97 2.73
C SER A 41 -12.77 18.12 2.28
N ASP A 42 -12.60 17.99 0.97
CA ASP A 42 -11.51 17.21 0.41
C ASP A 42 -10.86 17.93 -0.77
N GLN A 43 -9.88 17.29 -1.39
CA GLN A 43 -9.19 17.88 -2.52
C GLN A 43 -8.60 16.79 -3.42
N THR A 44 -9.20 15.61 -3.38
CA THR A 44 -8.73 14.49 -4.19
C THR A 44 -9.26 14.58 -5.61
N THR A 45 -8.39 14.33 -6.58
CA THR A 45 -8.77 14.39 -7.99
C THR A 45 -8.27 13.16 -8.74
N ASN A 46 -9.15 12.55 -9.52
CA ASN A 46 -8.80 11.37 -10.30
C ASN A 46 -9.14 11.56 -11.77
N SER A 47 -8.36 10.92 -12.65
CA SER A 47 -8.57 11.03 -14.08
C SER A 47 -8.31 9.69 -14.76
N VAL A 48 -9.30 9.19 -15.48
CA VAL A 48 -9.17 7.92 -16.19
C VAL A 48 -9.44 8.10 -17.69
N GLU A 49 -8.47 7.70 -18.50
CA GLU A 49 -8.59 7.81 -19.95
C GLU A 49 -9.78 7.01 -20.46
N THR A 50 -9.67 5.68 -20.41
CA THR A 50 -10.73 4.81 -20.87
C THR A 50 -11.03 3.72 -19.84
N VAL A 51 -12.30 3.59 -19.47
CA VAL A 51 -12.72 2.59 -18.50
C VAL A 51 -13.79 1.66 -19.09
N VAL A 52 -13.52 0.36 -19.04
CA VAL A 52 -14.46 -0.63 -19.56
C VAL A 52 -14.98 -1.52 -18.45
N GLY A 53 -16.30 -1.77 -18.46
CA GLY A 53 -16.91 -2.61 -17.45
C GLY A 53 -17.76 -3.71 -18.05
N LYS A 54 -17.59 -4.92 -17.54
CA LYS A 54 -18.35 -6.07 -18.03
C LYS A 54 -18.92 -6.89 -16.87
N GLY A 55 -20.08 -7.49 -17.08
CA GLY A 55 -20.70 -8.29 -16.05
C GLY A 55 -20.83 -7.55 -14.74
N GLU A 56 -21.94 -6.82 -14.58
CA GLU A 56 -22.18 -6.06 -13.37
C GLU A 56 -20.92 -5.32 -12.92
N SER A 57 -20.38 -4.49 -13.82
CA SER A 57 -19.17 -3.73 -13.52
C SER A 57 -19.51 -2.46 -12.76
N ARG A 58 -18.61 -2.07 -11.85
CA ARG A 58 -18.81 -0.86 -11.04
C ARG A 58 -17.62 0.09 -11.21
N VAL A 59 -17.92 1.34 -11.54
CA VAL A 59 -16.90 2.35 -11.72
C VAL A 59 -17.10 3.52 -10.77
N LEU A 60 -16.07 3.82 -9.96
CA LEU A 60 -16.15 4.91 -9.01
C LEU A 60 -14.98 5.87 -9.19
N ILE A 61 -15.27 7.07 -9.66
CA ILE A 61 -14.24 8.09 -9.87
C ILE A 61 -14.40 9.25 -8.92
N GLY A 62 -13.55 9.31 -7.91
CA GLY A 62 -13.62 10.39 -6.93
C GLY A 62 -13.34 9.92 -5.52
N ASN A 63 -13.75 10.72 -4.54
CA ASN A 63 -13.53 10.38 -3.14
C ASN A 63 -14.85 10.05 -2.44
N GLU A 64 -14.77 9.27 -1.38
CA GLU A 64 -15.96 8.89 -0.62
C GLU A 64 -15.78 9.15 0.87
N TYR A 65 -16.87 9.49 1.54
CA TYR A 65 -16.82 9.77 2.98
C TYR A 65 -17.86 8.93 3.73
N GLY A 66 -17.39 8.19 4.73
CA GLY A 66 -18.29 7.36 5.51
C GLY A 66 -17.64 6.06 5.94
N GLY A 67 -18.04 5.56 7.11
CA GLY A 67 -17.49 4.31 7.61
C GLY A 67 -18.55 3.26 7.86
N LYS A 68 -19.66 3.36 7.15
CA LYS A 68 -20.75 2.41 7.30
C LYS A 68 -20.88 1.53 6.06
N GLY A 69 -19.74 1.07 5.55
CA GLY A 69 -19.74 0.22 4.37
C GLY A 69 -18.52 0.44 3.50
N PHE A 70 -17.87 1.58 3.66
CA PHE A 70 -16.68 1.91 2.88
C PHE A 70 -17.05 2.23 1.45
N TRP A 71 -17.49 1.21 0.71
CA TRP A 71 -17.87 1.39 -0.69
C TRP A 71 -19.09 0.55 -1.03
N ASP A 72 -19.09 -0.70 -0.57
CA ASP A 72 -20.20 -1.61 -0.82
C ASP A 72 -20.02 -2.92 -0.06
N ASN A 73 -21.02 -3.78 -0.12
CA ASN A 73 -20.97 -5.07 0.57
C ASN A 73 -19.70 -5.83 0.21
N HIS A 74 -19.24 -6.68 1.12
CA HIS A 74 -18.04 -7.46 0.90
C HIS A 74 -18.02 -8.70 1.80
N HIS A 75 -16.88 -9.39 1.83
CA HIS A 75 -16.74 -10.59 2.65
C HIS A 75 -16.38 -10.22 4.08
N HIS A 76 -16.02 -11.23 4.87
CA HIS A 76 -15.65 -11.01 6.27
C HIS A 76 -15.01 -12.26 6.86
N HIS A 77 -13.82 -12.60 6.35
CA HIS A 77 -13.10 -13.78 6.83
C HIS A 77 -11.74 -13.89 6.16
N HIS A 78 -10.70 -14.10 6.96
CA HIS A 78 -9.34 -14.22 6.44
C HIS A 78 -8.35 -14.49 7.57
N HIS A 79 -7.09 -14.69 7.21
CA HIS A 79 -6.04 -14.94 8.19
C HIS A 79 -5.19 -13.70 8.41
N MET B 1 -6.86 27.28 5.40
CA MET B 1 -7.96 26.49 5.91
C MET B 1 -7.64 25.91 7.28
N LYS B 2 -8.65 25.38 7.96
CA LYS B 2 -8.47 24.81 9.29
C LYS B 2 -8.16 23.31 9.19
N ILE B 3 -8.17 22.63 10.33
CA ILE B 3 -7.90 21.20 10.37
C ILE B 3 -8.76 20.45 9.36
N ASP B 4 -8.12 19.70 8.47
CA ASP B 4 -8.82 18.93 7.46
C ASP B 4 -7.85 18.15 6.58
N ALA B 5 -8.36 17.58 5.50
CA ALA B 5 -7.54 16.81 4.58
C ALA B 5 -6.43 17.68 3.98
N ILE B 6 -5.75 17.14 2.97
CA ILE B 6 -4.67 17.87 2.31
C ILE B 6 -4.92 17.96 0.81
N VAL B 7 -4.70 16.86 0.10
CA VAL B 7 -4.89 16.81 -1.34
C VAL B 7 -4.64 15.41 -1.89
N GLY B 8 -5.42 15.03 -2.89
CA GLY B 8 -5.26 13.71 -3.50
C GLY B 8 -5.20 13.78 -5.01
N ARG B 9 -4.44 12.86 -5.60
CA ARG B 9 -4.30 12.81 -7.06
C ARG B 9 -4.21 11.37 -7.55
N ASN B 10 -4.94 11.07 -8.61
CA ASN B 10 -4.94 9.73 -9.19
C ASN B 10 -5.00 9.78 -10.70
N SER B 11 -4.09 9.07 -11.36
CA SER B 11 -4.04 9.03 -12.81
C SER B 11 -4.17 7.61 -13.33
N ALA B 12 -4.95 7.44 -14.39
CA ALA B 12 -5.16 6.12 -14.98
C ALA B 12 -5.21 6.21 -16.50
N LYS B 13 -4.30 5.51 -17.16
CA LYS B 13 -4.24 5.51 -18.62
C LYS B 13 -5.32 4.60 -19.20
N ASP B 14 -5.59 3.51 -18.51
CA ASP B 14 -6.60 2.55 -18.96
C ASP B 14 -6.98 1.58 -17.83
N ILE B 15 -8.28 1.33 -17.69
CA ILE B 15 -8.77 0.44 -16.64
C ILE B 15 -9.88 -0.47 -17.18
N ARG B 16 -9.74 -1.77 -16.95
CA ARG B 16 -10.73 -2.74 -17.40
C ARG B 16 -11.12 -3.69 -16.28
N THR B 17 -12.41 -3.78 -16.01
CA THR B 17 -12.91 -4.67 -14.95
C THR B 17 -14.14 -5.45 -15.42
N GLU B 18 -14.10 -6.76 -15.25
CA GLU B 18 -15.20 -7.62 -15.65
C GLU B 18 -15.50 -8.67 -14.58
N GLU B 19 -16.64 -9.32 -14.71
CA GLU B 19 -17.04 -10.35 -13.75
C GLU B 19 -17.26 -9.76 -12.37
N ARG B 20 -18.38 -9.05 -12.20
CA ARG B 20 -18.71 -8.43 -10.93
C ARG B 20 -17.49 -7.70 -10.35
N ALA B 21 -16.70 -7.10 -11.23
CA ALA B 21 -15.51 -6.38 -10.80
C ALA B 21 -15.81 -4.89 -10.63
N ARG B 22 -15.01 -4.22 -9.81
CA ARG B 22 -15.19 -2.80 -9.56
C ARG B 22 -13.85 -2.09 -9.46
N VAL B 23 -13.83 -0.80 -9.77
CA VAL B 23 -12.61 0.00 -9.71
C VAL B 23 -12.88 1.39 -9.14
N GLN B 24 -12.19 1.71 -8.06
CA GLN B 24 -12.35 3.00 -7.41
C GLN B 24 -11.06 3.80 -7.44
N LEU B 25 -11.17 5.08 -7.79
CA LEU B 25 -10.00 5.96 -7.87
C LEU B 25 -10.24 7.25 -7.11
N GLY B 26 -9.25 7.68 -6.33
CA GLY B 26 -9.37 8.89 -5.55
C GLY B 26 -8.92 8.73 -4.12
N ASN B 27 -9.80 9.06 -3.18
CA ASN B 27 -9.48 8.95 -1.77
C ASN B 27 -10.73 8.56 -0.96
N VAL B 28 -10.57 7.56 -0.11
CA VAL B 28 -11.67 7.08 0.72
C VAL B 28 -11.41 7.34 2.20
N VAL B 29 -12.32 8.07 2.84
CA VAL B 29 -12.18 8.40 4.25
C VAL B 29 -13.38 7.91 5.05
N THR B 30 -13.12 7.19 6.13
CA THR B 30 -14.18 6.66 6.98
C THR B 30 -14.89 7.78 7.73
N ALA B 31 -16.08 7.48 8.24
CA ALA B 31 -16.86 8.46 8.99
C ALA B 31 -16.13 8.89 10.26
N ALA B 32 -15.40 7.96 10.86
CA ALA B 32 -14.67 8.25 12.08
C ALA B 32 -13.69 9.41 11.88
N ALA B 33 -12.95 9.37 10.79
CA ALA B 33 -11.98 10.42 10.48
C ALA B 33 -12.64 11.79 10.54
N LEU B 34 -13.92 11.85 10.18
CA LEU B 34 -14.66 13.11 10.20
C LEU B 34 -14.52 13.80 11.55
N HIS B 35 -14.66 13.04 12.62
CA HIS B 35 -14.55 13.58 13.98
C HIS B 35 -13.23 13.18 14.61
N GLY B 36 -12.63 14.11 15.35
CA GLY B 36 -11.36 13.84 16.01
C GLY B 36 -10.56 15.10 16.24
N GLY B 37 -9.31 15.10 15.76
CA GLY B 37 -8.45 16.25 15.92
C GLY B 37 -7.00 15.94 15.65
N ILE B 38 -6.65 15.77 14.37
CA ILE B 38 -5.29 15.46 13.98
C ILE B 38 -4.95 16.09 12.63
N ARG B 39 -3.75 16.68 12.54
CA ARG B 39 -3.30 17.32 11.32
C ARG B 39 -2.85 16.28 10.30
N ILE B 40 -3.25 16.46 9.05
CA ILE B 40 -2.87 15.54 7.98
C ILE B 40 -1.87 16.19 7.02
N SER B 41 -1.01 15.37 6.44
CA SER B 41 0.00 15.86 5.50
C SER B 41 0.47 14.74 4.58
N ASP B 42 1.47 15.05 3.75
CA ASP B 42 2.01 14.07 2.81
C ASP B 42 0.92 13.55 1.88
N GLN B 43 0.69 14.25 0.78
CA GLN B 43 -0.32 13.86 -0.19
C GLN B 43 0.10 12.60 -0.94
N THR B 44 -0.84 11.67 -1.08
CA THR B 44 -0.57 10.41 -1.77
C THR B 44 -1.10 10.45 -3.20
N THR B 45 -0.27 10.00 -4.14
CA THR B 45 -0.66 9.99 -5.55
C THR B 45 -0.28 8.66 -6.21
N ASN B 46 -1.22 8.08 -6.95
CA ASN B 46 -0.99 6.81 -7.62
C ASN B 46 -1.30 6.93 -9.11
N SER B 47 -0.41 6.40 -9.94
CA SER B 47 -0.59 6.44 -11.39
C SER B 47 -0.43 5.05 -12.00
N VAL B 48 -1.45 4.60 -12.72
CA VAL B 48 -1.41 3.29 -13.36
C VAL B 48 -1.56 3.41 -14.87
N GLU B 49 -0.82 2.58 -15.59
CA GLU B 49 -0.87 2.59 -17.05
C GLU B 49 -2.06 1.81 -17.57
N THR B 50 -2.13 0.53 -17.19
CA THR B 50 -3.23 -0.33 -17.61
C THR B 50 -3.51 -1.41 -16.57
N VAL B 51 -4.77 -1.50 -16.16
CA VAL B 51 -5.18 -2.49 -15.17
C VAL B 51 -6.31 -3.36 -15.69
N VAL B 52 -6.18 -4.68 -15.47
CA VAL B 52 -7.19 -5.62 -15.92
C VAL B 52 -7.67 -6.51 -14.78
N GLY B 53 -8.98 -6.67 -14.66
CA GLY B 53 -9.54 -7.49 -13.60
C GLY B 53 -10.48 -8.55 -14.13
N LYS B 54 -10.33 -9.78 -13.63
CA LYS B 54 -11.17 -10.89 -14.06
C LYS B 54 -11.68 -11.67 -12.86
N GLY B 55 -12.87 -12.24 -13.00
CA GLY B 55 -13.47 -13.01 -11.92
C GLY B 55 -13.47 -12.26 -10.60
N GLU B 56 -14.53 -11.49 -10.37
CA GLU B 56 -14.66 -10.71 -9.15
C GLU B 56 -13.35 -9.99 -8.82
N SER B 57 -12.95 -9.09 -9.71
CA SER B 57 -11.71 -8.33 -9.52
C SER B 57 -11.99 -6.98 -8.87
N ARG B 58 -11.05 -6.54 -8.04
CA ARG B 58 -11.21 -5.26 -7.33
C ARG B 58 -9.96 -4.40 -7.51
N VAL B 59 -10.17 -3.17 -7.97
CA VAL B 59 -9.06 -2.24 -8.18
C VAL B 59 -9.25 -0.96 -7.36
N LEU B 60 -8.27 -0.65 -6.52
CA LEU B 60 -8.33 0.53 -5.68
C LEU B 60 -7.12 1.43 -5.94
N ILE B 61 -7.38 2.62 -6.48
CA ILE B 61 -6.31 3.58 -6.77
C ILE B 61 -6.42 4.81 -5.87
N GLY B 62 -5.54 4.88 -4.87
CA GLY B 62 -5.55 6.01 -3.96
C GLY B 62 -5.26 5.60 -2.52
N ASN B 63 -5.58 6.48 -1.58
CA ASN B 63 -5.35 6.21 -0.17
C ASN B 63 -6.67 6.02 0.57
N GLU B 64 -6.62 5.30 1.69
CA GLU B 64 -7.81 5.04 2.49
C GLU B 64 -7.58 5.45 3.95
N TYR B 65 -8.63 5.93 4.60
CA TYR B 65 -8.55 6.35 5.98
C TYR B 65 -9.57 5.61 6.84
N GLY B 66 -9.08 4.97 7.90
CA GLY B 66 -9.96 4.22 8.79
C GLY B 66 -9.33 2.95 9.31
N GLY B 67 -9.67 2.57 10.53
CA GLY B 67 -9.11 1.37 11.12
C GLY B 67 -10.12 0.23 11.18
N LYS B 68 -11.40 0.58 11.16
CA LYS B 68 -12.46 -0.42 11.21
C LYS B 68 -12.26 -1.48 10.16
N GLY B 69 -11.64 -1.10 9.04
CA GLY B 69 -11.40 -2.05 7.97
C GLY B 69 -10.32 -1.57 7.01
N PHE B 70 -9.19 -2.26 7.00
CA PHE B 70 -8.08 -1.90 6.12
C PHE B 70 -8.56 -1.75 4.67
N TRP B 71 -9.59 -2.50 4.32
CA TRP B 71 -10.14 -2.45 2.96
C TRP B 71 -11.58 -2.94 2.95
N ASP B 72 -12.52 -2.04 3.25
CA ASP B 72 -13.93 -2.39 3.27
C ASP B 72 -14.22 -3.44 4.33
N ASN B 73 -15.44 -3.98 4.30
CA ASN B 73 -15.84 -5.00 5.26
C ASN B 73 -15.01 -6.27 5.09
N HIS B 74 -14.35 -6.68 6.18
CA HIS B 74 -13.52 -7.88 6.15
C HIS B 74 -13.37 -8.46 7.55
N HIS B 75 -14.35 -8.21 8.40
CA HIS B 75 -14.32 -8.70 9.78
C HIS B 75 -13.01 -8.33 10.46
N HIS B 76 -12.79 -8.89 11.65
CA HIS B 76 -11.58 -8.62 12.41
C HIS B 76 -10.87 -9.92 12.79
N HIS B 77 -9.60 -10.03 12.41
CA HIS B 77 -8.82 -11.22 12.71
C HIS B 77 -8.70 -11.43 14.22
N HIS B 78 -7.92 -12.43 14.62
CA HIS B 78 -7.74 -12.73 16.03
C HIS B 78 -7.11 -11.54 16.76
N HIS B 79 -6.71 -11.77 18.00
CA HIS B 79 -6.09 -10.72 18.81
C HIS B 79 -4.93 -10.07 18.06
N MET C 1 -0.97 24.94 -14.48
CA MET C 1 0.28 25.08 -15.21
C MET C 1 1.48 24.96 -14.28
N LYS C 2 1.29 24.25 -13.17
CA LYS C 2 2.36 24.05 -12.19
C LYS C 2 2.66 22.57 -12.00
N ILE C 3 1.61 21.79 -11.75
CA ILE C 3 1.77 20.35 -11.54
C ILE C 3 2.64 20.05 -10.33
N ASP C 4 2.03 20.09 -9.15
CA ASP C 4 2.76 19.83 -7.91
C ASP C 4 2.20 18.59 -7.21
N ALA C 5 2.46 17.43 -7.78
CA ALA C 5 1.98 16.17 -7.21
C ALA C 5 2.65 14.98 -7.88
N ILE C 6 3.94 15.11 -8.17
CA ILE C 6 4.69 14.03 -8.80
C ILE C 6 6.08 13.89 -8.18
N VAL C 7 6.86 12.94 -8.71
CA VAL C 7 8.21 12.71 -8.20
C VAL C 7 8.18 12.32 -6.72
N GLY C 8 8.13 11.01 -6.47
CA GLY C 8 8.11 10.52 -5.11
C GLY C 8 6.73 10.05 -4.68
N ARG C 9 6.06 9.30 -5.55
CA ARG C 9 4.72 8.80 -5.26
C ARG C 9 4.57 7.37 -5.77
N ASN C 10 3.33 6.89 -5.80
CA ASN C 10 3.04 5.53 -6.25
C ASN C 10 2.94 5.48 -7.78
N SER C 11 3.79 4.67 -8.40
CA SER C 11 3.81 4.54 -9.85
C SER C 11 3.54 3.09 -10.26
N ALA C 12 2.83 2.92 -11.38
CA ALA C 12 2.52 1.59 -11.88
C ALA C 12 2.62 1.55 -13.40
N LYS C 13 2.88 0.36 -13.93
CA LYS C 13 3.00 0.18 -15.38
C LYS C 13 1.92 -0.76 -15.90
N ASP C 14 1.57 -1.76 -15.09
CA ASP C 14 0.56 -2.73 -15.47
C ASP C 14 0.09 -3.53 -14.24
N ILE C 15 -1.22 -3.78 -14.17
CA ILE C 15 -1.79 -4.53 -13.07
C ILE C 15 -2.80 -5.55 -13.56
N ARG C 16 -2.52 -6.83 -13.32
CA ARG C 16 -3.41 -7.90 -13.74
C ARG C 16 -3.80 -8.77 -12.55
N THR C 17 -5.09 -8.77 -12.23
CA THR C 17 -5.60 -9.57 -11.12
C THR C 17 -6.83 -10.36 -11.53
N GLU C 18 -6.81 -11.65 -11.25
CA GLU C 18 -7.93 -12.53 -11.59
C GLU C 18 -8.22 -13.51 -10.45
N GLU C 19 -9.38 -14.15 -10.52
CA GLU C 19 -9.78 -15.11 -9.50
C GLU C 19 -9.91 -14.43 -8.13
N ARG C 20 -10.98 -13.66 -7.97
CA ARG C 20 -11.22 -12.95 -6.72
C ARG C 20 -9.95 -12.28 -6.22
N ALA C 21 -9.30 -11.52 -7.11
CA ALA C 21 -8.07 -10.82 -6.76
C ALA C 21 -8.32 -9.34 -6.58
N ARG C 22 -7.57 -8.72 -5.67
CA ARG C 22 -7.71 -7.30 -5.40
C ARG C 22 -6.35 -6.61 -5.33
N VAL C 23 -6.27 -5.40 -5.86
CA VAL C 23 -5.03 -4.65 -5.86
C VAL C 23 -5.27 -3.19 -5.45
N GLN C 24 -4.60 -2.77 -4.38
CA GLN C 24 -4.74 -1.40 -3.89
C GLN C 24 -3.42 -0.65 -3.99
N LEU C 25 -3.45 0.50 -4.66
CA LEU C 25 -2.26 1.32 -4.83
C LEU C 25 -2.39 2.63 -4.08
N GLY C 26 -1.49 2.85 -3.12
CA GLY C 26 -1.52 4.07 -2.34
C GLY C 26 -1.24 3.82 -0.87
N ASN C 27 -1.25 4.89 -0.08
CA ASN C 27 -1.00 4.78 1.35
C ASN C 27 -2.30 4.56 2.11
N VAL C 28 -2.21 3.86 3.25
CA VAL C 28 -3.38 3.58 4.07
C VAL C 28 -3.14 3.99 5.52
N VAL C 29 -4.08 4.75 6.07
CA VAL C 29 -3.97 5.21 7.45
C VAL C 29 -5.18 4.75 8.28
N THR C 30 -4.90 4.14 9.42
CA THR C 30 -5.96 3.66 10.30
C THR C 30 -6.72 4.82 10.94
N ALA C 31 -7.76 4.51 11.69
CA ALA C 31 -8.57 5.53 12.36
C ALA C 31 -7.74 6.29 13.38
N ALA C 32 -6.90 5.58 14.11
CA ALA C 32 -6.05 6.19 15.12
C ALA C 32 -5.16 7.27 14.52
N ALA C 33 -4.44 6.92 13.46
CA ALA C 33 -3.56 7.85 12.77
C ALA C 33 -2.62 8.53 13.76
N LEU C 34 -2.32 7.84 14.86
CA LEU C 34 -1.43 8.37 15.88
C LEU C 34 -1.27 7.38 17.03
N HIS C 35 -0.65 7.83 18.11
CA HIS C 35 -0.43 6.99 19.28
C HIS C 35 0.20 7.79 20.42
N GLY C 36 1.32 8.44 20.13
CA GLY C 36 2.00 9.23 21.14
C GLY C 36 2.39 10.61 20.63
N GLY C 37 2.77 10.69 19.37
CA GLY C 37 3.17 11.97 18.79
C GLY C 37 1.99 12.91 18.64
N ILE C 38 2.07 13.81 17.66
CA ILE C 38 1.01 14.77 17.43
C ILE C 38 0.68 14.88 15.94
N ARG C 39 1.70 14.85 15.10
CA ARG C 39 1.52 14.94 13.66
C ARG C 39 2.21 13.77 12.95
N ILE C 40 1.84 13.55 11.70
CA ILE C 40 2.41 12.47 10.92
C ILE C 40 2.66 12.91 9.48
N SER C 41 3.28 12.02 8.70
CA SER C 41 3.59 12.32 7.30
C SER C 41 3.72 11.03 6.49
N ASP C 42 4.84 10.34 6.68
CA ASP C 42 5.10 9.10 5.97
C ASP C 42 5.11 9.31 4.46
N GLN C 43 6.30 9.47 3.90
CA GLN C 43 6.45 9.70 2.46
C GLN C 43 7.23 8.56 1.82
N THR C 44 6.55 7.45 1.53
CA THR C 44 7.18 6.30 0.91
C THR C 44 6.89 6.24 -0.58
N THR C 45 7.94 6.25 -1.39
CA THR C 45 7.79 6.19 -2.85
C THR C 45 8.01 4.78 -3.38
N ASN C 46 6.96 4.19 -3.93
CA ASN C 46 7.06 2.83 -4.47
C ASN C 46 6.56 2.79 -5.92
N SER C 47 7.20 1.96 -6.73
CA SER C 47 6.83 1.83 -8.13
C SER C 47 6.86 0.37 -8.57
N VAL C 48 5.74 -0.12 -9.08
CA VAL C 48 5.63 -1.50 -9.54
C VAL C 48 5.48 -1.56 -11.05
N GLU C 49 6.36 -2.33 -11.69
CA GLU C 49 6.33 -2.48 -13.15
C GLU C 49 5.08 -3.23 -13.58
N THR C 50 5.09 -4.55 -13.42
CA THR C 50 3.95 -5.38 -13.80
C THR C 50 3.57 -6.34 -12.69
N VAL C 51 2.30 -6.39 -12.36
CA VAL C 51 1.80 -7.26 -11.30
C VAL C 51 0.80 -8.27 -11.85
N VAL C 52 1.00 -9.54 -11.51
CA VAL C 52 0.09 -10.59 -11.98
C VAL C 52 -0.40 -11.43 -10.81
N GLY C 53 -1.70 -11.69 -10.78
CA GLY C 53 -2.28 -12.49 -9.71
C GLY C 53 -3.23 -13.54 -10.23
N LYS C 54 -3.08 -14.77 -9.74
CA LYS C 54 -3.93 -15.87 -10.15
C LYS C 54 -4.45 -16.65 -8.95
N GLY C 55 -5.70 -17.09 -9.02
CA GLY C 55 -6.29 -17.84 -7.93
C GLY C 55 -6.16 -17.13 -6.60
N GLU C 56 -7.01 -16.14 -6.37
CA GLU C 56 -6.97 -15.38 -5.13
C GLU C 56 -5.61 -14.72 -4.93
N SER C 57 -5.52 -13.45 -5.31
CA SER C 57 -4.27 -12.70 -5.19
C SER C 57 -4.52 -11.31 -4.60
N ARG C 58 -3.58 -10.83 -3.81
CA ARG C 58 -3.70 -9.52 -3.19
C ARG C 58 -2.41 -8.72 -3.35
N VAL C 59 -2.54 -7.50 -3.85
CA VAL C 59 -1.39 -6.63 -4.05
C VAL C 59 -1.57 -5.29 -3.36
N LEU C 60 -0.64 -4.93 -2.49
CA LEU C 60 -0.72 -3.67 -1.77
C LEU C 60 0.55 -2.84 -2.00
N ILE C 61 0.37 -1.67 -2.60
CA ILE C 61 1.49 -0.78 -2.88
C ILE C 61 1.39 0.49 -2.06
N GLY C 62 2.50 0.85 -1.41
CA GLY C 62 2.52 2.06 -0.59
C GLY C 62 2.93 1.78 0.83
N ASN C 63 2.46 2.61 1.76
CA ASN C 63 2.77 2.45 3.18
C ASN C 63 1.51 2.35 4.01
N GLU C 64 1.62 1.73 5.18
CA GLU C 64 0.49 1.57 6.08
C GLU C 64 0.76 2.23 7.43
N TYR C 65 -0.25 2.89 7.97
CA TYR C 65 -0.13 3.57 9.25
C TYR C 65 -1.17 3.07 10.24
N GLY C 66 -0.73 2.63 11.41
CA GLY C 66 -1.63 2.14 12.43
C GLY C 66 -1.14 0.87 13.09
N GLY C 67 -0.44 0.03 12.32
CA GLY C 67 0.08 -1.21 12.86
C GLY C 67 -0.98 -2.03 13.57
N LYS C 68 -2.13 -2.20 12.92
CA LYS C 68 -3.23 -2.97 13.49
C LYS C 68 -3.00 -4.46 13.30
N GLY C 69 -1.88 -4.95 13.83
CA GLY C 69 -1.56 -6.37 13.71
C GLY C 69 -0.65 -6.66 12.53
N PHE C 70 -1.23 -6.71 11.34
CA PHE C 70 -0.45 -6.99 10.13
C PHE C 70 -1.35 -6.97 8.89
N TRP C 71 -1.20 -5.94 8.07
CA TRP C 71 -2.00 -5.81 6.85
C TRP C 71 -3.44 -5.43 7.19
N ASP C 72 -4.16 -6.37 7.79
CA ASP C 72 -5.55 -6.13 8.17
C ASP C 72 -5.71 -6.08 9.68
N ASN C 73 -6.65 -5.28 10.15
CA ASN C 73 -6.91 -5.13 11.58
C ASN C 73 -7.10 -6.50 12.24
N HIS C 74 -6.75 -6.58 13.51
CA HIS C 74 -6.89 -7.83 14.26
C HIS C 74 -7.83 -7.66 15.45
N HIS C 75 -7.35 -6.99 16.49
CA HIS C 75 -8.16 -6.75 17.68
C HIS C 75 -7.38 -5.93 18.70
N HIS C 76 -7.93 -5.82 19.91
CA HIS C 76 -7.28 -5.06 20.97
C HIS C 76 -6.61 -5.99 21.98
N HIS C 77 -6.16 -5.43 23.10
CA HIS C 77 -5.49 -6.21 24.13
C HIS C 77 -6.44 -7.26 24.72
N HIS C 78 -6.09 -8.52 24.52
CA HIS C 78 -6.91 -9.63 25.03
C HIS C 78 -6.22 -10.96 24.81
N HIS C 79 -5.86 -11.63 25.91
CA HIS C 79 -5.19 -12.92 25.84
C HIS C 79 -4.92 -13.47 27.24
N MET D 1 -0.47 15.16 -17.12
CA MET D 1 0.85 15.54 -16.63
C MET D 1 1.38 14.53 -15.63
N LYS D 2 2.15 13.56 -16.11
CA LYS D 2 2.71 12.53 -15.26
C LYS D 2 4.16 12.24 -15.64
N ILE D 3 4.94 11.76 -14.68
CA ILE D 3 6.34 11.44 -14.91
C ILE D 3 6.77 10.19 -14.14
N ASP D 4 7.63 9.39 -14.74
CA ASP D 4 8.12 8.17 -14.10
C ASP D 4 9.58 7.90 -14.48
N ALA D 5 10.50 8.47 -13.70
CA ALA D 5 11.92 8.30 -13.95
C ALA D 5 12.75 8.85 -12.80
N ILE D 6 12.33 8.56 -11.58
CA ILE D 6 13.04 9.03 -10.39
C ILE D 6 13.19 7.92 -9.37
N VAL D 7 14.28 7.98 -8.59
CA VAL D 7 14.54 6.98 -7.57
C VAL D 7 13.34 6.80 -6.65
N GLY D 8 13.19 5.60 -6.10
CA GLY D 8 12.08 5.33 -5.20
C GLY D 8 12.47 4.42 -4.05
N ARG D 9 11.82 4.62 -2.90
CA ARG D 9 12.11 3.81 -1.72
C ARG D 9 11.95 2.32 -2.04
N ASN D 10 11.06 2.01 -2.96
CA ASN D 10 10.82 0.62 -3.34
C ASN D 10 10.57 0.51 -4.84
N SER D 11 11.30 -0.39 -5.50
CA SER D 11 11.17 -0.60 -6.93
C SER D 11 10.79 -2.05 -7.24
N ALA D 12 9.90 -2.22 -8.21
CA ALA D 12 9.45 -3.55 -8.60
C ALA D 12 9.45 -3.71 -10.12
N LYS D 13 10.07 -4.78 -10.60
CA LYS D 13 10.13 -5.04 -12.03
C LYS D 13 9.05 -6.02 -12.46
N ASP D 14 8.72 -6.95 -11.58
CA ASP D 14 7.68 -7.95 -11.86
C ASP D 14 7.25 -8.66 -10.58
N ILE D 15 5.95 -8.87 -10.45
CA ILE D 15 5.39 -9.54 -9.27
C ILE D 15 4.32 -10.55 -9.66
N ARG D 16 4.45 -11.76 -9.17
CA ARG D 16 3.49 -12.83 -9.47
C ARG D 16 3.11 -13.58 -8.20
N THR D 17 1.84 -13.49 -7.83
CA THR D 17 1.35 -14.17 -6.64
C THR D 17 0.08 -14.97 -6.94
N GLU D 18 -0.11 -16.06 -6.21
CA GLU D 18 -1.27 -16.92 -6.40
C GLU D 18 -1.57 -17.73 -5.14
N GLU D 19 -2.75 -18.33 -5.10
CA GLU D 19 -3.16 -19.14 -3.95
C GLU D 19 -3.25 -18.28 -2.70
N ARG D 20 -4.22 -17.38 -2.68
CA ARG D 20 -4.43 -16.49 -1.54
C ARG D 20 -3.12 -15.83 -1.12
N ALA D 21 -2.25 -15.59 -2.09
CA ALA D 21 -0.95 -14.97 -1.83
C ALA D 21 -1.09 -13.44 -1.76
N ARG D 22 -0.29 -12.83 -0.90
CA ARG D 22 -0.32 -11.38 -0.72
C ARG D 22 1.09 -10.80 -0.82
N VAL D 23 1.22 -9.69 -1.56
CA VAL D 23 2.50 -9.03 -1.72
C VAL D 23 2.39 -7.53 -1.44
N GLN D 24 3.18 -7.06 -0.48
CA GLN D 24 3.17 -5.65 -0.12
C GLN D 24 4.45 -4.96 -0.57
N LEU D 25 4.32 -3.76 -1.11
CA LEU D 25 5.48 -3.00 -1.58
C LEU D 25 5.55 -1.64 -0.90
N GLY D 26 6.63 -1.40 -0.17
CA GLY D 26 6.79 -0.13 0.52
C GLY D 26 7.06 -0.32 2.01
N ASN D 27 7.28 0.80 2.71
CA ASN D 27 7.55 0.75 4.14
C ASN D 27 6.26 0.81 4.94
N VAL D 28 6.27 0.17 6.11
CA VAL D 28 5.11 0.14 6.98
C VAL D 28 5.44 0.66 8.38
N VAL D 29 4.60 1.56 8.88
CA VAL D 29 4.80 2.14 10.21
C VAL D 29 3.60 1.87 11.11
N THR D 30 3.88 1.35 12.31
CA THR D 30 2.83 1.04 13.27
C THR D 30 2.21 2.32 13.83
N ALA D 31 1.16 2.17 14.63
CA ALA D 31 0.48 3.30 15.24
C ALA D 31 1.44 4.13 16.09
N ALA D 32 2.32 3.45 16.81
CA ALA D 32 3.29 4.11 17.67
C ALA D 32 4.14 5.08 16.87
N ALA D 33 4.73 4.59 15.79
CA ALA D 33 5.57 5.43 14.94
C ALA D 33 6.75 5.99 15.72
N LEU D 34 7.48 6.93 15.10
CA LEU D 34 8.62 7.55 15.75
C LEU D 34 8.24 8.16 17.10
N HIS D 35 8.70 7.52 18.17
CA HIS D 35 8.40 7.99 19.52
C HIS D 35 8.76 9.46 19.68
N GLY D 36 8.13 10.11 20.66
CA GLY D 36 8.39 11.52 20.88
C GLY D 36 7.82 12.40 19.80
N GLY D 37 8.07 13.71 19.90
CA GLY D 37 7.55 14.64 18.91
C GLY D 37 8.32 14.57 17.60
N ILE D 38 7.99 13.55 16.79
CA ILE D 38 8.65 13.37 15.51
C ILE D 38 7.95 12.29 14.68
N ARG D 39 7.92 12.49 13.37
CA ARG D 39 7.28 11.53 12.47
C ARG D 39 8.26 11.07 11.39
N ILE D 40 7.75 10.30 10.44
CA ILE D 40 8.57 9.79 9.35
C ILE D 40 9.65 8.85 9.87
N SER D 41 9.47 7.56 9.62
CA SER D 41 10.43 6.56 10.07
C SER D 41 11.58 6.40 9.06
N ASP D 42 12.41 5.40 9.27
CA ASP D 42 13.53 5.14 8.37
C ASP D 42 13.04 4.90 6.94
N GLN D 43 13.97 4.92 6.00
CA GLN D 43 13.65 4.72 4.59
C GLN D 43 14.70 3.85 3.90
N THR D 44 14.39 2.57 3.74
CA THR D 44 15.30 1.63 3.10
C THR D 44 14.96 1.47 1.63
N THR D 45 16.00 1.42 0.78
CA THR D 45 15.81 1.26 -0.65
C THR D 45 15.84 -0.22 -1.04
N ASN D 46 14.72 -0.71 -1.57
CA ASN D 46 14.62 -2.10 -1.99
C ASN D 46 14.14 -2.20 -3.42
N SER D 47 14.77 -3.09 -4.19
CA SER D 47 14.39 -3.27 -5.59
C SER D 47 14.41 -4.76 -5.95
N VAL D 48 13.26 -5.24 -6.45
CA VAL D 48 13.14 -6.65 -6.84
C VAL D 48 12.94 -6.78 -8.34
N GLU D 49 13.61 -7.76 -8.94
CA GLU D 49 13.50 -8.00 -10.37
C GLU D 49 12.24 -8.80 -10.70
N THR D 50 12.08 -9.93 -10.02
CA THR D 50 10.92 -10.79 -10.25
C THR D 50 10.56 -11.56 -8.98
N VAL D 51 9.28 -11.50 -8.60
CA VAL D 51 8.82 -12.21 -7.41
C VAL D 51 7.76 -13.24 -7.77
N VAL D 52 7.93 -14.45 -7.26
CA VAL D 52 6.99 -15.54 -7.53
C VAL D 52 6.53 -16.18 -6.23
N GLY D 53 5.21 -16.29 -6.06
CA GLY D 53 4.66 -16.89 -4.86
C GLY D 53 3.60 -17.93 -5.16
N LYS D 54 3.69 -19.07 -4.51
CA LYS D 54 2.73 -20.16 -4.71
C LYS D 54 2.25 -20.72 -3.38
N GLY D 55 1.01 -21.19 -3.36
CA GLY D 55 0.45 -21.76 -2.15
C GLY D 55 0.57 -20.81 -0.96
N GLU D 56 -0.42 -19.95 -0.78
CA GLU D 56 -0.41 -19.00 0.32
C GLU D 56 0.96 -18.35 0.47
N SER D 57 1.40 -17.68 -0.59
CA SER D 57 2.71 -17.02 -0.58
C SER D 57 2.60 -15.62 0.01
N ARG D 58 3.65 -15.20 0.72
CA ARG D 58 3.68 -13.89 1.34
C ARG D 58 4.98 -13.16 1.04
N VAL D 59 4.89 -11.94 0.54
CA VAL D 59 6.07 -11.14 0.22
C VAL D 59 5.96 -9.74 0.79
N LEU D 60 6.94 -9.35 1.59
CA LEU D 60 6.95 -8.03 2.20
C LEU D 60 8.21 -7.26 1.82
N ILE D 61 8.04 -6.21 1.02
CA ILE D 61 9.17 -5.40 0.59
C ILE D 61 9.16 -4.03 1.28
N GLY D 62 10.14 -3.82 2.16
CA GLY D 62 10.24 -2.57 2.87
C GLY D 62 10.54 -2.76 4.35
N ASN D 63 10.75 -1.65 5.05
CA ASN D 63 11.05 -1.70 6.47
C ASN D 63 9.78 -1.65 7.31
N GLU D 64 9.78 -2.37 8.43
CA GLU D 64 8.62 -2.40 9.32
C GLU D 64 8.94 -1.74 10.65
N TYR D 65 8.05 -0.85 11.09
CA TYR D 65 8.24 -0.16 12.36
C TYR D 65 7.12 -0.51 13.35
N GLY D 66 7.52 -0.95 14.53
CA GLY D 66 6.54 -1.32 15.54
C GLY D 66 6.77 -2.72 16.09
N GLY D 67 6.39 -2.93 17.34
CA GLY D 67 6.56 -4.24 17.96
C GLY D 67 8.01 -4.70 17.95
N LYS D 68 8.28 -5.82 18.62
CA LYS D 68 9.63 -6.37 18.68
C LYS D 68 9.65 -7.82 18.24
N GLY D 69 8.75 -8.17 17.32
CA GLY D 69 8.69 -9.53 16.82
C GLY D 69 9.11 -9.65 15.37
N PHE D 70 8.20 -10.11 14.52
CA PHE D 70 8.49 -10.27 13.10
C PHE D 70 7.20 -10.42 12.30
N TRP D 71 6.97 -9.49 11.37
CA TRP D 71 5.78 -9.52 10.54
C TRP D 71 4.51 -9.36 11.39
N ASP D 72 4.68 -8.78 12.58
CA ASP D 72 3.55 -8.57 13.48
C ASP D 72 4.02 -7.90 14.77
N ASN D 73 3.13 -7.84 15.75
CA ASN D 73 3.45 -7.21 17.03
C ASN D 73 3.67 -8.26 18.11
N HIS D 74 3.82 -7.80 19.35
CA HIS D 74 4.03 -8.71 20.48
C HIS D 74 2.95 -9.78 20.54
N HIS D 75 3.35 -11.01 20.81
CA HIS D 75 2.40 -12.12 20.89
C HIS D 75 3.09 -13.38 21.42
N HIS D 76 2.35 -14.48 21.45
CA HIS D 76 2.89 -15.75 21.92
C HIS D 76 2.50 -16.90 20.99
N HIS D 77 2.76 -18.12 21.41
CA HIS D 77 2.44 -19.30 20.61
C HIS D 77 2.63 -20.58 21.42
N HIS D 78 2.44 -21.72 20.77
CA HIS D 78 2.59 -23.01 21.43
C HIS D 78 3.08 -24.07 20.44
N HIS D 79 3.15 -25.31 20.92
CA HIS D 79 3.61 -26.41 20.08
C HIS D 79 2.60 -27.55 20.08
N MET E 1 12.86 12.69 3.33
CA MET E 1 13.37 13.60 2.31
C MET E 1 14.76 14.12 2.68
N LYS E 2 15.64 13.22 3.08
CA LYS E 2 16.99 13.59 3.48
C LYS E 2 17.94 12.39 3.33
N ILE E 3 18.99 12.56 2.54
CA ILE E 3 19.96 11.50 2.33
C ILE E 3 21.37 12.07 2.20
N ASP E 4 22.36 11.30 2.64
CA ASP E 4 23.76 11.74 2.57
C ASP E 4 24.69 10.53 2.53
N ALA E 5 25.98 10.79 2.40
CA ALA E 5 26.99 9.74 2.35
C ALA E 5 26.75 8.82 1.16
N ILE E 6 27.61 7.81 1.02
CA ILE E 6 27.50 6.86 -0.08
C ILE E 6 27.15 5.47 0.44
N VAL E 7 25.91 5.05 0.22
CA VAL E 7 25.45 3.73 0.65
C VAL E 7 24.67 3.02 -0.45
N GLY E 8 24.76 1.70 -0.47
CA GLY E 8 24.06 0.93 -1.48
C GLY E 8 22.58 0.80 -1.18
N ARG E 9 22.06 -0.42 -1.26
CA ARG E 9 20.66 -0.68 -1.00
C ARG E 9 20.33 -2.16 -1.15
N ASN E 10 19.07 -2.51 -0.91
CA ASN E 10 18.63 -3.90 -1.03
C ASN E 10 18.29 -4.24 -2.48
N SER E 11 18.94 -5.28 -3.01
CA SER E 11 18.70 -5.70 -4.38
C SER E 11 18.23 -7.15 -4.42
N ALA E 12 17.34 -7.45 -5.37
CA ALA E 12 16.81 -8.80 -5.52
C ALA E 12 16.67 -9.17 -7.00
N LYS E 13 17.38 -10.22 -7.40
CA LYS E 13 17.34 -10.67 -8.79
C LYS E 13 16.09 -11.50 -9.05
N ASP E 14 15.75 -12.37 -8.10
CA ASP E 14 14.57 -13.21 -8.23
C ASP E 14 14.25 -13.89 -6.90
N ILE E 15 12.96 -13.94 -6.56
CA ILE E 15 12.52 -14.56 -5.32
C ILE E 15 11.40 -15.57 -5.58
N ARG E 16 11.67 -16.84 -5.27
CA ARG E 16 10.69 -17.90 -5.47
C ARG E 16 10.34 -18.57 -4.14
N THR E 17 9.10 -18.42 -3.71
CA THR E 17 8.63 -19.01 -2.47
C THR E 17 7.29 -19.71 -2.64
N GLU E 18 7.21 -20.96 -2.22
CA GLU E 18 5.98 -21.74 -2.33
C GLU E 18 5.70 -22.51 -1.05
N GLU E 19 4.46 -22.95 -0.88
CA GLU E 19 4.07 -23.70 0.30
C GLU E 19 4.14 -22.83 1.55
N ARG E 20 3.15 -21.96 1.72
CA ARG E 20 3.10 -21.08 2.87
C ARG E 20 4.47 -20.47 3.15
N ALA E 21 5.17 -20.06 2.08
CA ALA E 21 6.48 -19.47 2.22
C ALA E 21 6.40 -17.96 2.32
N ARG E 22 7.27 -17.37 3.14
CA ARG E 22 7.28 -15.93 3.33
C ARG E 22 8.67 -15.36 3.08
N VAL E 23 8.73 -14.23 2.38
CA VAL E 23 10.00 -13.58 2.06
C VAL E 23 9.92 -12.08 2.27
N GLN E 24 10.79 -11.56 3.13
CA GLN E 24 10.82 -10.14 3.43
C GLN E 24 12.11 -9.49 2.92
N LEU E 25 11.97 -8.32 2.32
CA LEU E 25 13.12 -7.60 1.78
C LEU E 25 13.28 -6.24 2.44
N GLY E 26 14.40 -6.03 3.12
CA GLY E 26 14.65 -4.78 3.79
C GLY E 26 14.92 -4.94 5.27
N ASN E 27 15.37 -3.88 5.91
CA ASN E 27 15.68 -3.91 7.34
C ASN E 27 14.43 -3.63 8.17
N VAL E 28 14.33 -4.27 9.33
CA VAL E 28 13.19 -4.10 10.21
C VAL E 28 13.59 -3.37 11.49
N VAL E 29 12.73 -2.47 11.94
CA VAL E 29 12.99 -1.70 13.16
C VAL E 29 11.90 -1.92 14.20
N THR E 30 12.31 -2.26 15.42
CA THR E 30 11.36 -2.49 16.50
C THR E 30 10.67 -1.20 16.92
N ALA E 31 9.71 -1.32 17.83
CA ALA E 31 8.96 -0.16 18.32
C ALA E 31 9.91 0.89 18.88
N ALA E 32 10.88 0.45 19.67
CA ALA E 32 11.84 1.36 20.28
C ALA E 32 12.58 2.16 19.21
N ALA E 33 13.14 1.47 18.23
CA ALA E 33 13.87 2.12 17.15
C ALA E 33 15.04 2.92 17.69
N LEU E 34 15.75 3.60 16.79
CA LEU E 34 16.90 4.41 17.17
C LEU E 34 16.54 5.38 18.30
N HIS E 35 17.03 5.10 19.49
CA HIS E 35 16.75 5.95 20.66
C HIS E 35 17.65 7.17 20.65
N GLY E 36 17.14 8.28 21.20
CA GLY E 36 17.90 9.51 21.24
C GLY E 36 17.89 10.25 19.92
N GLY E 37 18.35 9.59 18.87
CA GLY E 37 18.39 10.21 17.55
C GLY E 37 17.28 9.70 16.65
N ILE E 38 17.60 9.57 15.36
CA ILE E 38 16.63 9.09 14.38
C ILE E 38 17.27 8.92 13.01
N ARG E 39 17.06 7.75 12.40
CA ARG E 39 17.62 7.46 11.09
C ARG E 39 16.59 7.74 9.99
N ILE E 40 17.07 8.07 8.80
CA ILE E 40 16.20 8.34 7.67
C ILE E 40 16.87 7.98 6.34
N SER E 41 17.39 6.76 6.27
CA SER E 41 18.05 6.29 5.06
C SER E 41 18.53 4.85 5.24
N ASP E 42 18.93 4.23 4.12
CA ASP E 42 19.40 2.86 4.15
C ASP E 42 20.57 2.70 5.12
N GLN E 43 21.00 1.46 5.32
CA GLN E 43 22.12 1.18 6.22
C GLN E 43 23.06 0.15 5.62
N THR E 44 22.64 -1.11 5.63
CA THR E 44 23.45 -2.19 5.08
C THR E 44 22.98 -2.58 3.69
N THR E 45 23.93 -2.80 2.78
CA THR E 45 23.61 -3.18 1.42
C THR E 45 23.59 -4.70 1.25
N ASN E 46 22.41 -5.25 1.03
CA ASN E 46 22.25 -6.69 0.85
C ASN E 46 21.56 -7.01 -0.48
N SER E 47 22.26 -7.76 -1.32
CA SER E 47 21.73 -8.13 -2.63
C SER E 47 21.74 -9.64 -2.81
N VAL E 48 20.57 -10.22 -3.02
CA VAL E 48 20.46 -11.67 -3.21
C VAL E 48 20.04 -12.00 -4.64
N GLU E 49 20.68 -13.02 -5.21
CA GLU E 49 20.38 -13.44 -6.58
C GLU E 49 19.01 -14.10 -6.65
N THR E 50 19.01 -15.43 -6.58
CA THR E 50 17.76 -16.19 -6.64
C THR E 50 17.56 -17.02 -5.38
N VAL E 51 16.40 -16.85 -4.75
CA VAL E 51 16.09 -17.58 -3.53
C VAL E 51 14.90 -18.51 -3.73
N VAL E 52 15.12 -19.80 -3.53
CA VAL E 52 14.06 -20.80 -3.70
C VAL E 52 13.78 -21.52 -2.39
N GLY E 53 12.55 -21.40 -1.91
CA GLY E 53 12.17 -22.04 -0.66
C GLY E 53 11.00 -22.99 -0.84
N LYS E 54 11.12 -24.19 -0.27
CA LYS E 54 10.08 -25.19 -0.37
C LYS E 54 9.62 -25.64 1.01
N GLY E 55 8.34 -25.98 1.13
CA GLY E 55 7.79 -26.42 2.40
C GLY E 55 8.03 -25.41 3.51
N GLU E 56 7.09 -24.48 3.67
CA GLU E 56 7.20 -23.46 4.70
C GLU E 56 8.63 -22.92 4.77
N SER E 57 8.99 -22.06 3.83
CA SER E 57 10.32 -21.47 3.79
C SER E 57 10.29 -20.02 4.25
N ARG E 58 11.36 -19.60 4.93
CA ARG E 58 11.46 -18.24 5.43
C ARG E 58 12.71 -17.55 4.89
N VAL E 59 12.53 -16.36 4.31
CA VAL E 59 13.64 -15.60 3.76
C VAL E 59 13.60 -14.15 4.20
N LEU E 60 14.67 -13.68 4.81
CA LEU E 60 14.75 -12.30 5.29
C LEU E 60 16.00 -11.62 4.77
N ILE E 61 15.83 -10.48 4.12
CA ILE E 61 16.95 -9.72 3.58
C ILE E 61 17.14 -8.40 4.32
N GLY E 62 18.35 -8.19 4.85
CA GLY E 62 18.63 -6.97 5.57
C GLY E 62 18.90 -7.22 7.04
N ASN E 63 18.99 -6.14 7.82
CA ASN E 63 19.25 -6.25 9.25
C ASN E 63 17.97 -6.04 10.06
N GLU E 64 17.95 -6.58 11.27
CA GLU E 64 16.79 -6.46 12.14
C GLU E 64 17.15 -5.78 13.45
N TYR E 65 16.36 -4.80 13.86
CA TYR E 65 16.60 -4.08 15.10
C TYR E 65 15.48 -4.32 16.10
N GLY E 66 15.86 -4.77 17.30
CA GLY E 66 14.87 -5.03 18.33
C GLY E 66 15.41 -5.93 19.43
N GLY E 67 14.55 -6.24 20.40
CA GLY E 67 14.97 -7.10 21.51
C GLY E 67 15.62 -8.38 21.03
N LYS E 68 16.22 -9.11 21.97
CA LYS E 68 16.88 -10.37 21.63
C LYS E 68 15.94 -11.29 20.87
N GLY E 69 16.23 -11.49 19.59
CA GLY E 69 15.40 -12.35 18.76
C GLY E 69 16.09 -12.74 17.47
N PHE E 70 16.30 -14.03 17.28
CA PHE E 70 16.94 -14.53 16.06
C PHE E 70 16.15 -14.15 14.82
N TRP E 71 14.87 -13.85 15.01
CA TRP E 71 14.00 -13.46 13.91
C TRP E 71 12.82 -12.62 14.41
N ASP E 72 12.16 -13.10 15.44
CA ASP E 72 11.02 -12.39 16.01
C ASP E 72 11.34 -11.89 17.43
N ASN E 73 11.36 -12.81 18.38
CA ASN E 73 11.65 -12.46 19.77
C ASN E 73 12.36 -13.60 20.48
N HIS E 74 12.73 -13.37 21.74
CA HIS E 74 13.42 -14.39 22.53
C HIS E 74 12.64 -15.71 22.52
N HIS E 75 13.31 -16.78 22.09
CA HIS E 75 12.69 -18.09 22.02
C HIS E 75 13.72 -19.17 21.70
N HIS E 76 13.32 -20.43 21.85
CA HIS E 76 14.21 -21.55 21.57
C HIS E 76 13.42 -22.85 21.47
N HIS E 77 13.37 -23.42 20.26
CA HIS E 77 12.66 -24.66 20.03
C HIS E 77 12.82 -25.12 18.59
N HIS E 78 13.24 -26.36 18.40
CA HIS E 78 13.44 -26.92 17.07
C HIS E 78 12.69 -28.24 16.91
N HIS E 79 13.15 -29.26 17.62
CA HIS E 79 12.52 -30.58 17.57
C HIS E 79 13.16 -31.53 18.58
N MET A 1 -7.76 39.72 -12.34
CA MET A 1 -7.70 39.38 -10.92
C MET A 1 -6.93 38.08 -10.71
N LYS A 2 -6.81 37.67 -9.45
CA LYS A 2 -6.10 36.44 -9.11
C LYS A 2 -7.08 35.35 -8.69
N ILE A 3 -6.56 34.14 -8.48
CA ILE A 3 -7.39 33.02 -8.07
C ILE A 3 -6.61 32.06 -7.18
N ASP A 4 -7.26 30.97 -6.78
CA ASP A 4 -6.62 29.97 -5.92
C ASP A 4 -6.89 28.56 -6.44
N ALA A 5 -6.53 27.56 -5.65
CA ALA A 5 -6.73 26.17 -6.02
C ALA A 5 -7.90 25.56 -5.27
N ILE A 6 -8.33 24.38 -5.70
CA ILE A 6 -9.43 23.69 -5.06
C ILE A 6 -9.13 22.21 -4.88
N VAL A 7 -9.55 21.65 -3.74
CA VAL A 7 -9.33 20.25 -3.44
C VAL A 7 -10.34 19.36 -4.16
N GLY A 8 -9.94 18.13 -4.45
CA GLY A 8 -10.84 17.21 -5.12
C GLY A 8 -11.16 17.63 -6.54
N ARG A 9 -10.64 16.87 -7.51
CA ARG A 9 -10.88 17.19 -8.92
C ARG A 9 -11.06 15.91 -9.73
N ASN A 10 -12.32 15.52 -9.94
CA ASN A 10 -12.63 14.32 -10.71
C ASN A 10 -12.63 14.61 -12.20
N SER A 11 -11.64 14.06 -12.91
CA SER A 11 -11.53 14.25 -14.35
C SER A 11 -11.57 12.92 -15.09
N ALA A 12 -12.07 12.95 -16.32
CA ALA A 12 -12.16 11.74 -17.14
C ALA A 12 -11.89 12.05 -18.60
N LYS A 13 -10.85 11.43 -19.16
CA LYS A 13 -10.48 11.64 -20.55
C LYS A 13 -11.43 10.88 -21.47
N ASP A 14 -11.65 9.60 -21.17
CA ASP A 14 -12.53 8.78 -21.98
C ASP A 14 -12.92 7.50 -21.23
N ILE A 15 -14.19 7.14 -21.28
CA ILE A 15 -14.69 5.95 -20.61
C ILE A 15 -15.70 5.21 -21.47
N ARG A 16 -15.55 3.89 -21.56
CA ARG A 16 -16.45 3.06 -22.34
C ARG A 16 -16.93 1.86 -21.54
N THR A 17 -18.22 1.55 -21.68
CA THR A 17 -18.82 0.43 -20.96
C THR A 17 -19.72 -0.39 -21.87
N GLU A 18 -19.78 -1.70 -21.63
CA GLU A 18 -20.60 -2.58 -22.43
C GLU A 18 -21.39 -3.54 -21.54
N GLU A 19 -22.38 -4.21 -22.13
CA GLU A 19 -23.22 -5.14 -21.39
C GLU A 19 -24.17 -4.41 -20.46
N ARG A 20 -23.62 -3.82 -19.40
CA ARG A 20 -24.42 -3.09 -18.43
C ARG A 20 -23.54 -2.55 -17.30
N ALA A 21 -22.66 -1.61 -17.63
CA ALA A 21 -21.77 -1.02 -16.64
C ALA A 21 -22.25 0.37 -16.24
N ARG A 22 -21.83 0.82 -15.06
CA ARG A 22 -22.22 2.13 -14.54
C ARG A 22 -21.00 2.91 -14.07
N VAL A 23 -20.98 4.21 -14.39
CA VAL A 23 -19.87 5.07 -14.00
C VAL A 23 -20.36 6.23 -13.15
N GLN A 24 -19.83 6.34 -11.93
CA GLN A 24 -20.21 7.42 -11.02
C GLN A 24 -19.05 8.37 -10.79
N LEU A 25 -19.21 9.61 -11.21
CA LEU A 25 -18.18 10.63 -11.04
C LEU A 25 -18.61 11.70 -10.05
N GLY A 26 -17.86 11.82 -8.96
CA GLY A 26 -18.17 12.81 -7.94
C GLY A 26 -17.94 12.29 -6.54
N ASN A 27 -17.82 13.21 -5.58
CA ASN A 27 -17.59 12.84 -4.19
C ASN A 27 -18.90 12.55 -3.48
N VAL A 28 -18.94 11.46 -2.72
CA VAL A 28 -20.14 11.08 -1.99
C VAL A 28 -19.97 11.33 -0.50
N VAL A 29 -20.99 11.94 0.11
CA VAL A 29 -20.96 12.25 1.54
C VAL A 29 -22.15 11.61 2.26
N THR A 30 -21.86 10.64 3.13
CA THR A 30 -22.90 9.96 3.87
C THR A 30 -23.10 10.60 5.24
N ALA A 31 -24.24 10.30 5.86
CA ALA A 31 -24.56 10.85 7.17
C ALA A 31 -23.47 10.54 8.18
N ALA A 32 -22.84 9.38 8.03
CA ALA A 32 -21.77 8.97 8.94
C ALA A 32 -20.64 10.00 8.96
N ALA A 33 -20.38 10.61 7.81
CA ALA A 33 -19.33 11.60 7.70
C ALA A 33 -19.58 12.77 8.65
N LEU A 34 -18.86 12.79 9.76
CA LEU A 34 -18.99 13.85 10.75
C LEU A 34 -18.01 13.67 11.90
N HIS A 35 -18.10 14.54 12.89
CA HIS A 35 -17.21 14.46 14.05
C HIS A 35 -17.73 15.34 15.19
N GLY A 36 -17.69 16.65 15.00
CA GLY A 36 -18.16 17.57 16.02
C GLY A 36 -17.44 18.90 15.97
N GLY A 37 -16.11 18.86 15.83
CA GLY A 37 -15.33 20.09 15.78
C GLY A 37 -15.17 20.60 14.36
N ILE A 38 -14.03 21.22 14.10
CA ILE A 38 -13.74 21.77 12.78
C ILE A 38 -13.74 20.67 11.71
N ARG A 39 -13.86 21.07 10.45
CA ARG A 39 -13.87 20.11 9.36
C ARG A 39 -12.60 20.22 8.53
N ILE A 40 -12.06 19.08 8.11
CA ILE A 40 -10.84 19.05 7.31
C ILE A 40 -11.00 18.15 6.09
N SER A 41 -9.95 18.07 5.29
CA SER A 41 -9.97 17.23 4.08
C SER A 41 -8.63 17.29 3.36
N ASP A 42 -8.42 16.34 2.46
CA ASP A 42 -7.18 16.28 1.70
C ASP A 42 -7.34 16.94 0.34
N GLN A 43 -6.28 16.87 -0.48
CA GLN A 43 -6.31 17.46 -1.81
C GLN A 43 -6.07 16.42 -2.88
N THR A 44 -6.73 15.26 -2.74
CA THR A 44 -6.58 14.18 -3.71
C THR A 44 -7.34 14.47 -4.98
N THR A 45 -6.69 14.23 -6.13
CA THR A 45 -7.32 14.46 -7.41
C THR A 45 -7.33 13.19 -8.26
N ASN A 46 -8.52 12.62 -8.44
CA ASN A 46 -8.66 11.40 -9.23
C ASN A 46 -8.98 11.73 -10.68
N SER A 47 -8.20 11.16 -11.61
CA SER A 47 -8.39 11.39 -13.02
C SER A 47 -8.14 10.12 -13.83
N VAL A 48 -9.14 9.71 -14.60
CA VAL A 48 -9.02 8.50 -15.41
C VAL A 48 -8.86 8.85 -16.89
N GLU A 49 -7.96 8.15 -17.56
CA GLU A 49 -7.70 8.38 -18.98
C GLU A 49 -8.62 7.53 -19.84
N THR A 50 -8.44 6.21 -19.79
CA THR A 50 -9.26 5.29 -20.57
C THR A 50 -9.91 4.24 -19.67
N VAL A 51 -11.22 4.11 -19.78
CA VAL A 51 -11.97 3.15 -18.99
C VAL A 51 -12.66 2.12 -19.87
N VAL A 52 -12.48 0.84 -19.54
CA VAL A 52 -13.09 -0.24 -20.30
C VAL A 52 -13.89 -1.18 -19.40
N GLY A 53 -15.20 -1.21 -19.61
CA GLY A 53 -16.05 -2.06 -18.81
C GLY A 53 -16.61 -3.24 -19.59
N LYS A 54 -16.52 -4.44 -19.02
CA LYS A 54 -17.01 -5.64 -19.67
C LYS A 54 -17.88 -6.46 -18.71
N GLY A 55 -19.02 -6.92 -19.21
CA GLY A 55 -19.92 -7.72 -18.39
C GLY A 55 -20.18 -7.08 -17.04
N GLU A 56 -21.15 -6.18 -16.98
CA GLU A 56 -21.49 -5.50 -15.74
C GLU A 56 -20.24 -4.97 -15.04
N SER A 57 -19.73 -3.84 -15.52
CA SER A 57 -18.53 -3.23 -14.94
C SER A 57 -18.89 -2.06 -14.04
N ARG A 58 -18.13 -1.88 -12.97
CA ARG A 58 -18.37 -0.80 -12.03
C ARG A 58 -17.23 0.21 -12.07
N VAL A 59 -17.57 1.49 -12.23
CA VAL A 59 -16.56 2.55 -12.28
C VAL A 59 -16.94 3.70 -11.35
N LEU A 60 -16.04 4.02 -10.43
CA LEU A 60 -16.28 5.11 -9.48
C LEU A 60 -15.12 6.10 -9.48
N ILE A 61 -15.37 7.31 -9.97
CA ILE A 61 -14.34 8.34 -10.02
C ILE A 61 -14.63 9.45 -9.01
N GLY A 62 -13.88 9.44 -7.91
CA GLY A 62 -14.07 10.45 -6.88
C GLY A 62 -13.64 9.97 -5.52
N ASN A 63 -14.14 10.62 -4.48
CA ASN A 63 -13.79 10.26 -3.10
C ASN A 63 -15.05 10.05 -2.26
N GLU A 64 -14.92 9.27 -1.20
CA GLU A 64 -16.04 8.98 -0.31
C GLU A 64 -15.79 9.56 1.08
N TYR A 65 -16.81 10.20 1.63
CA TYR A 65 -16.71 10.82 2.96
C TYR A 65 -17.72 10.20 3.91
N GLY A 66 -17.24 9.72 5.06
CA GLY A 66 -18.11 9.11 6.04
C GLY A 66 -18.04 7.59 6.03
N GLY A 67 -18.45 6.98 7.12
CA GLY A 67 -18.42 5.53 7.21
C GLY A 67 -19.42 4.87 6.28
N LYS A 68 -20.20 3.94 6.82
CA LYS A 68 -21.21 3.24 6.03
C LYS A 68 -20.56 2.43 4.91
N GLY A 69 -19.33 2.00 5.14
CA GLY A 69 -18.62 1.23 4.13
C GLY A 69 -17.78 2.10 3.21
N PHE A 70 -16.70 1.53 2.68
CA PHE A 70 -15.81 2.25 1.78
C PHE A 70 -16.52 2.58 0.46
N TRP A 71 -17.38 1.67 0.02
CA TRP A 71 -18.12 1.86 -1.22
C TRP A 71 -19.12 0.73 -1.44
N ASP A 72 -18.61 -0.46 -1.69
CA ASP A 72 -19.46 -1.63 -1.91
C ASP A 72 -18.62 -2.89 -2.07
N ASN A 73 -17.95 -3.28 -1.00
CA ASN A 73 -17.10 -4.48 -1.02
C ASN A 73 -17.59 -5.50 0.00
N HIS A 74 -17.93 -5.02 1.19
CA HIS A 74 -18.40 -5.90 2.26
C HIS A 74 -17.32 -6.90 2.66
N HIS A 75 -16.71 -6.67 3.82
CA HIS A 75 -15.67 -7.53 4.33
C HIS A 75 -16.25 -8.85 4.85
N HIS A 76 -15.42 -9.64 5.53
CA HIS A 76 -15.87 -10.92 6.08
C HIS A 76 -16.29 -11.87 4.97
N HIS A 77 -16.80 -13.03 5.35
CA HIS A 77 -17.25 -14.03 4.39
C HIS A 77 -16.08 -14.54 3.56
N HIS A 78 -15.60 -15.73 3.87
CA HIS A 78 -14.48 -16.33 3.15
C HIS A 78 -13.25 -15.44 3.24
N HIS A 79 -12.58 -15.48 4.38
CA HIS A 79 -11.38 -14.67 4.60
C HIS A 79 -10.38 -14.89 3.48
N MET B 1 7.45 32.03 -3.69
CA MET B 1 7.00 32.13 -2.30
C MET B 1 5.84 31.17 -2.03
N LYS B 2 5.09 30.86 -3.07
CA LYS B 2 3.94 29.96 -2.94
C LYS B 2 4.35 28.66 -2.25
N ILE B 3 3.35 27.86 -1.88
CA ILE B 3 3.61 26.59 -1.21
C ILE B 3 4.21 25.57 -2.18
N ASP B 4 3.69 25.55 -3.40
CA ASP B 4 4.19 24.62 -4.42
C ASP B 4 3.94 23.18 -4.00
N ALA B 5 4.50 22.25 -4.76
CA ALA B 5 4.34 20.83 -4.47
C ALA B 5 2.87 20.41 -4.56
N ILE B 6 2.60 19.13 -4.33
CA ILE B 6 1.24 18.61 -4.38
C ILE B 6 1.12 17.34 -3.54
N VAL B 7 0.04 17.25 -2.76
CA VAL B 7 -0.19 16.08 -1.92
C VAL B 7 -1.43 15.32 -2.38
N GLY B 8 -1.32 14.00 -2.44
CA GLY B 8 -2.43 13.17 -2.87
C GLY B 8 -2.80 13.40 -4.33
N ARG B 9 -2.51 12.43 -5.18
CA ARG B 9 -2.81 12.54 -6.59
C ARG B 9 -3.17 11.18 -7.19
N ASN B 10 -4.39 11.06 -7.70
CA ASN B 10 -4.85 9.81 -8.29
C ASN B 10 -4.97 9.93 -9.81
N SER B 11 -4.21 9.10 -10.51
CA SER B 11 -4.23 9.12 -11.97
C SER B 11 -4.33 7.71 -12.54
N ALA B 12 -4.97 7.57 -13.69
CA ALA B 12 -5.13 6.27 -14.33
C ALA B 12 -4.94 6.38 -15.84
N LYS B 13 -3.95 5.65 -16.35
CA LYS B 13 -3.66 5.66 -17.78
C LYS B 13 -4.67 4.81 -18.55
N ASP B 14 -4.97 3.63 -18.03
CA ASP B 14 -5.92 2.74 -18.67
C ASP B 14 -6.34 1.63 -17.70
N ILE B 15 -7.65 1.36 -17.66
CA ILE B 15 -8.19 0.33 -16.79
C ILE B 15 -9.30 -0.46 -17.48
N ARG B 16 -9.23 -1.78 -17.37
CA ARG B 16 -10.23 -2.65 -17.99
C ARG B 16 -10.67 -3.74 -17.02
N THR B 17 -11.98 -3.98 -16.98
CA THR B 17 -12.53 -5.00 -16.09
C THR B 17 -13.59 -5.84 -16.81
N GLU B 18 -13.69 -7.11 -16.43
CA GLU B 18 -14.65 -8.02 -17.03
C GLU B 18 -15.35 -8.86 -15.98
N GLU B 19 -16.42 -9.54 -16.38
CA GLU B 19 -17.19 -10.37 -15.46
C GLU B 19 -18.01 -9.52 -14.49
N ARG B 20 -17.32 -8.88 -13.55
CA ARG B 20 -17.97 -8.03 -12.57
C ARG B 20 -16.96 -7.40 -11.63
N ALA B 21 -16.07 -6.57 -12.19
CA ALA B 21 -15.05 -5.90 -11.40
C ALA B 21 -15.42 -4.45 -11.14
N ARG B 22 -14.85 -3.87 -10.09
CA ARG B 22 -15.12 -2.48 -9.73
C ARG B 22 -13.83 -1.71 -9.52
N VAL B 23 -13.77 -0.50 -10.07
CA VAL B 23 -12.59 0.34 -9.93
C VAL B 23 -12.93 1.69 -9.31
N GLN B 24 -12.19 2.07 -8.28
CA GLN B 24 -12.42 3.34 -7.60
C GLN B 24 -11.18 4.23 -7.67
N LEU B 25 -11.37 5.44 -8.18
CA LEU B 25 -10.26 6.39 -8.30
C LEU B 25 -10.45 7.56 -7.35
N GLY B 26 -9.50 7.73 -6.43
CA GLY B 26 -9.57 8.83 -5.47
C GLY B 26 -9.30 8.37 -4.06
N ASN B 27 -9.28 9.31 -3.13
CA ASN B 27 -9.02 9.01 -1.72
C ASN B 27 -10.32 8.62 -1.01
N VAL B 28 -10.25 7.54 -0.24
CA VAL B 28 -11.42 7.06 0.50
C VAL B 28 -11.31 7.40 1.98
N VAL B 29 -12.21 8.25 2.46
CA VAL B 29 -12.21 8.65 3.87
C VAL B 29 -13.36 8.00 4.62
N THR B 30 -13.03 7.26 5.68
CA THR B 30 -14.03 6.59 6.49
C THR B 30 -14.42 7.42 7.71
N ALA B 31 -15.54 7.09 8.32
CA ALA B 31 -16.01 7.80 9.51
C ALA B 31 -14.98 7.74 10.63
N ALA B 32 -14.27 6.62 10.71
CA ALA B 32 -13.25 6.45 11.73
C ALA B 32 -12.20 7.55 11.68
N ALA B 33 -11.89 8.00 10.46
CA ALA B 33 -10.90 9.06 10.27
C ALA B 33 -11.32 10.34 11.00
N LEU B 34 -12.61 10.66 10.92
CA LEU B 34 -13.13 11.86 11.57
C LEU B 34 -12.40 13.10 11.11
N HIS B 35 -12.77 14.25 11.66
CA HIS B 35 -12.14 15.52 11.31
C HIS B 35 -11.59 16.23 12.54
N GLY B 36 -10.54 15.67 13.12
CA GLY B 36 -9.94 16.27 14.30
C GLY B 36 -9.43 17.67 14.05
N GLY B 37 -8.49 17.79 13.12
CA GLY B 37 -7.93 19.10 12.80
C GLY B 37 -6.83 19.01 11.75
N ILE B 38 -6.62 20.11 11.04
CA ILE B 38 -5.59 20.15 10.00
C ILE B 38 -4.25 19.71 10.54
N ARG B 39 -3.57 18.84 9.79
CA ARG B 39 -2.27 18.32 10.20
C ARG B 39 -1.40 18.03 8.98
N ILE B 40 -0.10 18.29 9.12
CA ILE B 40 0.84 18.05 8.03
C ILE B 40 0.75 16.61 7.53
N SER B 41 1.15 16.40 6.28
CA SER B 41 1.12 15.06 5.68
C SER B 41 2.02 15.00 4.46
N ASP B 42 2.67 13.85 4.26
CA ASP B 42 3.56 13.65 3.13
C ASP B 42 2.82 13.87 1.82
N GLN B 43 3.56 13.81 0.71
CA GLN B 43 2.97 14.00 -0.61
C GLN B 43 2.97 12.69 -1.39
N THR B 44 1.97 11.85 -1.14
CA THR B 44 1.85 10.57 -1.81
C THR B 44 1.02 10.69 -3.09
N THR B 45 1.47 10.05 -4.16
CA THR B 45 0.78 10.09 -5.43
C THR B 45 0.61 8.70 -6.01
N ASN B 46 -0.63 8.30 -6.26
CA ASN B 46 -0.93 6.99 -6.83
C ASN B 46 -1.35 7.10 -8.29
N SER B 47 -0.66 6.37 -9.15
CA SER B 47 -0.96 6.40 -10.57
C SER B 47 -0.79 5.00 -11.19
N VAL B 48 -1.87 4.51 -11.82
CA VAL B 48 -1.84 3.19 -12.44
C VAL B 48 -1.78 3.31 -13.96
N GLU B 49 -0.96 2.47 -14.58
CA GLU B 49 -0.81 2.48 -16.03
C GLU B 49 -1.88 1.62 -16.69
N THR B 50 -1.74 0.30 -16.56
CA THR B 50 -2.69 -0.64 -17.14
C THR B 50 -3.30 -1.54 -16.08
N VAL B 51 -4.62 -1.58 -16.03
CA VAL B 51 -5.33 -2.41 -15.05
C VAL B 51 -6.18 -3.46 -15.75
N VAL B 52 -6.01 -4.72 -15.35
CA VAL B 52 -6.76 -5.82 -15.93
C VAL B 52 -7.45 -6.65 -14.84
N GLY B 53 -8.77 -6.64 -14.85
CA GLY B 53 -9.52 -7.40 -13.85
C GLY B 53 -10.28 -8.56 -14.47
N LYS B 54 -10.17 -9.73 -13.85
CA LYS B 54 -10.85 -10.92 -14.34
C LYS B 54 -11.62 -11.61 -13.22
N GLY B 55 -12.82 -12.10 -13.52
CA GLY B 55 -13.63 -12.77 -12.53
C GLY B 55 -13.74 -11.97 -11.25
N GLU B 56 -14.70 -11.06 -11.20
CA GLU B 56 -14.91 -10.23 -10.02
C GLU B 56 -13.58 -9.69 -9.49
N SER B 57 -13.03 -8.71 -10.18
CA SER B 57 -11.76 -8.11 -9.79
C SER B 57 -11.99 -6.81 -9.03
N ARG B 58 -11.12 -6.53 -8.07
CA ARG B 58 -11.23 -5.32 -7.26
C ARG B 58 -10.05 -4.39 -7.52
N VAL B 59 -10.34 -3.13 -7.83
CA VAL B 59 -9.30 -2.14 -8.10
C VAL B 59 -9.53 -0.87 -7.30
N LEU B 60 -8.54 -0.49 -6.50
CA LEU B 60 -8.63 0.71 -5.68
C LEU B 60 -7.43 1.62 -5.90
N ILE B 61 -7.66 2.77 -6.51
CA ILE B 61 -6.59 3.72 -6.78
C ILE B 61 -6.71 4.95 -5.88
N GLY B 62 -5.85 5.01 -4.86
CA GLY B 62 -5.87 6.13 -3.95
C GLY B 62 -5.46 5.73 -2.53
N ASN B 63 -5.58 6.67 -1.59
CA ASN B 63 -5.22 6.42 -0.21
C ASN B 63 -6.46 6.37 0.68
N GLU B 64 -6.35 5.66 1.79
CA GLU B 64 -7.47 5.53 2.73
C GLU B 64 -7.15 6.25 4.04
N TYR B 65 -8.14 6.98 4.56
CA TYR B 65 -7.98 7.72 5.80
C TYR B 65 -8.97 7.24 6.86
N GLY B 66 -8.47 6.94 8.05
CA GLY B 66 -9.32 6.47 9.12
C GLY B 66 -9.13 5.00 9.42
N GLY B 67 -9.31 4.62 10.68
CA GLY B 67 -9.15 3.23 11.08
C GLY B 67 -10.24 2.35 10.51
N LYS B 68 -10.81 1.51 11.36
CA LYS B 68 -11.88 0.60 10.93
C LYS B 68 -11.37 -0.37 9.88
N GLY B 69 -10.11 -0.79 10.02
CA GLY B 69 -9.52 -1.72 9.08
C GLY B 69 -9.18 -1.07 7.76
N PHE B 70 -8.06 -1.46 7.17
CA PHE B 70 -7.62 -0.90 5.89
C PHE B 70 -8.44 -1.46 4.74
N TRP B 71 -9.26 -0.62 4.13
CA TRP B 71 -10.09 -1.03 3.01
C TRP B 71 -10.91 -2.27 3.37
N ASP B 72 -11.24 -2.41 4.66
CA ASP B 72 -12.01 -3.54 5.13
C ASP B 72 -11.27 -4.85 4.88
N ASN B 73 -10.54 -5.32 5.88
CA ASN B 73 -9.78 -6.56 5.76
C ASN B 73 -10.48 -7.70 6.51
N HIS B 74 -9.84 -8.87 6.52
CA HIS B 74 -10.40 -10.03 7.18
C HIS B 74 -9.47 -10.51 8.30
N HIS B 75 -9.85 -11.62 8.94
CA HIS B 75 -9.06 -12.17 10.03
C HIS B 75 -7.96 -13.07 9.48
N HIS B 76 -8.34 -14.11 8.74
CA HIS B 76 -7.38 -15.04 8.17
C HIS B 76 -6.55 -15.71 9.26
N HIS B 77 -5.51 -16.43 8.84
CA HIS B 77 -4.63 -17.11 9.78
C HIS B 77 -3.18 -16.67 9.61
N HIS B 78 -2.41 -16.73 10.68
CA HIS B 78 -1.01 -16.33 10.64
C HIS B 78 -0.10 -17.54 10.89
N HIS B 79 1.14 -17.44 10.42
CA HIS B 79 2.11 -18.52 10.58
C HIS B 79 3.49 -18.10 10.06
N MET C 1 -6.98 16.19 -23.59
CA MET C 1 -7.17 17.63 -23.48
C MET C 1 -6.66 18.15 -22.14
N LYS C 2 -6.94 17.39 -21.08
CA LYS C 2 -6.52 17.77 -19.74
C LYS C 2 -5.96 16.57 -18.99
N ILE C 3 -4.63 16.48 -18.93
CA ILE C 3 -3.98 15.38 -18.23
C ILE C 3 -2.47 15.57 -18.19
N ASP C 4 -1.85 15.16 -17.10
CA ASP C 4 -0.41 15.29 -16.93
C ASP C 4 0.04 14.71 -15.60
N ALA C 5 1.07 13.86 -15.65
CA ALA C 5 1.60 13.23 -14.44
C ALA C 5 2.86 12.43 -14.75
N ILE C 6 3.94 12.74 -14.04
CA ILE C 6 5.21 12.06 -14.24
C ILE C 6 6.01 12.00 -12.95
N VAL C 7 6.60 10.84 -12.67
CA VAL C 7 7.40 10.67 -11.46
C VAL C 7 6.54 10.84 -10.20
N GLY C 8 6.16 9.71 -9.60
CA GLY C 8 5.35 9.76 -8.40
C GLY C 8 5.65 8.61 -7.45
N ARG C 9 5.32 8.79 -6.18
CA ARG C 9 5.56 7.77 -5.16
C ARG C 9 4.96 6.43 -5.60
N ASN C 10 3.63 6.33 -5.51
CA ASN C 10 2.94 5.11 -5.88
C ASN C 10 2.68 5.07 -7.39
N SER C 11 3.36 4.17 -8.08
CA SER C 11 3.21 4.03 -9.52
C SER C 11 3.03 2.56 -9.91
N ALA C 12 2.27 2.35 -10.97
CA ALA C 12 2.00 0.99 -11.45
C ALA C 12 2.15 0.90 -12.97
N LYS C 13 3.00 -0.01 -13.43
CA LYS C 13 3.23 -0.19 -14.85
C LYS C 13 2.17 -1.10 -15.47
N ASP C 14 1.84 -2.17 -14.76
CA ASP C 14 0.84 -3.12 -15.23
C ASP C 14 0.41 -4.07 -14.11
N ILE C 15 -0.89 -4.26 -13.97
CA ILE C 15 -1.43 -5.13 -12.94
C ILE C 15 -2.61 -5.94 -13.47
N ARG C 16 -2.59 -7.25 -13.20
CA ARG C 16 -3.65 -8.13 -13.66
C ARG C 16 -4.06 -9.10 -12.55
N THR C 17 -5.36 -9.28 -12.36
CA THR C 17 -5.88 -10.18 -11.33
C THR C 17 -7.04 -11.02 -11.87
N GLU C 18 -7.19 -12.22 -11.32
CA GLU C 18 -8.25 -13.12 -11.74
C GLU C 18 -8.87 -13.83 -10.54
N GLU C 19 -10.00 -14.50 -10.76
CA GLU C 19 -10.69 -15.23 -9.71
C GLU C 19 -11.39 -14.26 -8.75
N ARG C 20 -10.60 -13.53 -7.96
CA ARG C 20 -11.14 -12.57 -7.02
C ARG C 20 -10.03 -11.87 -6.25
N ALA C 21 -9.13 -11.22 -6.98
CA ALA C 21 -8.01 -10.51 -6.38
C ALA C 21 -8.31 -9.02 -6.27
N ARG C 22 -7.63 -8.35 -5.34
CA ARG C 22 -7.82 -6.92 -5.13
C ARG C 22 -6.48 -6.19 -5.12
N VAL C 23 -6.43 -5.05 -5.80
CA VAL C 23 -5.21 -4.26 -5.86
C VAL C 23 -5.45 -2.83 -5.36
N GLN C 24 -4.60 -2.39 -4.43
CA GLN C 24 -4.73 -1.06 -3.87
C GLN C 24 -3.45 -0.24 -4.09
N LEU C 25 -3.61 0.92 -4.70
CA LEU C 25 -2.47 1.80 -4.97
C LEU C 25 -2.53 3.05 -4.12
N GLY C 26 -1.51 3.24 -3.28
CA GLY C 26 -1.46 4.41 -2.42
C GLY C 26 -1.14 4.06 -0.98
N ASN C 27 -0.98 5.08 -0.15
CA ASN C 27 -0.66 4.87 1.26
C ASN C 27 -1.94 4.77 2.09
N VAL C 28 -1.85 4.08 3.23
CA VAL C 28 -2.99 3.90 4.11
C VAL C 28 -2.71 4.48 5.49
N VAL C 29 -3.48 5.50 5.88
CA VAL C 29 -3.31 6.14 7.17
C VAL C 29 -4.48 5.81 8.10
N THR C 30 -4.17 5.09 9.18
CA THR C 30 -5.18 4.71 10.15
C THR C 30 -5.69 5.93 10.93
N ALA C 31 -6.69 5.70 11.78
CA ALA C 31 -7.27 6.78 12.58
C ALA C 31 -6.19 7.48 13.40
N ALA C 32 -5.33 6.68 14.04
CA ALA C 32 -4.25 7.23 14.86
C ALA C 32 -3.34 8.14 14.04
N ALA C 33 -3.07 7.74 12.80
CA ALA C 33 -2.22 8.53 11.92
C ALA C 33 -0.89 8.85 12.59
N LEU C 34 -0.12 9.74 11.96
CA LEU C 34 1.17 10.15 12.50
C LEU C 34 1.03 10.68 13.92
N HIS C 35 2.16 11.00 14.54
CA HIS C 35 2.16 11.53 15.90
C HIS C 35 2.58 12.99 15.91
N GLY C 36 3.78 13.26 15.42
CA GLY C 36 4.28 14.62 15.38
C GLY C 36 5.26 14.86 14.25
N GLY C 37 4.93 15.80 13.36
CA GLY C 37 5.79 16.09 12.23
C GLY C 37 5.67 17.52 11.76
N ILE C 38 6.33 17.85 10.66
CA ILE C 38 6.27 19.19 10.10
C ILE C 38 6.40 19.17 8.58
N ARG C 39 6.02 18.04 7.99
CA ARG C 39 6.09 17.89 6.53
C ARG C 39 7.49 18.21 6.02
N ILE C 40 7.63 18.29 4.70
CA ILE C 40 8.92 18.59 4.09
C ILE C 40 9.93 17.47 4.36
N SER C 41 9.86 16.42 3.56
CA SER C 41 10.77 15.28 3.73
C SER C 41 10.54 14.24 2.65
N ASP C 42 11.55 13.42 2.39
CA ASP C 42 11.44 12.37 1.39
C ASP C 42 10.45 11.30 1.81
N GLN C 43 10.43 10.20 1.07
CA GLN C 43 9.52 9.09 1.37
C GLN C 43 9.78 7.90 0.46
N THR C 44 9.41 6.71 0.91
CA THR C 44 9.61 5.49 0.13
C THR C 44 8.76 5.51 -1.13
N THR C 45 9.41 5.33 -2.27
CA THR C 45 8.71 5.32 -3.56
C THR C 45 8.39 3.90 -4.00
N ASN C 46 7.11 3.54 -3.95
CA ASN C 46 6.67 2.20 -4.34
C ASN C 46 6.22 2.19 -5.80
N SER C 47 6.82 1.31 -6.59
CA SER C 47 6.48 1.20 -8.00
C SER C 47 6.50 -0.26 -8.46
N VAL C 48 5.38 -0.72 -8.99
CA VAL C 48 5.26 -2.10 -9.47
C VAL C 48 5.25 -2.15 -10.98
N GLU C 49 5.95 -3.14 -11.55
CA GLU C 49 6.02 -3.30 -12.99
C GLU C 49 4.88 -4.20 -13.48
N THR C 50 4.92 -5.46 -13.09
CA THR C 50 3.90 -6.43 -13.49
C THR C 50 3.34 -7.17 -12.29
N VAL C 51 2.02 -7.15 -12.14
CA VAL C 51 1.36 -7.84 -11.04
C VAL C 51 0.42 -8.94 -11.55
N VAL C 52 0.62 -10.14 -11.02
CA VAL C 52 -0.20 -11.29 -11.41
C VAL C 52 -0.88 -11.91 -10.20
N GLY C 53 -2.21 -11.85 -10.19
CA GLY C 53 -2.98 -12.41 -9.09
C GLY C 53 -3.75 -13.65 -9.49
N LYS C 54 -3.64 -14.71 -8.70
CA LYS C 54 -4.34 -15.95 -8.97
C LYS C 54 -5.04 -16.48 -7.72
N GLY C 55 -6.28 -16.93 -7.87
CA GLY C 55 -7.02 -17.46 -6.75
C GLY C 55 -7.02 -16.52 -5.56
N GLU C 56 -7.92 -15.55 -5.57
CA GLU C 56 -8.01 -14.57 -4.49
C GLU C 56 -6.63 -14.04 -4.12
N SER C 57 -6.06 -13.25 -5.00
CA SER C 57 -4.74 -12.67 -4.78
C SER C 57 -4.85 -11.28 -4.16
N ARG C 58 -3.91 -10.94 -3.28
CA ARG C 58 -3.90 -9.65 -2.63
C ARG C 58 -2.69 -8.81 -3.08
N VAL C 59 -2.97 -7.59 -3.51
CA VAL C 59 -1.90 -6.70 -3.97
C VAL C 59 -2.00 -5.33 -3.28
N LEU C 60 -0.93 -4.95 -2.59
CA LEU C 60 -0.89 -3.67 -1.89
C LEU C 60 0.36 -2.88 -2.26
N ILE C 61 0.17 -1.78 -2.98
CA ILE C 61 1.28 -0.94 -3.40
C ILE C 61 1.23 0.42 -2.70
N GLY C 62 2.11 0.60 -1.72
CA GLY C 62 2.15 1.86 -0.99
C GLY C 62 2.60 1.68 0.44
N ASN C 63 2.66 2.78 1.19
CA ASN C 63 3.09 2.73 2.59
C ASN C 63 1.90 2.52 3.51
N GLU C 64 2.17 1.99 4.69
CA GLU C 64 1.11 1.74 5.67
C GLU C 64 1.43 2.41 7.00
N TYR C 65 0.56 3.33 7.42
CA TYR C 65 0.75 4.05 8.68
C TYR C 65 -0.31 3.65 9.70
N GLY C 66 0.13 3.22 10.87
CA GLY C 66 -0.80 2.82 11.92
C GLY C 66 -0.31 1.61 12.69
N GLY C 67 -0.83 1.44 13.90
CA GLY C 67 -0.43 0.31 14.71
C GLY C 67 -1.48 -0.78 14.75
N LYS C 68 -1.39 -1.66 15.74
CA LYS C 68 -2.34 -2.75 15.89
C LYS C 68 -2.45 -3.56 14.61
N GLY C 69 -1.33 -3.68 13.89
CA GLY C 69 -1.32 -4.42 12.65
C GLY C 69 -0.65 -3.66 11.52
N PHE C 70 0.19 -4.36 10.77
CA PHE C 70 0.91 -3.73 9.65
C PHE C 70 0.05 -3.72 8.39
N TRP C 71 -0.89 -4.66 8.31
CA TRP C 71 -1.78 -4.75 7.16
C TRP C 71 -2.88 -5.78 7.41
N ASP C 72 -2.50 -6.91 7.99
CA ASP C 72 -3.46 -7.98 8.29
C ASP C 72 -3.60 -8.19 9.78
N ASN C 73 -4.64 -7.58 10.35
CA ASN C 73 -4.90 -7.69 11.78
C ASN C 73 -4.99 -9.15 12.21
N HIS C 74 -5.05 -9.38 13.52
CA HIS C 74 -5.15 -10.73 14.06
C HIS C 74 -5.36 -10.71 15.57
N HIS C 75 -4.43 -10.07 16.28
CA HIS C 75 -4.52 -9.98 17.73
C HIS C 75 -5.89 -9.44 18.16
N HIS C 76 -6.28 -9.73 19.39
CA HIS C 76 -7.55 -9.28 19.92
C HIS C 76 -7.56 -9.32 21.45
N HIS C 77 -8.68 -8.92 22.04
CA HIS C 77 -8.81 -8.92 23.50
C HIS C 77 -9.54 -10.17 23.98
N HIS C 78 -9.67 -10.29 25.30
CA HIS C 78 -10.35 -11.45 25.89
C HIS C 78 -9.68 -12.75 25.46
N HIS C 79 -10.33 -13.87 25.77
CA HIS C 79 -9.80 -15.18 25.41
C HIS C 79 -8.47 -15.43 26.11
N MET D 1 2.32 -2.11 -21.16
CA MET D 1 3.18 -1.74 -22.27
C MET D 1 3.52 -0.26 -22.23
N LYS D 2 4.42 0.17 -23.13
CA LYS D 2 4.82 1.57 -23.19
C LYS D 2 5.44 2.02 -21.86
N ILE D 3 6.76 1.93 -21.76
CA ILE D 3 7.46 2.33 -20.55
C ILE D 3 8.79 3.01 -20.88
N ASP D 4 9.54 3.37 -19.84
CA ASP D 4 10.83 4.02 -20.02
C ASP D 4 11.77 3.68 -18.87
N ALA D 5 11.53 4.30 -17.72
CA ALA D 5 12.35 4.06 -16.55
C ALA D 5 11.82 4.84 -15.34
N ILE D 6 12.31 4.49 -14.15
CA ILE D 6 11.89 5.15 -12.93
C ILE D 6 12.66 4.62 -11.72
N VAL D 7 13.03 5.53 -10.83
CA VAL D 7 13.77 5.15 -9.62
C VAL D 7 12.88 5.19 -8.39
N GLY D 8 13.48 4.95 -7.23
CA GLY D 8 12.72 4.95 -6.00
C GLY D 8 13.25 3.95 -4.98
N ARG D 9 12.56 3.83 -3.86
CA ARG D 9 12.98 2.91 -2.80
C ARG D 9 12.40 1.52 -3.04
N ASN D 10 11.07 1.45 -3.17
CA ASN D 10 10.39 0.18 -3.39
C ASN D 10 10.06 0.00 -4.87
N SER D 11 10.62 -1.04 -5.48
CA SER D 11 10.39 -1.32 -6.89
C SER D 11 10.17 -2.81 -7.11
N ALA D 12 9.41 -3.14 -8.15
CA ALA D 12 9.11 -4.53 -8.47
C ALA D 12 9.09 -4.75 -9.98
N LYS D 13 9.81 -5.76 -10.44
CA LYS D 13 9.87 -6.08 -11.87
C LYS D 13 8.72 -6.98 -12.27
N ASP D 14 8.42 -7.96 -11.44
CA ASP D 14 7.32 -8.89 -11.72
C ASP D 14 6.98 -9.71 -10.47
N ILE D 15 5.69 -9.84 -10.19
CA ILE D 15 5.23 -10.59 -9.02
C ILE D 15 3.98 -11.39 -9.35
N ARG D 16 3.97 -12.66 -8.97
CA ARG D 16 2.82 -13.53 -9.21
C ARG D 16 2.49 -14.36 -7.97
N THR D 17 1.20 -14.45 -7.66
CA THR D 17 0.75 -15.22 -6.51
C THR D 17 -0.48 -16.06 -6.85
N GLU D 18 -0.58 -17.22 -6.22
CA GLU D 18 -1.70 -18.13 -6.45
C GLU D 18 -2.24 -18.67 -5.15
N GLU D 19 -3.40 -19.32 -5.22
CA GLU D 19 -4.03 -19.89 -4.02
C GLU D 19 -4.61 -18.80 -3.14
N ARG D 20 -3.73 -18.06 -2.47
CA ARG D 20 -4.16 -16.98 -1.58
C ARG D 20 -2.95 -16.27 -0.98
N ALA D 21 -2.12 -15.70 -1.85
CA ALA D 21 -0.93 -14.98 -1.41
C ALA D 21 -1.16 -13.48 -1.42
N ARG D 22 -0.38 -12.76 -0.62
CA ARG D 22 -0.50 -11.31 -0.54
C ARG D 22 0.86 -10.64 -0.64
N VAL D 23 0.94 -9.57 -1.44
CA VAL D 23 2.18 -8.84 -1.63
C VAL D 23 2.03 -7.37 -1.23
N GLN D 24 2.84 -6.93 -0.28
CA GLN D 24 2.79 -5.55 0.17
C GLN D 24 4.11 -4.83 -0.09
N LEU D 25 4.05 -3.75 -0.86
CA LEU D 25 5.24 -2.98 -1.20
C LEU D 25 5.19 -1.60 -0.56
N GLY D 26 6.16 -1.32 0.30
CA GLY D 26 6.22 -0.03 0.97
C GLY D 26 6.70 -0.13 2.40
N ASN D 27 7.06 1.00 2.99
CA ASN D 27 7.54 1.03 4.37
C ASN D 27 6.37 1.11 5.35
N VAL D 28 6.39 0.24 6.35
CA VAL D 28 5.34 0.22 7.37
C VAL D 28 5.77 0.96 8.62
N VAL D 29 4.91 1.87 9.10
CA VAL D 29 5.20 2.64 10.30
C VAL D 29 4.12 2.45 11.35
N THR D 30 4.54 1.99 12.53
CA THR D 30 3.60 1.76 13.63
C THR D 30 3.06 3.07 14.17
N ALA D 31 1.99 2.99 14.97
CA ALA D 31 1.38 4.17 15.56
C ALA D 31 2.41 5.00 16.31
N ALA D 32 3.35 4.32 16.96
CA ALA D 32 4.40 4.99 17.72
C ALA D 32 5.19 5.96 16.84
N ALA D 33 5.67 5.47 15.71
CA ALA D 33 6.43 6.29 14.77
C ALA D 33 7.58 7.00 15.49
N LEU D 34 8.22 7.93 14.79
CA LEU D 34 9.33 8.69 15.35
C LEU D 34 9.28 10.14 14.90
N HIS D 35 9.21 11.05 15.87
CA HIS D 35 9.16 12.48 15.58
C HIS D 35 10.51 12.98 15.08
N GLY D 36 10.48 13.94 14.15
CA GLY D 36 11.71 14.49 13.61
C GLY D 36 11.92 14.12 12.16
N GLY D 37 12.45 15.06 11.39
CA GLY D 37 12.69 14.81 9.98
C GLY D 37 14.00 15.43 9.49
N ILE D 38 14.09 16.75 9.59
CA ILE D 38 15.29 17.46 9.15
C ILE D 38 15.50 17.30 7.65
N ARG D 39 14.73 18.05 6.87
CA ARG D 39 14.84 17.99 5.41
C ARG D 39 14.71 16.56 4.91
N ILE D 40 14.99 16.36 3.63
CA ILE D 40 14.91 15.03 3.03
C ILE D 40 16.17 14.22 3.30
N SER D 41 16.16 12.96 2.87
CA SER D 41 17.31 12.08 3.08
C SER D 41 17.07 10.72 2.42
N ASP D 42 18.16 10.03 2.10
CA ASP D 42 18.07 8.72 1.46
C ASP D 42 17.89 7.63 2.50
N GLN D 43 17.83 6.38 2.05
CA GLN D 43 17.67 5.24 2.94
C GLN D 43 17.83 3.92 2.19
N THR D 44 17.50 2.82 2.85
CA THR D 44 17.62 1.50 2.25
C THR D 44 16.65 1.35 1.09
N THR D 45 17.14 0.79 -0.02
CA THR D 45 16.31 0.58 -1.20
C THR D 45 16.00 -0.90 -1.41
N ASN D 46 14.73 -1.21 -1.59
CA ASN D 46 14.30 -2.59 -1.79
C ASN D 46 13.66 -2.76 -3.17
N SER D 47 14.15 -3.73 -3.92
CA SER D 47 13.63 -4.00 -5.26
C SER D 47 13.61 -5.50 -5.55
N VAL D 48 12.43 -6.01 -5.88
CA VAL D 48 12.26 -7.43 -6.19
C VAL D 48 12.08 -7.66 -7.68
N GLU D 49 12.80 -8.65 -8.20
CA GLU D 49 12.72 -8.97 -9.62
C GLU D 49 11.51 -9.86 -9.92
N THR D 50 11.62 -11.14 -9.59
CA THR D 50 10.53 -12.08 -9.82
C THR D 50 10.03 -12.67 -8.50
N VAL D 51 8.73 -12.58 -8.28
CA VAL D 51 8.12 -13.11 -7.06
C VAL D 51 7.13 -14.22 -7.38
N VAL D 52 7.33 -15.38 -6.76
CA VAL D 52 6.45 -16.52 -6.98
C VAL D 52 5.89 -17.04 -5.66
N GLY D 53 4.57 -16.91 -5.49
CA GLY D 53 3.94 -17.37 -4.28
C GLY D 53 2.96 -18.51 -4.52
N LYS D 54 3.06 -19.56 -3.70
CA LYS D 54 2.18 -20.71 -3.83
C LYS D 54 1.61 -21.12 -2.49
N GLY D 55 0.36 -21.55 -2.49
CA GLY D 55 -0.29 -21.98 -1.25
C GLY D 55 -0.11 -20.96 -0.14
N GLU D 56 -0.98 -19.96 -0.10
CA GLU D 56 -0.93 -18.92 0.92
C GLU D 56 0.51 -18.42 1.09
N SER D 57 1.01 -17.72 0.09
CA SER D 57 2.36 -17.18 0.13
C SER D 57 2.37 -15.73 0.62
N ARG D 58 3.40 -15.37 1.38
CA ARG D 58 3.52 -14.02 1.90
C ARG D 58 4.70 -13.29 1.27
N VAL D 59 4.44 -12.09 0.76
CA VAL D 59 5.48 -11.29 0.13
C VAL D 59 5.53 -9.89 0.72
N LEU D 60 6.69 -9.52 1.25
CA LEU D 60 6.88 -8.20 1.85
C LEU D 60 8.11 -7.51 1.27
N ILE D 61 7.89 -6.44 0.52
CA ILE D 61 8.98 -5.70 -0.09
C ILE D 61 9.08 -4.30 0.51
N GLY D 62 10.07 -4.11 1.38
CA GLY D 62 10.27 -2.82 2.01
C GLY D 62 10.78 -2.94 3.43
N ASN D 63 10.72 -1.84 4.19
CA ASN D 63 11.18 -1.84 5.56
C ASN D 63 10.01 -1.73 6.54
N GLU D 64 10.23 -2.20 7.76
CA GLU D 64 9.18 -2.15 8.79
C GLU D 64 9.68 -1.43 10.04
N TYR D 65 8.87 -0.51 10.54
CA TYR D 65 9.23 0.26 11.72
C TYR D 65 8.14 0.16 12.79
N GLY D 66 8.54 -0.26 13.98
CA GLY D 66 7.59 -0.41 15.08
C GLY D 66 7.92 -1.56 15.99
N GLY D 67 7.10 -1.76 17.02
CA GLY D 67 7.33 -2.84 17.96
C GLY D 67 6.44 -4.03 17.69
N LYS D 68 6.10 -4.76 18.76
CA LYS D 68 5.23 -5.93 18.63
C LYS D 68 5.86 -6.96 17.70
N GLY D 69 7.18 -6.93 17.59
CA GLY D 69 7.88 -7.87 16.72
C GLY D 69 8.52 -7.20 15.53
N PHE D 70 8.75 -7.96 14.47
CA PHE D 70 9.38 -7.43 13.27
C PHE D 70 8.42 -7.51 12.07
N TRP D 71 7.52 -8.49 12.12
CA TRP D 71 6.55 -8.68 11.05
C TRP D 71 5.41 -9.58 11.50
N ASP D 72 4.71 -9.16 12.55
CA ASP D 72 3.59 -9.93 13.08
C ASP D 72 2.41 -9.02 13.42
N ASN D 73 1.42 -9.59 14.11
CA ASN D 73 0.24 -8.82 14.50
C ASN D 73 0.28 -8.48 15.98
N HIS D 74 -0.66 -7.65 16.42
CA HIS D 74 -0.73 -7.24 17.82
C HIS D 74 -1.91 -6.30 18.06
N HIS D 75 -1.95 -5.70 19.24
CA HIS D 75 -3.03 -4.78 19.60
C HIS D 75 -2.51 -3.66 20.49
N HIS D 76 -1.80 -4.03 21.55
CA HIS D 76 -1.26 -3.05 22.48
C HIS D 76 -2.37 -2.27 23.17
N HIS D 77 -1.99 -1.23 23.90
CA HIS D 77 -2.95 -0.41 24.62
C HIS D 77 -3.80 0.40 23.64
N HIS D 78 -5.12 0.23 23.71
CA HIS D 78 -6.04 0.94 22.84
C HIS D 78 -7.49 0.58 23.15
N HIS D 79 -8.41 1.17 22.39
CA HIS D 79 -9.84 0.89 22.59
C HIS D 79 -10.64 1.32 21.37
N MET E 1 5.99 -8.28 -21.68
CA MET E 1 6.39 -7.44 -20.57
C MET E 1 7.82 -6.94 -20.74
N LYS E 2 8.25 -6.07 -19.84
CA LYS E 2 9.61 -5.52 -19.89
C LYS E 2 10.29 -5.63 -18.53
N ILE E 3 11.55 -5.23 -18.47
CA ILE E 3 12.32 -5.26 -17.23
C ILE E 3 13.07 -3.97 -17.00
N ASP E 4 13.30 -3.64 -15.73
CA ASP E 4 14.01 -2.41 -15.38
C ASP E 4 14.72 -2.58 -14.05
N ALA E 5 16.00 -2.18 -14.01
CA ALA E 5 16.79 -2.28 -12.79
C ALA E 5 17.04 -0.91 -12.18
N ILE E 6 17.01 -0.85 -10.85
CA ILE E 6 17.23 0.40 -10.14
C ILE E 6 18.51 0.36 -9.31
N VAL E 7 18.93 -0.85 -8.95
CA VAL E 7 20.13 -1.03 -8.16
C VAL E 7 20.00 -0.38 -6.79
N GLY E 8 19.85 -1.21 -5.76
CA GLY E 8 19.71 -0.71 -4.41
C GLY E 8 20.28 -1.66 -3.37
N ARG E 9 20.13 -1.29 -2.10
CA ARG E 9 20.64 -2.12 -1.01
C ARG E 9 20.06 -3.53 -1.09
N ASN E 10 18.78 -3.66 -0.80
CA ASN E 10 18.11 -4.96 -0.84
C ASN E 10 17.60 -5.27 -2.24
N SER E 11 18.19 -6.28 -2.86
CA SER E 11 17.79 -6.68 -4.21
C SER E 11 17.46 -8.16 -4.26
N ALA E 12 16.41 -8.50 -5.00
CA ALA E 12 15.98 -9.89 -5.14
C ALA E 12 15.92 -10.30 -6.60
N LYS E 13 16.71 -11.30 -6.97
CA LYS E 13 16.75 -11.79 -8.34
C LYS E 13 15.52 -12.64 -8.64
N ASP E 14 15.20 -13.55 -7.72
CA ASP E 14 14.05 -14.43 -7.88
C ASP E 14 13.73 -15.16 -6.58
N ILE E 15 12.45 -15.22 -6.24
CA ILE E 15 12.01 -15.88 -5.02
C ILE E 15 10.75 -16.71 -5.27
N ARG E 16 10.75 -17.94 -4.76
CA ARG E 16 9.61 -18.83 -4.93
C ARG E 16 9.28 -19.53 -3.61
N THR E 17 8.00 -19.53 -3.25
CA THR E 17 7.55 -20.18 -2.02
C THR E 17 6.27 -20.98 -2.24
N GLU E 18 6.08 -22.03 -1.45
CA GLU E 18 4.90 -22.87 -1.56
C GLU E 18 4.45 -23.35 -0.19
N GLU E 19 3.24 -23.91 -0.14
CA GLU E 19 2.69 -24.42 1.11
C GLU E 19 2.27 -23.26 2.03
N ARG E 20 3.27 -22.56 2.55
CA ARG E 20 3.01 -21.43 3.44
C ARG E 20 4.32 -20.76 3.87
N ALA E 21 5.03 -20.20 2.91
CA ALA E 21 6.30 -19.53 3.18
C ALA E 21 6.14 -18.01 3.10
N ARG E 22 7.03 -17.30 3.78
CA ARG E 22 6.99 -15.84 3.79
C ARG E 22 8.37 -15.26 3.49
N VAL E 23 8.40 -14.24 2.64
CA VAL E 23 9.65 -13.60 2.26
C VAL E 23 9.59 -12.10 2.51
N GLN E 24 10.56 -11.58 3.26
CA GLN E 24 10.62 -10.15 3.57
C GLN E 24 11.94 -9.55 3.11
N LEU E 25 11.85 -8.53 2.26
CA LEU E 25 13.03 -7.86 1.75
C LEU E 25 13.14 -6.43 2.29
N GLY E 26 14.22 -6.17 3.02
CA GLY E 26 14.43 -4.85 3.59
C GLY E 26 14.88 -4.92 5.04
N ASN E 27 15.30 -3.77 5.58
CA ASN E 27 15.76 -3.70 6.95
C ASN E 27 14.58 -3.48 7.91
N VAL E 28 14.67 -4.06 9.10
CA VAL E 28 13.62 -3.93 10.10
C VAL E 28 14.09 -3.09 11.28
N VAL E 29 13.23 -2.18 11.73
CA VAL E 29 13.57 -1.31 12.85
C VAL E 29 12.53 -1.46 13.98
N THR E 30 13.02 -1.70 15.19
CA THR E 30 12.14 -1.86 16.34
C THR E 30 11.50 -0.53 16.73
N ALA E 31 10.60 -0.59 17.70
CA ALA E 31 9.90 0.61 18.16
C ALA E 31 10.89 1.65 18.68
N ALA E 32 11.87 1.19 19.46
CA ALA E 32 12.88 2.09 20.01
C ALA E 32 13.59 2.86 18.91
N ALA E 33 14.05 2.14 17.90
CA ALA E 33 14.76 2.76 16.77
C ALA E 33 16.03 3.46 17.24
N LEU E 34 16.70 4.14 16.33
CA LEU E 34 17.93 4.85 16.65
C LEU E 34 17.64 6.13 17.43
N HIS E 35 18.66 6.95 17.62
CA HIS E 35 18.51 8.21 18.35
C HIS E 35 18.61 9.40 17.41
N GLY E 36 18.11 9.22 16.18
CA GLY E 36 18.15 10.28 15.20
C GLY E 36 18.72 9.83 13.87
N GLY E 37 18.95 10.77 12.96
CA GLY E 37 19.48 10.45 11.66
C GLY E 37 19.79 11.68 10.83
N ILE E 38 20.90 11.64 10.10
CA ILE E 38 21.30 12.76 9.26
C ILE E 38 20.91 12.52 7.81
N ARG E 39 21.47 11.47 7.22
CA ARG E 39 21.16 11.13 5.83
C ARG E 39 21.65 9.73 5.49
N ILE E 40 22.82 9.38 6.01
CA ILE E 40 23.40 8.05 5.76
C ILE E 40 23.53 7.27 7.06
N SER E 41 23.15 5.99 7.03
CA SER E 41 23.23 5.13 8.20
C SER E 41 24.14 3.94 7.94
N ASP E 42 24.02 3.35 6.75
CA ASP E 42 24.83 2.20 6.38
C ASP E 42 25.22 2.27 4.91
N GLN E 43 25.86 1.21 4.42
CA GLN E 43 26.28 1.15 3.03
C GLN E 43 26.46 -0.29 2.57
N THR E 44 25.74 -1.20 3.22
CA THR E 44 25.81 -2.62 2.89
C THR E 44 24.75 -3.00 1.86
N THR E 45 25.17 -3.68 0.81
CA THR E 45 24.25 -4.10 -0.25
C THR E 45 24.06 -5.62 -0.23
N ASN E 46 22.80 -6.04 -0.06
CA ASN E 46 22.48 -7.47 -0.02
C ASN E 46 21.56 -7.84 -1.18
N SER E 47 22.04 -8.74 -2.04
CA SER E 47 21.27 -9.19 -3.19
C SER E 47 21.30 -10.70 -3.31
N VAL E 48 20.13 -11.30 -3.53
CA VAL E 48 20.01 -12.75 -3.66
C VAL E 48 19.82 -13.15 -5.12
N GLU E 49 20.23 -14.37 -5.45
CA GLU E 49 20.10 -14.88 -6.81
C GLU E 49 18.79 -15.64 -6.98
N THR E 50 18.54 -16.59 -6.08
CA THR E 50 17.33 -17.39 -6.13
C THR E 50 16.96 -17.91 -4.74
N VAL E 51 15.65 -18.01 -4.47
CA VAL E 51 15.17 -18.49 -3.19
C VAL E 51 14.02 -19.47 -3.38
N VAL E 52 14.20 -20.69 -2.90
CA VAL E 52 13.17 -21.72 -3.00
C VAL E 52 12.86 -22.34 -1.64
N GLY E 53 11.64 -22.14 -1.17
CA GLY E 53 11.24 -22.68 0.12
C GLY E 53 10.12 -23.70 0.00
N LYS E 54 10.27 -24.83 0.68
CA LYS E 54 9.28 -25.89 0.65
C LYS E 54 8.67 -26.11 2.02
N GLY E 55 7.38 -26.43 2.06
CA GLY E 55 6.70 -26.67 3.32
C GLY E 55 7.09 -25.65 4.38
N GLU E 56 6.55 -24.44 4.27
CA GLU E 56 6.84 -23.39 5.23
C GLU E 56 8.33 -23.01 5.17
N SER E 57 8.59 -21.76 4.79
CA SER E 57 9.97 -21.27 4.69
C SER E 57 10.03 -19.79 5.05
N ARG E 58 11.14 -19.40 5.68
CA ARG E 58 11.33 -18.00 6.08
C ARG E 58 12.50 -17.38 5.33
N VAL E 59 12.24 -16.22 4.70
CA VAL E 59 13.27 -15.53 3.95
C VAL E 59 13.40 -14.07 4.40
N LEU E 60 14.59 -13.70 4.83
CA LEU E 60 14.85 -12.34 5.29
C LEU E 60 16.09 -11.76 4.63
N ILE E 61 15.89 -10.76 3.79
CA ILE E 61 17.00 -10.11 3.08
C ILE E 61 17.20 -8.68 3.58
N GLY E 62 18.24 -8.47 4.38
CA GLY E 62 18.52 -7.14 4.90
C GLY E 62 19.15 -7.18 6.28
N ASN E 63 18.96 -6.12 7.05
CA ASN E 63 19.52 -6.03 8.39
C ASN E 63 18.43 -5.79 9.42
N GLU E 64 18.69 -6.18 10.66
CA GLU E 64 17.72 -6.00 11.74
C GLU E 64 18.26 -5.05 12.81
N TYR E 65 17.45 -4.05 13.15
CA TYR E 65 17.85 -3.06 14.15
C TYR E 65 16.85 -3.04 15.31
N GLY E 66 17.37 -3.20 16.53
CA GLY E 66 16.51 -3.18 17.70
C GLY E 66 17.08 -4.00 18.84
N GLY E 67 16.33 -4.11 19.93
CA GLY E 67 16.79 -4.86 21.08
C GLY E 67 17.24 -6.26 20.72
N LYS E 68 18.22 -6.78 21.46
CA LYS E 68 18.74 -8.12 21.20
C LYS E 68 19.57 -8.15 19.93
N GLY E 69 18.92 -7.98 18.79
CA GLY E 69 19.62 -7.99 17.51
C GLY E 69 19.60 -9.35 16.85
N PHE E 70 18.41 -9.77 16.42
CA PHE E 70 18.24 -11.06 15.76
C PHE E 70 16.81 -11.26 15.29
N TRP E 71 16.58 -12.33 14.54
CA TRP E 71 15.25 -12.64 14.03
C TRP E 71 14.21 -12.61 15.14
N ASP E 72 14.60 -13.09 16.32
CA ASP E 72 13.70 -13.12 17.46
C ASP E 72 13.85 -11.86 18.30
N ASN E 73 13.18 -11.84 19.45
CA ASN E 73 13.22 -10.68 20.33
C ASN E 73 12.64 -9.44 19.66
N HIS E 74 12.33 -8.44 20.46
CA HIS E 74 11.76 -7.19 19.94
C HIS E 74 11.73 -6.11 21.02
N HIS E 75 11.05 -5.01 20.72
CA HIS E 75 10.95 -3.90 21.66
C HIS E 75 10.46 -4.39 23.02
N HIS E 76 10.71 -3.59 24.06
CA HIS E 76 10.30 -3.93 25.41
C HIS E 76 9.53 -2.79 26.06
N HIS E 77 9.20 -2.95 27.33
CA HIS E 77 8.47 -1.93 28.07
C HIS E 77 8.85 -1.94 29.55
N HIS E 78 8.66 -0.80 30.22
CA HIS E 78 8.99 -0.69 31.63
C HIS E 78 8.15 -1.64 32.47
N HIS E 79 6.91 -1.85 32.05
CA HIS E 79 6.00 -2.74 32.77
C HIS E 79 6.53 -4.17 32.76
#